data_6SWA
#
_entry.id   6SWA
#
_cell.length_a   1.00
_cell.length_b   1.00
_cell.length_c   1.00
_cell.angle_alpha   90.00
_cell.angle_beta   90.00
_cell.angle_gamma   90.00
#
_symmetry.space_group_name_H-M   'P 1'
#
loop_
_entity.id
_entity.type
_entity.pdbx_description
1 polymer '60S ribosomal protein L8'
2 polymer '60S ribosomal protein L3'
3 polymer '60S ribosomal protein L4'
4 polymer '60S ribosomal protein L5'
5 polymer '60S ribosomal protein L6'
6 polymer '60S ribosomal protein L7'
7 polymer '60S ribosomal protein L7a'
8 polymer '60S ribosomal protein L9'
9 polymer '60S ribosomal protein L10'
10 polymer '60S ribosomal protein L11'
11 polymer '60S ribosomal protein L13'
12 polymer '60S ribosomal protein L14'
13 polymer '60S ribosomal protein L15'
14 polymer '60S ribosomal protein L13a'
15 polymer '60S ribosomal protein L17'
16 polymer '60S ribosomal protein L18'
17 polymer '60S ribosomal protein L18a'
18 polymer '60S ribosomal protein L21'
19 polymer '60S ribosomal protein L22'
20 polymer '60S ribosomal protein L23'
21 polymer '60S ribosomal protein L24'
22 polymer '60S ribosomal protein L23a'
23 polymer 'Ribosomal protein L26'
24 polymer '60S ribosomal protein L27'
25 polymer '60S ribosomal protein L27a'
26 polymer '60S ribosomal protein L29'
27 polymer '60S ribosomal protein L30'
28 polymer '60S ribosomal protein L31'
29 polymer '60S ribosomal protein L32'
30 polymer '60S ribosomal protein L35a'
31 polymer '60S ribosomal protein L34'
32 polymer '60S ribosomal protein L35'
33 polymer '60S ribosomal protein L36'
34 polymer '60S ribosomal protein L37'
35 polymer '60S ribosomal protein L38'
36 polymer 'Ribosomal protein L39'
37 polymer '60S ribosomal protein L40'
38 polymer '60S ribosomal protein L41'
39 polymer 'Ribosomal protein L36A'
40 polymer 'Ribosomal protein L37a'
41 polymer '60S ribosomal protein L19'
42 polymer '60S ribosomal protein L28'
43 polymer '28S ribosomal RNA'
44 polymer '5.8S ribosomal RNA'
45 polymer '5S ribosomal RNA'
46 polymer 'Proliferation-associated protein 2G4'
47 non-polymer 'MAGNESIUM ION'
48 non-polymer 'ZINC ION'
#
loop_
_entity_poly.entity_id
_entity_poly.type
_entity_poly.pdbx_seq_one_letter_code
_entity_poly.pdbx_strand_id
1 'polypeptide(L)'
;GRVIRGQRKGAGSVFRAHVKHRKGAARLRAVDFAERHGYIKGIVKDIIHDPGRGAPLAKVVFRDPYRFKKRTELFIAAEG
IHTGQFVYCGKKAQLNIGNVLPVGTMPEGTIVCCLEEKPGDRGKLARASGNYATVISHNPETKKTRVKLPSGSKKVISSA
NRAVVGVVAGGGRIDKPILKAGRAYHKYKAKRNCWPRVRGVAMNPVEHPFGGGNHQHIGKPSTIRRDAPAGRKVGLIAAR
RTGRLRGTKTVQ
;
A
2 'polypeptide(L)'
;SHRKFSAPRHGSLGFLPRKRSSRHRGKVKSFPKDDASKPVHLTAFLGYKAGMTHIVREVDRPGSKVNKKEVVEAVTIVET
PPMVVVGIVGYVETPRGLRTFKTVFAEHISDECKRRFYKNWHKSKKKAFTKYCKKWQDDTGKKQLEKDFNSMKKYCQVIR
IIAHTQMRLLPLRQKKAHLMEIQVNGGTVAEKLDWARERLEQQVPVNQVFGQDEMIDVIGVTKGKGYKGVTSRWHTKKLP
RKTHRGLRKVACIGAWHPARVAFSVARAGQKGYHHRTEINKKIYKIGQGYLIKDGKLIKNNASTDYDLSDKSINPLGGFV
HYGEVTNDFIMLKGCVVGTKKRVLTLRKSLLVQTKRRALEKIDLKFIDTTSKFGHGRFQTMEEKKAFMGPLKKD
;
B
3 'polypeptide(L)'
;CARPLISVYSEKGESSGKNVTLPAVFKAPIRPDIVNFVHTNLRKNNRQPYAVSELAGHQTSAESWGTGRAVARIPRVRGG
GTHRSGQGAFGNMCRGGRMFAPTKTWRRWHRRVNTTQKRYAICSALAASALPALVMSKGHRIEEVPELPLVVEDKVEGYK
KTKEAVQLLKKLKAWNDIKKVYASQRMRAGKGKMRNRRRIQRRGPCIIYNEDNGIIKAFRNIPGITLLNVSKLNILKLAP
GGHVGRFCIWTESAFRKLDELYGTWRKAASLKSNYNLPMHKMMNTDLSRILKSPEIQRALRAPRKKIHRRVLKKNPLKNL
RIMLKLNPYAKTMRRNTILRQARNHKLRVKKLEAAATALATKS
;
C
4 'polypeptide(L)'
;VKVVKNKAYFKRYQVRFRRRREGKTDYYARKRLVIQDKNKYNTPKYRMIVRVTNRDIICQIAYARIEGDMIVCAAYAHEL
PKYGVKVGLTNYAAAYCTGLLLARRLLNRFGMDKIYEGQVEVNGGEYNVESIDGQPGAFTCYLDAGLARTTTGNKVFGAL
KGAVDGGLSIPHSTKRFPGYDSESKEFNAEVHRKHIMGQNVADYMRYLMEEDEDAYKKQFSQYIKNNVTPDMMEEMYKKA
HAAIRENPVYEKKPKREVKKKRWNRPKMSLAQKKDRVAQKKASFLRAQERAAES
;
D
5 'polypeptide(L)'
;TVGGDKNGGTRVVKLRKMPRYYPTEDVPRKLLSHGKKPFSQHVRRLRSSITPGTVLIILTGRHRGKRVVFLKQLDSGLLL
VTGPLVINRVPLRRTHQKFVIATSTKVDISDVKIPKHLTDAYFKKKQLRKPRHQEGEIFDTEKEKYEITEQRKADQKAVD
LQILPKIKAVPQLQGYLRSQFSLTNGMYPHKLVF
;
E
6 'polypeptide(L)'
;PETLKKKRRNFAELKVKRLRKKFALKTLRKARRKLIYEKAKHYHKEYRQMYRTEIRMARMARKAGNFYVPAEPKLAFVIR
IRGINGVSPKVRKVLQLLRLRQIFNGTFVKLNKASINMLRIVEPYIAWGYPNLKSVNELIYKRGYGKINKKRIALTDNSL
IARSLGKFGIICMEDLIHEIYTVGKRFKEANNFLWPFKLSSPRGGMKKKTTHFVEGGDAGNREDQINRLIRRMN
;
F
7 'polypeptide(L)'
;NPLFEKRPKNFGIGQDIQPKRDLTRFVKWPRYIRLQRQRAILYKRLKVPPAINQFTQALDRQTATQLLKLAHKYRPETKQ
EKKQRLLARAEKKAAGKGDVPTKRPPVLRAGVNTVTTLVENKKAQLVVIAHDVDPIELVVFLPALCRKMGVPYCIIKGKA
RLGHLVHRKTCTTVAFTQVNSEDKGALAKLVEAIRTNYNDRYDEIRRHWGGNVLGPKSVARIAKLEKAKAKELA
;
G
8 'polypeptide(L)'
;MKTILSNQTVDIPENVEITLKGRTVIVKGPRGTLRRDFNHINVELSLLGKKKKRLRVDKWWGNRKELATVRTICSHVQNM
IKGVTLGFRYKMRSVYAHFPINVVIQENGSLVEIRNFLGEKYIRRVRMRTGVACSVSQAQKDELILEGNDIELVSNSAAL
IQQATTVKNKDIRKFLDGIYVSEKGTVQQAD
;
H
9 'polypeptide(L)'
;RRPARCYRYCKNKPYPKSRFCRGVPDAKIRIFDLGRKKAKVDEFPLCGHMVSDEYEQLSSEALEAARICANKYMVKSCGK
DGFHIRVRLHPFHVIRINKMLSCAGADRLQTGMRGAFGKPQGTVARVHIGQVIMSIRTKLQNKEHVIEALRRAKFKFPGR
QKIHISKKWGFTKFNADEFEDMVAEKRLIPDGCGVKYIPNRGPLDKWRALH
;
I
10 'polypeptide(L)'
;ENPMRELRIRKLCLNICVGESGDRLTRAAKVLEQLTGQTPVFSKARYTVRSFGIRRNEKIAVHCTVRGAKAEEILEKGLK
VREYELRKNNFSDTGNFGFGIQEHIDLGIKYDPSIGIYGLDFYVVLGRPGFSIADKKRRTGCIGAKHRISKEEAMRWFQQ
KYDGIILPG
;
J
11 'polypeptide(L)'
;APSRNGMILKPHFHKDWQQRVDTWFNQPARKIRRRKARQAKARRIAPRPASGPIRPIVRCPTVRYHTKVRAGRGFSLEEL
RVAGIHKKVARTIGISVDPRRRNKSTESLQANVQRLKEYRSKLILFPRKPSAPKKGDSSAEELKLATQLTGPVMPIRNVY
KKEKARVITEEEKNFKAFASLRMARANARLFGIRAKRAKEAAEQD
;
K
12 'polypeptide(L)'
;VFRRYVEVGRVAYISFGPHAGKLVAIVDVIDQNRALVDGPCTRVRRQAMPFKCMQLTDFILKFPHSARQKYVRKAWEKAD
INTKWAATRWAKKIDARERKAKMTDFDRFKVMKAKKMRNRIIKTEVKKLQRAAILKASP
;
L
13 'polypeptide(L)'
;GAYKYIQELWRKKQSDVMRFLLRVRCWQYRQLSALHRAPRPTRPDKARRLGYKAKQGYVIYRIRVRRGGRKRPVPKGATY
GKPVHHGVNQLKFARSLQSVAEERAGRHCGALRVLNSYWVGEDSTYKFFEVILIDPFHKAIRRNPDTQWITKPVHKHREM
RGLTSAGRKSRGLGKGHKFHHTIGGSRRAAWRRRNTLQLHRYR
;
M
14 'polypeptide(L)'
;QVLVLDGRGHLLGRLAAIVAKQVLLGRKVVVVRCEGINISGNFYRNKLKYLAFLRKRMNTNPSRGPYHFRAPSRIFWRTV
RGMLPHKTKRGQAALERLKVLDGIPPPYDKKKRMVVPAALKVVRLKPTRKFAYLGRLAHEVGWKYQAVTATLEEKRKEKA
KMHYRKKKQILRLRKQAEKNVEKKICKFTEVLKTN
;
N
15 'polypeptide(L)'
;VRYSLDPENPTKSCKSRGSNLRVHFKNTRETAQAIKGMHIRKATKYLKDVTLKKQCVPFRRYNGGVGRCAQAKQWGWTQG
RWPKKSAEFLLHMLKNAESNAELKGLDVDSLVIEHIQVNKAPKMRRRTYRAHGRINPYMSSPCHIEMILTEKE
;
O
16 'polypeptide(L)'
;DIRHNKDRKVRRKEPKSQDIYLRLLVKLYRFLARRTNSTFNQVVLKRLFMSRTNRPPLSLSRMIRKMKLPGRENKTAVVV
GTVTDDVRILEVPKLKVCALRVSSRARSRILKAGGKILTFDQLALESPKGRGTVLLSGPRKGREVYRHFGKAPGTPHSHT
KPYVRSKGRKFERARGRRASRGYKN
;
P
17 'polypeptide(L)'
;MKASGTLREYKVVGRCLPTPKCHTPPLYRMRIFAPNHVVAKSRFWYFVSQLKKMKKSSGEIVYCGQVFEKSPLRVKNFGI
WLRYDSRSGTHNMYREYRDLTTAGAVTQCYRDMGARHRARAHSIQIMKVEEIAAGKCRRPAVKQFHDSKIKFPLPHRVLR
RQHKPRFTTKRPNTF
;
Q
18 'polypeptide(L)'
;TNTKGKRRGTRYMFSRPFRKHGVVPLATYMRIYKKGDIVDIKGMGTVQKGMPHKCYHGKTGRVYNVTQHAVGIIVNKQVK
GKILAKRINVRIEHIKHSKSRDSFLKRVKENDQKKKEAKEKGTWVQLKRHAAPPREAHFVRTNGKEPELLEPIPYEF
;
R
19 'polypeptide(L)'
;KQVLKFTLDCTHPVEDGIMDAANFEQFLQERIKVNGKAGNLGGGVVTIERSKSKITVTSEVPFSKRYLKYLTKKYLKKNN
LRDWLRVVANSKESYELRYFQ
;
S
20 'polypeptide(L)'
;AKFRISLGLPVGAVINCADNTGAKNLYIISVKGIKGRLNRLPAAGVGDMVMATVKKGKPELRKKVHPAVVIRQRKSYRRK
DGVFLYFEDNAGVIVNNKGEMKGSAITGPVAKECADLWPRIASNAGSIA
;
T
21 'polypeptide(L)' KVELCSFSGYKIYPGHGRRYARTDGKVFQFLNAKCESAFLSKRNPRQINWTVLYRRKHKKGQ U
22 'polypeptide(L)'
;KIRTSPTFRRPKTLRLRRQPKYPRKSAPRRNKLDHYAIIKFPLTTESAMKKIEDNNTLVFIVDVKANKHQIKQAVKKLYD
IDVAKVNTLIRPDGEKKAYVRLAPDYDALDVANKIGII
;
V
23 'polypeptide(L)'
;MKFNPFVTSDRSKNRKRHFNAPSHIRRKIMSSPLSKELRQKYNVRSMPIRKDDEVQVVRGHYKGQQIGKVVQVYRKKYVI
YIERVQREKANGTTVHVGIHPSKVVITRLKLDKDRKKILERKAKSRQ
;
W
24 'polypeptide(L)'
;KFMKPGKVVLVLAGRYSGRKAVIVKNIDDGTSDRPYSHALVAGIDRYPRKVTAAMGKKKIAKRSKIKSFVKVYNYNHLMP
TRYSVDIPLDKTVVNKDVFRDPALKRKARREAKVKFEERYKTGKNKWFFQKLRF
;
X
25 'polypeptide(L)'
;PSRLRKTRKLRGHVSHGHGRIGKHRKHPGGRGNAGGMHHHRINFDKYHPGYFGKVGMRHYHLKRNQSFCPTVNLDKLWTL
VSEQTRVNAAKNKTGVAPIIDVVRSGYYKVLGKGKLPKQPVIVKAKFFSRRAEEKIKGVGGACVLVA
;
Y
26 'polypeptide(L)' AKSKNHTTHNQSRKWHRNGIKKPRSQRYESLKGVDPKFLRNMRFAKKHNKKGLKKMQANNAKAVSARA Z
27 'polypeptide(L)'
;SINSRLQLVMKSGKYVLGYKQTLKMIRQGKAKLVILANNCPALRKSEIEYYAMLAKTGVHHYSGNNIELGTACGKYYRVC
TLAIIDPGDSDIIRSMP
;
a
28 'polypeptide(L)'
;NEVVTREYTINIHKRIHGVGFKKRAPRALKEIRKFAMKEMGTPDVRIDTRLNKAVWAKGIRNVPYRIRVRLSRKRNEDED
SPNKLYTLVTYVPVTTFKNLQTVNVD
;
b
29 'polypeptide(L)'
;AALRPLVKPKIVKKRTKKFIRHQSDRYVKIKRNWRKPRGIDNRVRRRFKGQILMPNIGYGSNKKTKHMLPSGFRKFLVHN
VKELEVLLMCNKSYCAEIAHNVSSKNRKAIVERAAQLAIRVTNPNARLR
;
c
30 'polypeptide(L)'
;SGRLWCKAIFAGYKRGLRNQREHTALLKIEGVYARDETEFYLGKRCAYVYKAKNNTVTPGGKPNKTRVIWGKVTRAHGNS
GMVRAKFRSNLPAKAIGHRIRVMLYPSRI
;
d
31 'polypeptide(L)'
;VQRLTYRRRLSYNTASNKTRLSRTPGNRIVYLYTKKVGKAPKSACGVCPGRLRGVRAVRPKVLMRLSKTQKHVSRAYGGS
MCAKCVRDRIKRAFLIEEQKIVVKVLKAQAQSQK
;
e
32 'polypeptide(L)'
;AKIKARDLRGKKKEELLKQLDDLKVELSQLRVAKVTGGAASKLSKIRVVRKSIARVLTVINQTQKENLRKFYKGKKYKPL
DLRPKKTRAMRRRLTKHEEKLKTKKQQRKERLYPLRKYAVKA
;
f
33 'polypeptide(L)'
;RYPMAVGLNKGHKVTKNVSKPRHSRRRSRLTNHTKFVRDMIREVCGFAPYERRAMELLKVSKSKRALKFIKKRVGTHIRA
KRKREELSNVLAAMEEAA
;
g
34 'polypeptide(L)'
;TKGTSSFGKRRNKTHTLCRRCGSKAYHLQKSTCGKCGYPAKRKRKYNWSAKAKRRNTTGTGRMRHLKIVYRRFRHGFREG
TTPK
;
h
35 'polypeptide(L)' PRKIEEIKDFLLTARRKDAKSVKIKKNKDNVKFKVRCSRYLYTLVITDKEKAEKLKQSLPPGLAVKDLK i
36 'polypeptide(L)' SSHKTFRIKRFLAKKQKQNRPIPQWIRMKTGNKIRYNSKRRHWRRTKLGL j
37 'polypeptide(L)' IEPSLRQLAQKYNCDKMICRKCYARLHPRAVNCRKKKCGHTNNLRPKKKV k
38 'polypeptide(L)' MRAKWRKKRMRRLKRKRRKMRQRSK l
39 'polypeptide(L)'
;VNVPKTRRTFCKKCGKHQPHKVTQYKKGKDSLYAQGKRRYDRKQSGYGGQTKPIFRKKAKTTKKIVLRLECVEPNCRSKR
MLAIKRCKHFELGGDKKRKGQVIQF
;
m
40 'polypeptide(L)'
;AKRTKKVGIVGKYGTRYGASLRKMVKKIEISQHAKYTCSFCGKTKMKRRAVGIWHCGSCMKTVAGGAWTYNTTSAVTVKS
AIRRLKELKDQ
;
n
41 'polypeptide(L)'
;SMLRLQKRLASSVLRCGKKKVWLDPNETNEIANANSRQQIRKLIKDGLIIRKPVTVHSRARCRKNTLARRKGRHMGIGKR
KGTANARMPEKVTWMRRMRILRRLLRRYRESKKIDRHMYHSLYLKVKGNVFKNKRILMEHIHKLKADKARKKLLADQAEA
RRSKTKEARKRREERLQAKKEEII
;
o
42 'polypeptide(L)'
;SAHLQWMVVRNCSSFLIKRNKQTYSTEPNNLKARNSFRYNGLIHRKTVGVEPAADGKGVVVVMKRRSGQRKPATSYVRTT
INKNARATLSSIRHMIRKNKYRPDLRMAAIRRASAILRSQKP
;
p
43 'polyribonucleotide'
;CGCGACCUCAGAUCAGACGUGGCGACCCGCUGAAUUUAAGCAUAUUAGUCAGCGGAGGAAAAGAAACUAACCAGGAUUCC
CUCAGUAACGGCGAGUGAACAGGGAAGAGCCCAGCGCCGAAUCCCCGCCGCGCGGGGCGUGGGAAAUGUGGCGUACGGAA
GACCCACUCCCCGGCGCCGCUCGUGGGGGGCCCAAGUCCUUCUGAUCGAGGCCCAGCCCGUGGACGGUGUGAGGCCGGUA
GCGGCCCCGGCGCCGGGCUCGGGUCUUCCCGGAGUCGGGUUGCUUGGGAAUGCAGCCCAAAGCGGGUGGUAAACUCCAUC
UAAGGCUAAAUACCGGCACGAGACCGAUAGUCAACAAGUACCGUAAGGGAAAGUUGAAAAGAACUUUGAAGAGAGAGUUC
AAGAGGGCGUGAAACCGUUAAGAGGUAAACGGGUGGGGUCCGCGCAGUCCGCCCGGAGGAUUCAACCCGGCGGCGGGUCC
GGCCGUGUCGGCGGCCCGGCGGAUCUUUCCCGCCCCCGGGGUCGGCGGGGGACCGUCCCCCGGACCGGCGACCGGCCGCC
GCCGGGCGCAUUUCCAGGCGGUGCGCCGCGACCGGCUCCGGGACGGCUGGGAAGGCCCGGCGGGGAAGGUGGCUCGGGGC
CCCCGAGUGUUACAGCCCCCCCGGCAGCAGCACUCGCCGAAUCCCGGGGCCGAGGGAGCGAGACCCGUCGCCGCGCUCUC
CCCCCUGGGGGGGCCGGGCCACCCCUCCCACGGCGCGACCGCUCUCCCAGGGGGCGGGGCGGACUGUCCCCAGUGCGCCC
CGGGCGGGUCGCGCCGUCGGGCCCGGGGGGCCACGCGCGCGUCCCGGGACGGCGGAGCGAGCGCACGGGGUCGGCGGCGA
CGUCGGCUACCCACCCGACCCGUCUUGAAACACGGACCAAGGAGUCUAACACGUGCGCGAGUCGGGGGCUCGCACGAAAG
CCGCCGUGGCGCAAUGAAGGUGAAGGCCGGCGCGCUCGCCGGCCGAGGUGGGAUCCCGAGGCCUCUCCAGUCCGCCGAGG
GGCACCACCGGCCCGUCUCGCCCGCCGCGCCGGGGAGGUGGAGCACGAGCGCACGUGUUAGGACCCGAAAGAUGGUGAAC
UAUGCCUGGGCAGGGCGAAGCCAGAGGAAACUCUGGUGGAGGUCCGUAGCGGUCCUGACGUGCAAAUCGGUCGUCCGACC
UGGGUAUAGGGGCGAAAGACUAAUCGAACCAUCUAGUAGCUGGUUCCCUCCGAAGUUUCCCUCAGGAUAGCUGGCGCUCU
CGCCCACGCAGUUUUAUCCGGUAAAGCGAAUGAUUAGAGGUCUUGGGGCCGAAACGAUCUCAACCUAUUCUCAAACUUUA
AAUGGGUAAGAAGCCCGGCUCGCUGGCGUGGAGCCGGGGUGGAAUGCGAGUGCCUAGUGGGCCACUUUUGGUAAGCAGAA
CUGGCGCUGCGGGAUGAACCGAACGCCGGGUUAAGGCGCCCGAUGCCGACGCUCAUCAGACCCCAGAAAAGGUGUUGGUU
GAUAUAGACAGCAGGACGGUGGCCAUGGAAGUCGGAAUCCGCUAAGGAGUGUGUAACAACUCACCUGCCGAAUCAACUAG
CCCUGAAAAUGGAUGGCGCUGGAGCGUCGGGCCCAUACCCGGCCGUCGCCGGCCUACGCCGCGACGAGUAGGAGGGCCGC
UGCGGUGAGCCUUGAAGCCUAGGGCGCGGGCCCGGGUGGAGCCGCCGCAGGUGCAGAUCUUGGUGGUAGUAGCAAAUAUU
CAAACGAGAACUUUGAAGGCCGAAGUGGAGAAGGGUUCCAUGUGAACAGCAGUUGAACAUGGGUCAGUCGGUCCUGAGAG
AUGGGCGAGCGCCGUUCCGAAGGGACGGGCGAUGGCCUCCGUUGCCCUCGGCCGAUCGAAAGGGAGUCGGGUUCAGAUCC
CCGAAUCCGGAGUGGCGGAGAUGGGCGCCGCGAGGCGUCCAGUGCGGUAACGCGACCGAUCCCGGAGAAGCCGGCGGGAG
CCCCGGGGAGAGUUCUCUUUUCUUUGUGAAGGGCAGGGCGCCCUGGAAUGGGUUCGCCCCGAGAGAGGGGCCCGUGCCUU
GGAAAGCGUCGCACCUUUGCUGGGGUCCGGUGAGCUCUCGCUGGCCCUUGAAAAUCCGGGGGAGAGGGUGUAAAUCUCGC
GCCGGGCCGUACCCAUAUCCGCAGCAGGUCUCCAAGGUGAACAGCCUCUGGCAUGUUGGAACAAUGUAGGUAAGGGAAGU
CGGCAAGCCGGAUCCGUAACUUCGGGAUAAGGAUUGGCUCUAAGGGCUGGCAGCCGACUUAGAACUGGUGCGGACCAGGG
GAAUCCGACUGUUUAAUUAAAACAAAGCAUCGCGAAGGCCCGCGGCGGGUGUUGACGCGAUGUGAUUUCUGCCCAGUGCU
CUGAAUGUCAAAGUGAAGAAAUUCAAUGAAGCGCGGGUAAACGGCGGGAGUAACUAUGACUCUCUUAAGGUAGCCAAAUG
CCUCGUCAUCUAAUUAGUGACGCGCAUGAAUGGAUGAACGAGAUUCCCACUGUCCCUACCUACUAUCCAGCGAAACCACA
GCCAAGGGAACGGGCUUGGCGGAAUCAGCGGGGAAAGAAGACCCUGUUGAGCUUGACUCUAGUCUGGCACGGUGAAGAGA
CAUGAGAGGUGUAGAAUAAGUGGGAGGCCCGGGCCGCCGGUGAAAUACCACUACUCUGAUCGUUUUUUCACUGACCCGGU
GAGGCGGGGGGGCGAGCCCGAGGGGCUCUCGCUUCUGGCGCCAAGCGCCCGCCCGGCCGGGCGCGACCCGCUCCGGGGAC
AGUGCCAGGUGGGGAGUUUGACUGGGGCGGUACACCUGUCAAACGGUAACGCAGGUGUCCUAAGGCGAGCUCAGGGAGGA
CAGAAACCUCCCGUGGAGCAGAAGGGCAAAAGCUCGCUUGAUCUUGAUUUUCAGUACGAAUACAGACCGUGAAAGCGGGG
CCUCACGAUCCUUCUGACCUUUUGGGUUUUAAGCAGGAGGUGUCAGAAAAGUUACCACAGGGAUAACUGGCUUGUGGCGG
CCAAGCGUUCAUAGCGACGUCGCUUUUUGAUCCUUCGAUGUCGGCUCUUCCUAUCAUUGUGAAGCAGAAUUCGCCAAGCG
UUGGAUUGUUCACCCACUAAUAGGGAACGUGAGCUGGGUUUAGACCGUCGUGAGACAGGUUAGUUUUACCCUACUGAUGA
UGUGUUGUUGCCAUGGUAAUCCUGCUCAGUACGAGAGGAACCGCAGGUUCAGACAUUUGGUGUAUGUGCUUGGCUGAGGA
GCCAAUGGGGCGAAGCUACCAUCUGUGGGAUUAUGACUGAACGCCUCUAAGUCAGAAUCCCGCCCAGGCGGAACGAUACG
GCAGCGCCGCGGAGCCUCGGUUGGCCUCGGAUAGCCGGUCCGGGGUCCGGUGCGGAGUGCCCUUCGUCCUGGGAAACGGG
GCGCGGCCGGAAAGGCGGCCGCCCCCUCGCCCGUCACGCACCGCACGUUCGUGGGGAACCUGGCGCUAAACCAUUCGUAG
ACGACCUGCUUCUGGGUCGGGGUUUCGUACGUAGCAGAGCAGCUCCCUCGCUGCGAUCUAUUGAAAGUCAGCCCUCGACA
CAAGGGUUUGUC
;
q
44 'polyribonucleotide'
;CGACUCUUAGCGGUGGAUCACUCGGCUCGUGCGUCGAUGAAGAACGCAGCUAGCUGCGAGAAUUAAUGUGAAUUGCAGGA
CACAUUGAUCAUCGACACUUCGAACGCACUUGCGGCCCCGGGUUCCUCCCGGGGCUACGCCUGUCUGAGCGUCGCUU
;
r
45 'polyribonucleotide'
;GUCUACGGCCAUACCACCCUGAACGCGCCCGAUCUCGUCUGAUCUCGGAAGCUAAGCAGGGUCGGGCCUGGUUAGUACUU
GGAUGGGAGACCGCCUGGGAAUACCGGGUGCUGUAGGCU
;
s
46 'polypeptide(L)'
;QEQTIAEDLVVTKYKMGGDIANRVLRSLVEASSSGVSVLSLCEKGDAMIMEETGKIFKKEKEMKKGIAFPTSISVNNCVC
HFSPLKSDQDYILKEGDLVKIDLGVHVDGFIANVAHTFVIGVAQGTQVTGRKADVIKAAHLCAEAALRLVKPGNQNTQVT
EAWNKVAHSFNCTPIEGMLSHQLKQHVIDGEKTIIQNPTDQQKKDHEKAEFEVHEVYAVDVLVSSGEGKAKDAGQRTTIY
KRDPSKQYGLKMKTSRAFFSEVERRFDAMPFTLRAFEDEKKARMGVVECAKHELLQPFNVLYEKEGEFVAQFKFTVLLMP
NGPMRITSGPFEPDLYKSEMEVQDAELKALLQS
;
t
#
loop_
_chem_comp.id
_chem_comp.type
_chem_comp.name
_chem_comp.formula
A RNA linking ADENOSINE-5'-MONOPHOSPHATE 'C10 H14 N5 O7 P'
C RNA linking CYTIDINE-5'-MONOPHOSPHATE 'C9 H14 N3 O8 P'
G RNA linking GUANOSINE-5'-MONOPHOSPHATE 'C10 H14 N5 O8 P'
MG non-polymer 'MAGNESIUM ION' 'Mg 2'
U RNA linking URIDINE-5'-MONOPHOSPHATE 'C9 H13 N2 O9 P'
ZN non-polymer 'ZINC ION' 'Zn 2'
#
# COMPACT_ATOMS: atom_id res chain seq x y z
N GLY A 1 -20.17 16.12 24.74
CA GLY A 1 -18.82 16.11 25.26
C GLY A 1 -18.24 17.50 25.42
N ARG A 2 -18.93 18.49 24.87
CA ARG A 2 -18.49 19.88 24.90
C ARG A 2 -19.21 20.64 26.01
N VAL A 3 -18.51 21.60 26.60
CA VAL A 3 -19.09 22.42 27.65
C VAL A 3 -20.15 23.33 27.04
N ILE A 4 -21.33 23.36 27.68
CA ILE A 4 -22.47 24.10 27.15
C ILE A 4 -22.30 25.60 27.45
N ARG A 5 -23.11 26.43 26.79
CA ARG A 5 -22.99 27.87 26.96
C ARG A 5 -23.29 28.29 28.39
N GLY A 6 -24.37 27.75 28.99
CA GLY A 6 -24.68 28.05 30.36
C GLY A 6 -23.63 27.58 31.34
N GLN A 7 -22.84 26.58 30.97
CA GLN A 7 -21.76 26.10 31.82
C GLN A 7 -20.50 26.93 31.65
N ARG A 8 -20.28 27.50 30.47
CA ARG A 8 -19.13 28.36 30.22
C ARG A 8 -19.30 29.76 30.83
N LYS A 9 -20.46 30.06 31.43
CA LYS A 9 -20.68 31.37 32.00
C LYS A 9 -19.83 31.62 33.23
N GLY A 10 -19.55 30.58 34.01
CA GLY A 10 -18.81 30.74 35.24
C GLY A 10 -17.32 30.92 35.08
N ALA A 11 -16.78 30.67 33.88
CA ALA A 11 -15.34 30.84 33.68
C ALA A 11 -14.92 32.30 33.79
N GLY A 12 -15.79 33.23 33.44
CA GLY A 12 -15.47 34.63 33.53
C GLY A 12 -14.41 35.09 32.55
N SER A 13 -14.34 34.46 31.37
CA SER A 13 -13.34 34.86 30.38
C SER A 13 -13.83 36.06 29.58
N VAL A 14 -14.95 35.90 28.87
CA VAL A 14 -15.57 36.99 28.11
C VAL A 14 -16.93 37.36 28.63
N PHE A 15 -17.43 36.67 29.66
CA PHE A 15 -18.73 36.94 30.25
C PHE A 15 -18.64 37.85 31.46
N ARG A 16 -17.52 38.54 31.64
CA ARG A 16 -17.40 39.51 32.72
C ARG A 16 -18.28 40.72 32.46
N ALA A 17 -18.68 41.39 33.54
CA ALA A 17 -19.52 42.57 33.41
C ALA A 17 -18.71 43.73 32.87
N HIS A 18 -19.31 44.48 31.93
CA HIS A 18 -18.65 45.64 31.37
C HIS A 18 -18.69 46.78 32.38
N VAL A 19 -17.66 46.87 33.22
CA VAL A 19 -17.65 47.78 34.35
C VAL A 19 -16.69 48.96 34.09
N LYS A 20 -16.46 49.30 32.82
CA LYS A 20 -15.54 50.38 32.50
C LYS A 20 -16.16 51.74 32.79
N HIS A 21 -17.32 52.01 32.23
CA HIS A 21 -17.96 53.31 32.33
C HIS A 21 -18.85 53.44 33.56
N ARG A 22 -18.82 52.47 34.47
CA ARG A 22 -19.62 52.55 35.68
C ARG A 22 -19.12 53.68 36.57
N LYS A 23 -20.05 54.49 37.08
CA LYS A 23 -19.66 55.63 37.90
C LYS A 23 -19.17 55.19 39.27
N GLY A 24 -19.90 54.31 39.93
CA GLY A 24 -19.50 53.84 41.24
C GLY A 24 -20.54 52.92 41.82
N ALA A 25 -20.12 52.17 42.83
CA ALA A 25 -21.03 51.25 43.51
C ALA A 25 -22.04 52.02 44.36
N ALA A 26 -23.31 51.66 44.21
CA ALA A 26 -24.38 52.32 44.96
C ALA A 26 -24.44 51.74 46.35
N ARG A 27 -23.93 52.50 47.32
CA ARG A 27 -23.93 52.07 48.72
C ARG A 27 -24.22 53.26 49.61
N LEU A 28 -24.76 52.97 50.79
CA LEU A 28 -25.10 54.00 51.76
C LEU A 28 -23.83 54.44 52.50
N ARG A 29 -24.01 55.21 53.57
CA ARG A 29 -22.89 55.69 54.36
C ARG A 29 -22.59 54.73 55.50
N ALA A 30 -21.36 54.76 55.97
CA ALA A 30 -20.95 53.88 57.06
C ALA A 30 -21.62 54.28 58.37
N VAL A 31 -22.13 53.29 59.09
CA VAL A 31 -22.77 53.56 60.38
C VAL A 31 -21.72 53.98 61.40
N ASP A 32 -21.97 55.08 62.09
CA ASP A 32 -21.03 55.62 63.06
C ASP A 32 -21.81 56.31 64.18
N PHE A 33 -21.07 56.96 65.08
CA PHE A 33 -21.70 57.64 66.20
C PHE A 33 -22.59 58.78 65.74
N ALA A 34 -22.14 59.55 64.75
CA ALA A 34 -22.94 60.65 64.22
C ALA A 34 -24.22 60.17 63.55
N GLU A 35 -24.37 58.87 63.32
CA GLU A 35 -25.56 58.28 62.74
C GLU A 35 -26.42 57.55 63.75
N ARG A 36 -25.81 56.99 64.79
CA ARG A 36 -26.58 56.27 65.80
C ARG A 36 -26.89 57.11 67.03
N HIS A 37 -26.40 58.34 67.11
CA HIS A 37 -26.72 59.24 68.22
C HIS A 37 -27.14 60.61 67.72
N GLY A 38 -27.79 60.67 66.58
CA GLY A 38 -28.22 61.93 65.99
C GLY A 38 -28.39 61.79 64.49
N TYR A 39 -28.07 62.86 63.78
CA TYR A 39 -28.15 62.88 62.34
C TYR A 39 -27.15 63.89 61.79
N ILE A 40 -26.85 63.75 60.49
CA ILE A 40 -25.99 64.68 59.78
C ILE A 40 -26.69 65.10 58.50
N LYS A 41 -26.37 66.30 58.04
CA LYS A 41 -26.98 66.88 56.85
C LYS A 41 -25.97 66.93 55.72
N GLY A 42 -26.42 66.55 54.52
CA GLY A 42 -25.57 66.59 53.35
C GLY A 42 -26.32 67.21 52.18
N ILE A 43 -25.55 67.61 51.18
CA ILE A 43 -26.08 68.33 50.02
C ILE A 43 -25.90 67.46 48.79
N VAL A 44 -26.96 67.33 48.01
CA VAL A 44 -26.91 66.57 46.76
C VAL A 44 -26.35 67.47 45.67
N LYS A 45 -25.20 67.09 45.11
CA LYS A 45 -24.61 67.87 44.03
C LYS A 45 -25.38 67.67 42.73
N ASP A 46 -25.48 66.43 42.28
CA ASP A 46 -26.19 66.14 41.03
C ASP A 46 -26.47 64.64 40.94
N ILE A 47 -27.43 64.31 40.08
CA ILE A 47 -27.75 62.92 39.76
C ILE A 47 -27.18 62.61 38.38
N ILE A 48 -26.73 61.37 38.21
CA ILE A 48 -26.09 60.93 36.97
C ILE A 48 -26.65 59.57 36.56
N HIS A 49 -26.46 59.25 35.29
CA HIS A 49 -26.93 57.99 34.72
C HIS A 49 -25.81 56.97 34.74
N ASP A 50 -26.04 55.83 35.39
CA ASP A 50 -25.06 54.77 35.47
C ASP A 50 -25.31 53.78 34.33
N PRO A 51 -24.38 53.61 33.39
CA PRO A 51 -24.61 52.67 32.29
C PRO A 51 -24.82 51.25 32.81
N GLY A 52 -25.78 50.56 32.21
CA GLY A 52 -26.14 49.23 32.67
C GLY A 52 -27.04 49.22 33.87
N ARG A 53 -27.72 50.33 34.17
CA ARG A 53 -28.61 50.42 35.32
C ARG A 53 -29.64 51.50 35.06
N GLY A 54 -30.90 51.20 35.42
CA GLY A 54 -31.96 52.18 35.22
C GLY A 54 -32.08 53.18 36.34
N ALA A 55 -31.63 52.83 37.53
CA ALA A 55 -31.75 53.73 38.68
C ALA A 55 -30.65 54.79 38.61
N PRO A 56 -30.99 56.07 38.72
CA PRO A 56 -29.95 57.10 38.71
C PRO A 56 -29.18 57.14 40.02
N LEU A 57 -27.95 57.64 39.93
CA LEU A 57 -27.04 57.71 41.07
C LEU A 57 -26.88 59.17 41.48
N ALA A 58 -27.29 59.48 42.70
CA ALA A 58 -27.19 60.83 43.24
C ALA A 58 -25.91 60.95 44.06
N LYS A 59 -25.11 61.98 43.76
CA LYS A 59 -23.89 62.27 44.50
C LYS A 59 -24.26 63.18 45.67
N VAL A 60 -23.95 62.74 46.89
CA VAL A 60 -24.24 63.48 48.10
C VAL A 60 -22.93 63.78 48.82
N VAL A 61 -22.75 65.03 49.20
CA VAL A 61 -21.57 65.48 49.92
C VAL A 61 -21.95 65.73 51.37
N PHE A 62 -21.27 65.04 52.27
CA PHE A 62 -21.42 65.20 53.72
C PHE A 62 -20.16 65.84 54.30
N ARG A 63 -20.30 66.38 55.50
CA ARG A 63 -19.18 66.97 56.22
C ARG A 63 -18.66 65.94 57.23
N ASP A 64 -17.37 65.64 57.14
CA ASP A 64 -16.77 64.64 58.03
C ASP A 64 -16.81 65.12 59.47
N PRO A 65 -17.41 64.35 60.39
CA PRO A 65 -17.51 64.82 61.78
C PRO A 65 -16.21 64.73 62.56
N TYR A 66 -15.16 64.13 61.99
CA TYR A 66 -13.88 63.99 62.68
C TYR A 66 -12.73 64.72 62.00
N ARG A 67 -12.72 64.78 60.68
CA ARG A 67 -11.68 65.47 59.94
C ARG A 67 -12.29 66.64 59.17
N PHE A 68 -11.43 67.58 58.79
CA PHE A 68 -11.85 68.73 57.99
C PHE A 68 -11.78 68.33 56.52
N LYS A 69 -12.84 67.70 56.03
CA LYS A 69 -12.88 67.21 54.65
C LYS A 69 -14.32 66.85 54.31
N LYS A 70 -14.65 66.97 53.03
CA LYS A 70 -15.98 66.63 52.53
C LYS A 70 -15.97 65.22 51.95
N ARG A 71 -16.93 64.41 52.35
CA ARG A 71 -17.04 63.02 51.91
C ARG A 71 -18.12 62.92 50.84
N THR A 72 -17.78 62.31 49.70
CA THR A 72 -18.69 62.15 48.58
C THR A 72 -19.18 60.71 48.54
N GLU A 73 -20.49 60.52 48.51
CA GLU A 73 -21.11 59.21 48.43
C GLU A 73 -22.07 59.16 47.26
N LEU A 74 -22.30 57.96 46.76
CA LEU A 74 -23.20 57.73 45.63
C LEU A 74 -24.39 56.91 46.11
N PHE A 75 -25.54 57.56 46.29
CA PHE A 75 -26.76 56.89 46.70
C PHE A 75 -27.64 56.61 45.48
N ILE A 76 -28.62 55.75 45.68
CA ILE A 76 -29.62 55.50 44.64
C ILE A 76 -30.68 56.60 44.75
N ALA A 77 -30.79 57.41 43.69
CA ALA A 77 -31.67 58.58 43.74
C ALA A 77 -33.12 58.14 43.81
N ALA A 78 -33.74 58.30 44.97
CA ALA A 78 -35.16 58.03 45.09
C ALA A 78 -35.96 59.07 44.30
N GLU A 79 -37.13 58.65 43.83
CA GLU A 79 -37.93 59.51 42.98
C GLU A 79 -38.55 60.64 43.81
N GLY A 80 -38.26 61.87 43.42
CA GLY A 80 -38.75 63.04 44.11
C GLY A 80 -37.70 63.87 44.81
N ILE A 81 -36.44 63.77 44.40
CA ILE A 81 -35.36 64.58 44.99
C ILE A 81 -34.72 65.39 43.88
N HIS A 82 -34.27 66.59 44.21
CA HIS A 82 -33.68 67.51 43.25
C HIS A 82 -32.33 68.00 43.76
N THR A 83 -31.53 68.54 42.85
CA THR A 83 -30.23 69.06 43.20
C THR A 83 -30.37 70.26 44.14
N GLY A 84 -29.68 70.20 45.28
CA GLY A 84 -29.74 71.22 46.29
C GLY A 84 -30.56 70.85 47.51
N GLN A 85 -31.37 69.80 47.42
CA GLN A 85 -32.18 69.38 48.56
C GLN A 85 -31.29 68.77 49.63
N PHE A 86 -31.43 69.26 50.87
CA PHE A 86 -30.65 68.72 51.98
C PHE A 86 -31.18 67.34 52.37
N VAL A 87 -30.28 66.36 52.40
CA VAL A 87 -30.61 64.99 52.79
C VAL A 87 -30.03 64.73 54.17
N TYR A 88 -30.86 64.21 55.06
CA TYR A 88 -30.47 63.96 56.43
C TYR A 88 -30.31 62.46 56.66
N CYS A 89 -29.19 62.08 57.28
CA CYS A 89 -28.86 60.69 57.54
C CYS A 89 -28.58 60.52 59.01
N GLY A 90 -29.35 59.68 59.69
CA GLY A 90 -29.15 59.47 61.10
C GLY A 90 -30.32 58.70 61.71
N LYS A 91 -30.33 58.68 63.04
CA LYS A 91 -31.36 57.94 63.77
C LYS A 91 -32.59 58.80 64.00
N LYS A 92 -32.40 60.02 64.50
CA LYS A 92 -33.50 60.92 64.82
C LYS A 92 -33.79 61.89 63.69
N ALA A 93 -33.53 61.50 62.44
CA ALA A 93 -33.84 62.35 61.31
C ALA A 93 -35.34 62.39 61.06
N GLN A 94 -35.80 63.52 60.52
CA GLN A 94 -37.22 63.67 60.20
C GLN A 94 -37.60 62.75 59.05
N LEU A 95 -38.81 62.21 59.12
CA LEU A 95 -39.30 61.25 58.12
C LEU A 95 -39.70 62.03 56.86
N ASN A 96 -38.83 62.02 55.86
CA ASN A 96 -39.09 62.65 54.58
C ASN A 96 -38.53 61.80 53.47
N ILE A 97 -38.83 62.19 52.22
CA ILE A 97 -38.31 61.48 51.07
C ILE A 97 -36.84 61.81 50.90
N GLY A 98 -36.01 60.76 50.78
CA GLY A 98 -34.59 60.90 50.62
C GLY A 98 -33.79 60.65 51.89
N ASN A 99 -34.34 61.00 53.05
CA ASN A 99 -33.64 60.80 54.30
C ASN A 99 -33.60 59.32 54.66
N VAL A 100 -32.44 58.87 55.13
CA VAL A 100 -32.26 57.49 55.57
C VAL A 100 -32.27 57.46 57.09
N LEU A 101 -32.84 56.39 57.65
CA LEU A 101 -32.97 56.26 59.10
C LEU A 101 -33.32 54.81 59.41
N PRO A 102 -32.94 54.31 60.58
CA PRO A 102 -33.17 52.88 60.88
C PRO A 102 -34.64 52.51 60.81
N VAL A 103 -34.88 51.25 60.41
CA VAL A 103 -36.24 50.76 60.26
C VAL A 103 -36.94 50.59 61.60
N GLY A 104 -36.17 50.47 62.69
CA GLY A 104 -36.78 50.32 63.99
C GLY A 104 -37.53 51.54 64.49
N THR A 105 -37.34 52.69 63.84
CA THR A 105 -37.98 53.93 64.26
C THR A 105 -39.15 54.34 63.38
N MET A 106 -39.15 53.96 62.09
CA MET A 106 -40.24 54.33 61.21
C MET A 106 -41.50 53.55 61.58
N PRO A 107 -42.68 54.15 61.40
CA PRO A 107 -43.92 53.44 61.71
C PRO A 107 -44.24 52.40 60.65
N GLU A 108 -45.29 51.64 60.92
CA GLU A 108 -45.72 50.59 59.99
C GLU A 108 -46.29 51.21 58.72
N GLY A 109 -46.23 50.44 57.63
CA GLY A 109 -46.72 50.90 56.35
C GLY A 109 -45.83 51.89 55.64
N THR A 110 -44.62 52.12 56.13
CA THR A 110 -43.71 53.08 55.51
C THR A 110 -43.10 52.48 54.25
N ILE A 111 -43.24 53.20 53.13
CA ILE A 111 -42.70 52.75 51.86
C ILE A 111 -41.25 53.23 51.77
N VAL A 112 -40.31 52.30 51.89
CA VAL A 112 -38.88 52.61 51.86
C VAL A 112 -38.22 51.73 50.82
N CYS A 113 -36.96 52.05 50.53
CA CYS A 113 -36.17 51.29 49.57
C CYS A 113 -34.70 51.38 49.96
N CYS A 114 -33.88 50.60 49.26
CA CYS A 114 -32.43 50.57 49.47
C CYS A 114 -32.10 50.35 50.94
N LEU A 115 -32.50 49.19 51.46
CA LEU A 115 -32.27 48.83 52.85
C LEU A 115 -31.17 47.78 52.94
N GLU A 116 -30.89 47.35 54.17
CA GLU A 116 -29.81 46.42 54.45
C GLU A 116 -30.38 45.15 55.07
N GLU A 117 -29.79 44.01 54.70
CA GLU A 117 -30.18 42.75 55.32
C GLU A 117 -29.77 42.72 56.79
N LYS A 118 -28.51 43.08 57.07
CA LYS A 118 -27.95 43.12 58.40
C LYS A 118 -27.51 44.53 58.74
N PRO A 119 -27.45 44.89 60.03
CA PRO A 119 -26.98 46.24 60.39
C PRO A 119 -25.54 46.47 59.96
N GLY A 120 -25.35 47.37 58.99
CA GLY A 120 -24.05 47.61 58.40
C GLY A 120 -23.85 47.03 57.02
N ASP A 121 -24.87 46.40 56.45
CA ASP A 121 -24.75 45.83 55.11
C ASP A 121 -24.68 46.90 54.03
N ARG A 122 -25.03 48.14 54.36
CA ARG A 122 -24.86 49.30 53.48
C ARG A 122 -25.68 49.17 52.19
N GLY A 123 -27.00 49.09 52.37
CA GLY A 123 -27.92 49.25 51.26
C GLY A 123 -27.88 48.16 50.20
N LYS A 124 -28.38 46.97 50.53
CA LYS A 124 -28.35 45.86 49.59
C LYS A 124 -29.70 45.47 49.02
N LEU A 125 -30.78 45.57 49.80
CA LEU A 125 -32.09 45.14 49.34
C LEU A 125 -32.84 46.28 48.66
N ALA A 126 -33.68 45.92 47.68
CA ALA A 126 -34.56 46.85 46.98
C ALA A 126 -33.78 47.99 46.34
N ARG A 127 -32.95 47.63 45.35
CA ARG A 127 -32.09 48.59 44.69
C ARG A 127 -32.43 48.81 43.22
N ALA A 128 -33.35 48.04 42.65
CA ALA A 128 -33.70 48.22 41.25
C ALA A 128 -34.56 49.47 41.07
N SER A 129 -34.81 49.82 39.82
CA SER A 129 -35.54 51.04 39.48
C SER A 129 -37.04 50.83 39.69
N GLY A 130 -37.62 51.61 40.59
CA GLY A 130 -39.05 51.58 40.82
C GLY A 130 -39.52 50.55 41.83
N ASN A 131 -38.61 49.98 42.62
CA ASN A 131 -38.97 48.97 43.61
C ASN A 131 -38.88 49.55 45.02
N TYR A 132 -39.64 48.95 45.93
CA TYR A 132 -39.67 49.40 47.31
C TYR A 132 -40.02 48.23 48.21
N ALA A 133 -39.77 48.40 49.50
CA ALA A 133 -40.11 47.41 50.51
C ALA A 133 -41.03 48.04 51.54
N THR A 134 -41.99 47.25 52.02
CA THR A 134 -43.03 47.75 52.92
C THR A 134 -42.83 47.20 54.32
N VAL A 135 -42.63 48.08 55.29
CA VAL A 135 -42.51 47.69 56.69
C VAL A 135 -43.91 47.38 57.22
N ILE A 136 -44.08 46.22 57.82
CA ILE A 136 -45.41 45.79 58.25
C ILE A 136 -45.49 45.45 59.74
N SER A 137 -44.36 45.24 60.43
CA SER A 137 -44.40 44.88 61.83
C SER A 137 -43.18 45.44 62.55
N HIS A 138 -43.27 45.45 63.88
CA HIS A 138 -42.19 45.91 64.73
C HIS A 138 -42.19 45.12 66.03
N ASN A 139 -41.01 44.99 66.64
CA ASN A 139 -40.86 44.29 67.91
C ASN A 139 -39.88 45.07 68.79
N PRO A 140 -40.34 45.69 69.88
CA PRO A 140 -39.42 46.42 70.76
C PRO A 140 -38.41 45.50 71.41
N GLU A 141 -38.88 44.44 72.08
CA GLU A 141 -38.00 43.44 72.67
C GLU A 141 -37.60 42.43 71.60
N THR A 142 -36.37 41.94 71.70
CA THR A 142 -35.77 41.07 70.69
C THR A 142 -35.95 41.70 69.30
N LYS A 143 -35.28 42.85 69.15
CA LYS A 143 -35.52 43.76 68.03
C LYS A 143 -35.55 43.03 66.69
N LYS A 144 -36.72 43.05 66.06
CA LYS A 144 -36.93 42.46 64.75
C LYS A 144 -37.95 43.32 64.00
N THR A 145 -37.95 43.20 62.68
CA THR A 145 -38.82 43.99 61.83
C THR A 145 -39.22 43.18 60.61
N ARG A 146 -40.53 43.09 60.36
CA ARG A 146 -41.04 42.34 59.22
C ARG A 146 -41.21 43.28 58.03
N VAL A 147 -40.64 42.92 56.89
CA VAL A 147 -40.74 43.72 55.69
C VAL A 147 -41.20 42.83 54.54
N LYS A 148 -41.96 43.43 53.63
CA LYS A 148 -42.43 42.78 52.42
C LYS A 148 -41.60 43.30 51.27
N LEU A 149 -40.91 42.39 50.58
CA LEU A 149 -40.00 42.76 49.51
C LEU A 149 -40.76 42.80 48.17
N PRO A 150 -40.16 43.40 47.14
CA PRO A 150 -40.85 43.47 45.84
C PRO A 150 -41.27 42.11 45.28
N SER A 151 -40.64 41.02 45.72
CA SER A 151 -41.04 39.70 45.28
C SER A 151 -42.22 39.15 46.06
N GLY A 152 -42.80 39.94 46.97
CA GLY A 152 -43.89 39.48 47.80
C GLY A 152 -43.48 38.71 49.02
N SER A 153 -42.19 38.37 49.15
CA SER A 153 -41.73 37.61 50.29
C SER A 153 -41.67 38.50 51.53
N LYS A 154 -42.16 37.96 52.66
CA LYS A 154 -42.12 38.66 53.93
C LYS A 154 -40.95 38.14 54.74
N LYS A 155 -39.93 38.97 54.90
CA LYS A 155 -38.69 38.60 55.58
C LYS A 155 -38.57 39.37 56.90
N VAL A 156 -38.07 38.70 57.92
CA VAL A 156 -37.78 39.33 59.20
C VAL A 156 -36.31 39.71 59.24
N ILE A 157 -36.04 40.97 59.55
CA ILE A 157 -34.69 41.51 59.57
C ILE A 157 -34.46 42.21 60.91
N SER A 158 -33.24 42.70 61.11
CA SER A 158 -32.92 43.42 62.32
C SER A 158 -33.58 44.80 62.29
N SER A 159 -33.66 45.42 63.48
CA SER A 159 -34.25 46.74 63.63
C SER A 159 -33.22 47.85 63.67
N ALA A 160 -31.94 47.54 63.45
CA ALA A 160 -30.88 48.54 63.48
C ALA A 160 -30.43 49.00 62.10
N ASN A 161 -30.64 48.19 61.07
CA ASN A 161 -30.24 48.58 59.73
C ASN A 161 -31.15 49.68 59.19
N ARG A 162 -30.64 50.41 58.21
CA ARG A 162 -31.27 51.62 57.73
C ARG A 162 -31.96 51.39 56.39
N ALA A 163 -32.69 52.42 55.94
CA ALA A 163 -33.40 52.37 54.67
C ALA A 163 -33.82 53.78 54.26
N VAL A 164 -33.51 54.18 53.03
CA VAL A 164 -33.93 55.48 52.53
C VAL A 164 -35.42 55.43 52.22
N VAL A 165 -36.11 56.54 52.49
CA VAL A 165 -37.56 56.60 52.34
C VAL A 165 -37.90 57.05 50.92
N GLY A 166 -38.84 56.35 50.30
CA GLY A 166 -39.24 56.69 48.95
C GLY A 166 -39.03 55.58 47.96
N VAL A 167 -39.62 55.71 46.77
CA VAL A 167 -39.49 54.73 45.71
C VAL A 167 -38.34 55.13 44.79
N VAL A 168 -37.61 54.13 44.29
CA VAL A 168 -36.49 54.41 43.41
C VAL A 168 -36.98 55.08 42.13
N ALA A 169 -36.22 56.08 41.68
CA ALA A 169 -36.57 56.79 40.45
C ALA A 169 -36.42 55.87 39.24
N GLY A 170 -37.12 56.23 38.17
CA GLY A 170 -37.10 55.43 36.96
C GLY A 170 -38.15 54.34 36.91
N GLY A 171 -39.26 54.51 37.60
CA GLY A 171 -40.30 53.50 37.58
C GLY A 171 -40.96 53.38 36.22
N GLY A 172 -41.60 52.23 36.02
CA GLY A 172 -42.25 51.96 34.73
C GLY A 172 -41.28 51.75 33.59
N ARG A 173 -40.00 51.53 33.91
CA ARG A 173 -38.97 51.37 32.89
C ARG A 173 -39.27 50.23 31.93
N ILE A 174 -40.04 49.23 32.35
CA ILE A 174 -40.35 48.08 31.52
C ILE A 174 -41.63 48.25 30.72
N ASP A 175 -42.28 49.41 30.82
CA ASP A 175 -43.50 49.62 30.03
C ASP A 175 -43.21 49.88 28.56
N LYS A 176 -41.96 50.18 28.21
CA LYS A 176 -41.64 50.47 26.82
C LYS A 176 -41.13 49.21 26.13
N PRO A 177 -41.72 48.80 25.01
CA PRO A 177 -41.16 47.69 24.26
C PRO A 177 -39.84 48.08 23.59
N ILE A 178 -38.91 47.12 23.56
CA ILE A 178 -37.62 47.37 22.91
C ILE A 178 -37.83 47.68 21.44
N LEU A 179 -38.83 47.04 20.82
CA LEU A 179 -39.36 47.38 19.51
C LEU A 179 -38.42 47.01 18.37
N LYS A 180 -37.20 46.58 18.69
CA LYS A 180 -36.26 46.11 17.68
C LYS A 180 -35.04 45.54 18.38
N ALA A 181 -34.21 44.81 17.62
CA ALA A 181 -33.04 44.17 18.17
C ALA A 181 -31.91 45.16 18.45
N GLY A 182 -31.88 46.29 17.75
CA GLY A 182 -30.80 47.24 17.94
C GLY A 182 -30.79 47.84 19.34
N ARG A 183 -31.98 48.20 19.86
CA ARG A 183 -32.04 48.76 21.19
C ARG A 183 -31.68 47.74 22.25
N ALA A 184 -32.08 46.48 22.06
CA ALA A 184 -31.69 45.42 22.99
C ALA A 184 -30.19 45.19 22.96
N TYR A 185 -29.58 45.25 21.77
CA TYR A 185 -28.13 45.12 21.67
C TYR A 185 -27.42 46.25 22.39
N HIS A 186 -27.88 47.49 22.16
CA HIS A 186 -27.26 48.63 22.83
C HIS A 186 -27.49 48.58 24.34
N LYS A 187 -28.60 47.98 24.78
CA LYS A 187 -28.84 47.86 26.22
C LYS A 187 -27.89 46.83 26.84
N TYR A 188 -27.79 45.65 26.24
CA TYR A 188 -26.99 44.58 26.82
C TYR A 188 -25.50 44.76 26.60
N LYS A 189 -25.09 45.61 25.65
CA LYS A 189 -23.66 45.87 25.47
C LYS A 189 -23.06 46.56 26.68
N ALA A 190 -23.87 47.34 27.41
CA ALA A 190 -23.37 47.97 28.63
C ALA A 190 -23.44 47.02 29.83
N LYS A 191 -24.33 46.03 29.78
CA LYS A 191 -24.47 45.11 30.90
C LYS A 191 -23.44 43.98 30.83
N ARG A 192 -23.53 43.14 29.80
CA ARG A 192 -22.67 41.96 29.69
C ARG A 192 -22.98 41.25 28.37
N ASN A 193 -22.14 40.28 28.03
CA ASN A 193 -22.29 39.51 26.81
C ASN A 193 -23.16 38.28 27.11
N CYS A 194 -24.48 38.51 27.12
CA CYS A 194 -25.42 37.43 27.37
C CYS A 194 -26.68 37.52 26.51
N TRP A 195 -26.71 38.39 25.49
CA TRP A 195 -27.94 38.66 24.77
C TRP A 195 -28.30 37.64 23.69
N PRO A 196 -27.37 37.21 22.81
CA PRO A 196 -27.78 36.38 21.66
C PRO A 196 -28.71 35.22 22.00
N ARG A 197 -28.40 34.44 23.04
CA ARG A 197 -29.34 33.49 23.64
C ARG A 197 -29.89 32.51 22.59
N VAL A 198 -28.98 31.70 22.05
CA VAL A 198 -29.37 30.70 21.07
C VAL A 198 -30.10 29.56 21.78
N ARG A 199 -31.22 29.12 21.20
CA ARG A 199 -32.00 28.06 21.80
C ARG A 199 -31.23 26.75 21.80
N GLY A 200 -31.54 25.91 22.79
CA GLY A 200 -30.85 24.63 22.92
C GLY A 200 -31.26 23.60 21.90
N VAL A 201 -32.53 23.64 21.47
CA VAL A 201 -33.02 22.67 20.49
C VAL A 201 -32.50 22.93 19.08
N ALA A 202 -31.85 24.08 18.86
CA ALA A 202 -31.34 24.40 17.53
C ALA A 202 -29.94 23.82 17.30
N MET A 203 -29.12 23.76 18.34
CA MET A 203 -27.75 23.28 18.19
C MET A 203 -27.74 21.75 18.19
N ASN A 204 -26.55 21.17 18.30
CA ASN A 204 -26.32 19.74 18.23
C ASN A 204 -26.26 19.13 19.61
N PRO A 205 -26.39 17.80 19.74
CA PRO A 205 -26.32 17.18 21.07
C PRO A 205 -24.98 17.36 21.76
N VAL A 206 -23.95 17.78 21.05
CA VAL A 206 -22.63 17.94 21.66
C VAL A 206 -22.62 19.15 22.58
N GLU A 207 -23.32 20.21 22.21
CA GLU A 207 -23.27 21.48 22.94
C GLU A 207 -24.46 21.69 23.86
N HIS A 208 -25.47 20.81 23.83
CA HIS A 208 -26.64 21.00 24.68
C HIS A 208 -27.39 19.68 24.79
N PRO A 209 -27.98 19.37 25.95
CA PRO A 209 -28.76 18.12 26.06
C PRO A 209 -30.02 18.11 25.22
N PHE A 210 -30.47 19.26 24.72
CA PHE A 210 -31.70 19.33 23.95
C PHE A 210 -31.49 19.22 22.45
N GLY A 211 -30.31 19.58 21.96
CA GLY A 211 -30.08 19.60 20.53
C GLY A 211 -30.03 18.22 19.93
N GLY A 212 -30.24 18.17 18.62
CA GLY A 212 -30.16 16.93 17.86
C GLY A 212 -31.51 16.53 17.29
N GLY A 213 -31.50 15.38 16.63
CA GLY A 213 -32.71 14.82 16.04
C GLY A 213 -33.07 15.46 14.71
N ASN A 214 -33.73 14.69 13.85
CA ASN A 214 -34.16 15.23 12.56
C ASN A 214 -35.28 16.25 12.71
N HIS A 215 -36.04 16.19 13.80
CA HIS A 215 -37.05 17.18 14.12
C HIS A 215 -36.58 18.02 15.28
N GLN A 216 -36.83 19.33 15.21
CA GLN A 216 -36.39 20.27 16.24
C GLN A 216 -37.32 20.14 17.45
N HIS A 217 -37.09 19.07 18.22
CA HIS A 217 -37.88 18.79 19.41
C HIS A 217 -36.94 18.60 20.59
N ILE A 218 -37.52 18.60 21.79
CA ILE A 218 -36.74 18.42 23.01
C ILE A 218 -36.49 16.94 23.27
N GLY A 219 -37.56 16.15 23.32
CA GLY A 219 -37.45 14.72 23.54
C GLY A 219 -37.38 14.29 24.99
N LYS A 220 -36.93 15.17 25.89
CA LYS A 220 -36.82 14.85 27.31
C LYS A 220 -37.64 15.82 28.13
N PRO A 221 -38.11 15.41 29.31
CA PRO A 221 -38.83 16.34 30.18
C PRO A 221 -37.93 17.51 30.59
N SER A 222 -38.37 18.72 30.24
CA SER A 222 -37.58 19.91 30.54
C SER A 222 -37.47 20.17 32.04
N THR A 223 -38.41 19.67 32.84
CA THR A 223 -38.33 19.83 34.28
C THR A 223 -37.21 18.96 34.84
N ILE A 224 -36.20 19.60 35.42
CA ILE A 224 -35.02 18.91 35.92
C ILE A 224 -34.89 19.19 37.42
N ARG A 225 -34.49 18.17 38.17
CA ARG A 225 -34.40 18.26 39.62
C ARG A 225 -33.25 19.18 40.03
N ARG A 226 -33.12 19.38 41.34
CA ARG A 226 -32.04 20.19 41.89
C ARG A 226 -30.73 19.42 42.00
N ASP A 227 -30.78 18.10 42.05
CA ASP A 227 -29.58 17.28 42.19
C ASP A 227 -28.89 17.00 40.87
N ALA A 228 -29.28 17.68 39.79
CA ALA A 228 -28.66 17.45 38.51
C ALA A 228 -27.25 18.06 38.50
N PRO A 229 -26.29 17.39 37.87
CA PRO A 229 -24.91 17.91 37.85
C PRO A 229 -24.79 19.13 36.97
N ALA A 230 -23.61 19.73 37.01
CA ALA A 230 -23.33 20.89 36.16
C ALA A 230 -23.36 20.48 34.70
N GLY A 231 -23.84 21.40 33.86
CA GLY A 231 -24.04 21.11 32.45
C GLY A 231 -25.29 20.33 32.13
N ARG A 232 -26.03 19.89 33.15
CA ARG A 232 -27.28 19.15 32.96
C ARG A 232 -28.51 19.98 33.26
N LYS A 233 -28.40 20.98 34.14
CA LYS A 233 -29.55 21.80 34.50
C LYS A 233 -29.92 22.74 33.35
N VAL A 234 -30.86 22.31 32.50
CA VAL A 234 -31.34 23.12 31.40
C VAL A 234 -32.87 23.11 31.43
N GLY A 235 -33.46 24.10 30.79
CA GLY A 235 -34.91 24.21 30.80
C GLY A 235 -35.41 24.68 32.15
N LEU A 236 -36.48 24.04 32.62
CA LEU A 236 -37.06 24.39 33.91
C LEU A 236 -36.30 23.67 35.03
N ILE A 237 -35.92 24.41 36.07
CA ILE A 237 -35.14 23.89 37.18
C ILE A 237 -36.08 23.72 38.37
N ALA A 238 -36.40 22.47 38.69
CA ALA A 238 -37.25 22.12 39.83
C ALA A 238 -38.59 22.86 39.75
N ALA A 239 -39.23 22.78 38.59
CA ALA A 239 -40.53 23.39 38.39
C ALA A 239 -41.58 22.62 39.18
N ARG A 240 -42.01 23.20 40.32
CA ARG A 240 -43.04 22.55 41.12
C ARG A 240 -44.38 22.52 40.40
N ARG A 241 -44.62 23.49 39.51
CA ARG A 241 -45.81 23.48 38.68
C ARG A 241 -45.53 24.34 37.45
N THR A 242 -45.95 23.84 36.29
CA THR A 242 -45.71 24.51 35.02
C THR A 242 -47.04 24.89 34.38
N GLY A 243 -46.96 25.41 33.16
CA GLY A 243 -48.13 25.87 32.45
C GLY A 243 -48.56 27.27 32.86
N ARG A 244 -49.53 27.79 32.11
CA ARG A 244 -50.02 29.15 32.38
C ARG A 244 -50.65 29.23 33.76
N LEU A 245 -50.24 30.23 34.53
CA LEU A 245 -50.72 30.38 35.89
C LEU A 245 -52.23 30.69 35.90
N ARG A 246 -52.85 30.37 37.04
CA ARG A 246 -54.29 30.60 37.26
C ARG A 246 -54.43 31.33 38.58
N GLY A 247 -54.33 32.67 38.53
CA GLY A 247 -54.43 33.48 39.73
C GLY A 247 -53.10 33.79 40.37
N THR A 248 -53.07 33.88 41.70
CA THR A 248 -51.87 34.19 42.44
C THR A 248 -51.19 32.90 42.90
N LYS A 249 -49.85 32.89 42.84
CA LYS A 249 -49.11 31.69 43.20
C LYS A 249 -49.19 31.40 44.69
N THR A 250 -49.04 32.43 45.53
CA THR A 250 -49.11 32.32 46.98
C THR A 250 -48.20 31.20 47.49
N VAL A 251 -46.90 31.43 47.29
CA VAL A 251 -45.86 30.50 47.71
C VAL A 251 -44.87 31.28 48.58
N GLN A 252 -44.55 30.72 49.74
CA GLN A 252 -43.64 31.37 50.68
C GLN A 252 -42.19 31.16 50.26
N SER B 1 -31.70 3.97 -26.43
CA SER B 1 -30.66 3.08 -26.93
C SER B 1 -30.89 2.74 -28.40
N HIS B 2 -31.87 3.41 -29.02
CA HIS B 2 -32.18 3.13 -30.42
C HIS B 2 -32.50 4.40 -31.21
N ARG B 3 -32.21 5.59 -30.68
CA ARG B 3 -32.49 6.85 -31.37
C ARG B 3 -33.99 6.96 -31.71
N LYS B 4 -34.78 7.06 -30.63
CA LYS B 4 -36.24 7.05 -30.75
C LYS B 4 -36.75 8.03 -31.80
N PHE B 5 -36.09 9.18 -31.95
CA PHE B 5 -36.45 10.15 -32.97
C PHE B 5 -35.49 9.99 -34.15
N SER B 6 -36.03 9.64 -35.31
CA SER B 6 -35.23 9.32 -36.49
C SER B 6 -35.07 10.55 -37.36
N ALA B 7 -33.89 10.72 -37.95
CA ALA B 7 -33.58 11.81 -38.84
C ALA B 7 -32.72 11.31 -39.99
N PRO B 8 -32.84 11.90 -41.17
CA PRO B 8 -32.04 11.45 -42.31
C PRO B 8 -30.55 11.72 -42.09
N ARG B 9 -29.75 11.19 -43.01
CA ARG B 9 -28.30 11.30 -42.93
C ARG B 9 -27.84 12.71 -43.29
N HIS B 10 -26.97 13.28 -42.46
CA HIS B 10 -26.41 14.60 -42.71
C HIS B 10 -25.33 14.48 -43.78
N GLY B 11 -25.63 14.95 -44.98
CA GLY B 11 -24.69 14.87 -46.08
C GLY B 11 -24.81 13.57 -46.85
N SER B 12 -24.04 13.50 -47.94
CA SER B 12 -24.02 12.34 -48.81
C SER B 12 -22.72 11.57 -48.65
N LEU B 13 -22.79 10.26 -48.82
CA LEU B 13 -21.61 9.41 -48.72
C LEU B 13 -20.95 9.14 -50.06
N GLY B 14 -21.64 9.43 -51.17
CA GLY B 14 -21.03 9.26 -52.48
C GLY B 14 -19.89 10.21 -52.75
N PHE B 15 -19.79 11.30 -51.98
CA PHE B 15 -18.70 12.26 -52.08
C PHE B 15 -17.86 12.27 -50.82
N LEU B 16 -17.61 11.09 -50.24
CA LEU B 16 -16.90 11.04 -48.96
C LEU B 16 -15.47 11.57 -49.00
N PRO B 17 -14.69 11.43 -50.08
CA PRO B 17 -13.34 12.03 -49.99
C PRO B 17 -13.38 13.53 -50.28
N ARG B 18 -13.92 14.29 -49.33
CA ARG B 18 -14.07 15.72 -49.49
C ARG B 18 -12.73 16.42 -49.39
N LYS B 19 -11.89 16.23 -50.41
CA LYS B 19 -10.53 16.77 -50.42
C LYS B 19 -10.32 17.62 -51.66
N ARG B 20 -9.21 18.34 -51.67
CA ARG B 20 -8.88 19.19 -52.80
C ARG B 20 -8.59 18.34 -54.04
N SER B 21 -9.07 18.80 -55.19
CA SER B 21 -8.79 18.11 -56.44
C SER B 21 -7.32 18.26 -56.80
N SER B 22 -6.71 17.16 -57.24
CA SER B 22 -5.30 17.20 -57.61
C SER B 22 -5.07 18.03 -58.87
N ARG B 23 -6.07 18.17 -59.71
CA ARG B 23 -5.98 18.94 -60.94
C ARG B 23 -6.91 20.15 -60.86
N HIS B 24 -6.54 21.20 -61.57
CA HIS B 24 -7.32 22.44 -61.60
C HIS B 24 -8.41 22.39 -62.67
N ARG B 25 -8.08 21.93 -63.87
CA ARG B 25 -9.07 21.81 -64.93
C ARG B 25 -9.88 20.54 -64.73
N GLY B 26 -11.20 20.68 -64.77
CA GLY B 26 -12.09 19.55 -64.59
C GLY B 26 -11.93 18.49 -65.66
N LYS B 27 -11.48 17.31 -65.27
CA LYS B 27 -11.27 16.23 -66.24
C LYS B 27 -12.58 15.51 -66.53
N VAL B 28 -12.81 15.23 -67.81
CA VAL B 28 -14.00 14.50 -68.23
C VAL B 28 -13.78 13.01 -67.93
N LYS B 29 -14.67 12.44 -67.12
CA LYS B 29 -14.51 11.05 -66.72
C LYS B 29 -15.03 10.11 -67.80
N SER B 30 -16.22 10.36 -68.32
CA SER B 30 -16.83 9.49 -69.31
C SER B 30 -17.51 10.34 -70.38
N PHE B 31 -17.30 9.99 -71.63
CA PHE B 31 -17.90 10.63 -72.78
C PHE B 31 -19.11 9.84 -73.26
N PRO B 32 -20.04 10.48 -73.95
CA PRO B 32 -21.20 9.75 -74.47
C PRO B 32 -20.78 8.69 -75.49
N LYS B 33 -21.51 7.58 -75.50
CA LYS B 33 -21.20 6.48 -76.40
C LYS B 33 -21.37 6.91 -77.85
N ASP B 34 -20.39 6.57 -78.68
CA ASP B 34 -20.43 6.93 -80.09
C ASP B 34 -21.46 6.09 -80.83
N ASP B 35 -21.92 6.61 -81.96
CA ASP B 35 -22.87 5.93 -82.81
C ASP B 35 -22.39 6.01 -84.25
N ALA B 36 -22.45 4.87 -84.95
CA ALA B 36 -21.98 4.82 -86.33
C ALA B 36 -22.89 5.57 -87.29
N SER B 37 -24.12 5.87 -86.88
CA SER B 37 -25.05 6.60 -87.74
C SER B 37 -24.90 8.11 -87.65
N LYS B 38 -24.45 8.62 -86.50
CA LYS B 38 -24.29 10.05 -86.34
C LYS B 38 -23.06 10.54 -87.09
N PRO B 39 -23.09 11.79 -87.58
CA PRO B 39 -21.92 12.32 -88.28
C PRO B 39 -20.75 12.61 -87.34
N VAL B 40 -19.64 13.08 -87.89
CA VAL B 40 -18.45 13.35 -87.10
C VAL B 40 -18.62 14.69 -86.40
N HIS B 41 -18.36 14.71 -85.09
CA HIS B 41 -18.51 15.91 -84.30
C HIS B 41 -17.69 15.76 -83.02
N LEU B 42 -17.70 16.80 -82.20
CA LEU B 42 -17.01 16.81 -80.91
C LEU B 42 -18.04 16.77 -79.78
N THR B 43 -17.54 16.51 -78.57
CA THR B 43 -18.38 16.38 -77.40
C THR B 43 -18.10 17.42 -76.33
N ALA B 44 -16.83 17.66 -76.01
CA ALA B 44 -16.45 18.56 -74.94
C ALA B 44 -15.88 19.86 -75.50
N PHE B 45 -15.77 20.85 -74.62
CA PHE B 45 -15.24 22.16 -74.98
C PHE B 45 -14.89 22.91 -73.70
N LEU B 46 -13.90 23.79 -73.81
CA LEU B 46 -13.41 24.52 -72.65
C LEU B 46 -13.96 25.95 -72.64
N GLY B 47 -14.28 26.44 -71.45
CA GLY B 47 -14.76 27.79 -71.27
C GLY B 47 -14.32 28.35 -69.93
N TYR B 48 -14.61 29.63 -69.72
CA TYR B 48 -14.25 30.32 -68.48
C TYR B 48 -15.44 31.11 -67.97
N LYS B 49 -15.86 30.82 -66.74
CA LYS B 49 -17.00 31.51 -66.16
C LYS B 49 -16.68 32.99 -65.98
N ALA B 50 -17.56 33.86 -66.49
CA ALA B 50 -17.36 35.30 -66.41
C ALA B 50 -18.24 35.95 -65.36
N GLY B 51 -19.55 35.71 -65.40
CA GLY B 51 -20.43 36.32 -64.44
C GLY B 51 -21.85 35.82 -64.63
N MET B 52 -22.77 36.45 -63.91
CA MET B 52 -24.19 36.09 -63.95
C MET B 52 -25.03 37.34 -64.14
N THR B 53 -26.00 37.25 -65.05
CA THR B 53 -27.00 38.28 -65.26
C THR B 53 -28.35 37.62 -65.49
N HIS B 54 -29.38 38.10 -64.81
CA HIS B 54 -30.71 37.54 -65.03
C HIS B 54 -31.28 38.01 -66.37
N ILE B 55 -32.36 37.36 -66.79
CA ILE B 55 -32.94 37.62 -68.10
C ILE B 55 -34.45 37.46 -68.02
N VAL B 56 -35.16 38.15 -68.92
CA VAL B 56 -36.60 38.02 -69.08
C VAL B 56 -36.86 37.19 -70.32
N ARG B 57 -37.68 36.15 -70.17
CA ARG B 57 -37.90 35.20 -71.25
C ARG B 57 -39.34 34.72 -71.24
N GLU B 58 -39.92 34.57 -72.42
CA GLU B 58 -41.25 34.00 -72.56
C GLU B 58 -41.17 32.48 -72.51
N VAL B 59 -42.21 31.87 -71.93
CA VAL B 59 -42.24 30.43 -71.70
C VAL B 59 -43.28 29.80 -72.62
N ASP B 60 -43.17 28.50 -72.81
CA ASP B 60 -44.09 27.75 -73.67
C ASP B 60 -44.79 26.62 -72.93
N ARG B 61 -44.55 26.47 -71.63
CA ARG B 61 -45.13 25.38 -70.86
C ARG B 61 -46.65 25.45 -70.88
N PRO B 62 -47.35 24.45 -71.42
CA PRO B 62 -48.81 24.47 -71.41
C PRO B 62 -49.39 23.89 -70.13
N GLY B 63 -50.55 24.41 -69.75
CA GLY B 63 -51.22 23.94 -68.55
C GLY B 63 -50.54 24.31 -67.26
N SER B 64 -50.06 25.54 -67.14
CA SER B 64 -49.40 26.01 -65.94
C SER B 64 -49.76 27.47 -65.71
N LYS B 65 -49.51 27.94 -64.48
CA LYS B 65 -49.78 29.32 -64.14
C LYS B 65 -48.77 30.29 -64.73
N VAL B 66 -47.81 29.79 -65.52
CA VAL B 66 -46.77 30.64 -66.10
C VAL B 66 -46.97 30.83 -67.61
N ASN B 67 -47.81 30.02 -68.25
CA ASN B 67 -47.97 30.06 -69.70
C ASN B 67 -48.33 31.46 -70.18
N LYS B 68 -47.64 31.90 -71.23
CA LYS B 68 -47.88 33.21 -71.86
C LYS B 68 -47.63 34.34 -70.87
N LYS B 69 -46.65 34.16 -69.99
CA LYS B 69 -46.23 35.18 -69.05
C LYS B 69 -44.71 35.24 -69.01
N GLU B 70 -44.18 36.40 -68.63
CA GLU B 70 -42.76 36.62 -68.59
C GLU B 70 -42.19 36.25 -67.22
N VAL B 71 -40.93 35.81 -67.21
CA VAL B 71 -40.27 35.37 -65.99
C VAL B 71 -38.83 35.89 -66.00
N VAL B 72 -38.31 36.16 -64.81
CA VAL B 72 -36.91 36.54 -64.62
C VAL B 72 -36.21 35.38 -63.95
N GLU B 73 -35.11 34.92 -64.56
CA GLU B 73 -34.41 33.74 -64.10
C GLU B 73 -32.91 33.99 -64.11
N ALA B 74 -32.21 33.41 -63.13
CA ALA B 74 -30.77 33.56 -63.04
C ALA B 74 -30.09 32.87 -64.21
N VAL B 75 -29.09 33.53 -64.78
CA VAL B 75 -28.42 33.05 -66.00
C VAL B 75 -26.94 33.36 -65.88
N THR B 76 -26.10 32.34 -66.09
CA THR B 76 -24.66 32.48 -66.01
C THR B 76 -24.07 32.61 -67.42
N ILE B 77 -22.92 33.27 -67.52
CA ILE B 77 -22.24 33.52 -68.78
C ILE B 77 -20.84 32.94 -68.71
N VAL B 78 -20.44 32.23 -69.76
CA VAL B 78 -19.08 31.69 -69.88
C VAL B 78 -18.49 32.16 -71.21
N GLU B 79 -17.24 32.59 -71.17
CA GLU B 79 -16.51 32.97 -72.38
C GLU B 79 -15.80 31.73 -72.92
N THR B 80 -16.10 31.35 -74.16
CA THR B 80 -15.54 30.18 -74.80
C THR B 80 -14.95 30.57 -76.15
N PRO B 81 -13.73 31.09 -76.18
CA PRO B 81 -13.09 31.40 -77.46
C PRO B 81 -12.80 30.14 -78.24
N PRO B 82 -12.58 30.24 -79.55
CA PRO B 82 -12.31 29.03 -80.35
C PRO B 82 -11.03 28.35 -79.90
N MET B 83 -11.07 27.02 -79.85
CA MET B 83 -9.94 26.22 -79.38
C MET B 83 -9.11 25.72 -80.55
N VAL B 84 -7.79 25.76 -80.39
CA VAL B 84 -6.86 25.39 -81.44
C VAL B 84 -6.52 23.91 -81.27
N VAL B 85 -6.63 23.15 -82.35
CA VAL B 85 -6.35 21.72 -82.32
C VAL B 85 -4.86 21.48 -82.54
N VAL B 86 -4.27 20.61 -81.71
CA VAL B 86 -2.86 20.28 -81.84
C VAL B 86 -2.69 18.78 -82.05
N GLY B 87 -3.33 17.96 -81.22
CA GLY B 87 -2.99 16.55 -81.22
C GLY B 87 -4.08 15.56 -81.55
N ILE B 88 -3.70 14.33 -81.86
CA ILE B 88 -4.63 13.22 -82.08
C ILE B 88 -4.12 12.03 -81.27
N VAL B 89 -5.03 11.38 -80.54
CA VAL B 89 -4.69 10.26 -79.67
C VAL B 89 -5.58 9.09 -80.01
N GLY B 90 -5.00 7.89 -80.02
CA GLY B 90 -5.74 6.67 -80.26
C GLY B 90 -5.81 5.81 -79.00
N TYR B 91 -6.92 5.12 -78.82
CA TYR B 91 -7.14 4.26 -77.67
C TYR B 91 -7.65 2.90 -78.14
N VAL B 92 -7.07 1.85 -77.58
CA VAL B 92 -7.44 0.48 -77.88
C VAL B 92 -8.11 -0.12 -76.65
N GLU B 93 -9.11 -0.97 -76.88
CA GLU B 93 -9.87 -1.59 -75.81
C GLU B 93 -9.19 -2.90 -75.41
N THR B 94 -8.53 -2.89 -74.27
CA THR B 94 -7.86 -4.05 -73.71
C THR B 94 -8.77 -4.71 -72.68
N PRO B 95 -8.60 -6.02 -72.42
CA PRO B 95 -9.41 -6.67 -71.39
C PRO B 95 -9.22 -6.10 -70.00
N ARG B 96 -8.33 -5.13 -69.82
CA ARG B 96 -8.14 -4.45 -68.55
C ARG B 96 -8.63 -3.01 -68.56
N GLY B 97 -9.08 -2.51 -69.70
CA GLY B 97 -9.60 -1.15 -69.78
C GLY B 97 -9.32 -0.55 -71.14
N LEU B 98 -8.86 0.69 -71.12
CA LEU B 98 -8.42 1.38 -72.34
C LEU B 98 -6.92 1.64 -72.26
N ARG B 99 -6.27 1.60 -73.43
CA ARG B 99 -4.83 1.81 -73.49
C ARG B 99 -4.50 2.82 -74.57
N THR B 100 -3.63 3.77 -74.23
CA THR B 100 -3.17 4.78 -75.18
C THR B 100 -2.24 4.13 -76.20
N PHE B 101 -2.69 4.03 -77.45
CA PHE B 101 -1.89 3.40 -78.48
C PHE B 101 -0.84 4.35 -79.03
N LYS B 102 -1.27 5.47 -79.59
CA LYS B 102 -0.34 6.41 -80.20
C LYS B 102 -0.88 7.83 -80.05
N THR B 103 0.05 8.79 -80.11
CA THR B 103 -0.24 10.21 -80.05
C THR B 103 0.56 10.92 -81.13
N VAL B 104 -0.12 11.63 -82.01
CA VAL B 104 0.50 12.38 -83.09
C VAL B 104 0.19 13.85 -82.88
N PHE B 105 1.22 14.66 -82.69
CA PHE B 105 1.05 16.08 -82.47
C PHE B 105 1.21 16.86 -83.78
N ALA B 106 0.83 18.13 -83.74
CA ALA B 106 0.90 18.97 -84.93
C ALA B 106 2.34 19.37 -85.22
N GLU B 107 2.52 20.06 -86.35
CA GLU B 107 3.86 20.50 -86.75
C GLU B 107 4.24 21.78 -86.04
N HIS B 108 3.46 22.84 -86.23
CA HIS B 108 3.72 24.14 -85.63
C HIS B 108 2.85 24.30 -84.39
N ILE B 109 3.46 24.23 -83.21
CA ILE B 109 2.77 24.43 -81.95
C ILE B 109 3.16 25.80 -81.41
N SER B 110 2.16 26.62 -81.12
CA SER B 110 2.41 27.97 -80.64
C SER B 110 2.99 27.94 -79.23
N ASP B 111 3.76 28.99 -78.90
CA ASP B 111 4.31 29.11 -77.55
C ASP B 111 3.23 29.23 -76.49
N GLU B 112 2.08 29.80 -76.85
CA GLU B 112 0.96 29.89 -75.91
C GLU B 112 0.52 28.51 -75.45
N CYS B 113 0.63 27.50 -76.31
CA CYS B 113 0.32 26.13 -75.92
C CYS B 113 1.54 25.43 -75.32
N LYS B 114 2.73 25.71 -75.85
CA LYS B 114 3.95 25.11 -75.34
C LYS B 114 4.26 25.52 -73.90
N ARG B 115 3.69 26.63 -73.43
CA ARG B 115 3.89 27.04 -72.05
C ARG B 115 3.33 26.03 -71.05
N ARG B 116 2.46 25.12 -71.50
CA ARG B 116 1.86 24.16 -70.58
C ARG B 116 2.86 23.09 -70.14
N PHE B 117 3.83 22.77 -71.00
CA PHE B 117 4.79 21.71 -70.70
C PHE B 117 5.92 22.17 -69.78
N TYR B 118 5.94 23.43 -69.38
CA TYR B 118 6.99 23.98 -68.53
C TYR B 118 6.40 24.45 -67.22
N LYS B 119 7.12 24.21 -66.13
CA LYS B 119 6.75 24.75 -64.83
C LYS B 119 7.32 26.14 -64.59
N ASN B 120 8.45 26.47 -65.22
CA ASN B 120 9.05 27.79 -65.13
C ASN B 120 9.40 28.22 -66.57
N TRP B 121 8.54 29.06 -67.15
CA TRP B 121 8.74 29.49 -68.52
C TRP B 121 9.86 30.50 -68.68
N HIS B 122 10.19 31.25 -67.63
CA HIS B 122 11.24 32.25 -67.71
C HIS B 122 12.62 31.63 -67.72
N LYS B 123 12.87 30.70 -66.80
CA LYS B 123 14.19 30.08 -66.71
C LYS B 123 14.44 29.10 -67.86
N SER B 124 13.38 28.56 -68.45
CA SER B 124 13.53 27.56 -69.49
C SER B 124 14.01 28.21 -70.79
N LYS B 125 14.48 27.37 -71.71
CA LYS B 125 14.98 27.81 -73.00
C LYS B 125 14.00 27.58 -74.14
N LYS B 126 12.76 27.21 -73.83
CA LYS B 126 11.72 26.99 -74.83
C LYS B 126 12.14 25.95 -75.86
N LYS B 127 12.74 24.86 -75.37
CA LYS B 127 13.26 23.80 -76.24
C LYS B 127 12.25 22.69 -76.49
N ALA B 128 10.98 22.91 -76.18
CA ALA B 128 9.99 21.86 -76.35
C ALA B 128 9.61 21.71 -77.82
N PHE B 129 9.49 20.46 -78.27
CA PHE B 129 9.06 20.13 -79.62
C PHE B 129 9.97 20.76 -80.68
N THR B 130 11.27 20.81 -80.40
CA THR B 130 12.21 21.34 -81.38
C THR B 130 12.58 20.29 -82.43
N LYS B 131 12.85 19.06 -81.99
CA LYS B 131 13.18 17.99 -82.91
C LYS B 131 11.96 17.23 -83.42
N TYR B 132 10.83 17.32 -82.70
CA TYR B 132 9.63 16.65 -83.17
C TYR B 132 9.04 17.33 -84.41
N CYS B 133 9.23 18.64 -84.54
CA CYS B 133 8.74 19.35 -85.71
C CYS B 133 9.52 18.99 -86.97
N LYS B 134 10.74 18.47 -86.83
CA LYS B 134 11.53 18.09 -87.99
C LYS B 134 10.99 16.84 -88.68
N LYS B 135 10.12 16.08 -88.01
CA LYS B 135 9.53 14.92 -88.64
C LYS B 135 8.57 15.30 -89.75
N TRP B 136 7.87 16.43 -89.60
CA TRP B 136 6.97 16.89 -90.65
C TRP B 136 7.72 17.47 -91.84
N GLN B 137 8.99 17.86 -91.66
CA GLN B 137 9.79 18.39 -92.75
C GLN B 137 10.58 17.29 -93.47
N ASP B 138 11.14 16.35 -92.71
CA ASP B 138 11.89 15.26 -93.32
C ASP B 138 10.95 14.28 -94.01
N ASP B 139 11.35 13.82 -95.19
CA ASP B 139 10.53 12.87 -95.94
C ASP B 139 10.46 11.53 -95.20
N THR B 140 11.57 11.11 -94.59
CA THR B 140 11.53 9.89 -93.79
C THR B 140 10.64 10.06 -92.56
N GLY B 141 10.72 11.22 -91.91
CA GLY B 141 9.80 11.48 -90.80
C GLY B 141 8.36 11.52 -91.24
N LYS B 142 8.10 12.07 -92.43
CA LYS B 142 6.75 12.08 -92.97
C LYS B 142 6.26 10.66 -93.23
N LYS B 143 7.13 9.80 -93.76
CA LYS B 143 6.76 8.41 -93.99
C LYS B 143 6.48 7.68 -92.68
N GLN B 144 7.29 7.96 -91.65
CA GLN B 144 7.06 7.35 -90.34
C GLN B 144 5.74 7.82 -89.75
N LEU B 145 5.43 9.11 -89.89
CA LEU B 145 4.16 9.62 -89.39
C LEU B 145 2.98 9.03 -90.16
N GLU B 146 3.16 8.82 -91.46
CA GLU B 146 2.09 8.22 -92.26
C GLU B 146 1.86 6.76 -91.89
N LYS B 147 2.94 6.01 -91.64
CA LYS B 147 2.75 4.63 -91.20
C LYS B 147 2.16 4.57 -89.79
N ASP B 148 2.46 5.56 -88.95
CA ASP B 148 1.79 5.67 -87.66
C ASP B 148 0.29 5.90 -87.83
N PHE B 149 -0.08 6.80 -88.73
CA PHE B 149 -1.49 7.02 -89.03
C PHE B 149 -2.15 5.74 -89.55
N ASN B 150 -1.45 5.02 -90.43
CA ASN B 150 -2.01 3.79 -91.00
C ASN B 150 -2.21 2.73 -89.93
N SER B 151 -1.25 2.58 -89.02
CA SER B 151 -1.41 1.62 -87.93
C SER B 151 -2.51 2.04 -86.98
N MET B 152 -2.67 3.34 -86.73
CA MET B 152 -3.74 3.82 -85.88
C MET B 152 -5.11 3.55 -86.51
N LYS B 153 -5.23 3.77 -87.82
CA LYS B 153 -6.49 3.51 -88.52
C LYS B 153 -6.95 2.06 -88.33
N LYS B 154 -6.01 1.13 -88.22
CA LYS B 154 -6.35 -0.29 -88.14
C LYS B 154 -6.51 -0.76 -86.70
N TYR B 155 -5.70 -0.23 -85.78
CA TYR B 155 -5.71 -0.75 -84.42
C TYR B 155 -6.57 0.07 -83.46
N CYS B 156 -6.47 1.40 -83.50
CA CYS B 156 -7.14 2.22 -82.52
C CYS B 156 -8.66 2.20 -82.74
N GLN B 157 -9.39 2.21 -81.63
CA GLN B 157 -10.85 2.16 -81.67
C GLN B 157 -11.51 3.43 -81.15
N VAL B 158 -10.90 4.13 -80.18
CA VAL B 158 -11.45 5.38 -79.66
C VAL B 158 -10.48 6.49 -80.03
N ILE B 159 -10.95 7.48 -80.79
CA ILE B 159 -10.12 8.58 -81.25
C ILE B 159 -10.46 9.81 -80.41
N ARG B 160 -9.42 10.48 -79.91
CA ARG B 160 -9.58 11.72 -79.18
C ARG B 160 -8.71 12.80 -79.81
N ILE B 161 -9.13 14.04 -79.67
CA ILE B 161 -8.42 15.18 -80.22
C ILE B 161 -7.96 16.08 -79.07
N ILE B 162 -6.70 16.48 -79.12
CA ILE B 162 -6.10 17.34 -78.11
C ILE B 162 -6.17 18.77 -78.63
N ALA B 163 -6.81 19.64 -77.85
CA ALA B 163 -6.99 21.03 -78.22
C ALA B 163 -6.71 21.91 -77.00
N HIS B 164 -6.33 23.16 -77.27
CA HIS B 164 -5.99 24.09 -76.22
C HIS B 164 -6.67 25.43 -76.47
N THR B 165 -6.96 26.14 -75.39
CA THR B 165 -7.60 27.45 -75.47
C THR B 165 -6.57 28.52 -75.82
N GLN B 166 -7.09 29.72 -76.10
CA GLN B 166 -6.26 30.87 -76.46
C GLN B 166 -6.40 31.91 -75.35
N MET B 167 -5.44 31.91 -74.42
CA MET B 167 -5.47 32.87 -73.32
C MET B 167 -5.12 34.27 -73.77
N ARG B 168 -4.54 34.43 -74.96
CA ARG B 168 -4.22 35.76 -75.47
C ARG B 168 -5.49 36.58 -75.70
N LEU B 169 -6.54 35.93 -76.17
CA LEU B 169 -7.82 36.62 -76.42
C LEU B 169 -8.59 36.90 -75.14
N LEU B 170 -8.18 36.34 -74.01
CA LEU B 170 -8.87 36.54 -72.75
C LEU B 170 -8.26 37.71 -71.98
N PRO B 171 -9.05 38.38 -71.13
CA PRO B 171 -8.50 39.47 -70.32
C PRO B 171 -7.61 38.99 -69.17
N LEU B 172 -7.53 37.68 -68.95
CA LEU B 172 -6.73 37.16 -67.84
C LEU B 172 -5.25 37.26 -68.16
N ARG B 173 -4.43 37.17 -67.11
CA ARG B 173 -2.98 37.24 -67.23
C ARG B 173 -2.33 35.87 -67.02
N GLN B 174 -3.03 34.78 -67.34
CA GLN B 174 -2.47 33.45 -67.14
C GLN B 174 -1.49 33.10 -68.24
N LYS B 175 -1.89 33.31 -69.50
CA LYS B 175 -1.09 33.07 -70.70
C LYS B 175 -0.75 31.60 -70.92
N LYS B 176 -1.20 30.70 -70.06
CA LYS B 176 -0.94 29.27 -70.22
C LYS B 176 -2.20 28.59 -70.69
N ALA B 177 -2.14 27.97 -71.87
CA ALA B 177 -3.31 27.32 -72.44
C ALA B 177 -3.62 26.03 -71.71
N HIS B 178 -4.91 25.72 -71.63
CA HIS B 178 -5.37 24.47 -71.02
C HIS B 178 -5.55 23.42 -72.11
N LEU B 179 -4.73 22.39 -72.07
CA LEU B 179 -4.85 21.27 -73.00
C LEU B 179 -5.91 20.29 -72.53
N MET B 180 -6.70 19.80 -73.48
CA MET B 180 -7.77 18.89 -73.13
C MET B 180 -8.05 17.94 -74.29
N GLU B 181 -8.48 16.73 -73.95
CA GLU B 181 -8.85 15.72 -74.93
C GLU B 181 -10.36 15.68 -75.09
N ILE B 182 -10.83 15.58 -76.33
CA ILE B 182 -12.24 15.48 -76.66
C ILE B 182 -12.42 14.24 -77.53
N GLN B 183 -13.24 13.30 -77.06
CA GLN B 183 -13.48 12.07 -77.80
C GLN B 183 -14.38 12.35 -78.99
N VAL B 184 -13.97 11.89 -80.17
CA VAL B 184 -14.74 12.09 -81.39
C VAL B 184 -15.71 10.93 -81.55
N ASN B 185 -17.00 11.25 -81.66
CA ASN B 185 -18.05 10.24 -81.79
C ASN B 185 -18.55 10.10 -83.22
N GLY B 186 -17.65 10.20 -84.19
CA GLY B 186 -18.03 10.06 -85.58
C GLY B 186 -18.46 8.64 -85.92
N GLY B 187 -18.87 8.48 -87.17
CA GLY B 187 -19.34 7.18 -87.64
C GLY B 187 -18.27 6.12 -87.71
N THR B 188 -17.30 6.30 -88.61
CA THR B 188 -16.26 5.32 -88.83
C THR B 188 -14.94 5.79 -88.22
N VAL B 189 -14.19 4.85 -87.64
CA VAL B 189 -12.88 5.17 -87.10
C VAL B 189 -11.94 5.64 -88.20
N ALA B 190 -12.10 5.11 -89.40
CA ALA B 190 -11.25 5.52 -90.51
C ALA B 190 -11.54 6.93 -90.98
N GLU B 191 -12.79 7.39 -90.87
CA GLU B 191 -13.14 8.75 -91.28
C GLU B 191 -12.96 9.75 -90.16
N LYS B 192 -12.99 9.33 -88.89
CA LYS B 192 -12.71 10.25 -87.80
C LYS B 192 -11.28 10.76 -87.88
N LEU B 193 -10.33 9.88 -88.24
CA LEU B 193 -8.95 10.32 -88.39
C LEU B 193 -8.81 11.31 -89.53
N ASP B 194 -9.53 11.10 -90.63
CA ASP B 194 -9.50 12.07 -91.73
C ASP B 194 -10.08 13.41 -91.31
N TRP B 195 -11.21 13.39 -90.58
CA TRP B 195 -11.81 14.62 -90.11
C TRP B 195 -10.91 15.36 -89.14
N ALA B 196 -10.12 14.63 -88.35
CA ALA B 196 -9.19 15.28 -87.42
C ALA B 196 -7.97 15.82 -88.14
N ARG B 197 -7.43 15.07 -89.10
CA ARG B 197 -6.26 15.53 -89.84
C ARG B 197 -6.59 16.73 -90.71
N GLU B 198 -7.82 16.79 -91.24
CA GLU B 198 -8.21 17.95 -92.04
C GLU B 198 -8.32 19.22 -91.20
N ARG B 199 -8.54 19.09 -89.90
CA ARG B 199 -8.73 20.23 -89.01
C ARG B 199 -7.59 20.39 -88.01
N LEU B 200 -6.50 19.64 -88.18
CA LEU B 200 -5.30 19.85 -87.37
C LEU B 200 -4.76 21.25 -87.61
N GLU B 201 -4.15 21.82 -86.55
CA GLU B 201 -3.57 23.17 -86.60
C GLU B 201 -4.61 24.21 -86.97
N GLN B 202 -5.87 23.98 -86.62
CA GLN B 202 -6.95 24.88 -86.97
C GLN B 202 -7.78 25.21 -85.74
N GLN B 203 -8.57 26.27 -85.85
CA GLN B 203 -9.43 26.70 -84.76
C GLN B 203 -10.80 26.08 -84.87
N VAL B 204 -11.44 25.87 -83.72
CA VAL B 204 -12.77 25.31 -83.62
C VAL B 204 -13.64 26.29 -82.82
N PRO B 205 -14.66 26.89 -83.42
CA PRO B 205 -15.57 27.73 -82.66
C PRO B 205 -16.51 26.91 -81.80
N VAL B 206 -17.25 27.59 -80.93
CA VAL B 206 -18.19 26.88 -80.06
C VAL B 206 -19.51 26.65 -80.77
N ASN B 207 -19.83 27.45 -81.79
CA ASN B 207 -21.09 27.26 -82.50
C ASN B 207 -21.08 26.00 -83.37
N GLN B 208 -19.90 25.49 -83.71
CA GLN B 208 -19.82 24.25 -84.49
C GLN B 208 -19.97 23.02 -83.60
N VAL B 209 -19.59 23.12 -82.33
CA VAL B 209 -19.68 21.97 -81.45
C VAL B 209 -21.02 21.95 -80.71
N PHE B 210 -21.54 23.11 -80.35
CA PHE B 210 -22.78 23.21 -79.58
C PHE B 210 -23.82 24.00 -80.38
N GLY B 211 -25.07 23.90 -79.92
CA GLY B 211 -26.17 24.61 -80.53
C GLY B 211 -27.12 25.14 -79.48
N GLN B 212 -28.14 25.85 -79.94
CA GLN B 212 -29.13 26.42 -79.05
C GLN B 212 -30.09 25.36 -78.53
N ASP B 213 -30.60 25.58 -77.33
CA ASP B 213 -31.59 24.70 -76.70
C ASP B 213 -31.06 23.28 -76.57
N GLU B 214 -29.80 23.15 -76.17
CA GLU B 214 -29.16 21.86 -76.01
C GLU B 214 -28.81 21.65 -74.54
N MET B 215 -29.35 20.59 -73.95
CA MET B 215 -29.03 20.26 -72.57
C MET B 215 -27.57 19.84 -72.48
N ILE B 216 -26.83 20.46 -71.54
CA ILE B 216 -25.39 20.31 -71.48
C ILE B 216 -24.97 19.97 -70.06
N ASP B 217 -23.77 19.41 -69.93
CA ASP B 217 -23.18 19.04 -68.66
C ASP B 217 -21.98 19.94 -68.40
N VAL B 218 -21.79 20.37 -67.16
CA VAL B 218 -20.69 21.25 -66.81
C VAL B 218 -19.80 20.55 -65.79
N ILE B 219 -18.53 20.44 -66.10
CA ILE B 219 -17.54 19.82 -65.22
C ILE B 219 -16.59 20.93 -64.76
N GLY B 220 -16.36 21.01 -63.45
CA GLY B 220 -15.48 22.04 -62.96
C GLY B 220 -15.00 21.73 -61.56
N VAL B 221 -14.37 22.74 -60.95
CA VAL B 221 -13.90 22.67 -59.57
C VAL B 221 -14.59 23.78 -58.78
N THR B 222 -15.17 23.42 -57.64
CA THR B 222 -16.00 24.34 -56.89
C THR B 222 -15.15 25.40 -56.20
N LYS B 223 -15.82 26.30 -55.46
CA LYS B 223 -15.14 27.38 -54.79
C LYS B 223 -14.38 26.85 -53.57
N GLY B 224 -13.11 27.20 -53.48
CA GLY B 224 -12.31 26.81 -52.33
C GLY B 224 -12.69 27.62 -51.11
N LYS B 225 -13.01 26.93 -50.01
CA LYS B 225 -13.39 27.58 -48.76
C LYS B 225 -12.44 27.30 -47.62
N GLY B 226 -11.52 26.35 -47.75
CA GLY B 226 -10.54 26.09 -46.73
C GLY B 226 -11.03 25.16 -45.65
N TYR B 227 -10.24 25.11 -44.57
CA TYR B 227 -10.58 24.29 -43.42
C TYR B 227 -11.87 24.79 -42.78
N LYS B 228 -12.88 23.93 -42.75
CA LYS B 228 -14.17 24.28 -42.20
C LYS B 228 -14.57 23.27 -41.13
N GLY B 229 -15.41 23.72 -40.20
CA GLY B 229 -15.90 22.87 -39.13
C GLY B 229 -17.00 21.95 -39.60
N VAL B 230 -17.53 21.19 -38.64
CA VAL B 230 -18.58 20.22 -38.98
C VAL B 230 -19.88 20.92 -39.34
N THR B 231 -20.21 22.03 -38.67
CA THR B 231 -21.46 22.73 -38.97
C THR B 231 -21.42 23.43 -40.32
N SER B 232 -20.23 23.72 -40.82
CA SER B 232 -20.09 24.36 -42.13
C SER B 232 -19.87 23.36 -43.25
N ARG B 233 -19.30 22.19 -42.95
CA ARG B 233 -19.02 21.21 -43.98
C ARG B 233 -20.15 20.19 -44.14
N TRP B 234 -20.70 19.69 -43.04
CA TRP B 234 -21.78 18.72 -43.09
C TRP B 234 -23.12 19.29 -42.62
N HIS B 235 -23.17 20.56 -42.21
CA HIS B 235 -24.39 21.23 -41.79
C HIS B 235 -25.04 20.51 -40.59
N THR B 236 -24.20 20.06 -39.66
CA THR B 236 -24.68 19.45 -38.43
C THR B 236 -25.32 20.50 -37.53
N LYS B 237 -26.40 20.12 -36.86
CA LYS B 237 -27.12 21.03 -35.98
C LYS B 237 -26.24 21.46 -34.82
N LYS B 238 -26.28 22.76 -34.52
CA LYS B 238 -25.45 23.33 -33.48
C LYS B 238 -25.97 22.94 -32.10
N LEU B 239 -25.04 22.74 -31.16
CA LEU B 239 -25.41 22.43 -29.80
C LEU B 239 -25.94 23.68 -29.10
N PRO B 240 -26.69 23.52 -28.01
CA PRO B 240 -27.20 24.68 -27.28
C PRO B 240 -26.08 25.54 -26.72
N ARG B 241 -26.48 26.69 -26.15
CA ARG B 241 -25.50 27.65 -25.66
C ARG B 241 -24.83 27.18 -24.38
N LYS B 242 -25.53 26.40 -23.56
CA LYS B 242 -25.03 26.00 -22.25
C LYS B 242 -23.96 24.92 -22.31
N THR B 243 -23.55 24.50 -23.50
CA THR B 243 -22.60 23.40 -23.61
C THR B 243 -21.17 23.87 -23.36
N HIS B 244 -20.38 23.01 -22.71
CA HIS B 244 -18.97 23.26 -22.49
C HIS B 244 -18.16 22.74 -23.67
N ARG B 245 -16.91 23.17 -23.73
CA ARG B 245 -15.97 22.81 -24.81
C ARG B 245 -16.44 23.34 -26.16
N GLY B 246 -17.52 24.10 -26.20
CA GLY B 246 -17.97 24.76 -27.41
C GLY B 246 -19.32 24.26 -27.88
N LEU B 247 -19.73 24.80 -29.03
CA LEU B 247 -21.03 24.53 -29.61
C LEU B 247 -20.93 23.85 -30.96
N ARG B 248 -20.16 24.41 -31.90
CA ARG B 248 -20.13 23.96 -33.29
C ARG B 248 -19.25 22.71 -33.41
N LYS B 249 -19.75 21.61 -32.85
CA LYS B 249 -19.07 20.33 -32.91
C LYS B 249 -20.12 19.24 -33.07
N VAL B 250 -19.64 18.01 -33.27
CA VAL B 250 -20.50 16.82 -33.28
C VAL B 250 -20.48 16.22 -31.89
N ALA B 251 -21.66 16.13 -31.27
CA ALA B 251 -21.73 15.74 -29.87
C ALA B 251 -21.34 14.29 -29.66
N CYS B 252 -21.67 13.41 -30.61
CA CYS B 252 -21.38 11.99 -30.48
C CYS B 252 -20.76 11.48 -31.77
N ILE B 253 -19.56 10.91 -31.67
CA ILE B 253 -18.91 10.32 -32.84
C ILE B 253 -19.53 8.97 -33.18
N GLY B 254 -19.49 8.04 -32.23
CA GLY B 254 -20.04 6.71 -32.46
C GLY B 254 -20.26 5.99 -31.15
N ALA B 255 -20.75 4.76 -31.27
CA ALA B 255 -21.05 3.95 -30.11
C ALA B 255 -19.75 3.43 -29.48
N TRP B 256 -19.89 2.59 -28.45
CA TRP B 256 -18.73 2.08 -27.76
C TRP B 256 -18.04 0.97 -28.56
N HIS B 257 -18.81 0.06 -29.14
CA HIS B 257 -18.24 -1.12 -29.78
C HIS B 257 -18.43 -1.15 -31.29
N PRO B 258 -18.02 -0.13 -32.03
CA PRO B 258 -17.32 -0.36 -33.29
C PRO B 258 -15.80 -0.34 -33.11
N ALA B 259 -15.36 0.05 -31.91
CA ALA B 259 -13.94 0.07 -31.51
C ALA B 259 -13.15 1.10 -32.30
N ARG B 260 -13.82 1.79 -33.21
CA ARG B 260 -13.17 2.73 -34.10
C ARG B 260 -14.15 3.85 -34.43
N VAL B 261 -13.66 4.86 -35.13
CA VAL B 261 -14.50 5.93 -35.65
C VAL B 261 -14.91 5.58 -37.07
N ALA B 262 -16.22 5.61 -37.33
CA ALA B 262 -16.73 5.23 -38.63
C ALA B 262 -16.39 6.30 -39.67
N PHE B 263 -16.35 5.87 -40.94
CA PHE B 263 -16.09 6.78 -42.04
C PHE B 263 -17.29 7.67 -42.34
N SER B 264 -18.47 7.33 -41.83
CA SER B 264 -19.68 8.08 -42.08
C SER B 264 -19.96 9.16 -41.04
N VAL B 265 -19.05 9.37 -40.10
CA VAL B 265 -19.23 10.39 -39.07
C VAL B 265 -18.72 11.72 -39.60
N ALA B 266 -19.46 12.79 -39.30
CA ALA B 266 -19.07 14.12 -39.75
C ALA B 266 -17.81 14.57 -39.03
N ARG B 267 -16.77 14.90 -39.80
CA ARG B 267 -15.50 15.35 -39.26
C ARG B 267 -15.12 16.69 -39.86
N ALA B 268 -14.42 17.51 -39.08
CA ALA B 268 -13.99 18.81 -39.54
C ALA B 268 -12.73 18.67 -40.39
N GLY B 269 -12.78 19.24 -41.59
CA GLY B 269 -11.66 19.16 -42.51
C GLY B 269 -11.77 20.21 -43.59
N GLN B 270 -11.19 19.91 -44.74
CA GLN B 270 -11.18 20.85 -45.86
C GLN B 270 -12.52 20.83 -46.58
N LYS B 271 -13.04 22.02 -46.88
CA LYS B 271 -14.30 22.18 -47.60
C LYS B 271 -14.07 23.04 -48.83
N GLY B 272 -14.65 22.63 -49.95
CA GLY B 272 -14.51 23.37 -51.18
C GLY B 272 -13.37 22.86 -52.04
N TYR B 273 -13.27 23.45 -53.23
CA TYR B 273 -12.27 23.07 -54.23
C TYR B 273 -12.37 21.58 -54.56
N HIS B 274 -13.58 21.13 -54.86
CA HIS B 274 -13.84 19.74 -55.20
C HIS B 274 -14.21 19.65 -56.68
N HIS B 275 -13.80 18.56 -57.32
CA HIS B 275 -14.15 18.31 -58.71
C HIS B 275 -15.60 17.87 -58.79
N ARG B 276 -16.47 18.74 -59.30
CA ARG B 276 -17.90 18.47 -59.36
C ARG B 276 -18.40 18.52 -60.80
N THR B 277 -19.57 17.93 -61.00
CA THR B 277 -20.26 17.88 -62.29
C THR B 277 -21.72 18.22 -62.07
N GLU B 278 -22.23 19.15 -62.87
CA GLU B 278 -23.64 19.51 -62.84
C GLU B 278 -24.32 19.11 -64.14
N ILE B 279 -25.52 18.55 -64.01
CA ILE B 279 -26.24 17.93 -65.11
C ILE B 279 -27.49 18.74 -65.40
N ASN B 280 -27.97 18.64 -66.64
CA ASN B 280 -29.21 19.27 -67.10
C ASN B 280 -29.14 20.80 -66.97
N LYS B 281 -28.21 21.38 -67.72
CA LYS B 281 -28.06 22.82 -67.82
C LYS B 281 -28.41 23.24 -69.25
N LYS B 282 -29.47 24.03 -69.41
CA LYS B 282 -29.96 24.41 -70.72
C LYS B 282 -29.21 25.63 -71.24
N ILE B 283 -28.81 25.57 -72.51
CA ILE B 283 -28.13 26.67 -73.16
C ILE B 283 -29.16 27.66 -73.66
N TYR B 284 -28.93 28.95 -73.43
CA TYR B 284 -29.84 30.01 -73.83
C TYR B 284 -29.37 30.81 -75.02
N LYS B 285 -28.08 31.13 -75.10
CA LYS B 285 -27.60 32.00 -76.16
C LYS B 285 -26.16 31.66 -76.52
N ILE B 286 -25.87 31.73 -77.82
CA ILE B 286 -24.52 31.61 -78.35
C ILE B 286 -24.28 32.88 -79.16
N GLY B 287 -23.52 33.80 -78.59
CA GLY B 287 -23.34 35.10 -79.19
C GLY B 287 -21.87 35.42 -79.44
N GLN B 288 -21.65 36.31 -80.40
CA GLN B 288 -20.31 36.75 -80.76
C GLN B 288 -20.39 38.20 -81.24
N GLY B 289 -19.25 38.88 -81.18
CA GLY B 289 -19.20 40.27 -81.57
C GLY B 289 -17.82 40.66 -82.07
N TYR B 290 -17.70 41.94 -82.43
CA TYR B 290 -16.44 42.50 -82.91
C TYR B 290 -15.95 41.77 -84.16
N LEU B 291 -16.87 41.56 -85.10
CA LEU B 291 -16.58 40.73 -86.27
C LEU B 291 -15.88 41.52 -87.37
N ILE B 292 -16.55 42.54 -87.91
CA ILE B 292 -16.07 43.21 -89.11
C ILE B 292 -15.74 44.68 -88.81
N LYS B 293 -15.28 45.40 -89.83
CA LYS B 293 -14.90 46.79 -89.68
C LYS B 293 -15.73 47.73 -90.55
N ASP B 294 -16.79 47.24 -91.18
CA ASP B 294 -17.74 48.14 -91.84
C ASP B 294 -18.28 49.15 -90.84
N GLY B 295 -18.91 48.66 -89.76
CA GLY B 295 -19.07 49.45 -88.56
C GLY B 295 -17.76 49.40 -87.78
N LYS B 296 -17.30 50.56 -87.33
CA LYS B 296 -15.96 50.65 -86.75
C LYS B 296 -15.80 49.71 -85.55
N LEU B 297 -16.86 49.57 -84.75
CA LEU B 297 -16.84 48.61 -83.64
C LEU B 297 -18.29 48.21 -83.37
N ILE B 298 -18.68 47.05 -83.89
CA ILE B 298 -20.04 46.54 -83.74
C ILE B 298 -20.04 45.43 -82.69
N LYS B 299 -20.88 45.58 -81.67
CA LYS B 299 -21.05 44.56 -80.65
C LYS B 299 -22.37 43.81 -80.82
N ASN B 300 -23.49 44.53 -80.83
CA ASN B 300 -24.82 43.97 -81.08
C ASN B 300 -25.14 42.79 -80.17
N ASN B 301 -24.46 42.67 -79.04
CA ASN B 301 -24.69 41.59 -78.11
C ASN B 301 -25.79 41.96 -77.12
N ALA B 302 -26.40 40.93 -76.53
CA ALA B 302 -27.49 41.10 -75.56
C ALA B 302 -28.63 41.94 -76.14
N SER B 303 -28.81 41.89 -77.44
CA SER B 303 -29.83 42.67 -78.14
C SER B 303 -30.81 41.69 -78.78
N THR B 304 -31.93 41.45 -78.11
CA THR B 304 -32.95 40.55 -78.63
C THR B 304 -33.72 41.23 -79.76
N ASP B 305 -34.52 40.43 -80.46
CA ASP B 305 -35.35 40.97 -81.53
C ASP B 305 -36.46 41.86 -81.01
N TYR B 306 -36.83 41.72 -79.74
CA TYR B 306 -37.81 42.61 -79.13
C TYR B 306 -37.19 43.87 -78.56
N ASP B 307 -35.92 43.80 -78.13
CA ASP B 307 -35.25 44.98 -77.60
C ASP B 307 -34.74 45.86 -78.73
N LEU B 308 -33.87 45.33 -79.59
CA LEU B 308 -33.33 46.03 -80.76
C LEU B 308 -32.64 47.33 -80.35
N SER B 309 -31.78 47.24 -79.34
CA SER B 309 -31.01 48.39 -78.86
C SER B 309 -29.54 48.02 -78.79
N ASP B 310 -28.69 49.03 -78.96
CA ASP B 310 -27.25 48.80 -78.89
C ASP B 310 -26.85 48.43 -77.47
N LYS B 311 -26.25 47.26 -77.31
CA LYS B 311 -25.86 46.76 -76.00
C LYS B 311 -24.73 45.75 -76.20
N SER B 312 -24.25 45.21 -75.08
CA SER B 312 -23.18 44.21 -75.11
C SER B 312 -23.40 43.22 -73.97
N ILE B 313 -22.52 42.23 -73.88
CA ILE B 313 -22.65 41.20 -72.85
C ILE B 313 -22.13 41.71 -71.52
N ASN B 314 -20.94 42.31 -71.52
CA ASN B 314 -20.38 42.84 -70.29
C ASN B 314 -21.29 43.93 -69.73
N PRO B 315 -21.54 43.95 -68.42
CA PRO B 315 -22.47 44.92 -67.86
C PRO B 315 -21.89 46.33 -67.90
N LEU B 316 -22.73 47.28 -67.51
CA LEU B 316 -22.33 48.68 -67.44
C LEU B 316 -21.32 48.84 -66.32
N GLY B 317 -20.04 49.00 -66.69
CA GLY B 317 -18.96 49.09 -65.73
C GLY B 317 -18.04 47.89 -65.70
N GLY B 318 -18.21 46.94 -66.62
CA GLY B 318 -17.37 45.77 -66.66
C GLY B 318 -17.77 44.72 -65.64
N PHE B 319 -17.37 43.48 -65.91
CA PHE B 319 -17.68 42.39 -65.00
C PHE B 319 -16.86 42.50 -63.72
N VAL B 320 -17.41 41.95 -62.65
CA VAL B 320 -16.74 41.99 -61.35
C VAL B 320 -15.70 40.88 -61.29
N HIS B 321 -14.46 41.25 -60.97
CA HIS B 321 -13.32 40.31 -60.94
C HIS B 321 -13.11 39.62 -62.28
N TYR B 322 -13.48 40.29 -63.37
CA TYR B 322 -13.31 39.73 -64.70
C TYR B 322 -13.31 40.87 -65.71
N GLY B 323 -12.55 40.70 -66.78
CA GLY B 323 -12.40 41.74 -67.78
C GLY B 323 -13.48 41.74 -68.84
N GLU B 324 -13.07 41.72 -70.10
CA GLU B 324 -13.99 41.78 -71.22
C GLU B 324 -14.35 40.39 -71.72
N VAL B 325 -15.50 40.30 -72.37
CA VAL B 325 -16.01 39.05 -72.92
C VAL B 325 -16.13 39.22 -74.43
N THR B 326 -15.18 39.94 -75.01
CA THR B 326 -15.24 40.27 -76.44
C THR B 326 -15.37 39.03 -77.33
N ASN B 327 -14.84 37.89 -76.88
CA ASN B 327 -14.95 36.68 -77.67
C ASN B 327 -16.36 36.12 -77.60
N ASP B 328 -16.61 35.10 -78.43
CA ASP B 328 -17.91 34.45 -78.42
C ASP B 328 -18.14 33.74 -77.09
N PHE B 329 -19.40 33.72 -76.66
CA PHE B 329 -19.76 33.28 -75.32
C PHE B 329 -20.94 32.31 -75.38
N ILE B 330 -21.15 31.63 -74.25
CA ILE B 330 -22.26 30.70 -74.06
C ILE B 330 -23.03 31.15 -72.82
N MET B 331 -24.36 31.14 -72.93
CA MET B 331 -25.23 31.66 -71.87
C MET B 331 -26.04 30.51 -71.31
N LEU B 332 -25.67 30.04 -70.12
CA LEU B 332 -26.31 28.89 -69.49
C LEU B 332 -27.34 29.34 -68.46
N LYS B 333 -28.30 28.47 -68.20
CA LYS B 333 -29.33 28.73 -67.21
C LYS B 333 -28.82 28.46 -65.80
N GLY B 334 -29.24 29.31 -64.86
CA GLY B 334 -28.91 29.10 -63.46
C GLY B 334 -27.44 29.30 -63.15
N CYS B 335 -27.09 28.98 -61.90
CA CYS B 335 -25.72 29.12 -61.42
C CYS B 335 -24.87 27.94 -61.89
N VAL B 336 -23.56 28.16 -61.90
CA VAL B 336 -22.60 27.16 -62.34
C VAL B 336 -21.49 27.08 -61.31
N VAL B 337 -20.87 25.90 -61.18
CA VAL B 337 -19.83 25.70 -60.19
C VAL B 337 -18.57 26.46 -60.58
N GLY B 338 -17.75 26.77 -59.58
CA GLY B 338 -16.49 27.43 -59.79
C GLY B 338 -16.59 28.93 -59.56
N THR B 339 -15.44 29.54 -59.24
CA THR B 339 -15.37 30.98 -59.02
C THR B 339 -15.37 31.71 -60.35
N LYS B 340 -15.16 33.02 -60.31
CA LYS B 340 -14.96 33.78 -61.52
C LYS B 340 -13.65 33.40 -62.18
N LYS B 341 -13.53 33.72 -63.47
CA LYS B 341 -12.39 33.43 -64.32
C LYS B 341 -11.81 32.04 -64.06
N ARG B 342 -12.67 31.04 -63.89
CA ARG B 342 -12.27 29.67 -63.67
C ARG B 342 -12.63 28.83 -64.88
N VAL B 343 -11.73 27.91 -65.24
CA VAL B 343 -11.95 27.07 -66.41
C VAL B 343 -13.01 26.02 -66.10
N LEU B 344 -13.95 25.85 -67.02
CA LEU B 344 -14.99 24.84 -66.93
C LEU B 344 -15.10 24.12 -68.27
N THR B 345 -15.49 22.86 -68.23
CA THR B 345 -15.61 22.04 -69.43
C THR B 345 -17.08 21.74 -69.69
N LEU B 346 -17.52 21.98 -70.91
CA LEU B 346 -18.91 21.78 -71.31
C LEU B 346 -19.00 20.55 -72.20
N ARG B 347 -19.87 19.60 -71.84
CA ARG B 347 -19.94 18.32 -72.51
C ARG B 347 -21.38 18.00 -72.89
N LYS B 348 -21.56 17.36 -74.05
CA LYS B 348 -22.88 16.90 -74.43
C LYS B 348 -23.37 15.83 -73.46
N SER B 349 -24.69 15.75 -73.31
CA SER B 349 -25.29 14.86 -72.33
C SER B 349 -25.35 13.44 -72.87
N LEU B 350 -25.05 12.48 -71.99
CA LEU B 350 -25.17 11.07 -72.36
C LEU B 350 -26.62 10.65 -72.56
N LEU B 351 -27.55 11.35 -71.92
CA LEU B 351 -28.95 10.93 -71.88
C LEU B 351 -29.68 11.39 -73.14
N VAL B 352 -30.82 10.74 -73.39
CA VAL B 352 -31.74 11.17 -74.44
C VAL B 352 -32.77 12.10 -73.82
N GLN B 353 -32.95 13.27 -74.43
CA GLN B 353 -33.86 14.27 -73.88
C GLN B 353 -35.27 13.99 -74.37
N THR B 354 -36.19 13.78 -73.44
CA THR B 354 -37.60 13.54 -73.78
C THR B 354 -38.58 14.32 -72.92
N LYS B 355 -38.16 14.94 -71.82
CA LYS B 355 -39.07 15.65 -70.95
C LYS B 355 -39.52 16.97 -71.59
N ARG B 356 -40.53 17.58 -70.99
CA ARG B 356 -41.06 18.84 -71.51
C ARG B 356 -40.16 20.03 -71.20
N ARG B 357 -39.33 19.94 -70.16
CA ARG B 357 -38.43 21.05 -69.84
C ARG B 357 -37.41 21.27 -70.94
N ALA B 358 -37.00 20.21 -71.62
CA ALA B 358 -36.10 20.30 -72.75
C ALA B 358 -36.89 20.25 -74.05
N LEU B 359 -36.16 20.28 -75.17
CA LEU B 359 -36.74 20.20 -76.52
C LEU B 359 -37.77 21.29 -76.78
N GLU B 360 -37.72 22.38 -76.01
CA GLU B 360 -38.66 23.49 -76.16
C GLU B 360 -37.90 24.73 -76.60
N LYS B 361 -38.47 25.44 -77.58
CA LYS B 361 -37.82 26.64 -78.09
C LYS B 361 -37.94 27.78 -77.09
N ILE B 362 -36.92 28.64 -77.08
CA ILE B 362 -36.88 29.79 -76.19
C ILE B 362 -36.85 31.07 -77.03
N ASP B 363 -37.16 32.18 -76.38
CA ASP B 363 -37.12 33.48 -77.03
C ASP B 363 -36.77 34.52 -75.98
N LEU B 364 -35.55 35.06 -76.06
CA LEU B 364 -35.11 36.07 -75.10
C LEU B 364 -35.76 37.41 -75.42
N LYS B 365 -36.06 38.17 -74.36
CA LYS B 365 -36.70 39.47 -74.50
C LYS B 365 -35.80 40.62 -74.07
N PHE B 366 -35.23 40.54 -72.86
CA PHE B 366 -34.41 41.62 -72.33
C PHE B 366 -33.26 41.04 -71.53
N ILE B 367 -32.04 41.42 -71.90
CA ILE B 367 -30.83 41.01 -71.20
C ILE B 367 -30.23 42.23 -70.54
N ASP B 368 -30.18 42.24 -69.21
CA ASP B 368 -29.73 43.41 -68.48
C ASP B 368 -28.22 43.50 -68.46
N THR B 369 -27.71 44.73 -68.41
CA THR B 369 -26.28 44.99 -68.24
C THR B 369 -26.06 45.98 -67.10
N THR B 370 -26.90 45.91 -66.07
CA THR B 370 -26.74 46.82 -64.93
C THR B 370 -25.41 46.55 -64.23
N SER B 371 -24.89 47.59 -63.58
CA SER B 371 -23.61 47.48 -62.90
C SER B 371 -23.70 46.48 -61.75
N LYS B 372 -23.02 45.35 -61.91
CA LYS B 372 -22.96 44.36 -60.84
C LYS B 372 -22.03 44.79 -59.71
N PHE B 373 -21.30 45.88 -59.87
CA PHE B 373 -20.42 46.42 -58.84
C PHE B 373 -21.22 47.31 -57.88
N GLY B 374 -22.26 46.72 -57.31
CA GLY B 374 -23.20 47.43 -56.47
C GLY B 374 -24.60 47.42 -57.07
N HIS B 375 -25.44 48.30 -56.54
CA HIS B 375 -26.78 48.46 -57.07
C HIS B 375 -26.75 49.29 -58.35
N GLY B 376 -27.31 48.76 -59.42
CA GLY B 376 -27.29 49.41 -60.72
C GLY B 376 -28.64 49.98 -61.07
N ARG B 377 -28.63 51.06 -61.85
CA ARG B 377 -29.85 51.72 -62.29
C ARG B 377 -29.93 51.94 -63.79
N PHE B 378 -28.81 51.91 -64.50
CA PHE B 378 -28.79 52.24 -65.92
C PHE B 378 -28.28 51.06 -66.73
N GLN B 379 -28.84 50.91 -67.94
CA GLN B 379 -28.44 49.82 -68.82
C GLN B 379 -27.19 50.17 -69.62
N THR B 380 -27.21 51.29 -70.32
CA THR B 380 -26.14 51.68 -71.22
C THR B 380 -25.59 53.04 -70.85
N MET B 381 -24.37 53.31 -71.34
CA MET B 381 -23.72 54.59 -71.11
C MET B 381 -24.54 55.74 -71.66
N GLU B 382 -25.08 55.60 -72.87
CA GLU B 382 -25.86 56.66 -73.49
C GLU B 382 -27.13 56.94 -72.69
N GLU B 383 -27.83 55.89 -72.26
CA GLU B 383 -29.02 56.07 -71.45
C GLU B 383 -28.70 56.76 -70.13
N LYS B 384 -27.62 56.33 -69.47
CA LYS B 384 -27.24 56.96 -68.21
C LYS B 384 -26.94 58.44 -68.39
N LYS B 385 -26.15 58.78 -69.42
CA LYS B 385 -25.81 60.17 -69.65
C LYS B 385 -27.01 61.00 -70.06
N ALA B 386 -27.93 60.45 -70.85
CA ALA B 386 -29.12 61.19 -71.24
C ALA B 386 -30.07 61.39 -70.07
N PHE B 387 -30.11 60.45 -69.13
CA PHE B 387 -30.96 60.62 -67.96
C PHE B 387 -30.36 61.62 -66.98
N MET B 388 -29.03 61.56 -66.78
CA MET B 388 -28.41 62.41 -65.77
C MET B 388 -28.13 63.82 -66.28
N GLY B 389 -27.98 64.00 -67.58
CA GLY B 389 -27.65 65.30 -68.13
C GLY B 389 -26.18 65.61 -67.96
N PRO B 390 -25.80 66.87 -68.17
CA PRO B 390 -24.40 67.27 -67.97
C PRO B 390 -24.04 67.28 -66.50
N LEU B 391 -22.73 67.15 -66.24
CA LEU B 391 -22.22 67.16 -64.88
C LEU B 391 -21.14 68.22 -64.71
N LYS B 392 -20.48 68.24 -63.55
CA LYS B 392 -19.42 69.21 -63.30
C LYS B 392 -18.22 68.96 -64.20
N LYS B 393 -18.02 67.73 -64.66
CA LYS B 393 -16.87 67.41 -65.49
C LYS B 393 -16.91 68.12 -66.84
N ASP B 394 -18.08 68.59 -67.26
CA ASP B 394 -18.22 69.30 -68.53
C ASP B 394 -18.54 70.76 -68.32
N CYS C 1 53.01 -51.11 24.17
CA CYS C 1 53.61 -49.82 23.84
C CYS C 1 55.10 -49.82 24.18
N ALA C 2 55.85 -48.93 23.53
CA ALA C 2 57.28 -48.79 23.74
C ALA C 2 57.63 -47.32 23.90
N ARG C 3 58.43 -47.01 24.92
CA ARG C 3 58.86 -45.65 25.20
C ARG C 3 60.38 -45.59 25.15
N PRO C 4 60.98 -45.22 24.04
CA PRO C 4 62.44 -45.24 23.90
C PRO C 4 63.08 -44.06 24.64
N LEU C 5 64.40 -43.99 24.55
CA LEU C 5 65.18 -42.94 25.17
C LEU C 5 65.51 -41.85 24.16
N ILE C 6 65.51 -40.61 24.64
CA ILE C 6 65.81 -39.44 23.81
C ILE C 6 67.01 -38.73 24.40
N SER C 7 68.10 -38.66 23.63
CA SER C 7 69.30 -38.01 24.11
C SER C 7 69.12 -36.50 24.16
N VAL C 8 69.89 -35.85 25.02
CA VAL C 8 69.86 -34.41 25.20
C VAL C 8 71.00 -33.79 24.40
N TYR C 9 70.75 -32.61 23.84
CA TYR C 9 71.73 -31.91 23.03
C TYR C 9 72.26 -30.70 23.78
N SER C 10 73.57 -30.47 23.67
CA SER C 10 74.19 -29.34 24.33
C SER C 10 73.98 -28.06 23.54
N GLU C 11 74.43 -26.94 24.11
CA GLU C 11 74.26 -25.65 23.45
C GLU C 11 75.15 -25.49 22.22
N LYS C 12 76.10 -26.38 22.00
CA LYS C 12 76.94 -26.32 20.81
C LYS C 12 76.42 -27.17 19.66
N GLY C 13 75.39 -27.97 19.88
CA GLY C 13 74.76 -28.74 18.83
C GLY C 13 74.96 -30.24 18.94
N GLU C 14 76.03 -30.68 19.59
CA GLU C 14 76.27 -32.11 19.70
C GLU C 14 75.44 -32.73 20.81
N SER C 15 75.35 -34.05 20.79
CA SER C 15 74.57 -34.77 21.79
C SER C 15 75.37 -34.91 23.08
N SER C 16 74.72 -34.61 24.20
CA SER C 16 75.35 -34.76 25.50
C SER C 16 75.34 -36.23 25.92
N GLY C 17 76.16 -36.53 26.94
CA GLY C 17 76.23 -37.89 27.46
C GLY C 17 74.97 -38.34 28.17
N LYS C 18 74.17 -37.42 28.68
CA LYS C 18 72.97 -37.77 29.40
C LYS C 18 71.87 -38.20 28.44
N ASN C 19 70.87 -38.89 28.99
CA ASN C 19 69.77 -39.41 28.21
C ASN C 19 68.53 -39.49 29.09
N VAL C 20 67.38 -39.09 28.54
CA VAL C 20 66.11 -39.10 29.25
C VAL C 20 65.12 -39.95 28.45
N THR C 21 64.20 -40.59 29.18
CA THR C 21 63.21 -41.45 28.55
C THR C 21 62.05 -40.64 28.00
N LEU C 22 61.36 -41.21 27.02
CA LEU C 22 60.21 -40.55 26.42
C LEU C 22 59.03 -40.58 27.38
N PRO C 23 58.42 -39.45 27.70
CA PRO C 23 57.25 -39.46 28.57
C PRO C 23 56.06 -40.14 27.90
N ALA C 24 55.08 -40.48 28.72
CA ALA C 24 53.89 -41.17 28.23
C ALA C 24 52.89 -40.23 27.55
N VAL C 25 53.08 -38.92 27.66
CA VAL C 25 52.14 -38.00 27.05
C VAL C 25 52.30 -37.99 25.53
N PHE C 26 53.49 -38.31 25.02
CA PHE C 26 53.72 -38.32 23.59
C PHE C 26 53.14 -39.54 22.90
N LYS C 27 52.66 -40.53 23.65
CA LYS C 27 51.97 -41.68 23.10
C LYS C 27 50.46 -41.57 23.25
N ALA C 28 49.95 -40.38 23.58
CA ALA C 28 48.53 -40.18 23.74
C ALA C 28 47.80 -40.31 22.41
N PRO C 29 46.51 -40.59 22.42
CA PRO C 29 45.75 -40.67 21.18
C PRO C 29 45.72 -39.34 20.44
N ILE C 30 46.19 -39.35 19.20
CA ILE C 30 46.19 -38.17 18.35
C ILE C 30 44.78 -38.00 17.79
N ARG C 31 44.12 -36.90 18.18
CA ARG C 31 42.73 -36.66 17.80
C ARG C 31 42.63 -35.27 17.16
N PRO C 32 42.82 -35.19 15.84
CA PRO C 32 42.68 -33.88 15.17
C PRO C 32 41.28 -33.30 15.29
N ASP C 33 40.24 -34.13 15.30
CA ASP C 33 38.88 -33.60 15.47
C ASP C 33 38.70 -32.95 16.83
N ILE C 34 39.18 -33.61 17.89
CA ILE C 34 39.08 -33.04 19.23
C ILE C 34 39.92 -31.77 19.33
N VAL C 35 41.10 -31.77 18.73
CA VAL C 35 41.94 -30.57 18.76
C VAL C 35 41.26 -29.41 18.05
N ASN C 36 40.66 -29.69 16.89
CA ASN C 36 39.97 -28.64 16.15
C ASN C 36 38.76 -28.12 16.92
N PHE C 37 38.00 -29.02 17.55
CA PHE C 37 36.85 -28.61 18.33
C PHE C 37 37.28 -27.71 19.49
N VAL C 38 38.30 -28.13 20.24
CA VAL C 38 38.77 -27.34 21.38
C VAL C 38 39.30 -25.99 20.91
N HIS C 39 40.06 -25.97 19.82
CA HIS C 39 40.59 -24.72 19.31
C HIS C 39 39.48 -23.77 18.89
N THR C 40 38.50 -24.28 18.15
CA THR C 40 37.40 -23.45 17.69
C THR C 40 36.61 -22.89 18.87
N ASN C 41 36.33 -23.72 19.88
CA ASN C 41 35.52 -23.25 21.00
C ASN C 41 36.31 -22.41 22.00
N LEU C 42 37.65 -22.45 21.96
CA LEU C 42 38.44 -21.65 22.87
C LEU C 42 38.93 -20.35 22.26
N ARG C 43 39.03 -20.28 20.93
CA ARG C 43 39.50 -19.04 20.31
C ARG C 43 38.45 -17.94 20.39
N LYS C 44 37.20 -18.30 20.68
CA LYS C 44 36.13 -17.31 20.80
C LYS C 44 36.10 -16.63 22.16
N ASN C 45 37.06 -16.89 23.04
CA ASN C 45 37.04 -16.33 24.38
C ASN C 45 37.75 -14.99 24.47
N ASN C 46 38.74 -14.73 23.61
CA ASN C 46 39.53 -13.52 23.68
C ASN C 46 38.99 -12.38 22.84
N ARG C 47 37.92 -12.61 22.08
CA ARG C 47 37.38 -11.57 21.20
C ARG C 47 36.55 -10.57 22.00
N GLN C 48 36.54 -9.32 21.52
CA GLN C 48 35.80 -8.22 22.12
C GLN C 48 34.43 -8.05 21.46
N PRO C 49 33.43 -7.64 22.23
CA PRO C 49 32.10 -7.45 21.65
C PRO C 49 32.04 -6.22 20.76
N TYR C 50 31.16 -6.29 19.76
CA TYR C 50 30.91 -5.17 18.86
C TYR C 50 29.42 -5.05 18.63
N ALA C 51 28.92 -3.82 18.58
CA ALA C 51 27.49 -3.59 18.44
C ALA C 51 27.26 -2.22 17.82
N VAL C 52 26.04 -2.02 17.33
CA VAL C 52 25.63 -0.74 16.77
C VAL C 52 25.22 0.19 17.91
N SER C 53 25.04 1.48 17.61
CA SER C 53 24.73 2.47 18.63
C SER C 53 23.33 2.31 19.21
N GLU C 54 22.54 1.34 18.73
CA GLU C 54 21.21 1.04 19.25
C GLU C 54 20.23 2.19 18.97
N LEU C 55 20.73 3.26 18.36
CA LEU C 55 19.92 4.41 17.98
C LEU C 55 20.25 4.89 16.58
N ALA C 56 20.61 3.96 15.69
CA ALA C 56 21.08 4.33 14.37
C ALA C 56 19.96 4.83 13.47
N GLY C 57 18.71 4.49 13.76
CA GLY C 57 17.61 4.90 12.90
C GLY C 57 16.51 5.64 13.61
N HIS C 58 16.41 5.47 14.93
CA HIS C 58 15.33 6.04 15.72
C HIS C 58 15.64 7.43 16.25
N GLN C 59 16.57 8.15 15.61
CA GLN C 59 16.81 9.54 15.96
C GLN C 59 15.82 10.46 15.26
N THR C 60 15.27 10.03 14.13
CA THR C 60 14.33 10.85 13.38
C THR C 60 12.91 10.57 13.85
N SER C 61 12.11 11.63 13.98
CA SER C 61 10.70 11.53 14.31
C SER C 61 9.89 11.64 13.03
N ALA C 62 9.22 10.54 12.66
CA ALA C 62 8.53 10.49 11.38
C ALA C 62 7.31 9.59 11.49
N GLU C 63 6.30 9.89 10.68
CA GLU C 63 5.08 9.08 10.58
C GLU C 63 4.73 8.91 9.12
N SER C 64 3.95 7.86 8.84
CA SER C 64 3.56 7.55 7.47
C SER C 64 2.42 8.45 7.01
N TRP C 65 2.32 8.63 5.69
CA TRP C 65 1.25 9.44 5.13
C TRP C 65 -0.09 8.71 5.20
N GLY C 66 -0.18 7.54 4.58
CA GLY C 66 -1.39 6.73 4.61
C GLY C 66 -1.91 6.45 3.21
N THR C 67 -3.24 6.37 3.10
CA THR C 67 -3.87 6.09 1.81
C THR C 67 -3.56 7.19 0.80
N GLY C 68 -3.92 8.42 1.12
CA GLY C 68 -3.57 9.54 0.27
C GLY C 68 -2.06 9.73 0.20
N ARG C 69 -1.64 10.67 -0.65
CA ARG C 69 -0.23 10.92 -0.92
C ARG C 69 0.44 9.64 -1.42
N ALA C 70 0.05 9.25 -2.63
CA ALA C 70 0.30 7.94 -3.21
C ALA C 70 1.79 7.61 -3.37
N VAL C 71 2.68 8.51 -2.93
CA VAL C 71 4.11 8.28 -3.07
C VAL C 71 4.50 6.92 -2.47
N ALA C 72 4.08 6.66 -1.22
CA ALA C 72 4.39 5.41 -0.54
C ALA C 72 3.65 5.30 0.79
N ARG C 73 3.86 4.18 1.50
CA ARG C 73 3.32 4.00 2.84
C ARG C 73 4.40 3.95 3.91
N ILE C 74 5.68 3.97 3.53
CA ILE C 74 6.77 3.97 4.51
C ILE C 74 6.75 5.29 5.27
N PRO C 75 7.02 5.31 6.58
CA PRO C 75 7.08 6.58 7.29
C PRO C 75 8.09 7.54 6.66
N ARG C 76 7.78 8.83 6.73
CA ARG C 76 8.60 9.85 6.12
C ARG C 76 8.72 11.04 7.07
N VAL C 77 9.91 11.63 7.11
CA VAL C 77 10.18 12.71 8.05
C VAL C 77 9.37 13.95 7.68
N ARG C 78 9.02 14.75 8.68
CA ARG C 78 8.23 15.94 8.50
C ARG C 78 9.12 17.18 8.50
N GLY C 79 8.73 18.19 7.74
CA GLY C 79 9.49 19.40 7.62
C GLY C 79 9.39 19.95 6.21
N GLY C 80 10.24 20.93 5.93
CA GLY C 80 10.27 21.54 4.62
C GLY C 80 11.56 22.33 4.43
N GLY C 81 11.70 22.87 3.22
CA GLY C 81 12.85 23.70 2.89
C GLY C 81 14.16 22.94 2.88
N THR C 82 14.08 21.61 2.86
CA THR C 82 15.26 20.76 2.84
C THR C 82 14.98 19.56 1.95
N HIS C 83 15.97 19.19 1.14
CA HIS C 83 15.80 18.02 0.28
C HIS C 83 15.77 16.71 1.05
N ARG C 84 15.93 16.76 2.38
CA ARG C 84 15.76 15.59 3.22
C ARG C 84 14.37 15.50 3.83
N SER C 85 13.53 16.51 3.64
CA SER C 85 12.17 16.50 4.17
C SER C 85 11.29 15.62 3.29
N GLY C 86 10.83 14.51 3.84
CA GLY C 86 9.99 13.58 3.11
C GLY C 86 10.69 12.35 2.58
N GLN C 87 11.89 12.04 3.06
CA GLN C 87 12.61 10.86 2.60
C GLN C 87 12.19 9.65 3.44
N GLY C 88 12.90 8.54 3.28
CA GLY C 88 12.57 7.33 4.03
C GLY C 88 12.98 7.46 5.49
N ALA C 89 12.09 7.06 6.38
CA ALA C 89 12.36 7.08 7.81
C ALA C 89 13.13 5.83 8.20
N PHE C 90 13.21 5.56 9.50
CA PHE C 90 13.86 4.35 10.00
C PHE C 90 13.26 3.11 9.34
N GLY C 91 14.14 2.19 8.94
CA GLY C 91 13.72 0.99 8.24
C GLY C 91 14.88 0.33 7.56
N ASN C 92 14.66 -0.91 7.14
CA ASN C 92 15.71 -1.68 6.50
C ASN C 92 15.95 -1.20 5.07
N MET C 93 14.88 -1.03 4.30
CA MET C 93 14.97 -0.67 2.89
C MET C 93 15.22 0.81 2.66
N CYS C 94 15.27 1.63 3.70
CA CYS C 94 15.41 3.06 3.56
C CYS C 94 16.87 3.49 3.73
N ARG C 95 17.20 4.62 3.11
CA ARG C 95 18.54 5.18 3.25
C ARG C 95 18.63 5.98 4.55
N GLY C 96 19.73 5.80 5.27
CA GLY C 96 19.89 6.47 6.54
C GLY C 96 19.05 5.91 7.66
N GLY C 97 18.57 4.67 7.52
CA GLY C 97 17.79 4.01 8.54
C GLY C 97 18.57 2.92 9.26
N ARG C 98 17.90 2.34 10.25
CA ARG C 98 18.52 1.28 11.04
C ARG C 98 18.61 -0.01 10.24
N MET C 99 19.58 -0.84 10.61
CA MET C 99 19.76 -2.12 9.96
C MET C 99 18.80 -3.16 10.55
N PHE C 100 18.59 -4.23 9.80
CA PHE C 100 17.74 -5.32 10.28
C PHE C 100 18.46 -6.04 11.41
N ALA C 101 17.73 -6.28 12.51
CA ALA C 101 18.26 -7.00 13.66
C ALA C 101 19.57 -6.38 14.14
N PRO C 102 19.52 -5.20 14.76
CA PRO C 102 20.76 -4.57 15.22
C PRO C 102 21.51 -5.46 16.18
N THR C 103 22.78 -5.69 15.88
CA THR C 103 23.60 -6.59 16.69
C THR C 103 23.69 -6.09 18.12
N LYS C 104 23.17 -6.86 19.05
CA LYS C 104 23.19 -6.48 20.46
C LYS C 104 24.55 -6.82 21.08
N THR C 105 24.85 -6.11 22.16
CA THR C 105 26.13 -6.33 22.85
C THR C 105 26.11 -7.57 23.72
N TRP C 106 24.94 -8.11 24.06
CA TRP C 106 24.84 -9.29 24.90
C TRP C 106 24.79 -10.58 24.12
N ARG C 107 25.35 -10.61 22.92
CA ARG C 107 25.45 -11.84 22.15
C ARG C 107 26.38 -12.82 22.88
N ARG C 108 26.14 -14.12 22.67
CA ARG C 108 26.96 -15.15 23.30
C ARG C 108 28.32 -15.21 22.63
N TRP C 109 29.30 -14.50 23.19
CA TRP C 109 30.63 -14.44 22.58
C TRP C 109 31.48 -15.64 22.99
N HIS C 110 31.59 -15.89 24.29
CA HIS C 110 32.50 -16.89 24.81
C HIS C 110 31.82 -18.26 24.89
N ARG C 111 32.63 -19.30 24.73
CA ARG C 111 32.17 -20.68 24.80
C ARG C 111 33.07 -21.45 25.75
N ARG C 112 32.47 -22.12 26.72
CA ARG C 112 33.23 -22.88 27.71
C ARG C 112 33.41 -24.32 27.26
N VAL C 113 34.56 -24.89 27.62
CA VAL C 113 34.92 -26.26 27.25
C VAL C 113 35.29 -27.01 28.52
N ASN C 114 34.96 -28.30 28.54
CA ASN C 114 35.30 -29.13 29.70
C ASN C 114 36.81 -29.22 29.86
N THR C 115 37.25 -29.20 31.13
CA THR C 115 38.68 -29.29 31.42
C THR C 115 39.26 -30.61 30.95
N THR C 116 38.48 -31.69 31.04
CA THR C 116 38.97 -32.98 30.56
C THR C 116 39.19 -32.96 29.05
N GLN C 117 38.27 -32.33 28.31
CA GLN C 117 38.47 -32.20 26.87
C GLN C 117 39.65 -31.29 26.55
N LYS C 118 39.85 -30.24 27.33
CA LYS C 118 41.00 -29.37 27.14
C LYS C 118 42.30 -30.16 27.30
N ARG C 119 42.42 -30.91 28.40
CA ARG C 119 43.60 -31.73 28.61
C ARG C 119 43.76 -32.79 27.53
N TYR C 120 42.65 -33.38 27.08
CA TYR C 120 42.71 -34.32 25.98
C TYR C 120 43.32 -33.69 24.73
N ALA C 121 42.87 -32.47 24.40
CA ALA C 121 43.41 -31.79 23.22
C ALA C 121 44.88 -31.46 23.40
N ILE C 122 45.28 -31.06 24.61
CA ILE C 122 46.69 -30.73 24.85
C ILE C 122 47.56 -31.98 24.68
N CYS C 123 47.15 -33.11 25.26
CA CYS C 123 47.92 -34.34 25.10
C CYS C 123 47.92 -34.80 23.64
N SER C 124 46.82 -34.59 22.92
CA SER C 124 46.78 -34.94 21.51
C SER C 124 47.78 -34.12 20.71
N ALA C 125 47.84 -32.81 20.97
CA ALA C 125 48.81 -31.96 20.28
C ALA C 125 50.24 -32.34 20.65
N LEU C 126 50.49 -32.67 21.92
CA LEU C 126 51.84 -33.06 22.33
C LEU C 126 52.25 -34.37 21.67
N ALA C 127 51.32 -35.33 21.55
CA ALA C 127 51.65 -36.59 20.91
C ALA C 127 51.81 -36.42 19.40
N ALA C 128 51.08 -35.49 18.79
CA ALA C 128 51.23 -35.23 17.36
C ALA C 128 52.50 -34.46 17.04
N SER C 129 52.99 -33.65 17.98
CA SER C 129 54.24 -32.92 17.76
C SER C 129 55.47 -33.82 17.81
N ALA C 130 55.33 -35.07 18.26
CA ALA C 130 56.46 -35.98 18.34
C ALA C 130 56.62 -36.84 17.10
N LEU C 131 55.65 -36.82 16.20
CA LEU C 131 55.76 -37.60 14.97
C LEU C 131 56.34 -36.75 13.85
N PRO C 132 57.36 -37.23 13.13
CA PRO C 132 57.97 -36.40 12.10
C PRO C 132 57.05 -36.11 10.92
N ALA C 133 56.16 -37.03 10.57
CA ALA C 133 55.27 -36.81 9.43
C ALA C 133 54.30 -35.68 9.70
N LEU C 134 53.67 -35.66 10.88
CA LEU C 134 52.65 -34.66 11.19
C LEU C 134 53.24 -33.26 11.29
N VAL C 135 54.49 -33.14 11.74
CA VAL C 135 55.10 -31.81 11.85
C VAL C 135 55.77 -31.40 10.55
N MET C 136 56.20 -32.36 9.72
CA MET C 136 56.71 -32.02 8.40
C MET C 136 55.58 -31.60 7.47
N SER C 137 54.41 -32.20 7.61
CA SER C 137 53.28 -31.84 6.76
C SER C 137 52.60 -30.55 7.16
N LYS C 138 53.12 -29.84 8.16
CA LYS C 138 52.57 -28.54 8.53
C LYS C 138 53.30 -27.40 7.84
N GLY C 139 54.61 -27.52 7.65
CA GLY C 139 55.35 -26.50 6.93
C GLY C 139 56.71 -26.18 7.54
N HIS C 140 57.00 -26.77 8.69
CA HIS C 140 58.26 -26.51 9.36
C HIS C 140 59.42 -27.17 8.63
N ARG C 141 60.57 -26.51 8.66
CA ARG C 141 61.80 -27.02 8.03
C ARG C 141 62.57 -27.81 9.07
N ILE C 142 62.38 -29.13 9.08
CA ILE C 142 63.01 -30.01 10.06
C ILE C 142 63.89 -31.01 9.34
N GLU C 143 64.39 -30.65 8.16
CA GLU C 143 65.16 -31.60 7.37
C GLU C 143 66.53 -31.84 7.99
N GLU C 144 67.12 -30.82 8.60
CA GLU C 144 68.45 -30.93 9.20
C GLU C 144 68.40 -31.10 10.71
N VAL C 145 67.22 -31.19 11.31
CA VAL C 145 67.11 -31.30 12.77
C VAL C 145 67.54 -32.71 13.19
N PRO C 146 68.43 -32.85 14.18
CA PRO C 146 68.89 -34.18 14.58
C PRO C 146 67.80 -35.03 15.22
N GLU C 147 67.12 -34.48 16.22
CA GLU C 147 66.08 -35.18 16.94
C GLU C 147 64.83 -34.31 16.96
N LEU C 148 63.67 -34.91 16.72
CA LEU C 148 62.45 -34.10 16.61
C LEU C 148 62.08 -33.44 17.93
N PRO C 149 61.97 -34.16 19.07
CA PRO C 149 61.85 -33.43 20.34
C PRO C 149 63.22 -32.91 20.77
N LEU C 150 63.45 -31.62 20.60
CA LEU C 150 64.76 -31.02 20.87
C LEU C 150 64.83 -30.71 22.36
N VAL C 151 65.49 -31.57 23.12
CA VAL C 151 65.64 -31.40 24.56
C VAL C 151 67.07 -30.92 24.81
N VAL C 152 67.20 -29.67 25.24
CA VAL C 152 68.50 -29.06 25.48
C VAL C 152 68.72 -28.95 26.97
N GLU C 153 69.95 -28.60 27.36
CA GLU C 153 70.31 -28.49 28.76
C GLU C 153 69.65 -27.27 29.39
N ASP C 154 69.81 -27.14 30.69
CA ASP C 154 69.21 -26.04 31.44
C ASP C 154 69.98 -24.72 31.30
N LYS C 155 71.10 -24.72 30.58
CA LYS C 155 71.87 -23.49 30.42
C LYS C 155 71.17 -22.49 29.51
N VAL C 156 70.23 -22.93 28.68
CA VAL C 156 69.62 -22.03 27.71
C VAL C 156 68.65 -21.07 28.40
N GLU C 157 68.02 -21.51 29.49
CA GLU C 157 67.06 -20.64 30.16
C GLU C 157 67.73 -19.48 30.87
N GLY C 158 69.03 -19.56 31.13
CA GLY C 158 69.79 -18.48 31.72
C GLY C 158 70.32 -17.47 30.73
N TYR C 159 69.89 -17.55 29.47
CA TYR C 159 70.38 -16.62 28.45
C TYR C 159 69.85 -15.21 28.73
N LYS C 160 70.69 -14.22 28.43
CA LYS C 160 70.31 -12.82 28.59
C LYS C 160 70.37 -12.03 27.29
N LYS C 161 71.18 -12.44 26.31
CA LYS C 161 71.28 -11.77 25.03
C LYS C 161 70.64 -12.65 23.95
N THR C 162 70.32 -12.03 22.82
CA THR C 162 69.72 -12.75 21.69
C THR C 162 70.77 -13.26 20.71
N LYS C 163 72.01 -12.77 20.78
CA LYS C 163 73.05 -13.28 19.89
C LYS C 163 73.29 -14.77 20.16
N GLU C 164 73.43 -15.14 21.44
CA GLU C 164 73.59 -16.55 21.78
C GLU C 164 72.33 -17.35 21.45
N ALA C 165 71.16 -16.71 21.50
CA ALA C 165 69.93 -17.39 21.11
C ALA C 165 69.94 -17.75 19.63
N VAL C 166 70.31 -16.79 18.78
CA VAL C 166 70.40 -17.07 17.35
C VAL C 166 71.50 -18.08 17.07
N GLN C 167 72.60 -18.03 17.84
CA GLN C 167 73.66 -19.02 17.66
C GLN C 167 73.17 -20.41 18.00
N LEU C 168 72.38 -20.55 19.07
CA LEU C 168 71.83 -21.85 19.42
C LEU C 168 70.83 -22.34 18.38
N LEU C 169 69.99 -21.43 17.87
CA LEU C 169 69.04 -21.82 16.83
C LEU C 169 69.74 -22.24 15.54
N LYS C 170 70.89 -21.64 15.24
CA LYS C 170 71.66 -22.05 14.07
C LYS C 170 72.40 -23.35 14.32
N LYS C 171 72.86 -23.58 15.55
CA LYS C 171 73.56 -24.83 15.85
C LYS C 171 72.60 -26.02 15.85
N LEU C 172 71.37 -25.82 16.32
CA LEU C 172 70.37 -26.87 16.32
C LEU C 172 69.72 -27.09 14.96
N LYS C 173 70.24 -26.43 13.91
CA LYS C 173 69.73 -26.58 12.55
C LYS C 173 68.26 -26.21 12.44
N ALA C 174 67.78 -25.33 13.32
CA ALA C 174 66.41 -24.83 13.28
C ALA C 174 66.33 -23.43 12.68
N TRP C 175 67.44 -22.90 12.18
CA TRP C 175 67.44 -21.56 11.62
C TRP C 175 66.74 -21.48 10.26
N ASN C 176 66.58 -22.62 9.58
CA ASN C 176 65.91 -22.60 8.28
C ASN C 176 64.45 -22.20 8.43
N ASP C 177 63.80 -22.65 9.50
CA ASP C 177 62.41 -22.25 9.73
C ASP C 177 62.29 -20.76 10.04
N ILE C 178 63.23 -20.21 10.81
CA ILE C 178 63.21 -18.78 11.09
C ILE C 178 63.49 -17.99 9.82
N LYS C 179 64.34 -18.53 8.94
CA LYS C 179 64.58 -17.87 7.66
C LYS C 179 63.33 -17.89 6.78
N LYS C 180 62.58 -18.99 6.80
CA LYS C 180 61.31 -19.02 6.09
C LYS C 180 60.33 -18.02 6.67
N VAL C 181 60.31 -17.88 8.00
CA VAL C 181 59.47 -16.88 8.64
C VAL C 181 59.85 -15.48 8.18
N TYR C 182 61.16 -15.19 8.15
CA TYR C 182 61.63 -13.90 7.66
C TYR C 182 61.23 -13.66 6.21
N ALA C 183 61.29 -14.71 5.38
CA ALA C 183 60.96 -14.55 3.97
C ALA C 183 59.48 -14.33 3.74
N SER C 184 58.62 -14.99 4.52
CA SER C 184 57.17 -14.87 4.36
C SER C 184 56.64 -13.93 5.42
N GLN C 185 56.70 -12.63 5.15
CA GLN C 185 56.18 -11.61 6.05
C GLN C 185 55.41 -10.56 5.24
N ARG C 186 54.58 -11.01 4.32
CA ARG C 186 53.83 -10.11 3.46
C ARG C 186 52.77 -9.36 4.25
N MET C 187 52.05 -8.49 3.55
CA MET C 187 51.06 -7.62 4.17
C MET C 187 49.70 -8.29 4.24
N ARG C 188 48.89 -7.84 5.19
CA ARG C 188 47.54 -8.39 5.36
C ARG C 188 46.71 -8.14 4.10
N ALA C 189 45.87 -9.12 3.77
CA ALA C 189 45.03 -9.04 2.59
C ALA C 189 43.63 -8.56 2.97
N GLY C 190 43.16 -7.52 2.32
CA GLY C 190 41.81 -7.03 2.51
C GLY C 190 41.72 -5.82 3.41
N LYS C 191 40.52 -5.62 3.93
CA LYS C 191 40.21 -4.47 4.78
C LYS C 191 40.75 -4.60 6.19
N GLY C 192 41.44 -5.69 6.52
CA GLY C 192 42.04 -5.83 7.84
C GLY C 192 43.20 -4.92 8.11
N LYS C 193 43.76 -4.28 7.06
CA LYS C 193 44.90 -3.41 7.26
C LYS C 193 44.51 -2.14 8.01
N MET C 194 43.25 -1.71 7.90
CA MET C 194 42.83 -0.49 8.59
C MET C 194 42.69 -0.71 10.09
N ARG C 195 42.37 -1.92 10.52
CA ARG C 195 42.13 -2.21 11.93
C ARG C 195 43.40 -2.68 12.64
N ASN C 196 44.48 -1.92 12.49
CA ASN C 196 45.73 -2.14 13.22
C ASN C 196 46.29 -3.55 13.03
N ARG C 197 46.09 -4.13 11.84
CA ARG C 197 46.61 -5.46 11.52
C ARG C 197 47.10 -5.41 10.07
N ARG C 198 48.39 -5.13 9.90
CA ARG C 198 48.98 -4.98 8.57
C ARG C 198 50.11 -5.97 8.31
N ARG C 199 50.27 -6.99 9.15
CA ARG C 199 51.39 -7.92 9.01
C ARG C 199 50.88 -9.36 9.10
N ILE C 200 51.35 -10.20 8.19
CA ILE C 200 51.13 -11.63 8.23
C ILE C 200 52.46 -12.29 8.57
N GLN C 201 52.49 -13.03 9.68
CA GLN C 201 53.69 -13.72 10.12
C GLN C 201 53.36 -15.18 10.39
N ARG C 202 54.14 -16.08 9.80
CA ARG C 202 53.93 -17.50 9.98
C ARG C 202 54.56 -17.95 11.30
N ARG C 203 53.93 -18.93 11.93
CA ARG C 203 54.38 -19.41 13.23
C ARG C 203 55.58 -20.34 13.08
N GLY C 204 56.58 -20.13 13.92
CA GLY C 204 57.76 -20.96 13.91
C GLY C 204 57.83 -21.87 15.11
N PRO C 205 59.03 -22.19 15.56
CA PRO C 205 59.17 -23.08 16.72
C PRO C 205 58.76 -22.38 18.00
N CYS C 206 58.39 -23.19 18.98
CA CYS C 206 58.03 -22.71 20.31
C CYS C 206 58.87 -23.42 21.35
N ILE C 207 59.64 -22.65 22.11
CA ILE C 207 60.52 -23.19 23.14
C ILE C 207 59.75 -23.30 24.44
N ILE C 208 59.50 -24.53 24.89
CA ILE C 208 58.78 -24.78 26.13
C ILE C 208 59.79 -24.93 27.25
N TYR C 209 59.63 -24.14 28.31
CA TYR C 209 60.61 -24.03 29.38
C TYR C 209 59.93 -24.12 30.73
N ASN C 210 60.76 -24.00 31.78
CA ASN C 210 60.29 -23.82 33.14
C ASN C 210 61.37 -23.12 33.94
N GLU C 211 60.96 -22.46 35.02
CA GLU C 211 61.86 -21.73 35.92
C GLU C 211 62.64 -20.68 35.13
N ASP C 212 61.89 -19.69 34.65
CA ASP C 212 62.46 -18.63 33.82
C ASP C 212 63.62 -17.94 34.51
N ASN C 213 64.71 -17.73 33.76
CA ASN C 213 65.88 -17.01 34.24
C ASN C 213 66.27 -15.89 33.29
N GLY C 214 65.40 -15.54 32.33
CA GLY C 214 65.70 -14.50 31.37
C GLY C 214 65.57 -14.95 29.94
N ILE C 215 65.01 -16.15 29.74
CA ILE C 215 64.85 -16.68 28.40
C ILE C 215 63.79 -15.91 27.61
N ILE C 216 62.83 -15.29 28.28
CA ILE C 216 61.83 -14.49 27.57
C ILE C 216 62.49 -13.31 26.89
N LYS C 217 63.47 -12.69 27.54
CA LYS C 217 64.20 -11.58 26.92
C LYS C 217 64.95 -12.04 25.69
N ALA C 218 65.58 -13.22 25.76
CA ALA C 218 66.37 -13.70 24.64
C ALA C 218 65.51 -14.22 23.48
N PHE C 219 64.28 -14.63 23.76
CA PHE C 219 63.41 -15.18 22.72
C PHE C 219 62.22 -14.26 22.41
N ARG C 220 62.26 -13.00 22.87
CA ARG C 220 61.13 -12.11 22.67
C ARG C 220 61.25 -11.25 21.41
N ASN C 221 62.34 -11.35 20.67
CA ASN C 221 62.56 -10.49 19.50
C ASN C 221 62.67 -11.27 18.20
N ILE C 222 62.68 -12.60 18.24
CA ILE C 222 62.77 -13.40 17.03
C ILE C 222 61.38 -13.54 16.42
N PRO C 223 61.20 -13.22 15.14
CA PRO C 223 59.87 -13.33 14.53
C PRO C 223 59.44 -14.77 14.41
N GLY C 224 58.12 -14.97 14.45
CA GLY C 224 57.53 -16.29 14.34
C GLY C 224 57.70 -17.18 15.55
N ILE C 225 58.49 -16.76 16.54
CA ILE C 225 58.73 -17.59 17.71
C ILE C 225 57.52 -17.55 18.64
N THR C 226 57.48 -18.50 19.57
CA THR C 226 56.40 -18.56 20.56
C THR C 226 57.00 -19.03 21.88
N LEU C 227 56.63 -18.35 22.97
CA LEU C 227 57.11 -18.71 24.29
C LEU C 227 55.99 -19.41 25.06
N LEU C 228 56.30 -20.58 25.63
CA LEU C 228 55.30 -21.38 26.32
C LEU C 228 55.91 -22.00 27.56
N ASN C 229 55.08 -22.19 28.58
CA ASN C 229 55.49 -22.80 29.84
C ASN C 229 54.84 -24.17 29.99
N VAL C 230 55.50 -25.04 30.75
CA VAL C 230 54.99 -26.40 30.95
C VAL C 230 53.75 -26.36 31.84
N SER C 231 53.77 -25.51 32.88
CA SER C 231 52.62 -25.43 33.77
C SER C 231 51.42 -24.77 33.12
N LYS C 232 51.62 -24.01 32.04
CA LYS C 232 50.55 -23.33 31.32
C LYS C 232 50.70 -23.65 29.83
N LEU C 233 50.14 -24.78 29.41
CA LEU C 233 50.16 -25.18 28.02
C LEU C 233 48.89 -24.70 27.32
N ASN C 234 49.07 -23.92 26.26
CA ASN C 234 47.96 -23.31 25.54
C ASN C 234 47.76 -24.03 24.21
N ILE C 235 46.50 -24.44 23.94
CA ILE C 235 46.19 -25.08 22.68
C ILE C 235 46.35 -24.10 21.53
N LEU C 236 45.99 -22.83 21.75
CA LEU C 236 46.09 -21.82 20.70
C LEU C 236 47.53 -21.65 20.23
N LYS C 237 48.50 -21.97 21.09
CA LYS C 237 49.91 -21.86 20.72
C LYS C 237 50.52 -23.20 20.32
N LEU C 238 49.99 -24.32 20.84
CA LEU C 238 50.52 -25.62 20.48
C LEU C 238 50.01 -26.10 19.13
N ALA C 239 48.74 -25.85 18.80
CA ALA C 239 48.14 -26.25 17.54
C ALA C 239 47.50 -25.02 16.90
N PRO C 240 48.29 -24.17 16.27
CA PRO C 240 47.71 -22.95 15.69
C PRO C 240 46.90 -23.26 14.44
N GLY C 241 45.78 -22.55 14.29
CA GLY C 241 44.92 -22.72 13.15
C GLY C 241 44.10 -23.99 13.13
N GLY C 242 44.16 -24.80 14.19
CA GLY C 242 43.41 -26.04 14.24
C GLY C 242 44.11 -27.23 13.64
N HIS C 243 45.41 -27.14 13.41
CA HIS C 243 46.18 -28.22 12.82
C HIS C 243 47.28 -28.63 13.80
N VAL C 244 47.40 -29.93 14.05
CA VAL C 244 48.36 -30.45 15.01
C VAL C 244 49.73 -30.58 14.34
N GLY C 245 50.77 -30.75 15.16
CA GLY C 245 52.10 -30.99 14.63
C GLY C 245 52.94 -29.73 14.46
N ARG C 246 53.08 -28.95 15.53
CA ARG C 246 53.96 -27.79 15.50
C ARG C 246 55.33 -28.19 16.05
N PHE C 247 56.39 -27.71 15.40
CA PHE C 247 57.74 -28.02 15.82
C PHE C 247 58.01 -27.43 17.20
N CYS C 248 58.55 -28.26 18.10
CA CYS C 248 58.75 -27.87 19.48
C CYS C 248 60.21 -28.03 19.86
N ILE C 249 60.67 -27.16 20.77
CA ILE C 249 62.02 -27.23 21.33
C ILE C 249 61.87 -27.21 22.85
N TRP C 250 62.37 -28.25 23.50
CA TRP C 250 62.17 -28.44 24.92
C TRP C 250 63.45 -28.17 25.68
N THR C 251 63.36 -28.25 27.01
CA THR C 251 64.49 -28.17 27.92
C THR C 251 64.53 -29.47 28.72
N GLU C 252 65.65 -29.70 29.43
CA GLU C 252 65.78 -30.92 30.21
C GLU C 252 64.71 -30.98 31.31
N SER C 253 64.58 -29.92 32.09
CA SER C 253 63.58 -29.91 33.16
C SER C 253 62.17 -29.88 32.60
N ALA C 254 61.96 -29.14 31.51
CA ALA C 254 60.64 -29.09 30.89
C ALA C 254 60.23 -30.45 30.35
N PHE C 255 61.20 -31.27 29.93
CA PHE C 255 60.92 -32.61 29.43
C PHE C 255 60.76 -33.62 30.56
N ARG C 256 61.47 -33.43 31.67
CA ARG C 256 61.33 -34.30 32.82
C ARG C 256 60.07 -34.04 33.63
N LYS C 257 59.53 -32.82 33.56
CA LYS C 257 58.32 -32.49 34.31
C LYS C 257 57.05 -33.04 33.67
N LEU C 258 57.11 -33.49 32.42
CA LEU C 258 55.90 -33.97 31.75
C LEU C 258 55.38 -35.26 32.37
N ASP C 259 56.28 -36.14 32.84
CA ASP C 259 55.85 -37.38 33.46
C ASP C 259 55.13 -37.12 34.78
N GLU C 260 55.48 -36.03 35.48
CA GLU C 260 54.82 -35.69 36.73
C GLU C 260 53.61 -34.79 36.54
N LEU C 261 53.52 -34.09 35.41
CA LEU C 261 52.40 -33.17 35.21
C LEU C 261 51.19 -33.89 34.62
N TYR C 262 51.42 -34.89 33.76
CA TYR C 262 50.33 -35.62 33.13
C TYR C 262 50.24 -37.07 33.59
N GLY C 263 51.34 -37.69 33.98
CA GLY C 263 51.32 -39.06 34.43
C GLY C 263 51.24 -40.05 33.28
N THR C 264 51.44 -41.32 33.62
CA THR C 264 51.40 -42.42 32.68
C THR C 264 50.10 -43.20 32.85
N TRP C 265 49.99 -44.30 32.11
CA TRP C 265 48.83 -45.16 32.24
C TRP C 265 48.85 -45.98 33.52
N ARG C 266 50.01 -46.08 34.18
CA ARG C 266 50.12 -46.82 35.42
C ARG C 266 49.80 -45.95 36.64
N LYS C 267 50.46 -44.81 36.77
CA LYS C 267 50.21 -43.88 37.85
C LYS C 267 49.63 -42.57 37.31
N ALA C 268 48.74 -41.98 38.09
CA ALA C 268 48.09 -40.74 37.68
C ALA C 268 49.05 -39.56 37.84
N ALA C 269 48.59 -38.38 37.41
CA ALA C 269 49.40 -37.18 37.50
C ALA C 269 49.55 -36.74 38.95
N SER C 270 50.71 -36.15 39.25
CA SER C 270 50.99 -35.66 40.59
C SER C 270 50.57 -34.21 40.77
N LEU C 271 50.80 -33.37 39.76
CA LEU C 271 50.38 -31.98 39.85
C LEU C 271 48.86 -31.84 39.79
N LYS C 272 48.25 -32.46 38.79
CA LYS C 272 46.80 -32.48 38.67
C LYS C 272 46.23 -33.60 39.52
N SER C 273 45.21 -33.29 40.30
CA SER C 273 44.73 -34.23 41.32
C SER C 273 44.01 -35.42 40.69
N ASN C 274 42.90 -35.16 40.00
CA ASN C 274 42.04 -36.23 39.50
C ASN C 274 42.13 -36.39 37.99
N TYR C 275 43.33 -36.24 37.41
CA TYR C 275 43.52 -36.39 35.99
C TYR C 275 44.39 -37.60 35.69
N ASN C 276 43.99 -38.36 34.67
CA ASN C 276 44.76 -39.50 34.19
C ASN C 276 44.92 -39.38 32.67
N LEU C 277 45.88 -40.12 32.14
CA LEU C 277 46.14 -40.07 30.72
C LEU C 277 44.96 -40.65 29.94
N PRO C 278 44.62 -40.06 28.79
CA PRO C 278 43.47 -40.55 28.02
C PRO C 278 43.66 -41.99 27.58
N MET C 279 42.54 -42.70 27.44
CA MET C 279 42.59 -44.11 27.08
C MET C 279 42.86 -44.28 25.59
N HIS C 280 43.45 -45.43 25.25
CA HIS C 280 43.94 -45.70 23.91
C HIS C 280 43.02 -46.72 23.25
N LYS C 281 42.43 -46.35 22.11
CA LYS C 281 41.35 -47.15 21.54
C LYS C 281 41.89 -48.37 20.78
N MET C 282 42.61 -48.12 19.69
CA MET C 282 43.16 -49.19 18.86
C MET C 282 44.61 -49.39 19.27
N MET C 283 44.90 -50.56 19.86
CA MET C 283 46.24 -50.80 20.37
C MET C 283 47.27 -50.86 19.25
N ASN C 284 46.86 -51.30 18.06
CA ASN C 284 47.73 -51.33 16.89
C ASN C 284 47.04 -50.56 15.78
N THR C 285 47.56 -49.37 15.47
CA THR C 285 46.98 -48.49 14.48
C THR C 285 47.53 -48.72 13.08
N ASP C 286 48.19 -49.84 12.85
CA ASP C 286 48.73 -50.17 11.52
C ASP C 286 47.83 -51.22 10.89
N LEU C 287 47.05 -50.81 9.89
CA LEU C 287 46.13 -51.72 9.23
C LEU C 287 46.85 -52.72 8.35
N SER C 288 48.02 -52.35 7.83
CA SER C 288 48.73 -53.22 6.89
C SER C 288 49.16 -54.52 7.55
N ARG C 289 49.83 -54.43 8.70
CA ARG C 289 50.29 -55.63 9.39
C ARG C 289 49.11 -56.50 9.83
N ILE C 290 48.00 -55.89 10.25
CA ILE C 290 46.85 -56.66 10.68
C ILE C 290 46.23 -57.40 9.50
N LEU C 291 46.11 -56.74 8.34
CA LEU C 291 45.52 -57.40 7.19
C LEU C 291 46.44 -58.43 6.58
N LYS C 292 47.76 -58.25 6.70
CA LYS C 292 48.72 -59.19 6.14
C LYS C 292 49.19 -60.23 7.14
N SER C 293 48.68 -60.21 8.36
CA SER C 293 49.04 -61.21 9.34
C SER C 293 48.47 -62.57 8.94
N PRO C 294 49.18 -63.66 9.25
CA PRO C 294 48.69 -65.00 8.86
C PRO C 294 47.40 -65.38 9.55
N GLU C 295 47.15 -64.90 10.77
CA GLU C 295 45.92 -65.27 11.48
C GLU C 295 44.69 -64.73 10.77
N ILE C 296 44.79 -63.54 10.19
CA ILE C 296 43.64 -62.97 9.46
C ILE C 296 43.44 -63.70 8.14
N GLN C 297 44.51 -63.85 7.36
CA GLN C 297 44.40 -64.49 6.05
C GLN C 297 44.25 -66.00 6.14
N ARG C 298 44.25 -66.57 7.34
CA ARG C 298 44.08 -68.02 7.47
C ARG C 298 42.67 -68.47 7.12
N ALA C 299 41.67 -67.63 7.37
CA ALA C 299 40.27 -67.97 7.15
C ALA C 299 39.59 -66.90 6.32
N LEU C 300 40.25 -66.49 5.24
CA LEU C 300 39.67 -65.52 4.33
C LEU C 300 39.00 -66.22 3.15
N ARG C 301 38.38 -65.43 2.29
CA ARG C 301 37.71 -65.90 1.10
C ARG C 301 38.62 -65.72 -0.12
N ALA C 302 38.28 -66.42 -1.20
CA ALA C 302 39.01 -66.26 -2.44
C ALA C 302 38.90 -64.83 -2.94
N PRO C 303 39.93 -64.32 -3.62
CA PRO C 303 39.85 -62.93 -4.11
C PRO C 303 38.73 -62.71 -5.12
N ARG C 304 38.64 -63.57 -6.13
CA ARG C 304 37.62 -63.46 -7.19
C ARG C 304 37.68 -62.10 -7.87
N LYS C 305 38.80 -61.87 -8.55
CA LYS C 305 39.07 -60.60 -9.21
C LYS C 305 38.55 -60.54 -10.64
N LYS C 306 37.54 -61.34 -10.97
CA LYS C 306 36.94 -61.29 -12.29
C LYS C 306 35.95 -60.13 -12.37
N ILE C 307 35.89 -59.49 -13.54
CA ILE C 307 35.08 -58.29 -13.69
C ILE C 307 33.63 -58.62 -14.01
N HIS C 308 33.40 -59.56 -14.93
CA HIS C 308 32.06 -59.94 -15.37
C HIS C 308 31.29 -58.74 -15.90
N ARG C 309 31.80 -58.17 -16.98
CA ARG C 309 31.19 -57.00 -17.59
C ARG C 309 29.89 -57.38 -18.30
N ARG C 310 29.23 -56.37 -18.86
CA ARG C 310 27.96 -56.58 -19.55
C ARG C 310 28.20 -57.32 -20.87
N VAL C 311 27.39 -58.35 -21.12
CA VAL C 311 27.48 -59.14 -22.34
C VAL C 311 26.39 -58.68 -23.29
N LEU C 312 26.73 -58.51 -24.56
CA LEU C 312 25.77 -58.09 -25.57
C LEU C 312 24.91 -59.29 -25.97
N LYS C 313 23.60 -59.18 -25.78
CA LYS C 313 22.69 -60.26 -26.11
C LYS C 313 22.43 -60.29 -27.60
N LYS C 314 22.76 -61.41 -28.25
CA LYS C 314 22.52 -61.61 -29.66
C LYS C 314 21.27 -62.46 -29.86
N ASN C 315 20.49 -62.12 -30.87
CA ASN C 315 19.24 -62.82 -31.13
C ASN C 315 19.54 -64.22 -31.67
N PRO C 316 19.12 -65.29 -30.97
CA PRO C 316 19.41 -66.64 -31.49
C PRO C 316 18.69 -66.94 -32.81
N LEU C 317 17.51 -66.35 -33.02
CA LEU C 317 16.78 -66.61 -34.25
C LEU C 317 17.46 -65.99 -35.47
N LYS C 318 18.30 -64.98 -35.27
CA LYS C 318 18.95 -64.33 -36.41
C LYS C 318 20.22 -65.06 -36.82
N ASN C 319 21.16 -65.22 -35.90
CA ASN C 319 22.43 -65.85 -36.19
C ASN C 319 22.56 -67.18 -35.47
N LEU C 320 23.37 -68.07 -36.04
CA LEU C 320 23.67 -69.35 -35.42
C LEU C 320 24.77 -69.18 -34.38
N ARG C 321 25.22 -70.30 -33.82
CA ARG C 321 26.25 -70.40 -32.79
C ARG C 321 25.80 -69.82 -31.46
N ILE C 322 24.63 -69.21 -31.40
CA ILE C 322 23.96 -68.91 -30.14
C ILE C 322 22.84 -69.91 -29.88
N MET C 323 22.11 -70.27 -30.93
CA MET C 323 21.23 -71.43 -30.85
C MET C 323 22.03 -72.69 -30.53
N LEU C 324 23.27 -72.77 -31.03
CA LEU C 324 24.10 -73.92 -30.71
C LEU C 324 24.54 -73.90 -29.25
N LYS C 325 24.61 -72.72 -28.63
CA LYS C 325 24.97 -72.63 -27.22
C LYS C 325 23.78 -72.85 -26.31
N LEU C 326 22.58 -72.46 -26.74
CA LEU C 326 21.37 -72.62 -25.93
C LEU C 326 20.70 -73.97 -26.14
N ASN C 327 20.31 -74.29 -27.37
CA ASN C 327 19.67 -75.57 -27.70
C ASN C 327 20.52 -76.31 -28.72
N PRO C 328 21.40 -77.22 -28.29
CA PRO C 328 22.30 -77.87 -29.26
C PRO C 328 21.58 -78.73 -30.29
N TYR C 329 20.35 -79.16 -30.01
CA TYR C 329 19.60 -79.96 -30.96
C TYR C 329 19.22 -79.17 -32.21
N ALA C 330 19.32 -77.84 -32.15
CA ALA C 330 18.92 -77.02 -33.29
C ALA C 330 19.78 -77.29 -34.51
N LYS C 331 21.06 -77.64 -34.33
CA LYS C 331 21.92 -77.90 -35.47
C LYS C 331 21.43 -79.11 -36.27
N THR C 332 21.20 -80.23 -35.59
CA THR C 332 20.72 -81.41 -36.29
C THR C 332 19.28 -81.22 -36.78
N MET C 333 18.46 -80.44 -36.06
CA MET C 333 17.12 -80.16 -36.55
C MET C 333 17.18 -79.39 -37.87
N ARG C 334 18.08 -78.40 -37.95
CA ARG C 334 18.21 -77.63 -39.18
C ARG C 334 18.82 -78.46 -40.30
N ARG C 335 19.78 -79.32 -39.98
CA ARG C 335 20.40 -80.15 -41.02
C ARG C 335 19.42 -81.20 -41.53
N ASN C 336 18.45 -81.61 -40.72
CA ASN C 336 17.39 -82.48 -41.21
C ASN C 336 16.35 -81.71 -42.02
N THR C 337 15.99 -80.51 -41.56
CA THR C 337 14.96 -79.73 -42.24
C THR C 337 15.43 -79.31 -43.63
N ILE C 338 16.65 -78.78 -43.74
CA ILE C 338 17.16 -78.36 -45.05
C ILE C 338 17.22 -79.55 -46.00
N LEU C 339 17.69 -80.70 -45.51
CA LEU C 339 17.76 -81.88 -46.36
C LEU C 339 16.39 -82.32 -46.83
N ARG C 340 15.40 -82.33 -45.93
CA ARG C 340 14.07 -82.76 -46.32
C ARG C 340 13.43 -81.77 -47.30
N GLN C 341 13.67 -80.47 -47.12
CA GLN C 341 13.15 -79.50 -48.08
C GLN C 341 13.77 -79.67 -49.45
N ALA C 342 15.09 -79.89 -49.51
CA ALA C 342 15.75 -80.13 -50.78
C ALA C 342 15.24 -81.40 -51.45
N ARG C 343 15.05 -82.48 -50.66
CA ARG C 343 14.55 -83.72 -51.22
C ARG C 343 13.14 -83.55 -51.78
N ASN C 344 12.28 -82.86 -51.03
CA ASN C 344 10.91 -82.66 -51.49
C ASN C 344 10.87 -81.79 -52.74
N HIS C 345 11.69 -80.73 -52.79
CA HIS C 345 11.74 -79.89 -53.97
C HIS C 345 12.22 -80.67 -55.19
N LYS C 346 13.26 -81.50 -55.01
CA LYS C 346 13.75 -82.32 -56.12
C LYS C 346 12.68 -83.29 -56.59
N LEU C 347 12.00 -83.96 -55.66
CA LEU C 347 10.96 -84.91 -56.03
C LEU C 347 9.84 -84.21 -56.79
N ARG C 348 9.41 -83.04 -56.33
CA ARG C 348 8.29 -82.36 -56.98
C ARG C 348 8.68 -81.82 -58.35
N VAL C 349 9.89 -81.29 -58.49
CA VAL C 349 10.31 -80.82 -59.81
C VAL C 349 10.51 -81.98 -60.77
N LYS C 350 10.98 -83.13 -60.28
CA LYS C 350 11.10 -84.30 -61.16
C LYS C 350 9.73 -84.82 -61.58
N LYS C 351 8.76 -84.81 -60.65
CA LYS C 351 7.41 -85.20 -61.02
C LYS C 351 6.82 -84.25 -62.05
N LEU C 352 7.04 -82.95 -61.88
CA LEU C 352 6.55 -81.97 -62.85
C LEU C 352 7.17 -82.19 -64.22
N GLU C 353 8.48 -82.46 -64.26
CA GLU C 353 9.14 -82.70 -65.54
C GLU C 353 8.65 -83.99 -66.19
N ALA C 354 8.46 -85.06 -65.39
CA ALA C 354 7.97 -86.30 -65.95
C ALA C 354 6.55 -86.18 -66.45
N ALA C 355 5.74 -85.33 -65.81
CA ALA C 355 4.38 -85.08 -66.31
C ALA C 355 4.39 -84.20 -67.55
N ALA C 356 5.35 -83.28 -67.65
CA ALA C 356 5.43 -82.42 -68.83
C ALA C 356 5.91 -83.19 -70.05
N THR C 357 6.84 -84.14 -69.88
CA THR C 357 7.27 -84.96 -71.00
C THR C 357 6.21 -85.98 -71.41
N ALA C 358 5.26 -86.30 -70.52
CA ALA C 358 4.17 -87.18 -70.89
C ALA C 358 3.13 -86.50 -71.78
N LEU C 359 3.19 -85.18 -71.90
CA LEU C 359 2.26 -84.41 -72.72
C LEU C 359 2.93 -83.74 -73.91
N ALA C 360 4.17 -83.27 -73.76
CA ALA C 360 4.82 -82.53 -74.84
C ALA C 360 5.58 -83.46 -75.79
N THR C 361 6.36 -84.39 -75.24
CA THR C 361 7.18 -85.25 -76.08
C THR C 361 6.33 -86.20 -76.92
N LYS C 362 5.15 -86.58 -76.44
CA LYS C 362 4.28 -87.47 -77.22
C LYS C 362 3.69 -86.75 -78.43
N SER C 363 3.65 -85.42 -78.40
CA SER C 363 3.10 -84.66 -79.51
C SER C 363 4.14 -84.42 -80.59
N VAL D 1 -72.48 -59.78 4.22
CA VAL D 1 -73.09 -58.93 5.24
C VAL D 1 -72.01 -58.24 6.07
N LYS D 2 -71.11 -59.04 6.64
CA LYS D 2 -70.03 -58.53 7.46
C LYS D 2 -68.73 -59.23 7.11
N VAL D 3 -67.63 -58.49 7.12
CA VAL D 3 -66.33 -59.06 6.78
C VAL D 3 -65.89 -60.00 7.89
N VAL D 4 -65.14 -61.04 7.51
CA VAL D 4 -64.61 -62.04 8.43
C VAL D 4 -63.16 -62.32 8.06
N LYS D 5 -62.56 -63.25 8.78
CA LYS D 5 -61.21 -63.69 8.45
C LYS D 5 -61.20 -64.40 7.11
N ASN D 6 -60.19 -64.12 6.29
CA ASN D 6 -60.19 -64.54 4.90
C ASN D 6 -58.77 -64.97 4.51
N LYS D 7 -58.56 -65.09 3.20
CA LYS D 7 -57.26 -65.45 2.66
C LYS D 7 -56.19 -64.45 3.10
N ALA D 8 -56.53 -63.16 3.13
CA ALA D 8 -55.59 -62.15 3.61
C ALA D 8 -55.27 -62.32 5.08
N TYR D 9 -56.19 -62.89 5.86
CA TYR D 9 -55.90 -63.17 7.27
C TYR D 9 -55.00 -64.38 7.41
N PHE D 10 -55.28 -65.44 6.64
CA PHE D 10 -54.49 -66.66 6.75
C PHE D 10 -53.09 -66.49 6.16
N LYS D 11 -52.92 -65.58 5.21
CA LYS D 11 -51.61 -65.36 4.62
C LYS D 11 -50.68 -64.65 5.58
N ARG D 12 -51.22 -63.85 6.51
CA ARG D 12 -50.43 -63.13 7.49
C ARG D 12 -50.42 -63.79 8.86
N TYR D 13 -51.30 -64.76 9.10
CA TYR D 13 -51.37 -65.42 10.39
C TYR D 13 -50.08 -66.20 10.66
N GLN D 14 -49.49 -65.97 11.83
CA GLN D 14 -48.31 -66.68 12.29
C GLN D 14 -48.71 -67.61 13.43
N VAL D 15 -48.37 -68.89 13.30
CA VAL D 15 -48.77 -69.88 14.29
C VAL D 15 -47.81 -69.85 15.46
N ARG D 16 -48.31 -70.21 16.64
CA ARG D 16 -47.48 -70.32 17.83
C ARG D 16 -46.68 -71.62 17.78
N PHE D 17 -45.86 -71.84 18.80
CA PHE D 17 -45.09 -73.06 18.89
C PHE D 17 -46.03 -74.25 19.17
N ARG D 18 -45.57 -75.44 18.82
CA ARG D 18 -46.42 -76.63 18.95
C ARG D 18 -46.72 -76.92 20.41
N ARG D 19 -45.70 -76.90 21.26
CA ARG D 19 -45.90 -77.17 22.68
C ARG D 19 -46.76 -76.11 23.36
N ARG D 20 -46.93 -74.95 22.73
CA ARG D 20 -47.76 -73.89 23.27
C ARG D 20 -49.18 -73.90 22.72
N ARG D 21 -49.36 -74.41 21.50
CA ARG D 21 -50.68 -74.35 20.85
C ARG D 21 -51.73 -75.10 21.64
N GLU D 22 -51.42 -76.34 22.06
CA GLU D 22 -52.34 -77.09 22.88
C GLU D 22 -52.29 -76.69 24.36
N GLY D 23 -51.35 -75.84 24.74
CA GLY D 23 -51.30 -75.33 26.09
C GLY D 23 -50.52 -76.17 27.09
N LYS D 24 -49.49 -76.88 26.63
CA LYS D 24 -48.72 -77.73 27.53
C LYS D 24 -47.58 -77.00 28.21
N THR D 25 -47.14 -75.85 27.69
CA THR D 25 -46.05 -75.09 28.28
C THR D 25 -46.39 -73.61 28.23
N ASP D 26 -45.44 -72.80 28.70
CA ASP D 26 -45.57 -71.34 28.65
C ASP D 26 -44.40 -70.65 27.99
N TYR D 27 -43.23 -71.29 27.90
CA TYR D 27 -42.02 -70.74 27.29
C TYR D 27 -41.53 -69.48 27.99
N TYR D 28 -42.12 -69.12 29.12
CA TYR D 28 -41.63 -68.02 29.96
C TYR D 28 -40.94 -68.53 31.21
N ALA D 29 -41.60 -69.37 32.00
CA ALA D 29 -40.94 -69.99 33.14
C ALA D 29 -39.87 -70.98 32.69
N ARG D 30 -40.07 -71.62 31.53
CA ARG D 30 -39.06 -72.53 31.01
C ARG D 30 -37.77 -71.80 30.65
N LYS D 31 -37.90 -70.58 30.11
CA LYS D 31 -36.72 -69.81 29.73
C LYS D 31 -35.83 -69.50 30.92
N ARG D 32 -36.39 -69.49 32.13
CA ARG D 32 -35.60 -69.27 33.33
C ARG D 32 -35.27 -70.56 34.06
N LEU D 33 -36.05 -71.62 33.84
CA LEU D 33 -35.84 -72.89 34.52
C LEU D 33 -34.84 -73.81 33.84
N VAL D 34 -34.70 -73.71 32.52
CA VAL D 34 -33.87 -74.65 31.78
C VAL D 34 -32.52 -74.07 31.40
N ILE D 35 -32.45 -72.76 31.15
CA ILE D 35 -31.23 -72.17 30.65
C ILE D 35 -30.17 -72.14 31.74
N GLN D 36 -28.94 -72.48 31.39
CA GLN D 36 -27.82 -72.53 32.30
C GLN D 36 -26.86 -71.38 32.02
N ASP D 37 -26.31 -70.79 33.08
CA ASP D 37 -25.35 -69.71 32.94
C ASP D 37 -24.13 -70.19 32.14
N LYS D 38 -23.64 -69.33 31.25
CA LYS D 38 -22.54 -69.72 30.38
C LYS D 38 -21.22 -69.90 31.11
N ASN D 39 -21.11 -69.43 32.35
CA ASN D 39 -19.95 -69.78 33.17
C ASN D 39 -19.87 -71.28 33.37
N LYS D 40 -21.01 -71.92 33.59
CA LYS D 40 -21.10 -73.38 33.62
C LYS D 40 -21.40 -73.84 32.20
N TYR D 41 -20.34 -74.13 31.45
CA TYR D 41 -20.47 -74.37 30.02
C TYR D 41 -21.34 -75.57 29.73
N ASN D 42 -20.90 -76.76 30.14
CA ASN D 42 -21.62 -78.00 29.87
C ASN D 42 -22.24 -78.60 31.13
N THR D 43 -22.29 -77.85 32.23
CA THR D 43 -22.91 -78.37 33.44
C THR D 43 -24.42 -78.42 33.27
N PRO D 44 -25.04 -79.59 33.45
CA PRO D 44 -26.49 -79.68 33.24
C PRO D 44 -27.25 -79.05 34.40
N LYS D 45 -28.48 -78.64 34.09
CA LYS D 45 -29.40 -78.04 35.07
C LYS D 45 -30.53 -79.04 35.31
N TYR D 46 -30.49 -79.70 36.46
CA TYR D 46 -31.44 -80.75 36.76
C TYR D 46 -32.73 -80.19 37.34
N ARG D 47 -33.85 -80.54 36.72
CA ARG D 47 -35.16 -80.09 37.17
C ARG D 47 -36.09 -81.29 37.31
N MET D 48 -36.77 -81.35 38.44
CA MET D 48 -37.78 -82.38 38.70
C MET D 48 -39.14 -81.86 38.26
N ILE D 49 -39.77 -82.59 37.36
CA ILE D 49 -41.05 -82.20 36.77
C ILE D 49 -42.13 -83.07 37.40
N VAL D 50 -43.14 -82.44 37.99
CA VAL D 50 -44.26 -83.13 38.62
C VAL D 50 -45.53 -82.69 37.91
N ARG D 51 -46.27 -83.64 37.36
CA ARG D 51 -47.51 -83.39 36.64
C ARG D 51 -48.61 -84.26 37.21
N VAL D 52 -49.67 -83.63 37.71
CA VAL D 52 -50.79 -84.33 38.33
C VAL D 52 -51.93 -84.37 37.32
N THR D 53 -52.13 -85.52 36.69
CA THR D 53 -53.24 -85.72 35.76
C THR D 53 -54.36 -86.43 36.50
N ASN D 54 -55.42 -86.77 35.77
CA ASN D 54 -56.51 -87.52 36.34
C ASN D 54 -56.09 -88.98 36.52
N ARG D 55 -56.21 -89.48 37.75
CA ARG D 55 -55.89 -90.86 38.13
C ARG D 55 -54.40 -91.17 38.05
N ASP D 56 -53.53 -90.16 37.97
CA ASP D 56 -52.10 -90.44 37.88
C ASP D 56 -51.30 -89.19 38.23
N ILE D 57 -50.06 -89.43 38.67
CA ILE D 57 -49.09 -88.38 38.93
C ILE D 57 -47.74 -88.83 38.39
N ILE D 58 -47.14 -88.02 37.53
CA ILE D 58 -45.91 -88.35 36.84
C ILE D 58 -44.81 -87.45 37.38
N CYS D 59 -43.73 -88.05 37.87
CA CYS D 59 -42.57 -87.32 38.38
C CYS D 59 -41.33 -87.78 37.65
N GLN D 60 -40.61 -86.83 37.06
CA GLN D 60 -39.38 -87.12 36.33
C GLN D 60 -38.31 -86.13 36.74
N ILE D 61 -37.08 -86.39 36.29
CA ILE D 61 -35.97 -85.45 36.45
C ILE D 61 -35.25 -85.38 35.11
N ALA D 62 -35.08 -84.16 34.60
CA ALA D 62 -34.52 -83.95 33.28
C ALA D 62 -33.56 -82.76 33.28
N TYR D 63 -32.75 -82.70 32.24
CA TYR D 63 -31.84 -81.58 32.01
C TYR D 63 -31.87 -81.18 30.54
N ALA D 64 -31.23 -80.06 30.25
CA ALA D 64 -31.32 -79.44 28.93
C ALA D 64 -30.44 -80.16 27.92
N ARG D 65 -30.86 -80.10 26.65
CA ARG D 65 -30.08 -80.63 25.54
C ARG D 65 -30.66 -80.07 24.25
N ILE D 66 -29.81 -80.00 23.22
CA ILE D 66 -30.24 -79.44 21.94
C ILE D 66 -31.34 -80.29 21.32
N GLU D 67 -31.18 -81.61 21.34
CA GLU D 67 -32.14 -82.49 20.69
C GLU D 67 -33.44 -82.57 21.48
N GLY D 68 -33.38 -82.46 22.79
CA GLY D 68 -34.56 -82.55 23.63
C GLY D 68 -34.19 -82.77 25.07
N ASP D 69 -35.14 -82.46 25.95
CA ASP D 69 -34.93 -82.59 27.39
C ASP D 69 -34.56 -84.02 27.75
N MET D 70 -33.32 -84.23 28.20
CA MET D 70 -32.82 -85.55 28.53
C MET D 70 -33.28 -85.93 29.93
N ILE D 71 -34.06 -87.01 30.03
CA ILE D 71 -34.57 -87.46 31.32
C ILE D 71 -33.63 -88.51 31.88
N VAL D 72 -33.19 -88.33 33.13
CA VAL D 72 -32.26 -89.27 33.75
C VAL D 72 -33.02 -90.38 34.46
N CYS D 73 -34.13 -90.04 35.10
CA CYS D 73 -34.93 -91.03 35.82
C CYS D 73 -36.38 -90.56 35.86
N ALA D 74 -37.28 -91.50 36.12
CA ALA D 74 -38.70 -91.20 36.12
C ALA D 74 -39.43 -92.14 37.08
N ALA D 75 -40.43 -91.61 37.77
CA ALA D 75 -41.28 -92.38 38.66
C ALA D 75 -42.74 -92.06 38.37
N TYR D 76 -43.61 -93.02 38.59
CA TYR D 76 -45.03 -92.89 38.30
C TYR D 76 -45.85 -93.34 39.50
N ALA D 77 -47.17 -93.24 39.34
CA ALA D 77 -48.09 -93.63 40.41
C ALA D 77 -48.55 -95.08 40.29
N HIS D 78 -48.60 -95.63 39.07
CA HIS D 78 -49.03 -97.01 38.89
C HIS D 78 -48.05 -98.03 39.45
N GLU D 79 -46.88 -97.58 39.92
CA GLU D 79 -45.93 -98.47 40.58
C GLU D 79 -46.24 -98.65 42.06
N LEU D 80 -47.06 -97.80 42.65
CA LEU D 80 -47.40 -97.94 44.06
C LEU D 80 -48.14 -99.23 44.39
N PRO D 81 -49.00 -99.79 43.53
CA PRO D 81 -49.54 -101.13 43.82
C PRO D 81 -48.46 -102.19 43.94
N LYS D 82 -47.30 -101.99 43.31
CA LYS D 82 -46.20 -102.93 43.45
C LYS D 82 -45.42 -102.72 44.75
N TYR D 83 -45.49 -101.53 45.33
CA TYR D 83 -44.78 -101.24 46.57
C TYR D 83 -45.68 -101.33 47.80
N GLY D 84 -46.98 -101.49 47.61
CA GLY D 84 -47.89 -101.71 48.73
C GLY D 84 -49.06 -100.74 48.83
N VAL D 85 -49.23 -99.84 47.86
CA VAL D 85 -50.34 -98.89 47.87
C VAL D 85 -51.19 -99.19 46.63
N LYS D 86 -52.26 -99.95 46.82
CA LYS D 86 -53.09 -100.38 45.71
C LYS D 86 -54.17 -99.37 45.37
N VAL D 87 -54.78 -98.75 46.37
CA VAL D 87 -55.88 -97.82 46.18
C VAL D 87 -55.37 -96.40 46.43
N GLY D 88 -55.94 -95.44 45.70
CA GLY D 88 -55.56 -94.04 45.88
C GLY D 88 -54.26 -93.69 45.20
N LEU D 89 -54.22 -93.78 43.88
CA LEU D 89 -53.01 -93.50 43.12
C LEU D 89 -52.83 -92.01 42.81
N THR D 90 -53.66 -91.14 43.39
CA THR D 90 -53.58 -89.70 43.14
C THR D 90 -53.81 -88.90 44.43
N ASN D 91 -53.37 -89.43 45.57
CA ASN D 91 -53.54 -88.70 46.81
C ASN D 91 -52.25 -87.96 47.18
N TYR D 92 -52.34 -87.12 48.20
CA TYR D 92 -51.17 -86.38 48.65
C TYR D 92 -50.12 -87.33 49.22
N ALA D 93 -50.56 -88.36 49.95
CA ALA D 93 -49.62 -89.38 50.40
C ALA D 93 -49.01 -90.12 49.23
N ALA D 94 -49.79 -90.33 48.16
CA ALA D 94 -49.24 -90.95 46.96
C ALA D 94 -48.17 -90.09 46.32
N ALA D 95 -48.39 -88.77 46.32
CA ALA D 95 -47.37 -87.86 45.80
C ALA D 95 -46.11 -87.92 46.65
N TYR D 96 -46.28 -87.95 47.98
CA TYR D 96 -45.12 -88.09 48.86
C TYR D 96 -44.36 -89.38 48.57
N CYS D 97 -45.09 -90.49 48.43
CA CYS D 97 -44.44 -91.78 48.17
C CYS D 97 -43.74 -91.79 46.82
N THR D 98 -44.35 -91.22 45.79
CA THR D 98 -43.71 -91.25 44.48
C THR D 98 -42.50 -90.32 44.42
N GLY D 99 -42.54 -89.18 45.14
CA GLY D 99 -41.36 -88.35 45.24
C GLY D 99 -40.23 -89.06 45.97
N LEU D 100 -40.55 -89.72 47.09
CA LEU D 100 -39.55 -90.49 47.81
C LEU D 100 -38.97 -91.60 46.94
N LEU D 101 -39.83 -92.25 46.14
CA LEU D 101 -39.37 -93.33 45.27
C LEU D 101 -38.45 -92.79 44.18
N LEU D 102 -38.81 -91.66 43.58
CA LEU D 102 -37.94 -91.04 42.59
C LEU D 102 -36.58 -90.69 43.19
N ALA D 103 -36.58 -90.09 44.38
CA ALA D 103 -35.32 -89.72 45.01
C ALA D 103 -34.47 -90.94 45.32
N ARG D 104 -35.09 -91.98 45.88
CA ARG D 104 -34.34 -93.19 46.22
C ARG D 104 -33.81 -93.88 44.97
N ARG D 105 -34.60 -93.91 43.90
CA ARG D 105 -34.15 -94.53 42.66
C ARG D 105 -33.00 -93.76 42.03
N LEU D 106 -33.07 -92.42 42.02
CA LEU D 106 -31.96 -91.63 41.49
C LEU D 106 -30.70 -91.84 42.31
N LEU D 107 -30.83 -91.85 43.64
CA LEU D 107 -29.65 -92.06 44.49
C LEU D 107 -29.07 -93.46 44.33
N ASN D 108 -29.91 -94.49 44.19
CA ASN D 108 -29.40 -95.84 43.98
C ASN D 108 -28.78 -96.01 42.61
N ARG D 109 -29.27 -95.29 41.60
CA ARG D 109 -28.65 -95.35 40.29
C ARG D 109 -27.30 -94.63 40.29
N PHE D 110 -27.20 -93.52 41.02
CA PHE D 110 -25.93 -92.82 41.13
C PHE D 110 -25.00 -93.42 42.17
N GLY D 111 -25.44 -94.43 42.92
CA GLY D 111 -24.61 -95.07 43.91
C GLY D 111 -24.51 -94.36 45.24
N MET D 112 -25.24 -93.25 45.41
CA MET D 112 -25.20 -92.47 46.65
C MET D 112 -26.40 -92.77 47.55
N ASP D 113 -26.87 -94.02 47.57
CA ASP D 113 -28.00 -94.38 48.41
C ASP D 113 -27.59 -94.58 49.86
N LYS D 114 -26.36 -95.03 50.10
CA LYS D 114 -25.90 -95.24 51.47
C LYS D 114 -25.82 -93.93 52.22
N ILE D 115 -25.01 -92.99 51.72
CA ILE D 115 -24.93 -91.65 52.30
C ILE D 115 -26.15 -90.86 51.85
N TYR D 116 -26.42 -89.72 52.51
CA TYR D 116 -27.57 -88.88 52.20
C TYR D 116 -28.87 -89.67 52.31
N GLU D 117 -29.08 -90.30 53.46
CA GLU D 117 -30.28 -91.07 53.68
C GLU D 117 -31.52 -90.19 53.81
N GLY D 118 -31.35 -88.92 54.13
CA GLY D 118 -32.47 -88.01 54.26
C GLY D 118 -33.23 -88.21 55.56
N GLN D 119 -34.42 -87.63 55.59
CA GLN D 119 -35.29 -87.71 56.76
C GLN D 119 -36.09 -89.00 56.69
N VAL D 120 -35.75 -89.96 57.56
CA VAL D 120 -36.48 -91.23 57.58
C VAL D 120 -37.77 -91.09 58.38
N GLU D 121 -37.69 -90.56 59.59
CA GLU D 121 -38.88 -90.34 60.40
C GLU D 121 -39.64 -89.13 59.88
N VAL D 122 -40.82 -89.38 59.30
CA VAL D 122 -41.62 -88.29 58.74
C VAL D 122 -42.21 -87.47 59.88
N ASN D 123 -41.89 -86.18 59.90
CA ASN D 123 -42.39 -85.28 60.92
C ASN D 123 -43.08 -84.03 60.39
N GLY D 124 -42.89 -83.68 59.12
CA GLY D 124 -43.52 -82.51 58.55
C GLY D 124 -42.67 -81.26 58.54
N GLY D 125 -41.50 -81.28 59.18
CA GLY D 125 -40.62 -80.12 59.21
C GLY D 125 -39.63 -80.12 58.06
N GLU D 126 -38.99 -78.97 57.88
CA GLU D 126 -38.01 -78.82 56.82
C GLU D 126 -36.75 -79.61 57.15
N TYR D 127 -36.10 -80.14 56.11
CA TYR D 127 -34.88 -80.93 56.27
C TYR D 127 -33.65 -80.23 55.73
N ASN D 128 -33.71 -79.74 54.49
CA ASN D 128 -32.63 -78.99 53.85
C ASN D 128 -31.34 -79.82 53.83
N VAL D 129 -31.40 -80.88 53.02
CA VAL D 129 -30.28 -81.81 52.87
C VAL D 129 -28.99 -81.03 52.62
N GLU D 130 -27.97 -81.31 53.43
CA GLU D 130 -26.68 -80.66 53.33
C GLU D 130 -25.62 -81.66 52.88
N SER D 131 -24.56 -81.14 52.27
CA SER D 131 -23.49 -81.98 51.76
C SER D 131 -22.53 -82.36 52.88
N ILE D 132 -21.90 -83.53 52.71
CA ILE D 132 -20.92 -84.05 53.66
C ILE D 132 -19.55 -83.97 53.02
N ASP D 133 -18.57 -83.51 53.81
CA ASP D 133 -17.21 -83.38 53.30
C ASP D 133 -16.59 -84.74 53.05
N GLY D 134 -15.69 -84.79 52.08
CA GLY D 134 -15.02 -86.03 51.71
C GLY D 134 -15.87 -87.02 50.94
N GLN D 135 -17.10 -86.66 50.59
CA GLN D 135 -18.02 -87.50 49.86
C GLN D 135 -18.61 -86.72 48.70
N PRO D 136 -19.13 -87.40 47.68
CA PRO D 136 -19.76 -86.68 46.56
C PRO D 136 -20.88 -85.78 47.06
N GLY D 137 -20.94 -84.58 46.48
CA GLY D 137 -21.92 -83.60 46.91
C GLY D 137 -23.34 -84.04 46.64
N ALA D 138 -24.27 -83.44 47.39
CA ALA D 138 -25.68 -83.78 47.25
C ALA D 138 -26.20 -83.36 45.89
N PHE D 139 -27.24 -84.06 45.44
CA PHE D 139 -27.85 -83.79 44.14
C PHE D 139 -28.67 -82.52 44.23
N THR D 140 -28.16 -81.43 43.63
CA THR D 140 -28.87 -80.17 43.61
C THR D 140 -29.79 -80.12 42.40
N CYS D 141 -31.09 -80.06 42.65
CA CYS D 141 -32.10 -80.06 41.60
C CYS D 141 -33.15 -78.99 41.91
N TYR D 142 -33.86 -78.56 40.87
CA TYR D 142 -34.87 -77.52 41.00
C TYR D 142 -36.24 -78.12 40.70
N LEU D 143 -37.28 -77.30 40.83
CA LEU D 143 -38.65 -77.77 40.67
C LEU D 143 -39.27 -77.18 39.40
N ASP D 144 -40.15 -77.96 38.77
CA ASP D 144 -40.90 -77.52 37.60
C ASP D 144 -42.38 -77.60 37.95
N ALA D 145 -43.01 -76.44 38.15
CA ALA D 145 -44.43 -76.42 38.48
C ALA D 145 -45.29 -76.67 37.25
N GLY D 146 -44.90 -76.10 36.11
CA GLY D 146 -45.66 -76.30 34.89
C GLY D 146 -46.77 -75.29 34.78
N LEU D 147 -47.97 -75.77 34.45
CA LEU D 147 -49.13 -74.91 34.28
C LEU D 147 -50.00 -74.82 35.53
N ALA D 148 -49.78 -75.69 36.52
CA ALA D 148 -50.59 -75.66 37.72
C ALA D 148 -50.31 -74.43 38.55
N ARG D 149 -51.37 -73.87 39.13
CA ARG D 149 -51.23 -72.69 39.98
C ARG D 149 -50.58 -73.06 41.30
N THR D 150 -49.49 -72.40 41.63
CA THR D 150 -48.75 -72.71 42.85
C THR D 150 -49.47 -72.19 44.09
N THR D 151 -50.31 -73.02 44.69
CA THR D 151 -51.08 -72.67 45.87
C THR D 151 -50.67 -73.57 47.02
N THR D 152 -50.71 -73.03 48.24
CA THR D 152 -50.34 -73.78 49.44
C THR D 152 -51.15 -75.05 49.59
N GLY D 153 -50.49 -76.19 49.55
CA GLY D 153 -51.15 -77.47 49.65
C GLY D 153 -51.27 -78.25 48.35
N ASN D 154 -50.32 -78.13 47.44
CA ASN D 154 -50.41 -78.77 46.13
C ASN D 154 -49.61 -80.08 46.11
N LYS D 155 -50.04 -80.97 45.23
CA LYS D 155 -49.36 -82.26 45.11
C LYS D 155 -47.94 -82.11 44.56
N VAL D 156 -47.67 -81.06 43.79
CA VAL D 156 -46.29 -80.81 43.38
C VAL D 156 -45.42 -80.53 44.60
N PHE D 157 -45.92 -79.75 45.56
CA PHE D 157 -45.19 -79.53 46.79
C PHE D 157 -45.15 -80.75 47.68
N GLY D 158 -46.16 -81.62 47.62
CA GLY D 158 -46.06 -82.90 48.29
C GLY D 158 -44.93 -83.76 47.76
N ALA D 159 -44.82 -83.84 46.42
CA ALA D 159 -43.71 -84.55 45.82
C ALA D 159 -42.38 -83.89 46.14
N LEU D 160 -42.38 -82.56 46.24
CA LEU D 160 -41.17 -81.84 46.65
C LEU D 160 -40.74 -82.23 48.06
N LYS D 161 -41.70 -82.31 48.99
CA LYS D 161 -41.40 -82.76 50.34
C LYS D 161 -40.89 -84.19 50.34
N GLY D 162 -41.51 -85.05 49.54
CA GLY D 162 -41.03 -86.42 49.43
C GLY D 162 -39.60 -86.50 48.94
N ALA D 163 -39.26 -85.68 47.94
CA ALA D 163 -37.90 -85.69 47.40
C ALA D 163 -36.90 -85.14 48.41
N VAL D 164 -37.25 -84.05 49.10
CA VAL D 164 -36.31 -83.47 50.06
C VAL D 164 -36.15 -84.37 51.27
N ASP D 165 -37.15 -85.21 51.57
CA ASP D 165 -36.97 -86.21 52.60
C ASP D 165 -36.16 -87.40 52.09
N GLY D 166 -36.27 -87.72 50.80
CA GLY D 166 -35.45 -88.76 50.21
C GLY D 166 -33.99 -88.40 50.09
N GLY D 167 -33.68 -87.10 50.01
CA GLY D 167 -32.30 -86.67 50.00
C GLY D 167 -31.87 -85.86 48.80
N LEU D 168 -32.82 -85.17 48.17
CA LEU D 168 -32.52 -84.29 47.04
C LEU D 168 -32.45 -82.86 47.55
N SER D 169 -31.28 -82.23 47.40
CA SER D 169 -31.06 -80.86 47.85
C SER D 169 -31.77 -79.91 46.89
N ILE D 170 -33.00 -79.55 47.24
CA ILE D 170 -33.83 -78.66 46.43
C ILE D 170 -34.18 -77.45 47.27
N PRO D 171 -33.90 -76.23 46.82
CA PRO D 171 -34.28 -75.05 47.60
C PRO D 171 -35.79 -74.86 47.60
N HIS D 172 -36.34 -74.60 48.78
CA HIS D 172 -37.78 -74.46 48.94
C HIS D 172 -38.07 -73.71 50.24
N SER D 173 -39.34 -73.38 50.44
CA SER D 173 -39.82 -72.73 51.65
C SER D 173 -40.95 -73.56 52.25
N THR D 174 -41.20 -73.33 53.53
CA THR D 174 -42.20 -74.08 54.27
C THR D 174 -43.58 -73.42 54.25
N LYS D 175 -43.74 -72.30 53.54
CA LYS D 175 -45.03 -71.62 53.51
C LYS D 175 -45.99 -72.21 52.50
N ARG D 176 -45.51 -73.05 51.58
CA ARG D 176 -46.37 -73.64 50.57
C ARG D 176 -46.87 -75.03 50.94
N PHE D 177 -46.31 -75.65 51.99
CA PHE D 177 -46.79 -76.95 52.41
C PHE D 177 -48.13 -76.81 53.13
N PRO D 178 -48.98 -77.83 53.07
CA PRO D 178 -50.25 -77.77 53.78
C PRO D 178 -50.03 -77.65 55.29
N GLY D 179 -50.80 -76.76 55.91
CA GLY D 179 -50.65 -76.45 57.32
C GLY D 179 -50.15 -75.05 57.60
N TYR D 180 -49.82 -74.28 56.57
CA TYR D 180 -49.38 -72.90 56.77
C TYR D 180 -50.60 -72.00 56.92
N ASP D 181 -50.72 -71.36 58.08
CA ASP D 181 -51.87 -70.51 58.35
C ASP D 181 -51.80 -69.24 57.52
N SER D 182 -52.98 -68.69 57.22
CA SER D 182 -53.08 -67.45 56.46
C SER D 182 -53.22 -66.23 57.36
N GLU D 183 -53.86 -66.38 58.53
CA GLU D 183 -53.96 -65.26 59.45
C GLU D 183 -52.63 -64.97 60.12
N SER D 184 -51.95 -66.02 60.59
CA SER D 184 -50.63 -65.90 61.19
C SER D 184 -49.59 -66.49 60.24
N LYS D 185 -48.36 -65.97 60.34
CA LYS D 185 -47.28 -66.38 59.47
C LYS D 185 -46.52 -67.61 59.99
N GLU D 186 -46.96 -68.17 61.12
CA GLU D 186 -46.28 -69.34 61.66
C GLU D 186 -46.70 -70.60 60.91
N PHE D 187 -45.86 -71.62 61.01
CA PHE D 187 -46.10 -72.91 60.37
C PHE D 187 -46.13 -74.01 61.42
N ASN D 188 -46.99 -75.00 61.19
CA ASN D 188 -47.15 -76.13 62.10
C ASN D 188 -46.82 -77.41 61.35
N ALA D 189 -45.86 -78.18 61.88
CA ALA D 189 -45.46 -79.43 61.24
C ALA D 189 -46.39 -80.59 61.59
N GLU D 190 -47.13 -80.49 62.68
CA GLU D 190 -48.03 -81.58 63.08
C GLU D 190 -49.14 -81.77 62.06
N VAL D 191 -49.81 -80.67 61.67
CA VAL D 191 -50.84 -80.77 60.66
C VAL D 191 -50.26 -81.19 59.31
N HIS D 192 -49.04 -80.76 59.01
CA HIS D 192 -48.40 -81.15 57.76
C HIS D 192 -48.14 -82.65 57.71
N ARG D 193 -47.61 -83.22 58.80
CA ARG D 193 -47.38 -84.67 58.81
C ARG D 193 -48.68 -85.44 58.87
N LYS D 194 -49.72 -84.88 59.50
CA LYS D 194 -51.03 -85.52 59.47
C LYS D 194 -51.58 -85.57 58.05
N HIS D 195 -51.39 -84.49 57.29
CA HIS D 195 -51.83 -84.48 55.90
C HIS D 195 -50.96 -85.38 55.03
N ILE D 196 -49.69 -85.53 55.38
CA ILE D 196 -48.80 -86.39 54.60
C ILE D 196 -49.17 -87.85 54.80
N MET D 197 -49.38 -88.26 56.06
CA MET D 197 -49.72 -89.65 56.35
C MET D 197 -51.11 -90.04 55.85
N GLY D 198 -51.88 -89.10 55.32
CA GLY D 198 -53.18 -89.40 54.78
C GLY D 198 -54.25 -89.57 55.84
N GLN D 199 -54.33 -88.60 56.76
CA GLN D 199 -55.32 -88.66 57.83
C GLN D 199 -56.57 -87.85 57.51
N ASN D 200 -56.47 -86.86 56.62
CA ASN D 200 -57.67 -86.11 56.23
C ASN D 200 -58.65 -86.98 55.47
N VAL D 201 -58.14 -87.85 54.59
CA VAL D 201 -59.02 -88.78 53.88
C VAL D 201 -59.63 -89.79 54.85
N ALA D 202 -58.89 -90.18 55.90
CA ALA D 202 -59.45 -91.06 56.90
C ALA D 202 -60.56 -90.38 57.68
N ASP D 203 -60.37 -89.10 58.04
CA ASP D 203 -61.42 -88.36 58.72
C ASP D 203 -62.64 -88.19 57.82
N TYR D 204 -62.42 -87.98 56.52
CA TYR D 204 -63.54 -87.89 55.59
C TYR D 204 -64.30 -89.21 55.50
N MET D 205 -63.57 -90.33 55.44
CA MET D 205 -64.22 -91.63 55.39
C MET D 205 -65.03 -91.90 56.66
N ARG D 206 -64.47 -91.55 57.82
CA ARG D 206 -65.20 -91.73 59.07
C ARG D 206 -66.44 -90.84 59.13
N TYR D 207 -66.31 -89.59 58.66
CA TYR D 207 -67.46 -88.69 58.65
C TYR D 207 -68.56 -89.21 57.74
N LEU D 208 -68.19 -89.73 56.56
CA LEU D 208 -69.19 -90.30 55.67
C LEU D 208 -69.84 -91.53 56.28
N MET D 209 -69.05 -92.44 56.85
CA MET D 209 -69.61 -93.61 57.50
C MET D 209 -70.51 -93.28 58.67
N GLU D 210 -70.27 -92.15 59.34
CA GLU D 210 -71.11 -91.74 60.46
C GLU D 210 -72.38 -91.02 60.02
N GLU D 211 -72.32 -90.25 58.94
CA GLU D 211 -73.49 -89.48 58.52
C GLU D 211 -74.35 -90.23 57.49
N ASP D 212 -73.77 -90.57 56.34
CA ASP D 212 -74.56 -91.08 55.21
C ASP D 212 -73.86 -92.28 54.61
N GLU D 213 -74.56 -93.42 54.60
CA GLU D 213 -73.98 -94.64 54.05
C GLU D 213 -73.97 -94.63 52.52
N ASP D 214 -74.95 -93.95 51.91
CA ASP D 214 -74.97 -93.87 50.45
C ASP D 214 -73.74 -93.15 49.93
N ALA D 215 -73.29 -92.11 50.64
CA ALA D 215 -72.07 -91.42 50.23
C ALA D 215 -70.84 -92.31 50.38
N TYR D 216 -70.76 -93.08 51.47
CA TYR D 216 -69.64 -94.00 51.67
C TYR D 216 -69.68 -95.16 50.68
N LYS D 217 -70.83 -95.47 50.11
CA LYS D 217 -70.92 -96.49 49.08
C LYS D 217 -70.59 -95.96 47.70
N LYS D 218 -71.02 -94.73 47.39
CA LYS D 218 -70.70 -94.12 46.11
C LYS D 218 -69.21 -93.78 46.04
N GLN D 219 -68.73 -92.94 46.96
CA GLN D 219 -67.32 -92.62 47.03
C GLN D 219 -66.55 -93.74 47.73
N PHE D 220 -65.24 -93.78 47.48
CA PHE D 220 -64.35 -94.79 48.08
C PHE D 220 -64.79 -96.20 47.72
N SER D 221 -65.36 -96.38 46.51
CA SER D 221 -65.75 -97.71 46.08
C SER D 221 -64.55 -98.63 45.96
N GLN D 222 -63.46 -98.13 45.37
CA GLN D 222 -62.23 -98.91 45.33
C GLN D 222 -61.66 -99.16 46.73
N TYR D 223 -61.85 -98.23 47.66
CA TYR D 223 -61.39 -98.44 49.02
C TYR D 223 -62.15 -99.59 49.69
N ILE D 224 -63.48 -99.60 49.56
CA ILE D 224 -64.24 -100.70 50.14
C ILE D 224 -64.05 -101.99 49.36
N LYS D 225 -63.62 -101.90 48.10
CA LYS D 225 -63.29 -103.11 47.34
C LYS D 225 -61.99 -103.72 47.86
N ASN D 226 -60.99 -102.88 48.11
CA ASN D 226 -59.72 -103.32 48.71
C ASN D 226 -59.78 -103.33 50.23
N ASN D 227 -61.00 -103.26 50.79
CA ASN D 227 -61.31 -103.34 52.23
C ASN D 227 -60.29 -102.64 53.12
N VAL D 228 -59.84 -101.46 52.69
CA VAL D 228 -58.90 -100.66 53.47
C VAL D 228 -59.72 -99.68 54.31
N THR D 229 -59.76 -99.92 55.61
CA THR D 229 -60.47 -99.06 56.54
C THR D 229 -59.62 -97.83 56.87
N PRO D 230 -60.24 -96.75 57.34
CA PRO D 230 -59.46 -95.51 57.59
C PRO D 230 -58.38 -95.67 58.64
N ASP D 231 -58.45 -96.69 59.50
CA ASP D 231 -57.42 -96.89 60.51
C ASP D 231 -56.20 -97.63 59.97
N MET D 232 -56.28 -98.21 58.78
CA MET D 232 -55.15 -98.92 58.19
C MET D 232 -54.25 -98.04 57.34
N MET D 233 -54.73 -96.85 56.94
CA MET D 233 -53.94 -95.97 56.11
C MET D 233 -52.77 -95.35 56.87
N GLU D 234 -52.86 -95.27 58.20
CA GLU D 234 -51.73 -94.75 58.96
C GLU D 234 -50.54 -95.70 58.90
N GLU D 235 -50.81 -97.00 58.83
CA GLU D 235 -49.74 -98.00 58.78
C GLU D 235 -49.35 -98.38 57.35
N MET D 236 -50.28 -98.29 56.39
CA MET D 236 -49.95 -98.73 55.03
C MET D 236 -48.89 -97.83 54.41
N TYR D 237 -48.94 -96.52 54.65
CA TYR D 237 -47.92 -95.64 54.10
C TYR D 237 -46.60 -95.76 54.85
N LYS D 238 -46.67 -96.01 56.16
CA LYS D 238 -45.45 -96.26 56.93
C LYS D 238 -44.75 -97.51 56.43
N LYS D 239 -45.52 -98.52 56.00
CA LYS D 239 -44.91 -99.73 55.45
C LYS D 239 -44.41 -99.50 54.02
N ALA D 240 -45.16 -98.73 53.22
CA ALA D 240 -44.74 -98.44 51.86
C ALA D 240 -43.46 -97.63 51.82
N HIS D 241 -43.27 -96.71 52.77
CA HIS D 241 -42.03 -95.95 52.83
C HIS D 241 -40.84 -96.87 53.04
N ALA D 242 -40.95 -97.79 54.01
CA ALA D 242 -39.86 -98.72 54.27
C ALA D 242 -39.61 -99.64 53.08
N ALA D 243 -40.68 -100.11 52.43
CA ALA D 243 -40.52 -100.96 51.26
C ALA D 243 -39.81 -100.22 50.13
N ILE D 244 -40.17 -98.95 49.90
CA ILE D 244 -39.54 -98.17 48.85
C ILE D 244 -38.07 -97.93 49.17
N ARG D 245 -37.78 -97.55 50.43
CA ARG D 245 -36.39 -97.30 50.82
C ARG D 245 -35.55 -98.57 50.84
N GLU D 246 -36.19 -99.74 50.94
CA GLU D 246 -35.46 -101.00 50.90
C GLU D 246 -35.22 -101.49 49.48
N ASN D 247 -36.20 -101.32 48.60
CA ASN D 247 -36.07 -101.74 47.20
C ASN D 247 -36.39 -100.57 46.29
N PRO D 248 -35.44 -99.63 46.14
CA PRO D 248 -35.71 -98.47 45.28
C PRO D 248 -35.50 -98.72 43.80
N VAL D 249 -34.70 -99.74 43.44
CA VAL D 249 -34.40 -99.98 42.03
C VAL D 249 -35.66 -100.45 41.31
N TYR D 250 -35.75 -100.10 40.03
CA TYR D 250 -36.89 -100.47 39.20
C TYR D 250 -36.49 -101.58 38.24
N GLU D 251 -37.28 -102.65 38.22
CA GLU D 251 -36.97 -103.79 37.37
C GLU D 251 -37.31 -103.49 35.92
N LYS D 252 -36.61 -104.17 35.02
CA LYS D 252 -36.84 -104.01 33.60
C LYS D 252 -38.02 -104.86 33.15
N LYS D 253 -38.95 -104.23 32.43
CA LYS D 253 -40.18 -104.90 32.05
C LYS D 253 -39.94 -105.82 30.85
N PRO D 254 -40.80 -106.82 30.66
CA PRO D 254 -40.62 -107.74 29.52
C PRO D 254 -40.76 -107.01 28.19
N LYS D 255 -39.78 -107.20 27.32
CA LYS D 255 -39.77 -106.58 26.00
C LYS D 255 -40.62 -107.32 24.99
N ARG D 256 -41.14 -108.50 25.33
CA ARG D 256 -41.91 -109.31 24.40
C ARG D 256 -43.11 -108.54 23.87
N GLU D 257 -43.20 -108.45 22.55
CA GLU D 257 -44.31 -107.79 21.87
C GLU D 257 -44.95 -108.75 20.88
N VAL D 258 -46.06 -108.31 20.30
CA VAL D 258 -46.80 -109.10 19.33
C VAL D 258 -46.74 -108.41 17.97
N LYS D 259 -47.28 -109.09 16.95
CA LYS D 259 -47.32 -108.52 15.62
C LYS D 259 -48.26 -107.32 15.58
N LYS D 260 -47.97 -106.39 14.68
CA LYS D 260 -48.71 -105.15 14.56
C LYS D 260 -49.68 -105.21 13.39
N LYS D 261 -50.86 -104.61 13.57
CA LYS D 261 -51.87 -104.51 12.54
C LYS D 261 -52.01 -103.07 12.09
N ARG D 262 -52.48 -102.90 10.86
CA ARG D 262 -52.73 -101.57 10.30
C ARG D 262 -54.03 -101.04 10.91
N TRP D 263 -53.91 -100.56 12.15
CA TRP D 263 -55.09 -100.12 12.88
C TRP D 263 -55.61 -98.78 12.37
N ASN D 264 -54.72 -97.88 11.99
CA ASN D 264 -55.09 -96.56 11.50
C ASN D 264 -55.10 -96.55 9.97
N ARG D 265 -56.01 -95.76 9.42
CA ARG D 265 -56.15 -95.71 7.97
C ARG D 265 -54.98 -94.96 7.35
N PRO D 266 -54.42 -95.47 6.25
CA PRO D 266 -53.35 -94.75 5.56
C PRO D 266 -53.90 -93.72 4.57
N LYS D 267 -53.00 -92.84 4.14
CA LYS D 267 -53.36 -91.81 3.17
C LYS D 267 -53.43 -92.39 1.76
N MET D 268 -54.50 -92.06 1.05
CA MET D 268 -54.64 -92.48 -0.33
C MET D 268 -53.66 -91.72 -1.21
N SER D 269 -53.12 -92.42 -2.21
CA SER D 269 -52.09 -91.83 -3.05
C SER D 269 -52.69 -90.85 -4.05
N LEU D 270 -51.82 -90.17 -4.80
CA LEU D 270 -52.27 -89.19 -5.77
C LEU D 270 -53.12 -89.83 -6.86
N ALA D 271 -52.75 -91.03 -7.30
CA ALA D 271 -53.55 -91.72 -8.31
C ALA D 271 -54.94 -92.03 -7.79
N GLN D 272 -55.05 -92.47 -6.53
CA GLN D 272 -56.36 -92.77 -5.95
C GLN D 272 -57.19 -91.50 -5.79
N LYS D 273 -56.56 -90.40 -5.37
CA LYS D 273 -57.28 -89.14 -5.24
C LYS D 273 -57.79 -88.66 -6.59
N LYS D 274 -56.95 -88.75 -7.63
CA LYS D 274 -57.36 -88.32 -8.96
C LYS D 274 -58.46 -89.22 -9.51
N ASP D 275 -58.41 -90.53 -9.22
CA ASP D 275 -59.47 -91.42 -9.67
C ASP D 275 -60.78 -91.10 -8.95
N ARG D 276 -60.71 -90.79 -7.66
CA ARG D 276 -61.92 -90.37 -6.94
C ARG D 276 -62.49 -89.09 -7.54
N VAL D 277 -61.63 -88.13 -7.86
CA VAL D 277 -62.09 -86.89 -8.49
C VAL D 277 -62.75 -87.18 -9.83
N ALA D 278 -62.13 -88.04 -10.64
CA ALA D 278 -62.69 -88.36 -11.95
C ALA D 278 -64.04 -89.07 -11.82
N GLN D 279 -64.16 -89.97 -10.84
CA GLN D 279 -65.43 -90.65 -10.62
C GLN D 279 -66.51 -89.68 -10.17
N LYS D 280 -66.17 -88.77 -9.26
CA LYS D 280 -67.12 -87.76 -8.82
C LYS D 280 -67.55 -86.85 -9.96
N LYS D 281 -66.63 -86.56 -10.88
CA LYS D 281 -66.97 -85.71 -12.02
C LYS D 281 -67.85 -86.45 -13.02
N ALA D 282 -67.56 -87.73 -13.26
CA ALA D 282 -68.27 -88.47 -14.30
C ALA D 282 -69.64 -88.95 -13.83
N SER D 283 -69.79 -89.29 -12.56
CA SER D 283 -71.07 -89.79 -12.06
C SER D 283 -72.05 -88.69 -11.70
N PHE D 284 -71.67 -87.42 -11.88
CA PHE D 284 -72.57 -86.32 -11.58
C PHE D 284 -73.42 -85.93 -12.79
N LEU D 285 -72.85 -85.95 -13.99
CA LEU D 285 -73.60 -85.57 -15.18
C LEU D 285 -74.70 -86.58 -15.49
N ARG D 286 -74.47 -87.86 -15.19
CA ARG D 286 -75.47 -88.88 -15.46
C ARG D 286 -76.73 -88.66 -14.63
N ALA D 287 -76.59 -88.12 -13.42
CA ALA D 287 -77.76 -87.87 -12.58
C ALA D 287 -78.68 -86.85 -13.23
N GLN D 288 -78.13 -85.70 -13.64
CA GLN D 288 -78.96 -84.68 -14.28
C GLN D 288 -79.45 -85.14 -15.65
N GLU D 289 -78.65 -85.96 -16.36
CA GLU D 289 -79.11 -86.50 -17.63
C GLU D 289 -80.33 -87.39 -17.44
N ARG D 290 -80.29 -88.26 -16.43
CA ARG D 290 -81.43 -89.13 -16.15
C ARG D 290 -82.62 -88.33 -15.66
N ALA D 291 -82.39 -87.32 -14.83
CA ALA D 291 -83.50 -86.48 -14.35
C ALA D 291 -84.14 -85.70 -15.50
N ALA D 292 -83.35 -85.33 -16.51
CA ALA D 292 -83.90 -84.62 -17.66
C ALA D 292 -84.66 -85.55 -18.60
N GLU D 293 -84.09 -86.72 -18.90
CA GLU D 293 -84.76 -87.64 -19.80
C GLU D 293 -85.91 -88.38 -19.14
N SER D 294 -86.03 -88.30 -17.82
CA SER D 294 -87.13 -88.94 -17.11
C SER D 294 -88.19 -87.93 -16.72
N THR E 1 73.13 -65.59 -26.73
CA THR E 1 74.16 -65.31 -27.72
C THR E 1 75.50 -65.01 -27.04
N VAL E 2 76.53 -65.77 -27.41
CA VAL E 2 77.87 -65.62 -26.85
C VAL E 2 78.84 -65.47 -28.00
N GLY E 3 79.60 -64.37 -28.00
CA GLY E 3 80.57 -64.10 -29.03
C GLY E 3 81.96 -63.87 -28.45
N GLY E 4 82.97 -64.15 -29.26
CA GLY E 4 84.34 -63.95 -28.83
C GLY E 4 84.68 -62.48 -28.67
N ASP E 5 85.75 -62.24 -27.89
CA ASP E 5 86.20 -60.89 -27.60
C ASP E 5 87.72 -60.82 -27.79
N LYS E 6 88.29 -59.67 -27.43
CA LYS E 6 89.73 -59.44 -27.56
C LYS E 6 90.49 -59.82 -26.30
N ASN E 7 90.02 -59.36 -25.15
CA ASN E 7 90.66 -59.67 -23.88
C ASN E 7 89.59 -59.90 -22.81
N GLY E 8 89.89 -60.80 -21.89
CA GLY E 8 88.95 -61.13 -20.82
C GLY E 8 88.01 -62.27 -21.14
N GLY E 9 88.42 -63.22 -21.98
CA GLY E 9 87.55 -64.32 -22.33
C GLY E 9 86.47 -63.87 -23.30
N THR E 10 85.30 -64.49 -23.16
CA THR E 10 84.13 -64.16 -23.98
C THR E 10 83.00 -63.73 -23.07
N ARG E 11 82.24 -62.73 -23.50
CA ARG E 11 81.14 -62.19 -22.71
C ARG E 11 79.82 -62.45 -23.43
N VAL E 12 78.80 -62.83 -22.66
CA VAL E 12 77.49 -63.13 -23.24
C VAL E 12 76.81 -61.85 -23.68
N VAL E 13 76.19 -61.89 -24.86
CA VAL E 13 75.46 -60.75 -25.41
C VAL E 13 73.97 -61.05 -25.30
N LYS E 14 73.23 -60.07 -24.78
CA LYS E 14 71.79 -60.20 -24.57
C LYS E 14 71.07 -59.51 -25.72
N LEU E 15 70.39 -60.28 -26.55
CA LEU E 15 69.59 -59.72 -27.64
C LEU E 15 68.28 -59.18 -27.09
N ARG E 16 67.72 -58.21 -27.83
CA ARG E 16 66.48 -57.52 -27.43
C ARG E 16 66.64 -56.92 -26.03
N LYS E 17 67.56 -55.97 -25.93
CA LYS E 17 67.88 -55.35 -24.65
C LYS E 17 66.69 -54.57 -24.11
N MET E 18 66.80 -54.16 -22.85
CA MET E 18 65.72 -53.40 -22.21
C MET E 18 65.66 -52.00 -22.81
N PRO E 19 64.47 -51.45 -23.01
CA PRO E 19 64.35 -50.08 -23.51
C PRO E 19 64.93 -49.07 -22.54
N ARG E 20 65.35 -47.93 -23.07
CA ARG E 20 66.02 -46.90 -22.29
C ARG E 20 65.10 -45.78 -21.83
N TYR E 21 63.95 -45.58 -22.48
CA TYR E 21 63.03 -44.50 -22.15
C TYR E 21 61.63 -45.08 -21.98
N TYR E 22 60.97 -44.71 -20.89
CA TYR E 22 59.61 -45.16 -20.61
C TYR E 22 58.66 -43.97 -20.66
N PRO E 23 57.71 -43.92 -21.59
CA PRO E 23 56.70 -42.86 -21.56
C PRO E 23 55.72 -43.09 -20.42
N THR E 24 55.40 -42.01 -19.71
CA THR E 24 54.53 -42.12 -18.55
C THR E 24 53.08 -42.37 -18.98
N GLU E 25 52.31 -42.94 -18.06
CA GLU E 25 50.88 -43.26 -18.23
C GLU E 25 50.58 -43.81 -19.62
N ASP E 26 51.18 -44.96 -19.92
CA ASP E 26 50.96 -45.60 -21.20
C ASP E 26 49.52 -46.09 -21.31
N VAL E 27 49.09 -46.27 -22.56
CA VAL E 27 47.72 -46.70 -22.86
C VAL E 27 47.58 -48.19 -22.60
N PRO E 28 46.51 -48.63 -21.93
CA PRO E 28 46.32 -50.07 -21.70
C PRO E 28 46.01 -50.84 -22.98
N ARG E 29 45.82 -52.15 -22.86
CA ARG E 29 45.61 -53.01 -24.01
C ARG E 29 44.12 -53.17 -24.32
N LYS E 30 43.83 -53.61 -25.53
CA LYS E 30 42.46 -53.79 -25.99
C LYS E 30 41.83 -55.02 -25.33
N LEU E 31 40.59 -55.30 -25.72
CA LEU E 31 39.84 -56.42 -25.16
C LEU E 31 39.88 -57.67 -26.04
N LEU E 32 40.72 -57.66 -27.07
CA LEU E 32 40.95 -58.84 -27.91
C LEU E 32 39.65 -59.33 -28.57
N SER E 33 39.10 -58.49 -29.42
CA SER E 33 37.90 -58.84 -30.16
C SER E 33 38.22 -59.90 -31.22
N HIS E 34 37.16 -60.46 -31.80
CA HIS E 34 37.27 -61.51 -32.80
C HIS E 34 36.48 -61.11 -34.04
N GLY E 35 36.55 -61.95 -35.07
CA GLY E 35 35.78 -61.75 -36.28
C GLY E 35 36.13 -60.52 -37.08
N LYS E 36 37.24 -59.87 -36.78
CA LYS E 36 37.68 -58.68 -37.50
C LYS E 36 38.90 -59.02 -38.34
N LYS E 37 38.76 -58.90 -39.65
CA LYS E 37 39.80 -59.25 -40.60
C LYS E 37 40.40 -58.00 -41.23
N PRO E 38 41.65 -58.07 -41.69
CA PRO E 38 42.21 -56.96 -42.47
C PRO E 38 41.59 -56.92 -43.86
N PHE E 39 41.96 -55.88 -44.61
CA PHE E 39 41.40 -55.70 -45.94
C PHE E 39 41.91 -56.76 -46.91
N SER E 40 43.12 -57.27 -46.70
CA SER E 40 43.68 -58.27 -47.60
C SER E 40 43.04 -59.64 -47.43
N GLN E 41 42.32 -59.88 -46.35
CA GLN E 41 41.71 -61.17 -46.07
C GLN E 41 40.20 -61.16 -46.22
N HIS E 42 39.63 -60.05 -46.70
CA HIS E 42 38.19 -59.97 -46.89
C HIS E 42 37.76 -60.76 -48.11
N VAL E 43 36.52 -61.26 -48.06
CA VAL E 43 35.95 -61.98 -49.20
C VAL E 43 35.40 -60.96 -50.19
N ARG E 44 35.62 -61.21 -51.48
CA ARG E 44 35.24 -60.29 -52.54
C ARG E 44 33.91 -60.72 -53.14
N ARG E 45 32.98 -59.76 -53.24
CA ARG E 45 31.65 -60.01 -53.79
C ARG E 45 31.53 -59.36 -55.16
N LEU E 46 30.68 -59.95 -56.00
CA LEU E 46 30.42 -59.45 -57.34
C LEU E 46 28.95 -59.61 -57.67
N ARG E 47 28.41 -58.65 -58.41
CA ARG E 47 27.01 -58.70 -58.83
C ARG E 47 26.87 -59.58 -60.07
N SER E 48 25.70 -60.22 -60.19
CA SER E 48 25.45 -61.11 -61.31
C SER E 48 25.37 -60.38 -62.64
N SER E 49 25.09 -59.08 -62.62
CA SER E 49 25.04 -58.30 -63.85
C SER E 49 26.42 -57.92 -64.36
N ILE E 50 27.46 -58.09 -63.55
CA ILE E 50 28.82 -57.75 -63.94
C ILE E 50 29.51 -59.07 -64.28
N THR E 51 29.56 -59.39 -65.57
CA THR E 51 30.19 -60.58 -66.10
C THR E 51 31.31 -60.20 -67.04
N PRO E 52 32.29 -61.08 -67.24
CA PRO E 52 33.40 -60.75 -68.15
C PRO E 52 32.90 -60.49 -69.57
N GLY E 53 33.15 -59.27 -70.05
CA GLY E 53 32.66 -58.85 -71.33
C GLY E 53 31.46 -57.93 -71.30
N THR E 54 31.25 -57.21 -70.20
CA THR E 54 30.09 -56.36 -70.03
C THR E 54 30.48 -54.89 -70.17
N VAL E 55 29.56 -54.09 -70.70
CA VAL E 55 29.77 -52.66 -70.81
C VAL E 55 29.40 -52.00 -69.50
N LEU E 56 30.26 -51.09 -69.04
CA LEU E 56 30.04 -50.35 -67.80
C LEU E 56 30.10 -48.86 -68.09
N ILE E 57 29.39 -48.09 -67.28
CA ILE E 57 29.38 -46.64 -67.35
C ILE E 57 30.17 -46.09 -66.18
N ILE E 58 31.16 -45.26 -66.47
CA ILE E 58 32.04 -44.70 -65.45
C ILE E 58 31.43 -43.38 -65.02
N LEU E 59 30.63 -43.40 -63.95
CA LEU E 59 29.92 -42.21 -63.52
C LEU E 59 30.79 -41.29 -62.67
N THR E 60 31.36 -41.81 -61.59
CA THR E 60 32.07 -40.98 -60.62
C THR E 60 33.53 -40.75 -60.99
N GLY E 61 34.05 -41.43 -62.01
CA GLY E 61 35.43 -41.24 -62.41
C GLY E 61 35.66 -39.87 -63.02
N ARG E 62 36.92 -39.62 -63.39
CA ARG E 62 37.28 -38.38 -64.05
C ARG E 62 36.80 -38.32 -65.49
N HIS E 63 36.22 -39.41 -66.00
CA HIS E 63 35.69 -39.44 -67.36
C HIS E 63 34.22 -39.06 -67.42
N ARG E 64 33.49 -39.18 -66.31
CA ARG E 64 32.14 -38.63 -66.16
C ARG E 64 31.18 -39.19 -67.21
N GLY E 65 30.96 -40.50 -67.11
CA GLY E 65 29.98 -41.14 -67.96
C GLY E 65 30.50 -41.63 -69.28
N LYS E 66 31.54 -42.46 -69.27
CA LYS E 66 32.07 -43.09 -70.46
C LYS E 66 31.77 -44.58 -70.41
N ARG E 67 31.58 -45.17 -71.59
CA ARG E 67 31.29 -46.59 -71.70
C ARG E 67 32.59 -47.37 -71.92
N VAL E 68 32.84 -48.34 -71.05
CA VAL E 68 34.07 -49.14 -71.10
C VAL E 68 33.70 -50.61 -71.07
N VAL E 69 34.67 -51.46 -71.39
CA VAL E 69 34.48 -52.91 -71.41
C VAL E 69 35.18 -53.48 -70.18
N PHE E 70 34.49 -54.39 -69.48
CA PHE E 70 35.03 -55.01 -68.28
C PHE E 70 35.75 -56.30 -68.64
N LEU E 71 36.96 -56.48 -68.11
CA LEU E 71 37.78 -57.64 -68.43
C LEU E 71 37.70 -58.72 -67.35
N LYS E 72 38.08 -58.38 -66.12
CA LYS E 72 38.16 -59.37 -65.05
C LYS E 72 38.19 -58.66 -63.71
N GLN E 73 37.95 -59.43 -62.66
CA GLN E 73 37.95 -58.93 -61.29
C GLN E 73 39.31 -59.20 -60.66
N LEU E 74 39.88 -58.18 -60.02
CA LEU E 74 41.19 -58.32 -59.40
C LEU E 74 41.05 -58.97 -58.03
N ASP E 75 42.15 -59.02 -57.29
CA ASP E 75 42.17 -59.67 -55.99
C ASP E 75 41.82 -58.75 -54.83
N SER E 76 41.94 -57.44 -55.01
CA SER E 76 41.62 -56.49 -53.96
C SER E 76 40.14 -56.10 -53.93
N GLY E 77 39.38 -56.46 -54.96
CA GLY E 77 37.96 -56.13 -55.02
C GLY E 77 37.61 -55.05 -56.01
N LEU E 78 38.56 -54.58 -56.81
CA LEU E 78 38.32 -53.53 -57.80
C LEU E 78 38.29 -54.14 -59.19
N LEU E 79 37.47 -53.54 -60.06
CA LEU E 79 37.29 -54.03 -61.42
C LEU E 79 38.37 -53.46 -62.32
N LEU E 80 38.99 -54.31 -63.13
CA LEU E 80 39.98 -53.88 -64.11
C LEU E 80 39.30 -53.78 -65.46
N VAL E 81 38.98 -52.55 -65.89
CA VAL E 81 38.28 -52.32 -67.14
C VAL E 81 39.23 -51.63 -68.10
N THR E 82 38.82 -51.56 -69.36
CA THR E 82 39.57 -50.82 -70.36
C THR E 82 38.67 -50.50 -71.54
N GLY E 83 38.78 -49.30 -72.07
CA GLY E 83 38.14 -48.94 -73.31
C GLY E 83 39.17 -48.82 -74.41
N PRO E 84 38.81 -49.24 -75.61
CA PRO E 84 39.74 -49.11 -76.75
C PRO E 84 40.18 -47.67 -76.93
N LEU E 85 41.48 -47.43 -76.76
CA LEU E 85 42.02 -46.08 -76.89
C LEU E 85 41.70 -45.44 -78.23
N VAL E 86 41.50 -46.24 -79.28
CA VAL E 86 41.06 -45.71 -80.56
C VAL E 86 39.61 -45.28 -80.48
N ILE E 87 38.79 -46.01 -79.73
CA ILE E 87 37.38 -45.65 -79.59
C ILE E 87 37.22 -44.53 -78.57
N ASN E 88 37.60 -44.78 -77.33
CA ASN E 88 37.55 -43.78 -76.27
C ASN E 88 38.89 -43.76 -75.54
N ARG E 89 39.42 -42.56 -75.32
CA ARG E 89 40.76 -42.39 -74.75
C ARG E 89 40.72 -42.69 -73.25
N VAL E 90 40.64 -43.98 -72.94
CA VAL E 90 40.72 -44.45 -71.55
C VAL E 90 41.64 -45.66 -71.51
N PRO E 91 42.70 -45.63 -70.72
CA PRO E 91 43.62 -46.78 -70.64
C PRO E 91 43.08 -47.86 -69.71
N LEU E 92 43.89 -48.89 -69.45
CA LEU E 92 43.49 -49.92 -68.50
C LEU E 92 43.32 -49.29 -67.12
N ARG E 93 42.08 -49.15 -66.70
CA ARG E 93 41.74 -48.39 -65.50
C ARG E 93 41.11 -49.27 -64.44
N ARG E 94 41.39 -48.97 -63.18
CA ARG E 94 40.74 -49.62 -62.06
C ARG E 94 39.52 -48.82 -61.65
N THR E 95 38.40 -49.51 -61.44
CA THR E 95 37.16 -48.87 -61.02
C THR E 95 36.58 -49.65 -59.84
N HIS E 96 35.55 -49.09 -59.23
CA HIS E 96 34.87 -49.72 -58.11
C HIS E 96 33.60 -50.40 -58.59
N GLN E 97 33.19 -51.44 -57.86
CA GLN E 97 32.00 -52.20 -58.25
C GLN E 97 30.74 -51.38 -58.06
N LYS E 98 30.58 -50.76 -56.89
CA LYS E 98 29.38 -50.00 -56.60
C LYS E 98 29.30 -48.67 -57.36
N PHE E 99 30.39 -48.27 -58.03
CA PHE E 99 30.45 -46.97 -58.68
C PHE E 99 30.26 -47.06 -60.19
N VAL E 100 29.76 -48.17 -60.71
CA VAL E 100 29.55 -48.33 -62.15
C VAL E 100 28.15 -48.86 -62.40
N ILE E 101 27.62 -48.53 -63.57
CA ILE E 101 26.33 -49.04 -64.04
C ILE E 101 26.60 -50.05 -65.14
N ALA E 102 26.10 -51.26 -64.97
CA ALA E 102 26.34 -52.33 -65.94
C ALA E 102 25.21 -52.38 -66.95
N THR E 103 25.54 -52.28 -68.23
CA THR E 103 24.57 -52.35 -69.31
C THR E 103 24.36 -53.81 -69.69
N SER E 104 23.13 -54.14 -70.11
CA SER E 104 22.80 -55.52 -70.44
C SER E 104 23.52 -56.04 -71.68
N THR E 105 24.27 -55.19 -72.37
CA THR E 105 25.00 -55.64 -73.55
C THR E 105 26.17 -56.54 -73.15
N LYS E 106 26.48 -57.50 -74.03
CA LYS E 106 27.55 -58.46 -73.80
C LYS E 106 28.47 -58.52 -75.01
N VAL E 107 29.75 -58.79 -74.75
CA VAL E 107 30.75 -58.96 -75.79
C VAL E 107 31.50 -60.26 -75.54
N ASP E 108 31.67 -61.06 -76.59
CA ASP E 108 32.41 -62.30 -76.49
C ASP E 108 33.88 -62.00 -76.21
N ILE E 109 34.32 -62.24 -74.97
CA ILE E 109 35.65 -61.84 -74.54
C ILE E 109 36.35 -63.00 -73.86
N SER E 110 35.72 -64.19 -73.92
CA SER E 110 36.26 -65.35 -73.22
C SER E 110 37.71 -65.64 -73.61
N ASP E 111 38.07 -65.37 -74.86
CA ASP E 111 39.46 -65.54 -75.31
C ASP E 111 40.25 -64.23 -75.18
N VAL E 112 40.22 -63.65 -73.97
CA VAL E 112 40.88 -62.37 -73.75
C VAL E 112 42.40 -62.58 -73.63
N LYS E 113 42.82 -63.67 -73.00
CA LYS E 113 44.23 -63.96 -72.75
C LYS E 113 44.91 -62.79 -72.03
N ILE E 114 44.37 -62.49 -70.85
CA ILE E 114 44.91 -61.39 -70.06
C ILE E 114 46.26 -61.80 -69.48
N PRO E 115 47.26 -60.93 -69.44
CA PRO E 115 48.54 -61.29 -68.82
C PRO E 115 48.39 -61.50 -67.33
N LYS E 116 49.44 -62.05 -66.73
CA LYS E 116 49.48 -62.33 -65.30
C LYS E 116 50.37 -61.37 -64.52
N HIS E 117 51.15 -60.54 -65.21
CA HIS E 117 52.07 -59.64 -64.51
C HIS E 117 51.34 -58.44 -63.91
N LEU E 118 50.25 -57.99 -64.53
CA LEU E 118 49.50 -56.86 -64.00
C LEU E 118 48.56 -57.33 -62.90
N THR E 119 48.55 -56.62 -61.78
CA THR E 119 47.72 -56.94 -60.63
C THR E 119 47.39 -55.63 -59.92
N ASP E 120 46.88 -55.73 -58.70
CA ASP E 120 46.57 -54.53 -57.93
C ASP E 120 47.83 -53.73 -57.59
N ALA E 121 48.97 -54.42 -57.44
CA ALA E 121 50.22 -53.73 -57.17
C ALA E 121 50.75 -53.00 -58.41
N TYR E 122 50.31 -53.42 -59.60
CA TYR E 122 50.75 -52.76 -60.83
C TYR E 122 50.12 -51.39 -61.00
N PHE E 123 48.96 -51.15 -60.40
CA PHE E 123 48.25 -49.87 -60.50
C PHE E 123 48.35 -49.18 -59.15
N LYS E 124 49.33 -48.29 -59.01
CA LYS E 124 49.53 -47.54 -57.78
C LYS E 124 49.93 -46.12 -58.13
N LYS E 125 49.85 -45.24 -57.13
CA LYS E 125 50.22 -43.83 -57.27
C LYS E 125 51.37 -43.55 -56.31
N LYS E 126 52.55 -43.34 -56.87
CA LYS E 126 53.76 -43.10 -56.07
C LYS E 126 54.17 -41.65 -56.19
N GLN E 127 54.42 -41.01 -55.05
CA GLN E 127 54.81 -39.61 -54.99
C GLN E 127 56.10 -39.49 -54.17
N LEU E 128 57.07 -38.77 -54.73
CA LEU E 128 58.37 -38.59 -54.08
C LEU E 128 58.77 -37.12 -54.17
N ARG E 129 59.59 -36.69 -53.21
CA ARG E 129 60.10 -35.33 -53.16
C ARG E 129 61.54 -35.34 -52.68
N LYS E 130 62.34 -34.43 -53.22
CA LYS E 130 63.74 -34.30 -52.83
C LYS E 130 63.90 -33.51 -51.54
N PRO E 131 63.30 -32.32 -51.39
CA PRO E 131 63.52 -31.54 -50.16
C PRO E 131 62.47 -31.84 -49.09
N ARG E 132 62.88 -31.61 -47.85
CA ARG E 132 61.98 -31.78 -46.71
C ARG E 132 61.25 -30.49 -46.36
N HIS E 133 61.88 -29.33 -46.54
CA HIS E 133 61.27 -28.05 -46.26
C HIS E 133 60.51 -27.56 -47.49
N GLN E 134 60.05 -26.31 -47.46
CA GLN E 134 59.31 -25.73 -48.56
C GLN E 134 60.28 -25.06 -49.55
N GLU E 135 59.86 -25.03 -50.81
CA GLU E 135 60.66 -24.44 -51.87
C GLU E 135 59.74 -23.98 -52.99
N GLY E 136 60.32 -23.39 -54.03
CA GLY E 136 59.52 -22.88 -55.13
C GLY E 136 58.96 -24.00 -56.00
N GLU E 137 59.78 -24.98 -56.35
CA GLU E 137 59.33 -26.06 -57.21
C GLU E 137 58.38 -26.97 -56.44
N ILE E 138 57.48 -27.63 -57.17
CA ILE E 138 56.45 -28.49 -56.57
C ILE E 138 57.05 -29.89 -56.52
N PHE E 139 57.86 -30.13 -55.47
CA PHE E 139 58.37 -31.46 -55.13
C PHE E 139 59.22 -32.09 -56.24
N ASP E 140 59.45 -31.36 -57.33
CA ASP E 140 60.25 -31.81 -58.47
C ASP E 140 59.58 -33.00 -59.17
N THR E 141 58.39 -33.38 -58.71
CA THR E 141 57.69 -34.54 -59.27
C THR E 141 56.39 -34.19 -59.99
N GLU E 142 55.47 -33.47 -59.33
CA GLU E 142 54.22 -33.14 -59.99
C GLU E 142 54.37 -32.07 -61.07
N LYS E 143 55.50 -31.36 -61.10
CA LYS E 143 55.73 -30.39 -62.16
C LYS E 143 55.74 -31.06 -63.52
N GLU E 144 56.53 -32.12 -63.66
CA GLU E 144 56.53 -32.96 -64.85
C GLU E 144 55.73 -34.21 -64.52
N LYS E 145 54.47 -34.25 -64.96
CA LYS E 145 53.57 -35.34 -64.62
C LYS E 145 54.14 -36.67 -65.10
N TYR E 146 53.59 -37.75 -64.55
CA TYR E 146 54.09 -39.09 -64.87
C TYR E 146 53.88 -39.39 -66.35
N GLU E 147 54.92 -39.89 -67.00
CA GLU E 147 54.87 -40.24 -68.42
C GLU E 147 55.59 -41.56 -68.66
N ILE E 148 55.37 -42.53 -67.78
CA ILE E 148 56.03 -43.83 -67.92
C ILE E 148 55.49 -44.53 -69.16
N THR E 149 56.40 -45.03 -69.98
CA THR E 149 56.07 -45.67 -71.25
C THR E 149 56.79 -47.01 -71.35
N GLU E 150 56.55 -47.69 -72.48
CA GLU E 150 57.17 -48.97 -72.82
C GLU E 150 56.69 -50.09 -71.91
N GLN E 151 55.88 -49.75 -70.91
CA GLN E 151 55.22 -50.72 -70.06
C GLN E 151 53.72 -50.45 -69.94
N ARG E 152 53.32 -49.19 -69.87
CA ARG E 152 51.90 -48.84 -69.90
C ARG E 152 51.32 -48.90 -71.29
N LYS E 153 52.16 -48.75 -72.32
CA LYS E 153 51.71 -48.87 -73.70
C LYS E 153 51.84 -50.29 -74.23
N ALA E 154 52.80 -51.07 -73.73
CA ALA E 154 53.01 -52.42 -74.23
C ALA E 154 51.81 -53.31 -73.94
N ASP E 155 51.40 -53.38 -72.67
CA ASP E 155 50.24 -54.21 -72.33
C ASP E 155 48.97 -53.67 -72.97
N GLN E 156 48.85 -52.35 -73.11
CA GLN E 156 47.68 -51.77 -73.75
C GLN E 156 47.59 -52.19 -75.20
N LYS E 157 48.70 -52.10 -75.93
CA LYS E 157 48.72 -52.55 -77.32
C LYS E 157 48.59 -54.06 -77.45
N ALA E 158 48.94 -54.80 -76.39
CA ALA E 158 48.75 -56.24 -76.40
C ALA E 158 47.30 -56.62 -76.18
N VAL E 159 46.54 -55.83 -75.42
CA VAL E 159 45.17 -56.18 -75.11
C VAL E 159 44.18 -55.61 -76.14
N ASP E 160 44.43 -54.40 -76.65
CA ASP E 160 43.44 -53.80 -77.55
C ASP E 160 43.46 -54.46 -78.92
N LEU E 161 44.63 -54.91 -79.39
CA LEU E 161 44.68 -55.64 -80.66
C LEU E 161 43.93 -56.95 -80.60
N GLN E 162 43.63 -57.45 -79.41
CA GLN E 162 42.78 -58.63 -79.25
C GLN E 162 41.34 -58.30 -78.96
N ILE E 163 41.08 -57.15 -78.31
CA ILE E 163 39.71 -56.77 -77.99
C ILE E 163 38.99 -56.21 -79.22
N LEU E 164 39.71 -55.44 -80.05
CA LEU E 164 39.07 -54.79 -81.19
C LEU E 164 38.46 -55.77 -82.21
N PRO E 165 39.08 -56.90 -82.54
CA PRO E 165 38.40 -57.85 -83.45
C PRO E 165 37.09 -58.37 -82.90
N LYS E 166 36.90 -58.35 -81.58
CA LYS E 166 35.63 -58.77 -80.99
C LYS E 166 34.61 -57.65 -80.95
N ILE E 167 35.06 -56.40 -80.89
CA ILE E 167 34.13 -55.28 -80.85
C ILE E 167 33.65 -54.91 -82.25
N LYS E 168 34.57 -54.93 -83.23
CA LYS E 168 34.22 -54.56 -84.59
C LYS E 168 33.30 -55.57 -85.27
N ALA E 169 33.07 -56.74 -84.65
CA ALA E 169 32.13 -57.69 -85.22
C ALA E 169 30.69 -57.26 -85.00
N VAL E 170 30.42 -56.56 -83.91
CA VAL E 170 29.06 -56.04 -83.66
C VAL E 170 28.78 -54.91 -84.63
N PRO E 171 27.58 -54.82 -85.20
CA PRO E 171 27.34 -53.82 -86.26
C PRO E 171 27.53 -52.39 -85.81
N GLN E 172 27.14 -52.02 -84.59
CA GLN E 172 27.16 -50.63 -84.16
C GLN E 172 27.69 -50.50 -82.73
N LEU E 173 28.78 -51.19 -82.42
CA LEU E 173 29.35 -51.15 -81.08
C LEU E 173 30.48 -50.13 -80.94
N GLN E 174 31.27 -49.92 -82.01
CA GLN E 174 32.38 -48.97 -81.90
C GLN E 174 31.88 -47.54 -81.78
N GLY E 175 30.67 -47.27 -82.27
CA GLY E 175 30.07 -45.96 -82.10
C GLY E 175 29.38 -45.85 -80.75
N TYR E 176 28.77 -46.95 -80.30
CA TYR E 176 28.13 -46.96 -79.00
C TYR E 176 29.15 -46.72 -77.89
N LEU E 177 30.31 -47.37 -77.97
CA LEU E 177 31.37 -47.13 -76.99
C LEU E 177 32.02 -45.76 -77.17
N ARG E 178 32.01 -45.23 -78.40
CA ARG E 178 32.53 -43.89 -78.62
C ARG E 178 31.63 -42.84 -77.98
N SER E 179 30.33 -43.08 -77.95
CA SER E 179 29.40 -42.13 -77.39
C SER E 179 29.49 -42.05 -75.87
N GLN E 180 29.00 -40.95 -75.31
CA GLN E 180 29.01 -40.76 -73.87
C GLN E 180 27.59 -40.72 -73.30
N PHE E 181 27.32 -41.56 -72.32
CA PHE E 181 26.00 -41.65 -71.72
C PHE E 181 25.61 -40.34 -71.04
N SER E 182 24.32 -40.03 -71.05
CA SER E 182 23.83 -38.79 -70.46
C SER E 182 22.34 -38.92 -70.22
N LEU E 183 21.85 -38.19 -69.22
CA LEU E 183 20.44 -38.18 -68.85
C LEU E 183 19.77 -36.97 -69.49
N THR E 184 18.85 -37.22 -70.40
CA THR E 184 18.08 -36.15 -71.03
C THR E 184 16.88 -35.81 -70.14
N ASN E 185 15.94 -35.03 -70.70
CA ASN E 185 14.80 -34.58 -69.90
C ASN E 185 13.63 -35.57 -69.95
N GLY E 186 13.60 -36.46 -70.94
CA GLY E 186 12.44 -37.30 -71.15
C GLY E 186 12.41 -38.63 -70.43
N MET E 187 13.56 -39.12 -69.93
CA MET E 187 13.62 -40.44 -69.32
C MET E 187 14.18 -40.36 -67.92
N TYR E 188 13.79 -41.33 -67.09
CA TYR E 188 14.24 -41.44 -65.71
C TYR E 188 14.85 -42.81 -65.48
N PRO E 189 15.89 -42.91 -64.64
CA PRO E 189 16.57 -44.20 -64.46
C PRO E 189 15.70 -45.27 -63.85
N HIS E 190 14.74 -44.91 -62.99
CA HIS E 190 13.89 -45.93 -62.37
C HIS E 190 12.98 -46.61 -63.39
N LYS E 191 12.78 -46.01 -64.56
CA LYS E 191 12.04 -46.64 -65.64
C LYS E 191 12.94 -47.12 -66.77
N LEU E 192 14.14 -46.57 -66.89
CA LEU E 192 15.05 -47.00 -67.94
C LEU E 192 15.61 -48.38 -67.64
N VAL E 193 15.82 -49.17 -68.70
CA VAL E 193 16.38 -50.51 -68.60
C VAL E 193 17.82 -50.46 -69.08
N PHE E 194 18.76 -50.68 -68.17
CA PHE E 194 20.17 -50.69 -68.52
C PHE E 194 20.64 -52.12 -68.80
N PRO F 1 68.79 -73.59 -5.20
CA PRO F 1 68.90 -74.56 -4.10
C PRO F 1 68.14 -75.85 -4.37
N GLU F 2 68.42 -76.89 -3.58
CA GLU F 2 67.70 -78.15 -3.75
C GLU F 2 66.23 -78.01 -3.36
N THR F 3 65.93 -77.17 -2.37
CA THR F 3 64.54 -76.90 -2.04
C THR F 3 63.84 -76.17 -3.17
N LEU F 4 64.55 -75.31 -3.91
CA LEU F 4 63.94 -74.66 -5.07
C LEU F 4 63.77 -75.65 -6.22
N LYS F 5 64.70 -76.58 -6.38
CA LYS F 5 64.52 -77.61 -7.40
C LYS F 5 63.36 -78.53 -7.08
N LYS F 6 63.11 -78.79 -5.80
CA LYS F 6 61.95 -79.59 -5.43
C LYS F 6 60.66 -78.78 -5.55
N LYS F 7 60.71 -77.48 -5.26
CA LYS F 7 59.56 -76.62 -5.53
C LYS F 7 59.27 -76.53 -7.01
N ARG F 8 60.27 -76.72 -7.86
CA ARG F 8 60.03 -76.78 -9.30
C ARG F 8 59.12 -77.94 -9.66
N ARG F 9 59.32 -79.10 -9.02
CA ARG F 9 58.44 -80.24 -9.26
C ARG F 9 57.10 -80.05 -8.56
N ASN F 10 57.09 -79.40 -7.40
CA ASN F 10 55.84 -79.08 -6.73
C ASN F 10 54.98 -78.12 -7.55
N PHE F 11 55.61 -77.25 -8.34
CA PHE F 11 54.85 -76.38 -9.24
C PHE F 11 54.14 -77.19 -10.32
N ALA F 12 54.84 -78.16 -10.90
CA ALA F 12 54.20 -79.05 -11.86
C ALA F 12 53.11 -79.88 -11.19
N GLU F 13 53.30 -80.24 -9.93
CA GLU F 13 52.27 -80.98 -9.20
C GLU F 13 51.02 -80.14 -8.98
N LEU F 14 51.18 -78.86 -8.64
CA LEU F 14 50.02 -77.97 -8.51
C LEU F 14 49.38 -77.72 -9.87
N LYS F 15 50.20 -77.66 -10.93
CA LYS F 15 49.66 -77.56 -12.28
C LYS F 15 48.81 -78.77 -12.62
N VAL F 16 49.25 -79.96 -12.24
CA VAL F 16 48.45 -81.17 -12.47
C VAL F 16 47.20 -81.16 -11.60
N LYS F 17 47.31 -80.61 -10.38
CA LYS F 17 46.14 -80.47 -9.53
C LYS F 17 45.07 -79.59 -10.17
N ARG F 18 45.49 -78.49 -10.80
CA ARG F 18 44.53 -77.65 -11.52
C ARG F 18 44.06 -78.31 -12.81
N LEU F 19 44.95 -79.05 -13.47
CA LEU F 19 44.62 -79.65 -14.76
C LEU F 19 43.60 -80.76 -14.61
N ARG F 20 43.74 -81.59 -13.58
CA ARG F 20 42.76 -82.66 -13.36
C ARG F 20 41.40 -82.07 -13.02
N LYS F 21 41.37 -81.00 -12.23
CA LYS F 21 40.11 -80.34 -11.89
C LYS F 21 39.44 -79.77 -13.13
N LYS F 22 40.21 -79.06 -13.97
CA LYS F 22 39.62 -78.47 -15.17
C LYS F 22 39.22 -79.55 -16.17
N PHE F 23 39.95 -80.67 -16.20
CA PHE F 23 39.60 -81.76 -17.10
C PHE F 23 38.30 -82.43 -16.66
N ALA F 24 38.15 -82.65 -15.34
CA ALA F 24 36.89 -83.17 -14.83
C ALA F 24 35.73 -82.21 -15.10
N LEU F 25 35.98 -80.91 -14.94
CA LEU F 25 34.94 -79.92 -15.24
C LEU F 25 34.57 -79.92 -16.71
N LYS F 26 35.56 -80.07 -17.61
CA LYS F 26 35.26 -80.12 -19.03
C LYS F 26 34.48 -81.38 -19.39
N THR F 27 34.85 -82.51 -18.81
CA THR F 27 34.11 -83.74 -19.05
C THR F 27 32.67 -83.62 -18.55
N LEU F 28 32.49 -83.02 -17.38
CA LEU F 28 31.14 -82.83 -16.85
C LEU F 28 30.33 -81.87 -17.72
N ARG F 29 30.99 -80.84 -18.25
CA ARG F 29 30.29 -79.91 -19.14
C ARG F 29 29.89 -80.59 -20.44
N LYS F 30 30.75 -81.45 -20.98
CA LYS F 30 30.37 -82.21 -22.17
C LYS F 30 29.23 -83.17 -21.88
N ALA F 31 29.24 -83.79 -20.70
CA ALA F 31 28.13 -84.65 -20.31
C ALA F 31 26.83 -83.87 -20.21
N ARG F 32 26.87 -82.67 -19.63
CA ARG F 32 25.67 -81.84 -19.54
C ARG F 32 25.21 -81.39 -20.92
N ARG F 33 26.15 -81.14 -21.83
CA ARG F 33 25.81 -80.82 -23.21
C ARG F 33 25.04 -81.97 -23.86
N LYS F 34 25.56 -83.19 -23.72
CA LYS F 34 24.86 -84.35 -24.25
C LYS F 34 23.49 -84.51 -23.59
N LEU F 35 23.40 -84.23 -22.29
CA LEU F 35 22.13 -84.36 -21.58
C LEU F 35 21.09 -83.39 -22.12
N ILE F 36 21.47 -82.12 -22.30
CA ILE F 36 20.51 -81.14 -22.79
C ILE F 36 20.16 -81.42 -24.25
N TYR F 37 21.11 -81.96 -25.02
CA TYR F 37 20.78 -82.38 -26.39
C TYR F 37 19.72 -83.46 -26.40
N GLU F 38 19.92 -84.50 -25.58
CA GLU F 38 18.95 -85.59 -25.52
C GLU F 38 17.60 -85.09 -25.00
N LYS F 39 17.60 -84.17 -24.04
CA LYS F 39 16.35 -83.64 -23.52
C LYS F 39 15.61 -82.83 -24.57
N ALA F 40 16.35 -82.04 -25.36
CA ALA F 40 15.70 -81.30 -26.44
C ALA F 40 15.14 -82.24 -27.50
N LYS F 41 15.85 -83.32 -27.79
CA LYS F 41 15.32 -84.30 -28.74
C LYS F 41 14.05 -84.94 -28.22
N HIS F 42 14.04 -85.33 -26.95
CA HIS F 42 12.85 -85.93 -26.36
C HIS F 42 11.69 -84.92 -26.34
N TYR F 43 11.98 -83.65 -26.10
CA TYR F 43 10.93 -82.64 -26.09
C TYR F 43 10.38 -82.41 -27.49
N HIS F 44 11.23 -82.46 -28.51
CA HIS F 44 10.75 -82.36 -29.88
C HIS F 44 9.84 -83.53 -30.22
N LYS F 45 10.22 -84.74 -29.81
CA LYS F 45 9.36 -85.90 -30.04
C LYS F 45 8.03 -85.75 -29.31
N GLU F 46 8.06 -85.25 -28.07
CA GLU F 46 6.83 -85.04 -27.31
C GLU F 46 5.94 -84.00 -27.99
N TYR F 47 6.53 -82.93 -28.50
CA TYR F 47 5.75 -81.92 -29.22
C TYR F 47 5.12 -82.51 -30.46
N ARG F 48 5.87 -83.31 -31.22
CA ARG F 48 5.31 -83.98 -32.38
C ARG F 48 4.11 -84.84 -32.01
N GLN F 49 4.27 -85.67 -30.97
CA GLN F 49 3.19 -86.56 -30.57
C GLN F 49 1.97 -85.79 -30.08
N MET F 50 2.18 -84.75 -29.28
CA MET F 50 1.05 -83.97 -28.74
C MET F 50 0.36 -83.17 -29.83
N TYR F 51 1.08 -82.76 -30.87
CA TYR F 51 0.44 -82.06 -31.98
C TYR F 51 -0.31 -83.01 -32.89
N ARG F 52 0.20 -84.23 -33.06
CA ARG F 52 -0.47 -85.19 -33.93
C ARG F 52 -1.68 -85.82 -33.28
N THR F 53 -1.67 -85.99 -31.95
CA THR F 53 -2.81 -86.62 -31.29
C THR F 53 -4.06 -85.75 -31.33
N GLU F 54 -3.88 -84.42 -31.39
CA GLU F 54 -5.03 -83.52 -31.50
C GLU F 54 -5.79 -83.75 -32.79
N ILE F 55 -5.07 -83.99 -33.89
CA ILE F 55 -5.73 -84.31 -35.15
C ILE F 55 -6.19 -85.75 -35.17
N ARG F 56 -5.46 -86.64 -34.50
CA ARG F 56 -5.85 -88.05 -34.45
C ARG F 56 -7.22 -88.22 -33.81
N MET F 57 -7.43 -87.58 -32.65
CA MET F 57 -8.72 -87.70 -31.97
C MET F 57 -9.85 -87.12 -32.81
N ALA F 58 -9.64 -85.95 -33.42
CA ALA F 58 -10.69 -85.35 -34.24
C ALA F 58 -11.03 -86.22 -35.45
N ARG F 59 -10.01 -86.78 -36.10
CA ARG F 59 -10.26 -87.64 -37.26
C ARG F 59 -10.97 -88.92 -36.86
N MET F 60 -10.60 -89.50 -35.71
CA MET F 60 -11.26 -90.73 -35.28
C MET F 60 -12.66 -90.47 -34.74
N ALA F 61 -12.97 -89.24 -34.34
CA ALA F 61 -14.32 -88.93 -33.91
C ALA F 61 -15.23 -88.54 -35.06
N ARG F 62 -14.72 -87.82 -36.06
CA ARG F 62 -15.55 -87.38 -37.17
C ARG F 62 -16.01 -88.54 -38.05
N LYS F 63 -15.36 -89.69 -37.98
CA LYS F 63 -15.76 -90.82 -38.81
C LYS F 63 -17.13 -91.34 -38.40
N ALA F 64 -17.45 -91.29 -37.12
CA ALA F 64 -18.74 -91.74 -36.61
C ALA F 64 -19.79 -90.63 -36.60
N GLY F 65 -19.54 -89.54 -37.31
CA GLY F 65 -20.48 -88.42 -37.31
C GLY F 65 -20.62 -87.76 -35.96
N ASN F 66 -19.58 -87.78 -35.14
CA ASN F 66 -19.62 -87.25 -33.78
C ASN F 66 -18.51 -86.24 -33.61
N PHE F 67 -18.85 -85.09 -33.03
CA PHE F 67 -17.89 -84.01 -32.88
C PHE F 67 -16.96 -84.26 -31.69
N TYR F 68 -15.73 -83.76 -31.81
CA TYR F 68 -14.73 -83.87 -30.77
C TYR F 68 -14.27 -82.47 -30.38
N VAL F 69 -14.32 -82.18 -29.08
CA VAL F 69 -13.92 -80.89 -28.54
C VAL F 69 -12.61 -81.08 -27.78
N PRO F 70 -11.61 -80.25 -28.01
CA PRO F 70 -10.34 -80.37 -27.28
C PRO F 70 -10.44 -79.76 -25.90
N ALA F 71 -9.39 -79.97 -25.11
CA ALA F 71 -9.32 -79.40 -23.78
C ALA F 71 -9.05 -77.91 -23.85
N GLU F 72 -9.55 -77.18 -22.85
CA GLU F 72 -9.29 -75.76 -22.78
C GLU F 72 -7.81 -75.50 -22.55
N PRO F 73 -7.20 -74.55 -23.24
CA PRO F 73 -5.78 -74.27 -23.04
C PRO F 73 -5.51 -73.80 -21.62
N LYS F 74 -4.52 -74.41 -20.98
CA LYS F 74 -4.18 -74.13 -19.60
C LYS F 74 -3.18 -72.98 -19.44
N LEU F 75 -2.70 -72.42 -20.55
CA LEU F 75 -1.76 -71.32 -20.49
C LEU F 75 -2.27 -70.19 -21.37
N ALA F 76 -2.16 -68.95 -20.88
CA ALA F 76 -2.62 -67.80 -21.63
C ALA F 76 -1.61 -66.67 -21.55
N PHE F 77 -1.32 -66.05 -22.69
CA PHE F 77 -0.45 -64.89 -22.75
C PHE F 77 -1.30 -63.63 -22.63
N VAL F 78 -0.91 -62.74 -21.71
CA VAL F 78 -1.62 -61.49 -21.47
C VAL F 78 -0.68 -60.34 -21.79
N ILE F 79 -1.19 -59.34 -22.51
CA ILE F 79 -0.44 -58.13 -22.80
C ILE F 79 -1.23 -56.94 -22.28
N ARG F 80 -0.51 -55.96 -21.73
CA ARG F 80 -1.15 -54.72 -21.32
C ARG F 80 -1.38 -53.84 -22.54
N ILE F 81 -2.55 -53.19 -22.58
CA ILE F 81 -2.99 -52.44 -23.75
C ILE F 81 -3.14 -50.96 -23.42
N ARG F 82 -3.87 -50.64 -22.36
CA ARG F 82 -4.12 -49.26 -21.99
C ARG F 82 -2.92 -48.68 -21.23
N GLY F 83 -2.97 -47.38 -20.98
CA GLY F 83 -1.87 -46.66 -20.35
C GLY F 83 -1.80 -46.85 -18.85
N ILE F 84 -1.25 -45.84 -18.18
CA ILE F 84 -1.04 -45.90 -16.74
C ILE F 84 -2.06 -45.02 -16.03
N ASN F 85 -2.05 -43.72 -16.34
CA ASN F 85 -2.91 -42.77 -15.65
C ASN F 85 -4.36 -42.92 -16.10
N GLY F 86 -5.27 -42.78 -15.15
CA GLY F 86 -6.69 -42.89 -15.43
C GLY F 86 -7.21 -44.31 -15.31
N VAL F 87 -6.81 -45.01 -14.25
CA VAL F 87 -7.22 -46.38 -14.02
C VAL F 87 -7.80 -46.49 -12.62
N SER F 88 -8.82 -47.32 -12.47
CA SER F 88 -9.41 -47.55 -11.16
C SER F 88 -8.48 -48.42 -10.32
N PRO F 89 -8.54 -48.30 -8.98
CA PRO F 89 -7.67 -49.13 -8.15
C PRO F 89 -8.02 -50.61 -8.21
N LYS F 90 -9.30 -50.94 -8.39
CA LYS F 90 -9.70 -52.34 -8.47
C LYS F 90 -9.00 -53.07 -9.61
N VAL F 91 -8.76 -52.37 -10.72
CA VAL F 91 -8.05 -53.00 -11.84
C VAL F 91 -6.55 -52.72 -11.79
N ARG F 92 -6.13 -51.63 -11.14
CA ARG F 92 -4.70 -51.35 -11.03
C ARG F 92 -4.03 -52.37 -10.12
N LYS F 93 -4.71 -52.82 -9.07
CA LYS F 93 -4.15 -53.86 -8.22
C LYS F 93 -3.96 -55.16 -8.98
N VAL F 94 -4.93 -55.52 -9.82
CA VAL F 94 -4.81 -56.75 -10.61
C VAL F 94 -3.70 -56.61 -11.65
N LEU F 95 -3.57 -55.42 -12.25
CA LEU F 95 -2.47 -55.20 -13.19
C LEU F 95 -1.12 -55.28 -12.51
N GLN F 96 -1.02 -54.82 -11.26
CA GLN F 96 0.23 -54.94 -10.52
C GLN F 96 0.51 -56.39 -10.15
N LEU F 97 -0.54 -57.14 -9.79
CA LEU F 97 -0.36 -58.55 -9.45
C LEU F 97 0.00 -59.40 -10.66
N LEU F 98 -0.46 -59.02 -11.85
CA LEU F 98 -0.13 -59.74 -13.08
C LEU F 98 1.22 -59.34 -13.65
N ARG F 99 2.01 -58.57 -12.90
CA ARG F 99 3.35 -58.13 -13.33
C ARG F 99 3.29 -57.34 -14.65
N LEU F 100 2.21 -56.61 -14.86
CA LEU F 100 2.04 -55.77 -16.04
C LEU F 100 1.91 -54.32 -15.57
N ARG F 101 3.06 -53.66 -15.42
CA ARG F 101 3.08 -52.29 -14.92
C ARG F 101 3.08 -51.27 -16.05
N GLN F 102 4.08 -51.32 -16.92
CA GLN F 102 4.16 -50.41 -18.05
C GLN F 102 3.37 -50.94 -19.23
N ILE F 103 3.14 -50.08 -20.21
CA ILE F 103 2.32 -50.44 -21.37
C ILE F 103 3.12 -51.34 -22.30
N PHE F 104 2.41 -52.17 -23.05
CA PHE F 104 2.99 -53.04 -24.09
C PHE F 104 4.00 -54.02 -23.50
N ASN F 105 3.57 -54.75 -22.47
CA ASN F 105 4.35 -55.86 -21.94
C ASN F 105 3.43 -57.05 -21.71
N GLY F 106 3.99 -58.25 -21.84
CA GLY F 106 3.21 -59.46 -21.74
C GLY F 106 3.82 -60.54 -20.88
N THR F 107 2.96 -61.32 -20.22
CA THR F 107 3.38 -62.42 -19.36
C THR F 107 2.50 -63.63 -19.59
N PHE F 108 3.01 -64.80 -19.19
CA PHE F 108 2.24 -66.03 -19.23
C PHE F 108 1.52 -66.25 -17.91
N VAL F 109 0.28 -66.75 -17.99
CA VAL F 109 -0.56 -66.99 -16.84
C VAL F 109 -1.13 -68.40 -16.93
N LYS F 110 -1.07 -69.13 -15.83
CA LYS F 110 -1.72 -70.44 -15.74
C LYS F 110 -3.22 -70.23 -15.53
N LEU F 111 -4.01 -70.65 -16.51
CA LEU F 111 -5.45 -70.40 -16.47
C LEU F 111 -6.12 -71.28 -15.44
N ASN F 112 -6.82 -70.64 -14.49
CA ASN F 112 -7.60 -71.33 -13.48
C ASN F 112 -8.90 -70.56 -13.27
N LYS F 113 -9.74 -71.05 -12.36
CA LYS F 113 -10.99 -70.35 -12.09
C LYS F 113 -10.73 -68.97 -11.51
N ALA F 114 -9.67 -68.82 -10.72
CA ALA F 114 -9.33 -67.51 -10.17
C ALA F 114 -8.69 -66.60 -11.21
N SER F 115 -7.81 -67.16 -12.04
CA SER F 115 -7.12 -66.35 -13.04
C SER F 115 -8.07 -65.87 -14.12
N ILE F 116 -9.06 -66.68 -14.47
CA ILE F 116 -10.05 -66.25 -15.47
C ILE F 116 -10.80 -65.02 -14.99
N ASN F 117 -11.26 -65.04 -13.73
CA ASN F 117 -11.96 -63.88 -13.20
C ASN F 117 -11.02 -62.70 -13.01
N MET F 118 -9.76 -62.96 -12.65
CA MET F 118 -8.80 -61.86 -12.54
C MET F 118 -8.58 -61.17 -13.88
N LEU F 119 -8.55 -61.95 -14.97
CA LEU F 119 -8.43 -61.36 -16.30
C LEU F 119 -9.71 -60.65 -16.72
N ARG F 120 -10.87 -61.21 -16.36
CA ARG F 120 -12.14 -60.58 -16.69
C ARG F 120 -12.30 -59.24 -15.98
N ILE F 121 -11.76 -59.12 -14.76
CA ILE F 121 -11.84 -57.86 -14.02
C ILE F 121 -11.14 -56.74 -14.78
N VAL F 122 -9.96 -57.03 -15.32
CA VAL F 122 -9.15 -56.03 -16.00
C VAL F 122 -9.21 -56.20 -17.52
N GLU F 123 -10.26 -56.84 -18.02
CA GLU F 123 -10.45 -57.01 -19.47
C GLU F 123 -10.27 -55.73 -20.28
N PRO F 124 -10.83 -54.57 -19.90
CA PRO F 124 -10.66 -53.37 -20.73
C PRO F 124 -9.22 -52.90 -20.87
N TYR F 125 -8.28 -53.41 -20.06
CA TYR F 125 -6.90 -52.94 -20.09
C TYR F 125 -5.92 -53.99 -20.59
N ILE F 126 -6.36 -55.20 -20.89
CA ILE F 126 -5.48 -56.28 -21.31
C ILE F 126 -6.01 -56.90 -22.59
N ALA F 127 -5.10 -57.57 -23.30
CA ALA F 127 -5.44 -58.42 -24.45
C ALA F 127 -4.81 -59.77 -24.18
N TRP F 128 -5.63 -60.79 -24.01
CA TRP F 128 -5.15 -62.12 -23.65
C TRP F 128 -5.56 -63.13 -24.70
N GLY F 129 -4.72 -64.16 -24.83
CA GLY F 129 -4.98 -65.19 -25.83
C GLY F 129 -4.25 -66.46 -25.47
N TYR F 130 -4.44 -67.47 -26.32
CA TYR F 130 -3.80 -68.76 -26.13
C TYR F 130 -2.54 -68.81 -27.00
N PRO F 131 -1.34 -68.76 -26.41
CA PRO F 131 -0.13 -68.68 -27.22
C PRO F 131 0.18 -69.98 -27.93
N ASN F 132 0.92 -69.85 -29.02
CA ASN F 132 1.36 -70.98 -29.82
C ASN F 132 2.77 -71.38 -29.42
N LEU F 133 3.18 -72.58 -29.86
CA LEU F 133 4.51 -73.08 -29.54
C LEU F 133 5.59 -72.16 -30.10
N LYS F 134 5.45 -71.74 -31.36
CA LYS F 134 6.44 -70.86 -31.95
C LYS F 134 6.43 -69.48 -31.30
N SER F 135 5.27 -68.98 -30.88
CA SER F 135 5.22 -67.71 -30.19
C SER F 135 5.95 -67.78 -28.84
N VAL F 136 5.72 -68.87 -28.10
CA VAL F 136 6.45 -69.07 -26.85
C VAL F 136 7.95 -69.17 -27.11
N ASN F 137 8.32 -69.87 -28.19
CA ASN F 137 9.73 -70.00 -28.53
C ASN F 137 10.35 -68.64 -28.80
N GLU F 138 9.68 -67.81 -29.60
CA GLU F 138 10.18 -66.47 -29.90
C GLU F 138 10.25 -65.60 -28.65
N LEU F 139 9.22 -65.64 -27.80
CA LEU F 139 9.21 -64.81 -26.61
C LEU F 139 10.28 -65.23 -25.60
N ILE F 140 10.65 -66.51 -25.59
CA ILE F 140 11.71 -66.94 -24.68
C ILE F 140 13.08 -66.67 -25.26
N TYR F 141 13.25 -66.80 -26.58
CA TYR F 141 14.56 -66.62 -27.19
C TYR F 141 14.91 -65.14 -27.34
N LYS F 142 14.06 -64.38 -28.05
CA LYS F 142 14.40 -63.00 -28.37
C LYS F 142 14.24 -62.09 -27.15
N ARG F 143 13.07 -62.08 -26.54
CA ARG F 143 12.78 -61.21 -25.40
C ARG F 143 12.94 -61.93 -24.07
N GLY F 144 13.84 -62.93 -23.99
CA GLY F 144 14.02 -63.68 -22.78
C GLY F 144 14.93 -63.01 -21.77
N TYR F 145 14.40 -62.70 -20.59
CA TYR F 145 15.16 -62.06 -19.53
C TYR F 145 14.75 -62.67 -18.19
N GLY F 146 15.74 -63.21 -17.47
CA GLY F 146 15.47 -63.78 -16.17
C GLY F 146 16.12 -62.96 -15.06
N LYS F 147 15.66 -63.13 -13.83
CA LYS F 147 16.20 -62.39 -12.69
C LYS F 147 16.76 -63.39 -11.67
N ILE F 148 18.07 -63.61 -11.72
CA ILE F 148 18.73 -64.42 -10.70
C ILE F 148 18.72 -63.66 -9.37
N ASN F 149 18.66 -62.34 -9.43
CA ASN F 149 18.56 -61.50 -8.24
C ASN F 149 17.54 -60.42 -8.56
N LYS F 150 17.54 -59.35 -7.76
CA LYS F 150 16.60 -58.27 -8.04
C LYS F 150 16.92 -57.50 -9.34
N LYS F 151 17.92 -57.93 -10.11
CA LYS F 151 18.29 -57.31 -11.37
C LYS F 151 17.82 -58.17 -12.54
N ARG F 152 17.69 -57.53 -13.69
CA ARG F 152 17.22 -58.18 -14.92
C ARG F 152 18.42 -58.54 -15.77
N ILE F 153 18.82 -59.81 -15.73
CA ILE F 153 19.97 -60.31 -16.46
C ILE F 153 19.49 -60.97 -17.75
N ALA F 154 20.14 -60.63 -18.86
CA ALA F 154 19.78 -61.21 -20.14
C ALA F 154 20.14 -62.69 -20.17
N LEU F 155 19.31 -63.47 -20.86
CA LEU F 155 19.49 -64.92 -20.94
C LEU F 155 20.38 -65.23 -22.14
N THR F 156 21.66 -65.45 -21.87
CA THR F 156 22.64 -65.77 -22.89
C THR F 156 23.24 -67.16 -22.74
N ASP F 157 23.54 -67.58 -21.51
CA ASP F 157 24.14 -68.87 -21.24
C ASP F 157 23.19 -69.73 -20.43
N ASN F 158 23.25 -71.04 -20.63
CA ASN F 158 22.41 -71.97 -19.88
C ASN F 158 22.79 -72.01 -18.41
N SER F 159 23.99 -71.58 -18.04
CA SER F 159 24.39 -71.55 -16.64
C SER F 159 23.55 -70.57 -15.85
N LEU F 160 23.12 -69.47 -16.47
CA LEU F 160 22.27 -68.50 -15.79
C LEU F 160 20.95 -69.13 -15.36
N ILE F 161 20.41 -70.01 -16.18
CA ILE F 161 19.17 -70.69 -15.83
C ILE F 161 19.44 -71.83 -14.85
N ALA F 162 20.54 -72.56 -15.05
CA ALA F 162 20.84 -73.71 -14.21
C ALA F 162 21.21 -73.31 -12.79
N ARG F 163 21.73 -72.10 -12.59
CA ARG F 163 22.14 -71.67 -11.26
C ARG F 163 20.93 -71.28 -10.40
N SER F 164 19.98 -70.57 -10.99
CA SER F 164 18.84 -70.06 -10.24
C SER F 164 17.65 -71.01 -10.23
N LEU F 165 17.43 -71.76 -11.31
CA LEU F 165 16.27 -72.62 -11.43
C LEU F 165 16.61 -74.09 -11.61
N GLY F 166 17.90 -74.45 -11.58
CA GLY F 166 18.30 -75.83 -11.76
C GLY F 166 17.98 -76.76 -10.61
N LYS F 167 17.51 -76.23 -9.47
CA LYS F 167 17.14 -77.07 -8.34
C LYS F 167 15.85 -77.83 -8.58
N PHE F 168 15.12 -77.54 -9.65
CA PHE F 168 13.89 -78.25 -9.97
C PHE F 168 14.02 -79.13 -11.20
N GLY F 169 15.08 -78.98 -11.99
CA GLY F 169 15.27 -79.71 -13.22
C GLY F 169 15.00 -78.92 -14.48
N ILE F 170 15.25 -77.61 -14.47
CA ILE F 170 14.96 -76.73 -15.59
C ILE F 170 16.27 -76.14 -16.08
N ILE F 171 17.34 -76.94 -16.03
CA ILE F 171 18.69 -76.44 -16.22
C ILE F 171 18.84 -75.70 -17.55
N CYS F 172 18.15 -76.16 -18.59
CA CYS F 172 18.37 -75.58 -19.91
C CYS F 172 17.17 -74.75 -20.36
N MET F 173 17.44 -73.90 -21.36
CA MET F 173 16.38 -73.05 -21.90
C MET F 173 15.31 -73.86 -22.61
N GLU F 174 15.68 -75.00 -23.21
CA GLU F 174 14.66 -75.91 -23.73
C GLU F 174 13.78 -76.45 -22.61
N ASP F 175 14.38 -76.77 -21.45
CA ASP F 175 13.58 -77.18 -20.31
C ASP F 175 12.64 -76.06 -19.87
N LEU F 176 13.11 -74.81 -19.90
CA LEU F 176 12.26 -73.69 -19.54
C LEU F 176 11.08 -73.57 -20.51
N ILE F 177 11.36 -73.62 -21.81
CA ILE F 177 10.29 -73.53 -22.81
C ILE F 177 9.30 -74.67 -22.64
N HIS F 178 9.79 -75.87 -22.34
CA HIS F 178 8.90 -77.01 -22.15
C HIS F 178 8.03 -76.82 -20.91
N GLU F 179 8.63 -76.38 -19.80
CA GLU F 179 7.85 -76.16 -18.59
C GLU F 179 6.82 -75.05 -18.79
N ILE F 180 7.12 -74.08 -19.64
CA ILE F 180 6.15 -73.02 -19.90
C ILE F 180 5.00 -73.52 -20.77
N TYR F 181 5.33 -74.24 -21.85
CA TYR F 181 4.31 -74.66 -22.80
C TYR F 181 3.53 -75.89 -22.34
N THR F 182 4.02 -76.59 -21.32
CA THR F 182 3.37 -77.81 -20.85
C THR F 182 3.10 -77.70 -19.35
N VAL F 183 2.45 -76.63 -18.94
CA VAL F 183 2.31 -76.20 -17.54
C VAL F 183 2.04 -77.39 -16.63
N GLY F 184 2.86 -77.53 -15.58
CA GLY F 184 2.75 -78.65 -14.67
C GLY F 184 2.96 -78.28 -13.23
N LYS F 185 3.76 -79.07 -12.51
CA LYS F 185 3.95 -78.88 -11.08
C LYS F 185 4.94 -77.75 -10.76
N ARG F 186 5.83 -77.40 -11.69
CA ARG F 186 6.86 -76.41 -11.45
C ARG F 186 6.74 -75.25 -12.44
N PHE F 187 5.52 -74.77 -12.64
CA PHE F 187 5.30 -73.66 -13.57
C PHE F 187 5.40 -72.29 -12.90
N LYS F 188 5.01 -72.19 -11.63
CA LYS F 188 5.03 -70.89 -10.95
C LYS F 188 6.44 -70.34 -10.85
N GLU F 189 7.40 -71.19 -10.46
CA GLU F 189 8.78 -70.73 -10.33
C GLU F 189 9.36 -70.35 -11.68
N ALA F 190 9.09 -71.13 -12.73
CA ALA F 190 9.62 -70.81 -14.04
C ALA F 190 9.01 -69.53 -14.59
N ASN F 191 7.74 -69.27 -14.28
CA ASN F 191 7.10 -68.04 -14.76
C ASN F 191 7.60 -66.83 -13.98
N ASN F 192 7.79 -66.98 -12.67
CA ASN F 192 8.26 -65.85 -11.86
C ASN F 192 9.73 -65.55 -12.10
N PHE F 193 10.51 -66.54 -12.53
CA PHE F 193 11.91 -66.28 -12.84
C PHE F 193 12.06 -65.37 -14.06
N LEU F 194 11.09 -65.41 -14.98
CA LEU F 194 11.16 -64.61 -16.18
C LEU F 194 10.66 -63.20 -15.92
N TRP F 195 11.45 -62.21 -16.32
CA TRP F 195 11.03 -60.83 -16.24
C TRP F 195 9.86 -60.58 -17.20
N PRO F 196 8.94 -59.69 -16.85
CA PRO F 196 7.85 -59.34 -17.77
C PRO F 196 8.40 -58.91 -19.13
N PHE F 197 7.92 -59.58 -20.18
CA PHE F 197 8.46 -59.40 -21.52
C PHE F 197 8.11 -58.01 -22.04
N LYS F 198 9.12 -57.13 -22.10
CA LYS F 198 8.93 -55.80 -22.66
C LYS F 198 8.84 -55.91 -24.18
N LEU F 199 7.64 -55.73 -24.72
CA LEU F 199 7.39 -55.87 -26.15
C LEU F 199 7.33 -54.51 -26.81
N SER F 200 7.69 -54.47 -28.09
CA SER F 200 7.65 -53.24 -28.86
C SER F 200 6.24 -52.99 -29.40
N SER F 201 6.07 -51.86 -30.07
CA SER F 201 4.78 -51.54 -30.65
C SER F 201 4.51 -52.41 -31.88
N PRO F 202 3.26 -52.72 -32.17
CA PRO F 202 2.95 -53.57 -33.33
C PRO F 202 3.27 -52.86 -34.63
N ARG F 203 3.36 -53.65 -35.70
CA ARG F 203 3.67 -53.13 -37.02
C ARG F 203 2.42 -52.74 -37.80
N GLY F 204 1.43 -53.63 -37.89
CA GLY F 204 0.24 -53.36 -38.67
C GLY F 204 -0.65 -52.28 -38.09
N GLY F 205 -0.43 -51.91 -36.83
CA GLY F 205 -1.26 -50.91 -36.19
C GLY F 205 -2.47 -51.51 -35.51
N MET F 206 -2.70 -51.11 -34.26
CA MET F 206 -3.82 -51.65 -33.50
C MET F 206 -5.10 -50.90 -33.84
N LYS F 207 -6.16 -51.65 -34.14
CA LYS F 207 -7.43 -51.07 -34.59
C LYS F 207 -8.37 -50.94 -33.40
N LYS F 208 -8.78 -49.71 -33.12
CA LYS F 208 -9.74 -49.40 -32.04
C LYS F 208 -9.26 -49.97 -30.71
N LYS F 209 -8.13 -49.42 -30.25
CA LYS F 209 -7.50 -49.88 -29.02
C LYS F 209 -8.45 -49.87 -27.83
N THR F 210 -9.37 -48.90 -27.78
CA THR F 210 -10.27 -48.79 -26.64
C THR F 210 -11.46 -49.72 -26.72
N THR F 211 -11.68 -50.38 -27.86
CA THR F 211 -12.84 -51.22 -28.07
C THR F 211 -12.46 -52.70 -27.94
N HIS F 212 -13.42 -53.50 -27.50
CA HIS F 212 -13.21 -54.93 -27.35
C HIS F 212 -12.98 -55.60 -28.71
N PHE F 213 -12.27 -56.73 -28.68
CA PHE F 213 -11.95 -57.43 -29.92
C PHE F 213 -13.18 -57.94 -30.62
N VAL F 214 -14.23 -58.30 -29.88
CA VAL F 214 -15.44 -58.81 -30.49
C VAL F 214 -16.16 -57.70 -31.25
N GLU F 215 -16.23 -56.50 -30.67
CA GLU F 215 -16.88 -55.39 -31.34
C GLU F 215 -16.11 -54.90 -32.56
N GLY F 216 -14.81 -55.19 -32.63
CA GLY F 216 -13.99 -54.75 -33.75
C GLY F 216 -12.70 -54.11 -33.31
N GLY F 217 -12.42 -54.14 -32.02
CA GLY F 217 -11.21 -53.59 -31.45
C GLY F 217 -10.16 -54.63 -31.20
N ASP F 218 -9.33 -54.39 -30.18
CA ASP F 218 -8.22 -55.29 -29.85
C ASP F 218 -8.16 -55.71 -28.39
N ALA F 219 -8.71 -54.94 -27.46
CA ALA F 219 -8.61 -55.25 -26.04
C ALA F 219 -9.68 -56.28 -25.68
N GLY F 220 -9.29 -57.54 -25.64
CA GLY F 220 -10.25 -58.60 -25.33
C GLY F 220 -9.63 -59.97 -25.43
N ASN F 221 -10.49 -60.95 -25.72
CA ASN F 221 -10.06 -62.34 -25.87
C ASN F 221 -9.73 -62.61 -27.34
N ARG F 222 -8.49 -63.02 -27.59
CA ARG F 222 -7.96 -63.26 -28.92
C ARG F 222 -7.36 -64.66 -28.99
N GLU F 223 -8.16 -65.66 -28.59
CA GLU F 223 -7.71 -67.02 -28.35
C GLU F 223 -6.69 -67.52 -29.37
N ASP F 224 -7.06 -67.52 -30.65
CA ASP F 224 -6.17 -67.98 -31.70
C ASP F 224 -5.58 -66.85 -32.53
N GLN F 225 -6.10 -65.64 -32.41
CA GLN F 225 -5.61 -64.50 -33.18
C GLN F 225 -4.53 -63.71 -32.46
N ILE F 226 -4.13 -64.12 -31.26
CA ILE F 226 -3.11 -63.36 -30.54
C ILE F 226 -1.72 -63.65 -31.11
N ASN F 227 -1.54 -64.78 -31.80
CA ASN F 227 -0.23 -65.06 -32.39
C ASN F 227 0.07 -64.14 -33.55
N ARG F 228 -0.94 -63.79 -34.36
CA ARG F 228 -0.73 -62.85 -35.45
C ARG F 228 -0.34 -61.48 -34.93
N LEU F 229 -0.76 -61.13 -33.71
CA LEU F 229 -0.34 -59.88 -33.07
C LEU F 229 1.01 -60.00 -32.39
N ILE F 230 1.34 -61.17 -31.86
CA ILE F 230 2.65 -61.38 -31.26
C ILE F 230 3.74 -61.30 -32.33
N ARG F 231 3.44 -61.81 -33.53
CA ARG F 231 4.41 -61.76 -34.62
C ARG F 231 4.80 -60.33 -34.96
N ARG F 232 3.90 -59.37 -34.77
CA ARG F 232 4.19 -57.97 -35.06
C ARG F 232 4.67 -57.20 -33.83
N MET F 233 4.31 -57.65 -32.63
CA MET F 233 4.78 -56.99 -31.42
C MET F 233 6.22 -57.39 -31.10
N ASN F 234 6.64 -58.58 -31.50
CA ASN F 234 8.00 -59.03 -31.26
C ASN F 234 8.79 -59.09 -32.56
N ASN G 1 -6.74 93.01 77.18
CA ASN G 1 -7.75 93.38 78.15
C ASN G 1 -9.01 94.02 77.54
N PRO G 2 -8.87 94.97 76.61
CA PRO G 2 -10.08 95.56 76.00
C PRO G 2 -10.93 94.54 75.26
N LEU G 3 -10.32 93.72 74.40
CA LEU G 3 -11.03 92.70 73.64
C LEU G 3 -10.28 91.37 73.78
N PHE G 4 -10.61 90.63 74.84
CA PHE G 4 -10.15 89.26 75.05
C PHE G 4 -11.40 88.42 75.28
N GLU G 5 -12.01 87.95 74.20
CA GLU G 5 -13.26 87.21 74.26
C GLU G 5 -13.04 85.73 74.04
N LYS G 6 -13.99 84.92 74.50
CA LYS G 6 -13.90 83.48 74.44
C LYS G 6 -14.68 82.95 73.23
N ARG G 7 -14.18 81.87 72.65
CA ARG G 7 -14.82 81.21 71.51
C ARG G 7 -15.23 79.80 71.93
N PRO G 8 -16.37 79.62 72.59
CA PRO G 8 -16.79 78.28 72.99
C PRO G 8 -17.22 77.46 71.79
N LYS G 9 -16.46 76.40 71.51
CA LYS G 9 -16.75 75.52 70.39
C LYS G 9 -17.66 74.39 70.85
N ASN G 10 -18.70 74.12 70.06
CA ASN G 10 -19.67 73.08 70.36
C ASN G 10 -19.23 71.79 69.67
N PHE G 11 -18.83 70.80 70.48
CA PHE G 11 -18.34 69.52 69.97
C PHE G 11 -19.44 68.46 69.94
N GLY G 12 -20.68 68.84 69.63
CA GLY G 12 -21.78 67.90 69.63
C GLY G 12 -21.85 67.07 68.38
N ILE G 13 -23.04 66.95 67.79
CA ILE G 13 -23.22 66.06 66.66
C ILE G 13 -22.74 66.71 65.36
N GLY G 14 -23.27 67.89 65.04
CA GLY G 14 -22.95 68.52 63.78
C GLY G 14 -22.58 69.99 63.87
N GLN G 15 -22.18 70.44 65.06
CA GLN G 15 -21.78 71.84 65.21
C GLN G 15 -20.34 72.04 64.74
N ASP G 16 -19.39 71.37 65.39
CA ASP G 16 -17.98 71.42 65.01
C ASP G 16 -17.46 70.00 64.91
N ILE G 17 -16.23 69.87 64.44
CA ILE G 17 -15.60 68.56 64.34
C ILE G 17 -15.12 68.11 65.72
N GLN G 18 -14.91 66.81 65.86
CA GLN G 18 -14.51 66.27 67.15
C GLN G 18 -13.01 66.49 67.35
N PRO G 19 -12.59 66.82 68.57
CA PRO G 19 -11.17 67.01 68.85
C PRO G 19 -10.45 65.67 68.95
N LYS G 20 -9.14 65.73 69.15
CA LYS G 20 -8.32 64.53 69.23
C LYS G 20 -8.47 63.92 70.63
N ARG G 21 -8.93 62.67 70.68
CA ARG G 21 -9.12 61.95 71.93
C ARG G 21 -8.07 60.85 72.04
N ASP G 22 -8.18 60.04 73.10
CA ASP G 22 -7.18 59.01 73.36
C ASP G 22 -7.20 57.93 72.29
N LEU G 23 -8.40 57.43 71.96
CA LEU G 23 -8.60 56.40 70.93
C LEU G 23 -7.76 55.15 71.16
N THR G 24 -7.29 54.92 72.39
CA THR G 24 -6.50 53.74 72.66
C THR G 24 -7.36 52.48 72.72
N ARG G 25 -8.66 52.65 72.99
CA ARG G 25 -9.58 51.53 73.06
C ARG G 25 -10.04 51.06 71.67
N PHE G 26 -9.85 51.87 70.64
CA PHE G 26 -10.31 51.54 69.30
C PHE G 26 -9.19 51.45 68.27
N VAL G 27 -7.94 51.73 68.66
CA VAL G 27 -6.84 51.67 67.71
C VAL G 27 -6.63 50.22 67.24
N LYS G 28 -6.33 50.06 65.96
CA LYS G 28 -6.14 48.73 65.38
C LYS G 28 -4.74 48.25 65.73
N TRP G 29 -4.64 47.43 66.76
CA TRP G 29 -3.35 46.90 67.18
C TRP G 29 -2.86 45.84 66.19
N PRO G 30 -1.55 45.66 66.06
CA PRO G 30 -1.03 44.63 65.15
C PRO G 30 -1.43 43.22 65.55
N ARG G 31 -1.11 42.25 64.68
CA ARG G 31 -1.53 40.88 64.93
C ARG G 31 -0.82 40.29 66.15
N TYR G 32 0.45 40.61 66.35
CA TYR G 32 1.17 40.09 67.50
C TYR G 32 0.69 40.71 68.80
N ILE G 33 0.12 41.92 68.73
CA ILE G 33 -0.51 42.51 69.91
C ILE G 33 -1.85 41.84 70.18
N ARG G 34 -2.66 41.68 69.13
CA ARG G 34 -3.98 41.09 69.30
C ARG G 34 -3.90 39.64 69.76
N LEU G 35 -2.86 38.92 69.37
CA LEU G 35 -2.72 37.54 69.80
C LEU G 35 -2.31 37.44 71.26
N GLN G 36 -1.35 38.27 71.69
CA GLN G 36 -0.88 38.24 73.06
C GLN G 36 -1.83 38.90 74.03
N ARG G 37 -2.78 39.71 73.55
CA ARG G 37 -3.74 40.35 74.44
C ARG G 37 -4.89 39.42 74.82
N GLN G 38 -5.61 38.89 73.83
CA GLN G 38 -6.78 38.08 74.11
C GLN G 38 -6.43 36.73 74.72
N ARG G 39 -5.15 36.39 74.85
CA ARG G 39 -4.77 35.17 75.53
C ARG G 39 -5.17 35.22 77.01
N ALA G 40 -4.98 36.38 77.65
CA ALA G 40 -5.40 36.52 79.03
C ALA G 40 -6.92 36.43 79.18
N ILE G 41 -7.65 37.03 78.24
CA ILE G 41 -9.11 36.93 78.27
C ILE G 41 -9.55 35.48 78.10
N LEU G 42 -8.86 34.74 77.22
CA LEU G 42 -9.18 33.32 77.07
C LEU G 42 -8.89 32.54 78.35
N TYR G 43 -7.75 32.82 78.99
CA TYR G 43 -7.42 32.15 80.24
C TYR G 43 -8.42 32.48 81.34
N LYS G 44 -9.01 33.68 81.29
CA LYS G 44 -10.01 34.04 82.29
C LYS G 44 -11.38 33.46 81.98
N ARG G 45 -11.71 33.30 80.70
CA ARG G 45 -13.00 32.74 80.31
C ARG G 45 -13.04 31.24 80.54
N LEU G 46 -12.05 30.52 80.03
CA LEU G 46 -12.04 29.06 80.12
C LEU G 46 -11.86 28.62 81.57
N LYS G 47 -12.43 27.46 81.87
CA LYS G 47 -12.31 26.87 83.20
C LYS G 47 -10.95 26.17 83.29
N VAL G 48 -9.97 26.86 83.86
CA VAL G 48 -8.61 26.35 83.95
C VAL G 48 -8.57 25.17 84.91
N PRO G 49 -7.71 24.18 84.69
CA PRO G 49 -7.61 23.05 85.61
C PRO G 49 -7.05 23.50 86.95
N PRO G 50 -7.25 22.69 88.00
CA PRO G 50 -6.77 23.09 89.33
C PRO G 50 -5.25 23.02 89.47
N ALA G 51 -4.58 22.51 88.44
CA ALA G 51 -3.13 22.42 88.44
C ALA G 51 -2.46 23.69 87.94
N ILE G 52 -3.23 24.64 87.42
CA ILE G 52 -2.68 25.93 86.99
C ILE G 52 -3.08 26.99 88.01
N ASN G 53 -4.21 26.78 88.69
CA ASN G 53 -4.65 27.71 89.72
C ASN G 53 -3.69 27.80 90.89
N GLN G 54 -2.76 26.84 91.02
CA GLN G 54 -1.69 27.00 92.00
C GLN G 54 -0.91 28.28 91.74
N PHE G 55 -0.62 28.57 90.48
CA PHE G 55 0.03 29.82 90.11
C PHE G 55 -0.99 30.96 90.12
N THR G 56 -0.51 32.16 89.80
CA THR G 56 -1.29 33.39 89.83
C THR G 56 -1.86 33.65 91.22
N GLN G 57 -1.39 32.89 92.22
CA GLN G 57 -1.74 33.08 93.63
C GLN G 57 -0.43 32.95 94.40
N ALA G 58 0.26 34.08 94.56
CA ALA G 58 1.60 34.05 95.15
C ALA G 58 1.69 34.92 96.39
N LEU G 59 2.90 35.08 96.92
CA LEU G 59 3.11 35.89 98.11
C LEU G 59 2.80 37.36 97.82
N ASP G 60 2.51 38.10 98.89
CA ASP G 60 2.21 39.52 98.78
C ASP G 60 3.51 40.31 98.59
N ARG G 61 3.40 41.63 98.58
CA ARG G 61 4.58 42.47 98.35
C ARG G 61 5.50 42.55 99.57
N GLN G 62 5.10 41.99 100.71
CA GLN G 62 5.92 42.06 101.92
C GLN G 62 6.73 40.78 102.11
N THR G 63 6.06 39.64 102.17
CA THR G 63 6.76 38.37 102.39
C THR G 63 7.65 38.01 101.21
N ALA G 64 7.24 38.37 99.99
CA ALA G 64 8.10 38.12 98.82
C ALA G 64 9.37 38.95 98.89
N THR G 65 9.24 40.23 99.27
CA THR G 65 10.44 41.07 99.41
C THR G 65 11.31 40.56 100.55
N GLN G 66 10.71 40.05 101.62
CA GLN G 66 11.49 39.49 102.71
C GLN G 66 12.27 38.26 102.25
N LEU G 67 11.61 37.38 101.49
CA LEU G 67 12.30 36.21 100.96
C LEU G 67 13.41 36.61 99.99
N LEU G 68 13.19 37.67 99.22
CA LEU G 68 14.25 38.16 98.32
C LEU G 68 15.43 38.72 99.10
N LYS G 69 15.16 39.46 100.17
CA LYS G 69 16.25 39.99 100.99
C LYS G 69 17.01 38.86 101.67
N LEU G 70 16.31 37.78 102.01
CA LEU G 70 16.99 36.62 102.57
C LEU G 70 17.85 35.91 101.53
N ALA G 71 17.32 35.76 100.31
CA ALA G 71 18.07 35.08 99.25
C ALA G 71 19.24 35.92 98.75
N HIS G 72 19.19 37.23 98.93
CA HIS G 72 20.29 38.09 98.46
C HIS G 72 21.61 37.78 99.15
N LYS G 73 21.58 37.06 100.27
CA LYS G 73 22.80 36.70 100.98
C LYS G 73 23.42 35.41 100.48
N TYR G 74 22.64 34.53 99.85
CA TYR G 74 23.12 33.25 99.36
C TYR G 74 23.09 33.17 97.84
N ARG G 75 23.36 34.29 97.16
CA ARG G 75 23.30 34.32 95.71
C ARG G 75 24.41 33.44 95.12
N PRO G 76 24.17 32.86 93.95
CA PRO G 76 25.24 32.12 93.26
C PRO G 76 26.42 33.03 92.94
N GLU G 77 27.61 32.45 92.99
CA GLU G 77 28.84 33.24 92.88
C GLU G 77 29.12 33.53 91.41
N THR G 78 29.36 34.80 91.09
CA THR G 78 29.52 35.20 89.70
C THR G 78 30.86 34.73 89.14
N LYS G 79 31.01 34.87 87.82
CA LYS G 79 32.20 34.37 87.14
C LYS G 79 33.43 35.22 87.44
N GLN G 80 33.27 36.53 87.64
CA GLN G 80 34.40 37.38 87.97
C GLN G 80 35.04 36.95 89.27
N GLU G 81 34.27 36.97 90.37
CA GLU G 81 34.79 36.53 91.65
C GLU G 81 35.09 35.04 91.67
N LYS G 82 34.49 34.25 90.78
CA LYS G 82 34.85 32.85 90.67
C LYS G 82 36.28 32.70 90.15
N LYS G 83 36.62 33.41 89.08
CA LYS G 83 37.99 33.42 88.59
C LYS G 83 38.93 33.98 89.66
N GLN G 84 38.49 35.02 90.38
CA GLN G 84 39.30 35.58 91.44
C GLN G 84 39.63 34.54 92.51
N ARG G 85 38.62 33.82 92.99
CA ARG G 85 38.84 32.84 94.05
C ARG G 85 39.62 31.63 93.54
N LEU G 86 39.43 31.25 92.28
CA LEU G 86 40.22 30.15 91.73
C LEU G 86 41.68 30.54 91.56
N LEU G 87 41.95 31.81 91.25
CA LEU G 87 43.34 32.27 91.19
C LEU G 87 43.95 32.38 92.58
N ALA G 88 43.17 32.80 93.57
CA ALA G 88 43.68 32.92 94.92
C ALA G 88 43.86 31.56 95.60
N ARG G 89 43.09 30.56 95.18
CA ARG G 89 43.16 29.26 95.82
C ARG G 89 44.50 28.58 95.57
N ALA G 90 44.94 28.55 94.31
CA ALA G 90 46.22 27.93 93.99
C ALA G 90 47.39 28.66 94.62
N GLU G 91 47.24 29.96 94.91
CA GLU G 91 48.31 30.69 95.57
C GLU G 91 48.34 30.40 97.06
N LYS G 92 47.19 30.51 97.73
CA LYS G 92 47.16 30.25 99.17
C LYS G 92 47.39 28.79 99.51
N LYS G 93 47.15 27.87 98.56
CA LYS G 93 47.46 26.48 98.80
C LYS G 93 48.97 26.25 98.90
N ALA G 94 49.74 26.84 97.98
CA ALA G 94 51.18 26.77 98.07
C ALA G 94 51.74 27.63 99.20
N ALA G 95 51.00 28.66 99.61
CA ALA G 95 51.46 29.50 100.71
C ALA G 95 51.32 28.78 102.05
N GLY G 96 50.10 28.37 102.39
CA GLY G 96 49.84 27.80 103.70
C GLY G 96 49.98 26.29 103.80
N LYS G 97 49.90 25.60 102.66
CA LYS G 97 49.99 24.14 102.61
C LYS G 97 48.89 23.48 103.45
N GLY G 98 47.65 23.92 103.23
CA GLY G 98 46.50 23.41 103.95
C GLY G 98 45.59 22.61 103.04
N ASP G 99 44.86 21.66 103.63
CA ASP G 99 43.95 20.83 102.86
C ASP G 99 42.70 21.61 102.45
N VAL G 100 41.94 22.09 103.44
CA VAL G 100 40.73 22.87 103.17
C VAL G 100 40.78 24.17 103.95
N PRO G 101 41.39 25.23 103.40
CA PRO G 101 41.41 26.51 104.13
C PRO G 101 40.12 27.31 104.01
N THR G 102 39.26 26.98 103.05
CA THR G 102 37.99 27.69 102.84
C THR G 102 36.84 26.72 103.04
N LYS G 103 35.97 27.01 104.01
CA LYS G 103 34.80 26.20 104.24
C LYS G 103 33.83 26.33 103.06
N ARG G 104 33.11 25.25 102.77
CA ARG G 104 32.14 25.28 101.68
C ARG G 104 31.05 26.32 101.98
N PRO G 105 30.85 27.29 101.09
CA PRO G 105 29.87 28.34 101.37
C PRO G 105 28.47 27.87 101.02
N PRO G 106 27.50 28.11 101.91
CA PRO G 106 26.10 27.73 101.61
C PRO G 106 25.54 28.63 100.53
N VAL G 107 25.02 28.02 99.48
CA VAL G 107 24.48 28.76 98.34
C VAL G 107 23.20 28.06 97.86
N LEU G 108 22.29 28.85 97.33
CA LEU G 108 21.05 28.31 96.78
C LEU G 108 21.32 27.63 95.44
N ARG G 109 20.50 26.62 95.14
CA ARG G 109 20.64 25.86 93.91
C ARG G 109 19.56 26.29 92.91
N ALA G 110 19.98 26.51 91.66
CA ALA G 110 19.09 26.94 90.60
C ALA G 110 18.88 25.79 89.61
N GLY G 111 17.81 25.89 88.84
CA GLY G 111 17.49 24.89 87.85
C GLY G 111 16.45 23.89 88.30
N VAL G 112 15.49 23.59 87.43
CA VAL G 112 14.40 22.70 87.81
C VAL G 112 14.91 21.29 88.04
N ASN G 113 15.89 20.83 87.24
CA ASN G 113 16.43 19.49 87.43
C ASN G 113 17.13 19.37 88.79
N THR G 114 17.97 20.35 89.13
CA THR G 114 18.65 20.33 90.42
C THR G 114 17.65 20.40 91.56
N VAL G 115 16.64 21.27 91.44
CA VAL G 115 15.64 21.39 92.49
C VAL G 115 14.90 20.08 92.68
N THR G 116 14.58 19.40 91.57
CA THR G 116 13.85 18.14 91.68
C THR G 116 14.72 17.04 92.29
N THR G 117 15.98 16.94 91.86
CA THR G 117 16.87 15.94 92.44
C THR G 117 17.17 16.23 93.91
N LEU G 118 17.03 17.48 94.34
CA LEU G 118 17.20 17.78 95.76
C LEU G 118 15.95 17.44 96.56
N VAL G 119 14.77 17.82 96.06
CA VAL G 119 13.54 17.56 96.81
C VAL G 119 13.23 16.07 96.84
N GLU G 120 13.64 15.31 95.82
CA GLU G 120 13.39 13.88 95.84
C GLU G 120 14.23 13.19 96.90
N ASN G 121 15.47 13.65 97.09
CA ASN G 121 16.34 13.11 98.14
C ASN G 121 16.18 13.82 99.47
N LYS G 122 15.25 14.79 99.55
CA LYS G 122 14.95 15.49 100.80
C LYS G 122 16.17 16.27 101.30
N LYS G 123 16.82 16.97 100.38
CA LYS G 123 18.00 17.76 100.69
C LYS G 123 17.74 19.26 100.69
N ALA G 124 16.53 19.69 100.32
CA ALA G 124 16.19 21.10 100.23
C ALA G 124 15.38 21.52 101.45
N GLN G 125 15.76 22.65 102.05
CA GLN G 125 15.02 23.18 103.18
C GLN G 125 13.79 23.96 102.73
N LEU G 126 13.85 24.55 101.54
CA LEU G 126 12.74 25.34 101.02
C LEU G 126 12.83 25.39 99.50
N VAL G 127 11.67 25.55 98.85
CA VAL G 127 11.62 25.69 97.40
C VAL G 127 10.80 26.93 97.06
N VAL G 128 11.33 27.75 96.16
CA VAL G 128 10.60 28.91 95.63
C VAL G 128 10.47 28.74 94.13
N ILE G 129 9.28 29.03 93.60
CA ILE G 129 8.91 28.73 92.23
C ILE G 129 8.46 30.01 91.56
N ALA G 130 8.70 30.13 90.26
CA ALA G 130 8.18 31.23 89.47
C ALA G 130 6.92 30.79 88.73
N HIS G 131 6.13 31.78 88.29
CA HIS G 131 4.87 31.52 87.62
C HIS G 131 4.75 32.14 86.24
N ASP G 132 5.76 32.89 85.80
CA ASP G 132 5.76 33.47 84.46
C ASP G 132 6.29 32.53 83.39
N VAL G 133 6.43 31.24 83.70
CA VAL G 133 6.90 30.27 82.72
C VAL G 133 5.84 30.11 81.63
N ASP G 134 6.29 30.03 80.38
CA ASP G 134 5.32 29.86 79.29
C ASP G 134 4.78 28.44 79.22
N PRO G 135 5.61 27.37 79.15
CA PRO G 135 5.06 26.01 79.24
C PRO G 135 4.84 25.61 80.70
N ILE G 136 3.57 25.53 81.09
CA ILE G 136 3.25 25.28 82.49
C ILE G 136 3.58 23.84 82.89
N GLU G 137 3.68 22.95 81.90
CA GLU G 137 3.93 21.54 82.20
C GLU G 137 5.29 21.32 82.84
N LEU G 138 6.27 22.19 82.59
CA LEU G 138 7.56 22.07 83.26
C LEU G 138 7.48 22.38 84.74
N VAL G 139 6.33 22.88 85.23
CA VAL G 139 6.20 23.28 86.62
C VAL G 139 5.03 22.62 87.34
N VAL G 140 4.01 22.13 86.63
CA VAL G 140 2.81 21.61 87.31
C VAL G 140 3.15 20.48 88.27
N PHE G 141 4.17 19.68 87.96
CA PHE G 141 4.46 18.50 88.76
C PHE G 141 5.18 18.83 90.06
N LEU G 142 5.77 20.01 90.18
CA LEU G 142 6.61 20.34 91.32
C LEU G 142 5.83 20.52 92.62
N PRO G 143 4.71 21.28 92.64
CA PRO G 143 4.00 21.46 93.93
C PRO G 143 3.53 20.16 94.54
N ALA G 144 3.01 19.23 93.73
CA ALA G 144 2.60 17.94 94.26
C ALA G 144 3.80 17.16 94.79
N LEU G 145 4.95 17.26 94.13
CA LEU G 145 6.13 16.56 94.61
C LEU G 145 6.60 17.11 95.96
N CYS G 146 6.60 18.44 96.10
CA CYS G 146 6.95 19.02 97.39
C CYS G 146 5.94 18.71 98.47
N ARG G 147 4.64 18.62 98.11
CA ARG G 147 3.64 18.22 99.09
C ARG G 147 3.86 16.79 99.55
N LYS G 148 4.23 15.90 98.61
CA LYS G 148 4.51 14.52 98.99
C LYS G 148 5.77 14.40 99.83
N MET G 149 6.80 15.19 99.53
CA MET G 149 8.04 15.12 100.28
C MET G 149 7.99 15.89 101.59
N GLY G 150 6.98 16.74 101.79
CA GLY G 150 6.84 17.47 103.02
C GLY G 150 7.65 18.75 103.14
N VAL G 151 8.44 19.09 102.12
CA VAL G 151 9.25 20.30 102.16
C VAL G 151 8.37 21.51 101.91
N PRO G 152 8.71 22.69 102.44
CA PRO G 152 7.89 23.88 102.17
C PRO G 152 8.20 24.46 100.80
N TYR G 153 7.15 24.65 100.00
CA TYR G 153 7.25 25.24 98.68
C TYR G 153 6.38 26.49 98.62
N CYS G 154 6.86 27.51 97.92
CA CYS G 154 6.15 28.77 97.78
C CYS G 154 6.30 29.28 96.37
N ILE G 155 5.21 29.81 95.81
CA ILE G 155 5.20 30.39 94.48
C ILE G 155 5.31 31.90 94.61
N ILE G 156 6.04 32.53 93.69
CA ILE G 156 6.32 33.96 93.71
C ILE G 156 6.10 34.50 92.32
N LYS G 157 5.98 35.82 92.23
CA LYS G 157 5.70 36.50 90.97
C LYS G 157 6.98 37.08 90.39
N GLY G 158 7.31 36.65 89.17
CA GLY G 158 8.44 37.20 88.44
C GLY G 158 9.61 36.25 88.30
N LYS G 159 9.71 35.60 87.14
CA LYS G 159 10.86 34.74 86.87
C LYS G 159 12.12 35.56 86.64
N ALA G 160 11.98 36.76 86.06
CA ALA G 160 13.13 37.66 85.95
C ALA G 160 13.58 38.12 87.33
N ARG G 161 12.62 38.43 88.21
CA ARG G 161 12.99 38.83 89.56
C ARG G 161 13.63 37.68 90.34
N LEU G 162 13.16 36.47 90.06
CA LEU G 162 13.77 35.30 90.65
C LEU G 162 15.15 35.16 90.00
N GLY G 163 15.17 35.43 88.71
CA GLY G 163 16.36 35.35 87.87
C GLY G 163 17.53 36.26 88.17
N HIS G 164 17.26 37.49 88.58
CA HIS G 164 18.32 38.47 88.81
C HIS G 164 19.33 38.02 89.84
N LEU G 165 18.88 37.37 90.91
CA LEU G 165 19.79 36.88 91.94
C LEU G 165 20.78 35.84 91.40
N VAL G 166 20.33 35.01 90.46
CA VAL G 166 21.14 33.96 89.84
C VAL G 166 21.94 34.45 88.63
N HIS G 167 21.91 35.76 88.37
CA HIS G 167 22.64 36.40 87.27
C HIS G 167 22.34 35.84 85.90
N ARG G 168 21.06 35.59 85.66
CA ARG G 168 20.62 35.06 84.37
C ARG G 168 19.30 35.72 84.00
N LYS G 169 18.94 35.62 82.73
CA LYS G 169 17.73 36.27 82.25
C LYS G 169 16.48 35.60 82.81
N THR G 170 16.44 34.27 82.80
CA THR G 170 15.27 33.52 83.23
C THR G 170 15.69 32.37 84.14
N CYS G 171 15.05 32.26 85.30
CA CYS G 171 15.26 31.17 86.23
C CYS G 171 13.91 30.66 86.71
N THR G 172 13.70 29.35 86.63
CA THR G 172 12.40 28.79 86.96
C THR G 172 12.22 28.66 88.48
N THR G 173 13.07 27.87 89.13
CA THR G 173 12.91 27.57 90.55
C THR G 173 14.25 27.71 91.25
N VAL G 174 14.18 27.91 92.57
CA VAL G 174 15.36 28.05 93.41
C VAL G 174 15.13 27.27 94.70
N ALA G 175 16.13 26.49 95.11
CA ALA G 175 16.03 25.68 96.31
C ALA G 175 17.04 26.14 97.36
N PHE G 176 16.54 26.37 98.57
CA PHE G 176 17.37 26.64 99.74
C PHE G 176 17.64 25.32 100.44
N THR G 177 18.92 24.96 100.54
CA THR G 177 19.35 23.71 101.13
C THR G 177 20.14 23.92 102.42
N GLN G 178 21.15 24.80 102.40
CA GLN G 178 21.98 25.07 103.57
C GLN G 178 21.84 26.53 103.94
N VAL G 179 21.59 26.78 105.23
CA VAL G 179 21.40 28.13 105.74
C VAL G 179 22.36 28.33 106.91
N ASN G 180 22.87 29.56 107.04
CA ASN G 180 23.78 29.89 108.12
C ASN G 180 23.07 29.77 109.46
N SER G 181 23.88 29.63 110.52
CA SER G 181 23.32 29.47 111.87
C SER G 181 22.57 30.71 112.33
N GLU G 182 22.96 31.89 111.84
CA GLU G 182 22.31 33.14 112.25
C GLU G 182 21.13 33.50 111.37
N ASP G 183 20.99 32.91 110.19
CA ASP G 183 19.80 33.05 109.36
C ASP G 183 18.84 31.88 109.48
N LYS G 184 19.21 30.84 110.23
CA LYS G 184 18.32 29.70 110.40
C LYS G 184 17.02 30.11 111.07
N GLY G 185 17.08 30.99 112.06
CA GLY G 185 15.86 31.45 112.71
C GLY G 185 14.99 32.29 111.81
N ALA G 186 15.60 33.20 111.03
CA ALA G 186 14.82 34.00 110.10
C ALA G 186 14.17 33.14 109.02
N LEU G 187 14.85 32.06 108.62
CA LEU G 187 14.27 31.15 107.63
C LEU G 187 13.14 30.33 108.23
N ALA G 188 13.33 29.81 109.44
CA ALA G 188 12.28 29.03 110.10
C ALA G 188 11.07 29.88 110.46
N LYS G 189 11.25 31.19 110.65
CA LYS G 189 10.11 32.06 110.93
C LYS G 189 9.20 32.19 109.72
N LEU G 190 9.75 32.06 108.50
CA LEU G 190 8.93 32.22 107.31
C LEU G 190 8.47 30.87 106.74
N VAL G 191 9.21 29.79 106.99
CA VAL G 191 8.74 28.49 106.50
C VAL G 191 7.41 28.12 107.15
N GLU G 192 7.16 28.59 108.37
CA GLU G 192 5.88 28.30 109.00
C GLU G 192 4.73 28.99 108.27
N ALA G 193 4.89 30.28 107.98
CA ALA G 193 3.86 31.01 107.22
C ALA G 193 3.72 30.47 105.81
N ILE G 194 4.78 29.90 105.25
CA ILE G 194 4.67 29.29 103.92
C ILE G 194 3.92 27.96 104.00
N ARG G 195 4.17 27.17 105.03
CA ARG G 195 3.48 25.89 105.18
C ARG G 195 1.99 26.10 105.45
N THR G 196 1.65 27.05 106.32
CA THR G 196 0.24 27.32 106.59
C THR G 196 -0.47 27.97 105.41
N ASN G 197 0.27 28.40 104.40
CA ASN G 197 -0.35 29.01 103.22
C ASN G 197 -0.45 28.06 102.04
N TYR G 198 0.54 27.18 101.86
CA TYR G 198 0.59 26.30 100.70
C TYR G 198 0.47 24.82 101.07
N ASN G 199 1.26 24.36 102.04
CA ASN G 199 1.27 22.93 102.37
C ASN G 199 -0.03 22.52 103.03
N ASP G 200 -0.45 23.24 104.07
CA ASP G 200 -1.65 22.87 104.81
C ASP G 200 -2.93 23.05 104.00
N ARG G 201 -2.88 23.84 102.92
CA ARG G 201 -4.05 24.11 102.09
C ARG G 201 -3.94 23.42 100.73
N TYR G 202 -3.14 22.36 100.65
CA TYR G 202 -2.94 21.69 99.37
C TYR G 202 -4.21 21.04 98.87
N ASP G 203 -4.99 20.44 99.77
CA ASP G 203 -6.25 19.81 99.34
C ASP G 203 -7.22 20.85 98.81
N GLU G 204 -7.34 22.00 99.47
CA GLU G 204 -8.22 23.05 98.99
C GLU G 204 -7.73 23.62 97.67
N ILE G 205 -6.41 23.75 97.49
CA ILE G 205 -5.88 24.23 96.22
C ILE G 205 -6.15 23.24 95.10
N ARG G 206 -6.02 21.94 95.39
CA ARG G 206 -6.27 20.92 94.38
C ARG G 206 -7.76 20.82 94.04
N ARG G 207 -8.63 21.11 95.00
CA ARG G 207 -10.06 21.09 94.75
C ARG G 207 -10.59 22.39 94.16
N HIS G 208 -9.82 23.48 94.24
CA HIS G 208 -10.28 24.76 93.74
C HIS G 208 -10.16 24.84 92.22
N TRP G 209 -11.20 25.42 91.60
CA TRP G 209 -11.25 25.58 90.15
C TRP G 209 -11.39 27.05 89.83
N GLY G 210 -10.38 27.61 89.15
CA GLY G 210 -10.39 29.02 88.81
C GLY G 210 -10.93 29.29 87.42
N GLY G 211 -10.79 30.54 87.00
CA GLY G 211 -11.30 30.95 85.71
C GLY G 211 -12.81 31.04 85.70
N ASN G 212 -13.40 30.78 84.53
CA ASN G 212 -14.84 30.78 84.35
C ASN G 212 -15.46 32.11 84.76
N VAL G 213 -14.85 33.20 84.29
CA VAL G 213 -15.30 34.56 84.57
C VAL G 213 -15.65 35.22 83.24
N LEU G 214 -16.91 35.64 83.12
CA LEU G 214 -17.36 36.28 81.90
C LEU G 214 -16.90 37.74 81.85
N GLY G 215 -17.02 38.35 80.68
CA GLY G 215 -16.64 39.72 80.49
C GLY G 215 -17.62 40.68 81.13
N PRO G 216 -17.16 41.91 81.41
CA PRO G 216 -18.06 42.89 82.01
C PRO G 216 -19.24 43.25 81.12
N LYS G 217 -19.06 43.26 79.80
CA LYS G 217 -20.18 43.52 78.91
C LYS G 217 -21.25 42.43 78.98
N SER G 218 -20.85 41.21 79.34
CA SER G 218 -21.82 40.13 79.51
C SER G 218 -22.33 40.02 80.95
N VAL G 219 -21.61 40.63 81.91
CA VAL G 219 -22.11 40.65 83.28
C VAL G 219 -23.12 41.77 83.48
N ALA G 220 -22.92 42.91 82.79
CA ALA G 220 -23.84 44.03 82.95
C ALA G 220 -25.23 43.67 82.46
N ARG G 221 -25.31 42.94 81.34
CA ARG G 221 -26.62 42.58 80.81
C ARG G 221 -27.34 41.59 81.73
N ILE G 222 -26.61 40.61 82.28
CA ILE G 222 -27.27 39.68 83.20
C ILE G 222 -27.65 40.39 84.48
N ALA G 223 -26.91 41.43 84.87
CA ALA G 223 -27.31 42.23 86.03
C ALA G 223 -28.60 43.00 85.74
N LYS G 224 -28.71 43.57 84.54
CA LYS G 224 -29.96 44.24 84.16
C LYS G 224 -31.13 43.27 84.17
N LEU G 225 -30.93 42.07 83.61
CA LEU G 225 -32.01 41.09 83.58
C LEU G 225 -32.41 40.65 84.99
N GLU G 226 -31.43 40.39 85.87
CA GLU G 226 -31.76 39.97 87.23
C GLU G 226 -32.43 41.09 88.01
N LYS G 227 -32.05 42.35 87.75
CA LYS G 227 -32.73 43.47 88.40
C LYS G 227 -34.18 43.57 87.93
N ALA G 228 -34.40 43.47 86.62
CA ALA G 228 -35.76 43.55 86.09
C ALA G 228 -36.61 42.38 86.54
N LYS G 229 -35.99 41.22 86.80
CA LYS G 229 -36.74 40.07 87.29
C LYS G 229 -37.05 40.19 88.77
N ALA G 230 -36.10 40.71 89.55
CA ALA G 230 -36.36 40.93 90.97
C ALA G 230 -37.43 42.00 91.19
N LYS G 231 -37.42 43.04 90.36
CA LYS G 231 -38.46 44.06 90.46
C LYS G 231 -39.83 43.53 90.08
N GLU G 232 -39.89 42.45 89.31
CA GLU G 232 -41.16 41.82 88.96
C GLU G 232 -41.62 40.83 90.02
N LEU G 233 -40.68 40.08 90.61
CA LEU G 233 -41.05 39.16 91.69
C LEU G 233 -41.47 39.92 92.94
N ALA G 234 -40.70 40.93 93.34
CA ALA G 234 -41.03 41.72 94.51
C ALA G 234 -40.52 43.15 94.37
N MET H 1 -34.02 -47.19 -59.29
CA MET H 1 -33.35 -48.46 -59.03
C MET H 1 -32.40 -48.82 -60.17
N LYS H 2 -32.03 -47.81 -60.97
CA LYS H 2 -31.12 -47.97 -62.10
C LYS H 2 -31.66 -48.99 -63.10
N THR H 3 -32.79 -48.62 -63.71
CA THR H 3 -33.38 -49.45 -64.75
C THR H 3 -32.41 -49.64 -65.90
N ILE H 4 -32.37 -50.85 -66.44
CA ILE H 4 -31.37 -51.19 -67.46
C ILE H 4 -31.61 -50.40 -68.74
N LEU H 5 -32.77 -50.57 -69.35
CA LEU H 5 -33.06 -49.96 -70.65
C LEU H 5 -34.46 -49.37 -70.64
N SER H 6 -34.58 -48.17 -71.22
CA SER H 6 -35.88 -47.55 -71.43
C SER H 6 -35.91 -47.00 -72.85
N ASN H 7 -36.79 -47.55 -73.67
CA ASN H 7 -36.85 -47.21 -75.09
C ASN H 7 -38.24 -46.69 -75.45
N GLN H 8 -38.27 -45.75 -76.38
CA GLN H 8 -39.51 -45.18 -76.88
C GLN H 8 -39.40 -44.95 -78.38
N THR H 9 -40.38 -45.45 -79.13
CA THR H 9 -40.36 -45.38 -80.59
C THR H 9 -41.38 -44.35 -81.07
N VAL H 10 -40.98 -43.58 -82.09
CA VAL H 10 -41.82 -42.55 -82.70
C VAL H 10 -41.88 -42.81 -84.19
N ASP H 11 -43.09 -42.84 -84.74
CA ASP H 11 -43.28 -43.00 -86.17
C ASP H 11 -43.12 -41.66 -86.89
N ILE H 12 -42.72 -41.73 -88.15
CA ILE H 12 -42.48 -40.52 -88.95
C ILE H 12 -43.25 -40.64 -90.26
N PRO H 13 -44.02 -39.62 -90.64
CA PRO H 13 -44.76 -39.68 -91.91
C PRO H 13 -43.86 -39.57 -93.13
N GLU H 14 -44.43 -39.71 -94.31
CA GLU H 14 -43.65 -39.67 -95.54
C GLU H 14 -43.31 -38.23 -95.95
N ASN H 15 -44.07 -37.25 -95.47
CA ASN H 15 -43.88 -35.88 -95.95
C ASN H 15 -42.60 -35.26 -95.38
N VAL H 16 -42.37 -35.52 -94.10
CA VAL H 16 -41.25 -34.95 -93.38
C VAL H 16 -39.99 -35.78 -93.32
N GLU H 17 -38.87 -35.10 -93.46
CA GLU H 17 -37.56 -35.71 -93.41
C GLU H 17 -36.93 -35.25 -92.11
N ILE H 18 -36.33 -36.18 -91.38
CA ILE H 18 -35.71 -35.86 -90.11
C ILE H 18 -34.25 -36.25 -90.13
N THR H 19 -33.39 -35.44 -89.52
CA THR H 19 -31.97 -35.72 -89.48
C THR H 19 -31.37 -35.43 -88.12
N LEU H 20 -30.23 -36.06 -87.81
CA LEU H 20 -29.57 -35.85 -86.54
C LEU H 20 -28.06 -35.88 -86.73
N LYS H 21 -27.39 -34.80 -86.35
CA LYS H 21 -25.94 -34.74 -86.26
C LYS H 21 -25.43 -35.16 -84.90
N GLY H 22 -26.33 -35.55 -84.00
CA GLY H 22 -26.02 -35.85 -82.62
C GLY H 22 -27.29 -35.82 -81.81
N ARG H 23 -27.29 -35.09 -80.69
CA ARG H 23 -28.54 -34.80 -80.00
C ARG H 23 -29.37 -33.76 -80.71
N THR H 24 -28.81 -33.10 -81.73
CA THR H 24 -29.54 -32.10 -82.50
C THR H 24 -30.49 -32.79 -83.47
N VAL H 25 -31.74 -32.36 -83.47
CA VAL H 25 -32.78 -32.92 -84.33
C VAL H 25 -33.26 -31.84 -85.28
N ILE H 26 -33.24 -32.13 -86.58
CA ILE H 26 -33.70 -31.21 -87.61
C ILE H 26 -34.79 -31.90 -88.42
N VAL H 27 -35.96 -31.29 -88.47
CA VAL H 27 -37.11 -31.82 -89.20
C VAL H 27 -37.45 -30.87 -90.33
N LYS H 28 -37.42 -31.38 -91.56
CA LYS H 28 -37.75 -30.61 -92.75
C LYS H 28 -39.05 -31.15 -93.34
N GLY H 29 -40.03 -30.27 -93.51
CA GLY H 29 -41.32 -30.67 -94.02
C GLY H 29 -41.87 -29.73 -95.07
N PRO H 30 -43.18 -29.77 -95.28
CA PRO H 30 -43.78 -28.90 -96.31
C PRO H 30 -43.74 -27.43 -95.96
N ARG H 31 -43.93 -27.10 -94.68
CA ARG H 31 -43.96 -25.71 -94.23
C ARG H 31 -42.74 -25.46 -93.34
N GLY H 32 -41.68 -24.94 -93.93
CA GLY H 32 -40.50 -24.57 -93.18
C GLY H 32 -39.75 -25.77 -92.61
N THR H 33 -38.86 -25.47 -91.67
CA THR H 33 -38.06 -26.48 -91.02
C THR H 33 -37.87 -26.11 -89.55
N LEU H 34 -37.66 -27.12 -88.72
CA LEU H 34 -37.41 -26.94 -87.30
C LEU H 34 -36.09 -27.61 -86.93
N ARG H 35 -35.43 -27.08 -85.90
CA ARG H 35 -34.20 -27.66 -85.41
C ARG H 35 -34.06 -27.37 -83.93
N ARG H 36 -33.78 -28.40 -83.15
CA ARG H 36 -33.67 -28.26 -81.70
C ARG H 36 -32.45 -29.01 -81.19
N ASP H 37 -31.80 -28.41 -80.19
CA ASP H 37 -30.61 -28.99 -79.57
C ASP H 37 -31.02 -29.67 -78.27
N PHE H 38 -30.76 -30.96 -78.17
CA PHE H 38 -31.07 -31.75 -76.97
C PHE H 38 -29.81 -32.11 -76.19
N ASN H 39 -28.84 -31.19 -76.15
CA ASN H 39 -27.57 -31.45 -75.47
C ASN H 39 -27.72 -31.53 -73.95
N HIS H 40 -28.89 -31.17 -73.41
CA HIS H 40 -29.11 -31.20 -71.98
C HIS H 40 -29.99 -32.37 -71.55
N ILE H 41 -30.16 -33.39 -72.39
CA ILE H 41 -30.99 -34.55 -72.08
C ILE H 41 -30.14 -35.78 -71.82
N ASN H 42 -29.05 -35.95 -72.57
CA ASN H 42 -28.14 -37.09 -72.43
C ASN H 42 -28.90 -38.42 -72.64
N VAL H 43 -29.40 -38.57 -73.87
CA VAL H 43 -30.19 -39.74 -74.24
C VAL H 43 -29.90 -40.07 -75.69
N GLU H 44 -29.93 -41.36 -76.04
CA GLU H 44 -29.58 -41.78 -77.38
C GLU H 44 -30.77 -41.67 -78.32
N LEU H 45 -30.53 -41.11 -79.50
CA LEU H 45 -31.55 -40.98 -80.55
C LEU H 45 -31.03 -41.67 -81.80
N SER H 46 -31.81 -42.60 -82.33
CA SER H 46 -31.39 -43.33 -83.52
C SER H 46 -32.59 -43.58 -84.42
N LEU H 47 -32.43 -43.24 -85.70
CA LEU H 47 -33.45 -43.48 -86.70
C LEU H 47 -33.13 -44.77 -87.44
N LEU H 48 -34.18 -45.56 -87.73
CA LEU H 48 -33.98 -46.85 -88.38
C LEU H 48 -35.18 -47.16 -89.26
N GLY H 49 -34.91 -47.87 -90.33
CA GLY H 49 -35.94 -48.29 -91.27
C GLY H 49 -35.93 -47.45 -92.53
N LYS H 50 -36.17 -48.11 -93.67
CA LYS H 50 -36.26 -47.46 -94.96
C LYS H 50 -37.73 -47.36 -95.38
N LYS H 51 -38.12 -46.17 -95.85
CA LYS H 51 -39.47 -45.78 -96.21
C LYS H 51 -40.39 -45.69 -95.00
N LYS H 52 -39.91 -46.01 -93.80
CA LYS H 52 -40.64 -45.80 -92.55
C LYS H 52 -39.92 -44.84 -91.64
N LYS H 53 -38.64 -45.08 -91.37
CA LYS H 53 -37.78 -44.16 -90.62
C LYS H 53 -38.36 -43.84 -89.25
N ARG H 54 -38.45 -44.87 -88.41
CA ARG H 54 -38.89 -44.68 -87.04
C ARG H 54 -37.72 -44.26 -86.17
N LEU H 55 -37.97 -43.32 -85.26
CA LEU H 55 -36.94 -42.76 -84.40
C LEU H 55 -37.09 -43.34 -83.00
N ARG H 56 -36.07 -44.04 -82.53
CA ARG H 56 -36.06 -44.61 -81.18
C ARG H 56 -35.21 -43.76 -80.25
N VAL H 57 -35.66 -43.67 -79.01
CA VAL H 57 -35.00 -42.92 -77.96
C VAL H 57 -34.68 -43.91 -76.85
N ASP H 58 -33.39 -44.01 -76.50
CA ASP H 58 -32.89 -45.04 -75.61
C ASP H 58 -32.17 -44.40 -74.42
N LYS H 59 -32.49 -44.88 -73.22
CA LYS H 59 -31.82 -44.46 -72.00
C LYS H 59 -31.34 -45.69 -71.25
N TRP H 60 -30.07 -45.68 -70.86
CA TRP H 60 -29.44 -46.79 -70.14
C TRP H 60 -29.05 -46.32 -68.75
N TRP H 61 -29.46 -47.08 -67.73
CA TRP H 61 -29.11 -46.82 -66.34
C TRP H 61 -29.54 -45.42 -65.90
N GLY H 62 -30.85 -45.20 -65.92
CA GLY H 62 -31.45 -43.94 -65.50
C GLY H 62 -32.29 -44.14 -64.25
N ASN H 63 -32.29 -43.13 -63.39
CA ASN H 63 -33.09 -43.15 -62.17
C ASN H 63 -34.54 -42.82 -62.48
N ARG H 64 -35.35 -42.71 -61.43
CA ARG H 64 -36.77 -42.38 -61.62
C ARG H 64 -36.96 -41.00 -62.20
N LYS H 65 -36.07 -40.06 -61.88
CA LYS H 65 -36.17 -38.71 -62.41
C LYS H 65 -35.56 -38.58 -63.81
N GLU H 66 -34.61 -39.45 -64.16
CA GLU H 66 -34.00 -39.41 -65.48
C GLU H 66 -34.78 -40.21 -66.51
N LEU H 67 -35.57 -41.20 -66.09
CA LEU H 67 -36.38 -41.96 -67.03
C LEU H 67 -37.60 -41.19 -67.51
N ALA H 68 -37.85 -39.99 -66.98
CA ALA H 68 -39.01 -39.22 -67.41
C ALA H 68 -38.76 -38.46 -68.69
N THR H 69 -37.51 -38.06 -68.94
CA THR H 69 -37.20 -37.23 -70.10
C THR H 69 -37.28 -37.99 -71.42
N VAL H 70 -37.25 -39.32 -71.38
CA VAL H 70 -37.31 -40.08 -72.63
C VAL H 70 -38.68 -39.95 -73.29
N ARG H 71 -39.72 -39.68 -72.50
CA ARG H 71 -41.03 -39.42 -73.09
C ARG H 71 -41.19 -37.96 -73.49
N THR H 72 -40.57 -37.04 -72.74
CA THR H 72 -40.63 -35.63 -73.12
C THR H 72 -39.92 -35.38 -74.43
N ILE H 73 -38.83 -36.12 -74.69
CA ILE H 73 -38.12 -35.98 -75.96
C ILE H 73 -39.03 -36.39 -77.12
N CYS H 74 -39.69 -37.55 -76.98
CA CYS H 74 -40.60 -38.00 -78.04
C CYS H 74 -41.78 -37.06 -78.20
N SER H 75 -42.27 -36.48 -77.10
CA SER H 75 -43.36 -35.52 -77.21
C SER H 75 -42.91 -34.26 -77.94
N HIS H 76 -41.67 -33.81 -77.69
CA HIS H 76 -41.15 -32.65 -78.41
C HIS H 76 -40.96 -32.94 -79.88
N VAL H 77 -40.50 -34.15 -80.22
CA VAL H 77 -40.37 -34.51 -81.64
C VAL H 77 -41.74 -34.59 -82.29
N GLN H 78 -42.74 -35.12 -81.57
CA GLN H 78 -44.11 -35.14 -82.10
C GLN H 78 -44.63 -33.74 -82.34
N ASN H 79 -44.37 -32.82 -81.41
CA ASN H 79 -44.81 -31.44 -81.58
C ASN H 79 -44.11 -30.78 -82.76
N MET H 80 -42.82 -31.07 -82.94
CA MET H 80 -42.10 -30.53 -84.09
C MET H 80 -42.67 -31.05 -85.40
N ILE H 81 -42.96 -32.35 -85.46
CA ILE H 81 -43.54 -32.92 -86.67
C ILE H 81 -44.92 -32.31 -86.95
N LYS H 82 -45.73 -32.17 -85.89
CA LYS H 82 -47.06 -31.58 -86.05
C LYS H 82 -46.98 -30.16 -86.54
N GLY H 83 -46.04 -29.36 -86.01
CA GLY H 83 -45.92 -27.99 -86.44
C GLY H 83 -45.34 -27.83 -87.83
N VAL H 84 -44.45 -28.73 -88.25
CA VAL H 84 -43.89 -28.62 -89.59
C VAL H 84 -44.84 -29.21 -90.64
N THR H 85 -45.77 -30.07 -90.23
CA THR H 85 -46.76 -30.60 -91.16
C THR H 85 -47.97 -29.68 -91.28
N LEU H 86 -48.65 -29.45 -90.16
CA LEU H 86 -49.89 -28.68 -90.16
C LEU H 86 -49.72 -27.29 -89.59
N GLY H 87 -48.85 -27.11 -88.60
CA GLY H 87 -48.70 -25.84 -87.93
C GLY H 87 -49.61 -25.73 -86.73
N PHE H 88 -49.32 -24.74 -85.89
CA PHE H 88 -50.06 -24.50 -84.66
C PHE H 88 -50.77 -23.16 -84.77
N ARG H 89 -52.09 -23.18 -84.57
CA ARG H 89 -52.93 -21.98 -84.64
C ARG H 89 -53.71 -21.86 -83.35
N TYR H 90 -53.53 -20.76 -82.65
CA TYR H 90 -54.23 -20.47 -81.40
C TYR H 90 -55.21 -19.32 -81.64
N LYS H 91 -56.48 -19.58 -81.43
CA LYS H 91 -57.51 -18.56 -81.47
C LYS H 91 -57.71 -18.03 -80.06
N MET H 92 -57.48 -16.73 -79.88
CA MET H 92 -57.60 -16.06 -78.58
C MET H 92 -58.74 -15.04 -78.70
N ARG H 93 -59.78 -15.25 -77.91
CA ARG H 93 -60.92 -14.34 -77.92
C ARG H 93 -60.81 -13.35 -76.76
N SER H 94 -61.23 -12.12 -77.00
CA SER H 94 -61.13 -11.07 -75.99
C SER H 94 -62.49 -10.80 -75.36
N VAL H 95 -62.54 -10.89 -74.04
CA VAL H 95 -63.73 -10.53 -73.27
C VAL H 95 -63.63 -9.04 -72.95
N TYR H 96 -64.65 -8.29 -73.37
CA TYR H 96 -64.63 -6.83 -73.37
C TYR H 96 -65.95 -6.31 -72.78
N ALA H 97 -66.32 -6.85 -71.62
CA ALA H 97 -67.64 -6.64 -71.02
C ALA H 97 -68.22 -5.26 -71.25
N HIS H 98 -67.46 -4.21 -70.94
CA HIS H 98 -67.92 -2.84 -71.20
C HIS H 98 -67.06 -2.12 -72.22
N PHE H 99 -65.75 -2.04 -72.00
CA PHE H 99 -64.87 -1.30 -72.90
C PHE H 99 -64.41 -2.21 -74.03
N PRO H 100 -64.66 -1.85 -75.29
CA PRO H 100 -64.21 -2.72 -76.40
C PRO H 100 -62.70 -2.64 -76.59
N ILE H 101 -62.05 -3.79 -76.61
CA ILE H 101 -60.61 -3.86 -76.80
C ILE H 101 -60.32 -3.74 -78.30
N ASN H 102 -59.55 -2.73 -78.67
CA ASN H 102 -59.19 -2.51 -80.07
C ASN H 102 -57.78 -3.06 -80.30
N VAL H 103 -57.69 -4.23 -80.94
CA VAL H 103 -56.42 -4.85 -81.26
C VAL H 103 -56.11 -4.60 -82.73
N VAL H 104 -54.86 -4.25 -83.02
CA VAL H 104 -54.41 -4.04 -84.39
C VAL H 104 -53.03 -4.66 -84.56
N ILE H 105 -52.73 -5.08 -85.78
CA ILE H 105 -51.41 -5.58 -86.13
C ILE H 105 -50.59 -4.45 -86.71
N GLN H 106 -49.29 -4.42 -86.42
CA GLN H 106 -48.43 -3.33 -86.84
C GLN H 106 -47.61 -3.68 -88.07
N GLU H 107 -46.81 -4.74 -88.00
CA GLU H 107 -45.91 -5.11 -89.10
C GLU H 107 -46.03 -6.62 -89.32
N ASN H 108 -46.89 -7.01 -90.27
CA ASN H 108 -47.04 -8.41 -90.68
C ASN H 108 -47.37 -9.30 -89.48
N GLY H 109 -48.14 -8.76 -88.54
CA GLY H 109 -48.52 -9.52 -87.36
C GLY H 109 -47.42 -9.73 -86.36
N SER H 110 -46.24 -9.15 -86.58
CA SER H 110 -45.13 -9.30 -85.63
C SER H 110 -45.29 -8.40 -84.40
N LEU H 111 -46.17 -7.41 -84.44
CA LEU H 111 -46.41 -6.53 -83.30
C LEU H 111 -47.90 -6.32 -83.13
N VAL H 112 -48.36 -6.42 -81.90
CA VAL H 112 -49.77 -6.26 -81.55
C VAL H 112 -49.91 -4.99 -80.73
N GLU H 113 -50.82 -4.11 -81.16
CA GLU H 113 -51.11 -2.86 -80.46
C GLU H 113 -52.52 -2.96 -79.91
N ILE H 114 -52.65 -2.83 -78.59
CA ILE H 114 -53.93 -2.96 -77.91
C ILE H 114 -54.31 -1.59 -77.35
N ARG H 115 -55.48 -1.11 -77.73
CA ARG H 115 -56.00 0.18 -77.30
C ARG H 115 -57.34 0.00 -76.59
N ASN H 116 -57.61 0.90 -75.64
CA ASN H 116 -58.87 0.94 -74.91
C ASN H 116 -59.16 -0.39 -74.20
N PHE H 117 -58.21 -0.79 -73.36
CA PHE H 117 -58.37 -1.96 -72.50
C PHE H 117 -58.79 -1.47 -71.12
N LEU H 118 -60.05 -1.71 -70.76
CA LEU H 118 -60.62 -1.24 -69.50
C LEU H 118 -60.56 0.29 -69.38
N GLY H 119 -60.56 0.98 -70.52
CA GLY H 119 -60.58 2.42 -70.54
C GLY H 119 -59.25 3.10 -70.30
N GLU H 120 -58.18 2.35 -70.06
CA GLU H 120 -56.88 2.97 -69.82
C GLU H 120 -56.34 3.59 -71.10
N LYS H 121 -55.66 4.73 -70.95
CA LYS H 121 -55.05 5.41 -72.08
C LYS H 121 -53.70 4.81 -72.46
N TYR H 122 -53.17 3.87 -71.69
CA TYR H 122 -51.86 3.31 -71.97
C TYR H 122 -51.92 2.39 -73.19
N ILE H 123 -50.93 2.51 -74.06
CA ILE H 123 -50.83 1.72 -75.27
C ILE H 123 -49.91 0.54 -75.02
N ARG H 124 -50.47 -0.67 -75.07
CA ARG H 124 -49.71 -1.88 -74.80
C ARG H 124 -49.21 -2.47 -76.12
N ARG H 125 -47.89 -2.52 -76.28
CA ARG H 125 -47.26 -3.06 -77.48
C ARG H 125 -46.55 -4.36 -77.12
N VAL H 126 -46.96 -5.45 -77.74
CA VAL H 126 -46.39 -6.77 -77.52
C VAL H 126 -45.87 -7.29 -78.85
N ARG H 127 -44.58 -7.58 -78.91
CA ARG H 127 -43.95 -8.13 -80.11
C ARG H 127 -44.02 -9.65 -80.08
N MET H 128 -44.28 -10.24 -81.25
CA MET H 128 -44.34 -11.69 -81.35
C MET H 128 -42.95 -12.27 -81.54
N ARG H 129 -42.81 -13.54 -81.20
CA ARG H 129 -41.54 -14.19 -81.36
C ARG H 129 -41.35 -14.44 -82.85
N THR H 130 -40.12 -14.63 -83.29
CA THR H 130 -39.92 -14.81 -84.70
C THR H 130 -40.63 -16.05 -85.18
N GLY H 131 -41.20 -15.98 -86.37
CA GLY H 131 -41.92 -17.10 -86.95
C GLY H 131 -43.38 -17.22 -86.54
N VAL H 132 -43.87 -16.31 -85.72
CA VAL H 132 -45.28 -16.38 -85.35
C VAL H 132 -45.97 -15.17 -85.96
N ALA H 133 -47.06 -15.43 -86.66
CA ALA H 133 -47.81 -14.38 -87.31
C ALA H 133 -49.20 -14.34 -86.72
N CYS H 134 -49.66 -13.13 -86.41
CA CYS H 134 -50.98 -12.95 -85.83
C CYS H 134 -51.84 -12.12 -86.77
N SER H 135 -53.15 -12.37 -86.71
CA SER H 135 -54.09 -11.67 -87.57
C SER H 135 -55.43 -11.60 -86.86
N VAL H 136 -56.27 -10.67 -87.34
CA VAL H 136 -57.64 -10.58 -86.85
C VAL H 136 -58.55 -11.39 -87.77
N SER H 137 -59.07 -12.50 -87.25
CA SER H 137 -59.88 -13.39 -88.06
C SER H 137 -61.20 -12.73 -88.44
N GLN H 138 -61.80 -13.23 -89.51
CA GLN H 138 -63.09 -12.73 -89.98
C GLN H 138 -64.22 -13.63 -89.50
N ALA H 139 -65.45 -13.18 -89.75
CA ALA H 139 -66.67 -13.92 -89.40
C ALA H 139 -66.76 -14.21 -87.90
N GLN H 140 -66.10 -13.39 -87.09
CA GLN H 140 -66.15 -13.53 -85.65
C GLN H 140 -65.71 -12.22 -85.02
N LYS H 141 -66.21 -11.93 -83.81
CA LYS H 141 -65.98 -10.65 -83.17
C LYS H 141 -64.94 -10.76 -82.07
N ASP H 142 -63.95 -9.86 -82.12
CA ASP H 142 -62.96 -9.68 -81.05
C ASP H 142 -62.18 -10.98 -80.78
N GLU H 143 -61.45 -11.42 -81.81
CA GLU H 143 -60.60 -12.60 -81.71
C GLU H 143 -59.32 -12.35 -82.50
N LEU H 144 -58.30 -13.12 -82.16
CA LEU H 144 -56.99 -13.05 -82.81
C LEU H 144 -56.49 -14.45 -83.08
N ILE H 145 -56.12 -14.72 -84.33
CA ILE H 145 -55.54 -16.00 -84.70
C ILE H 145 -54.02 -15.85 -84.76
N LEU H 146 -53.32 -16.68 -83.99
CA LEU H 146 -51.86 -16.69 -83.95
C LEU H 146 -51.39 -18.00 -84.56
N GLU H 147 -50.75 -17.93 -85.71
CA GLU H 147 -50.32 -19.12 -86.43
C GLU H 147 -48.80 -19.16 -86.54
N GLY H 148 -48.25 -20.36 -86.39
CA GLY H 148 -46.81 -20.54 -86.48
C GLY H 148 -46.46 -21.99 -86.63
N ASN H 149 -45.15 -22.27 -86.53
CA ASN H 149 -44.64 -23.63 -86.64
C ASN H 149 -44.27 -24.20 -85.27
N ASP H 150 -43.42 -23.48 -84.54
CA ASP H 150 -42.95 -23.95 -83.25
C ASP H 150 -44.01 -23.69 -82.18
N ILE H 151 -44.43 -24.75 -81.48
CA ILE H 151 -45.46 -24.62 -80.47
C ILE H 151 -44.95 -23.84 -79.28
N GLU H 152 -43.69 -24.05 -78.90
CA GLU H 152 -43.13 -23.33 -77.76
C GLU H 152 -42.98 -21.84 -78.04
N LEU H 153 -43.08 -21.42 -79.30
CA LEU H 153 -43.11 -20.01 -79.67
C LEU H 153 -44.53 -19.47 -79.83
N VAL H 154 -45.41 -20.24 -80.47
CA VAL H 154 -46.79 -19.81 -80.64
C VAL H 154 -47.46 -19.64 -79.27
N SER H 155 -47.35 -20.66 -78.42
CA SER H 155 -47.95 -20.57 -77.09
C SER H 155 -47.27 -19.51 -76.23
N ASN H 156 -45.98 -19.29 -76.44
CA ASN H 156 -45.29 -18.23 -75.70
C ASN H 156 -45.84 -16.86 -76.07
N SER H 157 -46.04 -16.62 -77.37
CA SER H 157 -46.63 -15.35 -77.81
C SER H 157 -48.06 -15.21 -77.31
N ALA H 158 -48.81 -16.32 -77.32
CA ALA H 158 -50.17 -16.29 -76.80
C ALA H 158 -50.19 -15.94 -75.31
N ALA H 159 -49.28 -16.52 -74.54
CA ALA H 159 -49.21 -16.22 -73.12
C ALA H 159 -48.78 -14.78 -72.88
N LEU H 160 -47.87 -14.27 -73.72
CA LEU H 160 -47.48 -12.87 -73.61
C LEU H 160 -48.68 -11.95 -73.86
N ILE H 161 -49.46 -12.24 -74.90
CA ILE H 161 -50.64 -11.43 -75.19
C ILE H 161 -51.65 -11.52 -74.04
N GLN H 162 -51.82 -12.72 -73.48
CA GLN H 162 -52.78 -12.89 -72.39
C GLN H 162 -52.34 -12.14 -71.14
N GLN H 163 -51.05 -12.18 -70.81
CA GLN H 163 -50.56 -11.51 -69.62
C GLN H 163 -50.40 -10.01 -69.81
N ALA H 164 -50.36 -9.53 -71.06
CA ALA H 164 -50.30 -8.09 -71.29
C ALA H 164 -51.57 -7.41 -70.78
N THR H 165 -52.72 -8.07 -70.92
CA THR H 165 -53.99 -7.55 -70.44
C THR H 165 -54.30 -8.24 -69.12
N THR H 166 -53.86 -7.64 -68.02
CA THR H 166 -54.06 -8.18 -66.69
C THR H 166 -54.53 -7.07 -65.76
N VAL H 167 -55.60 -7.33 -65.00
CA VAL H 167 -56.13 -6.33 -64.09
C VAL H 167 -55.20 -6.17 -62.91
N LYS H 168 -55.07 -4.93 -62.42
CA LYS H 168 -54.23 -4.63 -61.28
C LYS H 168 -55.02 -3.78 -60.29
N ASN H 169 -54.77 -4.02 -59.00
CA ASN H 169 -55.40 -3.31 -57.88
C ASN H 169 -56.91 -3.48 -57.85
N LYS H 170 -57.46 -4.38 -58.66
CA LYS H 170 -58.89 -4.65 -58.72
C LYS H 170 -59.15 -6.11 -58.39
N ASP H 171 -60.42 -6.50 -58.44
CA ASP H 171 -60.79 -7.88 -58.21
C ASP H 171 -60.54 -8.71 -59.46
N ILE H 172 -60.06 -9.94 -59.26
CA ILE H 172 -59.82 -10.85 -60.38
C ILE H 172 -61.08 -11.63 -60.73
N ARG H 173 -61.87 -12.02 -59.72
CA ARG H 173 -63.14 -12.67 -59.99
C ARG H 173 -64.08 -11.74 -60.73
N LYS H 174 -64.27 -10.53 -60.21
CA LYS H 174 -64.98 -9.50 -60.94
C LYS H 174 -64.07 -8.93 -62.04
N PHE H 175 -64.66 -8.10 -62.90
CA PHE H 175 -63.94 -7.44 -63.98
C PHE H 175 -63.29 -8.47 -64.91
N LEU H 176 -64.12 -9.35 -65.45
CA LEU H 176 -63.66 -10.33 -66.42
C LEU H 176 -63.38 -9.64 -67.75
N ASP H 177 -62.13 -9.29 -68.00
CA ASP H 177 -61.76 -8.55 -69.20
C ASP H 177 -60.36 -8.96 -69.60
N GLY H 178 -60.16 -9.17 -70.89
CA GLY H 178 -58.85 -9.53 -71.41
C GLY H 178 -58.95 -10.57 -72.49
N ILE H 179 -57.81 -10.82 -73.14
CA ILE H 179 -57.75 -11.77 -74.25
C ILE H 179 -57.29 -13.11 -73.69
N TYR H 180 -58.14 -14.12 -73.82
CA TYR H 180 -57.85 -15.48 -73.36
C TYR H 180 -57.84 -16.44 -74.53
N VAL H 181 -56.90 -17.37 -74.51
CA VAL H 181 -56.76 -18.36 -75.58
C VAL H 181 -57.94 -19.31 -75.49
N SER H 182 -58.89 -19.18 -76.43
CA SER H 182 -60.08 -20.01 -76.45
C SER H 182 -59.81 -21.37 -77.10
N GLU H 183 -59.23 -21.36 -78.29
CA GLU H 183 -59.07 -22.58 -79.09
C GLU H 183 -57.61 -22.80 -79.45
N LYS H 184 -57.20 -24.07 -79.47
CA LYS H 184 -55.86 -24.46 -79.89
C LYS H 184 -56.01 -25.57 -80.92
N GLY H 185 -55.39 -25.40 -82.10
CA GLY H 185 -55.49 -26.41 -83.12
C GLY H 185 -54.42 -26.29 -84.19
N THR H 186 -54.68 -26.85 -85.37
CA THR H 186 -53.75 -26.82 -86.48
C THR H 186 -54.26 -25.89 -87.57
N VAL H 187 -53.33 -25.50 -88.45
CA VAL H 187 -53.71 -24.70 -89.61
C VAL H 187 -54.32 -25.58 -90.70
N GLN H 188 -53.76 -26.76 -90.90
CA GLN H 188 -54.28 -27.73 -91.87
C GLN H 188 -55.16 -28.73 -91.15
N GLN H 189 -56.28 -29.08 -91.77
CA GLN H 189 -57.23 -30.02 -91.20
C GLN H 189 -57.07 -31.38 -91.88
N ALA H 190 -57.97 -32.30 -91.55
CA ALA H 190 -58.00 -33.66 -92.10
C ALA H 190 -56.76 -34.46 -91.74
N ASP H 191 -56.03 -34.06 -90.70
CA ASP H 191 -54.91 -34.84 -90.20
C ASP H 191 -54.91 -34.86 -88.67
N ARG I 1 -50.27 -20.23 -14.95
CA ARG I 1 -49.80 -21.60 -14.83
C ARG I 1 -48.55 -21.82 -15.69
N ARG I 2 -47.60 -22.59 -15.17
CA ARG I 2 -46.40 -22.91 -15.91
C ARG I 2 -46.73 -23.78 -17.13
N PRO I 3 -45.95 -23.67 -18.20
CA PRO I 3 -46.18 -24.53 -19.36
C PRO I 3 -45.85 -25.99 -19.06
N ALA I 4 -46.15 -26.85 -20.03
CA ALA I 4 -45.85 -28.27 -19.91
C ALA I 4 -44.41 -28.60 -20.25
N ARG I 5 -43.63 -27.64 -20.77
CA ARG I 5 -42.24 -27.90 -21.10
C ARG I 5 -41.40 -28.16 -19.86
N CYS I 6 -41.72 -27.50 -18.75
CA CYS I 6 -40.92 -27.61 -17.53
C CYS I 6 -41.34 -28.78 -16.65
N TYR I 7 -42.39 -29.51 -17.01
CA TYR I 7 -42.85 -30.67 -16.26
C TYR I 7 -43.05 -31.86 -17.18
N ARG I 8 -42.07 -32.11 -18.05
CA ARG I 8 -42.16 -33.17 -19.05
C ARG I 8 -41.41 -34.43 -18.63
N TYR I 9 -40.16 -34.31 -18.23
CA TYR I 9 -39.33 -35.46 -17.92
C TYR I 9 -39.55 -35.93 -16.49
N CYS I 10 -38.94 -37.07 -16.17
CA CYS I 10 -39.01 -37.67 -14.83
C CYS I 10 -37.68 -37.40 -14.14
N LYS I 11 -37.62 -36.29 -13.40
CA LYS I 11 -36.39 -35.89 -12.73
C LYS I 11 -36.39 -36.13 -11.23
N ASN I 12 -37.54 -36.34 -10.61
CA ASN I 12 -37.64 -36.53 -9.18
C ASN I 12 -38.40 -37.82 -8.87
N LYS I 13 -38.22 -38.30 -7.64
CA LYS I 13 -38.92 -39.48 -7.18
C LYS I 13 -40.42 -39.20 -7.08
N PRO I 14 -41.25 -40.23 -7.10
CA PRO I 14 -42.70 -40.02 -7.00
C PRO I 14 -43.06 -39.34 -5.69
N TYR I 15 -43.88 -38.29 -5.79
CA TYR I 15 -44.30 -37.47 -4.65
C TYR I 15 -45.82 -37.51 -4.56
N PRO I 16 -46.38 -38.62 -4.09
CA PRO I 16 -47.84 -38.78 -4.10
C PRO I 16 -48.49 -38.04 -2.93
N LYS I 17 -49.82 -37.95 -3.02
CA LYS I 17 -50.60 -37.33 -1.95
C LYS I 17 -50.75 -38.32 -0.80
N SER I 18 -50.21 -37.95 0.37
CA SER I 18 -50.24 -38.81 1.54
C SER I 18 -50.29 -37.94 2.78
N ARG I 19 -50.02 -38.54 3.93
CA ARG I 19 -50.02 -37.82 5.21
C ARG I 19 -48.90 -36.80 5.30
N PHE I 20 -47.98 -36.77 4.35
CA PHE I 20 -46.85 -35.85 4.40
C PHE I 20 -47.03 -34.63 3.51
N CYS I 21 -47.92 -34.69 2.51
CA CYS I 21 -48.18 -33.52 1.68
C CYS I 21 -49.03 -32.50 2.42
N ARG I 22 -50.13 -32.96 3.02
CA ARG I 22 -51.03 -32.14 3.84
C ARG I 22 -51.66 -31.01 3.04
N GLY I 23 -51.43 -30.98 1.74
CA GLY I 23 -52.04 -29.98 0.87
C GLY I 23 -51.78 -30.28 -0.59
N VAL I 24 -52.82 -30.25 -1.41
CA VAL I 24 -52.70 -30.57 -2.82
C VAL I 24 -53.92 -30.05 -3.56
N PRO I 25 -53.77 -29.49 -4.75
CA PRO I 25 -54.94 -29.14 -5.56
C PRO I 25 -55.58 -30.37 -6.16
N ASP I 26 -56.89 -30.29 -6.38
CA ASP I 26 -57.63 -31.40 -6.93
C ASP I 26 -57.21 -31.68 -8.37
N ALA I 27 -57.36 -32.93 -8.78
CA ALA I 27 -56.96 -33.34 -10.12
C ALA I 27 -57.93 -32.79 -11.16
N LYS I 28 -57.55 -32.92 -12.43
CA LYS I 28 -58.36 -32.41 -13.53
C LYS I 28 -59.38 -33.43 -14.02
N ILE I 29 -59.02 -34.71 -14.03
CA ILE I 29 -59.92 -35.76 -14.49
C ILE I 29 -60.70 -36.30 -13.30
N ARG I 30 -61.95 -36.68 -13.56
CA ARG I 30 -62.82 -37.20 -12.52
C ARG I 30 -63.45 -38.53 -12.96
N ILE I 31 -63.56 -38.72 -14.26
CA ILE I 31 -64.15 -39.92 -14.84
C ILE I 31 -63.17 -40.51 -15.84
N PHE I 32 -63.07 -41.85 -15.85
CA PHE I 32 -62.18 -42.56 -16.75
C PHE I 32 -62.90 -43.38 -17.80
N ASP I 33 -64.14 -43.81 -17.53
CA ASP I 33 -64.94 -44.57 -18.47
C ASP I 33 -66.04 -43.68 -19.02
N LEU I 34 -66.12 -43.56 -20.34
CA LEU I 34 -67.08 -42.67 -20.97
C LEU I 34 -68.07 -43.37 -21.89
N GLY I 35 -67.76 -44.58 -22.36
CA GLY I 35 -68.70 -45.31 -23.17
C GLY I 35 -69.82 -45.90 -22.34
N ARG I 36 -70.41 -47.00 -22.80
CA ARG I 36 -71.43 -47.70 -22.02
C ARG I 36 -70.75 -48.67 -21.07
N LYS I 37 -70.74 -48.31 -19.78
CA LYS I 37 -70.04 -49.11 -18.79
C LYS I 37 -70.72 -50.45 -18.50
N LYS I 38 -72.03 -50.54 -18.73
CA LYS I 38 -72.78 -51.75 -18.46
C LYS I 38 -72.75 -52.73 -19.63
N ALA I 39 -71.77 -52.60 -20.52
CA ALA I 39 -71.66 -53.48 -21.66
C ALA I 39 -71.07 -54.83 -21.25
N LYS I 40 -71.53 -55.88 -21.92
CA LYS I 40 -71.01 -57.22 -21.68
C LYS I 40 -69.69 -57.41 -22.43
N VAL I 41 -69.02 -58.53 -22.16
CA VAL I 41 -67.74 -58.79 -22.81
C VAL I 41 -67.91 -59.29 -24.24
N ASP I 42 -69.08 -59.79 -24.59
CA ASP I 42 -69.36 -60.24 -25.94
C ASP I 42 -69.93 -59.13 -26.82
N GLU I 43 -70.00 -57.90 -26.30
CA GLU I 43 -70.55 -56.79 -27.08
C GLU I 43 -69.50 -56.20 -28.00
N PHE I 44 -68.31 -55.91 -27.49
CA PHE I 44 -67.26 -55.27 -28.27
C PHE I 44 -66.10 -56.24 -28.47
N PRO I 45 -65.93 -56.81 -29.67
CA PRO I 45 -64.88 -57.82 -29.87
C PRO I 45 -63.46 -57.26 -29.77
N LEU I 46 -63.15 -56.23 -30.55
CA LEU I 46 -61.78 -55.75 -30.65
C LEU I 46 -61.52 -54.61 -29.64
N CYS I 47 -60.27 -54.17 -29.60
CA CYS I 47 -59.86 -53.10 -28.70
C CYS I 47 -58.53 -52.54 -29.17
N GLY I 48 -58.37 -51.22 -29.02
CA GLY I 48 -57.14 -50.55 -29.35
C GLY I 48 -56.38 -50.11 -28.10
N HIS I 49 -55.16 -49.61 -28.33
CA HIS I 49 -54.32 -49.15 -27.24
C HIS I 49 -53.41 -48.05 -27.74
N MET I 50 -53.21 -47.05 -26.87
CA MET I 50 -52.23 -45.99 -27.10
C MET I 50 -51.00 -46.30 -26.26
N VAL I 51 -49.98 -46.88 -26.87
CA VAL I 51 -48.79 -47.30 -26.16
C VAL I 51 -47.72 -46.23 -26.29
N SER I 52 -47.18 -45.79 -25.14
CA SER I 52 -46.19 -44.73 -25.13
C SER I 52 -44.82 -45.27 -25.54
N ASP I 53 -44.11 -44.48 -26.35
CA ASP I 53 -42.76 -44.83 -26.78
C ASP I 53 -41.68 -44.08 -26.02
N GLU I 54 -42.04 -43.04 -25.26
CA GLU I 54 -41.09 -42.24 -24.51
C GLU I 54 -41.44 -42.30 -23.03
N TYR I 55 -40.40 -42.42 -22.19
CA TYR I 55 -40.56 -42.42 -20.74
C TYR I 55 -40.60 -40.97 -20.26
N GLU I 56 -41.79 -40.49 -19.94
CA GLU I 56 -41.98 -39.09 -19.59
C GLU I 56 -43.15 -38.98 -18.61
N GLN I 57 -43.60 -37.75 -18.38
CA GLN I 57 -44.75 -37.48 -17.53
C GLN I 57 -45.88 -36.90 -18.36
N LEU I 58 -47.11 -37.31 -18.03
CA LEU I 58 -48.31 -36.81 -18.68
C LEU I 58 -49.17 -36.11 -17.65
N SER I 59 -49.64 -34.91 -17.99
CA SER I 59 -50.42 -34.11 -17.06
C SER I 59 -51.89 -34.53 -17.09
N SER I 60 -52.56 -34.35 -15.96
CA SER I 60 -53.97 -34.71 -15.85
C SER I 60 -54.83 -33.86 -16.78
N GLU I 61 -54.46 -32.59 -16.98
CA GLU I 61 -55.20 -31.75 -17.93
C GLU I 61 -55.02 -32.27 -19.35
N ALA I 62 -53.84 -32.74 -19.70
CA ALA I 62 -53.62 -33.32 -21.02
C ALA I 62 -54.43 -34.60 -21.19
N LEU I 63 -54.47 -35.44 -20.16
CA LEU I 63 -55.31 -36.62 -20.19
C LEU I 63 -56.78 -36.25 -20.40
N GLU I 64 -57.25 -35.23 -19.67
CA GLU I 64 -58.63 -34.80 -19.79
C GLU I 64 -58.93 -34.31 -21.21
N ALA I 65 -58.06 -33.44 -21.74
CA ALA I 65 -58.28 -32.91 -23.08
C ALA I 65 -58.28 -34.02 -24.13
N ALA I 66 -57.36 -34.99 -23.99
CA ALA I 66 -57.28 -36.07 -24.95
C ALA I 66 -58.51 -36.97 -24.89
N ARG I 67 -58.99 -37.30 -23.68
CA ARG I 67 -60.17 -38.15 -23.58
C ARG I 67 -61.42 -37.41 -24.05
N ILE I 68 -61.51 -36.09 -23.83
CA ILE I 68 -62.62 -35.33 -24.38
C ILE I 68 -62.58 -35.36 -25.90
N CYS I 69 -61.40 -35.16 -26.49
CA CYS I 69 -61.30 -35.21 -27.95
C CYS I 69 -61.70 -36.58 -28.48
N ALA I 70 -61.22 -37.65 -27.84
CA ALA I 70 -61.56 -38.99 -28.27
C ALA I 70 -63.06 -39.26 -28.17
N ASN I 71 -63.68 -38.87 -27.06
CA ASN I 71 -65.12 -39.08 -26.91
C ASN I 71 -65.91 -38.26 -27.93
N LYS I 72 -65.50 -37.01 -28.15
CA LYS I 72 -66.20 -36.16 -29.12
C LYS I 72 -66.13 -36.74 -30.52
N TYR I 73 -64.97 -37.31 -30.88
CA TYR I 73 -64.88 -37.93 -32.20
C TYR I 73 -65.64 -39.25 -32.26
N MET I 74 -65.66 -40.02 -31.17
CA MET I 74 -66.26 -41.34 -31.20
C MET I 74 -67.78 -41.27 -31.24
N VAL I 75 -68.37 -40.36 -30.45
CA VAL I 75 -69.83 -40.24 -30.44
C VAL I 75 -70.36 -39.73 -31.77
N LYS I 76 -69.52 -39.14 -32.60
CA LYS I 76 -69.91 -38.75 -33.95
C LYS I 76 -69.57 -39.82 -34.99
N SER I 77 -68.52 -40.60 -34.76
CA SER I 77 -68.14 -41.65 -35.69
C SER I 77 -69.09 -42.84 -35.61
N CYS I 78 -69.27 -43.42 -34.42
CA CYS I 78 -70.10 -44.61 -34.25
C CYS I 78 -71.32 -44.35 -33.39
N GLY I 79 -71.66 -43.08 -33.15
CA GLY I 79 -72.84 -42.76 -32.36
C GLY I 79 -72.68 -43.05 -30.88
N LYS I 80 -73.54 -42.46 -30.07
CA LYS I 80 -73.49 -42.68 -28.63
C LYS I 80 -73.98 -44.08 -28.28
N ASP I 81 -73.53 -44.57 -27.13
CA ASP I 81 -73.89 -45.90 -26.63
C ASP I 81 -73.48 -47.01 -27.58
N GLY I 82 -72.31 -46.86 -28.21
CA GLY I 82 -71.83 -47.86 -29.15
C GLY I 82 -70.34 -48.11 -29.05
N PHE I 83 -69.75 -47.79 -27.90
CA PHE I 83 -68.32 -47.95 -27.69
C PHE I 83 -68.05 -47.96 -26.19
N HIS I 84 -66.78 -48.12 -25.83
CA HIS I 84 -66.36 -48.01 -24.44
C HIS I 84 -64.89 -47.65 -24.40
N ILE I 85 -64.58 -46.44 -23.92
CA ILE I 85 -63.20 -45.95 -23.82
C ILE I 85 -62.79 -46.03 -22.36
N ARG I 86 -61.48 -46.10 -22.12
CA ARG I 86 -60.95 -46.09 -20.76
C ARG I 86 -59.54 -45.51 -20.78
N VAL I 87 -59.31 -44.53 -19.91
CA VAL I 87 -57.97 -43.99 -19.69
C VAL I 87 -57.34 -44.81 -18.57
N ARG I 88 -56.42 -45.71 -18.93
CA ARG I 88 -55.83 -46.59 -17.94
C ARG I 88 -54.88 -45.85 -17.01
N LEU I 89 -54.20 -44.82 -17.50
CA LEU I 89 -53.23 -44.09 -16.70
C LEU I 89 -53.94 -43.21 -15.68
N HIS I 90 -53.45 -43.24 -14.43
CA HIS I 90 -54.01 -42.45 -13.35
C HIS I 90 -52.96 -41.51 -12.78
N PRO I 91 -53.29 -40.25 -12.55
CA PRO I 91 -52.27 -39.31 -12.07
C PRO I 91 -52.12 -39.33 -10.56
N PHE I 92 -50.90 -39.57 -10.08
CA PHE I 92 -50.61 -39.56 -8.66
C PHE I 92 -49.37 -38.78 -8.27
N HIS I 93 -48.44 -38.55 -9.19
CA HIS I 93 -47.25 -37.76 -8.89
C HIS I 93 -47.62 -36.28 -8.82
N VAL I 94 -47.34 -35.65 -7.69
CA VAL I 94 -47.70 -34.25 -7.46
C VAL I 94 -46.45 -33.40 -7.69
N ILE I 95 -46.52 -32.52 -8.68
CA ILE I 95 -45.44 -31.60 -8.98
C ILE I 95 -45.61 -30.34 -8.15
N ARG I 96 -44.51 -29.81 -7.62
CA ARG I 96 -44.54 -28.63 -6.78
C ARG I 96 -43.99 -27.43 -7.52
N ILE I 97 -44.49 -26.25 -7.16
CA ILE I 97 -44.10 -24.99 -7.77
C ILE I 97 -43.52 -24.08 -6.69
N ASN I 98 -42.57 -23.24 -7.10
CA ASN I 98 -41.94 -22.27 -6.21
C ASN I 98 -42.20 -20.88 -6.78
N LYS I 99 -43.25 -20.23 -6.27
CA LYS I 99 -43.59 -18.90 -6.76
C LYS I 99 -42.45 -17.92 -6.47
N MET I 100 -42.13 -17.11 -7.47
CA MET I 100 -40.93 -16.27 -7.45
C MET I 100 -41.31 -14.85 -7.07
N LEU I 101 -41.08 -14.50 -5.81
CA LEU I 101 -41.15 -13.11 -5.33
C LEU I 101 -42.54 -12.52 -5.54
N SER I 102 -43.57 -13.31 -5.23
CA SER I 102 -44.97 -12.92 -5.41
C SER I 102 -45.25 -12.36 -6.80
N ALA I 106 -42.69 -7.10 -8.03
CA ALA I 106 -41.43 -7.56 -8.58
C ALA I 106 -40.27 -6.70 -8.09
N ASP I 107 -39.65 -7.13 -6.99
CA ASP I 107 -38.54 -6.40 -6.40
C ASP I 107 -37.62 -7.38 -5.67
N ARG I 108 -36.41 -6.92 -5.38
CA ARG I 108 -35.38 -7.74 -4.75
C ARG I 108 -35.46 -7.71 -3.22
N LEU I 109 -36.64 -7.42 -2.66
CA LEU I 109 -36.78 -7.36 -1.21
C LEU I 109 -36.85 -8.75 -0.58
N GLN I 110 -37.48 -9.69 -1.27
CA GLN I 110 -37.68 -11.02 -0.72
C GLN I 110 -36.46 -11.90 -0.96
N THR I 111 -36.51 -13.11 -0.39
CA THR I 111 -35.39 -14.04 -0.48
C THR I 111 -35.29 -14.67 -1.86
N GLY I 112 -34.06 -14.89 -2.32
CA GLY I 112 -33.84 -15.48 -3.62
C GLY I 112 -34.12 -16.97 -3.68
N MET I 113 -33.34 -17.77 -2.95
CA MET I 113 -33.50 -19.21 -2.94
C MET I 113 -33.50 -19.78 -1.53
N ARG I 114 -33.78 -18.96 -0.53
CA ARG I 114 -33.77 -19.40 0.86
C ARG I 114 -35.07 -20.12 1.16
N GLY I 115 -35.00 -21.44 1.37
CA GLY I 115 -36.18 -22.23 1.62
C GLY I 115 -37.10 -22.29 0.43
N ALA I 116 -36.63 -22.91 -0.66
CA ALA I 116 -37.34 -22.92 -1.93
C ALA I 116 -37.93 -24.30 -2.23
N PHE I 117 -38.45 -24.99 -1.21
CA PHE I 117 -39.07 -26.28 -1.46
C PHE I 117 -40.37 -26.15 -2.25
N GLY I 118 -41.04 -25.01 -2.15
CA GLY I 118 -42.20 -24.73 -2.97
C GLY I 118 -43.44 -25.49 -2.53
N LYS I 119 -44.56 -25.07 -3.09
CA LYS I 119 -45.88 -25.62 -2.81
C LYS I 119 -46.38 -26.46 -3.97
N PRO I 120 -47.27 -27.42 -3.73
CA PRO I 120 -47.78 -28.25 -4.83
C PRO I 120 -48.59 -27.43 -5.82
N GLN I 121 -48.36 -27.69 -7.11
CA GLN I 121 -49.05 -27.00 -8.18
C GLN I 121 -50.12 -27.84 -8.86
N GLY I 122 -49.83 -29.11 -9.12
CA GLY I 122 -50.79 -29.97 -9.77
C GLY I 122 -50.39 -31.42 -9.65
N THR I 123 -51.03 -32.25 -10.47
CA THR I 123 -50.80 -33.69 -10.48
C THR I 123 -50.51 -34.15 -11.89
N VAL I 124 -49.47 -34.97 -12.05
CA VAL I 124 -49.12 -35.53 -13.36
C VAL I 124 -49.14 -37.05 -13.26
N ALA I 125 -48.93 -37.72 -14.38
CA ALA I 125 -48.95 -39.17 -14.45
C ALA I 125 -47.68 -39.65 -15.12
N ARG I 126 -46.93 -40.49 -14.42
CA ARG I 126 -45.69 -41.04 -14.97
C ARG I 126 -46.00 -42.27 -15.82
N VAL I 127 -45.46 -42.28 -17.03
CA VAL I 127 -45.70 -43.37 -17.99
C VAL I 127 -44.35 -43.95 -18.39
N HIS I 128 -44.30 -45.27 -18.47
CA HIS I 128 -43.09 -45.97 -18.88
C HIS I 128 -43.14 -46.32 -20.36
N ILE I 129 -42.03 -46.83 -20.87
CA ILE I 129 -41.96 -47.23 -22.28
C ILE I 129 -42.77 -48.50 -22.46
N GLY I 130 -43.77 -48.43 -23.33
CA GLY I 130 -44.65 -49.56 -23.58
C GLY I 130 -45.90 -49.61 -22.73
N GLN I 131 -46.13 -48.62 -21.88
CA GLN I 131 -47.32 -48.57 -21.04
C GLN I 131 -48.48 -47.93 -21.79
N VAL I 132 -49.65 -48.55 -21.70
CA VAL I 132 -50.82 -48.08 -22.41
C VAL I 132 -51.39 -46.86 -21.70
N ILE I 133 -51.81 -45.86 -22.46
CA ILE I 133 -52.45 -44.67 -21.92
C ILE I 133 -53.95 -44.83 -21.98
N MET I 134 -54.49 -45.02 -23.19
CA MET I 134 -55.92 -45.16 -23.40
C MET I 134 -56.22 -46.43 -24.18
N SER I 135 -57.44 -46.92 -24.03
CA SER I 135 -57.87 -48.13 -24.72
C SER I 135 -59.35 -48.04 -25.00
N ILE I 136 -59.74 -48.32 -26.24
CA ILE I 136 -61.13 -48.18 -26.69
C ILE I 136 -61.58 -49.50 -27.29
N ARG I 137 -62.76 -49.96 -26.89
CA ARG I 137 -63.38 -51.15 -27.46
C ARG I 137 -64.65 -50.75 -28.21
N THR I 138 -64.82 -51.33 -29.40
CA THR I 138 -65.96 -51.05 -30.27
C THR I 138 -66.37 -52.35 -30.95
N LYS I 139 -67.22 -52.22 -31.97
CA LYS I 139 -67.60 -53.38 -32.77
C LYS I 139 -66.45 -53.80 -33.68
N LEU I 140 -66.70 -54.84 -34.48
CA LEU I 140 -65.67 -55.38 -35.35
C LEU I 140 -65.38 -54.47 -36.55
N GLN I 141 -66.30 -53.57 -36.90
CA GLN I 141 -66.14 -52.73 -38.08
C GLN I 141 -65.68 -51.32 -37.76
N ASN I 142 -65.53 -50.97 -36.49
CA ASN I 142 -65.10 -49.63 -36.08
C ASN I 142 -63.59 -49.55 -35.87
N LYS I 143 -62.85 -50.40 -36.56
CA LYS I 143 -61.39 -50.41 -36.43
C LYS I 143 -60.79 -49.08 -36.88
N GLU I 144 -61.16 -48.61 -38.08
CA GLU I 144 -60.64 -47.34 -38.56
C GLU I 144 -61.10 -46.17 -37.70
N HIS I 145 -62.31 -46.26 -37.13
CA HIS I 145 -62.79 -45.19 -36.27
C HIS I 145 -61.96 -45.12 -34.99
N VAL I 146 -61.68 -46.26 -34.37
CA VAL I 146 -60.83 -46.28 -33.18
C VAL I 146 -59.43 -45.78 -33.51
N ILE I 147 -58.91 -46.18 -34.67
CA ILE I 147 -57.57 -45.75 -35.08
C ILE I 147 -57.54 -44.23 -35.26
N GLU I 148 -58.59 -43.67 -35.87
CA GLU I 148 -58.63 -42.23 -36.08
C GLU I 148 -58.78 -41.48 -34.76
N ALA I 149 -59.58 -42.01 -33.83
CA ALA I 149 -59.72 -41.36 -32.54
C ALA I 149 -58.40 -41.37 -31.77
N LEU I 150 -57.70 -42.50 -31.79
CA LEU I 150 -56.40 -42.56 -31.13
C LEU I 150 -55.38 -41.66 -31.80
N ARG I 151 -55.45 -41.53 -33.13
CA ARG I 151 -54.57 -40.60 -33.82
C ARG I 151 -54.88 -39.16 -33.41
N ARG I 152 -56.16 -38.83 -33.23
CA ARG I 152 -56.53 -37.49 -32.80
C ARG I 152 -56.04 -37.22 -31.39
N ALA I 153 -56.11 -38.21 -30.50
CA ALA I 153 -55.56 -38.07 -29.17
C ALA I 153 -54.03 -38.01 -29.15
N LYS I 154 -53.38 -38.60 -30.16
CA LYS I 154 -51.94 -38.51 -30.26
C LYS I 154 -51.48 -37.07 -30.47
N PHE I 155 -52.18 -36.33 -31.33
CA PHE I 155 -51.84 -34.93 -31.57
C PHE I 155 -52.01 -34.06 -30.35
N LYS I 156 -52.78 -34.49 -29.35
CA LYS I 156 -52.95 -33.75 -28.11
C LYS I 156 -52.05 -34.23 -27.00
N PHE I 157 -51.61 -35.49 -27.03
CA PHE I 157 -50.67 -35.93 -26.01
C PHE I 157 -49.25 -35.50 -26.35
N PRO I 158 -48.46 -35.11 -25.36
CA PRO I 158 -47.07 -34.72 -25.62
C PRO I 158 -46.19 -35.93 -25.88
N GLY I 159 -44.95 -35.64 -26.29
CA GLY I 159 -44.02 -36.71 -26.57
C GLY I 159 -44.37 -37.46 -27.84
N ARG I 160 -44.04 -38.75 -27.86
CA ARG I 160 -44.31 -39.61 -29.00
C ARG I 160 -44.86 -40.94 -28.50
N GLN I 161 -46.10 -41.24 -28.87
CA GLN I 161 -46.76 -42.49 -28.53
C GLN I 161 -47.45 -43.03 -29.77
N LYS I 162 -47.44 -44.35 -29.91
CA LYS I 162 -47.98 -44.99 -31.10
C LYS I 162 -49.27 -45.75 -30.76
N ILE I 163 -49.92 -46.23 -31.82
CA ILE I 163 -51.21 -46.90 -31.72
C ILE I 163 -51.00 -48.39 -32.02
N HIS I 164 -51.71 -49.24 -31.28
CA HIS I 164 -51.58 -50.67 -31.49
C HIS I 164 -52.91 -51.35 -31.19
N ILE I 165 -53.35 -52.22 -32.10
CA ILE I 165 -54.56 -53.00 -31.91
C ILE I 165 -54.16 -54.35 -31.35
N SER I 166 -54.46 -54.58 -30.07
CA SER I 166 -54.01 -55.78 -29.40
C SER I 166 -54.77 -57.00 -29.88
N LYS I 167 -54.12 -58.16 -29.76
CA LYS I 167 -54.74 -59.43 -30.11
C LYS I 167 -55.68 -59.94 -29.02
N LYS I 168 -55.70 -59.31 -27.85
CA LYS I 168 -56.57 -59.73 -26.77
C LYS I 168 -58.03 -59.45 -27.12
N TRP I 169 -58.93 -60.06 -26.36
CA TRP I 169 -60.36 -59.90 -26.55
C TRP I 169 -60.86 -58.84 -25.57
N GLY I 170 -61.04 -57.62 -26.06
CA GLY I 170 -61.56 -56.56 -25.20
C GLY I 170 -60.56 -56.19 -24.12
N PHE I 171 -61.05 -56.07 -22.89
CA PHE I 171 -60.21 -55.70 -21.76
C PHE I 171 -59.59 -56.90 -21.06
N THR I 172 -60.06 -58.11 -21.34
CA THR I 172 -59.56 -59.29 -20.66
C THR I 172 -58.13 -59.60 -21.11
N LYS I 173 -57.43 -60.40 -20.31
CA LYS I 173 -56.07 -60.81 -20.59
C LYS I 173 -56.00 -62.03 -21.49
N PHE I 174 -57.10 -62.41 -22.13
CA PHE I 174 -57.14 -63.56 -23.00
C PHE I 174 -57.17 -63.14 -24.46
N ASN I 175 -56.59 -63.97 -25.31
CA ASN I 175 -56.51 -63.66 -26.73
C ASN I 175 -57.89 -63.77 -27.38
N ALA I 176 -57.99 -63.21 -28.59
CA ALA I 176 -59.26 -63.21 -29.29
C ALA I 176 -59.56 -64.55 -29.96
N ASP I 177 -58.52 -65.28 -30.37
CA ASP I 177 -58.73 -66.56 -31.04
C ASP I 177 -59.14 -67.65 -30.07
N GLU I 178 -58.59 -67.65 -28.87
CA GLU I 178 -58.89 -68.66 -27.86
C GLU I 178 -59.98 -68.23 -26.89
N PHE I 179 -60.84 -67.29 -27.29
CA PHE I 179 -61.89 -66.79 -26.40
C PHE I 179 -63.25 -67.39 -26.72
N GLU I 180 -63.63 -67.40 -28.00
CA GLU I 180 -64.96 -67.86 -28.38
C GLU I 180 -65.13 -69.35 -28.14
N ASP I 181 -64.04 -70.11 -28.17
CA ASP I 181 -64.10 -71.54 -27.90
C ASP I 181 -63.96 -71.86 -26.41
N MET I 182 -63.28 -71.01 -25.66
CA MET I 182 -63.13 -71.21 -24.21
C MET I 182 -64.30 -70.67 -23.43
N VAL I 183 -65.11 -69.78 -24.00
CA VAL I 183 -66.30 -69.30 -23.31
C VAL I 183 -67.51 -70.20 -23.54
N ALA I 184 -67.50 -71.01 -24.61
CA ALA I 184 -68.61 -71.93 -24.86
C ALA I 184 -68.71 -72.97 -23.74
N GLU I 185 -67.66 -73.74 -23.54
CA GLU I 185 -67.58 -74.65 -22.40
C GLU I 185 -67.10 -73.91 -21.16
N LYS I 186 -67.42 -74.49 -19.99
CA LYS I 186 -67.31 -73.77 -18.72
C LYS I 186 -65.84 -73.63 -18.31
N ARG I 187 -65.21 -72.58 -18.82
CA ARG I 187 -63.89 -72.16 -18.38
C ARG I 187 -63.78 -70.66 -18.15
N LEU I 188 -64.69 -69.86 -18.68
CA LEU I 188 -64.72 -68.42 -18.49
C LEU I 188 -66.16 -67.99 -18.25
N ILE I 189 -66.37 -67.15 -17.25
CA ILE I 189 -67.70 -66.70 -16.87
C ILE I 189 -67.77 -65.19 -17.08
N PRO I 190 -68.60 -64.69 -18.00
CA PRO I 190 -68.71 -63.24 -18.17
C PRO I 190 -69.44 -62.61 -16.99
N ASP I 191 -68.82 -61.57 -16.42
CA ASP I 191 -69.41 -60.80 -15.33
C ASP I 191 -69.34 -59.32 -15.71
N GLY I 192 -70.36 -58.85 -16.42
CA GLY I 192 -70.40 -57.48 -16.87
C GLY I 192 -69.31 -57.14 -17.87
N CYS I 193 -68.47 -56.16 -17.53
CA CYS I 193 -67.40 -55.75 -18.43
C CYS I 193 -66.18 -56.65 -18.35
N GLY I 194 -66.11 -57.55 -17.38
CA GLY I 194 -64.97 -58.43 -17.21
C GLY I 194 -65.36 -59.90 -17.32
N VAL I 195 -64.35 -60.75 -17.28
CA VAL I 195 -64.50 -62.20 -17.34
C VAL I 195 -63.75 -62.82 -16.18
N LYS I 196 -64.42 -63.73 -15.46
CA LYS I 196 -63.82 -64.47 -14.37
C LYS I 196 -63.31 -65.81 -14.91
N TYR I 197 -62.04 -66.09 -14.67
CA TYR I 197 -61.43 -67.35 -15.11
C TYR I 197 -61.49 -68.34 -13.95
N ILE I 198 -62.28 -69.39 -14.13
CA ILE I 198 -62.49 -70.40 -13.08
C ILE I 198 -61.37 -71.42 -13.18
N PRO I 199 -60.53 -71.57 -12.15
CA PRO I 199 -59.48 -72.59 -12.19
C PRO I 199 -60.06 -73.97 -11.86
N ASN I 200 -59.20 -74.97 -12.03
CA ASN I 200 -59.57 -76.35 -11.69
C ASN I 200 -59.23 -76.71 -10.26
N ARG I 201 -58.44 -75.90 -9.57
CA ARG I 201 -58.04 -76.19 -8.19
C ARG I 201 -59.00 -75.58 -7.17
N GLY I 202 -60.29 -75.88 -7.31
CA GLY I 202 -61.28 -75.37 -6.40
C GLY I 202 -62.12 -76.48 -5.79
N PRO I 203 -63.05 -76.11 -4.91
CA PRO I 203 -63.97 -77.12 -4.37
C PRO I 203 -64.93 -77.61 -5.44
N LEU I 204 -65.41 -78.84 -5.25
CA LEU I 204 -66.27 -79.47 -6.24
C LEU I 204 -67.65 -78.83 -6.31
N ASP I 205 -68.04 -78.07 -5.29
CA ASP I 205 -69.35 -77.42 -5.33
C ASP I 205 -69.42 -76.34 -6.41
N LYS I 206 -68.31 -75.63 -6.65
CA LYS I 206 -68.30 -74.62 -7.70
C LYS I 206 -68.45 -75.27 -9.09
N TRP I 207 -67.97 -76.49 -9.25
CA TRP I 207 -68.15 -77.21 -10.51
C TRP I 207 -69.55 -77.82 -10.61
N ARG I 208 -70.09 -78.29 -9.49
CA ARG I 208 -71.46 -78.81 -9.50
C ARG I 208 -72.47 -77.71 -9.81
N ALA I 209 -72.21 -76.49 -9.36
CA ALA I 209 -73.11 -75.37 -9.65
C ALA I 209 -73.22 -75.09 -11.14
N LEU I 210 -72.15 -75.34 -11.89
CA LEU I 210 -72.16 -75.16 -13.33
C LEU I 210 -72.66 -76.44 -14.00
N HIS I 211 -72.59 -76.45 -15.33
CA HIS I 211 -72.99 -77.60 -16.14
C HIS I 211 -74.45 -77.98 -15.88
N GLU J 1 -79.68 -93.87 22.60
CA GLU J 1 -79.44 -92.75 21.70
C GLU J 1 -78.14 -92.02 22.05
N ASN J 2 -78.21 -90.71 22.15
CA ASN J 2 -77.02 -89.91 22.44
C ASN J 2 -76.47 -90.26 23.83
N PRO J 3 -75.19 -90.57 23.94
CA PRO J 3 -74.66 -90.99 25.26
C PRO J 3 -74.70 -89.88 26.31
N MET J 4 -74.09 -88.74 26.04
CA MET J 4 -73.99 -87.66 27.02
C MET J 4 -74.26 -86.32 26.37
N ARG J 5 -75.29 -86.24 25.53
CA ARG J 5 -75.68 -85.00 24.87
C ARG J 5 -76.84 -84.31 25.59
N GLU J 6 -77.07 -84.64 26.86
CA GLU J 6 -78.15 -84.02 27.60
C GLU J 6 -77.82 -82.56 27.88
N LEU J 7 -78.72 -81.66 27.46
CA LEU J 7 -78.52 -80.24 27.70
C LEU J 7 -78.69 -79.92 29.18
N ARG J 8 -78.01 -78.86 29.62
CA ARG J 8 -77.99 -78.50 31.03
C ARG J 8 -77.65 -77.02 31.14
N ILE J 9 -78.29 -76.34 32.09
CA ILE J 9 -78.05 -74.92 32.32
C ILE J 9 -76.68 -74.77 32.98
N ARG J 10 -75.77 -74.09 32.30
CA ARG J 10 -74.44 -73.86 32.87
C ARG J 10 -74.51 -72.87 34.02
N LYS J 11 -75.16 -71.73 33.82
CA LYS J 11 -75.37 -70.76 34.87
C LYS J 11 -76.52 -69.85 34.47
N LEU J 12 -76.96 -69.03 35.43
CA LEU J 12 -78.04 -68.07 35.22
C LEU J 12 -77.56 -66.75 35.80
N CYS J 13 -77.42 -65.74 34.94
CA CYS J 13 -76.87 -64.45 35.36
C CYS J 13 -78.00 -63.44 35.53
N LEU J 14 -78.07 -62.85 36.73
CA LEU J 14 -79.00 -61.78 37.02
C LEU J 14 -78.26 -60.45 37.03
N ASN J 15 -78.91 -59.42 36.49
CA ASN J 15 -78.28 -58.13 36.34
C ASN J 15 -79.34 -57.05 36.52
N ILE J 16 -79.00 -56.05 37.34
CA ILE J 16 -79.86 -54.90 37.60
C ILE J 16 -79.04 -53.66 37.29
N CYS J 17 -79.43 -52.92 36.26
CA CYS J 17 -78.72 -51.74 35.81
C CYS J 17 -79.57 -50.50 36.11
N VAL J 18 -79.08 -49.66 37.02
CA VAL J 18 -79.73 -48.42 37.37
C VAL J 18 -78.97 -47.27 36.73
N GLY J 19 -79.59 -46.09 36.74
CA GLY J 19 -79.01 -44.93 36.10
C GLY J 19 -77.90 -44.27 36.91
N GLU J 20 -78.22 -43.81 38.10
CA GLU J 20 -77.29 -43.09 38.96
C GLU J 20 -76.81 -43.96 40.10
N SER J 21 -75.70 -43.56 40.71
CA SER J 21 -75.10 -44.28 41.82
C SER J 21 -75.53 -43.66 43.15
N GLY J 22 -75.70 -44.51 44.14
CA GLY J 22 -76.01 -44.03 45.47
C GLY J 22 -76.99 -44.97 46.18
N ASP J 23 -78.01 -44.36 46.79
CA ASP J 23 -78.95 -45.12 47.60
C ASP J 23 -79.74 -46.12 46.77
N ARG J 24 -80.18 -45.71 45.58
CA ARG J 24 -80.93 -46.64 44.74
C ARG J 24 -80.08 -47.83 44.31
N LEU J 25 -78.80 -47.58 43.99
CA LEU J 25 -77.92 -48.68 43.61
C LEU J 25 -77.65 -49.60 44.80
N THR J 26 -77.49 -49.03 46.01
CA THR J 26 -77.29 -49.86 47.18
C THR J 26 -78.52 -50.73 47.44
N ARG J 27 -79.71 -50.17 47.26
CA ARG J 27 -80.93 -50.98 47.44
C ARG J 27 -81.06 -52.05 46.37
N ALA J 28 -80.66 -51.73 45.13
CA ALA J 28 -80.64 -52.74 44.09
C ALA J 28 -79.61 -53.82 44.38
N ALA J 29 -78.61 -53.51 45.20
CA ALA J 29 -77.69 -54.54 45.67
C ALA J 29 -78.30 -55.36 46.81
N LYS J 30 -79.04 -54.71 47.71
CA LYS J 30 -79.66 -55.44 48.81
C LYS J 30 -80.71 -56.42 48.32
N VAL J 31 -81.46 -56.05 47.27
CA VAL J 31 -82.51 -56.95 46.80
C VAL J 31 -81.94 -58.25 46.26
N LEU J 32 -80.81 -58.18 45.54
CA LEU J 32 -80.18 -59.39 45.05
C LEU J 32 -79.64 -60.26 46.18
N GLU J 33 -79.34 -59.66 47.34
CA GLU J 33 -78.89 -60.44 48.49
C GLU J 33 -79.94 -61.47 48.90
N GLN J 34 -81.20 -61.02 49.06
CA GLN J 34 -82.26 -61.95 49.43
C GLN J 34 -82.77 -62.74 48.23
N LEU J 35 -82.57 -62.24 47.01
CA LEU J 35 -83.05 -62.96 45.84
C LEU J 35 -82.17 -64.17 45.52
N THR J 36 -80.85 -64.03 45.69
CA THR J 36 -79.91 -65.06 45.30
C THR J 36 -79.14 -65.67 46.46
N GLY J 37 -79.27 -65.14 47.67
CA GLY J 37 -78.55 -65.68 48.80
C GLY J 37 -77.04 -65.52 48.73
N GLN J 38 -76.55 -64.53 48.00
CA GLN J 38 -75.12 -64.30 47.90
C GLN J 38 -74.88 -62.84 47.52
N THR J 39 -73.71 -62.34 47.89
CA THR J 39 -73.39 -60.93 47.66
C THR J 39 -73.20 -60.67 46.17
N PRO J 40 -73.84 -59.64 45.61
CA PRO J 40 -73.63 -59.31 44.19
C PRO J 40 -72.31 -58.60 43.97
N VAL J 41 -72.02 -58.23 42.73
CA VAL J 41 -70.81 -57.49 42.40
C VAL J 41 -71.19 -56.31 41.52
N PHE J 42 -70.48 -55.20 41.70
CA PHE J 42 -70.79 -53.95 41.01
C PHE J 42 -69.98 -53.84 39.74
N SER J 43 -70.64 -53.39 38.67
CA SER J 43 -69.99 -53.05 37.41
C SER J 43 -70.15 -51.56 37.17
N LYS J 44 -69.12 -50.92 36.64
CA LYS J 44 -69.07 -49.47 36.68
C LYS J 44 -68.38 -48.91 35.44
N ALA J 45 -69.12 -48.10 34.69
CA ALA J 45 -68.58 -47.05 33.82
C ALA J 45 -67.51 -47.58 32.86
N ARG J 46 -67.97 -48.42 31.93
CA ARG J 46 -67.09 -48.84 30.84
C ARG J 46 -66.67 -47.65 29.98
N TYR J 47 -67.55 -46.67 29.83
CA TYR J 47 -67.25 -45.47 29.06
C TYR J 47 -67.77 -44.22 29.76
N THR J 48 -67.77 -43.08 29.06
CA THR J 48 -68.28 -41.82 29.59
C THR J 48 -69.02 -41.10 28.47
N VAL J 49 -70.34 -41.09 28.53
CA VAL J 49 -71.17 -40.46 27.53
C VAL J 49 -71.72 -39.12 27.99
N ARG J 50 -72.06 -39.02 29.28
CA ARG J 50 -72.51 -37.77 29.90
C ARG J 50 -73.85 -37.31 29.33
N SER J 51 -74.45 -38.12 28.45
CA SER J 51 -75.73 -37.75 27.87
C SER J 51 -76.91 -38.00 28.79
N PHE J 52 -76.72 -38.78 29.86
CA PHE J 52 -77.77 -38.99 30.85
C PHE J 52 -77.23 -38.95 32.28
N GLY J 53 -75.99 -38.54 32.49
CA GLY J 53 -75.49 -38.33 33.83
C GLY J 53 -74.64 -39.45 34.39
N ILE J 54 -73.70 -39.98 33.60
CA ILE J 54 -72.73 -40.93 34.09
C ILE J 54 -71.35 -40.46 33.66
N ARG J 55 -70.33 -40.85 34.45
CA ARG J 55 -68.96 -40.48 34.17
C ARG J 55 -68.06 -41.70 34.22
N ARG J 56 -66.75 -41.48 34.18
CA ARG J 56 -65.79 -42.57 34.28
C ARG J 56 -65.62 -42.97 35.74
N ASN J 57 -65.51 -44.27 35.98
CA ASN J 57 -65.29 -44.83 37.33
C ASN J 57 -66.43 -44.44 38.27
N GLU J 58 -67.65 -44.82 37.88
CA GLU J 58 -68.84 -44.59 38.68
C GLU J 58 -69.67 -45.86 38.71
N LYS J 59 -69.97 -46.34 39.92
CA LYS J 59 -70.74 -47.57 40.07
C LYS J 59 -72.09 -47.45 39.40
N ILE J 60 -72.39 -48.38 38.48
CA ILE J 60 -73.60 -48.27 37.68
C ILE J 60 -74.56 -49.40 37.98
N ALA J 61 -74.13 -50.65 37.78
CA ALA J 61 -75.04 -51.78 37.86
C ALA J 61 -74.55 -52.81 38.86
N VAL J 62 -75.45 -53.70 39.25
CA VAL J 62 -75.11 -54.85 40.09
C VAL J 62 -75.44 -56.10 39.31
N HIS J 63 -74.71 -57.18 39.60
CA HIS J 63 -74.98 -58.43 38.91
C HIS J 63 -74.46 -59.60 39.73
N CYS J 64 -74.89 -60.80 39.34
CA CYS J 64 -74.46 -62.02 40.00
C CYS J 64 -74.78 -63.20 39.08
N THR J 65 -74.19 -64.34 39.41
CA THR J 65 -74.41 -65.58 38.66
C THR J 65 -74.73 -66.70 39.65
N VAL J 66 -75.75 -67.49 39.31
CA VAL J 66 -76.18 -68.61 40.13
C VAL J 66 -76.03 -69.89 39.31
N ARG J 67 -75.57 -70.96 39.97
CA ARG J 67 -75.32 -72.23 39.31
C ARG J 67 -75.96 -73.36 40.11
N GLY J 68 -76.46 -74.36 39.39
CA GLY J 68 -76.96 -75.56 40.01
C GLY J 68 -78.46 -75.53 40.28
N ALA J 69 -78.84 -76.27 41.32
CA ALA J 69 -80.25 -76.38 41.70
C ALA J 69 -80.84 -75.03 42.05
N LYS J 70 -80.06 -74.16 42.70
CA LYS J 70 -80.56 -72.82 43.00
C LYS J 70 -80.78 -72.01 41.72
N ALA J 71 -79.91 -72.18 40.73
CA ALA J 71 -80.13 -71.51 39.45
C ALA J 71 -81.39 -72.01 38.77
N GLU J 72 -81.61 -73.33 38.80
CA GLU J 72 -82.84 -73.87 38.23
C GLU J 72 -84.07 -73.38 38.97
N GLU J 73 -83.98 -73.24 40.29
CA GLU J 73 -85.13 -72.74 41.06
C GLU J 73 -85.41 -71.28 40.74
N ILE J 74 -84.36 -70.46 40.59
CA ILE J 74 -84.56 -69.06 40.23
C ILE J 74 -85.13 -68.95 38.82
N LEU J 75 -84.67 -69.80 37.89
CA LEU J 75 -85.23 -69.79 36.55
C LEU J 75 -86.70 -70.19 36.56
N GLU J 76 -87.05 -71.17 37.41
CA GLU J 76 -88.46 -71.55 37.53
C GLU J 76 -89.28 -70.41 38.12
N LYS J 77 -88.75 -69.71 39.11
CA LYS J 77 -89.46 -68.57 39.68
C LYS J 77 -89.65 -67.46 38.66
N GLY J 78 -88.67 -67.25 37.79
CA GLY J 78 -88.81 -66.25 36.74
C GLY J 78 -89.82 -66.66 35.68
N LEU J 79 -89.75 -67.91 35.23
CA LEU J 79 -90.72 -68.40 34.25
C LEU J 79 -92.12 -68.49 34.82
N LYS J 80 -92.26 -68.52 36.15
CA LYS J 80 -93.58 -68.51 36.76
C LYS J 80 -94.31 -67.20 36.44
N VAL J 81 -93.65 -66.06 36.69
CA VAL J 81 -94.26 -64.78 36.36
C VAL J 81 -94.26 -64.57 34.85
N ARG J 82 -93.28 -65.12 34.14
CA ARG J 82 -93.30 -65.04 32.69
C ARG J 82 -94.43 -65.85 32.07
N GLU J 83 -95.02 -66.77 32.84
CA GLU J 83 -96.12 -67.63 32.42
C GLU J 83 -95.76 -68.51 31.23
N TYR J 84 -94.45 -68.68 30.97
CA TYR J 84 -93.94 -69.63 29.98
C TYR J 84 -94.35 -69.25 28.55
N GLU J 85 -94.21 -67.97 28.23
CA GLU J 85 -94.30 -67.50 26.85
C GLU J 85 -92.99 -66.83 26.50
N LEU J 86 -92.26 -67.41 25.55
CA LEU J 86 -91.01 -66.85 25.07
C LEU J 86 -91.14 -66.52 23.59
N ARG J 87 -90.54 -65.41 23.19
CA ARG J 87 -90.57 -65.00 21.79
C ARG J 87 -89.45 -65.67 21.01
N LYS J 88 -89.62 -65.72 19.68
CA LYS J 88 -88.60 -66.31 18.83
C LYS J 88 -87.34 -65.46 18.78
N ASN J 89 -87.44 -64.16 19.04
CA ASN J 89 -86.28 -63.28 19.02
C ASN J 89 -85.51 -63.29 20.33
N ASN J 90 -85.99 -63.99 21.36
CA ASN J 90 -85.27 -64.06 22.62
C ASN J 90 -84.07 -64.99 22.55
N PHE J 91 -84.09 -65.95 21.62
CA PHE J 91 -83.01 -66.92 21.53
C PHE J 91 -81.90 -66.41 20.62
N SER J 92 -80.66 -66.61 21.05
CA SER J 92 -79.50 -66.22 20.26
C SER J 92 -79.08 -67.35 19.33
N ASP J 93 -78.14 -67.04 18.44
CA ASP J 93 -77.62 -68.06 17.52
C ASP J 93 -76.81 -69.11 18.25
N THR J 94 -76.22 -68.76 19.40
CA THR J 94 -75.42 -69.72 20.16
C THR J 94 -76.28 -70.64 21.03
N GLY J 95 -77.52 -70.27 21.30
CA GLY J 95 -78.41 -71.08 22.11
C GLY J 95 -78.78 -70.48 23.45
N ASN J 96 -78.32 -69.28 23.75
CA ASN J 96 -78.61 -68.63 25.02
C ASN J 96 -79.81 -67.69 24.84
N PHE J 97 -80.75 -67.76 25.77
CA PHE J 97 -81.97 -66.95 25.70
C PHE J 97 -82.18 -66.21 27.02
N GLY J 98 -82.71 -64.99 26.90
CA GLY J 98 -83.10 -64.22 28.06
C GLY J 98 -84.43 -63.55 27.82
N PHE J 99 -85.14 -63.28 28.89
CA PHE J 99 -86.47 -62.71 28.74
C PHE J 99 -86.64 -61.36 29.43
N GLY J 100 -86.17 -61.22 30.67
CA GLY J 100 -86.40 -60.00 31.42
C GLY J 100 -87.81 -59.92 31.94
N ILE J 101 -87.98 -59.37 33.14
CA ILE J 101 -89.29 -59.27 33.78
C ILE J 101 -89.46 -57.87 34.34
N GLN J 102 -90.64 -57.63 34.90
CA GLN J 102 -90.95 -56.36 35.57
C GLN J 102 -90.38 -56.35 36.98
N GLU J 103 -90.83 -55.40 37.79
CA GLU J 103 -90.31 -55.23 39.15
C GLU J 103 -90.50 -56.52 39.94
N HIS J 104 -89.55 -56.77 40.86
CA HIS J 104 -89.39 -58.09 41.48
C HIS J 104 -90.51 -58.46 42.46
N ILE J 105 -91.55 -57.64 42.60
CA ILE J 105 -92.63 -57.99 43.53
C ILE J 105 -93.36 -59.25 43.08
N ASP J 106 -93.34 -59.55 41.78
CA ASP J 106 -94.07 -60.71 41.28
C ASP J 106 -93.31 -62.02 41.45
N LEU J 107 -92.05 -61.97 41.90
CA LEU J 107 -91.27 -63.18 42.09
C LEU J 107 -91.65 -63.93 43.36
N GLY J 108 -92.29 -63.26 44.31
CA GLY J 108 -92.66 -63.90 45.57
C GLY J 108 -91.88 -63.34 46.74
N ILE J 109 -91.45 -62.10 46.62
CA ILE J 109 -90.66 -61.42 47.66
C ILE J 109 -91.58 -60.50 48.45
N LYS J 110 -91.40 -60.49 49.76
CA LYS J 110 -92.16 -59.58 50.61
C LYS J 110 -91.75 -58.13 50.33
N TYR J 111 -92.74 -57.29 50.02
CA TYR J 111 -92.45 -55.91 49.68
C TYR J 111 -91.95 -55.14 50.88
N ASP J 112 -90.89 -54.36 50.67
CA ASP J 112 -90.33 -53.49 51.68
C ASP J 112 -90.47 -52.03 51.24
N PRO J 113 -91.00 -51.15 52.08
CA PRO J 113 -91.17 -49.75 51.66
C PRO J 113 -89.85 -48.98 51.57
N SER J 114 -88.73 -49.58 51.94
CA SER J 114 -87.45 -48.88 51.93
C SER J 114 -86.58 -49.24 50.73
N ILE J 115 -86.81 -50.39 50.11
CA ILE J 115 -85.95 -50.82 49.01
C ILE J 115 -86.25 -50.03 47.74
N GLY J 116 -87.52 -50.01 47.31
CA GLY J 116 -87.91 -49.31 46.11
C GLY J 116 -88.51 -50.26 45.11
N ILE J 117 -88.28 -49.96 43.83
CA ILE J 117 -88.83 -50.75 42.73
C ILE J 117 -87.70 -50.98 41.72
N TYR J 118 -87.29 -52.24 41.56
CA TYR J 118 -86.24 -52.62 40.64
C TYR J 118 -86.60 -53.93 39.95
N GLY J 119 -86.15 -54.08 38.71
CA GLY J 119 -86.26 -55.33 37.99
C GLY J 119 -84.90 -55.94 37.71
N LEU J 120 -84.91 -57.00 36.90
CA LEU J 120 -83.68 -57.71 36.55
C LEU J 120 -83.72 -58.08 35.07
N ASP J 121 -82.60 -58.56 34.57
CA ASP J 121 -82.50 -59.00 33.18
C ASP J 121 -82.71 -60.50 32.99
N PHE J 122 -82.24 -61.33 33.93
CA PHE J 122 -82.50 -62.77 33.92
C PHE J 122 -82.03 -63.44 32.64
N TYR J 123 -80.71 -63.43 32.41
CA TYR J 123 -80.16 -64.05 31.22
C TYR J 123 -79.74 -65.48 31.54
N VAL J 124 -80.03 -66.39 30.62
CA VAL J 124 -79.78 -67.82 30.81
C VAL J 124 -78.80 -68.29 29.75
N VAL J 125 -77.83 -69.10 30.16
CA VAL J 125 -76.89 -69.74 29.25
C VAL J 125 -77.04 -71.24 29.39
N LEU J 126 -77.07 -71.93 28.25
CA LEU J 126 -77.23 -73.37 28.22
C LEU J 126 -75.89 -74.03 27.92
N GLY J 127 -75.79 -75.31 28.28
CA GLY J 127 -74.54 -76.02 28.08
C GLY J 127 -74.75 -77.51 28.01
N ARG J 128 -73.65 -78.21 27.76
CA ARG J 128 -73.59 -79.66 27.70
C ARG J 128 -72.38 -80.12 28.51
N PRO J 129 -72.39 -81.37 28.99
CA PRO J 129 -71.21 -81.87 29.70
C PRO J 129 -70.01 -81.95 28.77
N GLY J 130 -69.02 -81.11 29.03
CA GLY J 130 -67.83 -81.06 28.19
C GLY J 130 -67.51 -79.66 27.68
N PHE J 131 -68.26 -78.66 28.14
CA PHE J 131 -67.98 -77.28 27.77
C PHE J 131 -66.91 -76.63 28.64
N SER J 132 -66.43 -77.32 29.67
CA SER J 132 -65.40 -76.78 30.54
C SER J 132 -64.01 -76.89 29.95
N ILE J 133 -63.90 -77.22 28.66
CA ILE J 133 -62.58 -77.32 28.03
C ILE J 133 -62.00 -75.94 27.79
N ALA J 134 -62.84 -75.00 27.34
CA ALA J 134 -62.39 -73.64 27.06
C ALA J 134 -62.19 -72.80 28.30
N ASP J 135 -62.38 -73.36 29.50
CA ASP J 135 -62.24 -72.61 30.74
C ASP J 135 -61.00 -72.99 31.53
N LYS J 136 -60.51 -74.21 31.39
CA LYS J 136 -59.36 -74.65 32.17
C LYS J 136 -58.08 -74.07 31.60
N LYS J 137 -56.98 -74.22 32.35
CA LYS J 137 -55.69 -73.66 31.99
C LYS J 137 -54.68 -74.69 31.52
N ARG J 138 -54.77 -75.94 32.00
CA ARG J 138 -53.77 -76.94 31.64
C ARG J 138 -53.84 -77.29 30.16
N ARG J 139 -55.02 -77.17 29.54
CA ARG J 139 -55.16 -77.44 28.11
C ARG J 139 -56.45 -76.78 27.64
N THR J 140 -56.34 -75.92 26.62
CA THR J 140 -57.49 -75.20 26.08
C THR J 140 -57.82 -75.76 24.70
N GLY J 141 -59.11 -75.90 24.42
CA GLY J 141 -59.56 -76.40 23.14
C GLY J 141 -60.96 -75.92 22.84
N CYS J 142 -61.24 -75.74 21.56
CA CYS J 142 -62.57 -75.32 21.13
C CYS J 142 -63.57 -76.45 21.34
N ILE J 143 -64.85 -76.08 21.31
CA ILE J 143 -65.91 -77.06 21.54
C ILE J 143 -66.05 -77.99 20.34
N GLY J 144 -66.20 -77.41 19.14
CA GLY J 144 -66.40 -78.21 17.95
C GLY J 144 -67.59 -77.75 17.14
N ALA J 145 -68.17 -78.67 16.36
CA ALA J 145 -69.31 -78.35 15.51
C ALA J 145 -70.57 -79.10 15.92
N LYS J 146 -70.49 -80.43 16.07
CA LYS J 146 -71.65 -81.20 16.47
C LYS J 146 -71.96 -81.08 17.95
N HIS J 147 -71.06 -80.51 18.74
CA HIS J 147 -71.26 -80.41 20.18
C HIS J 147 -71.84 -79.06 20.61
N ARG J 148 -71.54 -77.99 19.88
CA ARG J 148 -72.06 -76.68 20.24
C ARG J 148 -73.57 -76.63 20.03
N ILE J 149 -74.24 -75.83 20.87
CA ILE J 149 -75.68 -75.72 20.81
C ILE J 149 -76.09 -74.87 19.62
N SER J 150 -77.17 -75.28 18.95
CA SER J 150 -77.67 -74.57 17.79
C SER J 150 -78.78 -73.60 18.21
N LYS J 151 -79.44 -73.00 17.22
CA LYS J 151 -80.51 -72.05 17.52
C LYS J 151 -81.81 -72.77 17.85
N GLU J 152 -82.20 -73.73 17.02
CA GLU J 152 -83.47 -74.43 17.23
C GLU J 152 -83.40 -75.38 18.42
N GLU J 153 -82.21 -75.88 18.73
CA GLU J 153 -82.07 -76.82 19.85
C GLU J 153 -82.42 -76.19 21.18
N ALA J 154 -82.10 -74.92 21.39
CA ALA J 154 -82.42 -74.25 22.64
C ALA J 154 -83.93 -74.15 22.85
N MET J 155 -84.65 -73.68 21.83
CA MET J 155 -86.10 -73.58 21.96
C MET J 155 -86.76 -74.95 22.04
N ARG J 156 -86.20 -75.96 21.35
CA ARG J 156 -86.74 -77.31 21.48
C ARG J 156 -86.56 -77.84 22.90
N TRP J 157 -85.39 -77.62 23.50
CA TRP J 157 -85.16 -78.02 24.88
C TRP J 157 -86.09 -77.28 25.83
N PHE J 158 -86.30 -76.00 25.59
CA PHE J 158 -87.21 -75.22 26.44
C PHE J 158 -88.64 -75.78 26.36
N GLN J 159 -89.14 -76.00 25.15
CA GLN J 159 -90.47 -76.56 24.98
C GLN J 159 -90.60 -77.95 25.59
N GLN J 160 -89.53 -78.75 25.52
CA GLN J 160 -89.59 -80.10 26.04
C GLN J 160 -89.55 -80.12 27.57
N LYS J 161 -88.76 -79.23 28.17
CA LYS J 161 -88.60 -79.25 29.63
C LYS J 161 -89.70 -78.46 30.33
N TYR J 162 -89.82 -77.17 30.03
CA TYR J 162 -90.72 -76.29 30.75
C TYR J 162 -92.10 -76.17 30.12
N ASP J 163 -92.32 -76.84 28.98
CA ASP J 163 -93.62 -76.84 28.31
C ASP J 163 -94.06 -75.42 27.96
N GLY J 164 -93.10 -74.53 27.72
CA GLY J 164 -93.41 -73.18 27.33
C GLY J 164 -93.86 -73.08 25.89
N ILE J 165 -94.39 -71.91 25.54
CA ILE J 165 -94.89 -71.64 24.20
C ILE J 165 -94.02 -70.59 23.55
N ILE J 166 -93.65 -70.83 22.29
CA ILE J 166 -92.80 -69.92 21.53
C ILE J 166 -93.68 -69.13 20.58
N LEU J 167 -93.73 -67.82 20.79
CA LEU J 167 -94.49 -66.86 19.99
C LEU J 167 -93.61 -66.25 18.91
N PRO J 168 -94.17 -66.00 17.73
CA PRO J 168 -93.39 -65.36 16.66
C PRO J 168 -93.09 -63.91 17.03
N GLY J 169 -91.84 -63.52 16.88
CA GLY J 169 -91.41 -62.17 17.22
C GLY J 169 -92.02 -61.10 16.35
N ALA K 1 -0.62 -21.36 18.86
CA ALA K 1 0.70 -21.14 19.44
C ALA K 1 1.41 -22.45 19.86
N PRO K 2 0.75 -23.35 20.59
CA PRO K 2 1.41 -24.60 20.98
C PRO K 2 1.69 -25.48 19.78
N SER K 3 2.45 -26.53 20.02
CA SER K 3 2.89 -27.48 19.00
C SER K 3 2.33 -28.86 19.31
N ARG K 4 2.80 -29.86 18.57
CA ARG K 4 2.35 -31.24 18.77
C ARG K 4 2.50 -31.66 20.23
N ASN K 5 3.73 -31.66 20.73
CA ASN K 5 3.99 -32.04 22.12
C ASN K 5 5.22 -31.29 22.61
N GLY K 6 5.09 -30.68 23.79
CA GLY K 6 6.20 -29.95 24.36
C GLY K 6 5.84 -29.45 25.74
N MET K 7 6.87 -29.14 26.51
CA MET K 7 6.67 -28.62 27.86
C MET K 7 6.12 -27.21 27.80
N ILE K 8 5.06 -26.95 28.55
CA ILE K 8 4.47 -25.62 28.60
C ILE K 8 5.46 -24.66 29.26
N LEU K 9 5.69 -23.52 28.61
CA LEU K 9 6.69 -22.55 29.04
C LEU K 9 6.01 -21.26 29.47
N LYS K 10 6.57 -20.63 30.50
CA LYS K 10 6.11 -19.33 30.98
C LYS K 10 7.33 -18.42 31.13
N PRO K 11 7.86 -17.90 30.02
CA PRO K 11 9.05 -17.04 30.11
C PRO K 11 8.71 -15.69 30.69
N HIS K 12 9.57 -15.20 31.58
CA HIS K 12 9.35 -13.92 32.24
C HIS K 12 10.05 -12.80 31.46
N PHE K 13 9.67 -12.69 30.18
CA PHE K 13 10.19 -11.66 29.29
C PHE K 13 9.10 -10.70 28.83
N HIS K 14 7.98 -10.66 29.55
CA HIS K 14 6.90 -9.74 29.19
C HIS K 14 7.23 -8.30 29.59
N LYS K 15 8.10 -8.10 30.58
CA LYS K 15 8.52 -6.75 30.93
C LYS K 15 9.50 -6.20 29.89
N ASP K 16 9.75 -4.91 30.01
CA ASP K 16 10.73 -4.19 29.20
C ASP K 16 12.12 -4.47 29.78
N TRP K 17 12.70 -5.60 29.38
CA TRP K 17 13.95 -6.08 30.00
C TRP K 17 15.21 -5.64 29.27
N GLN K 18 15.13 -5.36 27.97
CA GLN K 18 16.33 -5.04 27.20
C GLN K 18 17.02 -3.75 27.65
N GLN K 19 16.29 -2.84 28.29
CA GLN K 19 16.88 -1.61 28.80
C GLN K 19 17.59 -1.80 30.14
N ARG K 20 17.47 -2.97 30.77
CA ARG K 20 18.22 -3.30 31.98
C ARG K 20 18.80 -4.71 31.83
N VAL K 21 19.99 -4.79 31.24
CA VAL K 21 20.70 -6.05 31.05
C VAL K 21 22.14 -5.86 31.51
N ASP K 22 22.55 -6.63 32.50
CA ASP K 22 23.88 -6.54 33.08
C ASP K 22 24.77 -7.59 32.42
N THR K 23 25.64 -7.16 31.52
CA THR K 23 26.62 -8.03 30.89
C THR K 23 27.92 -7.98 31.68
N TRP K 24 28.52 -9.16 31.90
CA TRP K 24 29.71 -9.27 32.72
C TRP K 24 30.97 -9.17 31.87
N PHE K 25 31.04 -8.11 31.07
CA PHE K 25 32.22 -7.84 30.26
C PHE K 25 33.36 -7.22 31.06
N ASN K 26 33.08 -6.74 32.27
CA ASN K 26 34.10 -6.19 33.16
C ASN K 26 34.52 -7.17 34.24
N GLN K 27 34.26 -8.47 34.05
CA GLN K 27 34.59 -9.45 35.08
C GLN K 27 36.10 -9.64 35.23
N PRO K 28 36.89 -9.79 34.16
CA PRO K 28 38.35 -9.87 34.37
C PRO K 28 38.94 -8.62 34.99
N ALA K 29 38.45 -7.45 34.57
CA ALA K 29 38.93 -6.20 35.17
C ALA K 29 38.57 -6.11 36.64
N ARG K 30 37.37 -6.57 37.01
CA ARG K 30 36.97 -6.57 38.40
C ARG K 30 37.84 -7.53 39.22
N LYS K 31 38.12 -8.71 38.67
CA LYS K 31 38.98 -9.65 39.38
C LYS K 31 40.39 -9.10 39.54
N ILE K 32 40.89 -8.41 38.51
CA ILE K 32 42.22 -7.81 38.60
C ILE K 32 42.24 -6.70 39.66
N ARG K 33 41.19 -5.88 39.69
CA ARG K 33 41.10 -4.84 40.71
C ARG K 33 41.07 -5.44 42.11
N ARG K 34 40.29 -6.51 42.30
CA ARG K 34 40.22 -7.14 43.61
C ARG K 34 41.56 -7.75 44.01
N ARG K 35 42.25 -8.39 43.06
CA ARG K 35 43.56 -8.96 43.36
C ARG K 35 44.57 -7.88 43.71
N LYS K 36 44.56 -6.77 42.97
CA LYS K 36 45.48 -5.67 43.27
C LYS K 36 45.17 -5.05 44.63
N ALA K 37 43.88 -4.93 44.96
CA ALA K 37 43.51 -4.40 46.27
C ALA K 37 43.96 -5.33 47.39
N ARG K 38 43.78 -6.64 47.21
CA ARG K 38 44.24 -7.60 48.20
C ARG K 38 45.75 -7.51 48.38
N GLN K 39 46.49 -7.44 47.27
CA GLN K 39 47.95 -7.36 47.37
C GLN K 39 48.39 -6.07 48.04
N ALA K 40 47.74 -4.95 47.73
CA ALA K 40 48.11 -3.68 48.34
C ALA K 40 47.80 -3.69 49.83
N LYS K 41 46.66 -4.24 50.22
CA LYS K 41 46.32 -4.32 51.64
C LYS K 41 47.30 -5.21 52.39
N ALA K 42 47.62 -6.37 51.82
CA ALA K 42 48.58 -7.26 52.45
C ALA K 42 49.96 -6.63 52.55
N ARG K 43 50.37 -5.85 51.55
CA ARG K 43 51.67 -5.18 51.59
C ARG K 43 51.68 -4.08 52.63
N ARG K 44 50.55 -3.38 52.79
CA ARG K 44 50.49 -2.31 53.78
C ARG K 44 50.44 -2.86 55.20
N ILE K 45 49.81 -4.03 55.37
CA ILE K 45 49.65 -4.62 56.69
C ILE K 45 50.57 -5.84 56.88
N ALA K 46 51.65 -5.91 56.09
CA ALA K 46 52.53 -7.09 55.99
C ALA K 46 52.79 -7.83 57.30
N PRO K 47 53.13 -7.18 58.42
CA PRO K 47 53.31 -7.96 59.66
C PRO K 47 52.06 -8.69 60.11
N ARG K 48 50.87 -8.18 59.79
CA ARG K 48 49.64 -8.87 60.12
C ARG K 48 49.19 -9.76 58.96
N PRO K 49 48.56 -10.89 59.26
CA PRO K 49 48.14 -11.81 58.20
C PRO K 49 46.87 -11.33 57.51
N ALA K 50 46.70 -11.80 56.28
CA ALA K 50 45.47 -11.54 55.54
C ALA K 50 44.30 -12.22 56.23
N SER K 51 43.14 -11.57 56.19
CA SER K 51 41.99 -11.96 57.00
C SER K 51 42.41 -12.12 58.46
N GLY K 52 43.02 -11.06 58.98
CA GLY K 52 43.62 -11.05 60.30
C GLY K 52 42.76 -11.56 61.44
N PRO K 53 41.60 -10.94 61.64
CA PRO K 53 40.75 -11.33 62.79
C PRO K 53 40.43 -12.81 62.78
N ILE K 54 40.80 -13.49 63.87
CA ILE K 54 40.49 -14.91 64.02
C ILE K 54 38.99 -15.10 64.19
N ARG K 55 38.45 -16.13 63.56
CA ARG K 55 37.02 -16.38 63.60
C ARG K 55 36.72 -17.67 64.35
N PRO K 56 35.63 -17.71 65.10
CA PRO K 56 35.37 -18.83 66.01
C PRO K 56 34.82 -20.05 65.26
N ILE K 57 34.48 -21.06 66.04
CA ILE K 57 33.88 -22.29 65.54
C ILE K 57 32.36 -22.11 65.55
N VAL K 58 31.73 -22.31 64.41
CA VAL K 58 30.32 -21.97 64.22
C VAL K 58 29.59 -23.12 63.57
N ARG K 59 28.52 -23.59 64.22
CA ARG K 59 27.68 -24.66 63.70
C ARG K 59 26.52 -24.06 62.93
N CYS K 60 26.11 -24.75 61.86
CA CYS K 60 25.04 -24.23 61.01
C CYS K 60 23.70 -24.37 61.72
N PRO K 61 22.82 -23.37 61.61
CA PRO K 61 21.55 -23.41 62.34
C PRO K 61 20.58 -24.47 61.84
N THR K 62 20.33 -24.49 60.52
CA THR K 62 19.29 -25.34 59.98
C THR K 62 19.65 -26.81 60.13
N VAL K 63 18.61 -27.65 60.08
CA VAL K 63 18.80 -29.09 60.22
C VAL K 63 19.47 -29.68 58.98
N ARG K 64 19.43 -28.97 57.85
CA ARG K 64 20.06 -29.48 56.64
C ARG K 64 21.58 -29.43 56.72
N TYR K 65 22.14 -28.42 57.39
CA TYR K 65 23.58 -28.25 57.46
C TYR K 65 24.14 -28.37 58.88
N HIS K 66 23.31 -28.72 59.87
CA HIS K 66 23.79 -28.78 61.25
C HIS K 66 24.74 -29.95 61.50
N THR K 67 25.00 -30.79 60.51
CA THR K 67 25.98 -31.86 60.68
C THR K 67 27.41 -31.39 60.46
N LYS K 68 27.61 -30.34 59.67
CA LYS K 68 28.93 -29.79 59.43
C LYS K 68 29.14 -28.52 60.24
N VAL K 69 30.40 -28.09 60.33
CA VAL K 69 30.77 -26.90 61.07
C VAL K 69 31.47 -25.94 60.12
N ARG K 70 31.38 -24.64 60.43
CA ARG K 70 31.90 -23.61 59.55
C ARG K 70 32.50 -22.49 60.39
N ALA K 71 33.06 -21.50 59.70
CA ALA K 71 33.61 -20.32 60.36
C ALA K 71 32.48 -19.36 60.74
N GLY K 72 32.85 -18.28 61.43
CA GLY K 72 31.86 -17.32 61.87
C GLY K 72 32.35 -15.89 61.86
N ARG K 73 31.71 -15.03 62.65
CA ARG K 73 32.08 -13.62 62.69
C ARG K 73 33.05 -13.30 63.82
N GLY K 74 32.65 -13.57 65.07
CA GLY K 74 33.47 -13.23 66.21
C GLY K 74 33.16 -14.08 67.41
N PHE K 75 34.09 -14.05 68.37
CA PHE K 75 33.93 -14.79 69.61
C PHE K 75 32.97 -14.06 70.55
N SER K 76 32.27 -14.83 71.37
CA SER K 76 31.29 -14.26 72.28
C SER K 76 31.96 -13.64 73.50
N LEU K 77 31.22 -12.77 74.18
CA LEU K 77 31.74 -12.15 75.39
C LEU K 77 32.00 -13.17 76.48
N GLU K 78 31.15 -14.20 76.57
CA GLU K 78 31.41 -15.27 77.53
C GLU K 78 32.70 -15.99 77.22
N GLU K 79 32.97 -16.27 75.94
CA GLU K 79 34.22 -16.90 75.56
C GLU K 79 35.41 -16.01 75.87
N LEU K 80 35.28 -14.71 75.61
CA LEU K 80 36.35 -13.77 75.98
C LEU K 80 36.60 -13.78 77.47
N ARG K 81 35.53 -13.85 78.28
CA ARG K 81 35.68 -13.83 79.73
C ARG K 81 36.34 -15.11 80.24
N VAL K 82 35.99 -16.26 79.66
CA VAL K 82 36.65 -17.50 80.05
C VAL K 82 38.10 -17.51 79.59
N ALA K 83 38.39 -16.87 78.45
CA ALA K 83 39.78 -16.76 78.02
C ALA K 83 40.58 -15.86 78.93
N GLY K 84 39.95 -14.83 79.50
CA GLY K 84 40.59 -13.98 80.47
C GLY K 84 41.16 -12.68 79.94
N ILE K 85 40.90 -12.34 78.68
CA ILE K 85 41.37 -11.10 78.09
C ILE K 85 40.21 -10.12 78.01
N HIS K 86 40.54 -8.83 78.08
CA HIS K 86 39.52 -7.80 78.05
C HIS K 86 38.82 -7.77 76.70
N LYS K 87 37.60 -7.20 76.70
CA LYS K 87 36.79 -7.19 75.49
C LYS K 87 37.36 -6.22 74.46
N LYS K 88 37.76 -5.02 74.88
CA LYS K 88 38.16 -3.99 73.93
C LYS K 88 39.57 -4.22 73.41
N VAL K 89 40.42 -4.94 74.15
CA VAL K 89 41.80 -5.17 73.71
C VAL K 89 41.89 -6.25 72.65
N ALA K 90 40.89 -7.14 72.57
CA ALA K 90 40.93 -8.21 71.57
C ALA K 90 40.87 -7.66 70.16
N ARG K 91 40.20 -6.52 69.95
CA ARG K 91 40.11 -5.95 68.62
C ARG K 91 41.47 -5.53 68.09
N THR K 92 42.27 -4.85 68.93
CA THR K 92 43.60 -4.46 68.50
C THR K 92 44.60 -5.62 68.58
N ILE K 93 44.30 -6.65 69.37
CA ILE K 93 45.12 -7.85 69.36
C ILE K 93 44.97 -8.58 68.03
N GLY K 94 43.75 -8.63 67.50
CA GLY K 94 43.50 -9.32 66.26
C GLY K 94 42.43 -10.39 66.40
N ILE K 95 41.58 -10.23 67.41
CA ILE K 95 40.51 -11.18 67.70
C ILE K 95 39.18 -10.49 67.43
N SER K 96 38.45 -10.99 66.43
CA SER K 96 37.13 -10.46 66.13
C SER K 96 36.14 -10.88 67.20
N VAL K 97 35.34 -9.92 67.68
CA VAL K 97 34.41 -10.14 68.78
C VAL K 97 33.00 -9.92 68.27
N ASP K 98 32.11 -10.87 68.56
CA ASP K 98 30.70 -10.76 68.19
C ASP K 98 29.85 -10.63 69.45
N PRO K 99 29.44 -9.41 69.83
CA PRO K 99 28.67 -9.26 71.08
C PRO K 99 27.25 -9.78 70.99
N ARG K 100 26.71 -9.97 69.77
CA ARG K 100 25.33 -10.40 69.64
C ARG K 100 25.16 -11.90 69.85
N ARG K 101 26.22 -12.68 69.61
CA ARG K 101 26.12 -14.12 69.73
C ARG K 101 26.09 -14.55 71.19
N ARG K 102 25.25 -15.53 71.50
CA ARG K 102 25.13 -16.10 72.82
C ARG K 102 25.77 -17.48 72.85
N ASN K 103 25.88 -18.05 74.05
CA ASN K 103 26.45 -19.38 74.24
C ASN K 103 25.41 -20.26 74.92
N LYS K 104 24.97 -21.31 74.23
CA LYS K 104 23.98 -22.23 74.77
C LYS K 104 24.56 -23.59 75.14
N SER K 105 25.74 -23.94 74.62
CA SER K 105 26.32 -25.26 74.84
C SER K 105 27.76 -25.12 75.31
N THR K 106 28.03 -25.74 76.47
CA THR K 106 29.41 -25.83 76.96
C THR K 106 30.31 -26.60 76.01
N GLU K 107 29.75 -27.55 75.24
CA GLU K 107 30.55 -28.27 74.27
C GLU K 107 31.17 -27.33 73.25
N SER K 108 30.44 -26.30 72.82
CA SER K 108 31.00 -25.31 71.92
C SER K 108 31.79 -24.24 72.68
N LEU K 109 31.39 -23.93 73.91
CA LEU K 109 32.13 -22.96 74.70
C LEU K 109 33.57 -23.39 74.93
N GLN K 110 33.77 -24.66 75.31
CA GLN K 110 35.12 -25.15 75.55
C GLN K 110 35.95 -25.16 74.27
N ALA K 111 35.34 -25.56 73.15
CA ALA K 111 36.05 -25.52 71.87
C ALA K 111 36.47 -24.10 71.50
N ASN K 112 35.58 -23.12 71.68
CA ASN K 112 35.91 -21.74 71.37
C ASN K 112 37.00 -21.18 72.28
N VAL K 113 36.93 -21.46 73.58
CA VAL K 113 37.97 -20.94 74.47
C VAL K 113 39.29 -21.64 74.21
N GLN K 114 39.26 -22.92 73.80
CA GLN K 114 40.50 -23.60 73.43
C GLN K 114 41.11 -22.99 72.17
N ARG K 115 40.27 -22.67 71.18
CA ARG K 115 40.76 -22.00 69.99
C ARG K 115 41.37 -20.64 70.34
N LEU K 116 40.72 -19.91 71.25
CA LEU K 116 41.26 -18.62 71.67
C LEU K 116 42.59 -18.78 72.37
N LYS K 117 42.71 -19.79 73.25
CA LYS K 117 43.97 -20.01 73.94
C LYS K 117 45.08 -20.41 72.98
N GLU K 118 44.75 -21.22 71.98
CA GLU K 118 45.73 -21.60 70.97
C GLU K 118 46.19 -20.39 70.16
N TYR K 119 45.24 -19.53 69.77
CA TYR K 119 45.60 -18.31 69.06
C TYR K 119 46.49 -17.41 69.92
N ARG K 120 46.17 -17.28 71.20
CA ARG K 120 46.98 -16.45 72.08
C ARG K 120 48.37 -17.01 72.27
N SER K 121 48.48 -18.34 72.36
CA SER K 121 49.79 -18.97 72.54
C SER K 121 50.64 -18.83 71.28
N LYS K 122 50.01 -18.93 70.11
CA LYS K 122 50.75 -18.79 68.86
C LYS K 122 51.03 -17.33 68.48
N LEU K 123 50.30 -16.39 69.09
CA LEU K 123 50.43 -14.99 68.73
C LEU K 123 51.73 -14.40 69.27
N ILE K 124 52.37 -13.58 68.44
CA ILE K 124 53.57 -12.83 68.82
C ILE K 124 53.42 -11.42 68.24
N LEU K 125 53.40 -10.43 69.11
CA LEU K 125 53.17 -9.04 68.71
C LEU K 125 54.46 -8.23 68.83
N PHE K 126 54.48 -7.09 68.13
CA PHE K 126 55.62 -6.20 68.12
C PHE K 126 55.40 -5.01 69.04
N PRO K 127 56.40 -4.62 69.82
CA PRO K 127 56.28 -3.45 70.67
C PRO K 127 56.80 -2.18 69.99
N ARG K 128 56.61 -1.06 70.67
CA ARG K 128 57.24 0.19 70.27
C ARG K 128 58.69 0.25 70.73
N LYS K 129 58.93 -0.01 72.00
CA LYS K 129 60.26 -0.14 72.59
C LYS K 129 60.27 -1.44 73.37
N PRO K 130 61.46 -2.01 73.63
CA PRO K 130 61.52 -3.27 74.38
C PRO K 130 61.02 -3.17 75.82
N SER K 131 60.58 -2.00 76.26
CA SER K 131 60.02 -1.86 77.60
C SER K 131 58.67 -2.53 77.76
N ALA K 132 58.04 -2.97 76.67
CA ALA K 132 56.76 -3.63 76.80
C ALA K 132 56.97 -5.12 77.12
N PRO K 133 56.20 -5.66 78.07
CA PRO K 133 56.37 -7.08 78.44
C PRO K 133 55.65 -8.03 77.52
N LYS K 134 55.64 -9.32 77.88
CA LYS K 134 54.95 -10.37 77.14
C LYS K 134 55.54 -10.56 75.74
N LYS K 135 56.86 -10.49 75.63
CA LYS K 135 57.54 -10.66 74.35
C LYS K 135 58.93 -11.27 74.60
N GLY K 136 59.67 -11.44 73.51
CA GLY K 136 61.01 -11.98 73.56
C GLY K 136 62.04 -10.99 73.02
N ASP K 137 63.31 -11.39 73.15
CA ASP K 137 64.39 -10.52 72.70
C ASP K 137 64.43 -10.41 71.18
N SER K 138 64.27 -11.52 70.47
CA SER K 138 64.25 -11.54 69.02
C SER K 138 62.91 -12.07 68.54
N SER K 139 62.33 -11.40 67.55
CA SER K 139 61.01 -11.76 67.04
C SER K 139 61.11 -12.80 65.93
N ALA K 140 61.86 -13.87 66.19
CA ALA K 140 61.93 -15.04 65.30
C ALA K 140 62.20 -14.67 63.85
N GLU K 141 63.02 -13.63 63.65
CA GLU K 141 63.39 -13.16 62.32
C GLU K 141 62.14 -12.92 61.47
N GLU K 142 61.34 -11.95 61.90
CA GLU K 142 60.03 -11.67 61.31
C GLU K 142 59.10 -12.87 61.41
N LEU K 143 59.22 -13.63 62.51
CA LEU K 143 58.31 -14.72 62.84
C LEU K 143 58.34 -15.83 61.78
N LYS K 144 59.49 -15.97 61.12
CA LYS K 144 59.70 -16.95 60.06
C LYS K 144 58.80 -16.69 58.86
N LEU K 145 57.92 -15.70 58.96
CA LEU K 145 56.91 -15.39 57.95
C LEU K 145 56.13 -14.15 58.32
N ALA K 146 55.70 -13.38 57.32
CA ALA K 146 55.00 -12.12 57.56
C ALA K 146 53.49 -12.26 57.46
N THR K 147 52.99 -12.89 56.42
CA THR K 147 51.55 -12.96 56.14
C THR K 147 51.12 -14.41 55.99
N GLN K 148 49.89 -14.70 56.41
CA GLN K 148 49.28 -16.00 56.27
C GLN K 148 48.11 -15.92 55.30
N LEU K 149 47.73 -17.07 54.76
CA LEU K 149 46.69 -17.15 53.74
C LEU K 149 45.60 -18.13 54.19
N THR K 150 44.34 -17.79 53.87
CA THR K 150 43.18 -18.64 54.09
C THR K 150 43.08 -19.07 55.55
N GLY K 151 42.86 -18.08 56.41
CA GLY K 151 42.75 -18.32 57.83
C GLY K 151 44.00 -17.91 58.57
N PRO K 152 43.83 -17.19 59.68
CA PRO K 152 45.01 -16.69 60.41
C PRO K 152 45.85 -17.78 61.03
N VAL K 153 45.23 -18.68 61.79
CA VAL K 153 45.99 -19.71 62.51
C VAL K 153 45.62 -21.10 62.03
N MET K 154 44.36 -21.29 61.60
CA MET K 154 43.92 -22.61 61.20
C MET K 154 42.54 -22.49 60.55
N PRO K 155 42.30 -23.20 59.45
CA PRO K 155 40.96 -23.20 58.87
C PRO K 155 39.98 -23.99 59.71
N ILE K 156 38.78 -24.21 59.18
CA ILE K 156 37.69 -24.83 59.94
C ILE K 156 37.49 -26.24 59.39
N ARG K 157 38.57 -26.85 58.89
CA ARG K 157 38.51 -28.21 58.37
C ARG K 157 37.82 -29.14 59.35
N ASN K 158 36.91 -29.96 58.82
CA ASN K 158 36.06 -30.81 59.66
C ASN K 158 36.84 -32.02 60.18
N VAL K 159 36.58 -32.36 61.44
CA VAL K 159 37.09 -33.58 62.04
C VAL K 159 35.90 -34.46 62.41
N TYR K 160 36.15 -35.76 62.52
CA TYR K 160 35.10 -36.72 62.79
C TYR K 160 35.59 -37.75 63.80
N LYS K 161 34.73 -38.12 64.74
CA LYS K 161 35.05 -39.20 65.66
C LYS K 161 35.16 -40.51 64.91
N LYS K 162 36.13 -41.35 65.31
CA LYS K 162 36.45 -42.54 64.55
C LYS K 162 35.38 -43.62 64.74
N GLU K 163 35.23 -44.13 65.96
CA GLU K 163 34.34 -45.25 66.25
C GLU K 163 34.53 -46.37 65.23
N LYS K 164 35.75 -46.92 65.25
CA LYS K 164 36.19 -47.82 64.19
C LYS K 164 35.32 -49.07 64.10
N ALA K 165 35.33 -49.90 65.13
CA ALA K 165 34.59 -51.16 65.11
C ALA K 165 34.41 -51.64 66.53
N ARG K 166 33.37 -52.45 66.75
CA ARG K 166 33.08 -52.96 68.07
C ARG K 166 32.26 -54.24 67.93
N VAL K 167 32.19 -54.99 69.03
CA VAL K 167 31.43 -56.23 69.08
C VAL K 167 29.97 -55.89 69.39
N ILE K 168 29.06 -56.52 68.65
CA ILE K 168 27.64 -56.29 68.85
C ILE K 168 27.20 -56.90 70.17
N THR K 169 26.44 -56.15 70.95
CA THR K 169 25.99 -56.63 72.26
C THR K 169 24.86 -57.64 72.06
N GLU K 170 24.30 -58.13 73.17
CA GLU K 170 23.31 -59.20 73.08
C GLU K 170 21.96 -58.68 72.63
N GLU K 171 21.46 -57.62 73.26
CA GLU K 171 20.12 -57.12 73.02
C GLU K 171 20.05 -56.17 71.82
N GLU K 172 21.14 -56.00 71.09
CA GLU K 172 21.12 -55.13 69.91
C GLU K 172 20.25 -55.68 68.80
N LYS K 173 20.03 -57.00 68.76
CA LYS K 173 19.18 -57.56 67.72
C LYS K 173 17.74 -57.10 67.88
N ASN K 174 17.31 -56.83 69.12
CA ASN K 174 15.97 -56.36 69.40
C ASN K 174 15.99 -55.06 70.21
N PHE K 175 17.01 -54.23 69.99
CA PHE K 175 17.10 -52.96 70.71
C PHE K 175 16.22 -51.91 70.07
N LYS K 176 16.47 -51.58 68.82
CA LYS K 176 15.72 -50.56 68.09
C LYS K 176 15.01 -51.20 66.91
N ALA K 177 14.07 -50.46 66.33
CA ALA K 177 13.31 -50.92 65.18
C ALA K 177 12.56 -49.73 64.59
N PHE K 178 11.94 -49.97 63.43
CA PHE K 178 11.05 -48.97 62.83
C PHE K 178 9.83 -48.72 63.72
N ALA K 179 9.38 -49.75 64.44
CA ALA K 179 8.28 -49.57 65.37
C ALA K 179 8.64 -48.61 66.49
N SER K 180 9.93 -48.52 66.84
CA SER K 180 10.35 -47.56 67.86
C SER K 180 10.12 -46.13 67.40
N LEU K 181 10.56 -45.81 66.18
CA LEU K 181 10.32 -44.48 65.63
C LEU K 181 8.83 -44.21 65.46
N ARG K 182 8.07 -45.23 65.05
CA ARG K 182 6.64 -45.05 64.89
C ARG K 182 5.97 -44.72 66.23
N MET K 183 6.35 -45.44 67.28
CA MET K 183 5.80 -45.18 68.61
C MET K 183 6.22 -43.81 69.12
N ALA K 184 7.46 -43.41 68.84
CA ALA K 184 7.92 -42.08 69.26
C ALA K 184 7.10 -40.99 68.58
N ARG K 185 6.86 -41.13 67.28
CA ARG K 185 6.07 -40.15 66.56
C ARG K 185 4.63 -40.14 67.06
N ALA K 186 4.06 -41.31 67.35
CA ALA K 186 2.70 -41.38 67.84
C ALA K 186 2.57 -40.71 69.21
N ASN K 187 3.55 -40.94 70.08
CA ASN K 187 3.52 -40.29 71.39
C ASN K 187 3.69 -38.78 71.26
N ALA K 188 4.59 -38.32 70.39
CA ALA K 188 4.76 -36.88 70.19
C ALA K 188 3.49 -36.26 69.61
N ARG K 189 2.72 -37.03 68.85
CA ARG K 189 1.48 -36.49 68.28
C ARG K 189 0.33 -36.50 69.28
N LEU K 190 0.28 -37.50 70.16
CA LEU K 190 -0.84 -37.68 71.08
C LEU K 190 -0.44 -37.44 72.53
N PHE K 191 0.57 -36.60 72.76
CA PHE K 191 1.00 -36.29 74.12
C PHE K 191 -0.06 -35.48 74.86
N GLY K 192 -0.48 -34.35 74.29
CA GLY K 192 -1.38 -33.47 75.00
C GLY K 192 -2.79 -34.03 75.13
N ILE K 193 -3.22 -34.79 74.12
CA ILE K 193 -4.57 -35.39 74.16
C ILE K 193 -4.68 -36.36 75.33
N ARG K 194 -3.66 -37.17 75.54
CA ARG K 194 -3.67 -38.10 76.68
C ARG K 194 -3.69 -37.34 77.99
N ALA K 195 -2.99 -36.21 78.07
CA ALA K 195 -2.99 -35.41 79.29
C ALA K 195 -4.38 -34.85 79.56
N LYS K 196 -5.04 -34.33 78.52
CA LYS K 196 -6.39 -33.81 78.71
C LYS K 196 -7.37 -34.92 79.09
N ARG K 197 -7.19 -36.12 78.52
CA ARG K 197 -8.06 -37.23 78.86
C ARG K 197 -7.85 -37.65 80.32
N ALA K 198 -6.60 -37.72 80.77
CA ALA K 198 -6.33 -38.03 82.17
C ALA K 198 -6.91 -36.96 83.09
N LYS K 199 -6.84 -35.69 82.68
CA LYS K 199 -7.40 -34.62 83.48
C LYS K 199 -8.92 -34.76 83.60
N GLU K 200 -9.61 -34.97 82.49
CA GLU K 200 -11.06 -35.10 82.56
C GLU K 200 -11.50 -36.39 83.23
N ALA K 201 -10.63 -37.41 83.24
CA ALA K 201 -10.94 -38.63 83.99
C ALA K 201 -10.79 -38.41 85.49
N ALA K 202 -9.70 -37.77 85.91
CA ALA K 202 -9.53 -37.45 87.32
C ALA K 202 -10.57 -36.45 87.80
N GLU K 203 -11.13 -35.64 86.90
CA GLU K 203 -12.21 -34.73 87.29
C GLU K 203 -13.43 -35.52 87.75
N GLN K 204 -13.82 -36.55 87.01
CA GLN K 204 -14.92 -37.41 87.45
C GLN K 204 -14.51 -38.24 88.66
N ASP K 205 -13.28 -38.73 88.67
CA ASP K 205 -12.75 -39.55 89.78
C ASP K 205 -13.63 -40.76 90.06
N VAL L 1 -23.35 -44.84 -82.50
CA VAL L 1 -23.39 -44.61 -81.06
C VAL L 1 -23.61 -45.94 -80.33
N PHE L 2 -22.72 -46.23 -79.39
CA PHE L 2 -22.77 -47.45 -78.58
C PHE L 2 -22.73 -48.70 -79.47
N ARG L 3 -21.60 -48.85 -80.16
CA ARG L 3 -21.41 -50.02 -81.02
C ARG L 3 -20.88 -51.24 -80.25
N ARG L 4 -20.62 -51.09 -78.95
CA ARG L 4 -20.17 -52.19 -78.11
C ARG L 4 -21.18 -52.42 -76.99
N TYR L 5 -21.39 -53.68 -76.63
CA TYR L 5 -22.32 -54.05 -75.57
C TYR L 5 -21.76 -55.23 -74.80
N VAL L 6 -22.00 -55.24 -73.49
CA VAL L 6 -21.72 -56.43 -72.69
C VAL L 6 -22.90 -57.38 -72.82
N GLU L 7 -22.60 -58.67 -72.88
CA GLU L 7 -23.62 -59.68 -73.15
C GLU L 7 -23.01 -61.05 -72.86
N VAL L 8 -23.83 -62.09 -73.08
CA VAL L 8 -23.38 -63.47 -72.91
C VAL L 8 -22.56 -63.81 -74.15
N GLY L 9 -21.24 -63.81 -74.01
CA GLY L 9 -20.35 -64.11 -75.10
C GLY L 9 -19.53 -62.95 -75.62
N ARG L 10 -19.22 -61.97 -74.76
CA ARG L 10 -18.41 -60.82 -75.16
C ARG L 10 -17.01 -61.03 -74.62
N VAL L 11 -16.01 -60.92 -75.49
CA VAL L 11 -14.62 -61.02 -75.06
C VAL L 11 -14.11 -59.63 -74.72
N ALA L 12 -13.51 -59.50 -73.53
CA ALA L 12 -13.04 -58.22 -73.02
C ALA L 12 -11.59 -58.34 -72.60
N TYR L 13 -10.94 -57.19 -72.48
CA TYR L 13 -9.54 -57.09 -72.10
C TYR L 13 -9.43 -56.52 -70.70
N ILE L 14 -8.55 -57.10 -69.89
CA ILE L 14 -8.35 -56.65 -68.51
C ILE L 14 -7.28 -55.57 -68.52
N SER L 15 -7.68 -54.35 -68.16
CA SER L 15 -6.73 -53.23 -68.17
C SER L 15 -5.83 -53.24 -66.94
N PHE L 16 -6.39 -53.45 -65.76
CA PHE L 16 -5.63 -53.46 -64.52
C PHE L 16 -6.13 -54.60 -63.65
N GLY L 17 -5.35 -54.90 -62.61
CA GLY L 17 -5.72 -55.93 -61.67
C GLY L 17 -4.72 -57.06 -61.62
N PRO L 18 -5.08 -58.15 -60.94
CA PRO L 18 -4.16 -59.30 -60.86
C PRO L 18 -3.98 -60.01 -62.19
N HIS L 19 -4.98 -59.96 -63.07
CA HIS L 19 -4.91 -60.59 -64.39
C HIS L 19 -4.83 -59.53 -65.49
N ALA L 20 -4.10 -58.45 -65.23
CA ALA L 20 -4.00 -57.36 -66.20
C ALA L 20 -3.28 -57.81 -67.46
N GLY L 21 -3.83 -57.45 -68.60
CA GLY L 21 -3.24 -57.80 -69.88
C GLY L 21 -3.71 -59.09 -70.49
N LYS L 22 -4.89 -59.58 -70.11
CA LYS L 22 -5.42 -60.83 -70.62
C LYS L 22 -6.87 -60.67 -71.04
N LEU L 23 -7.32 -61.58 -71.90
CA LEU L 23 -8.68 -61.57 -72.40
C LEU L 23 -9.55 -62.55 -71.61
N VAL L 24 -10.81 -62.15 -71.42
CA VAL L 24 -11.79 -62.99 -70.72
C VAL L 24 -13.08 -62.97 -71.51
N ALA L 25 -13.96 -63.92 -71.19
CA ALA L 25 -15.26 -64.05 -71.82
C ALA L 25 -16.33 -63.82 -70.77
N ILE L 26 -17.20 -62.85 -71.00
CA ILE L 26 -18.26 -62.50 -70.06
C ILE L 26 -19.37 -63.54 -70.19
N VAL L 27 -19.54 -64.37 -69.16
CA VAL L 27 -20.58 -65.39 -69.19
C VAL L 27 -21.96 -64.78 -68.92
N ASP L 28 -22.06 -63.99 -67.84
CA ASP L 28 -23.33 -63.36 -67.51
C ASP L 28 -23.06 -62.19 -66.57
N VAL L 29 -24.03 -61.27 -66.51
CA VAL L 29 -23.96 -60.10 -65.65
C VAL L 29 -24.60 -60.44 -64.31
N ILE L 30 -23.97 -60.01 -63.22
CA ILE L 30 -24.43 -60.40 -61.89
C ILE L 30 -25.25 -59.30 -61.24
N ASP L 31 -24.62 -58.17 -60.92
CA ASP L 31 -25.26 -57.11 -60.15
C ASP L 31 -24.91 -55.74 -60.69
N GLN L 32 -24.95 -55.59 -62.02
CA GLN L 32 -24.76 -54.33 -62.74
C GLN L 32 -23.49 -53.59 -62.34
N ASN L 33 -22.59 -54.26 -61.63
CA ASN L 33 -21.27 -53.73 -61.31
C ASN L 33 -20.14 -54.72 -61.56
N ARG L 34 -20.43 -56.03 -61.58
CA ARG L 34 -19.43 -57.04 -61.84
C ARG L 34 -20.08 -58.16 -62.63
N ALA L 35 -19.26 -58.88 -63.39
CA ALA L 35 -19.75 -59.96 -64.23
C ALA L 35 -18.81 -61.15 -64.12
N LEU L 36 -19.39 -62.34 -64.29
CA LEU L 36 -18.62 -63.58 -64.28
C LEU L 36 -17.85 -63.67 -65.59
N VAL L 37 -16.55 -63.97 -65.49
CA VAL L 37 -15.69 -64.10 -66.66
C VAL L 37 -15.01 -65.47 -66.61
N ASP L 38 -14.87 -66.09 -67.77
CA ASP L 38 -14.28 -67.43 -67.86
C ASP L 38 -12.83 -67.39 -68.34
N GLY L 39 -12.60 -66.90 -69.56
CA GLY L 39 -11.28 -66.89 -70.16
C GLY L 39 -10.58 -68.24 -70.10
N PRO L 40 -11.13 -69.24 -70.79
CA PRO L 40 -10.53 -70.59 -70.67
C PRO L 40 -9.18 -70.71 -71.34
N CYS L 41 -9.03 -70.19 -72.56
CA CYS L 41 -7.79 -70.33 -73.30
C CYS L 41 -6.77 -69.23 -73.01
N THR L 42 -7.13 -68.25 -72.17
CA THR L 42 -6.22 -67.17 -71.82
C THR L 42 -5.59 -67.38 -70.44
N ARG L 43 -5.68 -68.59 -69.89
CA ARG L 43 -5.04 -68.95 -68.62
C ARG L 43 -5.55 -68.07 -67.47
N VAL L 44 -6.86 -68.16 -67.24
CA VAL L 44 -7.49 -67.50 -66.10
C VAL L 44 -8.72 -68.32 -65.71
N ARG L 45 -8.96 -68.42 -64.39
CA ARG L 45 -10.07 -69.19 -63.88
C ARG L 45 -11.37 -68.38 -63.92
N ARG L 46 -12.48 -69.06 -63.64
CA ARG L 46 -13.77 -68.41 -63.61
C ARG L 46 -13.93 -67.63 -62.31
N GLN L 47 -14.27 -66.34 -62.43
CA GLN L 47 -14.41 -65.47 -61.28
C GLN L 47 -15.27 -64.27 -61.69
N ALA L 48 -15.54 -63.41 -60.72
CA ALA L 48 -16.32 -62.20 -60.95
C ALA L 48 -15.38 -61.00 -60.99
N MET L 49 -15.52 -60.19 -62.04
CA MET L 49 -14.69 -59.01 -62.22
C MET L 49 -15.56 -57.79 -62.46
N PRO L 50 -15.20 -56.64 -61.90
CA PRO L 50 -16.01 -55.43 -62.11
C PRO L 50 -15.97 -54.98 -63.56
N PHE L 51 -17.02 -54.25 -63.94
CA PHE L 51 -17.11 -53.73 -65.30
C PHE L 51 -16.04 -52.70 -65.57
N LYS L 52 -15.79 -51.80 -64.61
CA LYS L 52 -14.76 -50.78 -64.75
C LYS L 52 -13.36 -51.38 -64.81
N CYS L 53 -13.20 -52.64 -64.42
CA CYS L 53 -11.90 -53.28 -64.48
C CYS L 53 -11.56 -53.78 -65.87
N MET L 54 -12.55 -54.12 -66.67
CA MET L 54 -12.35 -54.69 -67.99
C MET L 54 -12.65 -53.67 -69.08
N GLN L 55 -12.10 -53.92 -70.27
CA GLN L 55 -12.30 -53.10 -71.45
C GLN L 55 -12.88 -53.95 -72.56
N LEU L 56 -13.93 -53.46 -73.21
CA LEU L 56 -14.63 -54.23 -74.23
C LEU L 56 -13.86 -54.23 -75.54
N THR L 57 -14.03 -55.31 -76.29
CA THR L 57 -13.45 -55.47 -77.62
C THR L 57 -14.57 -55.62 -78.65
N ASP L 58 -14.18 -55.94 -79.89
CA ASP L 58 -15.15 -56.03 -80.97
C ASP L 58 -15.70 -57.43 -81.18
N PHE L 59 -14.94 -58.47 -80.83
CA PHE L 59 -15.35 -59.84 -81.11
C PHE L 59 -16.42 -60.30 -80.13
N ILE L 60 -17.36 -61.09 -80.65
CA ILE L 60 -18.44 -61.67 -79.86
C ILE L 60 -18.50 -63.15 -80.14
N LEU L 61 -18.79 -63.95 -79.11
CA LEU L 61 -18.86 -65.40 -79.22
C LEU L 61 -20.25 -65.88 -78.83
N LYS L 62 -20.63 -67.05 -79.33
CA LYS L 62 -21.95 -67.61 -79.07
C LYS L 62 -21.87 -68.57 -77.90
N PHE L 63 -22.26 -68.11 -76.71
CA PHE L 63 -22.37 -68.98 -75.55
C PHE L 63 -23.81 -68.98 -75.05
N PRO L 64 -24.30 -70.10 -74.53
CA PRO L 64 -25.49 -70.06 -73.69
C PRO L 64 -25.16 -69.47 -72.34
N HIS L 65 -26.13 -68.81 -71.72
CA HIS L 65 -25.87 -68.14 -70.45
C HIS L 65 -25.55 -69.16 -69.37
N SER L 66 -24.52 -68.85 -68.56
CA SER L 66 -24.06 -69.73 -67.48
C SER L 66 -23.64 -71.09 -68.02
N ALA L 67 -22.84 -71.08 -69.08
CA ALA L 67 -22.36 -72.31 -69.70
C ALA L 67 -21.10 -72.81 -68.99
N ARG L 68 -20.82 -74.10 -69.19
CA ARG L 68 -19.66 -74.71 -68.56
C ARG L 68 -18.39 -74.43 -69.37
N GLN L 69 -17.25 -74.80 -68.77
CA GLN L 69 -15.97 -74.56 -69.43
C GLN L 69 -15.80 -75.41 -70.68
N LYS L 70 -16.26 -76.66 -70.66
CA LYS L 70 -16.12 -77.51 -71.84
C LYS L 70 -16.97 -77.01 -72.99
N TYR L 71 -18.01 -76.20 -72.71
CA TYR L 71 -18.83 -75.63 -73.75
C TYR L 71 -18.41 -74.22 -74.16
N VAL L 72 -17.68 -73.50 -73.30
CA VAL L 72 -17.19 -72.19 -73.70
C VAL L 72 -15.85 -72.29 -74.43
N ARG L 73 -14.98 -73.24 -74.03
CA ARG L 73 -13.70 -73.39 -74.71
C ARG L 73 -13.89 -73.90 -76.14
N LYS L 74 -14.88 -74.77 -76.36
CA LYS L 74 -15.15 -75.23 -77.71
C LYS L 74 -15.54 -74.07 -78.63
N ALA L 75 -16.42 -73.19 -78.15
CA ALA L 75 -16.81 -72.05 -78.96
C ALA L 75 -15.66 -71.05 -79.11
N TRP L 76 -14.81 -70.92 -78.09
CA TRP L 76 -13.63 -70.08 -78.23
C TRP L 76 -12.72 -70.59 -79.35
N GLU L 77 -12.48 -71.89 -79.38
CA GLU L 77 -11.64 -72.47 -80.44
C GLU L 77 -12.33 -72.40 -81.79
N LYS L 78 -13.66 -72.50 -81.82
CA LYS L 78 -14.38 -72.37 -83.08
C LYS L 78 -14.27 -70.96 -83.64
N ALA L 79 -14.41 -69.95 -82.78
CA ALA L 79 -14.24 -68.57 -83.20
C ALA L 79 -12.80 -68.22 -83.52
N ASP L 80 -11.84 -68.95 -82.92
CA ASP L 80 -10.41 -68.76 -83.20
C ASP L 80 -9.98 -67.32 -82.89
N ILE L 81 -10.10 -66.97 -81.61
CA ILE L 81 -9.84 -65.60 -81.18
C ILE L 81 -8.35 -65.33 -81.02
N ASN L 82 -7.59 -66.33 -80.58
CA ASN L 82 -6.20 -66.10 -80.20
C ASN L 82 -5.35 -65.72 -81.41
N THR L 83 -5.45 -66.48 -82.51
CA THR L 83 -4.59 -66.20 -83.66
C THR L 83 -4.99 -64.89 -84.34
N LYS L 84 -6.29 -64.61 -84.44
CA LYS L 84 -6.73 -63.35 -85.02
C LYS L 84 -6.52 -62.16 -84.10
N TRP L 85 -6.22 -62.41 -82.81
CA TRP L 85 -5.97 -61.30 -81.90
C TRP L 85 -4.67 -60.58 -82.22
N ALA L 86 -3.66 -61.31 -82.70
CA ALA L 86 -2.41 -60.68 -83.09
C ALA L 86 -2.55 -59.89 -84.39
N ALA L 87 -3.51 -60.27 -85.24
CA ALA L 87 -3.74 -59.59 -86.51
C ALA L 87 -4.71 -58.44 -86.37
N THR L 88 -4.44 -57.55 -85.41
CA THR L 88 -5.24 -56.36 -85.20
C THR L 88 -4.33 -55.21 -84.84
N ARG L 89 -4.83 -53.98 -85.01
CA ARG L 89 -4.04 -52.80 -84.73
C ARG L 89 -3.96 -52.46 -83.24
N TRP L 90 -4.70 -53.19 -82.39
CA TRP L 90 -4.72 -52.90 -80.97
C TRP L 90 -3.67 -53.71 -80.21
N ALA L 91 -3.66 -55.04 -80.42
CA ALA L 91 -2.62 -55.87 -79.84
C ALA L 91 -1.25 -55.48 -80.38
N LYS L 92 -1.19 -54.99 -81.61
CA LYS L 92 0.09 -54.50 -82.15
C LYS L 92 0.57 -53.28 -81.39
N LYS L 93 -0.33 -52.34 -81.07
CA LYS L 93 0.07 -51.18 -80.28
C LYS L 93 0.48 -51.59 -78.87
N ILE L 94 -0.22 -52.56 -78.28
CA ILE L 94 0.15 -53.04 -76.95
C ILE L 94 1.54 -53.65 -76.96
N ASP L 95 1.81 -54.53 -77.94
CA ASP L 95 3.14 -55.12 -78.05
C ASP L 95 4.20 -54.07 -78.36
N ALA L 96 3.82 -53.02 -79.10
CA ALA L 96 4.76 -51.94 -79.36
C ALA L 96 5.13 -51.21 -78.07
N ARG L 97 4.13 -50.96 -77.21
CA ARG L 97 4.40 -50.37 -75.91
C ARG L 97 5.31 -51.26 -75.07
N GLU L 98 5.04 -52.57 -75.08
CA GLU L 98 5.89 -53.50 -74.34
C GLU L 98 7.33 -53.47 -74.84
N ARG L 99 7.52 -53.42 -76.17
CA ARG L 99 8.87 -53.38 -76.72
C ARG L 99 9.58 -52.07 -76.38
N LYS L 100 8.86 -50.94 -76.47
CA LYS L 100 9.46 -49.67 -76.12
C LYS L 100 9.85 -49.63 -74.64
N ALA L 101 9.07 -50.29 -73.79
CA ALA L 101 9.44 -50.41 -72.38
C ALA L 101 10.61 -51.37 -72.16
N LYS L 102 10.73 -52.41 -72.99
CA LYS L 102 11.82 -53.38 -72.90
C LYS L 102 13.08 -52.90 -73.60
N MET L 103 13.05 -51.72 -74.22
CA MET L 103 14.24 -51.14 -74.83
C MET L 103 15.42 -51.16 -73.87
N THR L 104 16.59 -51.50 -74.39
CA THR L 104 17.83 -51.45 -73.62
C THR L 104 18.63 -50.21 -74.05
N ASP L 105 19.82 -50.05 -73.49
CA ASP L 105 20.64 -48.89 -73.83
C ASP L 105 21.16 -48.98 -75.26
N PHE L 106 21.60 -50.16 -75.69
CA PHE L 106 22.04 -50.33 -77.07
C PHE L 106 20.88 -50.12 -78.03
N ASP L 107 19.68 -50.59 -77.67
CA ASP L 107 18.52 -50.38 -78.52
C ASP L 107 18.16 -48.91 -78.63
N ARG L 108 18.21 -48.19 -77.51
CA ARG L 108 17.94 -46.75 -77.56
C ARG L 108 18.98 -46.03 -78.40
N PHE L 109 20.25 -46.43 -78.29
CA PHE L 109 21.29 -45.80 -79.10
C PHE L 109 21.07 -46.07 -80.58
N LYS L 110 20.70 -47.29 -80.93
CA LYS L 110 20.46 -47.62 -82.33
C LYS L 110 19.25 -46.87 -82.88
N VAL L 111 18.20 -46.73 -82.07
CA VAL L 111 17.03 -45.98 -82.50
C VAL L 111 17.38 -44.51 -82.71
N MET L 112 18.14 -43.93 -81.77
CA MET L 112 18.57 -42.54 -81.89
C MET L 112 19.43 -42.33 -83.12
N LYS L 113 20.28 -43.30 -83.45
CA LYS L 113 21.13 -43.18 -84.63
C LYS L 113 20.33 -43.36 -85.92
N ALA L 114 19.30 -44.20 -85.89
CA ALA L 114 18.49 -44.40 -87.08
C ALA L 114 17.56 -43.22 -87.32
N LYS L 115 17.15 -42.51 -86.27
CA LYS L 115 16.31 -41.33 -86.43
C LYS L 115 17.03 -40.26 -87.24
N LYS L 116 18.34 -40.10 -87.02
CA LYS L 116 19.11 -39.12 -87.78
C LYS L 116 19.03 -39.38 -89.27
N MET L 117 19.13 -40.64 -89.67
CA MET L 117 19.06 -40.99 -91.09
C MET L 117 17.64 -40.94 -91.63
N ARG L 118 16.65 -41.27 -90.80
CA ARG L 118 15.28 -41.37 -91.29
C ARG L 118 14.64 -39.99 -91.43
N ASN L 119 14.74 -39.15 -90.39
CA ASN L 119 14.00 -37.90 -90.39
C ASN L 119 14.59 -36.89 -91.37
N ARG L 120 15.90 -36.92 -91.60
CA ARG L 120 16.51 -35.91 -92.45
C ARG L 120 16.08 -36.06 -93.90
N ILE L 121 16.02 -37.29 -94.40
CA ILE L 121 15.57 -37.50 -95.78
C ILE L 121 14.12 -37.08 -95.93
N ILE L 122 13.29 -37.40 -94.95
CA ILE L 122 11.89 -36.98 -94.98
C ILE L 122 11.79 -35.46 -95.02
N LYS L 123 12.63 -34.78 -94.23
CA LYS L 123 12.58 -33.32 -94.21
C LYS L 123 13.04 -32.73 -95.54
N THR L 124 14.11 -33.27 -96.13
CA THR L 124 14.56 -32.77 -97.42
C THR L 124 13.58 -33.07 -98.54
N GLU L 125 12.76 -34.12 -98.40
CA GLU L 125 11.73 -34.35 -99.41
C GLU L 125 10.51 -33.48 -99.18
N VAL L 126 10.17 -33.19 -97.92
CA VAL L 126 9.08 -32.27 -97.64
C VAL L 126 9.42 -30.87 -98.13
N LYS L 127 10.69 -30.47 -98.00
CA LYS L 127 11.11 -29.18 -98.51
C LYS L 127 10.97 -29.08 -100.02
N LYS L 128 11.04 -30.21 -100.73
CA LYS L 128 10.82 -30.21 -102.16
C LYS L 128 9.34 -30.24 -102.51
N LEU L 129 8.56 -31.03 -101.77
CA LEU L 129 7.13 -31.11 -102.04
C LEU L 129 6.44 -29.79 -101.78
N GLN L 130 6.88 -29.06 -100.74
CA GLN L 130 6.27 -27.77 -100.43
C GLN L 130 6.54 -26.77 -101.55
N ARG L 131 7.77 -26.73 -102.06
CA ARG L 131 8.08 -25.82 -103.16
C ARG L 131 7.36 -26.24 -104.43
N ALA L 132 7.17 -27.55 -104.65
CA ALA L 132 6.40 -28.00 -105.79
C ALA L 132 4.96 -27.53 -105.70
N ALA L 133 4.35 -27.64 -104.51
CA ALA L 133 2.98 -27.17 -104.33
C ALA L 133 2.90 -25.65 -104.50
N ILE L 134 3.92 -24.93 -104.03
CA ILE L 134 3.94 -23.48 -104.20
C ILE L 134 4.00 -23.11 -105.68
N LEU L 135 4.87 -23.79 -106.44
CA LEU L 135 4.96 -23.53 -107.86
C LEU L 135 3.69 -23.92 -108.60
N LYS L 136 2.99 -24.95 -108.11
CA LYS L 136 1.71 -25.32 -108.72
C LYS L 136 0.64 -24.27 -108.46
N ALA L 137 0.60 -23.73 -107.24
CA ALA L 137 -0.38 -22.72 -106.88
C ALA L 137 0.03 -21.31 -107.28
N SER L 138 1.22 -21.14 -107.87
CA SER L 138 1.70 -19.83 -108.27
C SER L 138 0.88 -19.22 -109.40
N PRO L 139 0.61 -19.96 -110.50
CA PRO L 139 -0.20 -19.30 -111.55
C PRO L 139 -1.65 -19.10 -111.13
N GLY M 1 16.22 13.87 86.89
CA GLY M 1 15.81 15.23 87.17
C GLY M 1 14.32 15.46 86.95
N ALA M 2 13.99 16.31 85.97
CA ALA M 2 12.61 16.66 85.69
C ALA M 2 12.14 16.25 84.30
N TYR M 3 13.05 15.95 83.38
CA TYR M 3 12.65 15.59 82.02
C TYR M 3 11.84 14.29 82.00
N LYS M 4 12.16 13.36 82.88
CA LYS M 4 11.34 12.15 83.00
C LYS M 4 9.92 12.49 83.45
N TYR M 5 9.80 13.45 84.37
CA TYR M 5 8.48 13.90 84.81
C TYR M 5 7.71 14.52 83.65
N ILE M 6 8.38 15.38 82.87
CA ILE M 6 7.69 16.03 81.76
C ILE M 6 7.29 15.01 80.70
N GLN M 7 8.13 13.99 80.49
CA GLN M 7 7.79 12.95 79.53
C GLN M 7 6.58 12.15 79.98
N GLU M 8 6.58 11.69 81.23
CA GLU M 8 5.45 10.93 81.75
C GLU M 8 4.20 11.78 81.89
N LEU M 9 4.34 13.10 81.94
CA LEU M 9 3.18 13.97 81.96
C LEU M 9 2.61 14.17 80.56
N TRP M 10 3.48 14.36 79.57
CA TRP M 10 3.04 14.51 78.19
C TRP M 10 2.49 13.21 77.61
N ARG M 11 2.89 12.06 78.17
CA ARG M 11 2.39 10.79 77.68
C ARG M 11 0.87 10.70 77.82
N LYS M 12 0.33 11.17 78.95
CA LYS M 12 -1.11 11.18 79.16
C LYS M 12 -1.69 12.53 78.73
N LYS M 13 -1.77 12.69 77.41
CA LYS M 13 -2.24 13.93 76.82
C LYS M 13 -3.75 13.96 76.61
N GLN M 14 -4.51 13.12 77.30
CA GLN M 14 -5.96 13.16 77.23
C GLN M 14 -6.61 13.63 78.53
N SER M 15 -5.83 13.81 79.60
CA SER M 15 -6.37 14.36 80.83
C SER M 15 -6.74 15.83 80.62
N ASP M 16 -7.40 16.40 81.64
CA ASP M 16 -7.89 17.77 81.53
C ASP M 16 -6.74 18.78 81.55
N VAL M 17 -5.78 18.58 82.46
CA VAL M 17 -4.69 19.54 82.62
C VAL M 17 -3.86 19.65 81.35
N MET M 18 -3.73 18.55 80.60
CA MET M 18 -3.00 18.58 79.34
C MET M 18 -3.88 18.97 78.17
N ARG M 19 -5.15 18.57 78.18
CA ARG M 19 -6.06 18.91 77.10
C ARG M 19 -6.30 20.41 77.02
N PHE M 20 -6.42 21.07 78.18
CA PHE M 20 -6.59 22.52 78.19
C PHE M 20 -5.39 23.21 77.56
N LEU M 21 -4.18 22.79 77.94
CA LEU M 21 -2.97 23.37 77.38
C LEU M 21 -2.88 23.14 75.88
N LEU M 22 -3.17 21.91 75.43
CA LEU M 22 -3.12 21.61 74.01
C LEU M 22 -4.13 22.45 73.23
N ARG M 23 -5.34 22.62 73.77
CA ARG M 23 -6.34 23.41 73.08
C ARG M 23 -5.93 24.88 73.00
N VAL M 24 -5.42 25.44 74.10
CA VAL M 24 -4.98 26.83 74.10
C VAL M 24 -3.84 27.03 73.11
N ARG M 25 -2.89 26.10 73.08
CA ARG M 25 -1.75 26.24 72.18
C ARG M 25 -2.17 26.08 70.72
N CYS M 26 -3.12 25.18 70.45
CA CYS M 26 -3.64 25.04 69.09
C CYS M 26 -4.33 26.32 68.65
N TRP M 27 -5.15 26.91 69.54
CA TRP M 27 -5.79 28.17 69.20
C TRP M 27 -4.77 29.26 68.95
N GLN M 28 -3.71 29.32 69.77
CA GLN M 28 -2.69 30.36 69.59
C GLN M 28 -1.94 30.17 68.28
N TYR M 29 -1.63 28.92 67.92
CA TYR M 29 -0.91 28.67 66.68
C TYR M 29 -1.80 28.85 65.45
N ARG M 30 -3.13 28.74 65.60
CA ARG M 30 -4.02 28.96 64.46
C ARG M 30 -3.97 30.40 63.98
N GLN M 31 -3.70 31.36 64.87
CA GLN M 31 -3.66 32.76 64.47
C GLN M 31 -2.34 33.16 63.81
N LEU M 32 -1.27 32.43 64.08
CA LEU M 32 0.03 32.75 63.51
C LEU M 32 0.09 32.29 62.04
N SER M 33 1.22 32.55 61.40
CA SER M 33 1.39 32.16 60.01
C SER M 33 1.55 30.64 59.90
N ALA M 34 1.51 30.16 58.65
CA ALA M 34 1.66 28.73 58.41
C ALA M 34 3.06 28.26 58.74
N LEU M 35 4.04 29.16 58.67
CA LEU M 35 5.44 28.86 58.93
C LEU M 35 6.05 30.02 59.68
N HIS M 36 6.63 29.75 60.85
CA HIS M 36 7.28 30.82 61.61
C HIS M 36 8.34 30.21 62.51
N ARG M 37 9.06 31.09 63.21
CA ARG M 37 10.18 30.69 64.06
C ARG M 37 9.75 30.71 65.52
N ALA M 38 9.78 29.56 66.17
CA ALA M 38 9.58 29.51 67.60
C ALA M 38 10.91 29.75 68.30
N PRO M 39 11.03 30.75 69.16
CA PRO M 39 12.34 31.06 69.76
C PRO M 39 12.85 29.99 70.70
N ARG M 40 11.94 29.19 71.28
CA ARG M 40 12.33 28.11 72.16
C ARG M 40 11.36 26.96 71.97
N PRO M 41 11.82 25.71 72.06
CA PRO M 41 10.94 24.56 71.81
C PRO M 41 9.86 24.45 72.85
N THR M 42 8.63 24.17 72.40
CA THR M 42 7.52 23.96 73.33
C THR M 42 7.70 22.68 74.13
N ARG M 43 8.37 21.69 73.54
CA ARG M 43 8.64 20.41 74.20
C ARG M 43 10.15 20.25 74.38
N PRO M 44 10.72 20.75 75.47
CA PRO M 44 12.18 20.67 75.64
C PRO M 44 12.69 19.25 75.72
N ASP M 45 12.00 18.36 76.45
CA ASP M 45 12.44 16.97 76.55
C ASP M 45 12.37 16.27 75.20
N LYS M 46 11.29 16.52 74.44
CA LYS M 46 11.16 15.90 73.13
C LYS M 46 12.21 16.42 72.16
N ALA M 47 12.59 17.70 72.27
CA ALA M 47 13.66 18.21 71.43
C ALA M 47 15.02 17.64 71.84
N ARG M 48 15.24 17.45 73.14
CA ARG M 48 16.50 16.87 73.61
C ARG M 48 16.64 15.43 73.15
N ARG M 49 15.55 14.65 73.24
CA ARG M 49 15.60 13.26 72.79
C ARG M 49 15.60 13.15 71.27
N LEU M 50 15.50 14.25 70.55
CA LEU M 50 15.67 14.26 69.10
C LEU M 50 17.01 14.80 68.65
N GLY M 51 17.68 15.61 69.48
CA GLY M 51 19.00 16.08 69.15
C GLY M 51 19.20 17.58 69.27
N TYR M 52 18.26 18.26 69.94
CA TYR M 52 18.37 19.69 70.15
C TYR M 52 19.16 19.97 71.41
N LYS M 53 20.16 20.84 71.30
CA LYS M 53 20.98 21.27 72.43
C LYS M 53 20.86 22.77 72.59
N ALA M 54 20.76 23.23 73.83
CA ALA M 54 20.58 24.65 74.13
C ALA M 54 21.90 25.38 73.91
N LYS M 55 22.18 25.69 72.64
CA LYS M 55 23.36 26.44 72.28
C LYS M 55 23.10 27.13 70.96
N GLN M 56 23.98 28.07 70.61
CA GLN M 56 23.82 28.84 69.40
C GLN M 56 24.01 27.94 68.17
N GLY M 57 23.18 28.17 67.16
CA GLY M 57 23.21 27.41 65.92
C GLY M 57 22.04 26.48 65.72
N TYR M 58 21.22 26.27 66.74
CA TYR M 58 20.05 25.39 66.63
C TYR M 58 18.81 26.27 66.61
N VAL M 59 17.96 26.07 65.60
CA VAL M 59 16.75 26.87 65.41
C VAL M 59 15.55 25.95 65.48
N ILE M 60 14.42 26.48 65.94
CA ILE M 60 13.17 25.74 66.04
C ILE M 60 12.11 26.47 65.23
N TYR M 61 11.47 25.76 64.30
CA TYR M 61 10.41 26.34 63.51
C TYR M 61 9.09 25.64 63.80
N ARG M 62 8.02 26.42 63.81
CA ARG M 62 6.67 25.92 63.98
C ARG M 62 5.93 26.07 62.65
N ILE M 63 5.33 24.97 62.19
CA ILE M 63 4.71 24.92 60.87
C ILE M 63 3.44 24.10 60.93
N ARG M 64 2.41 24.55 60.23
CA ARG M 64 1.13 23.87 60.19
C ARG M 64 0.88 23.31 58.79
N VAL M 65 0.20 22.16 58.75
CA VAL M 65 -0.17 21.50 57.51
C VAL M 65 -1.66 21.22 57.53
N ARG M 66 -2.25 21.08 56.34
CA ARG M 66 -3.66 20.80 56.22
C ARG M 66 -3.93 19.32 56.45
N ARG M 67 -4.81 19.02 57.40
CA ARG M 67 -5.14 17.65 57.74
C ARG M 67 -6.11 17.07 56.71
N GLY M 68 -5.82 15.86 56.26
CA GLY M 68 -6.68 15.19 55.31
C GLY M 68 -5.93 14.57 54.14
N GLY M 69 -6.56 13.63 53.45
CA GLY M 69 -5.94 12.99 52.30
C GLY M 69 -5.83 13.92 51.11
N ARG M 70 -5.07 13.48 50.12
CA ARG M 70 -4.83 14.26 48.92
C ARG M 70 -5.86 13.93 47.84
N LYS M 71 -6.03 14.86 46.92
CA LYS M 71 -6.96 14.73 45.81
C LYS M 71 -6.18 14.78 44.50
N ARG M 72 -6.67 14.02 43.51
CA ARG M 72 -6.02 13.98 42.22
C ARG M 72 -6.16 15.33 41.52
N PRO M 73 -5.08 15.85 40.91
CA PRO M 73 -5.16 17.13 40.21
C PRO M 73 -5.83 17.07 38.84
N VAL M 74 -6.51 15.99 38.51
CA VAL M 74 -7.16 15.84 37.21
C VAL M 74 -8.32 16.84 37.10
N PRO M 75 -8.58 17.39 35.92
CA PRO M 75 -9.67 18.35 35.77
C PRO M 75 -11.03 17.67 35.80
N LYS M 76 -11.94 18.21 36.60
CA LYS M 76 -13.31 17.72 36.72
C LYS M 76 -13.39 16.26 37.16
N GLY M 77 -12.33 15.74 37.76
CA GLY M 77 -12.34 14.36 38.21
C GLY M 77 -12.38 13.34 37.10
N ALA M 78 -11.74 13.62 35.97
CA ALA M 78 -11.70 12.72 34.84
C ALA M 78 -10.26 12.29 34.60
N THR M 79 -10.03 10.97 34.58
CA THR M 79 -8.69 10.43 34.39
C THR M 79 -8.44 9.86 33.00
N TYR M 80 -9.49 9.59 32.23
CA TYR M 80 -9.37 9.09 30.85
C TYR M 80 -8.59 7.78 30.81
N GLY M 81 -8.82 6.92 31.80
CA GLY M 81 -8.14 5.64 31.83
C GLY M 81 -9.07 4.49 32.19
N LYS M 82 -8.48 3.33 32.49
CA LYS M 82 -9.28 2.19 32.90
C LYS M 82 -9.97 2.49 34.23
N PRO M 83 -11.09 1.83 34.52
CA PRO M 83 -11.84 2.17 35.75
C PRO M 83 -11.04 1.99 37.03
N VAL M 84 -9.97 1.20 37.03
CA VAL M 84 -9.21 0.99 38.25
C VAL M 84 -8.49 2.26 38.67
N HIS M 85 -8.22 3.15 37.71
CA HIS M 85 -7.53 4.40 37.98
C HIS M 85 -8.49 5.58 38.11
N HIS M 86 -9.79 5.32 38.32
CA HIS M 86 -10.78 6.37 38.50
C HIS M 86 -10.87 6.86 39.93
N GLY M 87 -9.90 6.51 40.78
CA GLY M 87 -9.93 6.90 42.18
C GLY M 87 -9.45 8.32 42.41
N VAL M 88 -10.30 9.30 42.10
CA VAL M 88 -9.91 10.70 42.25
C VAL M 88 -10.15 11.19 43.68
N ASN M 89 -11.19 10.70 44.35
CA ASN M 89 -11.59 11.27 45.62
C ASN M 89 -10.76 10.72 46.78
N GLN M 90 -10.83 9.41 47.01
CA GLN M 90 -10.23 8.79 48.20
C GLN M 90 -8.85 8.25 47.83
N LEU M 91 -7.85 9.12 47.95
CA LEU M 91 -6.46 8.75 47.81
C LEU M 91 -5.67 9.24 49.01
N LYS M 92 -4.65 8.47 49.39
CA LYS M 92 -3.82 8.79 50.53
C LYS M 92 -2.38 8.99 50.10
N PHE M 93 -1.74 10.01 50.66
CA PHE M 93 -0.36 10.30 50.33
C PHE M 93 0.57 9.28 50.97
N ALA M 94 1.65 8.94 50.26
CA ALA M 94 2.58 7.95 50.77
C ALA M 94 3.39 8.48 51.95
N ARG M 95 3.69 9.77 51.95
CA ARG M 95 4.45 10.38 53.02
C ARG M 95 3.52 10.94 54.09
N SER M 96 4.06 11.15 55.28
CA SER M 96 3.27 11.61 56.40
C SER M 96 3.22 13.15 56.44
N LEU M 97 2.27 13.66 57.21
CA LEU M 97 2.15 15.10 57.40
C LEU M 97 3.40 15.68 58.06
N GLN M 98 3.97 14.96 59.03
CA GLN M 98 5.21 15.40 59.64
C GLN M 98 6.32 15.48 58.59
N SER M 99 6.38 14.50 57.69
CA SER M 99 7.41 14.49 56.66
C SER M 99 7.25 15.66 55.70
N VAL M 100 6.01 15.92 55.26
CA VAL M 100 5.82 17.04 54.34
C VAL M 100 6.07 18.37 55.06
N ALA M 101 5.82 18.42 56.37
CA ALA M 101 6.16 19.61 57.14
C ALA M 101 7.67 19.84 57.13
N GLU M 102 8.44 18.80 57.44
CA GLU M 102 9.90 18.92 57.36
C GLU M 102 10.35 19.32 55.97
N GLU M 103 9.70 18.78 54.94
CA GLU M 103 10.07 19.13 53.56
C GLU M 103 9.81 20.60 53.28
N ARG M 104 8.66 21.12 53.70
CA ARG M 104 8.36 22.54 53.49
C ARG M 104 9.33 23.43 54.26
N ALA M 105 9.68 23.03 55.48
CA ALA M 105 10.65 23.83 56.25
C ALA M 105 12.02 23.84 55.58
N GLY M 106 12.50 22.68 55.13
CA GLY M 106 13.79 22.63 54.46
C GLY M 106 13.78 23.34 53.13
N ARG M 107 12.63 23.37 52.45
CA ARG M 107 12.53 24.12 51.20
C ARG M 107 12.53 25.62 51.46
N HIS M 108 11.87 26.07 52.53
CA HIS M 108 11.87 27.50 52.84
C HIS M 108 13.24 27.96 53.29
N CYS M 109 13.97 27.12 54.04
CA CYS M 109 15.33 27.45 54.50
C CYS M 109 16.29 26.40 53.94
N GLY M 110 16.90 26.71 52.80
CA GLY M 110 17.87 25.78 52.21
C GLY M 110 19.21 25.83 52.90
N ALA M 111 19.58 26.97 53.49
CA ALA M 111 20.87 27.12 54.13
C ALA M 111 20.96 26.38 55.46
N LEU M 112 19.87 25.84 55.97
CA LEU M 112 19.84 25.08 57.21
C LEU M 112 19.55 23.63 56.93
N ARG M 113 19.88 22.77 57.89
CA ARG M 113 19.70 21.33 57.75
C ARG M 113 18.64 20.84 58.73
N VAL M 114 17.63 20.16 58.22
CA VAL M 114 16.54 19.63 59.05
C VAL M 114 17.04 18.40 59.78
N LEU M 115 17.06 18.47 61.12
CA LEU M 115 17.49 17.34 61.92
C LEU M 115 16.34 16.39 62.24
N ASN M 116 15.32 16.90 62.92
CA ASN M 116 14.17 16.08 63.29
C ASN M 116 12.96 17.01 63.49
N SER M 117 11.85 16.43 63.94
CA SER M 117 10.63 17.18 64.16
C SER M 117 9.76 16.41 65.14
N TYR M 118 8.77 17.10 65.69
CA TYR M 118 7.84 16.47 66.62
C TYR M 118 6.50 17.18 66.55
N TRP M 119 5.49 16.56 67.17
CA TRP M 119 4.12 17.03 67.15
C TRP M 119 3.83 17.87 68.39
N VAL M 120 3.13 18.99 68.18
CA VAL M 120 2.78 19.90 69.27
C VAL M 120 1.27 20.04 69.43
N GLY M 121 0.53 20.13 68.34
CA GLY M 121 -0.91 20.29 68.41
C GLY M 121 -1.56 19.99 67.09
N GLU M 122 -2.88 19.80 67.14
CA GLU M 122 -3.64 19.48 65.94
C GLU M 122 -5.12 19.74 66.22
N ASP M 123 -5.87 19.91 65.14
CA ASP M 123 -7.32 20.05 65.22
C ASP M 123 -7.92 19.45 63.95
N SER M 124 -9.20 19.76 63.69
CA SER M 124 -9.87 19.15 62.55
C SER M 124 -9.33 19.65 61.22
N THR M 125 -8.89 20.90 61.17
CA THR M 125 -8.48 21.51 59.90
C THR M 125 -6.98 21.66 59.74
N TYR M 126 -6.21 21.59 60.83
CA TYR M 126 -4.77 21.76 60.76
C TYR M 126 -4.06 20.77 61.67
N LYS M 127 -2.78 20.58 61.39
CA LYS M 127 -1.90 19.79 62.25
C LYS M 127 -0.58 20.53 62.36
N PHE M 128 -0.15 20.81 63.59
CA PHE M 128 1.03 21.63 63.84
C PHE M 128 2.22 20.75 64.22
N PHE M 129 3.41 21.21 63.82
CA PHE M 129 4.65 20.50 64.10
C PHE M 129 5.75 21.50 64.41
N GLU M 130 6.74 21.04 65.16
CA GLU M 130 7.93 21.83 65.47
C GLU M 130 9.15 21.06 64.97
N VAL M 131 9.91 21.68 64.07
CA VAL M 131 11.07 21.08 63.45
C VAL M 131 12.33 21.74 63.99
N ILE M 132 13.43 20.99 64.02
CA ILE M 132 14.72 21.48 64.47
C ILE M 132 15.65 21.61 63.27
N LEU M 133 16.33 22.75 63.18
CA LEU M 133 17.26 23.02 62.09
C LEU M 133 18.63 23.34 62.66
N ILE M 134 19.67 22.90 61.96
CA ILE M 134 21.05 23.12 62.34
C ILE M 134 21.69 24.03 61.30
N ASP M 135 22.51 24.97 61.77
CA ASP M 135 23.26 25.84 60.89
C ASP M 135 24.59 25.15 60.59
N PRO M 136 24.79 24.63 59.37
CA PRO M 136 26.03 23.88 59.10
C PRO M 136 27.26 24.75 58.98
N PHE M 137 27.12 26.07 58.94
CA PHE M 137 28.25 26.97 58.74
C PHE M 137 28.53 27.83 59.96
N HIS M 138 27.96 27.50 61.11
CA HIS M 138 28.26 28.22 62.34
C HIS M 138 29.49 27.62 63.01
N LYS M 139 30.30 28.48 63.61
CA LYS M 139 31.54 28.01 64.21
C LYS M 139 31.30 27.22 65.48
N ALA M 140 30.18 27.46 66.16
CA ALA M 140 29.84 26.69 67.35
C ALA M 140 29.41 25.26 67.03
N ILE M 141 29.14 24.96 65.77
CA ILE M 141 28.77 23.62 65.35
C ILE M 141 29.87 22.96 64.53
N ARG M 142 30.57 23.73 63.70
CA ARG M 142 31.64 23.16 62.90
C ARG M 142 32.84 22.74 63.75
N ARG M 143 33.03 23.37 64.91
CA ARG M 143 34.17 23.03 65.76
C ARG M 143 33.87 21.85 66.66
N ASN M 144 32.61 21.63 67.02
CA ASN M 144 32.25 20.49 67.84
C ASN M 144 32.36 19.20 67.02
N PRO M 145 33.14 18.22 67.47
CA PRO M 145 33.33 17.01 66.64
C PRO M 145 32.13 16.10 66.60
N ASP M 146 31.23 16.17 67.59
CA ASP M 146 30.07 15.31 67.61
C ASP M 146 29.01 15.73 66.58
N THR M 147 29.04 16.98 66.12
CA THR M 147 28.06 17.47 65.17
C THR M 147 28.69 17.87 63.84
N GLN M 148 29.89 17.35 63.54
CA GLN M 148 30.54 17.66 62.27
C GLN M 148 29.91 16.93 61.09
N TRP M 149 29.08 15.91 61.35
CA TRP M 149 28.47 15.17 60.24
C TRP M 149 27.39 15.97 59.54
N ILE M 150 26.77 16.95 60.23
CA ILE M 150 25.77 17.79 59.59
C ILE M 150 26.38 18.82 58.65
N THR M 151 27.70 19.01 58.70
CA THR M 151 28.38 19.97 57.85
C THR M 151 28.75 19.40 56.49
N LYS M 152 28.94 18.09 56.40
CA LYS M 152 29.37 17.50 55.14
C LYS M 152 28.30 17.69 54.06
N PRO M 153 28.70 17.89 52.81
CA PRO M 153 27.70 18.14 51.75
C PRO M 153 26.85 16.94 51.40
N VAL M 154 27.14 15.76 51.97
CA VAL M 154 26.31 14.59 51.69
C VAL M 154 24.95 14.70 52.36
N HIS M 155 24.87 15.42 53.48
CA HIS M 155 23.62 15.59 54.21
C HIS M 155 22.85 16.83 53.79
N LYS M 156 23.07 17.32 52.57
CA LYS M 156 22.35 18.49 52.08
C LYS M 156 20.90 18.10 51.80
N HIS M 157 19.96 18.83 52.41
CA HIS M 157 18.53 18.61 52.22
C HIS M 157 18.13 17.17 52.55
N ARG M 158 18.33 16.81 53.83
CA ARG M 158 17.94 15.49 54.29
C ARG M 158 16.43 15.28 54.26
N GLU M 159 15.65 16.37 54.29
CA GLU M 159 14.20 16.25 54.34
C GLU M 159 13.58 15.93 52.98
N MET M 160 14.27 16.30 51.90
CA MET M 160 13.75 16.08 50.55
C MET M 160 14.06 14.68 50.02
N ARG M 161 14.83 13.88 50.76
CA ARG M 161 15.17 12.53 50.34
C ARG M 161 14.69 11.46 51.30
N GLY M 162 14.00 11.83 52.37
CA GLY M 162 13.50 10.85 53.31
C GLY M 162 14.51 10.35 54.31
N LEU M 163 15.63 11.05 54.48
CA LEU M 163 16.65 10.62 55.43
C LEU M 163 16.28 10.93 56.88
N THR M 164 15.30 11.79 57.10
CA THR M 164 14.91 12.14 58.46
C THR M 164 14.12 10.99 59.09
N SER M 165 13.81 11.14 60.38
CA SER M 165 13.09 10.09 61.09
C SER M 165 11.66 9.95 60.60
N ALA M 166 11.06 11.03 60.10
CA ALA M 166 9.70 10.96 59.59
C ALA M 166 9.65 10.34 58.19
N GLY M 167 10.63 10.68 57.35
CA GLY M 167 10.67 10.10 56.01
C GLY M 167 11.16 8.67 55.98
N ARG M 168 11.99 8.29 56.95
CA ARG M 168 12.48 6.91 57.02
C ARG M 168 11.33 5.94 57.24
N LYS M 169 10.31 6.37 58.00
CA LYS M 169 9.15 5.51 58.22
C LYS M 169 8.36 5.32 56.94
N SER M 170 8.16 6.40 56.17
CA SER M 170 7.41 6.29 54.92
C SER M 170 8.20 5.57 53.84
N ARG M 171 9.53 5.55 53.92
CA ARG M 171 10.31 4.83 52.93
C ARG M 171 10.07 3.33 52.98
N GLY M 172 9.79 2.79 54.16
CA GLY M 172 9.54 1.36 54.29
C GLY M 172 10.75 0.54 54.65
N LEU M 173 11.81 1.17 55.16
CA LEU M 173 13.01 0.45 55.54
C LEU M 173 12.78 -0.36 56.81
N GLY M 174 13.64 -1.34 57.02
CA GLY M 174 13.54 -2.20 58.19
C GLY M 174 14.27 -3.49 57.97
N LYS M 175 14.36 -4.27 59.04
CA LYS M 175 15.03 -5.57 59.02
C LYS M 175 14.06 -6.62 59.54
N GLY M 176 13.76 -7.60 58.71
CA GLY M 176 12.87 -8.68 59.10
C GLY M 176 12.11 -9.21 57.91
N HIS M 177 11.24 -10.17 58.19
CA HIS M 177 10.40 -10.77 57.16
C HIS M 177 9.31 -9.83 56.68
N LYS M 178 9.01 -8.78 57.45
CA LYS M 178 7.97 -7.83 57.09
C LYS M 178 8.48 -6.72 56.18
N PHE M 179 9.78 -6.68 55.89
CA PHE M 179 10.37 -5.63 55.07
C PHE M 179 11.13 -6.23 53.89
N HIS M 180 10.53 -7.22 53.23
CA HIS M 180 11.14 -7.80 52.05
C HIS M 180 11.00 -6.92 50.81
N HIS M 181 10.23 -5.83 50.90
CA HIS M 181 10.10 -4.92 49.77
C HIS M 181 11.45 -4.31 49.41
N THR M 182 12.09 -3.63 50.36
CA THR M 182 13.37 -2.99 50.16
C THR M 182 14.43 -3.75 50.97
N ILE M 183 15.08 -4.71 50.32
CA ILE M 183 16.15 -5.45 50.98
C ILE M 183 17.37 -4.55 51.17
N GLY M 184 17.95 -4.09 50.07
CA GLY M 184 19.11 -3.23 50.13
C GLY M 184 18.86 -1.86 49.55
N GLY M 185 18.90 -0.84 50.39
CA GLY M 185 18.67 0.52 49.90
C GLY M 185 17.18 0.81 49.82
N SER M 186 16.71 1.09 48.62
CA SER M 186 15.33 1.47 48.40
C SER M 186 14.55 0.34 47.72
N ARG M 187 13.23 0.48 47.72
CA ARG M 187 12.39 -0.45 46.97
C ARG M 187 12.70 -0.40 45.48
N ARG M 188 13.05 0.78 44.96
CA ARG M 188 13.47 0.87 43.57
C ARG M 188 14.79 0.15 43.33
N ALA M 189 15.71 0.20 44.30
CA ALA M 189 16.96 -0.56 44.17
C ALA M 189 16.69 -2.05 44.18
N ALA M 190 15.80 -2.50 45.07
CA ALA M 190 15.43 -3.92 45.09
C ALA M 190 14.77 -4.33 43.79
N TRP M 191 13.93 -3.47 43.22
CA TRP M 191 13.28 -3.76 41.95
C TRP M 191 14.31 -3.88 40.82
N ARG M 192 15.25 -2.93 40.77
CA ARG M 192 16.29 -2.98 39.75
C ARG M 192 17.17 -4.22 39.90
N ARG M 193 17.38 -4.66 41.14
CA ARG M 193 18.22 -5.83 41.37
C ARG M 193 17.48 -7.12 40.99
N ARG M 194 16.18 -7.19 41.28
CA ARG M 194 15.42 -8.41 41.06
C ARG M 194 14.78 -8.49 39.68
N ASN M 195 14.85 -7.41 38.89
CA ASN M 195 14.29 -7.43 37.54
C ASN M 195 15.34 -7.13 36.47
N THR M 196 16.60 -7.48 36.72
CA THR M 196 17.66 -7.36 35.73
C THR M 196 18.11 -8.76 35.31
N LEU M 197 18.35 -8.94 34.02
CA LEU M 197 18.75 -10.23 33.48
C LEU M 197 20.27 -10.34 33.57
N GLN M 198 20.77 -11.24 34.41
CA GLN M 198 22.20 -11.44 34.57
C GLN M 198 22.70 -12.36 33.46
N LEU M 199 23.41 -11.78 32.49
CA LEU M 199 23.95 -12.52 31.36
C LEU M 199 25.47 -12.60 31.53
N HIS M 200 25.95 -13.73 32.04
CA HIS M 200 27.37 -13.93 32.22
C HIS M 200 28.05 -14.18 30.88
N ARG M 201 29.39 -14.21 30.91
CA ARG M 201 30.14 -14.51 29.70
C ARG M 201 29.92 -15.93 29.25
N TYR M 202 30.00 -16.88 30.17
CA TYR M 202 29.75 -18.29 29.90
C TYR M 202 28.40 -18.67 30.50
N ARG M 203 27.45 -19.03 29.64
CA ARG M 203 26.11 -19.36 30.10
C ARG M 203 25.48 -20.45 29.24
N GLN N 1 10.26 -24.35 -68.46
CA GLN N 1 10.31 -24.20 -67.01
C GLN N 1 8.99 -23.68 -66.46
N VAL N 2 8.03 -23.47 -67.35
CA VAL N 2 6.72 -22.95 -66.97
C VAL N 2 5.66 -23.97 -67.34
N LEU N 3 4.52 -23.87 -66.65
CA LEU N 3 3.36 -24.73 -66.89
C LEU N 3 2.19 -23.85 -67.32
N VAL N 4 1.87 -23.87 -68.60
CA VAL N 4 0.76 -23.09 -69.13
C VAL N 4 -0.52 -23.92 -69.07
N LEU N 5 -1.30 -23.74 -68.00
CA LEU N 5 -2.50 -24.53 -67.79
C LEU N 5 -3.72 -23.80 -68.35
N ASP N 6 -4.47 -24.49 -69.20
CA ASP N 6 -5.72 -23.96 -69.70
C ASP N 6 -6.73 -23.85 -68.56
N GLY N 7 -7.70 -22.95 -68.72
CA GLY N 7 -8.68 -22.71 -67.67
C GLY N 7 -10.04 -23.29 -67.95
N ARG N 8 -10.44 -23.33 -69.21
CA ARG N 8 -11.78 -23.77 -69.56
C ARG N 8 -11.97 -25.25 -69.27
N GLY N 9 -13.10 -25.59 -68.66
CA GLY N 9 -13.44 -26.95 -68.33
C GLY N 9 -13.02 -27.41 -66.96
N HIS N 10 -12.07 -26.72 -66.33
CA HIS N 10 -11.57 -27.11 -65.02
C HIS N 10 -12.43 -26.51 -63.92
N LEU N 11 -12.59 -27.26 -62.83
CA LEU N 11 -13.32 -26.78 -61.68
C LEU N 11 -12.44 -25.85 -60.85
N LEU N 12 -13.09 -24.87 -60.21
CA LEU N 12 -12.37 -23.81 -59.52
C LEU N 12 -11.44 -24.36 -58.45
N GLY N 13 -12.00 -25.00 -57.42
CA GLY N 13 -11.18 -25.51 -56.34
C GLY N 13 -10.32 -26.68 -56.75
N ARG N 14 -10.86 -27.55 -57.60
CA ARG N 14 -10.11 -28.73 -58.04
C ARG N 14 -8.85 -28.32 -58.78
N LEU N 15 -8.90 -27.22 -59.53
CA LEU N 15 -7.70 -26.74 -60.22
C LEU N 15 -6.83 -25.91 -59.28
N ALA N 16 -7.45 -25.10 -58.43
CA ALA N 16 -6.69 -24.20 -57.58
C ALA N 16 -5.84 -24.96 -56.56
N ALA N 17 -6.35 -26.09 -56.07
CA ALA N 17 -5.57 -26.90 -55.14
C ALA N 17 -4.31 -27.45 -55.81
N ILE N 18 -4.46 -27.96 -57.03
CA ILE N 18 -3.31 -28.49 -57.76
C ILE N 18 -2.31 -27.38 -58.04
N VAL N 19 -2.78 -26.20 -58.45
CA VAL N 19 -1.86 -25.10 -58.73
C VAL N 19 -1.16 -24.65 -57.46
N ALA N 20 -1.89 -24.58 -56.34
CA ALA N 20 -1.28 -24.16 -55.08
C ALA N 20 -0.25 -25.15 -54.59
N LYS N 21 -0.48 -26.45 -54.83
CA LYS N 21 0.52 -27.43 -54.41
C LYS N 21 1.72 -27.43 -55.33
N GLN N 22 1.52 -27.18 -56.63
CA GLN N 22 2.64 -27.17 -57.57
C GLN N 22 3.47 -25.89 -57.49
N VAL N 23 2.89 -24.79 -57.05
CA VAL N 23 3.65 -23.54 -56.94
C VAL N 23 4.61 -23.60 -55.75
N LEU N 24 4.20 -24.23 -54.64
CA LEU N 24 5.07 -24.33 -53.48
C LEU N 24 6.32 -25.15 -53.75
N LEU N 25 6.33 -25.92 -54.84
CA LEU N 25 7.52 -26.70 -55.19
C LEU N 25 8.51 -25.87 -56.00
N GLY N 26 8.04 -24.94 -56.82
CA GLY N 26 8.94 -24.08 -57.55
C GLY N 26 8.58 -23.91 -59.02
N ARG N 27 7.62 -24.69 -59.50
CA ARG N 27 7.21 -24.60 -60.90
C ARG N 27 6.38 -23.34 -61.12
N LYS N 28 6.82 -22.51 -62.06
CA LYS N 28 6.09 -21.30 -62.40
C LYS N 28 4.86 -21.67 -63.24
N VAL N 29 3.67 -21.42 -62.69
CA VAL N 29 2.42 -21.81 -63.33
C VAL N 29 1.72 -20.56 -63.86
N VAL N 30 1.20 -20.66 -65.08
CA VAL N 30 0.44 -19.59 -65.71
C VAL N 30 -0.90 -20.18 -66.12
N VAL N 31 -1.97 -19.72 -65.48
CA VAL N 31 -3.31 -20.18 -65.80
C VAL N 31 -3.91 -19.23 -66.84
N VAL N 32 -4.18 -19.75 -68.02
CA VAL N 32 -4.67 -18.94 -69.14
C VAL N 32 -6.15 -19.23 -69.33
N ARG N 33 -6.87 -18.24 -69.86
CA ARG N 33 -8.30 -18.34 -70.15
C ARG N 33 -9.09 -18.72 -68.88
N CYS N 34 -9.02 -17.84 -67.89
CA CYS N 34 -9.68 -18.09 -66.61
C CYS N 34 -11.19 -17.88 -66.67
N GLU N 35 -11.70 -17.23 -67.72
CA GLU N 35 -13.14 -16.97 -67.80
C GLU N 35 -13.94 -18.24 -68.09
N GLY N 36 -13.29 -19.34 -68.45
CA GLY N 36 -13.97 -20.58 -68.71
C GLY N 36 -13.99 -21.57 -67.57
N ILE N 37 -13.47 -21.20 -66.40
CA ILE N 37 -13.43 -22.10 -65.26
C ILE N 37 -14.85 -22.34 -64.76
N ASN N 38 -15.27 -23.61 -64.76
CA ASN N 38 -16.60 -23.94 -64.30
C ASN N 38 -16.62 -24.12 -62.78
N ILE N 39 -17.79 -23.89 -62.20
CA ILE N 39 -18.01 -24.05 -60.76
C ILE N 39 -19.23 -24.92 -60.56
N SER N 40 -19.10 -25.95 -59.73
CA SER N 40 -20.20 -26.87 -59.49
C SER N 40 -21.34 -26.16 -58.76
N GLY N 41 -22.55 -26.71 -58.92
CA GLY N 41 -23.73 -26.15 -58.30
C GLY N 41 -24.50 -25.26 -59.23
N ASN N 42 -25.65 -24.79 -58.74
CA ASN N 42 -26.50 -23.91 -59.52
C ASN N 42 -25.84 -22.55 -59.71
N PHE N 43 -26.12 -21.93 -60.85
CA PHE N 43 -25.60 -20.59 -61.10
C PHE N 43 -26.17 -19.59 -60.09
N TYR N 44 -27.46 -19.69 -59.79
CA TYR N 44 -28.03 -18.82 -58.77
C TYR N 44 -27.44 -19.10 -57.40
N ARG N 45 -27.12 -20.37 -57.12
CA ARG N 45 -26.48 -20.71 -55.85
C ARG N 45 -25.11 -20.05 -55.74
N ASN N 46 -24.31 -20.14 -56.80
CA ASN N 46 -22.99 -19.51 -56.78
C ASN N 46 -23.10 -17.99 -56.72
N LYS N 47 -24.09 -17.42 -57.42
CA LYS N 47 -24.31 -15.99 -57.34
C LYS N 47 -24.67 -15.56 -55.93
N LEU N 48 -25.52 -16.33 -55.25
CA LEU N 48 -25.88 -16.00 -53.88
C LEU N 48 -24.67 -16.11 -52.96
N LYS N 49 -23.83 -17.13 -53.17
CA LYS N 49 -22.60 -17.25 -52.39
C LYS N 49 -21.69 -16.04 -52.59
N TYR N 50 -21.52 -15.61 -53.84
CA TYR N 50 -20.66 -14.47 -54.12
C TYR N 50 -21.24 -13.18 -53.55
N LEU N 51 -22.57 -13.05 -53.55
CA LEU N 51 -23.18 -11.86 -52.98
C LEU N 51 -23.05 -11.85 -51.46
N ALA N 52 -23.17 -13.02 -50.83
CA ALA N 52 -22.94 -13.11 -49.40
C ALA N 52 -21.49 -12.79 -49.06
N PHE N 53 -20.55 -13.14 -49.94
CA PHE N 53 -19.16 -12.74 -49.74
C PHE N 53 -18.98 -11.25 -49.92
N LEU N 54 -19.69 -10.65 -50.89
CA LEU N 54 -19.63 -9.21 -51.09
C LEU N 54 -20.18 -8.44 -49.90
N ARG N 55 -21.21 -8.99 -49.24
CA ARG N 55 -21.81 -8.30 -48.11
C ARG N 55 -20.81 -8.11 -46.98
N LYS N 56 -19.84 -9.01 -46.85
CA LYS N 56 -18.86 -8.91 -45.77
C LYS N 56 -17.88 -7.78 -46.07
N ARG N 57 -17.76 -6.85 -45.13
CA ARG N 57 -16.97 -5.63 -45.34
C ARG N 57 -16.81 -4.92 -44.01
N MET N 58 -15.64 -4.32 -43.80
CA MET N 58 -15.39 -3.58 -42.58
C MET N 58 -16.35 -2.39 -42.47
N ASN N 59 -16.89 -2.20 -41.27
CA ASN N 59 -17.93 -1.20 -41.06
C ASN N 59 -17.35 0.20 -40.95
N THR N 60 -16.27 0.36 -40.17
CA THR N 60 -15.76 1.70 -39.89
C THR N 60 -15.06 2.31 -41.10
N ASN N 61 -14.43 1.48 -41.94
CA ASN N 61 -13.73 1.96 -43.12
C ASN N 61 -13.72 0.85 -44.16
N PRO N 62 -14.62 0.91 -45.13
CA PRO N 62 -14.66 -0.17 -46.15
C PRO N 62 -13.43 -0.18 -47.04
N SER N 63 -12.83 0.97 -47.32
CA SER N 63 -11.63 0.99 -48.15
C SER N 63 -10.49 0.23 -47.49
N ARG N 64 -10.39 0.30 -46.17
CA ARG N 64 -9.38 -0.43 -45.41
C ARG N 64 -9.99 -1.72 -44.87
N GLY N 65 -10.36 -2.60 -45.80
CA GLY N 65 -11.00 -3.85 -45.43
C GLY N 65 -10.87 -4.91 -46.51
N PRO N 66 -11.84 -5.83 -46.55
CA PRO N 66 -11.79 -6.91 -47.55
C PRO N 66 -11.93 -6.35 -48.96
N TYR N 67 -10.94 -6.65 -49.81
CA TYR N 67 -10.93 -6.17 -51.19
C TYR N 67 -11.57 -7.23 -52.07
N HIS N 68 -12.80 -6.98 -52.51
CA HIS N 68 -13.52 -7.90 -53.38
C HIS N 68 -13.16 -7.61 -54.82
N PHE N 69 -12.68 -8.63 -55.53
CA PHE N 69 -12.30 -8.51 -56.92
C PHE N 69 -13.44 -8.97 -57.82
N ARG N 70 -13.54 -8.34 -58.99
CA ARG N 70 -14.60 -8.65 -59.94
C ARG N 70 -14.15 -9.45 -61.15
N ALA N 71 -12.85 -9.44 -61.46
CA ALA N 71 -12.38 -10.21 -62.60
C ALA N 71 -12.24 -11.68 -62.23
N PRO N 72 -12.55 -12.60 -63.16
CA PRO N 72 -12.42 -14.03 -62.83
C PRO N 72 -10.99 -14.47 -62.62
N SER N 73 -10.02 -13.87 -63.32
CA SER N 73 -8.62 -14.17 -63.04
C SER N 73 -8.25 -13.80 -61.61
N ARG N 74 -8.68 -12.62 -61.15
CA ARG N 74 -8.43 -12.23 -59.78
C ARG N 74 -9.18 -13.11 -58.79
N ILE N 75 -10.36 -13.59 -59.17
CA ILE N 75 -11.10 -14.51 -58.32
C ILE N 75 -10.31 -15.80 -58.13
N PHE N 76 -9.80 -16.36 -59.22
CA PHE N 76 -8.99 -17.56 -59.12
C PHE N 76 -7.70 -17.30 -58.34
N TRP N 77 -7.12 -16.11 -58.50
CA TRP N 77 -5.93 -15.76 -57.74
C TRP N 77 -6.21 -15.72 -56.25
N ARG N 78 -7.35 -15.14 -55.86
CA ARG N 78 -7.71 -15.11 -54.44
C ARG N 78 -8.02 -16.51 -53.93
N THR N 79 -8.62 -17.36 -54.77
CA THR N 79 -8.88 -18.74 -54.36
C THR N 79 -7.58 -19.49 -54.10
N VAL N 80 -6.56 -19.27 -54.94
CA VAL N 80 -5.28 -19.93 -54.73
C VAL N 80 -4.56 -19.33 -53.53
N ARG N 81 -4.72 -18.02 -53.31
CA ARG N 81 -4.10 -17.37 -52.17
C ARG N 81 -4.71 -17.85 -50.86
N GLY N 82 -6.00 -18.19 -50.86
CA GLY N 82 -6.63 -18.77 -49.69
C GLY N 82 -6.03 -20.09 -49.25
N MET N 83 -5.42 -20.83 -50.18
CA MET N 83 -4.73 -22.07 -49.84
C MET N 83 -3.24 -21.89 -49.64
N LEU N 84 -2.64 -20.91 -50.27
CA LEU N 84 -1.22 -20.68 -50.04
C LEU N 84 -1.00 -19.94 -48.72
N PRO N 85 0.07 -20.25 -48.00
CA PRO N 85 0.36 -19.51 -46.76
C PRO N 85 0.90 -18.12 -47.04
N HIS N 86 0.03 -17.23 -47.51
CA HIS N 86 0.45 -15.91 -47.97
C HIS N 86 0.95 -15.02 -46.85
N LYS N 87 0.64 -15.32 -45.59
CA LYS N 87 1.13 -14.50 -44.49
C LYS N 87 2.59 -14.79 -44.13
N THR N 88 3.18 -15.83 -44.69
CA THR N 88 4.58 -16.12 -44.48
C THR N 88 5.41 -15.73 -45.70
N LYS N 89 6.72 -15.64 -45.49
CA LYS N 89 7.62 -15.26 -46.59
C LYS N 89 7.64 -16.30 -47.70
N ARG N 90 7.50 -17.58 -47.35
CA ARG N 90 7.46 -18.62 -48.38
C ARG N 90 6.25 -18.44 -49.30
N GLY N 91 5.07 -18.24 -48.72
CA GLY N 91 3.89 -17.99 -49.53
C GLY N 91 3.97 -16.69 -50.30
N GLN N 92 4.54 -15.65 -49.70
CA GLN N 92 4.71 -14.38 -50.40
C GLN N 92 5.61 -14.54 -51.61
N ALA N 93 6.69 -15.33 -51.48
CA ALA N 93 7.59 -15.55 -52.61
C ALA N 93 6.97 -16.47 -53.65
N ALA N 94 6.13 -17.41 -53.22
CA ALA N 94 5.46 -18.30 -54.16
C ALA N 94 4.32 -17.62 -54.91
N LEU N 95 3.73 -16.56 -54.35
CA LEU N 95 2.61 -15.89 -55.01
C LEU N 95 2.97 -15.27 -56.35
N GLU N 96 4.25 -14.92 -56.57
CA GLU N 96 4.64 -14.37 -57.86
C GLU N 96 4.79 -15.44 -58.93
N ARG N 97 4.98 -16.71 -58.54
CA ARG N 97 5.11 -17.76 -59.52
C ARG N 97 3.80 -18.01 -60.27
N LEU N 98 2.67 -17.75 -59.61
CA LEU N 98 1.37 -17.92 -60.25
C LEU N 98 1.03 -16.67 -61.07
N LYS N 99 0.63 -16.87 -62.32
CA LYS N 99 0.25 -15.78 -63.21
C LYS N 99 -1.13 -16.11 -63.78
N VAL N 100 -2.18 -15.58 -63.16
CA VAL N 100 -3.53 -15.75 -63.64
C VAL N 100 -3.85 -14.62 -64.61
N LEU N 101 -4.42 -14.99 -65.77
CA LEU N 101 -4.68 -14.01 -66.82
C LEU N 101 -6.01 -14.33 -67.49
N ASP N 102 -6.71 -13.29 -67.92
CA ASP N 102 -7.93 -13.44 -68.70
C ASP N 102 -7.59 -13.45 -70.18
N GLY N 103 -8.24 -14.35 -70.93
CA GLY N 103 -7.92 -14.48 -72.33
C GLY N 103 -6.55 -15.12 -72.52
N ILE N 104 -6.13 -15.16 -73.78
CA ILE N 104 -4.85 -15.74 -74.15
C ILE N 104 -4.01 -14.65 -74.81
N PRO N 105 -3.13 -14.01 -74.06
CA PRO N 105 -2.38 -12.85 -74.57
C PRO N 105 -1.34 -13.27 -75.60
N PRO N 106 -0.67 -12.30 -76.22
CA PRO N 106 0.39 -12.62 -77.18
C PRO N 106 1.50 -13.48 -76.57
N PRO N 107 1.98 -13.20 -75.35
CA PRO N 107 3.06 -14.03 -74.79
C PRO N 107 2.67 -15.48 -74.57
N TYR N 108 1.40 -15.85 -74.76
CA TYR N 108 0.96 -17.21 -74.45
C TYR N 108 0.06 -17.83 -75.51
N ASP N 109 -0.24 -17.14 -76.61
CA ASP N 109 -1.07 -17.78 -77.63
C ASP N 109 -0.28 -18.83 -78.40
N LYS N 110 1.03 -18.62 -78.56
CA LYS N 110 1.87 -19.55 -79.32
C LYS N 110 2.28 -20.75 -78.50
N LYS N 111 2.21 -20.68 -77.17
CA LYS N 111 2.59 -21.80 -76.33
C LYS N 111 1.46 -22.82 -76.25
N LYS N 112 1.82 -24.10 -76.29
CA LYS N 112 0.82 -25.14 -76.17
C LYS N 112 0.33 -25.24 -74.72
N ARG N 113 -0.98 -25.34 -74.56
CA ARG N 113 -1.59 -25.33 -73.24
C ARG N 113 -1.70 -26.75 -72.69
N MET N 114 -1.61 -26.85 -71.36
CA MET N 114 -1.72 -28.11 -70.66
C MET N 114 -3.11 -28.24 -70.03
N VAL N 115 -3.54 -29.47 -69.83
CA VAL N 115 -4.84 -29.79 -69.23
C VAL N 115 -4.61 -30.76 -68.10
N VAL N 116 -5.16 -30.44 -66.92
CA VAL N 116 -5.08 -31.32 -65.76
C VAL N 116 -6.38 -32.12 -65.68
N PRO N 117 -6.35 -33.43 -65.98
CA PRO N 117 -7.59 -34.21 -65.95
C PRO N 117 -8.18 -34.41 -64.57
N ALA N 118 -7.40 -34.18 -63.51
CA ALA N 118 -7.91 -34.34 -62.16
C ALA N 118 -8.88 -33.24 -61.75
N ALA N 119 -8.98 -32.17 -62.53
CA ALA N 119 -9.88 -31.05 -62.23
C ALA N 119 -10.92 -30.84 -63.33
N LEU N 120 -10.98 -31.71 -64.33
CA LEU N 120 -11.92 -31.54 -65.42
C LEU N 120 -13.34 -31.84 -64.98
N LYS N 121 -14.27 -30.97 -65.39
CA LYS N 121 -15.67 -31.15 -65.02
C LYS N 121 -16.25 -32.45 -65.55
N VAL N 122 -15.77 -32.91 -66.72
CA VAL N 122 -16.30 -34.12 -67.33
C VAL N 122 -16.12 -35.32 -66.41
N VAL N 123 -14.95 -35.42 -65.78
CA VAL N 123 -14.69 -36.54 -64.88
C VAL N 123 -15.02 -36.22 -63.43
N ARG N 124 -15.21 -34.94 -63.09
CA ARG N 124 -15.49 -34.60 -61.70
C ARG N 124 -16.98 -34.61 -61.38
N LEU N 125 -17.81 -34.11 -62.28
CA LEU N 125 -19.24 -33.98 -62.04
C LEU N 125 -20.03 -34.91 -62.94
N LYS N 126 -21.18 -35.35 -62.43
CA LYS N 126 -22.08 -36.16 -63.22
C LYS N 126 -22.66 -35.31 -64.37
N PRO N 127 -23.02 -35.94 -65.49
CA PRO N 127 -23.58 -35.19 -66.62
C PRO N 127 -24.92 -34.53 -66.31
N THR N 128 -25.58 -34.91 -65.22
CA THR N 128 -26.86 -34.31 -64.86
C THR N 128 -26.72 -33.18 -63.84
N ARG N 129 -25.50 -32.89 -63.38
CA ARG N 129 -25.30 -31.87 -62.38
C ARG N 129 -25.22 -30.48 -63.02
N LYS N 130 -25.66 -29.47 -62.27
CA LYS N 130 -25.63 -28.10 -62.73
C LYS N 130 -24.29 -27.46 -62.40
N PHE N 131 -23.81 -26.62 -63.31
CA PHE N 131 -22.56 -25.91 -63.14
C PHE N 131 -22.71 -24.47 -63.61
N ALA N 132 -21.81 -23.61 -63.15
CA ALA N 132 -21.84 -22.19 -63.48
C ALA N 132 -20.50 -21.77 -64.04
N TYR N 133 -20.53 -20.92 -65.06
CA TYR N 133 -19.31 -20.41 -65.66
C TYR N 133 -18.81 -19.18 -64.90
N LEU N 134 -17.51 -19.19 -64.59
CA LEU N 134 -16.92 -18.08 -63.86
C LEU N 134 -16.96 -16.80 -64.65
N GLY N 135 -16.86 -16.88 -65.98
CA GLY N 135 -16.93 -15.66 -66.79
C GLY N 135 -18.28 -14.96 -66.66
N ARG N 136 -19.37 -15.71 -66.84
CA ARG N 136 -20.70 -15.12 -66.70
C ARG N 136 -20.95 -14.68 -65.26
N LEU N 137 -20.51 -15.49 -64.29
CA LEU N 137 -20.71 -15.14 -62.88
C LEU N 137 -20.01 -13.83 -62.54
N ALA N 138 -18.80 -13.62 -63.08
CA ALA N 138 -18.09 -12.37 -62.81
C ALA N 138 -18.70 -11.22 -63.58
N HIS N 139 -19.10 -11.44 -64.84
CA HIS N 139 -19.71 -10.37 -65.62
C HIS N 139 -21.00 -9.89 -64.98
N GLU N 140 -21.75 -10.77 -64.32
CA GLU N 140 -22.98 -10.34 -63.67
C GLU N 140 -22.70 -9.48 -62.44
N VAL N 141 -21.48 -9.48 -61.92
CA VAL N 141 -21.12 -8.68 -60.75
C VAL N 141 -19.89 -7.85 -61.10
N GLY N 142 -20.13 -6.64 -61.58
CA GLY N 142 -19.09 -5.62 -61.66
C GLY N 142 -17.94 -5.91 -62.61
N TRP N 143 -18.13 -6.76 -63.60
CA TRP N 143 -17.12 -6.98 -64.63
C TRP N 143 -17.62 -6.40 -65.94
N LYS N 144 -16.75 -5.70 -66.66
CA LYS N 144 -17.16 -4.91 -67.82
C LYS N 144 -16.50 -5.35 -69.12
N TYR N 145 -15.44 -6.15 -69.06
CA TYR N 145 -14.62 -6.44 -70.23
C TYR N 145 -14.94 -7.81 -70.85
N GLN N 146 -16.12 -8.34 -70.59
CA GLN N 146 -16.50 -9.63 -71.18
C GLN N 146 -16.64 -9.52 -72.69
N ALA N 147 -17.18 -8.41 -73.18
CA ALA N 147 -17.36 -8.25 -74.62
C ALA N 147 -16.02 -8.22 -75.36
N VAL N 148 -15.09 -7.39 -74.87
CA VAL N 148 -13.79 -7.30 -75.53
C VAL N 148 -13.01 -8.60 -75.35
N THR N 149 -13.19 -9.27 -74.22
CA THR N 149 -12.56 -10.58 -74.02
C THR N 149 -13.05 -11.57 -75.07
N ALA N 150 -14.36 -11.62 -75.29
CA ALA N 150 -14.91 -12.53 -76.29
C ALA N 150 -14.46 -12.16 -77.69
N THR N 151 -14.36 -10.85 -77.98
CA THR N 151 -13.92 -10.42 -79.29
C THR N 151 -12.48 -10.83 -79.56
N LEU N 152 -11.59 -10.59 -78.61
CA LEU N 152 -10.20 -11.00 -78.78
C LEU N 152 -10.06 -12.51 -78.84
N GLU N 153 -10.91 -13.24 -78.09
CA GLU N 153 -10.89 -14.70 -78.19
C GLU N 153 -11.31 -15.17 -79.58
N GLU N 154 -12.33 -14.53 -80.15
CA GLU N 154 -12.75 -14.85 -81.51
C GLU N 154 -11.62 -14.57 -82.51
N LYS N 155 -10.94 -13.45 -82.33
CA LYS N 155 -9.83 -13.11 -83.23
C LYS N 155 -8.72 -14.15 -83.15
N ARG N 156 -8.28 -14.48 -81.93
CA ARG N 156 -7.19 -15.45 -81.79
C ARG N 156 -7.62 -16.84 -82.25
N LYS N 157 -8.91 -17.17 -82.13
CA LYS N 157 -9.38 -18.45 -82.64
C LYS N 157 -9.37 -18.49 -84.16
N GLU N 158 -9.79 -17.39 -84.80
CA GLU N 158 -9.73 -17.33 -86.26
C GLU N 158 -8.29 -17.37 -86.76
N LYS N 159 -7.34 -16.88 -85.96
CA LYS N 159 -5.94 -16.99 -86.34
C LYS N 159 -5.41 -18.40 -86.16
N ALA N 160 -5.73 -19.03 -85.02
CA ALA N 160 -5.27 -20.38 -84.75
C ALA N 160 -5.88 -21.38 -85.72
N LYS N 161 -7.07 -21.08 -86.26
CA LYS N 161 -7.66 -21.96 -87.27
C LYS N 161 -6.79 -22.03 -88.51
N MET N 162 -6.34 -20.87 -89.00
CA MET N 162 -5.46 -20.85 -90.16
C MET N 162 -4.11 -21.48 -89.83
N HIS N 163 -3.60 -21.25 -88.62
CA HIS N 163 -2.35 -21.89 -88.23
C HIS N 163 -2.47 -23.41 -88.25
N TYR N 164 -3.58 -23.93 -87.72
CA TYR N 164 -3.79 -25.37 -87.72
C TYR N 164 -3.99 -25.90 -89.13
N ARG N 165 -4.63 -25.13 -90.02
CA ARG N 165 -4.75 -25.56 -91.41
C ARG N 165 -3.38 -25.69 -92.05
N LYS N 166 -2.50 -24.72 -91.80
CA LYS N 166 -1.14 -24.80 -92.32
C LYS N 166 -0.40 -26.01 -91.75
N LYS N 167 -0.54 -26.25 -90.43
CA LYS N 167 0.12 -27.39 -89.81
C LYS N 167 -0.40 -28.71 -90.37
N LYS N 168 -1.70 -28.78 -90.64
CA LYS N 168 -2.28 -30.00 -91.20
C LYS N 168 -1.81 -30.22 -92.63
N GLN N 169 -1.66 -29.14 -93.40
CA GLN N 169 -1.08 -29.28 -94.74
C GLN N 169 0.36 -29.78 -94.67
N ILE N 170 1.13 -29.27 -93.71
CA ILE N 170 2.50 -29.75 -93.53
C ILE N 170 2.51 -31.22 -93.15
N LEU N 171 1.60 -31.64 -92.29
CA LEU N 171 1.52 -33.04 -91.89
C LEU N 171 1.14 -33.93 -93.07
N ARG N 172 0.21 -33.47 -93.91
CA ARG N 172 -0.16 -34.23 -95.10
C ARG N 172 1.02 -34.37 -96.04
N LEU N 173 1.77 -33.27 -96.25
CA LEU N 173 2.95 -33.35 -97.10
C LEU N 173 4.00 -34.30 -96.52
N ARG N 174 4.15 -34.30 -95.19
CA ARG N 174 5.09 -35.21 -94.55
C ARG N 174 4.69 -36.66 -94.74
N LYS N 175 3.41 -36.97 -94.56
CA LYS N 175 2.94 -38.34 -94.79
C LYS N 175 3.10 -38.74 -96.25
N GLN N 176 2.84 -37.82 -97.17
CA GLN N 176 3.02 -38.10 -98.59
C GLN N 176 4.49 -38.39 -98.91
N ALA N 177 5.40 -37.61 -98.33
CA ALA N 177 6.82 -37.86 -98.55
C ALA N 177 7.24 -39.19 -97.96
N GLU N 178 6.73 -39.54 -96.77
CA GLU N 178 7.05 -40.83 -96.17
C GLU N 178 6.58 -41.97 -97.05
N LYS N 179 5.37 -41.86 -97.60
CA LYS N 179 4.87 -42.88 -98.52
C LYS N 179 5.62 -42.88 -99.84
N ASN N 180 6.19 -41.75 -100.24
CA ASN N 180 6.90 -41.67 -101.51
C ASN N 180 8.26 -42.35 -101.43
N VAL N 181 9.05 -42.03 -100.40
CA VAL N 181 10.39 -42.64 -100.26
C VAL N 181 10.20 -43.95 -99.49
N GLU N 182 9.84 -45.00 -100.25
CA GLU N 182 9.78 -46.33 -99.67
C GLU N 182 11.15 -47.01 -99.74
N LYS N 183 11.80 -46.94 -100.89
CA LYS N 183 13.16 -47.42 -101.02
C LYS N 183 14.12 -46.44 -100.36
N LYS N 184 15.37 -46.90 -100.19
CA LYS N 184 16.49 -46.18 -99.58
C LYS N 184 16.27 -45.91 -98.09
N ILE N 185 15.10 -46.24 -97.55
CA ILE N 185 14.79 -46.06 -96.13
C ILE N 185 14.15 -47.36 -95.67
N CYS N 186 14.97 -48.26 -95.12
CA CYS N 186 14.44 -49.50 -94.57
C CYS N 186 13.90 -49.28 -93.17
N LYS N 187 14.78 -48.89 -92.24
CA LYS N 187 14.41 -48.57 -90.87
C LYS N 187 13.63 -49.71 -90.22
N PHE N 188 14.11 -50.94 -90.45
CA PHE N 188 13.57 -52.08 -89.73
C PHE N 188 13.82 -51.97 -88.24
N THR N 189 14.85 -51.22 -87.83
CA THR N 189 15.10 -51.01 -86.41
C THR N 189 13.96 -50.24 -85.77
N GLU N 190 13.46 -49.21 -86.44
CA GLU N 190 12.34 -48.43 -85.94
C GLU N 190 11.10 -49.28 -85.69
N VAL N 191 10.82 -50.25 -86.56
CA VAL N 191 9.67 -51.13 -86.40
C VAL N 191 9.93 -52.22 -85.37
N LEU N 192 11.16 -52.74 -85.30
CA LEU N 192 11.47 -53.78 -84.34
C LEU N 192 11.47 -53.25 -82.91
N LYS N 193 11.90 -52.00 -82.72
CA LYS N 193 11.87 -51.37 -81.41
C LYS N 193 10.69 -50.43 -81.24
N THR N 194 9.79 -50.36 -82.22
CA THR N 194 8.51 -49.68 -82.12
C THR N 194 8.68 -48.20 -81.79
N ASN N 195 9.32 -47.49 -82.71
CA ASN N 195 9.45 -46.03 -82.66
C ASN N 195 10.10 -45.56 -81.35
N VAL O 1 43.04 17.68 -26.95
CA VAL O 1 42.51 16.69 -26.03
C VAL O 1 41.98 15.48 -26.81
N ARG O 2 41.11 14.71 -26.16
CA ARG O 2 40.58 13.50 -26.77
C ARG O 2 39.55 13.84 -27.85
N TYR O 3 39.65 13.15 -28.98
CA TYR O 3 38.75 13.34 -30.10
C TYR O 3 38.30 12.00 -30.63
N SER O 4 37.08 11.97 -31.14
CA SER O 4 36.53 10.79 -31.80
C SER O 4 36.82 10.84 -33.30
N LEU O 5 37.21 9.70 -33.86
CA LEU O 5 37.54 9.58 -35.28
C LEU O 5 38.66 10.55 -35.65
N ASP O 6 39.83 10.29 -35.08
CA ASP O 6 41.00 11.09 -35.36
C ASP O 6 41.36 10.99 -36.85
N PRO O 7 41.90 12.07 -37.42
CA PRO O 7 42.23 12.04 -38.85
C PRO O 7 43.44 11.17 -39.14
N GLU O 8 43.43 10.56 -40.34
CA GLU O 8 44.54 9.71 -40.74
C GLU O 8 45.76 10.52 -41.14
N ASN O 9 45.56 11.74 -41.65
CA ASN O 9 46.64 12.64 -42.03
C ASN O 9 46.66 13.83 -41.09
N PRO O 10 47.42 13.76 -39.98
CA PRO O 10 47.42 14.88 -39.03
C PRO O 10 48.10 16.13 -39.57
N THR O 11 48.87 16.03 -40.66
CA THR O 11 49.53 17.20 -41.20
C THR O 11 48.59 18.04 -42.06
N LYS O 12 47.52 17.45 -42.58
CA LYS O 12 46.56 18.14 -43.43
C LYS O 12 45.19 18.23 -42.76
N SER O 13 45.16 18.33 -41.43
CA SER O 13 43.90 18.40 -40.70
C SER O 13 44.02 19.41 -39.58
N CYS O 14 42.90 20.07 -39.28
CA CYS O 14 42.81 21.00 -38.17
C CYS O 14 41.52 20.77 -37.41
N LYS O 15 41.62 20.77 -36.08
CA LYS O 15 40.50 20.46 -35.22
C LYS O 15 40.00 21.71 -34.51
N SER O 16 38.71 21.70 -34.19
CA SER O 16 38.10 22.78 -33.43
C SER O 16 37.09 22.20 -32.46
N ARG O 17 36.91 22.89 -31.33
CA ARG O 17 36.09 22.37 -30.25
C ARG O 17 35.41 23.51 -29.51
N GLY O 18 34.21 23.26 -29.03
CA GLY O 18 33.53 24.17 -28.13
C GLY O 18 32.86 23.39 -27.03
N SER O 19 33.02 23.89 -25.80
CA SER O 19 32.58 23.15 -24.62
C SER O 19 31.68 24.04 -23.76
N ASN O 20 30.53 23.50 -23.34
CA ASN O 20 29.60 24.18 -22.46
C ASN O 20 29.15 25.52 -23.04
N LEU O 21 28.58 25.46 -24.24
CA LEU O 21 28.04 26.62 -24.92
C LEU O 21 26.53 26.51 -25.02
N ARG O 22 25.85 27.64 -24.81
CA ARG O 22 24.41 27.67 -24.54
C ARG O 22 23.62 27.76 -25.85
N VAL O 23 23.28 26.59 -26.40
CA VAL O 23 22.31 26.46 -27.48
C VAL O 23 21.48 25.22 -27.21
N HIS O 24 20.55 24.92 -28.12
CA HIS O 24 19.77 23.70 -28.02
C HIS O 24 20.53 22.55 -28.68
N PHE O 25 20.72 21.46 -27.92
CA PHE O 25 21.45 20.32 -28.43
C PHE O 25 20.78 19.72 -29.66
N LYS O 26 19.44 19.69 -29.68
CA LYS O 26 18.75 19.07 -30.81
C LYS O 26 18.94 19.89 -32.09
N ASN O 27 18.69 21.21 -32.01
CA ASN O 27 18.89 22.05 -33.18
C ASN O 27 20.34 22.06 -33.63
N THR O 28 21.28 22.02 -32.68
CA THR O 28 22.69 21.94 -33.04
C THR O 28 23.00 20.64 -33.76
N ARG O 29 22.41 19.53 -33.30
CA ARG O 29 22.62 18.25 -33.97
C ARG O 29 22.08 18.29 -35.38
N GLU O 30 20.88 18.86 -35.57
CA GLU O 30 20.32 18.93 -36.92
C GLU O 30 21.17 19.80 -37.84
N THR O 31 21.60 20.98 -37.38
CA THR O 31 22.39 21.82 -38.26
C THR O 31 23.77 21.22 -38.54
N ALA O 32 24.34 20.51 -37.56
CA ALA O 32 25.62 19.84 -37.81
C ALA O 32 25.47 18.69 -38.80
N GLN O 33 24.41 17.89 -38.66
CA GLN O 33 24.17 16.82 -39.62
C GLN O 33 23.90 17.36 -41.01
N ALA O 34 23.27 18.54 -41.10
CA ALA O 34 23.05 19.16 -42.40
C ALA O 34 24.32 19.74 -43.00
N ILE O 35 25.23 20.24 -42.15
CA ILE O 35 26.45 20.87 -42.65
C ILE O 35 27.59 19.90 -42.87
N LYS O 36 27.48 18.67 -42.34
CA LYS O 36 28.56 17.71 -42.50
C LYS O 36 28.76 17.34 -43.96
N GLY O 37 30.03 17.27 -44.38
CA GLY O 37 30.35 16.93 -45.75
C GLY O 37 30.16 18.09 -46.70
N MET O 38 30.85 19.20 -46.43
CA MET O 38 30.68 20.41 -47.23
C MET O 38 31.94 21.25 -47.09
N HIS O 39 32.27 21.98 -48.15
CA HIS O 39 33.44 22.86 -48.11
C HIS O 39 33.21 24.01 -47.15
N ILE O 40 34.30 24.68 -46.79
CA ILE O 40 34.22 25.76 -45.81
C ILE O 40 33.42 26.94 -46.37
N ARG O 41 33.68 27.30 -47.64
CA ARG O 41 32.97 28.42 -48.25
C ARG O 41 31.49 28.12 -48.38
N LYS O 42 31.14 26.92 -48.86
CA LYS O 42 29.74 26.54 -48.98
C LYS O 42 29.07 26.49 -47.62
N ALA O 43 29.78 26.02 -46.59
CA ALA O 43 29.21 25.95 -45.25
C ALA O 43 28.94 27.34 -44.69
N THR O 44 29.90 28.25 -44.87
CA THR O 44 29.69 29.63 -44.42
C THR O 44 28.52 30.28 -45.14
N LYS O 45 28.43 30.09 -46.46
CA LYS O 45 27.30 30.64 -47.21
C LYS O 45 25.98 30.06 -46.74
N TYR O 46 25.95 28.74 -46.52
CA TYR O 46 24.72 28.09 -46.08
C TYR O 46 24.29 28.57 -44.70
N LEU O 47 25.25 28.77 -43.79
CA LEU O 47 24.89 29.26 -42.46
C LEU O 47 24.43 30.71 -42.52
N LYS O 48 25.08 31.54 -43.33
CA LYS O 48 24.65 32.92 -43.47
C LYS O 48 23.27 33.00 -44.10
N ASP O 49 22.91 32.05 -44.96
CA ASP O 49 21.58 32.02 -45.54
C ASP O 49 20.54 31.48 -44.56
N VAL O 50 20.93 30.50 -43.74
CA VAL O 50 20.03 30.00 -42.70
C VAL O 50 19.71 31.10 -41.70
N THR O 51 20.70 31.94 -41.38
CA THR O 51 20.47 33.04 -40.44
C THR O 51 19.44 34.02 -40.98
N LEU O 52 19.39 34.23 -42.30
CA LEU O 52 18.43 35.13 -42.92
C LEU O 52 17.24 34.40 -43.52
N LYS O 53 17.10 33.10 -43.25
CA LYS O 53 15.95 32.30 -43.70
C LYS O 53 15.87 32.25 -45.22
N LYS O 54 16.95 31.79 -45.85
CA LYS O 54 16.98 31.57 -47.28
C LYS O 54 16.92 30.10 -47.67
N GLN O 55 17.20 29.20 -46.73
CA GLN O 55 17.12 27.77 -46.99
C GLN O 55 17.07 27.04 -45.66
N CYS O 56 16.12 26.11 -45.52
CA CYS O 56 15.87 25.46 -44.25
C CYS O 56 16.99 24.48 -43.90
N VAL O 57 17.07 24.19 -42.61
CA VAL O 57 17.82 23.04 -42.07
C VAL O 57 16.79 21.93 -41.83
N PRO O 58 16.96 20.75 -42.41
CA PRO O 58 15.94 19.70 -42.26
C PRO O 58 16.05 19.03 -40.90
N PHE O 59 14.92 18.97 -40.20
CA PHE O 59 14.84 18.28 -38.92
C PHE O 59 14.39 16.84 -39.17
N ARG O 60 15.31 15.89 -38.99
CA ARG O 60 15.05 14.50 -39.29
C ARG O 60 14.89 13.63 -38.05
N ARG O 61 15.84 13.71 -37.12
CA ARG O 61 15.79 12.89 -35.91
C ARG O 61 14.90 13.48 -34.84
N TYR O 62 15.12 14.74 -34.48
CA TYR O 62 14.32 15.46 -33.48
C TYR O 62 13.36 16.37 -34.24
N ASN O 63 12.22 15.82 -34.64
CA ASN O 63 11.27 16.55 -35.48
C ASN O 63 9.84 16.43 -34.97
N GLY O 64 9.67 16.29 -33.65
CA GLY O 64 8.34 16.21 -33.09
C GLY O 64 7.64 17.55 -33.09
N GLY O 65 6.54 17.64 -33.84
CA GLY O 65 5.79 18.89 -33.90
C GLY O 65 6.52 20.02 -34.58
N VAL O 66 7.47 19.72 -35.46
CA VAL O 66 8.23 20.73 -36.18
C VAL O 66 7.47 21.10 -37.45
N GLY O 67 7.18 22.39 -37.60
CA GLY O 67 6.44 22.83 -38.77
C GLY O 67 7.25 22.67 -40.04
N ARG O 68 6.56 22.23 -41.09
CA ARG O 68 7.21 22.00 -42.38
C ARG O 68 7.36 23.31 -43.15
N CYS O 69 8.48 23.43 -43.85
CA CYS O 69 8.78 24.59 -44.68
C CYS O 69 8.84 24.17 -46.14
N ALA O 70 8.86 25.18 -47.02
CA ALA O 70 8.92 24.92 -48.45
C ALA O 70 10.36 24.76 -48.94
N GLN O 71 11.34 25.31 -48.23
CA GLN O 71 12.73 25.26 -48.65
C GLN O 71 13.44 23.99 -48.24
N ALA O 72 12.73 23.02 -47.67
CA ALA O 72 13.32 21.75 -47.27
C ALA O 72 13.32 20.73 -48.41
N LYS O 73 12.75 21.07 -49.56
CA LYS O 73 12.72 20.13 -50.67
C LYS O 73 14.10 19.82 -51.22
N GLN O 74 15.08 20.72 -51.02
CA GLN O 74 16.44 20.45 -51.48
C GLN O 74 17.05 19.27 -50.74
N TRP O 75 16.70 19.08 -49.47
CA TRP O 75 17.21 17.99 -48.66
C TRP O 75 16.36 16.74 -48.76
N GLY O 76 15.39 16.70 -49.68
CA GLY O 76 14.52 15.56 -49.80
C GLY O 76 13.63 15.33 -48.60
N TRP O 77 13.52 16.32 -47.71
CA TRP O 77 12.72 16.21 -46.51
C TRP O 77 11.59 17.23 -46.55
N THR O 78 10.62 17.06 -45.66
CA THR O 78 9.48 17.96 -45.60
C THR O 78 9.56 18.95 -44.44
N GLN O 79 10.18 18.55 -43.33
CA GLN O 79 10.21 19.37 -42.13
C GLN O 79 11.54 20.10 -42.01
N GLY O 80 11.49 21.44 -42.04
CA GLY O 80 12.69 22.24 -41.91
C GLY O 80 12.48 23.38 -40.94
N ARG O 81 13.59 23.99 -40.55
CA ARG O 81 13.55 25.13 -39.64
C ARG O 81 14.73 26.05 -39.95
N TRP O 82 14.93 27.07 -39.11
CA TRP O 82 16.00 28.04 -39.28
C TRP O 82 16.59 28.36 -37.91
N PRO O 83 17.40 27.46 -37.34
CA PRO O 83 17.96 27.73 -36.00
C PRO O 83 19.10 28.74 -36.08
N LYS O 84 18.79 29.97 -35.69
CA LYS O 84 19.73 31.09 -35.81
C LYS O 84 20.85 31.03 -34.79
N LYS O 85 20.55 30.65 -33.55
CA LYS O 85 21.59 30.58 -32.53
C LYS O 85 22.61 29.50 -32.87
N SER O 86 22.14 28.31 -33.26
CA SER O 86 23.07 27.27 -33.68
C SER O 86 23.80 27.66 -34.95
N ALA O 87 23.14 28.37 -35.86
CA ALA O 87 23.81 28.82 -37.07
C ALA O 87 24.98 29.73 -36.73
N GLU O 88 24.75 30.73 -35.87
CA GLU O 88 25.83 31.66 -35.52
C GLU O 88 26.91 30.99 -34.68
N PHE O 89 26.54 30.01 -33.84
CA PHE O 89 27.56 29.32 -33.06
C PHE O 89 28.45 28.47 -33.96
N LEU O 90 27.85 27.76 -34.92
CA LEU O 90 28.66 27.00 -35.86
C LEU O 90 29.49 27.91 -36.76
N LEU O 91 29.00 29.10 -37.07
CA LEU O 91 29.81 30.06 -37.82
C LEU O 91 31.01 30.50 -37.00
N HIS O 92 30.80 30.80 -35.72
CA HIS O 92 31.92 31.16 -34.85
C HIS O 92 32.91 30.01 -34.71
N MET O 93 32.43 28.76 -34.72
CA MET O 93 33.33 27.63 -34.66
C MET O 93 34.12 27.45 -35.95
N LEU O 94 33.46 27.65 -37.10
CA LEU O 94 34.15 27.57 -38.38
C LEU O 94 35.18 28.67 -38.53
N LYS O 95 34.96 29.83 -37.92
CA LYS O 95 35.96 30.88 -37.92
C LYS O 95 37.24 30.42 -37.20
N ASN O 96 37.09 29.80 -36.03
CA ASN O 96 38.24 29.27 -35.32
C ASN O 96 38.90 28.14 -36.10
N ALA O 97 38.11 27.35 -36.81
CA ALA O 97 38.68 26.30 -37.66
C ALA O 97 39.53 26.89 -38.76
N GLU O 98 39.03 27.94 -39.43
CA GLU O 98 39.82 28.62 -40.45
C GLU O 98 41.09 29.22 -39.85
N SER O 99 40.99 29.77 -38.65
CA SER O 99 42.17 30.35 -38.00
C SER O 99 43.22 29.29 -37.71
N ASN O 100 42.79 28.13 -37.18
CA ASN O 100 43.73 27.05 -36.92
C ASN O 100 44.34 26.51 -38.21
N ALA O 101 43.55 26.44 -39.28
CA ALA O 101 44.11 26.01 -40.55
C ALA O 101 45.15 26.99 -41.06
N GLU O 102 44.88 28.29 -40.93
CA GLU O 102 45.85 29.30 -41.35
C GLU O 102 47.11 29.22 -40.51
N LEU O 103 46.97 28.93 -39.21
CA LEU O 103 48.14 28.78 -38.36
C LEU O 103 48.96 27.55 -38.73
N LYS O 104 48.29 26.45 -39.08
CA LYS O 104 48.98 25.23 -39.49
C LYS O 104 49.53 25.32 -40.91
N GLY O 105 49.09 26.28 -41.71
CA GLY O 105 49.57 26.42 -43.06
C GLY O 105 48.81 25.63 -44.10
N LEU O 106 47.50 25.51 -43.96
CA LEU O 106 46.67 24.73 -44.86
C LEU O 106 45.93 25.65 -45.84
N ASP O 107 45.35 25.03 -46.86
CA ASP O 107 44.58 25.74 -47.87
C ASP O 107 43.12 25.79 -47.43
N VAL O 108 42.59 27.00 -47.24
CA VAL O 108 41.22 27.14 -46.74
C VAL O 108 40.21 26.78 -47.81
N ASP O 109 40.51 27.06 -49.08
CA ASP O 109 39.54 26.82 -50.14
C ASP O 109 39.26 25.34 -50.35
N SER O 110 40.25 24.48 -50.10
CA SER O 110 40.09 23.05 -50.32
C SER O 110 39.69 22.29 -49.06
N LEU O 111 39.33 23.00 -47.99
CA LEU O 111 38.94 22.33 -46.74
C LEU O 111 37.50 21.87 -46.82
N VAL O 112 37.25 20.66 -46.31
CA VAL O 112 35.90 20.10 -46.22
C VAL O 112 35.68 19.61 -44.80
N ILE O 113 34.42 19.65 -44.38
CA ILE O 113 34.03 19.22 -43.03
C ILE O 113 33.79 17.71 -43.12
N GLU O 114 34.84 16.94 -42.87
CA GLU O 114 34.71 15.49 -42.97
C GLU O 114 34.07 14.88 -41.72
N HIS O 115 34.16 15.57 -40.58
CA HIS O 115 33.65 15.04 -39.33
C HIS O 115 33.23 16.19 -38.42
N ILE O 116 32.03 16.07 -37.86
CA ILE O 116 31.52 17.02 -36.89
C ILE O 116 30.59 16.27 -35.95
N GLN O 117 30.85 16.37 -34.66
CA GLN O 117 30.11 15.62 -33.66
C GLN O 117 29.69 16.55 -32.53
N VAL O 118 28.43 16.45 -32.13
CA VAL O 118 27.87 17.24 -31.04
C VAL O 118 27.20 16.30 -30.06
N ASN O 119 27.42 16.54 -28.76
CA ASN O 119 26.84 15.71 -27.71
C ASN O 119 26.38 16.60 -26.57
N LYS O 120 25.59 16.03 -25.66
CA LYS O 120 25.00 16.80 -24.58
C LYS O 120 26.05 17.27 -23.59
N ALA O 121 25.65 18.21 -22.73
CA ALA O 121 26.50 18.78 -21.70
C ALA O 121 25.75 18.77 -20.39
N PRO O 122 26.43 19.04 -19.27
CA PRO O 122 25.72 19.13 -17.98
C PRO O 122 24.64 20.20 -18.03
N LYS O 123 23.47 19.85 -17.52
CA LYS O 123 22.27 20.69 -17.65
C LYS O 123 22.18 21.65 -16.46
N MET O 124 22.04 22.94 -16.76
CA MET O 124 21.79 23.92 -15.72
C MET O 124 20.30 23.95 -15.38
N ARG O 125 20.01 24.29 -14.12
CA ARG O 125 18.67 24.13 -13.56
C ARG O 125 18.11 25.45 -13.08
N ARG O 126 16.81 25.64 -13.29
CA ARG O 126 16.00 26.67 -12.66
C ARG O 126 14.69 26.03 -12.20
N ARG O 127 13.83 26.82 -11.57
CA ARG O 127 12.59 26.30 -11.04
C ARG O 127 11.40 27.00 -11.67
N THR O 128 10.30 26.25 -11.82
CA THR O 128 9.06 26.74 -12.39
C THR O 128 7.93 26.57 -11.39
N TYR O 129 7.18 27.65 -11.20
CA TYR O 129 6.08 27.69 -10.24
C TYR O 129 4.80 27.29 -10.96
N ARG O 130 4.29 26.11 -10.64
CA ARG O 130 3.11 25.55 -11.28
C ARG O 130 1.88 25.75 -10.39
N ALA O 131 0.76 25.16 -10.79
CA ALA O 131 -0.47 25.28 -10.04
C ALA O 131 -0.36 24.56 -8.69
N HIS O 132 -1.19 24.99 -7.75
CA HIS O 132 -1.26 24.41 -6.41
C HIS O 132 0.07 24.46 -5.68
N GLY O 133 0.89 25.46 -6.00
CA GLY O 133 2.16 25.66 -5.33
C GLY O 133 3.15 24.53 -5.53
N ARG O 134 3.35 24.13 -6.78
CA ARG O 134 4.29 23.07 -7.12
C ARG O 134 5.45 23.65 -7.92
N ILE O 135 6.64 23.08 -7.70
CA ILE O 135 7.86 23.51 -8.36
C ILE O 135 8.34 22.39 -9.27
N ASN O 136 8.57 22.72 -10.53
CA ASN O 136 9.05 21.78 -11.53
C ASN O 136 10.41 22.22 -12.06
N PRO O 137 11.21 21.30 -12.59
CA PRO O 137 12.52 21.69 -13.13
C PRO O 137 12.38 22.47 -14.43
N TYR O 138 13.34 23.37 -14.66
CA TYR O 138 13.44 24.19 -15.87
C TYR O 138 14.90 24.12 -16.29
N MET O 139 15.23 23.11 -17.09
CA MET O 139 16.63 22.76 -17.34
C MET O 139 17.04 23.12 -18.76
N SER O 140 18.25 23.66 -18.88
CA SER O 140 18.86 23.94 -20.17
C SER O 140 19.59 22.69 -20.69
N SER O 141 19.81 22.65 -22.00
CA SER O 141 20.48 21.54 -22.66
C SER O 141 21.63 22.06 -23.50
N PRO O 142 22.74 22.43 -22.88
CA PRO O 142 23.91 22.86 -23.65
C PRO O 142 24.63 21.67 -24.28
N CYS O 143 25.56 21.93 -25.19
CA CYS O 143 26.19 20.84 -25.92
C CYS O 143 27.66 21.14 -26.15
N HIS O 144 28.45 20.06 -26.21
CA HIS O 144 29.83 20.10 -26.65
C HIS O 144 29.89 19.76 -28.13
N ILE O 145 30.64 20.55 -28.88
CA ILE O 145 30.77 20.38 -30.33
C ILE O 145 32.24 20.20 -30.68
N GLU O 146 32.51 19.40 -31.70
CA GLU O 146 33.87 19.23 -32.21
C GLU O 146 33.80 19.00 -33.70
N MET O 147 34.85 19.45 -34.41
CA MET O 147 34.88 19.33 -35.85
C MET O 147 36.31 19.18 -36.34
N ILE O 148 36.45 18.45 -37.45
CA ILE O 148 37.74 18.20 -38.08
C ILE O 148 37.64 18.68 -39.52
N LEU O 149 38.65 19.45 -39.96
CA LEU O 149 38.70 19.97 -41.32
C LEU O 149 39.95 19.43 -42.01
N THR O 150 39.76 18.90 -43.21
CA THR O 150 40.84 18.31 -43.99
C THR O 150 40.77 18.81 -45.43
N GLU O 151 41.94 18.93 -46.06
CA GLU O 151 41.99 19.33 -47.46
C GLU O 151 41.55 18.19 -48.36
N LYS O 152 40.66 18.49 -49.31
CA LYS O 152 40.20 17.47 -50.24
C LYS O 152 41.17 17.26 -51.39
N GLU O 153 41.91 18.29 -51.79
CA GLU O 153 42.84 18.19 -52.90
C GLU O 153 43.93 19.25 -52.77
N ASP P 1 3.11 -47.05 -13.06
CA ASP P 1 4.23 -47.90 -12.68
C ASP P 1 4.25 -48.14 -11.17
N ILE P 2 5.36 -47.77 -10.53
CA ILE P 2 5.55 -47.99 -9.09
C ILE P 2 6.02 -46.69 -8.46
N ARG P 3 5.47 -46.38 -7.28
CA ARG P 3 5.87 -45.19 -6.55
C ARG P 3 7.30 -45.32 -6.04
N HIS P 4 7.97 -44.18 -5.88
CA HIS P 4 9.37 -44.14 -5.49
C HIS P 4 9.54 -43.48 -4.12
N ASN P 5 8.60 -43.73 -3.21
CA ASN P 5 8.68 -43.15 -1.88
C ASN P 5 9.49 -44.00 -0.92
N LYS P 6 9.57 -45.31 -1.14
CA LYS P 6 10.29 -46.22 -0.24
C LYS P 6 11.42 -46.95 -0.94
N ASP P 7 11.86 -46.46 -2.10
CA ASP P 7 12.92 -47.13 -2.84
C ASP P 7 14.31 -46.89 -2.25
N ARG P 8 14.50 -45.81 -1.51
CA ARG P 8 15.79 -45.47 -0.93
C ARG P 8 15.86 -45.98 0.51
N LYS P 9 16.81 -46.85 0.79
CA LYS P 9 16.99 -47.39 2.13
C LYS P 9 17.56 -46.30 3.03
N VAL P 10 16.84 -45.98 4.10
CA VAL P 10 17.22 -44.88 4.99
C VAL P 10 18.37 -45.24 5.92
N ARG P 11 18.76 -46.50 6.00
CA ARG P 11 19.86 -46.91 6.86
C ARG P 11 21.16 -46.22 6.44
N ARG P 12 22.05 -46.04 7.41
CA ARG P 12 23.33 -45.39 7.15
C ARG P 12 24.41 -46.43 6.84
N LYS P 13 25.32 -46.04 5.96
CA LYS P 13 26.41 -46.91 5.53
C LYS P 13 27.79 -46.32 5.80
N GLU P 14 27.87 -45.25 6.59
CA GLU P 14 29.13 -44.59 6.86
C GLU P 14 29.02 -43.89 8.21
N PRO P 15 30.00 -44.01 9.08
CA PRO P 15 29.90 -43.40 10.42
C PRO P 15 30.00 -41.88 10.32
N LYS P 16 29.04 -41.20 10.93
CA LYS P 16 29.03 -39.74 10.91
C LYS P 16 30.14 -39.14 11.77
N SER P 17 30.68 -39.91 12.72
CA SER P 17 31.76 -39.41 13.55
C SER P 17 33.06 -39.30 12.74
N GLN P 18 33.91 -38.37 13.16
CA GLN P 18 35.20 -38.14 12.53
C GLN P 18 36.35 -38.69 13.35
N ASP P 19 36.08 -39.59 14.28
CA ASP P 19 37.14 -40.19 15.09
C ASP P 19 38.02 -41.06 14.22
N ILE P 20 39.33 -40.81 14.28
CA ILE P 20 40.27 -41.52 13.41
C ILE P 20 40.33 -43.01 13.79
N TYR P 21 40.35 -43.30 15.10
CA TYR P 21 40.39 -44.69 15.53
C TYR P 21 39.11 -45.43 15.13
N LEU P 22 37.97 -44.76 15.23
CA LEU P 22 36.72 -45.38 14.78
C LEU P 22 36.73 -45.59 13.27
N ARG P 23 37.30 -44.64 12.52
CA ARG P 23 37.40 -44.81 11.08
C ARG P 23 38.28 -46.01 10.73
N LEU P 24 39.38 -46.19 11.44
CA LEU P 24 40.26 -47.33 11.18
C LEU P 24 39.57 -48.64 11.55
N LEU P 25 38.83 -48.64 12.68
CA LEU P 25 38.07 -49.83 13.05
C LEU P 25 37.04 -50.18 11.99
N VAL P 26 36.37 -49.16 11.43
CA VAL P 26 35.40 -49.41 10.37
C VAL P 26 36.11 -49.96 9.13
N LYS P 27 37.24 -49.38 8.77
CA LYS P 27 37.97 -49.85 7.59
C LYS P 27 38.44 -51.29 7.75
N LEU P 28 38.74 -51.70 8.97
CA LEU P 28 39.18 -53.07 9.22
C LEU P 28 37.99 -54.04 9.24
N TYR P 29 36.95 -53.71 10.01
CA TYR P 29 35.81 -54.61 10.13
C TYR P 29 34.99 -54.69 8.84
N ARG P 30 35.05 -53.67 7.98
CA ARG P 30 34.39 -53.77 6.69
C ARG P 30 35.06 -54.83 5.83
N PHE P 31 36.39 -54.80 5.78
CA PHE P 31 37.13 -55.83 5.05
C PHE P 31 36.86 -57.21 5.63
N LEU P 32 36.81 -57.31 6.97
CA LEU P 32 36.52 -58.60 7.58
C LEU P 32 35.13 -59.11 7.21
N ALA P 33 34.10 -58.29 7.42
CA ALA P 33 32.74 -58.71 7.11
C ALA P 33 32.52 -58.93 5.62
N ARG P 34 33.36 -58.34 4.78
CA ARG P 34 33.24 -58.55 3.34
C ARG P 34 33.93 -59.85 2.91
N ARG P 35 35.05 -60.20 3.55
CA ARG P 35 35.82 -61.37 3.11
C ARG P 35 35.44 -62.63 3.88
N THR P 36 35.56 -62.61 5.20
CA THR P 36 35.39 -63.81 6.01
C THR P 36 33.99 -64.40 5.93
N ASN P 37 33.01 -63.66 5.39
CA ASN P 37 31.63 -64.12 5.26
C ASN P 37 31.06 -64.51 6.63
N SER P 38 31.36 -63.72 7.66
CA SER P 38 30.89 -63.99 9.00
C SER P 38 29.76 -63.03 9.34
N THR P 39 28.62 -63.59 9.74
CA THR P 39 27.50 -62.77 10.16
C THR P 39 27.83 -61.98 11.43
N PHE P 40 28.68 -62.53 12.30
CA PHE P 40 29.13 -61.77 13.45
C PHE P 40 29.94 -60.55 13.02
N ASN P 41 30.81 -60.72 12.03
CA ASN P 41 31.55 -59.58 11.50
C ASN P 41 30.60 -58.57 10.87
N GLN P 42 29.58 -59.05 10.15
CA GLN P 42 28.60 -58.14 9.57
C GLN P 42 27.90 -57.32 10.64
N VAL P 43 27.47 -57.96 11.72
CA VAL P 43 26.69 -57.25 12.74
C VAL P 43 27.59 -56.32 13.56
N VAL P 44 28.85 -56.70 13.78
CA VAL P 44 29.74 -55.82 14.52
C VAL P 44 30.20 -54.66 13.65
N LEU P 45 30.18 -54.82 12.32
CA LEU P 45 30.42 -53.68 11.45
C LEU P 45 29.21 -52.76 11.42
N LYS P 46 28.01 -53.32 11.40
CA LYS P 46 26.80 -52.50 11.43
C LYS P 46 26.68 -51.72 12.73
N ARG P 47 27.07 -52.33 13.85
CA ARG P 47 26.96 -51.66 15.14
C ARG P 47 27.99 -50.54 15.32
N LEU P 48 29.02 -50.47 14.47
CA LEU P 48 29.98 -49.39 14.56
C LEU P 48 29.49 -48.11 13.91
N PHE P 49 28.59 -48.22 12.92
CA PHE P 49 28.00 -47.02 12.32
C PHE P 49 27.00 -46.34 13.25
N MET P 50 26.46 -47.06 14.23
CA MET P 50 25.39 -46.53 15.06
C MET P 50 25.86 -45.30 15.84
N SER P 51 24.89 -44.49 16.25
CA SER P 51 25.16 -43.23 16.92
C SER P 51 25.34 -43.46 18.42
N ARG P 52 25.36 -42.36 19.18
CA ARG P 52 25.53 -42.47 20.62
C ARG P 52 24.30 -43.08 21.30
N THR P 53 23.11 -42.81 20.77
CA THR P 53 21.90 -43.35 21.35
C THR P 53 21.77 -44.85 21.06
N ASN P 54 22.04 -45.26 19.82
CA ASN P 54 21.91 -46.66 19.45
C ASN P 54 23.00 -47.54 20.04
N ARG P 55 24.00 -46.96 20.71
CA ARG P 55 25.05 -47.71 21.39
C ARG P 55 24.96 -47.40 22.88
N PRO P 56 24.04 -48.05 23.60
CA PRO P 56 23.85 -47.73 25.01
C PRO P 56 24.98 -48.30 25.85
N PRO P 57 25.34 -47.64 26.94
CA PRO P 57 26.41 -48.16 27.80
C PRO P 57 25.96 -49.34 28.64
N LEU P 58 26.55 -50.51 28.38
CA LEU P 58 26.22 -51.70 29.14
C LEU P 58 26.91 -51.67 30.50
N SER P 59 26.14 -51.90 31.56
CA SER P 59 26.70 -51.90 32.91
C SER P 59 27.53 -53.16 33.13
N LEU P 60 28.11 -53.26 34.32
CA LEU P 60 28.96 -54.39 34.66
C LEU P 60 28.16 -55.56 35.22
N SER P 61 27.16 -55.27 36.08
CA SER P 61 26.37 -56.35 36.67
C SER P 61 25.51 -57.04 35.62
N ARG P 62 25.01 -56.29 34.63
CA ARG P 62 24.27 -56.91 33.55
C ARG P 62 25.14 -57.88 32.76
N MET P 63 26.38 -57.49 32.46
CA MET P 63 27.30 -58.39 31.79
C MET P 63 27.66 -59.59 32.66
N ILE P 64 27.79 -59.38 33.98
CA ILE P 64 28.00 -60.50 34.90
C ILE P 64 26.87 -61.51 34.77
N ARG P 65 25.63 -61.02 34.81
CA ARG P 65 24.48 -61.91 34.71
C ARG P 65 24.44 -62.61 33.36
N LYS P 66 24.77 -61.89 32.29
CA LYS P 66 24.74 -62.50 30.96
C LYS P 66 25.82 -63.55 30.79
N MET P 67 26.98 -63.37 31.42
CA MET P 67 28.05 -64.35 31.35
C MET P 67 27.84 -65.52 32.30
N LYS P 68 27.07 -65.32 33.38
CA LYS P 68 26.81 -66.40 34.32
C LYS P 68 25.91 -67.49 33.74
N LEU P 69 25.25 -67.21 32.62
CA LEU P 69 24.36 -68.19 32.01
C LEU P 69 25.16 -69.42 31.58
N PRO P 70 24.51 -70.59 31.52
CA PRO P 70 25.22 -71.80 31.11
C PRO P 70 25.72 -71.70 29.67
N GLY P 71 26.91 -72.21 29.43
CA GLY P 71 27.53 -72.17 28.12
C GLY P 71 28.39 -70.96 27.84
N ARG P 72 28.62 -70.10 28.83
CA ARG P 72 29.44 -68.91 28.68
C ARG P 72 30.66 -68.98 29.59
N GLU P 73 31.29 -70.15 29.64
CA GLU P 73 32.43 -70.34 30.54
C GLU P 73 33.67 -69.63 30.02
N ASN P 74 34.12 -69.99 28.81
CA ASN P 74 35.32 -69.42 28.23
C ASN P 74 35.02 -68.48 27.08
N LYS P 75 33.75 -68.29 26.73
CA LYS P 75 33.40 -67.40 25.63
C LYS P 75 33.74 -65.96 25.97
N THR P 76 34.14 -65.21 24.95
CA THR P 76 34.53 -63.82 25.10
C THR P 76 33.32 -62.91 24.91
N ALA P 77 33.08 -62.04 25.88
CA ALA P 77 31.98 -61.09 25.80
C ALA P 77 32.41 -59.89 24.96
N VAL P 78 31.59 -59.51 23.98
CA VAL P 78 31.89 -58.42 23.08
C VAL P 78 30.77 -57.39 23.17
N VAL P 79 31.14 -56.15 23.49
CA VAL P 79 30.19 -55.06 23.63
C VAL P 79 30.64 -53.92 22.72
N VAL P 80 29.86 -53.64 21.68
CA VAL P 80 30.15 -52.53 20.77
C VAL P 80 29.67 -51.26 21.47
N GLY P 81 30.57 -50.60 22.17
CA GLY P 81 30.26 -49.42 22.94
C GLY P 81 30.94 -49.47 24.29
N THR P 82 30.60 -48.50 25.13
CA THR P 82 31.23 -48.36 26.43
C THR P 82 30.61 -49.30 27.46
N VAL P 83 31.46 -49.98 28.23
CA VAL P 83 31.04 -50.74 29.38
C VAL P 83 31.44 -49.96 30.64
N THR P 84 30.49 -49.79 31.55
CA THR P 84 30.68 -48.95 32.72
C THR P 84 30.73 -49.80 33.98
N ASP P 85 31.38 -49.26 35.02
CA ASP P 85 31.49 -49.95 36.29
C ASP P 85 30.15 -49.90 37.02
N ASP P 86 29.89 -50.93 37.83
CA ASP P 86 28.69 -51.02 38.65
C ASP P 86 29.11 -51.14 40.10
N VAL P 87 28.62 -50.21 40.94
CA VAL P 87 28.99 -50.18 42.34
C VAL P 87 28.02 -50.98 43.21
N ARG P 88 27.01 -51.59 42.62
CA ARG P 88 26.06 -52.39 43.37
C ARG P 88 26.55 -53.81 43.64
N ILE P 89 27.47 -54.31 42.82
CA ILE P 89 28.06 -55.63 43.02
C ILE P 89 29.42 -55.46 43.69
N LEU P 90 29.84 -56.48 44.42
CA LEU P 90 31.10 -56.44 45.16
C LEU P 90 32.16 -57.38 44.62
N GLU P 91 31.78 -58.59 44.21
CA GLU P 91 32.71 -59.57 43.67
C GLU P 91 32.41 -59.83 42.20
N VAL P 92 33.45 -60.02 41.41
CA VAL P 92 33.31 -60.25 39.97
C VAL P 92 34.12 -61.47 39.56
N PRO P 93 33.64 -62.26 38.60
CA PRO P 93 34.43 -63.40 38.10
C PRO P 93 35.58 -62.98 37.22
N LYS P 94 36.24 -63.96 36.58
CA LYS P 94 37.36 -63.67 35.70
C LYS P 94 37.01 -62.60 34.68
N LEU P 95 35.94 -62.81 33.91
CA LEU P 95 35.37 -61.81 33.02
C LEU P 95 36.38 -61.34 31.96
N LYS P 96 36.75 -62.28 31.10
CA LYS P 96 37.54 -61.95 29.91
C LYS P 96 36.62 -61.29 28.90
N VAL P 97 36.76 -59.97 28.73
CA VAL P 97 35.82 -59.20 27.92
C VAL P 97 36.59 -58.32 26.95
N CYS P 98 35.97 -58.05 25.79
CA CYS P 98 36.47 -57.10 24.82
C CYS P 98 35.38 -56.06 24.57
N ALA P 99 35.71 -54.79 24.74
CA ALA P 99 34.75 -53.71 24.57
C ALA P 99 35.46 -52.50 24.00
N LEU P 100 34.70 -51.41 23.87
CA LEU P 100 35.20 -50.15 23.32
C LEU P 100 35.13 -49.08 24.40
N ARG P 101 36.28 -48.49 24.71
CA ARG P 101 36.36 -47.39 25.68
C ARG P 101 35.83 -47.81 27.05
N VAL P 102 36.53 -48.76 27.66
CA VAL P 102 36.17 -49.22 28.99
C VAL P 102 36.45 -48.13 30.01
N SER P 103 35.53 -47.93 30.95
CA SER P 103 35.69 -46.90 31.96
C SER P 103 36.83 -47.25 32.92
N SER P 104 37.46 -46.21 33.45
CA SER P 104 38.63 -46.41 34.30
C SER P 104 38.26 -47.10 35.61
N ARG P 105 37.08 -46.80 36.15
CA ARG P 105 36.66 -47.45 37.39
C ARG P 105 36.46 -48.95 37.19
N ALA P 106 35.98 -49.36 36.01
CA ALA P 106 35.83 -50.78 35.72
C ALA P 106 37.15 -51.42 35.30
N ARG P 107 38.10 -50.63 34.80
CA ARG P 107 39.40 -51.18 34.42
C ARG P 107 40.05 -51.92 35.58
N SER P 108 40.20 -51.25 36.72
CA SER P 108 40.82 -51.87 37.88
C SER P 108 39.97 -53.00 38.44
N ARG P 109 38.64 -52.83 38.45
CA ARG P 109 37.76 -53.86 38.99
C ARG P 109 37.82 -55.14 38.17
N ILE P 110 38.11 -55.04 36.87
CA ILE P 110 38.26 -56.23 36.05
C ILE P 110 39.67 -56.78 36.13
N LEU P 111 40.69 -55.91 36.17
CA LEU P 111 42.06 -56.37 36.20
C LEU P 111 42.45 -56.98 37.54
N LYS P 112 41.76 -56.63 38.62
CA LYS P 112 42.08 -57.22 39.91
C LYS P 112 41.50 -58.62 40.05
N ALA P 113 40.45 -58.95 39.30
CA ALA P 113 39.87 -60.28 39.35
C ALA P 113 40.75 -61.32 38.66
N GLY P 114 41.66 -60.89 37.78
CA GLY P 114 42.53 -61.79 37.07
C GLY P 114 42.25 -61.90 35.58
N GLY P 115 41.07 -61.46 35.14
CA GLY P 115 40.76 -61.53 33.72
C GLY P 115 41.42 -60.40 32.94
N LYS P 116 41.78 -60.72 31.69
CA LYS P 116 42.43 -59.79 30.79
C LYS P 116 41.42 -59.27 29.78
N ILE P 117 41.51 -57.99 29.45
CA ILE P 117 40.66 -57.38 28.44
C ILE P 117 41.50 -57.04 27.23
N LEU P 118 40.81 -56.81 26.11
CA LEU P 118 41.47 -56.50 24.85
C LEU P 118 40.53 -55.66 23.99
N THR P 119 41.12 -54.96 23.02
CA THR P 119 40.36 -54.04 22.18
C THR P 119 39.89 -54.75 20.92
N PHE P 120 39.30 -53.96 20.01
CA PHE P 120 38.70 -54.54 18.81
C PHE P 120 39.76 -55.03 17.83
N ASP P 121 40.88 -54.31 17.71
CA ASP P 121 41.95 -54.79 16.84
C ASP P 121 42.55 -56.09 17.37
N GLN P 122 42.73 -56.21 18.68
CA GLN P 122 43.20 -57.45 19.27
C GLN P 122 42.18 -58.56 19.10
N LEU P 123 40.89 -58.25 19.18
CA LEU P 123 39.87 -59.26 18.93
C LEU P 123 39.93 -59.75 17.49
N ALA P 124 40.11 -58.84 16.54
CA ALA P 124 40.21 -59.24 15.14
C ALA P 124 41.45 -60.07 14.90
N LEU P 125 42.56 -59.73 15.56
CA LEU P 125 43.77 -60.51 15.43
C LEU P 125 43.63 -61.89 16.06
N GLU P 126 42.85 -62.00 17.13
CA GLU P 126 42.70 -63.28 17.82
C GLU P 126 41.72 -64.19 17.07
N SER P 127 40.46 -63.76 16.94
CA SER P 127 39.41 -64.54 16.30
C SER P 127 38.79 -63.69 15.19
N PRO P 128 39.23 -63.87 13.95
CA PRO P 128 38.66 -63.06 12.85
C PRO P 128 37.20 -63.37 12.60
N LYS P 129 36.84 -64.65 12.48
CA LYS P 129 35.46 -65.03 12.21
C LYS P 129 34.56 -64.88 13.43
N GLY P 130 35.10 -64.54 14.59
CA GLY P 130 34.29 -64.38 15.79
C GLY P 130 33.80 -65.69 16.34
N ARG P 131 34.71 -66.59 16.69
CA ARG P 131 34.37 -67.88 17.26
C ARG P 131 34.51 -67.83 18.78
N GLY P 132 33.57 -68.49 19.46
CA GLY P 132 33.57 -68.50 20.91
C GLY P 132 33.31 -67.13 21.50
N THR P 133 32.32 -66.42 20.95
CA THR P 133 32.01 -65.07 21.37
C THR P 133 30.54 -64.95 21.74
N VAL P 134 30.24 -63.94 22.55
CA VAL P 134 28.88 -63.60 22.95
C VAL P 134 28.73 -62.10 22.79
N LEU P 135 27.89 -61.68 21.84
CA LEU P 135 27.69 -60.27 21.56
C LEU P 135 26.59 -59.74 22.48
N LEU P 136 26.95 -58.80 23.35
CA LEU P 136 26.02 -58.20 24.29
C LEU P 136 25.84 -56.73 23.97
N SER P 137 24.68 -56.19 24.36
CA SER P 137 24.37 -54.79 24.17
C SER P 137 23.57 -54.29 25.37
N GLY P 138 23.77 -53.02 25.72
CA GLY P 138 23.09 -52.44 26.84
C GLY P 138 21.63 -52.19 26.54
N PRO P 139 20.90 -51.67 27.54
CA PRO P 139 19.48 -51.38 27.34
C PRO P 139 19.26 -50.19 26.43
N ARG P 140 18.78 -50.45 25.20
CA ARG P 140 18.57 -49.38 24.25
C ARG P 140 17.35 -48.54 24.65
N LYS P 141 16.31 -49.17 25.17
CA LYS P 141 15.11 -48.47 25.61
C LYS P 141 15.19 -48.01 27.05
N GLY P 142 16.30 -48.30 27.75
CA GLY P 142 16.47 -47.83 29.11
C GLY P 142 16.70 -46.34 29.24
N ARG P 143 16.86 -45.64 28.12
CA ARG P 143 17.04 -44.19 28.16
C ARG P 143 15.78 -43.50 28.65
N GLU P 144 15.96 -42.34 29.29
CA GLU P 144 14.83 -41.62 29.86
C GLU P 144 13.94 -41.02 28.78
N VAL P 145 14.50 -40.79 27.59
CA VAL P 145 13.72 -40.18 26.51
C VAL P 145 12.57 -41.08 26.09
N TYR P 146 12.76 -42.40 26.20
CA TYR P 146 11.72 -43.35 25.80
C TYR P 146 10.58 -43.44 26.80
N ARG P 147 10.71 -42.79 27.97
CA ARG P 147 9.64 -42.78 28.95
C ARG P 147 8.60 -41.71 28.68
N HIS P 148 8.95 -40.67 27.93
CA HIS P 148 8.00 -39.64 27.53
C HIS P 148 7.25 -39.99 26.26
N PHE P 149 7.52 -41.15 25.66
CA PHE P 149 6.91 -41.55 24.40
C PHE P 149 5.72 -42.46 24.64
N GLY P 150 4.88 -42.58 23.61
CA GLY P 150 3.69 -43.38 23.67
C GLY P 150 2.67 -42.88 22.66
N LYS P 151 1.39 -43.03 23.01
CA LYS P 151 0.33 -42.49 22.17
C LYS P 151 0.00 -41.06 22.55
N ALA P 152 -0.41 -40.83 23.81
CA ALA P 152 -0.73 -39.51 24.31
C ALA P 152 -0.91 -39.57 25.83
N PRO P 153 -0.50 -38.55 26.57
CA PRO P 153 -0.74 -38.54 28.02
C PRO P 153 -2.19 -38.23 28.41
N GLY P 154 -3.12 -38.22 27.45
CA GLY P 154 -4.51 -37.93 27.73
C GLY P 154 -5.41 -39.14 27.69
N THR P 155 -5.00 -40.17 26.95
CA THR P 155 -5.79 -41.39 26.88
C THR P 155 -5.82 -42.06 28.25
N PRO P 156 -6.92 -42.76 28.58
CA PRO P 156 -7.06 -43.34 29.94
C PRO P 156 -6.06 -44.44 30.26
N HIS P 157 -5.15 -44.74 29.33
CA HIS P 157 -4.12 -45.76 29.53
C HIS P 157 -2.77 -45.23 29.07
N SER P 158 -2.43 -44.03 29.52
CA SER P 158 -1.23 -43.35 29.01
C SER P 158 0.04 -43.90 29.65
N HIS P 159 0.21 -43.65 30.94
CA HIS P 159 1.46 -43.94 31.66
C HIS P 159 2.67 -43.50 30.85
N THR P 160 2.66 -42.22 30.44
CA THR P 160 3.65 -41.72 29.49
C THR P 160 4.48 -40.55 30.01
N LYS P 161 4.32 -40.17 31.29
CA LYS P 161 5.13 -39.12 31.91
C LYS P 161 5.12 -37.84 31.09
N PRO P 162 4.03 -37.08 31.11
CA PRO P 162 3.98 -35.84 30.31
C PRO P 162 5.04 -34.84 30.75
N TYR P 163 5.45 -34.00 29.81
CA TYR P 163 6.47 -32.99 30.10
C TYR P 163 5.91 -31.94 31.06
N VAL P 164 6.60 -31.76 32.19
CA VAL P 164 6.21 -30.79 33.20
C VAL P 164 7.43 -29.97 33.59
N ARG P 165 7.23 -28.66 33.76
CA ARG P 165 8.34 -27.78 34.10
C ARG P 165 8.96 -28.17 35.44
N SER P 166 8.15 -28.19 36.50
CA SER P 166 8.60 -28.57 37.83
C SER P 166 7.66 -29.59 38.42
N LYS P 167 8.23 -30.65 39.00
CA LYS P 167 7.46 -31.74 39.56
C LYS P 167 7.05 -31.41 40.99
N GLY P 168 5.79 -31.68 41.32
CA GLY P 168 5.31 -31.44 42.66
C GLY P 168 3.81 -31.21 42.65
N ARG P 169 3.34 -30.54 43.70
CA ARG P 169 1.92 -30.23 43.81
C ARG P 169 1.54 -29.13 42.82
N LYS P 170 0.23 -29.03 42.57
CA LYS P 170 -0.37 -28.01 41.68
C LYS P 170 0.39 -27.89 40.35
N PHE P 171 0.93 -29.00 39.86
CA PHE P 171 1.60 -29.05 38.56
C PHE P 171 1.02 -30.21 37.78
N GLU P 172 0.09 -29.91 36.88
CA GLU P 172 -0.58 -30.90 36.04
C GLU P 172 -1.18 -32.02 36.87
N ARG P 173 -2.10 -31.65 37.77
CA ARG P 173 -2.68 -32.62 38.70
C ARG P 173 -4.20 -32.53 38.78
N ALA P 174 -4.78 -31.36 38.48
CA ALA P 174 -6.16 -31.11 38.87
C ALA P 174 -7.17 -31.69 37.87
N ARG P 175 -7.18 -31.18 36.65
CA ARG P 175 -8.26 -31.47 35.70
C ARG P 175 -7.76 -32.46 34.65
N GLY P 176 -8.15 -33.73 34.81
CA GLY P 176 -7.70 -34.78 33.93
C GLY P 176 -6.86 -35.85 34.61
N ARG P 177 -6.58 -35.71 35.90
CA ARG P 177 -5.83 -36.69 36.66
C ARG P 177 -6.58 -37.23 37.87
N ARG P 178 -7.72 -36.64 38.22
CA ARG P 178 -8.52 -37.14 39.34
C ARG P 178 -9.99 -36.91 39.04
N ALA P 179 -10.84 -37.77 39.61
CA ALA P 179 -12.27 -37.68 39.36
C ALA P 179 -12.92 -36.50 40.08
N SER P 180 -12.22 -35.85 41.01
CA SER P 180 -12.82 -34.72 41.71
C SER P 180 -12.92 -33.50 40.82
N ARG P 181 -11.85 -33.19 40.07
CA ARG P 181 -11.81 -32.02 39.20
C ARG P 181 -11.93 -32.50 37.76
N GLY P 182 -13.13 -32.42 37.21
CA GLY P 182 -13.35 -32.79 35.83
C GLY P 182 -13.54 -34.27 35.62
N TYR P 183 -12.53 -34.93 35.08
CA TYR P 183 -12.59 -36.36 34.77
C TYR P 183 -11.28 -37.03 35.18
N LYS P 184 -11.28 -38.35 35.12
CA LYS P 184 -10.12 -39.16 35.48
C LYS P 184 -9.57 -39.80 34.20
N ASN P 185 -8.57 -39.15 33.62
CA ASN P 185 -7.90 -39.62 32.41
C ASN P 185 -8.86 -39.79 31.23
N MET Q 1 -20.60 -56.18 -32.88
CA MET Q 1 -20.14 -56.76 -34.14
C MET Q 1 -19.65 -55.66 -35.09
N LYS Q 2 -18.57 -55.96 -35.82
CA LYS Q 2 -17.97 -55.01 -36.75
C LYS Q 2 -18.31 -55.31 -38.20
N ALA Q 3 -18.37 -56.59 -38.58
CA ALA Q 3 -18.63 -57.01 -39.96
C ALA Q 3 -17.62 -56.36 -40.92
N SER Q 4 -16.36 -56.34 -40.50
CA SER Q 4 -15.31 -55.72 -41.29
C SER Q 4 -14.92 -56.59 -42.47
N GLY Q 5 -14.67 -55.95 -43.61
CA GLY Q 5 -14.26 -56.69 -44.79
C GLY Q 5 -15.37 -57.61 -45.26
N THR Q 6 -15.00 -58.85 -45.57
CA THR Q 6 -15.94 -59.86 -46.00
C THR Q 6 -16.33 -60.75 -44.83
N LEU Q 7 -17.58 -61.22 -44.85
CA LEU Q 7 -18.12 -62.06 -43.80
C LEU Q 7 -17.83 -63.53 -44.12
N ARG Q 8 -18.02 -64.39 -43.12
CA ARG Q 8 -17.77 -65.82 -43.26
C ARG Q 8 -18.87 -66.60 -42.56
N GLU Q 9 -19.24 -67.73 -43.14
CA GLU Q 9 -20.28 -68.58 -42.57
C GLU Q 9 -19.66 -69.60 -41.62
N TYR Q 10 -20.24 -69.74 -40.43
CA TYR Q 10 -19.76 -70.68 -39.43
C TYR Q 10 -20.93 -71.48 -38.88
N LYS Q 11 -20.79 -72.80 -38.92
CA LYS Q 11 -21.72 -73.71 -38.27
C LYS Q 11 -21.20 -73.96 -36.86
N VAL Q 12 -21.99 -73.58 -35.86
CA VAL Q 12 -21.57 -73.62 -34.46
C VAL Q 12 -22.58 -74.46 -33.68
N VAL Q 13 -22.11 -75.56 -33.09
CA VAL Q 13 -22.95 -76.39 -32.24
C VAL Q 13 -22.55 -76.18 -30.79
N GLY Q 14 -23.53 -76.24 -29.90
CA GLY Q 14 -23.28 -75.99 -28.50
C GLY Q 14 -24.32 -76.59 -27.58
N ARG Q 15 -23.91 -76.89 -26.35
CA ARG Q 15 -24.79 -77.52 -25.38
C ARG Q 15 -24.38 -77.12 -23.97
N CYS Q 16 -25.32 -77.19 -23.05
CA CYS Q 16 -25.02 -76.88 -21.66
C CYS Q 16 -24.17 -77.98 -21.04
N LEU Q 17 -23.57 -77.66 -19.89
CA LEU Q 17 -22.74 -78.64 -19.20
C LEU Q 17 -23.60 -79.77 -18.66
N PRO Q 18 -23.10 -81.01 -18.66
CA PRO Q 18 -23.86 -82.12 -18.09
C PRO Q 18 -24.08 -81.92 -16.60
N THR Q 19 -25.34 -81.71 -16.23
CA THR Q 19 -25.76 -81.48 -14.87
C THR Q 19 -26.42 -82.75 -14.29
N PRO Q 20 -26.30 -82.98 -12.98
CA PRO Q 20 -26.88 -84.19 -12.39
C PRO Q 20 -28.37 -84.33 -12.59
N LYS Q 21 -29.09 -83.24 -12.88
CA LYS Q 21 -30.54 -83.36 -13.06
C LYS Q 21 -30.88 -83.95 -14.43
N CYS Q 22 -30.05 -83.67 -15.44
CA CYS Q 22 -30.26 -84.23 -16.77
C CYS Q 22 -28.96 -84.12 -17.57
N HIS Q 23 -28.64 -85.20 -18.29
CA HIS Q 23 -27.45 -85.26 -19.12
C HIS Q 23 -27.85 -85.25 -20.59
N THR Q 24 -26.83 -85.22 -21.45
CA THR Q 24 -26.99 -85.23 -22.91
C THR Q 24 -27.93 -84.12 -23.36
N PRO Q 25 -27.49 -82.86 -23.32
CA PRO Q 25 -28.36 -81.75 -23.75
C PRO Q 25 -28.70 -81.86 -25.23
N PRO Q 26 -29.73 -81.15 -25.69
CA PRO Q 26 -30.15 -81.28 -27.09
C PRO Q 26 -29.12 -80.85 -28.12
N LEU Q 27 -28.03 -80.19 -27.71
CA LEU Q 27 -26.91 -79.87 -28.60
C LEU Q 27 -27.38 -79.01 -29.78
N TYR Q 28 -27.78 -77.79 -29.44
CA TYR Q 28 -28.37 -76.91 -30.45
C TYR Q 28 -27.30 -76.36 -31.39
N ARG Q 29 -27.68 -76.22 -32.66
CA ARG Q 29 -26.77 -75.73 -33.68
C ARG Q 29 -27.29 -74.42 -34.26
N MET Q 30 -26.36 -73.61 -34.75
CA MET Q 30 -26.67 -72.32 -35.35
C MET Q 30 -25.73 -72.08 -36.53
N ARG Q 31 -26.11 -71.13 -37.37
CA ARG Q 31 -25.40 -70.79 -38.60
C ARG Q 31 -25.17 -69.28 -38.58
N ILE Q 32 -23.97 -68.87 -38.17
CA ILE Q 32 -23.66 -67.48 -37.87
C ILE Q 32 -22.78 -66.90 -38.97
N PHE Q 33 -23.02 -65.64 -39.30
CA PHE Q 33 -22.16 -64.91 -40.24
C PHE Q 33 -21.28 -63.95 -39.45
N ALA Q 34 -19.97 -64.15 -39.54
CA ALA Q 34 -19.03 -63.39 -38.75
C ALA Q 34 -17.70 -63.34 -39.47
N PRO Q 35 -16.87 -62.31 -39.24
CA PRO Q 35 -15.56 -62.26 -39.91
C PRO Q 35 -14.59 -63.33 -39.44
N ASN Q 36 -14.61 -63.71 -38.16
CA ASN Q 36 -13.72 -64.75 -37.67
C ASN Q 36 -14.43 -65.56 -36.60
N HIS Q 37 -13.78 -66.66 -36.20
CA HIS Q 37 -14.42 -67.62 -35.31
C HIS Q 37 -14.67 -67.06 -33.92
N VAL Q 38 -13.86 -66.10 -33.48
CA VAL Q 38 -14.05 -65.53 -32.15
C VAL Q 38 -15.39 -64.81 -32.06
N VAL Q 39 -15.61 -63.84 -32.96
CA VAL Q 39 -16.88 -63.14 -32.96
C VAL Q 39 -18.01 -64.07 -33.40
N ALA Q 40 -17.70 -65.12 -34.16
CA ALA Q 40 -18.72 -66.11 -34.48
C ALA Q 40 -19.23 -66.79 -33.21
N LYS Q 41 -18.31 -67.25 -32.36
CA LYS Q 41 -18.71 -67.86 -31.09
C LYS Q 41 -19.42 -66.86 -30.20
N SER Q 42 -18.96 -65.62 -30.19
CA SER Q 42 -19.62 -64.60 -29.35
C SER Q 42 -21.06 -64.37 -29.80
N ARG Q 43 -21.28 -64.22 -31.10
CA ARG Q 43 -22.63 -64.03 -31.62
C ARG Q 43 -23.49 -65.27 -31.40
N PHE Q 44 -22.91 -66.47 -31.51
CA PHE Q 44 -23.67 -67.68 -31.24
C PHE Q 44 -24.10 -67.72 -29.79
N TRP Q 45 -23.21 -67.36 -28.86
CA TRP Q 45 -23.58 -67.31 -27.46
C TRP Q 45 -24.67 -66.27 -27.21
N TYR Q 46 -24.55 -65.11 -27.84
CA TYR Q 46 -25.58 -64.07 -27.68
C TYR Q 46 -26.94 -64.57 -28.15
N PHE Q 47 -26.98 -65.21 -29.33
CA PHE Q 47 -28.24 -65.69 -29.88
C PHE Q 47 -28.83 -66.82 -29.03
N VAL Q 48 -28.01 -67.78 -28.61
CA VAL Q 48 -28.54 -68.88 -27.82
C VAL Q 48 -28.95 -68.41 -26.43
N SER Q 49 -28.33 -67.35 -25.91
CA SER Q 49 -28.79 -66.80 -24.64
C SER Q 49 -30.10 -66.07 -24.80
N GLN Q 50 -30.28 -65.33 -25.90
CA GLN Q 50 -31.55 -64.68 -26.16
C GLN Q 50 -32.66 -65.69 -26.43
N LEU Q 51 -32.32 -66.87 -26.96
CA LEU Q 51 -33.34 -67.87 -27.30
C LEU Q 51 -33.69 -68.76 -26.11
N LYS Q 52 -32.69 -69.39 -25.50
CA LYS Q 52 -32.93 -70.35 -24.42
C LYS Q 52 -32.06 -69.98 -23.22
N LYS Q 53 -32.32 -70.66 -22.10
CA LYS Q 53 -31.59 -70.42 -20.85
C LYS Q 53 -30.22 -71.08 -20.96
N MET Q 54 -29.31 -70.38 -21.64
CA MET Q 54 -27.94 -70.86 -21.81
C MET Q 54 -26.99 -69.68 -21.74
N LYS Q 55 -25.86 -69.88 -21.06
CA LYS Q 55 -24.85 -68.86 -20.92
C LYS Q 55 -23.48 -69.47 -21.18
N LYS Q 56 -22.48 -68.60 -21.37
CA LYS Q 56 -21.14 -69.08 -21.68
C LYS Q 56 -20.53 -69.88 -20.55
N SER Q 57 -20.84 -69.53 -19.29
CA SER Q 57 -20.29 -70.25 -18.16
C SER Q 57 -20.97 -71.60 -17.97
N SER Q 58 -22.30 -71.62 -18.01
CA SER Q 58 -23.05 -72.85 -17.82
C SER Q 58 -23.11 -73.72 -19.07
N GLY Q 59 -22.59 -73.24 -20.20
CA GLY Q 59 -22.62 -74.01 -21.43
C GLY Q 59 -21.26 -74.17 -22.06
N GLU Q 60 -21.23 -74.74 -23.26
CA GLU Q 60 -19.97 -74.96 -23.98
C GLU Q 60 -20.27 -75.11 -25.46
N ILE Q 61 -19.26 -74.83 -26.27
CA ILE Q 61 -19.33 -74.95 -27.72
C ILE Q 61 -18.58 -76.20 -28.13
N VAL Q 62 -19.24 -77.08 -28.86
CA VAL Q 62 -18.67 -78.37 -29.22
C VAL Q 62 -17.85 -78.28 -30.50
N TYR Q 63 -18.37 -77.56 -31.50
CA TYR Q 63 -17.70 -77.48 -32.79
C TYR Q 63 -18.08 -76.17 -33.47
N CYS Q 64 -17.11 -75.55 -34.13
CA CYS Q 64 -17.34 -74.30 -34.85
C CYS Q 64 -16.52 -74.38 -36.14
N GLY Q 65 -17.21 -74.53 -37.27
CA GLY Q 65 -16.53 -74.81 -38.52
C GLY Q 65 -16.94 -73.85 -39.61
N GLN Q 66 -15.94 -73.44 -40.39
CA GLN Q 66 -16.16 -72.64 -41.58
C GLN Q 66 -16.96 -73.43 -42.62
N VAL Q 67 -17.96 -72.79 -43.20
CA VAL Q 67 -18.84 -73.42 -44.18
C VAL Q 67 -18.57 -72.78 -45.53
N PHE Q 68 -18.12 -73.58 -46.49
CA PHE Q 68 -17.84 -73.10 -47.83
C PHE Q 68 -19.09 -73.19 -48.70
N GLU Q 69 -19.13 -72.35 -49.73
CA GLU Q 69 -20.28 -72.32 -50.63
C GLU Q 69 -20.28 -73.55 -51.53
N LYS Q 70 -21.47 -74.15 -51.68
CA LYS Q 70 -21.57 -75.38 -52.44
C LYS Q 70 -21.39 -75.15 -53.94
N SER Q 71 -21.49 -73.90 -54.40
CA SER Q 71 -21.32 -73.56 -55.81
C SER Q 71 -20.84 -72.13 -55.94
N PRO Q 72 -19.53 -71.91 -55.75
CA PRO Q 72 -19.01 -70.54 -55.85
C PRO Q 72 -18.98 -70.00 -57.27
N LEU Q 73 -19.12 -70.84 -58.28
CA LEU Q 73 -19.07 -70.40 -59.67
C LEU Q 73 -20.44 -70.11 -60.26
N ARG Q 74 -21.51 -70.31 -59.50
CA ARG Q 74 -22.87 -70.09 -59.99
C ARG Q 74 -23.43 -68.79 -59.42
N VAL Q 75 -24.10 -68.02 -60.27
CA VAL Q 75 -24.79 -66.81 -59.85
C VAL Q 75 -26.12 -67.21 -59.24
N LYS Q 76 -26.32 -66.87 -57.97
CA LYS Q 76 -27.51 -67.27 -57.23
C LYS Q 76 -28.21 -66.05 -56.66
N ASN Q 77 -29.47 -66.26 -56.25
CA ASN Q 77 -30.30 -65.22 -55.65
C ASN Q 77 -30.65 -65.65 -54.23
N PHE Q 78 -30.45 -64.74 -53.28
CA PHE Q 78 -30.60 -65.04 -51.85
C PHE Q 78 -31.66 -64.13 -51.26
N GLY Q 79 -32.54 -64.70 -50.45
CA GLY Q 79 -33.52 -63.92 -49.72
C GLY Q 79 -33.15 -63.80 -48.26
N ILE Q 80 -32.91 -62.57 -47.81
CA ILE Q 80 -32.39 -62.30 -46.48
C ILE Q 80 -33.54 -61.82 -45.61
N TRP Q 81 -33.65 -62.36 -44.40
CA TRP Q 81 -34.63 -61.91 -43.42
C TRP Q 81 -33.94 -61.14 -42.31
N LEU Q 82 -34.37 -59.90 -42.09
CA LEU Q 82 -33.74 -58.98 -41.15
C LEU Q 82 -34.69 -58.70 -40.00
N ARG Q 83 -34.10 -58.51 -38.82
CA ARG Q 83 -34.82 -58.11 -37.61
C ARG Q 83 -34.20 -56.84 -37.03
N TYR Q 84 -34.03 -55.84 -37.88
CA TYR Q 84 -33.16 -54.73 -37.53
C TYR Q 84 -33.85 -53.78 -36.55
N ASP Q 85 -33.08 -52.86 -36.00
CA ASP Q 85 -33.56 -51.91 -35.00
C ASP Q 85 -33.24 -50.50 -35.48
N SER Q 86 -34.28 -49.69 -35.64
CA SER Q 86 -34.13 -48.32 -36.11
C SER Q 86 -33.97 -47.38 -34.92
N ARG Q 87 -34.01 -46.07 -35.17
CA ARG Q 87 -33.92 -45.10 -34.09
C ARG Q 87 -35.19 -45.10 -33.25
N SER Q 88 -36.34 -45.32 -33.89
CA SER Q 88 -37.62 -45.31 -33.18
C SER Q 88 -37.95 -46.70 -32.62
N GLY Q 89 -38.00 -47.71 -33.48
CA GLY Q 89 -38.31 -49.05 -33.05
C GLY Q 89 -37.76 -50.07 -34.02
N THR Q 90 -37.71 -51.32 -33.56
CA THR Q 90 -37.20 -52.40 -34.38
C THR Q 90 -38.28 -52.93 -35.33
N HIS Q 91 -37.84 -53.33 -36.51
CA HIS Q 91 -38.73 -53.82 -37.56
C HIS Q 91 -38.10 -55.00 -38.27
N ASN Q 92 -38.97 -55.87 -38.79
CA ASN Q 92 -38.58 -56.98 -39.64
C ASN Q 92 -38.53 -56.52 -41.09
N MET Q 93 -37.81 -57.28 -41.90
CA MET Q 93 -37.56 -56.89 -43.28
C MET Q 93 -37.23 -58.11 -44.12
N TYR Q 94 -37.63 -58.10 -45.38
CA TYR Q 94 -37.27 -59.13 -46.34
C TYR Q 94 -36.59 -58.46 -47.53
N ARG Q 95 -35.33 -58.82 -47.76
CA ARG Q 95 -34.57 -58.28 -48.88
C ARG Q 95 -34.13 -59.41 -49.80
N GLU Q 96 -33.73 -59.05 -51.02
CA GLU Q 96 -33.24 -60.01 -51.99
C GLU Q 96 -31.97 -59.49 -52.64
N TYR Q 97 -31.02 -60.38 -52.85
CA TYR Q 97 -29.74 -60.02 -53.44
C TYR Q 97 -29.33 -61.07 -54.46
N ARG Q 98 -28.38 -60.71 -55.31
CA ARG Q 98 -27.88 -61.58 -56.36
C ARG Q 98 -26.36 -61.62 -56.26
N ASP Q 99 -25.82 -62.79 -55.90
CA ASP Q 99 -24.39 -62.92 -55.71
C ASP Q 99 -23.98 -64.38 -55.89
N LEU Q 100 -22.67 -64.62 -55.83
CA LEU Q 100 -22.14 -65.97 -56.01
C LEU Q 100 -22.10 -66.74 -54.69
N THR Q 101 -21.76 -66.07 -53.60
CA THR Q 101 -21.57 -66.71 -52.31
C THR Q 101 -22.59 -66.21 -51.30
N THR Q 102 -22.93 -67.07 -50.34
CA THR Q 102 -23.83 -66.69 -49.26
C THR Q 102 -23.20 -65.61 -48.39
N ALA Q 103 -21.91 -65.75 -48.09
CA ALA Q 103 -21.21 -64.71 -47.33
C ALA Q 103 -21.18 -63.40 -48.12
N GLY Q 104 -21.03 -63.50 -49.44
CA GLY Q 104 -21.08 -62.29 -50.25
C GLY Q 104 -22.43 -61.61 -50.21
N ALA Q 105 -23.50 -62.41 -50.27
CA ALA Q 105 -24.84 -61.84 -50.17
C ALA Q 105 -25.08 -61.21 -48.80
N VAL Q 106 -24.55 -61.82 -47.74
CA VAL Q 106 -24.70 -61.25 -46.41
C VAL Q 106 -23.92 -59.95 -46.28
N THR Q 107 -22.72 -59.90 -46.89
CA THR Q 107 -21.97 -58.65 -46.90
C THR Q 107 -22.73 -57.56 -47.63
N GLN Q 108 -23.29 -57.90 -48.80
CA GLN Q 108 -24.08 -56.92 -49.55
C GLN Q 108 -25.27 -56.45 -48.72
N CYS Q 109 -25.92 -57.37 -47.99
CA CYS Q 109 -27.05 -56.99 -47.16
C CYS Q 109 -26.63 -56.04 -46.04
N TYR Q 110 -25.51 -56.34 -45.38
CA TYR Q 110 -25.03 -55.45 -44.32
C TYR Q 110 -24.70 -54.07 -44.86
N ARG Q 111 -23.97 -54.01 -45.98
CA ARG Q 111 -23.62 -52.72 -46.55
C ARG Q 111 -24.85 -51.94 -46.99
N ASP Q 112 -25.80 -52.61 -47.64
CA ASP Q 112 -27.01 -51.93 -48.09
C ASP Q 112 -27.87 -51.45 -46.92
N MET Q 113 -27.97 -52.24 -45.84
CA MET Q 113 -28.69 -51.78 -44.67
C MET Q 113 -28.03 -50.56 -44.06
N GLY Q 114 -26.71 -50.64 -43.82
CA GLY Q 114 -25.99 -49.51 -43.26
C GLY Q 114 -26.04 -48.26 -44.13
N ALA Q 115 -26.16 -48.43 -45.45
CA ALA Q 115 -26.20 -47.27 -46.34
C ALA Q 115 -27.60 -46.67 -46.41
N ARG Q 116 -28.63 -47.49 -46.60
CA ARG Q 116 -29.97 -46.98 -46.86
C ARG Q 116 -30.70 -46.62 -45.58
N HIS Q 117 -30.43 -47.30 -44.47
CA HIS Q 117 -31.18 -47.08 -43.24
C HIS Q 117 -30.33 -46.62 -42.08
N ARG Q 118 -29.04 -46.35 -42.28
CA ARG Q 118 -28.13 -45.89 -41.23
C ARG Q 118 -28.12 -46.84 -40.03
N ALA Q 119 -28.34 -48.13 -40.28
CA ALA Q 119 -28.40 -49.12 -39.22
C ALA Q 119 -27.01 -49.73 -39.03
N ARG Q 120 -26.46 -49.57 -37.83
CA ARG Q 120 -25.16 -50.15 -37.53
C ARG Q 120 -25.28 -51.66 -37.37
N ALA Q 121 -24.13 -52.33 -37.42
CA ALA Q 121 -24.10 -53.78 -37.29
C ALA Q 121 -24.46 -54.26 -35.89
N HIS Q 122 -24.54 -53.35 -34.92
CA HIS Q 122 -24.88 -53.76 -33.56
C HIS Q 122 -26.33 -54.21 -33.48
N SER Q 123 -27.22 -53.59 -34.25
CA SER Q 123 -28.65 -53.81 -34.16
C SER Q 123 -29.22 -54.49 -35.40
N ILE Q 124 -28.47 -55.40 -36.00
CA ILE Q 124 -28.90 -56.15 -37.18
C ILE Q 124 -28.80 -57.63 -36.87
N GLN Q 125 -29.95 -58.30 -36.86
CA GLN Q 125 -30.03 -59.74 -36.59
C GLN Q 125 -30.44 -60.45 -37.87
N ILE Q 126 -29.50 -61.20 -38.46
CA ILE Q 126 -29.78 -61.97 -39.67
C ILE Q 126 -30.64 -63.17 -39.26
N MET Q 127 -31.89 -63.18 -39.69
CA MET Q 127 -32.81 -64.24 -39.29
C MET Q 127 -32.63 -65.49 -40.16
N LYS Q 128 -32.81 -65.34 -41.48
CA LYS Q 128 -32.80 -66.50 -42.36
C LYS Q 128 -32.22 -66.11 -43.70
N VAL Q 129 -31.35 -66.96 -44.24
CA VAL Q 129 -30.75 -66.78 -45.55
C VAL Q 129 -31.00 -68.06 -46.34
N GLU Q 130 -31.73 -67.95 -47.45
CA GLU Q 130 -32.03 -69.09 -48.29
C GLU Q 130 -31.95 -68.70 -49.75
N GLU Q 131 -31.43 -69.62 -50.57
CA GLU Q 131 -31.37 -69.40 -52.01
C GLU Q 131 -32.75 -69.63 -52.62
N ILE Q 132 -33.21 -68.66 -53.39
CA ILE Q 132 -34.51 -68.73 -54.03
C ILE Q 132 -34.32 -68.78 -55.54
N ALA Q 133 -35.33 -69.32 -56.23
CA ALA Q 133 -35.30 -69.38 -57.67
C ALA Q 133 -35.67 -68.04 -58.28
N ALA Q 134 -35.51 -67.94 -59.60
CA ALA Q 134 -35.84 -66.70 -60.30
C ALA Q 134 -37.33 -66.43 -60.35
N GLY Q 135 -38.17 -67.46 -60.16
CA GLY Q 135 -39.60 -67.27 -60.20
C GLY Q 135 -40.17 -66.64 -58.95
N LYS Q 136 -39.52 -66.85 -57.81
CA LYS Q 136 -39.97 -66.31 -56.53
C LYS Q 136 -39.22 -65.05 -56.13
N CYS Q 137 -38.65 -64.33 -57.09
CA CYS Q 137 -37.93 -63.09 -56.82
C CYS Q 137 -38.92 -61.93 -56.92
N ARG Q 138 -39.24 -61.33 -55.78
CA ARG Q 138 -40.22 -60.25 -55.75
C ARG Q 138 -39.62 -58.88 -56.02
N ARG Q 139 -38.31 -58.73 -55.89
CA ARG Q 139 -37.69 -57.42 -56.05
C ARG Q 139 -37.50 -57.10 -57.52
N PRO Q 140 -37.90 -55.91 -57.98
CA PRO Q 140 -37.69 -55.56 -59.39
C PRO Q 140 -36.24 -55.32 -59.74
N ALA Q 141 -35.45 -54.77 -58.83
CA ALA Q 141 -34.04 -54.52 -59.11
C ALA Q 141 -33.28 -55.83 -59.36
N VAL Q 142 -33.74 -56.93 -58.76
CA VAL Q 142 -33.11 -58.23 -59.02
C VAL Q 142 -33.80 -58.91 -60.20
N LYS Q 143 -35.11 -58.73 -60.34
CA LYS Q 143 -35.85 -59.38 -61.41
C LYS Q 143 -35.50 -58.83 -62.78
N GLN Q 144 -34.99 -57.60 -62.86
CA GLN Q 144 -34.61 -57.03 -64.14
C GLN Q 144 -33.40 -57.72 -64.76
N PHE Q 145 -32.71 -58.58 -64.02
CA PHE Q 145 -31.56 -59.30 -64.54
C PHE Q 145 -31.89 -60.72 -64.97
N HIS Q 146 -33.09 -61.21 -64.67
CA HIS Q 146 -33.50 -62.55 -65.09
C HIS Q 146 -34.06 -62.52 -66.51
N ASP Q 147 -33.19 -62.15 -67.44
CA ASP Q 147 -33.54 -62.05 -68.85
C ASP Q 147 -32.33 -62.45 -69.68
N SER Q 148 -32.47 -63.52 -70.44
CA SER Q 148 -31.40 -63.94 -71.34
C SER Q 148 -31.22 -62.91 -72.45
N LYS Q 149 -30.08 -63.02 -73.14
CA LYS Q 149 -29.72 -62.08 -74.21
C LYS Q 149 -29.73 -60.64 -73.70
N ILE Q 150 -29.29 -60.46 -72.45
CA ILE Q 150 -29.26 -59.13 -71.86
C ILE Q 150 -28.10 -58.35 -72.46
N LYS Q 151 -28.41 -57.13 -72.92
CA LYS Q 151 -27.41 -56.28 -73.58
C LYS Q 151 -27.55 -54.86 -73.06
N PHE Q 152 -26.43 -54.26 -72.68
CA PHE Q 152 -26.40 -52.85 -72.27
C PHE Q 152 -24.98 -52.36 -72.36
N PRO Q 153 -24.74 -51.15 -72.84
CA PRO Q 153 -23.39 -50.61 -72.92
C PRO Q 153 -22.96 -50.05 -71.56
N LEU Q 154 -21.74 -49.52 -71.54
CA LEU Q 154 -21.16 -48.87 -70.35
C LEU Q 154 -20.89 -47.43 -70.71
N PRO Q 155 -21.90 -46.56 -70.65
CA PRO Q 155 -21.74 -45.19 -71.11
C PRO Q 155 -21.11 -44.29 -70.05
N HIS Q 156 -20.33 -43.32 -70.53
CA HIS Q 156 -19.70 -42.30 -69.70
C HIS Q 156 -18.83 -42.94 -68.62
N ARG Q 157 -17.88 -43.76 -69.07
CA ARG Q 157 -16.97 -44.42 -68.15
C ARG Q 157 -15.97 -43.43 -67.59
N VAL Q 158 -15.78 -43.46 -66.26
CA VAL Q 158 -14.86 -42.53 -65.61
C VAL Q 158 -13.44 -42.78 -66.08
N LEU Q 159 -12.60 -41.76 -65.91
CA LEU Q 159 -11.20 -41.87 -66.34
C LEU Q 159 -10.41 -42.80 -65.44
N ARG Q 160 -10.59 -42.67 -64.13
CA ARG Q 160 -10.00 -43.52 -63.09
C ARG Q 160 -8.49 -43.37 -62.98
N ARG Q 161 -7.85 -42.57 -63.84
CA ARG Q 161 -6.42 -42.32 -63.81
C ARG Q 161 -6.14 -40.83 -63.88
N GLN Q 162 -6.85 -40.07 -63.03
CA GLN Q 162 -6.78 -38.61 -63.12
C GLN Q 162 -5.39 -38.09 -62.82
N HIS Q 163 -4.61 -38.82 -62.01
CA HIS Q 163 -3.37 -38.30 -61.47
C HIS Q 163 -2.12 -38.97 -62.02
N LYS Q 164 -2.26 -40.03 -62.84
CA LYS Q 164 -1.05 -40.63 -63.42
C LYS Q 164 -0.48 -39.74 -64.51
N PRO Q 165 -1.23 -39.37 -65.57
CA PRO Q 165 -0.77 -38.26 -66.43
C PRO Q 165 -1.34 -36.92 -65.97
N ARG Q 166 -0.95 -36.51 -64.76
CA ARG Q 166 -1.59 -35.35 -64.12
C ARG Q 166 -1.49 -34.10 -64.97
N PHE Q 167 -0.39 -33.92 -65.68
CA PHE Q 167 -0.20 -32.79 -66.58
C PHE Q 167 -0.09 -33.32 -68.01
N THR Q 168 -1.03 -32.91 -68.87
CA THR Q 168 -1.07 -33.41 -70.23
C THR Q 168 -1.79 -32.39 -71.10
N THR Q 169 -1.73 -32.62 -72.41
CA THR Q 169 -2.49 -31.84 -73.39
C THR Q 169 -3.71 -32.59 -73.90
N LYS Q 170 -4.17 -33.59 -73.16
CA LYS Q 170 -5.26 -34.45 -73.59
C LYS Q 170 -6.55 -34.10 -72.86
N ARG Q 171 -7.66 -34.44 -73.49
CA ARG Q 171 -8.98 -34.36 -72.88
C ARG Q 171 -9.68 -35.70 -73.05
N PRO Q 172 -9.95 -36.43 -71.98
CA PRO Q 172 -10.41 -37.82 -72.12
C PRO Q 172 -11.69 -37.93 -72.94
N ASN Q 173 -11.67 -38.84 -73.92
CA ASN Q 173 -12.82 -39.02 -74.80
C ASN Q 173 -14.03 -39.56 -74.05
N THR Q 174 -13.82 -40.46 -73.09
CA THR Q 174 -14.88 -41.05 -72.29
C THR Q 174 -15.95 -41.68 -73.18
N PHE Q 175 -15.56 -42.74 -73.89
CA PHE Q 175 -16.48 -43.47 -74.75
C PHE Q 175 -15.97 -44.89 -75.00
N THR R 1 -25.78 -32.96 11.81
CA THR R 1 -26.90 -32.57 10.99
C THR R 1 -27.71 -33.78 10.52
N ASN R 2 -27.10 -34.96 10.64
CA ASN R 2 -27.77 -36.21 10.29
C ASN R 2 -28.40 -36.90 11.49
N THR R 3 -28.44 -36.22 12.64
CA THR R 3 -29.06 -36.74 13.85
C THR R 3 -28.45 -38.09 14.24
N LYS R 4 -27.16 -38.05 14.60
CA LYS R 4 -26.48 -39.25 15.06
C LYS R 4 -27.15 -39.80 16.31
N GLY R 5 -27.37 -41.12 16.33
CA GLY R 5 -28.06 -41.75 17.43
C GLY R 5 -27.60 -43.17 17.64
N LYS R 6 -28.10 -43.79 18.70
CA LYS R 6 -27.70 -45.15 19.02
C LYS R 6 -28.40 -46.15 18.10
N ARG R 7 -29.66 -45.89 17.75
CA ARG R 7 -30.43 -46.78 16.89
C ARG R 7 -31.00 -46.05 15.67
N ARG R 8 -30.24 -45.12 15.11
CA ARG R 8 -30.70 -44.40 13.93
C ARG R 8 -30.54 -45.26 12.68
N GLY R 9 -31.63 -45.39 11.93
CA GLY R 9 -31.57 -46.07 10.64
C GLY R 9 -31.55 -47.57 10.69
N THR R 10 -32.12 -48.18 11.74
CA THR R 10 -32.20 -49.64 11.85
C THR R 10 -33.62 -50.15 11.68
N ARG R 11 -34.50 -49.34 11.07
CA ARG R 11 -35.91 -49.69 10.95
C ARG R 11 -36.11 -51.07 10.33
N TYR R 12 -35.27 -51.44 9.37
CA TYR R 12 -35.35 -52.77 8.76
C TYR R 12 -34.24 -53.71 9.20
N MET R 13 -33.21 -53.19 9.88
CA MET R 13 -32.12 -54.05 10.32
C MET R 13 -32.44 -54.75 11.63
N PHE R 14 -32.97 -54.00 12.60
CA PHE R 14 -33.27 -54.55 13.91
C PHE R 14 -34.71 -55.06 14.02
N SER R 15 -35.43 -55.15 12.92
CA SER R 15 -36.78 -55.68 12.94
C SER R 15 -36.77 -57.19 12.76
N ARG R 16 -37.78 -57.84 13.34
CA ARG R 16 -37.88 -59.29 13.22
C ARG R 16 -38.39 -59.65 11.82
N PRO R 17 -37.95 -60.79 11.27
CA PRO R 17 -38.42 -61.18 9.94
C PRO R 17 -39.90 -61.48 9.93
N PHE R 18 -40.44 -61.57 8.72
CA PHE R 18 -41.87 -61.80 8.56
C PHE R 18 -42.27 -63.20 9.02
N ARG R 19 -43.40 -63.28 9.71
CA ARG R 19 -43.93 -64.53 10.23
C ARG R 19 -42.94 -65.24 11.15
N LYS R 20 -42.14 -64.46 11.88
CA LYS R 20 -41.19 -65.02 12.84
C LYS R 20 -41.19 -64.25 14.15
N HIS R 21 -42.23 -63.49 14.44
CA HIS R 21 -42.32 -62.74 15.68
C HIS R 21 -42.64 -63.69 16.84
N GLY R 22 -42.71 -63.13 18.04
CA GLY R 22 -42.99 -63.89 19.22
C GLY R 22 -41.76 -64.05 20.12
N VAL R 23 -41.87 -64.98 21.05
CA VAL R 23 -40.75 -65.24 21.96
C VAL R 23 -39.61 -65.90 21.20
N VAL R 24 -38.41 -65.79 21.78
CA VAL R 24 -37.20 -66.30 21.15
C VAL R 24 -37.22 -67.83 21.20
N PRO R 25 -36.76 -68.51 20.15
CA PRO R 25 -36.61 -69.97 20.24
C PRO R 25 -35.57 -70.36 21.27
N LEU R 26 -35.86 -71.44 22.00
CA LEU R 26 -35.01 -71.85 23.12
C LEU R 26 -33.73 -72.54 22.67
N ALA R 27 -33.58 -72.84 21.39
CA ALA R 27 -32.38 -73.53 20.94
C ALA R 27 -31.16 -72.62 20.94
N THR R 28 -31.37 -71.31 20.72
CA THR R 28 -30.25 -70.38 20.68
C THR R 28 -29.64 -70.16 22.06
N TYR R 29 -30.32 -70.56 23.13
CA TYR R 29 -29.77 -70.38 24.47
C TYR R 29 -28.88 -71.53 24.89
N MET R 30 -29.27 -72.77 24.54
CA MET R 30 -28.52 -73.94 24.96
C MET R 30 -27.21 -74.13 24.21
N ARG R 31 -26.88 -73.25 23.27
CA ARG R 31 -25.62 -73.36 22.55
C ARG R 31 -24.46 -72.96 23.44
N ILE R 32 -23.34 -73.67 23.27
CA ILE R 32 -22.16 -73.49 24.10
C ILE R 32 -21.21 -72.50 23.42
N TYR R 33 -20.68 -71.56 24.19
CA TYR R 33 -19.74 -70.56 23.70
C TYR R 33 -18.52 -70.55 24.60
N LYS R 34 -17.38 -70.96 24.06
CA LYS R 34 -16.12 -70.97 24.80
C LYS R 34 -15.22 -69.84 24.32
N LYS R 35 -14.09 -69.69 25.00
CA LYS R 35 -13.13 -68.66 24.64
C LYS R 35 -12.33 -69.08 23.43
N GLY R 36 -12.27 -68.21 22.41
CA GLY R 36 -11.48 -68.46 21.23
C GLY R 36 -12.27 -68.88 20.00
N ASP R 37 -13.54 -69.19 20.15
CA ASP R 37 -14.35 -69.61 19.01
C ASP R 37 -14.81 -68.41 18.19
N ILE R 38 -14.88 -68.62 16.87
CA ILE R 38 -15.27 -67.56 15.95
C ILE R 38 -16.78 -67.58 15.80
N VAL R 39 -17.42 -66.44 16.05
CA VAL R 39 -18.87 -66.30 16.00
C VAL R 39 -19.23 -65.10 15.15
N ASP R 40 -20.52 -64.98 14.87
CA ASP R 40 -21.09 -63.91 14.07
C ASP R 40 -22.08 -63.11 14.91
N ILE R 41 -22.31 -61.86 14.52
CA ILE R 41 -23.20 -60.96 15.24
C ILE R 41 -24.37 -60.60 14.33
N LYS R 42 -25.58 -60.75 14.85
CA LYS R 42 -26.80 -60.39 14.13
C LYS R 42 -27.78 -59.81 15.12
N GLY R 43 -28.08 -58.52 14.97
CA GLY R 43 -28.95 -57.84 15.93
C GLY R 43 -30.37 -58.38 15.88
N MET R 44 -30.92 -58.61 17.06
CA MET R 44 -32.28 -59.14 17.22
C MET R 44 -33.13 -58.10 17.93
N GLY R 45 -34.38 -57.96 17.47
CA GLY R 45 -35.29 -56.99 18.03
C GLY R 45 -36.20 -57.50 19.13
N THR R 46 -36.24 -58.83 19.34
CA THR R 46 -37.12 -59.37 20.37
C THR R 46 -36.70 -58.91 21.76
N VAL R 47 -35.39 -58.88 22.03
CA VAL R 47 -34.85 -58.39 23.30
C VAL R 47 -34.03 -57.15 23.01
N GLN R 48 -34.02 -56.22 23.96
CA GLN R 48 -33.29 -54.96 23.82
C GLN R 48 -32.31 -54.72 24.94
N LYS R 49 -31.93 -55.75 25.69
CA LYS R 49 -31.06 -55.55 26.84
C LYS R 49 -29.60 -55.39 26.42
N GLY R 50 -29.03 -56.42 25.80
CA GLY R 50 -27.63 -56.37 25.45
C GLY R 50 -27.37 -56.39 23.96
N MET R 51 -28.18 -55.67 23.19
CA MET R 51 -28.02 -55.66 21.76
C MET R 51 -26.83 -54.79 21.36
N PRO R 52 -26.08 -55.18 20.33
CA PRO R 52 -24.88 -54.43 19.94
C PRO R 52 -25.26 -53.17 19.17
N HIS R 53 -24.22 -52.45 18.73
CA HIS R 53 -24.43 -51.25 17.94
C HIS R 53 -24.74 -51.60 16.50
N LYS R 54 -25.34 -50.66 15.79
CA LYS R 54 -25.73 -50.87 14.39
C LYS R 54 -24.54 -51.05 13.46
N CYS R 55 -23.33 -50.66 13.89
CA CYS R 55 -22.15 -50.80 13.05
C CYS R 55 -21.55 -52.20 13.10
N TYR R 56 -21.83 -52.96 14.14
CA TYR R 56 -21.32 -54.31 14.28
C TYR R 56 -22.29 -55.37 13.75
N HIS R 57 -23.39 -54.96 13.14
CA HIS R 57 -24.35 -55.91 12.60
C HIS R 57 -23.74 -56.66 11.42
N GLY R 58 -23.82 -57.98 11.46
CA GLY R 58 -23.25 -58.80 10.42
C GLY R 58 -21.75 -58.97 10.49
N LYS R 59 -21.13 -58.61 11.62
CA LYS R 59 -19.69 -58.71 11.76
C LYS R 59 -19.31 -60.02 12.45
N THR R 60 -18.16 -60.56 12.06
CA THR R 60 -17.65 -61.82 12.56
C THR R 60 -16.42 -61.56 13.43
N GLY R 61 -16.42 -62.14 14.63
CA GLY R 61 -15.30 -61.95 15.54
C GLY R 61 -15.13 -63.13 16.47
N ARG R 62 -13.99 -63.16 17.14
CA ARG R 62 -13.69 -64.23 18.09
C ARG R 62 -14.05 -63.81 19.51
N VAL R 63 -14.30 -64.80 20.35
CA VAL R 63 -14.75 -64.57 21.72
C VAL R 63 -13.54 -64.54 22.63
N TYR R 64 -13.49 -63.53 23.51
CA TYR R 64 -12.40 -63.40 24.47
C TYR R 64 -12.88 -63.43 25.93
N ASN R 65 -14.17 -63.33 26.18
CA ASN R 65 -14.69 -63.34 27.54
C ASN R 65 -16.09 -63.93 27.53
N VAL R 66 -16.41 -64.67 28.58
CA VAL R 66 -17.72 -65.31 28.74
C VAL R 66 -18.24 -64.99 30.13
N THR R 67 -19.54 -64.68 30.21
CA THR R 67 -20.18 -64.35 31.47
C THR R 67 -21.50 -65.08 31.54
N GLN R 68 -22.35 -64.70 32.50
CA GLN R 68 -23.61 -65.41 32.73
C GLN R 68 -24.52 -65.35 31.51
N HIS R 69 -24.94 -64.14 31.14
CA HIS R 69 -25.94 -63.97 30.09
C HIS R 69 -25.39 -63.33 28.82
N ALA R 70 -24.07 -63.19 28.71
CA ALA R 70 -23.50 -62.52 27.55
C ALA R 70 -22.13 -63.12 27.23
N VAL R 71 -21.51 -62.60 26.18
CA VAL R 71 -20.18 -62.98 25.76
C VAL R 71 -19.43 -61.72 25.33
N GLY R 72 -18.10 -61.78 25.46
CA GLY R 72 -17.23 -60.71 25.00
C GLY R 72 -16.56 -61.11 23.70
N ILE R 73 -16.73 -60.27 22.69
CA ILE R 73 -16.26 -60.54 21.34
C ILE R 73 -15.28 -59.45 20.93
N ILE R 74 -14.18 -59.85 20.29
CA ILE R 74 -13.21 -58.93 19.74
C ILE R 74 -13.55 -58.75 18.26
N VAL R 75 -14.03 -57.57 17.89
CA VAL R 75 -14.48 -57.29 16.53
C VAL R 75 -13.54 -56.29 15.90
N ASN R 76 -13.18 -56.53 14.64
CA ASN R 76 -12.32 -55.63 13.88
C ASN R 76 -13.20 -54.60 13.19
N LYS R 77 -13.37 -53.44 13.82
CA LYS R 77 -14.17 -52.36 13.24
C LYS R 77 -13.27 -51.42 12.46
N GLN R 78 -13.61 -51.18 11.20
CA GLN R 78 -12.79 -50.34 10.33
C GLN R 78 -13.25 -48.88 10.48
N VAL R 79 -12.48 -48.11 11.22
CA VAL R 79 -12.72 -46.67 11.32
C VAL R 79 -12.17 -46.03 10.05
N LYS R 80 -12.46 -44.75 9.83
CA LYS R 80 -12.09 -44.06 8.60
C LYS R 80 -10.63 -44.33 8.18
N GLY R 81 -9.72 -44.35 9.15
CA GLY R 81 -8.31 -44.49 8.83
C GLY R 81 -7.78 -45.91 8.91
N LYS R 82 -8.07 -46.61 10.00
CA LYS R 82 -7.51 -47.93 10.23
C LYS R 82 -8.57 -48.84 10.85
N ILE R 83 -8.14 -50.02 11.29
CA ILE R 83 -9.01 -51.00 11.93
C ILE R 83 -8.66 -51.09 13.40
N LEU R 84 -9.69 -51.07 14.25
CA LEU R 84 -9.53 -51.20 15.69
C LEU R 84 -10.14 -52.52 16.15
N ALA R 85 -9.40 -53.23 17.00
CA ALA R 85 -9.89 -54.45 17.62
C ALA R 85 -10.62 -54.06 18.91
N LYS R 86 -11.94 -54.03 18.86
CA LYS R 86 -12.76 -53.53 19.95
C LYS R 86 -13.44 -54.67 20.68
N ARG R 87 -13.46 -54.59 22.01
CA ARG R 87 -14.10 -55.58 22.85
C ARG R 87 -15.54 -55.15 23.11
N ILE R 88 -16.49 -56.03 22.78
CA ILE R 88 -17.91 -55.73 22.93
C ILE R 88 -18.56 -56.82 23.76
N ASN R 89 -19.42 -56.42 24.70
CA ASN R 89 -20.13 -57.34 25.57
C ASN R 89 -21.57 -57.42 25.10
N VAL R 90 -21.93 -58.52 24.43
CA VAL R 90 -23.27 -58.68 23.87
C VAL R 90 -23.88 -59.97 24.35
N ARG R 91 -25.20 -59.94 24.60
CA ARG R 91 -25.90 -61.11 25.08
C ARG R 91 -25.95 -62.19 24.00
N ILE R 92 -26.29 -63.41 24.43
CA ILE R 92 -26.31 -64.55 23.52
C ILE R 92 -27.50 -64.57 22.59
N GLU R 93 -28.46 -63.66 22.77
CA GLU R 93 -29.63 -63.62 21.90
C GLU R 93 -29.28 -63.22 20.47
N HIS R 94 -28.18 -62.50 20.28
CA HIS R 94 -27.82 -61.95 18.98
C HIS R 94 -26.61 -62.63 18.35
N ILE R 95 -26.12 -63.72 18.93
CA ILE R 95 -24.90 -64.37 18.50
C ILE R 95 -25.20 -65.78 18.04
N LYS R 96 -24.59 -66.18 16.92
CA LYS R 96 -24.69 -67.54 16.40
C LYS R 96 -23.31 -67.97 15.94
N HIS R 97 -23.11 -69.28 15.87
CA HIS R 97 -21.83 -69.82 15.45
C HIS R 97 -21.59 -69.54 13.96
N SER R 98 -20.32 -69.58 13.58
CA SER R 98 -19.90 -69.38 12.20
C SER R 98 -19.53 -70.72 11.58
N LYS R 99 -20.22 -71.09 10.49
CA LYS R 99 -19.99 -72.38 9.87
C LYS R 99 -18.67 -72.43 9.10
N SER R 100 -18.03 -71.29 8.85
CA SER R 100 -16.73 -71.29 8.19
C SER R 100 -15.69 -72.04 9.02
N ARG R 101 -15.66 -71.74 10.33
CA ARG R 101 -14.70 -72.43 11.20
C ARG R 101 -15.01 -73.91 11.29
N ASP R 102 -16.29 -74.28 11.30
CA ASP R 102 -16.66 -75.70 11.34
C ASP R 102 -16.22 -76.41 10.07
N SER R 103 -16.41 -75.77 8.92
CA SER R 103 -15.97 -76.36 7.66
C SER R 103 -14.45 -76.49 7.62
N PHE R 104 -13.73 -75.50 8.14
CA PHE R 104 -12.27 -75.58 8.19
C PHE R 104 -11.82 -76.71 9.10
N LEU R 105 -12.49 -76.89 10.24
CA LEU R 105 -12.14 -77.99 11.14
C LEU R 105 -12.43 -79.34 10.49
N LYS R 106 -13.56 -79.46 9.81
CA LYS R 106 -13.85 -80.70 9.09
C LYS R 106 -12.81 -80.99 8.03
N ARG R 107 -12.38 -79.95 7.30
CA ARG R 107 -11.39 -80.14 6.26
C ARG R 107 -10.03 -80.56 6.84
N VAL R 108 -9.61 -79.92 7.94
CA VAL R 108 -8.32 -80.28 8.52
C VAL R 108 -8.38 -81.68 9.13
N LYS R 109 -9.53 -82.08 9.68
CA LYS R 109 -9.68 -83.44 10.17
C LYS R 109 -9.59 -84.45 9.03
N GLU R 110 -10.29 -84.17 7.93
CA GLU R 110 -10.20 -85.04 6.76
C GLU R 110 -8.77 -85.14 6.25
N ASN R 111 -8.04 -84.03 6.29
CA ASN R 111 -6.66 -84.04 5.79
C ASN R 111 -5.75 -84.86 6.69
N ASP R 112 -5.81 -84.64 8.01
CA ASP R 112 -4.91 -85.37 8.90
C ASP R 112 -5.31 -86.84 9.00
N GLN R 113 -6.56 -87.18 8.66
CA GLN R 113 -6.92 -88.58 8.56
C GLN R 113 -6.43 -89.20 7.26
N LYS R 114 -6.58 -88.48 6.14
CA LYS R 114 -6.18 -89.02 4.85
C LYS R 114 -4.67 -89.24 4.79
N LYS R 115 -3.89 -88.29 5.31
CA LYS R 115 -2.45 -88.46 5.29
C LYS R 115 -2.01 -89.60 6.20
N LYS R 116 -2.60 -89.69 7.40
CA LYS R 116 -2.27 -90.77 8.32
C LYS R 116 -2.64 -92.12 7.73
N GLU R 117 -3.69 -92.18 6.91
CA GLU R 117 -4.10 -93.45 6.31
C GLU R 117 -3.25 -93.79 5.09
N ALA R 118 -2.82 -92.80 4.31
CA ALA R 118 -2.05 -93.04 3.10
C ALA R 118 -0.56 -93.17 3.35
N LYS R 119 -0.07 -92.80 4.54
CA LYS R 119 1.35 -92.95 4.83
C LYS R 119 1.79 -94.41 4.74
N GLU R 120 0.96 -95.33 5.21
CA GLU R 120 1.32 -96.74 5.14
C GLU R 120 1.31 -97.25 3.70
N LYS R 121 0.28 -96.87 2.93
CA LYS R 121 0.19 -97.32 1.56
C LYS R 121 1.24 -96.66 0.66
N GLY R 122 1.85 -95.56 1.10
CA GLY R 122 2.88 -94.92 0.32
C GLY R 122 2.38 -94.14 -0.88
N THR R 123 1.09 -93.85 -0.93
CA THR R 123 0.50 -93.09 -2.04
C THR R 123 0.44 -91.63 -1.64
N TRP R 124 1.14 -90.78 -2.41
CA TRP R 124 1.18 -89.35 -2.15
C TRP R 124 -0.15 -88.75 -2.59
N VAL R 125 -1.12 -88.74 -1.67
CA VAL R 125 -2.43 -88.20 -1.97
C VAL R 125 -2.37 -86.68 -2.04
N GLN R 126 -3.11 -86.10 -2.98
CA GLN R 126 -3.17 -84.65 -3.15
C GLN R 126 -4.30 -84.12 -2.29
N LEU R 127 -3.97 -83.74 -1.06
CA LEU R 127 -4.94 -83.19 -0.13
C LEU R 127 -5.01 -81.66 -0.17
N LYS R 128 -4.09 -81.01 -0.87
CA LYS R 128 -4.13 -79.57 -1.01
C LYS R 128 -5.18 -79.17 -2.04
N ARG R 129 -5.98 -78.16 -1.70
CA ARG R 129 -7.03 -77.70 -2.60
C ARG R 129 -6.43 -76.99 -3.81
N HIS R 130 -7.30 -76.70 -4.77
CA HIS R 130 -6.91 -75.98 -5.98
C HIS R 130 -8.13 -75.30 -6.56
N ALA R 131 -7.88 -74.38 -7.49
CA ALA R 131 -8.98 -73.74 -8.21
C ALA R 131 -9.59 -74.73 -9.19
N ALA R 132 -10.72 -74.36 -9.77
CA ALA R 132 -11.38 -75.22 -10.73
C ALA R 132 -10.54 -75.32 -12.01
N PRO R 133 -9.96 -76.47 -12.32
CA PRO R 133 -9.10 -76.55 -13.51
C PRO R 133 -9.93 -76.56 -14.78
N PRO R 134 -9.37 -76.13 -15.90
CA PRO R 134 -10.10 -76.22 -17.17
C PRO R 134 -10.39 -77.67 -17.53
N ARG R 135 -11.63 -77.92 -17.96
CA ARG R 135 -12.05 -79.29 -18.26
C ARG R 135 -11.24 -79.85 -19.42
N GLU R 136 -10.97 -81.15 -19.35
CA GLU R 136 -10.14 -81.82 -20.34
C GLU R 136 -10.94 -82.09 -21.61
N ALA R 137 -10.27 -82.68 -22.59
CA ALA R 137 -10.92 -83.01 -23.86
C ALA R 137 -11.86 -84.18 -23.67
N HIS R 138 -13.14 -83.97 -23.95
CA HIS R 138 -14.16 -84.99 -23.81
C HIS R 138 -14.81 -85.27 -25.16
N PHE R 139 -15.52 -86.40 -25.23
CA PHE R 139 -16.20 -86.83 -26.44
C PHE R 139 -17.70 -86.74 -26.23
N VAL R 140 -18.33 -85.81 -26.96
CA VAL R 140 -19.79 -85.70 -26.93
C VAL R 140 -20.36 -86.81 -27.79
N ARG R 141 -21.68 -87.03 -27.69
CA ARG R 141 -22.33 -88.05 -28.49
C ARG R 141 -23.64 -87.50 -29.03
N THR R 142 -23.91 -87.78 -30.31
CA THR R 142 -25.13 -87.33 -30.96
C THR R 142 -26.13 -88.44 -31.21
N ASN R 143 -25.71 -89.71 -31.08
CA ASN R 143 -26.54 -90.90 -31.30
C ASN R 143 -27.45 -90.74 -32.52
N GLY R 144 -26.86 -90.27 -33.61
CA GLY R 144 -27.56 -90.13 -34.87
C GLY R 144 -28.56 -89.01 -34.95
N LYS R 145 -28.89 -88.35 -33.84
CA LYS R 145 -29.85 -87.26 -33.84
C LYS R 145 -29.18 -85.99 -34.32
N GLU R 146 -29.72 -85.40 -35.38
CA GLU R 146 -29.14 -84.19 -35.94
C GLU R 146 -29.34 -83.02 -34.98
N PRO R 147 -28.33 -82.17 -34.79
CA PRO R 147 -28.49 -81.01 -33.91
C PRO R 147 -29.59 -80.08 -34.40
N GLU R 148 -30.44 -79.65 -33.48
CA GLU R 148 -31.56 -78.79 -33.83
C GLU R 148 -31.08 -77.42 -34.25
N LEU R 149 -31.65 -76.90 -35.34
CA LEU R 149 -31.29 -75.59 -35.84
C LEU R 149 -32.06 -74.52 -35.09
N LEU R 150 -31.35 -73.48 -34.65
CA LEU R 150 -31.94 -72.37 -33.93
C LEU R 150 -32.00 -71.15 -34.83
N GLU R 151 -33.15 -70.49 -34.86
CA GLU R 151 -33.37 -69.30 -35.66
C GLU R 151 -34.01 -68.21 -34.82
N PRO R 152 -33.51 -66.98 -34.91
CA PRO R 152 -34.10 -65.90 -34.12
C PRO R 152 -35.54 -65.61 -34.57
N ILE R 153 -36.41 -65.38 -33.58
CA ILE R 153 -37.82 -65.16 -33.82
C ILE R 153 -38.01 -63.75 -34.39
N PRO R 154 -38.90 -63.56 -35.37
CA PRO R 154 -39.20 -62.20 -35.84
C PRO R 154 -39.82 -61.37 -34.73
N TYR R 155 -39.63 -60.05 -34.84
CA TYR R 155 -40.12 -59.14 -33.82
C TYR R 155 -41.64 -59.02 -33.90
N GLU R 156 -42.30 -59.08 -32.75
CA GLU R 156 -43.74 -58.93 -32.65
C GLU R 156 -44.07 -58.14 -31.40
N PHE R 157 -44.92 -57.13 -31.54
CA PHE R 157 -45.29 -56.28 -30.41
C PHE R 157 -46.30 -56.98 -29.52
N LYS S 1 -0.78 112.84 -15.64
CA LYS S 1 -1.00 111.42 -15.38
C LYS S 1 -2.03 110.85 -16.35
N GLN S 2 -2.77 111.75 -17.02
CA GLN S 2 -3.77 111.30 -17.99
C GLN S 2 -3.14 110.79 -19.27
N VAL S 3 -1.86 111.05 -19.49
CA VAL S 3 -1.16 110.61 -20.69
C VAL S 3 -0.59 109.21 -20.45
N LEU S 4 -0.67 108.36 -21.46
CA LEU S 4 -0.15 106.99 -21.40
C LEU S 4 0.56 106.72 -22.71
N LYS S 5 1.90 106.67 -22.67
CA LYS S 5 2.70 106.49 -23.86
C LYS S 5 3.57 105.23 -23.74
N PHE S 6 3.85 104.64 -24.90
CA PHE S 6 4.73 103.48 -24.98
C PHE S 6 5.64 103.64 -26.18
N THR S 7 6.81 102.99 -26.12
CA THR S 7 7.84 103.12 -27.14
C THR S 7 8.20 101.75 -27.69
N LEU S 8 8.46 101.70 -28.99
CA LEU S 8 8.79 100.47 -29.68
C LEU S 8 10.13 100.66 -30.36
N ASP S 9 11.14 99.93 -29.89
CA ASP S 9 12.50 100.04 -30.43
C ASP S 9 12.65 99.10 -31.61
N CYS S 10 13.08 99.64 -32.75
CA CYS S 10 13.19 98.88 -33.99
C CYS S 10 14.52 99.20 -34.66
N THR S 11 15.61 99.16 -33.88
CA THR S 11 16.93 99.53 -34.39
C THR S 11 17.65 98.37 -35.07
N HIS S 12 17.66 97.19 -34.45
CA HIS S 12 18.37 96.06 -35.03
C HIS S 12 17.79 95.64 -36.38
N PRO S 13 16.47 95.51 -36.56
CA PRO S 13 15.97 95.12 -37.89
C PRO S 13 16.24 96.15 -38.96
N VAL S 14 16.11 97.45 -38.67
CA VAL S 14 16.41 98.46 -39.69
C VAL S 14 17.90 98.60 -39.93
N GLU S 15 18.74 98.18 -38.99
CA GLU S 15 20.18 98.17 -39.25
C GLU S 15 20.59 96.96 -40.08
N ASP S 16 19.89 95.83 -39.89
CA ASP S 16 20.15 94.67 -40.73
C ASP S 16 19.49 94.79 -42.11
N GLY S 17 18.48 95.64 -42.26
CA GLY S 17 17.83 95.82 -43.54
C GLY S 17 16.80 94.77 -43.90
N ILE S 18 16.21 94.10 -42.90
CA ILE S 18 15.25 93.05 -43.19
C ILE S 18 13.83 93.62 -43.26
N MET S 19 13.54 94.70 -42.54
CA MET S 19 12.21 95.28 -42.54
C MET S 19 12.31 96.76 -42.21
N ASP S 20 11.48 97.57 -42.88
CA ASP S 20 11.45 99.01 -42.67
C ASP S 20 10.47 99.38 -41.57
N ALA S 21 10.65 100.58 -41.02
CA ALA S 21 9.80 101.04 -39.93
C ALA S 21 8.51 101.67 -40.41
N ALA S 22 8.50 102.24 -41.62
CA ALA S 22 7.30 102.91 -42.12
C ALA S 22 6.19 101.90 -42.40
N ASN S 23 6.54 100.75 -42.98
CA ASN S 23 5.53 99.72 -43.22
C ASN S 23 4.95 99.19 -41.92
N PHE S 24 5.80 99.00 -40.91
CA PHE S 24 5.30 98.54 -39.62
C PHE S 24 4.41 99.60 -38.98
N GLU S 25 4.76 100.87 -39.13
CA GLU S 25 3.92 101.92 -38.57
C GLU S 25 2.57 101.97 -39.27
N GLN S 26 2.55 101.80 -40.60
CA GLN S 26 1.29 101.73 -41.30
C GLN S 26 0.48 100.53 -40.85
N PHE S 27 1.13 99.37 -40.69
CA PHE S 27 0.40 98.18 -40.23
C PHE S 27 -0.22 98.42 -38.87
N LEU S 28 0.53 99.01 -37.94
CA LEU S 28 -0.04 99.39 -36.65
C LEU S 28 -1.20 100.36 -36.82
N GLN S 29 -1.06 101.33 -37.73
CA GLN S 29 -2.11 102.34 -37.90
C GLN S 29 -3.41 101.73 -38.40
N GLU S 30 -3.35 100.79 -39.34
CA GLU S 30 -4.59 100.19 -39.83
C GLU S 30 -5.02 98.95 -39.07
N ARG S 31 -4.23 98.44 -38.12
CA ARG S 31 -4.63 97.25 -37.39
C ARG S 31 -4.84 97.48 -35.89
N ILE S 32 -4.56 98.67 -35.37
CA ILE S 32 -4.77 98.92 -33.94
C ILE S 32 -6.24 99.21 -33.68
N LYS S 33 -6.83 98.50 -32.72
CA LYS S 33 -8.21 98.70 -32.34
C LYS S 33 -8.33 99.65 -31.16
N VAL S 34 -9.46 100.33 -31.07
CA VAL S 34 -9.78 101.21 -29.95
C VAL S 34 -11.21 100.93 -29.49
N ASN S 35 -11.41 100.96 -28.17
CA ASN S 35 -12.73 100.79 -27.56
C ASN S 35 -13.41 99.50 -28.05
N GLY S 36 -12.61 98.48 -28.29
CA GLY S 36 -13.15 97.20 -28.78
C GLY S 36 -13.47 97.14 -30.26
N LYS S 37 -14.07 98.20 -30.80
CA LYS S 37 -14.43 98.20 -32.21
C LYS S 37 -13.19 98.22 -33.09
N ALA S 38 -13.23 97.42 -34.16
CA ALA S 38 -12.11 97.37 -35.10
C ALA S 38 -12.17 98.54 -36.06
N GLY S 39 -11.01 99.12 -36.35
CA GLY S 39 -10.94 100.24 -37.26
C GLY S 39 -9.53 100.77 -37.33
N ASN S 40 -9.34 101.76 -38.20
CA ASN S 40 -8.02 102.35 -38.36
C ASN S 40 -7.64 103.17 -37.14
N LEU S 41 -8.39 104.23 -36.85
CA LEU S 41 -8.10 105.09 -35.72
C LEU S 41 -9.42 105.58 -35.12
N GLY S 42 -9.42 105.77 -33.80
CA GLY S 42 -10.57 106.32 -33.12
C GLY S 42 -10.64 107.83 -33.09
N GLY S 43 -9.69 108.50 -33.72
CA GLY S 43 -9.66 109.95 -33.73
C GLY S 43 -8.48 110.50 -32.94
N GLY S 44 -8.76 111.38 -31.97
CA GLY S 44 -7.75 111.90 -31.10
C GLY S 44 -7.45 111.05 -29.88
N VAL S 45 -8.06 109.87 -29.79
CA VAL S 45 -7.86 109.02 -28.63
C VAL S 45 -6.46 108.38 -28.66
N VAL S 46 -5.97 108.05 -29.85
CA VAL S 46 -4.67 107.41 -30.02
C VAL S 46 -3.88 108.15 -31.09
N THR S 47 -2.57 108.19 -30.90
CA THR S 47 -1.67 108.80 -31.88
C THR S 47 -0.40 107.97 -31.97
N ILE S 48 0.10 107.80 -33.18
CA ILE S 48 1.29 106.98 -33.45
C ILE S 48 2.30 107.85 -34.20
N GLU S 49 3.38 108.21 -33.52
CA GLU S 49 4.47 108.94 -34.13
C GLU S 49 5.63 107.98 -34.38
N ARG S 50 6.49 108.31 -35.33
CA ARG S 50 7.63 107.46 -35.64
C ARG S 50 8.89 108.30 -35.67
N SER S 51 9.93 107.80 -35.01
CA SER S 51 11.26 108.40 -35.08
C SER S 51 11.99 107.81 -36.29
N LYS S 52 13.29 108.05 -36.38
CA LYS S 52 14.06 107.45 -37.46
C LYS S 52 14.07 105.93 -37.37
N SER S 53 14.01 105.38 -36.15
CA SER S 53 14.02 103.94 -35.98
C SER S 53 13.10 103.45 -34.86
N LYS S 54 12.32 104.32 -34.23
CA LYS S 54 11.45 103.93 -33.13
C LYS S 54 10.02 104.39 -33.41
N ILE S 55 9.06 103.76 -32.73
CA ILE S 55 7.65 104.06 -32.91
C ILE S 55 7.02 104.32 -31.54
N THR S 56 6.55 105.53 -31.33
CA THR S 56 5.95 105.93 -30.06
C THR S 56 4.44 106.03 -30.21
N VAL S 57 3.72 105.28 -29.39
CA VAL S 57 2.26 105.35 -29.37
C VAL S 57 1.83 106.07 -28.10
N THR S 58 0.73 106.81 -28.20
CA THR S 58 0.24 107.60 -27.07
C THR S 58 -1.27 107.57 -27.06
N SER S 59 -1.84 107.47 -25.85
CA SER S 59 -3.29 107.45 -25.67
C SER S 59 -3.62 107.99 -24.29
N GLU S 60 -4.81 108.57 -24.17
CA GLU S 60 -5.30 109.04 -22.89
C GLU S 60 -6.14 108.00 -22.16
N VAL S 61 -6.85 107.15 -22.89
CA VAL S 61 -7.64 106.08 -22.29
C VAL S 61 -6.69 104.97 -21.85
N PRO S 62 -7.10 104.08 -20.95
CA PRO S 62 -6.22 102.98 -20.55
C PRO S 62 -5.87 102.08 -21.73
N PHE S 63 -4.57 101.96 -21.99
CA PHE S 63 -4.05 101.15 -23.09
C PHE S 63 -3.02 100.17 -22.56
N SER S 64 -2.93 99.00 -23.17
CA SER S 64 -2.08 97.94 -22.67
C SER S 64 -0.93 97.66 -23.63
N LYS S 65 0.22 97.31 -23.06
CA LYS S 65 1.38 96.88 -23.84
C LYS S 65 1.20 95.50 -24.44
N ARG S 66 0.25 94.72 -23.91
CA ARG S 66 -0.05 93.42 -24.49
C ARG S 66 -0.52 93.55 -25.93
N TYR S 67 -1.32 94.58 -26.22
CA TYR S 67 -1.77 94.81 -27.59
C TYR S 67 -0.60 95.11 -28.50
N LEU S 68 0.38 95.87 -28.02
CA LEU S 68 1.56 96.17 -28.82
C LEU S 68 2.37 94.92 -29.10
N LYS S 69 2.58 94.08 -28.07
CA LYS S 69 3.29 92.83 -28.29
C LYS S 69 2.53 91.92 -29.25
N TYR S 70 1.21 91.90 -29.14
CA TYR S 70 0.37 91.09 -30.02
C TYR S 70 0.52 91.54 -31.47
N LEU S 71 0.45 92.84 -31.72
CA LEU S 71 0.59 93.34 -33.08
C LEU S 71 2.00 93.13 -33.62
N THR S 72 3.02 93.27 -32.76
CA THR S 72 4.38 93.00 -33.22
C THR S 72 4.54 91.56 -33.64
N LYS S 73 4.02 90.63 -32.84
CA LYS S 73 4.13 89.22 -33.18
C LYS S 73 3.33 88.90 -34.44
N LYS S 74 2.18 89.54 -34.62
CA LYS S 74 1.38 89.32 -35.83
C LYS S 74 2.12 89.81 -37.07
N TYR S 75 2.73 91.00 -36.99
CA TYR S 75 3.48 91.53 -38.12
C TYR S 75 4.71 90.67 -38.42
N LEU S 76 5.38 90.18 -37.38
CA LEU S 76 6.53 89.31 -37.60
C LEU S 76 6.12 88.01 -38.27
N LYS S 77 5.00 87.42 -37.83
CA LYS S 77 4.53 86.20 -38.49
C LYS S 77 4.10 86.47 -39.92
N LYS S 78 3.54 87.66 -40.19
CA LYS S 78 3.15 88.00 -41.55
C LYS S 78 4.37 88.13 -42.46
N ASN S 79 5.42 88.81 -41.99
CA ASN S 79 6.62 89.03 -42.78
C ASN S 79 7.64 87.91 -42.62
N ASN S 80 7.27 86.81 -41.95
CA ASN S 80 8.13 85.63 -41.81
C ASN S 80 9.41 85.96 -41.06
N LEU S 81 9.35 86.93 -40.16
CA LEU S 81 10.48 87.30 -39.31
C LEU S 81 10.34 86.79 -37.89
N ARG S 82 9.26 86.07 -37.58
CA ARG S 82 9.05 85.55 -36.24
C ARG S 82 10.12 84.54 -35.86
N ASP S 83 10.60 83.76 -36.82
CA ASP S 83 11.62 82.75 -36.54
C ASP S 83 13.01 83.32 -36.37
N TRP S 84 13.22 84.58 -36.74
CA TRP S 84 14.54 85.22 -36.62
C TRP S 84 14.64 86.11 -35.38
N LEU S 85 13.73 87.07 -35.25
CA LEU S 85 13.74 88.01 -34.13
C LEU S 85 12.64 87.66 -33.15
N ARG S 86 12.68 88.32 -31.99
CA ARG S 86 11.68 88.13 -30.95
C ARG S 86 11.49 89.44 -30.20
N VAL S 87 10.30 89.61 -29.64
CA VAL S 87 9.96 90.82 -28.91
C VAL S 87 10.31 90.60 -27.44
N VAL S 88 11.29 91.36 -26.95
CA VAL S 88 11.72 91.28 -25.55
C VAL S 88 11.47 92.64 -24.90
N ALA S 89 10.98 92.61 -23.66
CA ALA S 89 10.64 93.83 -22.94
C ALA S 89 11.93 94.51 -22.50
N ASN S 90 12.25 95.65 -23.12
CA ASN S 90 13.44 96.41 -22.73
C ASN S 90 13.27 97.01 -21.35
N SER S 91 12.18 97.71 -21.11
CA SER S 91 11.90 98.33 -19.83
C SER S 91 10.39 98.48 -19.68
N LYS S 92 9.97 99.25 -18.67
CA LYS S 92 8.55 99.46 -18.44
C LYS S 92 7.92 100.35 -19.51
N GLU S 93 8.73 101.05 -20.30
CA GLU S 93 8.23 102.01 -21.27
C GLU S 93 8.40 101.54 -22.72
N SER S 94 9.48 100.82 -23.02
CA SER S 94 9.85 100.55 -24.40
C SER S 94 10.07 99.06 -24.63
N TYR S 95 9.86 98.65 -25.87
CA TYR S 95 10.15 97.30 -26.34
C TYR S 95 11.59 97.23 -26.83
N GLU S 96 11.94 96.11 -27.48
CA GLU S 96 13.25 95.93 -28.08
C GLU S 96 13.17 94.75 -29.04
N LEU S 97 13.57 94.99 -30.29
CA LEU S 97 13.56 93.95 -31.32
C LEU S 97 14.98 93.50 -31.56
N ARG S 98 15.25 92.22 -31.32
CA ARG S 98 16.57 91.65 -31.51
C ARG S 98 16.45 90.17 -31.84
N TYR S 99 17.43 89.66 -32.57
CA TYR S 99 17.50 88.26 -32.93
C TYR S 99 18.39 87.51 -31.94
N PHE S 100 18.15 86.20 -31.86
CA PHE S 100 18.87 85.33 -30.93
C PHE S 100 19.97 84.58 -31.68
N GLN S 101 21.20 84.69 -31.18
CA GLN S 101 22.36 84.02 -31.75
C GLN S 101 22.53 84.30 -33.23
N ALA T 1 -51.39 25.54 -60.23
CA ALA T 1 -50.55 25.01 -59.16
C ALA T 1 -49.97 26.13 -58.32
N LYS T 2 -49.28 25.76 -57.23
CA LYS T 2 -48.66 26.70 -56.32
C LYS T 2 -47.16 26.48 -56.30
N PHE T 3 -46.40 27.57 -56.28
CA PHE T 3 -44.94 27.52 -56.28
C PHE T 3 -44.40 27.65 -54.86
N ARG T 4 -43.10 27.47 -54.73
CA ARG T 4 -42.43 27.55 -53.43
C ARG T 4 -42.19 29.01 -53.09
N ILE T 5 -43.09 29.58 -52.29
CA ILE T 5 -42.94 30.94 -51.80
C ILE T 5 -42.27 30.88 -50.43
N SER T 6 -41.66 32.00 -50.05
CA SER T 6 -40.92 32.07 -48.79
C SER T 6 -41.87 31.90 -47.62
N LEU T 7 -41.70 30.80 -46.87
CA LEU T 7 -42.52 30.55 -45.69
C LEU T 7 -42.04 31.43 -44.55
N GLY T 8 -42.92 32.28 -44.04
CA GLY T 8 -42.53 33.23 -43.01
C GLY T 8 -43.29 33.11 -41.71
N LEU T 9 -44.30 32.23 -41.67
CA LEU T 9 -45.15 32.07 -40.49
C LEU T 9 -45.00 30.66 -39.93
N PRO T 10 -44.15 30.46 -38.93
CA PRO T 10 -44.02 29.16 -38.29
C PRO T 10 -45.17 28.92 -37.30
N VAL T 11 -45.12 27.76 -36.65
CA VAL T 11 -46.14 27.42 -35.65
C VAL T 11 -45.95 28.30 -34.43
N GLY T 12 -47.02 29.00 -34.04
CA GLY T 12 -46.99 29.92 -32.92
C GLY T 12 -47.16 31.37 -33.29
N ALA T 13 -47.40 31.68 -34.56
CA ALA T 13 -47.57 33.06 -35.00
C ALA T 13 -48.96 33.56 -34.67
N VAL T 14 -49.05 34.79 -34.19
CA VAL T 14 -50.32 35.43 -33.88
C VAL T 14 -50.58 36.46 -34.97
N ILE T 15 -51.41 36.10 -35.94
CA ILE T 15 -51.71 36.96 -37.06
C ILE T 15 -53.07 37.60 -36.84
N ASN T 16 -53.36 38.63 -37.65
CA ASN T 16 -54.66 39.28 -37.59
C ASN T 16 -55.70 38.47 -38.36
N CYS T 17 -56.97 38.71 -38.04
CA CYS T 17 -58.09 38.01 -38.67
C CYS T 17 -58.87 39.03 -39.47
N ALA T 18 -58.74 38.97 -40.79
CA ALA T 18 -59.31 39.97 -41.69
C ALA T 18 -60.63 39.45 -42.24
N ASP T 19 -61.66 39.52 -41.41
CA ASP T 19 -63.02 39.17 -41.80
C ASP T 19 -63.99 39.75 -40.79
N ASN T 20 -65.28 39.52 -41.03
CA ASN T 20 -66.35 40.05 -40.19
C ASN T 20 -66.99 38.97 -39.33
N THR T 21 -66.22 37.94 -38.96
CA THR T 21 -66.75 36.88 -38.12
C THR T 21 -66.85 37.32 -36.66
N GLY T 22 -65.85 38.07 -36.19
CA GLY T 22 -65.84 38.51 -34.81
C GLY T 22 -64.56 38.15 -34.09
N ALA T 23 -63.56 37.69 -34.86
CA ALA T 23 -62.27 37.29 -34.31
C ALA T 23 -61.23 38.35 -34.62
N LYS T 24 -60.42 38.69 -33.62
CA LYS T 24 -59.36 39.67 -33.81
C LYS T 24 -58.05 39.06 -34.28
N ASN T 25 -57.55 38.03 -33.59
CA ASN T 25 -56.29 37.42 -33.97
C ASN T 25 -56.47 35.91 -34.05
N LEU T 26 -55.62 35.29 -34.86
CA LEU T 26 -55.56 33.85 -35.01
C LEU T 26 -54.16 33.36 -34.62
N TYR T 27 -54.13 32.21 -33.95
CA TYR T 27 -52.89 31.64 -33.43
C TYR T 27 -52.60 30.37 -34.22
N ILE T 28 -51.56 30.42 -35.07
CA ILE T 28 -51.22 29.29 -35.91
C ILE T 28 -50.69 28.15 -35.04
N ILE T 29 -51.35 26.99 -35.11
CA ILE T 29 -50.95 25.83 -34.34
C ILE T 29 -50.31 24.75 -35.20
N SER T 30 -50.60 24.70 -36.50
CA SER T 30 -50.02 23.71 -37.40
C SER T 30 -50.31 24.16 -38.82
N VAL T 31 -49.79 23.40 -39.78
CA VAL T 31 -49.95 23.69 -41.21
C VAL T 31 -50.48 22.44 -41.90
N LYS T 32 -51.48 22.62 -42.76
CA LYS T 32 -52.04 21.50 -43.50
C LYS T 32 -51.11 21.08 -44.63
N GLY T 33 -51.07 19.78 -44.88
CA GLY T 33 -50.27 19.25 -45.98
C GLY T 33 -48.79 19.48 -45.84
N ILE T 34 -48.23 19.21 -44.67
CA ILE T 34 -46.81 19.40 -44.43
C ILE T 34 -46.24 18.16 -43.75
N LYS T 35 -44.98 17.85 -44.05
CA LYS T 35 -44.25 16.76 -43.43
C LYS T 35 -43.04 17.34 -42.72
N GLY T 36 -42.88 16.98 -41.44
CA GLY T 36 -41.91 17.64 -40.61
C GLY T 36 -40.54 16.98 -40.61
N ARG T 37 -39.57 17.73 -40.08
CA ARG T 37 -38.20 17.28 -39.88
C ARG T 37 -37.89 17.37 -38.39
N LEU T 38 -36.96 16.53 -37.94
CA LEU T 38 -36.57 16.51 -36.54
C LEU T 38 -36.16 17.90 -36.06
N ASN T 39 -36.92 18.42 -35.10
CA ASN T 39 -36.72 19.77 -34.56
C ASN T 39 -36.81 20.82 -35.67
N ARG T 40 -37.98 20.88 -36.30
CA ARG T 40 -38.26 21.86 -37.34
C ARG T 40 -39.70 22.31 -37.19
N LEU T 41 -39.90 23.62 -37.06
CA LEU T 41 -41.25 24.16 -36.89
C LEU T 41 -41.98 24.16 -38.23
N PRO T 42 -43.21 23.64 -38.29
CA PRO T 42 -43.98 23.72 -39.53
C PRO T 42 -44.33 25.17 -39.86
N ALA T 43 -43.77 25.67 -40.96
CA ALA T 43 -43.99 27.05 -41.35
C ALA T 43 -45.13 27.15 -42.35
N ALA T 44 -45.73 28.35 -42.41
CA ALA T 44 -46.84 28.62 -43.31
C ALA T 44 -46.55 29.86 -44.13
N GLY T 45 -47.08 29.87 -45.35
CA GLY T 45 -46.87 30.99 -46.25
C GLY T 45 -48.14 31.73 -46.60
N VAL T 46 -48.45 31.82 -47.88
CA VAL T 46 -49.64 32.51 -48.38
C VAL T 46 -50.48 31.52 -49.17
N GLY T 47 -51.79 31.50 -48.90
CA GLY T 47 -52.71 30.63 -49.60
C GLY T 47 -52.77 29.22 -49.10
N ASP T 48 -51.93 28.84 -48.15
CA ASP T 48 -51.90 27.49 -47.60
C ASP T 48 -52.79 27.40 -46.36
N MET T 49 -53.61 26.37 -46.30
CA MET T 49 -54.52 26.20 -45.18
C MET T 49 -53.77 25.76 -43.93
N VAL T 50 -54.21 26.26 -42.78
CA VAL T 50 -53.63 25.94 -41.48
C VAL T 50 -54.75 25.73 -40.48
N MET T 51 -54.42 25.17 -39.33
CA MET T 51 -55.34 25.10 -38.20
C MET T 51 -54.99 26.22 -37.23
N ALA T 52 -56.02 26.88 -36.69
CA ALA T 52 -55.76 28.03 -35.84
C ALA T 52 -56.86 28.16 -34.80
N THR T 53 -56.57 28.95 -33.77
CA THR T 53 -57.50 29.28 -32.71
C THR T 53 -57.55 30.78 -32.54
N VAL T 54 -58.61 31.27 -31.90
CA VAL T 54 -58.82 32.69 -31.67
C VAL T 54 -58.37 32.99 -30.26
N LYS T 55 -57.26 33.72 -30.12
CA LYS T 55 -56.78 34.09 -28.79
C LYS T 55 -57.59 35.26 -28.23
N LYS T 56 -57.90 36.25 -29.07
CA LYS T 56 -58.68 37.40 -28.65
C LYS T 56 -59.83 37.60 -29.63
N GLY T 57 -61.05 37.67 -29.12
CA GLY T 57 -62.20 37.88 -29.97
C GLY T 57 -63.48 37.44 -29.27
N LYS T 58 -64.42 36.97 -30.09
CA LYS T 58 -65.70 36.55 -29.57
C LYS T 58 -65.53 35.31 -28.69
N PRO T 59 -66.21 35.24 -27.55
CA PRO T 59 -66.12 34.04 -26.70
C PRO T 59 -66.64 32.79 -27.36
N GLU T 60 -67.55 32.90 -28.32
CA GLU T 60 -68.06 31.73 -29.02
C GLU T 60 -67.07 31.18 -30.03
N LEU T 61 -66.20 32.05 -30.56
CA LEU T 61 -65.14 31.60 -31.45
C LEU T 61 -63.85 31.25 -30.72
N ARG T 62 -63.70 31.72 -29.49
CA ARG T 62 -62.50 31.42 -28.70
C ARG T 62 -62.54 29.98 -28.20
N LYS T 63 -61.36 29.42 -27.96
CA LYS T 63 -61.19 28.10 -27.37
C LYS T 63 -61.72 26.99 -28.27
N LYS T 64 -61.34 27.06 -29.55
CA LYS T 64 -61.71 26.02 -30.51
C LYS T 64 -60.78 26.12 -31.72
N VAL T 65 -60.59 25.00 -32.38
CA VAL T 65 -59.72 24.89 -33.55
C VAL T 65 -60.56 25.01 -34.80
N HIS T 66 -60.06 25.76 -35.79
CA HIS T 66 -60.78 25.92 -37.04
C HIS T 66 -59.77 26.18 -38.16
N PRO T 67 -60.11 25.86 -39.41
CA PRO T 67 -59.19 26.10 -40.51
C PRO T 67 -59.13 27.56 -40.90
N ALA T 68 -57.97 27.96 -41.40
CA ALA T 68 -57.73 29.34 -41.79
C ALA T 68 -56.82 29.36 -43.01
N VAL T 69 -56.92 30.44 -43.78
CA VAL T 69 -56.09 30.65 -44.95
C VAL T 69 -55.36 31.99 -44.77
N VAL T 70 -54.04 31.95 -44.89
CA VAL T 70 -53.23 33.17 -44.78
C VAL T 70 -53.35 33.97 -46.07
N ILE T 71 -53.71 35.24 -45.94
CA ILE T 71 -53.89 36.09 -47.10
C ILE T 71 -52.79 37.15 -47.25
N ARG T 72 -52.15 37.57 -46.17
CA ARG T 72 -51.10 38.56 -46.24
C ARG T 72 -49.99 38.20 -45.27
N GLN T 73 -48.75 38.42 -45.70
CA GLN T 73 -47.60 38.12 -44.87
C GLN T 73 -46.58 39.25 -45.02
N ARG T 74 -45.74 39.40 -44.00
CA ARG T 74 -44.68 40.39 -44.03
C ARG T 74 -43.37 39.86 -44.59
N LYS T 75 -43.21 38.55 -44.69
CA LYS T 75 -42.01 37.96 -45.27
C LYS T 75 -42.07 38.10 -46.78
N SER T 76 -41.10 38.82 -47.34
CA SER T 76 -41.07 39.07 -48.78
C SER T 76 -40.84 37.77 -49.53
N TYR T 77 -41.82 37.38 -50.35
CA TYR T 77 -41.72 36.17 -51.16
C TYR T 77 -41.54 36.56 -52.61
N ARG T 78 -40.76 35.76 -53.34
CA ARG T 78 -40.42 36.07 -54.73
C ARG T 78 -41.56 35.63 -55.65
N ARG T 79 -42.07 36.57 -56.44
CA ARG T 79 -43.03 36.23 -57.47
C ARG T 79 -42.33 35.60 -58.66
N LYS T 80 -43.07 34.76 -59.39
CA LYS T 80 -42.49 34.10 -60.56
C LYS T 80 -42.15 35.10 -61.66
N ASP T 81 -42.81 36.26 -61.70
CA ASP T 81 -42.46 37.28 -62.68
C ASP T 81 -41.07 37.83 -62.43
N GLY T 82 -40.62 37.81 -61.18
CA GLY T 82 -39.27 38.26 -60.86
C GLY T 82 -39.23 39.48 -59.95
N VAL T 83 -40.26 39.64 -59.12
CA VAL T 83 -40.35 40.75 -58.20
C VAL T 83 -40.59 40.22 -56.80
N PHE T 84 -40.20 41.02 -55.81
CA PHE T 84 -40.43 40.71 -54.40
C PHE T 84 -41.46 41.67 -53.83
N LEU T 85 -42.35 41.15 -52.99
CA LEU T 85 -43.37 41.99 -52.38
C LEU T 85 -43.71 41.44 -51.00
N TYR T 86 -44.17 42.33 -50.13
CA TYR T 86 -44.53 41.98 -48.76
C TYR T 86 -45.54 42.99 -48.25
N PHE T 87 -46.48 42.50 -47.44
CA PHE T 87 -47.58 43.33 -46.96
C PHE T 87 -47.20 44.00 -45.64
N GLU T 88 -48.17 44.74 -45.08
CA GLU T 88 -47.90 45.48 -43.85
C GLU T 88 -47.84 44.58 -42.63
N ASP T 89 -48.68 43.55 -42.59
CA ASP T 89 -48.74 42.68 -41.42
C ASP T 89 -49.26 41.31 -41.83
N ASN T 90 -49.05 40.34 -40.95
CA ASN T 90 -49.53 38.99 -41.17
C ASN T 90 -51.02 38.91 -40.85
N ALA T 91 -51.81 38.51 -41.85
CA ALA T 91 -53.26 38.48 -41.69
C ALA T 91 -53.84 37.33 -42.49
N GLY T 92 -54.89 36.74 -41.95
CA GLY T 92 -55.55 35.62 -42.60
C GLY T 92 -57.03 35.63 -42.32
N VAL T 93 -57.75 34.71 -42.97
CA VAL T 93 -59.20 34.58 -42.84
C VAL T 93 -59.51 33.17 -42.34
N ILE T 94 -60.73 32.99 -41.84
CA ILE T 94 -61.17 31.69 -41.34
C ILE T 94 -62.08 31.04 -42.36
N VAL T 95 -61.98 29.71 -42.51
CA VAL T 95 -62.78 28.95 -43.45
C VAL T 95 -63.17 27.63 -42.80
N ASN T 96 -63.97 26.85 -43.53
CA ASN T 96 -64.35 25.51 -43.07
C ASN T 96 -63.37 24.49 -43.65
N ASN T 97 -63.70 23.21 -43.51
CA ASN T 97 -62.82 22.17 -44.04
C ASN T 97 -62.88 22.09 -45.56
N LYS T 98 -64.06 22.31 -46.14
CA LYS T 98 -64.19 22.23 -47.58
C LYS T 98 -63.47 23.38 -48.28
N GLY T 99 -63.38 24.54 -47.64
CA GLY T 99 -62.71 25.69 -48.22
C GLY T 99 -63.65 26.84 -48.49
N GLU T 100 -64.71 26.96 -47.69
CA GLU T 100 -65.70 28.01 -47.82
C GLU T 100 -65.52 29.03 -46.71
N MET T 101 -65.64 30.31 -47.07
CA MET T 101 -65.47 31.39 -46.11
C MET T 101 -66.58 31.35 -45.06
N LYS T 102 -66.22 31.67 -43.82
CA LYS T 102 -67.19 31.78 -42.74
C LYS T 102 -67.82 33.16 -42.66
N GLY T 103 -67.05 34.22 -42.97
CA GLY T 103 -67.58 35.56 -42.96
C GLY T 103 -68.14 35.98 -44.31
N SER T 104 -68.78 37.15 -44.31
CA SER T 104 -69.40 37.65 -45.54
C SER T 104 -68.38 38.33 -46.43
N ALA T 105 -67.75 39.40 -45.95
CA ALA T 105 -66.79 40.16 -46.73
C ALA T 105 -65.44 40.17 -46.02
N ILE T 106 -64.40 40.51 -46.78
CA ILE T 106 -63.05 40.56 -46.26
C ILE T 106 -62.59 42.01 -46.20
N THR T 107 -61.48 42.24 -45.53
CA THR T 107 -60.88 43.57 -45.42
C THR T 107 -59.40 43.50 -45.75
N GLY T 108 -58.87 44.58 -46.29
CA GLY T 108 -57.49 44.64 -46.69
C GLY T 108 -57.23 43.91 -47.99
N PRO T 109 -56.02 44.04 -48.53
CA PRO T 109 -55.69 43.37 -49.77
C PRO T 109 -55.56 41.86 -49.60
N VAL T 110 -55.61 41.15 -50.72
CA VAL T 110 -55.46 39.71 -50.75
C VAL T 110 -54.38 39.38 -51.78
N ALA T 111 -53.47 38.47 -51.40
CA ALA T 111 -52.37 38.13 -52.29
C ALA T 111 -52.87 37.29 -53.47
N LYS T 112 -52.14 37.40 -54.58
CA LYS T 112 -52.55 36.70 -55.80
C LYS T 112 -52.47 35.19 -55.64
N GLU T 113 -51.51 34.69 -54.85
CA GLU T 113 -51.42 33.25 -54.62
C GLU T 113 -52.69 32.71 -53.97
N CYS T 114 -53.11 33.33 -52.87
CA CYS T 114 -54.33 32.90 -52.21
C CYS T 114 -55.55 33.12 -53.08
N ALA T 115 -55.60 34.25 -53.81
CA ALA T 115 -56.74 34.54 -54.66
C ALA T 115 -56.88 33.54 -55.80
N ASP T 116 -55.77 32.99 -56.30
CA ASP T 116 -55.85 32.02 -57.37
C ASP T 116 -56.01 30.59 -56.84
N LEU T 117 -55.56 30.33 -55.61
CA LEU T 117 -55.72 29.00 -55.05
C LEU T 117 -57.13 28.76 -54.54
N TRP T 118 -57.68 29.72 -53.77
CA TRP T 118 -59.02 29.57 -53.22
C TRP T 118 -59.97 30.51 -53.94
N PRO T 119 -60.86 30.00 -54.80
CA PRO T 119 -61.76 30.91 -55.52
C PRO T 119 -62.79 31.59 -54.63
N ARG T 120 -63.19 30.95 -53.53
CA ARG T 120 -64.21 31.55 -52.68
C ARG T 120 -63.68 32.78 -51.95
N ILE T 121 -62.39 32.81 -51.63
CA ILE T 121 -61.81 33.99 -51.00
C ILE T 121 -61.75 35.15 -51.99
N ALA T 122 -61.36 34.86 -53.24
CA ALA T 122 -61.36 35.89 -54.27
C ALA T 122 -62.76 36.30 -54.69
N SER T 123 -63.78 35.49 -54.35
CA SER T 123 -65.14 35.85 -54.69
C SER T 123 -65.58 37.13 -54.00
N ASN T 124 -65.08 37.38 -52.79
CA ASN T 124 -65.37 38.65 -52.13
C ASN T 124 -64.76 39.81 -52.88
N ALA T 125 -63.54 39.64 -53.38
CA ALA T 125 -62.85 40.60 -54.24
C ALA T 125 -62.72 41.96 -53.56
N GLY T 126 -62.02 41.96 -52.42
CA GLY T 126 -61.71 43.19 -51.74
C GLY T 126 -60.63 43.98 -52.44
N SER T 127 -59.42 43.41 -52.49
CA SER T 127 -58.30 44.00 -53.19
C SER T 127 -57.29 42.91 -53.50
N ILE T 128 -56.87 42.82 -54.75
CA ILE T 128 -55.98 41.76 -55.21
C ILE T 128 -54.57 42.32 -55.32
N ALA T 129 -53.64 41.76 -54.54
CA ALA T 129 -52.23 42.15 -54.55
C ALA T 129 -52.05 43.64 -54.27
N LYS U 1 -42.20 46.39 -69.69
CA LYS U 1 -42.82 47.16 -68.63
C LYS U 1 -41.78 47.58 -67.59
N VAL U 2 -41.57 48.89 -67.48
CA VAL U 2 -40.63 49.46 -66.53
C VAL U 2 -41.38 50.50 -65.69
N GLU U 3 -41.45 50.27 -64.38
CA GLU U 3 -42.22 51.13 -63.50
C GLU U 3 -41.32 52.15 -62.81
N LEU U 4 -41.90 53.30 -62.47
CA LEU U 4 -41.17 54.34 -61.77
C LEU U 4 -41.26 54.13 -60.27
N CYS U 5 -40.15 54.39 -59.58
CA CYS U 5 -40.10 54.22 -58.14
C CYS U 5 -40.96 55.26 -57.44
N SER U 6 -41.54 54.87 -56.31
CA SER U 6 -42.41 55.77 -55.57
C SER U 6 -41.63 56.85 -54.83
N PHE U 7 -40.44 56.53 -54.34
CA PHE U 7 -39.63 57.49 -53.58
C PHE U 7 -38.65 58.23 -54.46
N SER U 8 -37.75 57.49 -55.13
CA SER U 8 -36.70 58.12 -55.92
C SER U 8 -37.16 58.54 -57.31
N GLY U 9 -38.16 57.86 -57.86
CA GLY U 9 -38.65 58.19 -59.19
C GLY U 9 -37.84 57.62 -60.33
N TYR U 10 -36.81 56.83 -60.06
CA TYR U 10 -36.02 56.22 -61.11
C TYR U 10 -36.79 55.08 -61.76
N LYS U 11 -36.19 54.48 -62.78
CA LYS U 11 -36.81 53.37 -63.50
C LYS U 11 -36.35 52.06 -62.89
N ILE U 12 -37.31 51.21 -62.49
CA ILE U 12 -37.02 49.93 -61.87
C ILE U 12 -37.15 48.86 -62.95
N TYR U 13 -36.02 48.33 -63.39
CA TYR U 13 -36.01 47.30 -64.41
C TYR U 13 -36.48 45.97 -63.85
N PRO U 14 -36.99 45.08 -64.70
CA PRO U 14 -37.47 43.79 -64.21
C PRO U 14 -36.36 43.01 -63.53
N GLY U 15 -36.66 42.49 -62.33
CA GLY U 15 -35.70 41.75 -61.54
C GLY U 15 -35.00 42.56 -60.48
N HIS U 16 -35.35 43.83 -60.32
CA HIS U 16 -34.74 44.70 -59.32
C HIS U 16 -35.80 45.27 -58.40
N GLY U 17 -35.38 45.72 -57.23
CA GLY U 17 -36.26 46.39 -56.29
C GLY U 17 -37.27 45.45 -55.67
N ARG U 18 -38.14 46.06 -54.86
CA ARG U 18 -39.18 45.35 -54.13
C ARG U 18 -40.50 46.10 -54.28
N ARG U 19 -41.57 45.47 -53.80
CA ARG U 19 -42.89 46.06 -53.79
C ARG U 19 -43.45 46.02 -52.37
N TYR U 20 -44.30 47.00 -52.06
CA TYR U 20 -44.86 47.16 -50.72
C TYR U 20 -46.35 47.43 -50.85
N ALA U 21 -47.16 46.51 -50.36
CA ALA U 21 -48.62 46.63 -50.42
C ALA U 21 -49.13 47.03 -49.05
N ARG U 22 -49.49 48.31 -48.90
CA ARG U 22 -50.01 48.80 -47.64
C ARG U 22 -51.38 48.20 -47.35
N THR U 23 -51.76 48.25 -46.07
CA THR U 23 -53.06 47.71 -45.67
C THR U 23 -54.21 48.47 -46.32
N ASP U 24 -54.03 49.77 -46.57
CA ASP U 24 -55.06 50.56 -47.22
C ASP U 24 -55.37 50.01 -48.61
N GLY U 25 -54.34 49.67 -49.37
CA GLY U 25 -54.52 49.14 -50.71
C GLY U 25 -53.53 49.69 -51.70
N LYS U 26 -52.75 50.69 -51.27
CA LYS U 26 -51.75 51.29 -52.14
C LYS U 26 -50.55 50.36 -52.29
N VAL U 27 -50.03 50.29 -53.50
CA VAL U 27 -48.89 49.45 -53.83
C VAL U 27 -47.76 50.35 -54.32
N PHE U 28 -46.67 50.40 -53.56
CA PHE U 28 -45.50 51.20 -53.91
C PHE U 28 -44.37 50.32 -54.39
N GLN U 29 -43.53 50.87 -55.26
CA GLN U 29 -42.35 50.18 -55.75
C GLN U 29 -41.10 50.88 -55.22
N PHE U 30 -40.21 50.10 -54.61
CA PHE U 30 -38.98 50.63 -54.04
C PHE U 30 -37.79 50.10 -54.83
N LEU U 31 -36.85 51.01 -55.14
CA LEU U 31 -35.70 50.64 -55.97
C LEU U 31 -34.69 49.82 -55.18
N ASN U 32 -34.42 50.19 -53.93
CA ASN U 32 -33.47 49.46 -53.11
C ASN U 32 -33.81 49.72 -51.64
N ALA U 33 -33.01 49.14 -50.73
CA ALA U 33 -33.27 49.27 -49.31
C ALA U 33 -33.09 50.69 -48.80
N LYS U 34 -32.27 51.51 -49.46
CA LYS U 34 -32.14 52.90 -49.05
C LYS U 34 -33.47 53.63 -49.17
N CYS U 35 -34.06 53.63 -50.36
CA CYS U 35 -35.38 54.22 -50.55
C CYS U 35 -36.45 53.51 -49.76
N GLU U 36 -36.34 52.19 -49.58
CA GLU U 36 -37.31 51.47 -48.75
C GLU U 36 -37.33 52.02 -47.33
N SER U 37 -36.16 52.13 -46.71
CA SER U 37 -36.08 52.66 -45.35
C SER U 37 -36.48 54.12 -45.30
N ALA U 38 -36.11 54.91 -46.32
CA ALA U 38 -36.49 56.31 -46.34
C ALA U 38 -37.99 56.49 -46.43
N PHE U 39 -38.69 55.57 -47.10
CA PHE U 39 -40.15 55.64 -47.15
C PHE U 39 -40.77 55.11 -45.87
N LEU U 40 -40.20 54.06 -45.29
CA LEU U 40 -40.78 53.49 -44.08
C LEU U 40 -40.59 54.39 -42.86
N SER U 41 -39.52 55.19 -42.85
CA SER U 41 -39.26 56.12 -41.76
C SER U 41 -39.83 57.51 -42.02
N LYS U 42 -40.71 57.64 -43.02
CA LYS U 42 -41.43 58.88 -43.30
C LYS U 42 -40.47 60.03 -43.59
N ARG U 43 -39.63 59.85 -44.61
CA ARG U 43 -38.80 60.95 -45.11
C ARG U 43 -39.43 61.54 -46.36
N ASN U 44 -39.29 62.85 -46.52
CA ASN U 44 -39.92 63.55 -47.63
C ASN U 44 -39.07 63.39 -48.89
N PRO U 45 -39.60 62.80 -49.96
CA PRO U 45 -38.82 62.73 -51.20
C PRO U 45 -38.51 64.09 -51.79
N ARG U 46 -39.35 65.10 -51.53
CA ARG U 46 -39.07 66.45 -52.01
C ARG U 46 -37.96 67.12 -51.22
N GLN U 47 -37.79 66.74 -49.95
CA GLN U 47 -36.70 67.29 -49.14
C GLN U 47 -35.40 66.52 -49.34
N ILE U 48 -35.47 65.23 -49.66
CA ILE U 48 -34.25 64.49 -49.99
C ILE U 48 -33.72 64.98 -51.33
N ASN U 49 -32.42 65.26 -51.38
CA ASN U 49 -31.86 66.01 -52.50
C ASN U 49 -31.76 65.15 -53.76
N TRP U 50 -31.25 63.93 -53.63
CA TRP U 50 -30.91 63.13 -54.81
C TRP U 50 -32.11 62.53 -55.52
N THR U 51 -33.33 62.75 -55.02
CA THR U 51 -34.50 62.21 -55.69
C THR U 51 -34.87 63.08 -56.89
N VAL U 52 -35.77 62.55 -57.73
CA VAL U 52 -36.20 63.30 -58.91
C VAL U 52 -37.24 64.36 -58.52
N LEU U 53 -37.95 64.17 -57.41
CA LEU U 53 -38.94 65.16 -56.99
C LEU U 53 -38.26 66.46 -56.58
N TYR U 54 -37.15 66.38 -55.86
CA TYR U 54 -36.41 67.58 -55.48
C TYR U 54 -35.91 68.33 -56.72
N ARG U 55 -35.40 67.60 -57.71
CA ARG U 55 -34.91 68.25 -58.92
C ARG U 55 -36.04 68.87 -59.72
N ARG U 56 -37.20 68.20 -59.78
CA ARG U 56 -38.34 68.77 -60.49
C ARG U 56 -38.91 69.99 -59.78
N LYS U 57 -38.83 70.03 -58.44
CA LYS U 57 -39.31 71.18 -57.69
C LYS U 57 -38.33 72.34 -57.68
N HIS U 58 -37.04 72.08 -57.84
CA HIS U 58 -36.03 73.13 -57.81
C HIS U 58 -35.50 73.51 -59.19
N LYS U 59 -35.96 72.85 -60.24
CA LYS U 59 -35.57 73.15 -61.61
C LYS U 59 -34.05 73.11 -61.78
N LYS U 60 -33.50 71.92 -61.53
CA LYS U 60 -32.05 71.75 -61.59
C LYS U 60 -31.58 71.54 -63.03
N GLY U 61 -32.05 70.47 -63.67
CA GLY U 61 -31.62 70.15 -65.01
C GLY U 61 -32.37 70.90 -66.09
N GLN U 62 -33.70 70.75 -66.11
CA GLN U 62 -34.53 71.41 -67.10
C GLN U 62 -35.73 72.09 -66.43
N LYS V 1 0.75 59.90 76.62
CA LYS V 1 0.71 59.10 75.41
C LYS V 1 -0.72 58.98 74.87
N ILE V 2 -1.00 59.73 73.81
CA ILE V 2 -2.34 59.78 73.22
C ILE V 2 -2.24 59.31 71.78
N ARG V 3 -3.15 58.43 71.39
CA ARG V 3 -3.22 57.89 70.01
C ARG V 3 -4.21 58.73 69.23
N THR V 4 -3.69 59.72 68.49
CA THR V 4 -4.56 60.63 67.74
C THR V 4 -5.30 59.94 66.61
N SER V 5 -4.82 58.80 66.13
CA SER V 5 -5.45 58.10 65.02
C SER V 5 -5.58 56.62 65.33
N PRO V 6 -6.68 55.98 64.94
CA PRO V 6 -6.86 54.55 65.19
C PRO V 6 -5.97 53.66 64.34
N THR V 7 -5.13 54.22 63.47
CA THR V 7 -4.25 53.44 62.62
C THR V 7 -2.88 53.32 63.28
N PHE V 8 -2.41 52.09 63.45
CA PHE V 8 -1.09 51.83 64.01
C PHE V 8 -0.08 51.66 62.88
N ARG V 9 1.00 52.43 62.95
CA ARG V 9 2.06 52.38 61.96
C ARG V 9 3.36 51.91 62.60
N ARG V 10 4.30 51.52 61.77
CA ARG V 10 5.59 51.06 62.28
C ARG V 10 6.37 52.24 62.84
N PRO V 11 6.91 52.13 64.05
CA PRO V 11 7.67 53.25 64.63
C PRO V 11 8.94 53.52 63.84
N LYS V 12 9.24 54.80 63.65
CA LYS V 12 10.45 55.20 62.94
C LYS V 12 11.67 54.84 63.77
N THR V 13 12.38 53.79 63.37
CA THR V 13 13.53 53.29 64.11
C THR V 13 14.82 53.82 63.49
N LEU V 14 15.91 53.67 64.25
CA LEU V 14 17.22 54.14 63.78
C LEU V 14 17.87 53.08 62.91
N ARG V 15 18.55 53.52 61.86
CA ARG V 15 19.22 52.64 60.92
C ARG V 15 20.70 53.02 60.85
N LEU V 16 21.56 52.04 61.11
CA LEU V 16 23.00 52.29 61.08
C LEU V 16 23.49 52.41 59.64
N ARG V 17 24.45 53.30 59.43
CA ARG V 17 25.07 53.44 58.11
C ARG V 17 26.00 52.27 57.86
N ARG V 18 26.03 51.81 56.61
CA ARG V 18 26.86 50.68 56.24
C ARG V 18 28.34 50.99 56.44
N GLN V 19 28.97 50.33 57.42
CA GLN V 19 30.37 50.52 57.75
C GLN V 19 31.10 49.20 57.52
N PRO V 20 31.56 48.93 56.29
CA PRO V 20 32.16 47.63 56.00
C PRO V 20 33.49 47.47 56.72
N LYS V 21 33.68 46.31 57.35
CA LYS V 21 34.94 46.02 58.02
C LYS V 21 36.07 45.80 57.02
N TYR V 22 35.75 45.34 55.81
CA TYR V 22 36.74 45.13 54.77
C TYR V 22 36.06 45.36 53.42
N PRO V 23 36.76 45.96 52.46
CA PRO V 23 36.14 46.17 51.14
C PRO V 23 35.92 44.85 50.42
N ARG V 24 34.77 44.75 49.74
CA ARG V 24 34.47 43.54 48.99
C ARG V 24 35.38 43.40 47.77
N LYS V 25 35.83 44.52 47.20
CA LYS V 25 36.80 44.53 46.12
C LYS V 25 38.05 45.25 46.61
N SER V 26 39.21 44.66 46.32
CA SER V 26 40.47 45.21 46.84
C SER V 26 40.77 46.57 46.22
N ALA V 27 40.89 46.63 44.90
CA ALA V 27 41.19 47.87 44.22
C ALA V 27 40.10 48.20 43.22
N PRO V 28 39.75 49.48 43.06
CA PRO V 28 38.74 49.85 42.05
C PRO V 28 39.27 49.60 40.64
N ARG V 29 38.37 49.16 39.77
CA ARG V 29 38.75 48.85 38.40
C ARG V 29 39.14 50.11 37.65
N ARG V 30 40.04 49.95 36.69
CA ARG V 30 40.49 51.06 35.87
C ARG V 30 39.43 51.41 34.83
N ASN V 31 39.21 52.70 34.64
CA ASN V 31 38.22 53.18 33.66
C ASN V 31 38.75 52.88 32.26
N LYS V 32 38.21 51.84 31.63
CA LYS V 32 38.67 51.45 30.31
C LYS V 32 38.24 52.44 29.25
N LEU V 33 37.12 53.13 29.45
CA LEU V 33 36.65 54.13 28.49
C LEU V 33 37.36 55.47 28.74
N ASP V 34 38.67 55.45 28.52
CA ASP V 34 39.51 56.62 28.77
C ASP V 34 39.44 57.56 27.57
N HIS V 35 40.23 58.63 27.61
CA HIS V 35 40.20 59.63 26.55
C HIS V 35 40.71 59.07 25.23
N TYR V 36 41.65 58.14 25.27
CA TYR V 36 42.16 57.52 24.07
C TYR V 36 41.28 56.38 23.56
N ALA V 37 40.46 55.79 24.43
CA ALA V 37 39.54 54.73 24.04
C ALA V 37 38.19 55.27 23.60
N ILE V 38 37.85 56.50 23.94
CA ILE V 38 36.57 57.07 23.53
C ILE V 38 36.54 57.21 22.00
N ILE V 39 37.49 57.95 21.44
CA ILE V 39 37.61 58.09 19.99
C ILE V 39 38.60 57.05 19.48
N LYS V 40 38.37 56.58 18.26
CA LYS V 40 39.22 55.57 17.65
C LYS V 40 40.01 56.10 16.46
N PHE V 41 39.32 56.68 15.47
CA PHE V 41 40.00 57.18 14.28
C PHE V 41 39.03 58.05 13.51
N PRO V 42 39.49 59.16 12.93
CA PRO V 42 38.60 60.01 12.12
C PRO V 42 38.33 59.38 10.77
N LEU V 43 37.31 59.91 10.10
CA LEU V 43 36.92 59.46 8.78
C LEU V 43 37.59 60.31 7.72
N THR V 44 38.04 59.66 6.64
CA THR V 44 38.74 60.34 5.55
C THR V 44 37.91 60.29 4.26
N THR V 45 36.60 60.07 4.39
CA THR V 45 35.73 59.99 3.22
C THR V 45 35.51 61.38 2.62
N GLU V 46 34.97 61.39 1.40
CA GLU V 46 34.70 62.66 0.74
C GLU V 46 33.62 63.44 1.47
N SER V 47 32.59 62.75 1.97
CA SER V 47 31.56 63.43 2.74
C SER V 47 32.12 64.00 4.04
N ALA V 48 33.13 63.35 4.62
CA ALA V 48 33.74 63.87 5.84
C ALA V 48 34.64 65.07 5.54
N MET V 49 35.39 65.02 4.43
CA MET V 49 36.23 66.16 4.07
C MET V 49 35.40 67.34 3.61
N LYS V 50 34.19 67.11 3.10
CA LYS V 50 33.32 68.22 2.74
C LYS V 50 32.91 69.02 3.97
N LYS V 51 32.79 68.36 5.13
CA LYS V 51 32.46 69.06 6.37
C LYS V 51 33.66 69.69 7.03
N ILE V 52 34.87 69.43 6.54
CA ILE V 52 36.07 70.00 7.16
C ILE V 52 36.17 71.49 6.89
N GLU V 53 36.17 71.87 5.61
CA GLU V 53 36.39 73.25 5.22
C GLU V 53 35.10 74.06 5.09
N ASP V 54 33.99 73.41 4.73
CA ASP V 54 32.73 74.11 4.56
C ASP V 54 31.94 74.26 5.85
N ASN V 55 32.25 73.46 6.86
CA ASN V 55 31.50 73.49 8.11
C ASN V 55 32.37 73.68 9.35
N ASN V 56 33.70 73.61 9.22
CA ASN V 56 34.61 73.75 10.36
C ASN V 56 34.28 72.73 11.44
N THR V 57 34.00 71.49 11.02
CA THR V 57 33.67 70.40 11.93
C THR V 57 34.44 69.16 11.51
N LEU V 58 34.73 68.30 12.49
CA LEU V 58 35.47 67.07 12.26
C LEU V 58 34.54 65.87 12.43
N VAL V 59 34.94 64.74 11.84
CA VAL V 59 34.19 63.50 11.91
C VAL V 59 35.05 62.47 12.63
N PHE V 60 34.49 61.83 13.65
CA PHE V 60 35.23 60.86 14.44
C PHE V 60 34.39 59.61 14.64
N ILE V 61 35.00 58.45 14.39
CA ILE V 61 34.34 57.18 14.72
C ILE V 61 34.72 56.80 16.14
N VAL V 62 33.74 56.85 17.05
CA VAL V 62 33.97 56.67 18.47
C VAL V 62 33.24 55.40 18.93
N ASP V 63 33.52 55.01 20.17
CA ASP V 63 32.84 53.85 20.74
C ASP V 63 31.35 54.14 20.94
N VAL V 64 30.56 53.08 20.97
CA VAL V 64 29.12 53.24 21.13
C VAL V 64 28.75 53.62 22.56
N LYS V 65 29.63 53.34 23.53
CA LYS V 65 29.34 53.65 24.93
C LYS V 65 29.60 55.11 25.28
N ALA V 66 30.22 55.89 24.38
CA ALA V 66 30.54 57.27 24.66
C ALA V 66 29.40 58.19 24.26
N ASN V 67 29.10 59.16 25.11
CA ASN V 67 28.08 60.16 24.83
C ASN V 67 28.73 61.47 24.41
N LYS V 68 27.90 62.50 24.23
CA LYS V 68 28.40 63.78 23.73
C LYS V 68 29.37 64.43 24.71
N HIS V 69 29.08 64.35 26.01
CA HIS V 69 29.97 64.95 27.01
C HIS V 69 31.33 64.26 26.99
N GLN V 70 31.34 62.93 26.93
CA GLN V 70 32.61 62.21 26.90
C GLN V 70 33.38 62.48 25.62
N ILE V 71 32.68 62.59 24.49
CA ILE V 71 33.35 62.94 23.24
C ILE V 71 33.98 64.32 23.33
N LYS V 72 33.22 65.29 23.86
CA LYS V 72 33.75 66.65 24.01
C LYS V 72 34.98 66.66 24.91
N GLN V 73 34.91 65.95 26.05
CA GLN V 73 36.05 65.93 26.96
C GLN V 73 37.26 65.26 26.34
N ALA V 74 37.04 64.16 25.61
CA ALA V 74 38.15 63.47 24.97
C ALA V 74 38.81 64.34 23.91
N VAL V 75 38.00 65.04 23.11
CA VAL V 75 38.56 65.93 22.09
C VAL V 75 39.36 67.06 22.75
N LYS V 76 38.79 67.67 23.81
CA LYS V 76 39.49 68.76 24.48
C LYS V 76 40.79 68.29 25.12
N LYS V 77 40.81 67.05 25.61
CA LYS V 77 42.02 66.55 26.27
C LYS V 77 43.06 66.09 25.28
N LEU V 78 42.65 65.62 24.10
CA LEU V 78 43.61 65.08 23.14
C LEU V 78 44.15 66.13 22.18
N TYR V 79 43.30 67.05 21.71
CA TYR V 79 43.73 68.02 20.71
C TYR V 79 43.78 69.44 21.24
N ASP V 80 43.36 69.67 22.49
CA ASP V 80 43.42 71.00 23.13
C ASP V 80 42.68 72.05 22.30
N ILE V 81 41.49 71.70 21.84
CA ILE V 81 40.67 72.59 21.04
C ILE V 81 39.27 72.64 21.63
N ASP V 82 38.60 73.78 21.43
CA ASP V 82 37.26 73.97 21.95
C ASP V 82 36.23 73.28 21.07
N VAL V 83 35.11 72.93 21.67
CA VAL V 83 34.03 72.21 20.99
C VAL V 83 32.75 73.00 21.12
N ALA V 84 32.06 73.21 20.00
CA ALA V 84 30.77 73.88 20.00
C ALA V 84 29.64 72.90 20.32
N LYS V 85 29.52 71.83 19.53
CA LYS V 85 28.50 70.82 19.76
C LYS V 85 28.95 69.51 19.13
N VAL V 86 28.23 68.44 19.45
CA VAL V 86 28.52 67.10 18.95
C VAL V 86 27.22 66.45 18.51
N ASN V 87 27.18 65.95 17.27
CA ASN V 87 26.04 65.23 16.74
C ASN V 87 26.46 63.79 16.46
N THR V 88 25.91 62.85 17.23
CA THR V 88 26.28 61.45 17.11
C THR V 88 25.19 60.67 16.40
N LEU V 89 25.60 59.60 15.73
CA LEU V 89 24.65 58.72 15.05
C LEU V 89 25.24 57.31 15.00
N ILE V 90 24.37 56.31 15.15
CA ILE V 90 24.79 54.92 15.06
C ILE V 90 24.71 54.49 13.61
N ARG V 91 25.88 54.17 13.03
CA ARG V 91 25.92 53.73 11.65
C ARG V 91 25.19 52.38 11.50
N PRO V 92 24.73 52.04 10.30
CA PRO V 92 24.05 50.75 10.12
C PRO V 92 24.95 49.55 10.36
N ASP V 93 26.27 49.75 10.42
CA ASP V 93 27.20 48.66 10.67
C ASP V 93 27.47 48.41 12.15
N GLY V 94 27.01 49.30 13.02
CA GLY V 94 27.14 49.11 14.46
C GLY V 94 28.04 50.11 15.15
N GLU V 95 28.88 50.85 14.42
CA GLU V 95 29.75 51.83 15.02
C GLU V 95 28.98 53.12 15.29
N LYS V 96 29.67 54.07 15.93
CA LYS V 96 29.11 55.39 16.22
C LYS V 96 29.97 56.45 15.56
N LYS V 97 29.34 57.33 14.79
CA LYS V 97 30.02 58.42 14.11
C LYS V 97 29.55 59.75 14.70
N ALA V 98 30.49 60.61 15.04
CA ALA V 98 30.21 61.88 15.69
C ALA V 98 30.78 63.02 14.88
N TYR V 99 29.92 63.98 14.53
CA TYR V 99 30.34 65.25 13.95
C TYR V 99 30.54 66.24 15.09
N VAL V 100 31.79 66.63 15.31
CA VAL V 100 32.15 67.54 16.40
C VAL V 100 32.49 68.89 15.78
N ARG V 101 31.73 69.92 16.13
CA ARG V 101 31.94 71.25 15.58
C ARG V 101 32.90 72.03 16.46
N LEU V 102 33.92 72.62 15.83
CA LEU V 102 34.92 73.39 16.54
C LEU V 102 34.42 74.82 16.77
N ALA V 103 35.05 75.49 17.74
CA ALA V 103 34.71 76.87 18.02
C ALA V 103 35.18 77.76 16.86
N PRO V 104 34.53 78.91 16.66
CA PRO V 104 34.90 79.77 15.52
C PRO V 104 36.34 80.25 15.54
N ASP V 105 36.99 80.31 16.70
CA ASP V 105 38.38 80.75 16.73
C ASP V 105 39.33 79.70 16.16
N TYR V 106 38.96 78.42 16.27
CA TYR V 106 39.78 77.34 15.73
C TYR V 106 39.38 77.06 14.29
N ASP V 107 40.36 76.55 13.53
CA ASP V 107 40.15 76.16 12.14
C ASP V 107 40.32 74.66 12.01
N ALA V 108 39.43 74.03 11.24
CA ALA V 108 39.49 72.57 11.10
C ALA V 108 40.64 72.15 10.20
N LEU V 109 41.09 73.03 9.30
CA LEU V 109 42.15 72.67 8.36
C LEU V 109 43.46 72.36 9.10
N ASP V 110 43.84 73.22 10.04
CA ASP V 110 45.08 72.98 10.77
C ASP V 110 44.97 71.79 11.71
N VAL V 111 43.81 71.56 12.32
CA VAL V 111 43.63 70.35 13.14
C VAL V 111 43.76 69.10 12.29
N ALA V 112 43.19 69.11 11.09
CA ALA V 112 43.31 67.95 10.19
C ALA V 112 44.76 67.75 9.75
N ASN V 113 45.46 68.85 9.42
CA ASN V 113 46.86 68.72 9.02
C ASN V 113 47.72 68.23 10.18
N LYS V 114 47.37 68.57 11.42
CA LYS V 114 48.14 68.12 12.56
C LYS V 114 47.87 66.65 12.88
N ILE V 115 46.62 66.22 12.76
CA ILE V 115 46.30 64.83 13.02
C ILE V 115 45.93 64.02 11.78
N GLY V 116 46.95 63.49 11.11
CA GLY V 116 46.77 62.66 9.93
C GLY V 116 46.09 63.26 8.72
N ILE V 117 44.77 63.12 8.65
CA ILE V 117 43.94 63.61 7.54
C ILE V 117 44.30 64.99 7.02
N ILE V 118 44.34 65.12 5.69
CA ILE V 118 44.66 66.39 5.04
C ILE V 118 43.48 66.88 4.22
N MET W 1 58.95 -4.90 20.32
CA MET W 1 57.51 -4.95 20.56
C MET W 1 57.11 -3.94 21.61
N LYS W 2 55.89 -3.41 21.49
CA LYS W 2 55.38 -2.43 22.44
C LYS W 2 54.94 -3.12 23.72
N PHE W 3 55.25 -2.49 24.86
CA PHE W 3 54.87 -3.01 26.17
C PHE W 3 54.24 -1.98 27.08
N ASN W 4 54.42 -0.70 26.84
CA ASN W 4 53.82 0.32 27.69
C ASN W 4 52.32 0.42 27.41
N PRO W 5 51.47 0.23 28.41
CA PRO W 5 50.01 0.31 28.15
C PRO W 5 49.51 1.73 27.99
N PHE W 6 50.42 2.71 27.95
CA PHE W 6 50.04 4.11 27.80
C PHE W 6 50.43 4.69 26.45
N VAL W 7 51.08 3.93 25.58
CA VAL W 7 51.39 4.35 24.22
C VAL W 7 50.60 3.46 23.27
N THR W 8 50.06 4.05 22.21
CA THR W 8 49.15 3.36 21.32
C THR W 8 49.89 2.85 20.07
N SER W 9 49.30 1.82 19.46
CA SER W 9 49.73 1.31 18.16
C SER W 9 48.70 1.59 17.07
N ASP W 10 47.69 2.41 17.37
CA ASP W 10 46.65 2.69 16.39
C ASP W 10 47.20 3.53 15.25
N ARG W 11 47.00 3.05 14.02
CA ARG W 11 47.48 3.76 12.84
C ARG W 11 46.82 5.13 12.73
N SER W 12 45.51 5.19 12.94
CA SER W 12 44.80 6.46 12.84
C SER W 12 45.25 7.44 13.91
N LYS W 13 45.43 6.96 15.14
CA LYS W 13 45.87 7.84 16.22
C LYS W 13 47.29 8.35 15.98
N ASN W 14 48.18 7.48 15.51
CA ASN W 14 49.53 7.90 15.20
C ASN W 14 49.54 8.93 14.07
N ARG W 15 48.76 8.69 13.02
CA ARG W 15 48.70 9.66 11.92
C ARG W 15 48.14 10.99 12.39
N LYS W 16 47.11 10.97 13.25
CA LYS W 16 46.55 12.21 13.75
C LYS W 16 47.56 12.97 14.59
N ARG W 17 48.23 12.29 15.53
CA ARG W 17 49.20 12.96 16.38
C ARG W 17 50.44 13.41 15.61
N HIS W 18 50.71 12.81 14.44
CA HIS W 18 51.82 13.27 13.64
C HIS W 18 51.43 14.45 12.76
N PHE W 19 50.20 14.47 12.24
CA PHE W 19 49.79 15.54 11.36
C PHE W 19 49.36 16.78 12.12
N ASN W 20 48.92 16.63 13.37
CA ASN W 20 48.53 17.76 14.19
C ASN W 20 49.52 18.03 15.33
N ALA W 21 50.80 17.72 15.10
CA ALA W 21 51.81 17.92 16.13
C ALA W 21 52.14 19.40 16.28
N PRO W 22 52.41 19.84 17.51
CA PRO W 22 52.79 21.24 17.72
C PRO W 22 54.14 21.56 17.08
N SER W 23 54.45 22.86 17.07
CA SER W 23 55.68 23.31 16.43
C SER W 23 56.93 22.81 17.14
N HIS W 24 56.86 22.66 18.46
CA HIS W 24 58.02 22.16 19.20
C HIS W 24 58.20 20.65 19.06
N ILE W 25 57.20 19.94 18.54
CA ILE W 25 57.37 18.53 18.22
C ILE W 25 57.72 18.34 16.75
N ARG W 26 57.30 19.27 15.88
CA ARG W 26 57.66 19.19 14.48
C ARG W 26 59.17 19.34 14.29
N ARG W 27 59.82 20.16 15.12
CA ARG W 27 61.27 20.32 14.99
C ARG W 27 62.01 19.04 15.39
N LYS W 28 61.44 18.26 16.30
CA LYS W 28 62.04 16.98 16.64
C LYS W 28 61.74 15.92 15.59
N ILE W 29 60.56 15.98 14.99
CA ILE W 29 60.21 15.04 13.93
C ILE W 29 61.10 15.27 12.71
N MET W 30 61.30 16.52 12.34
CA MET W 30 62.14 16.87 11.19
C MET W 30 63.60 16.82 11.62
N SER W 31 64.13 15.60 11.68
CA SER W 31 65.52 15.36 12.02
C SER W 31 66.23 14.69 10.86
N SER W 32 67.51 15.01 10.69
CA SER W 32 68.30 14.45 9.60
C SER W 32 69.56 13.79 10.13
N PRO W 33 70.00 12.71 9.50
CA PRO W 33 71.23 12.05 9.96
C PRO W 33 72.46 12.87 9.61
N LEU W 34 73.54 12.60 10.34
CA LEU W 34 74.80 13.28 10.12
C LEU W 34 75.74 12.43 9.26
N SER W 35 76.75 13.09 8.70
CA SER W 35 77.71 12.39 7.87
C SER W 35 78.54 11.42 8.70
N LYS W 36 79.28 10.56 8.01
CA LYS W 36 80.05 9.53 8.70
C LYS W 36 81.24 10.13 9.45
N GLU W 37 81.95 11.07 8.84
CA GLU W 37 83.12 11.65 9.50
C GLU W 37 82.72 12.56 10.66
N LEU W 38 81.49 13.08 10.65
CA LEU W 38 81.01 13.94 11.71
C LEU W 38 80.31 13.15 12.82
N ARG W 39 79.75 11.99 12.50
CA ARG W 39 79.11 11.16 13.50
C ARG W 39 80.13 10.67 14.52
N GLN W 40 81.27 10.17 14.05
CA GLN W 40 82.32 9.74 14.96
C GLN W 40 82.93 10.91 15.72
N LYS W 41 82.84 12.12 15.18
CA LYS W 41 83.39 13.29 15.87
C LYS W 41 82.49 13.74 17.02
N TYR W 42 81.18 13.81 16.77
CA TYR W 42 80.25 14.34 17.76
C TYR W 42 79.58 13.27 18.60
N ASN W 43 79.80 11.99 18.31
CA ASN W 43 79.27 10.87 19.10
C ASN W 43 77.74 10.92 19.19
N VAL W 44 77.10 11.48 18.16
CA VAL W 44 75.65 11.55 18.09
C VAL W 44 75.19 11.08 16.72
N ARG W 45 74.00 10.47 16.69
CA ARG W 45 73.50 9.87 15.46
C ARG W 45 72.80 10.91 14.57
N SER W 46 71.74 11.52 15.09
CA SER W 46 70.94 12.46 14.33
C SER W 46 70.89 13.81 15.04
N MET W 47 70.30 14.79 14.35
CA MET W 47 70.22 16.15 14.87
C MET W 47 69.14 16.91 14.10
N PRO W 48 68.32 17.70 14.76
CA PRO W 48 67.31 18.48 14.04
C PRO W 48 67.94 19.48 13.08
N ILE W 49 67.13 19.93 12.13
CA ILE W 49 67.57 20.84 11.08
C ILE W 49 67.25 22.27 11.49
N ARG W 50 68.20 23.18 11.24
CA ARG W 50 67.99 24.61 11.44
C ARG W 50 68.24 25.32 10.10
N LYS W 51 68.24 26.65 10.15
CA LYS W 51 68.29 27.44 8.92
C LYS W 51 69.71 27.65 8.41
N ASP W 52 70.71 27.64 9.30
CA ASP W 52 72.07 28.00 8.91
C ASP W 52 72.94 26.82 8.49
N ASP W 53 72.58 25.60 8.89
CA ASP W 53 73.46 24.47 8.64
C ASP W 53 73.45 24.06 7.17
N GLU W 54 74.60 23.58 6.70
CA GLU W 54 74.70 23.01 5.37
C GLU W 54 74.26 21.56 5.38
N VAL W 55 73.90 21.05 4.21
CA VAL W 55 73.34 19.71 4.09
C VAL W 55 73.56 19.20 2.67
N GLN W 56 73.50 17.89 2.51
CA GLN W 56 73.75 17.23 1.22
C GLN W 56 72.69 16.17 0.98
N VAL W 57 72.02 16.25 -0.17
CA VAL W 57 70.97 15.31 -0.53
C VAL W 57 71.59 13.96 -0.83
N VAL W 58 70.94 12.88 -0.37
CA VAL W 58 71.45 11.54 -0.55
C VAL W 58 70.49 10.73 -1.42
N ARG W 59 69.21 11.05 -1.35
CA ARG W 59 68.20 10.32 -2.10
C ARG W 59 67.17 11.28 -2.67
N GLY W 60 66.57 10.89 -3.78
CA GLY W 60 65.58 11.67 -4.48
C GLY W 60 66.02 11.93 -5.90
N HIS W 61 65.38 12.92 -6.54
CA HIS W 61 65.76 13.29 -7.90
C HIS W 61 66.95 14.24 -7.91
N TYR W 62 66.97 15.19 -6.99
CA TYR W 62 68.09 16.14 -6.88
C TYR W 62 69.11 15.63 -5.87
N LYS W 63 69.65 14.45 -6.18
CA LYS W 63 70.62 13.80 -5.32
C LYS W 63 71.99 13.80 -5.98
N GLY W 64 73.03 13.78 -5.14
CA GLY W 64 74.39 13.80 -5.65
C GLY W 64 75.37 14.11 -4.53
N GLN W 65 76.56 14.54 -4.93
CA GLN W 65 77.61 14.90 -3.98
C GLN W 65 77.80 16.40 -3.87
N GLN W 66 77.01 17.20 -4.58
CA GLN W 66 77.11 18.66 -4.48
C GLN W 66 76.63 19.12 -3.12
N ILE W 67 77.52 19.77 -2.37
CA ILE W 67 77.15 20.26 -1.05
C ILE W 67 76.21 21.46 -1.18
N GLY W 68 75.16 21.48 -0.36
CA GLY W 68 74.18 22.53 -0.40
C GLY W 68 73.96 23.14 0.98
N LYS W 69 73.07 24.13 1.01
CA LYS W 69 72.73 24.84 2.24
C LYS W 69 71.22 25.06 2.27
N VAL W 70 70.64 24.95 3.46
CA VAL W 70 69.20 25.15 3.61
C VAL W 70 68.90 26.63 3.74
N VAL W 71 67.74 27.03 3.22
CA VAL W 71 67.30 28.42 3.31
C VAL W 71 65.98 28.58 4.05
N GLN W 72 65.12 27.57 4.07
CA GLN W 72 63.86 27.65 4.78
C GLN W 72 63.52 26.28 5.34
N VAL W 73 62.99 26.26 6.56
CA VAL W 73 62.56 25.01 7.14
C VAL W 73 61.07 25.22 7.25
N TYR W 74 60.30 24.51 6.44
CA TYR W 74 58.88 24.66 6.47
C TYR W 74 58.33 23.60 7.40
N ARG W 75 58.13 23.96 8.66
CA ARG W 75 57.63 23.03 9.66
C ARG W 75 56.22 22.57 9.36
N LYS W 76 55.40 23.45 8.80
CA LYS W 76 54.04 23.10 8.47
C LYS W 76 53.98 21.97 7.46
N LYS W 77 54.86 21.98 6.47
CA LYS W 77 54.89 20.93 5.44
C LYS W 77 55.90 19.83 5.68
N TYR W 78 56.60 19.86 6.83
CA TYR W 78 57.63 18.87 7.17
C TYR W 78 58.62 18.79 6.03
N VAL W 79 59.12 19.94 5.59
CA VAL W 79 60.00 20.01 4.44
C VAL W 79 61.04 21.09 4.67
N ILE W 80 62.12 21.03 3.89
CA ILE W 80 63.18 22.04 3.91
C ILE W 80 63.45 22.47 2.47
N TYR W 81 64.10 23.62 2.33
CA TYR W 81 64.41 24.18 1.02
C TYR W 81 65.92 24.43 0.92
N ILE W 82 66.46 24.22 -0.27
CA ILE W 82 67.88 24.43 -0.56
C ILE W 82 67.99 25.43 -1.70
N GLU W 83 69.00 26.30 -1.63
CA GLU W 83 69.11 27.38 -2.61
C GLU W 83 69.46 26.84 -3.99
N ARG W 84 70.23 25.74 -4.06
CA ARG W 84 70.62 25.20 -5.35
C ARG W 84 69.67 24.12 -5.84
N VAL W 85 68.93 23.48 -4.96
CA VAL W 85 67.90 22.52 -5.35
C VAL W 85 66.65 23.31 -5.72
N GLN W 86 66.51 23.64 -7.00
CA GLN W 86 65.43 24.51 -7.47
C GLN W 86 64.89 23.98 -8.79
N ARG W 87 63.88 24.67 -9.30
CA ARG W 87 63.19 24.28 -10.52
C ARG W 87 62.63 25.52 -11.20
N GLU W 88 62.52 25.44 -12.52
CA GLU W 88 61.98 26.55 -13.31
C GLU W 88 60.47 26.40 -13.47
N LYS W 89 59.77 27.54 -13.41
CA LYS W 89 58.33 27.58 -13.58
C LYS W 89 58.00 27.57 -15.07
N ALA W 90 56.74 27.84 -15.40
CA ALA W 90 56.36 27.97 -16.80
C ALA W 90 57.00 29.21 -17.43
N ASN W 91 56.99 30.33 -16.71
CA ASN W 91 57.53 31.58 -17.21
C ASN W 91 59.05 31.67 -17.09
N GLY W 92 59.69 30.70 -16.46
CA GLY W 92 61.13 30.67 -16.35
C GLY W 92 61.69 31.11 -15.00
N THR W 93 60.84 31.58 -14.09
CA THR W 93 61.30 32.00 -12.77
C THR W 93 61.68 30.79 -11.93
N THR W 94 62.67 30.98 -11.06
CA THR W 94 63.14 29.89 -10.23
C THR W 94 62.28 29.77 -8.97
N VAL W 95 62.19 28.55 -8.46
CA VAL W 95 61.45 28.27 -7.24
C VAL W 95 62.06 27.04 -6.59
N HIS W 96 62.17 27.07 -5.26
CA HIS W 96 62.79 25.97 -4.54
C HIS W 96 61.90 24.73 -4.60
N VAL W 97 62.55 23.57 -4.54
CA VAL W 97 61.88 22.27 -4.53
C VAL W 97 61.95 21.72 -3.13
N GLY W 98 60.86 21.10 -2.67
CA GLY W 98 60.79 20.59 -1.31
C GLY W 98 61.29 19.16 -1.21
N ILE W 99 62.18 18.92 -0.26
CA ILE W 99 62.68 17.59 0.04
C ILE W 99 62.54 17.33 1.53
N HIS W 100 62.17 16.11 1.89
CA HIS W 100 61.97 15.78 3.29
C HIS W 100 63.31 15.73 4.01
N PRO W 101 63.37 16.19 5.27
CA PRO W 101 64.64 16.16 6.00
C PRO W 101 65.14 14.76 6.31
N SER W 102 64.27 13.75 6.33
CA SER W 102 64.73 12.39 6.57
C SER W 102 65.48 11.81 5.37
N LYS W 103 65.31 12.41 4.19
CA LYS W 103 66.00 11.96 2.98
C LYS W 103 67.24 12.76 2.66
N VAL W 104 67.84 13.42 3.65
CA VAL W 104 68.99 14.28 3.45
C VAL W 104 69.94 14.10 4.63
N VAL W 105 71.23 14.19 4.36
CA VAL W 105 72.27 13.98 5.36
C VAL W 105 73.05 15.27 5.57
N ILE W 106 73.28 15.60 6.84
CA ILE W 106 73.94 16.85 7.22
C ILE W 106 75.46 16.66 7.19
N THR W 107 76.16 17.71 6.77
CA THR W 107 77.62 17.73 6.79
C THR W 107 78.20 18.84 7.65
N ARG W 108 77.45 19.90 7.93
CA ARG W 108 77.93 21.03 8.70
C ARG W 108 76.81 21.53 9.60
N LEU W 109 77.16 21.92 10.82
CA LEU W 109 76.20 22.42 11.79
C LEU W 109 76.64 23.79 12.30
N LYS W 110 75.66 24.64 12.63
CA LYS W 110 75.96 25.94 13.21
C LYS W 110 76.29 25.74 14.69
N LEU W 111 77.52 26.08 15.08
CA LEU W 111 77.97 25.91 16.45
C LEU W 111 77.36 27.01 17.30
N ASP W 112 76.19 26.73 17.86
CA ASP W 112 75.46 27.65 18.72
C ASP W 112 75.57 27.20 20.17
N LYS W 113 75.32 28.14 21.08
CA LYS W 113 75.40 27.84 22.50
C LYS W 113 74.41 26.76 22.90
N ASP W 114 73.24 26.72 22.27
CA ASP W 114 72.27 25.68 22.57
C ASP W 114 72.57 24.40 21.80
N ARG W 115 73.11 24.52 20.58
CA ARG W 115 73.45 23.34 19.80
C ARG W 115 74.54 22.53 20.50
N LYS W 116 75.56 23.20 21.04
CA LYS W 116 76.61 22.49 21.76
C LYS W 116 76.04 21.78 22.99
N LYS W 117 75.09 22.42 23.67
CA LYS W 117 74.47 21.80 24.84
C LYS W 117 73.68 20.56 24.44
N ILE W 118 72.92 20.64 23.36
CA ILE W 118 72.17 19.48 22.89
C ILE W 118 73.12 18.35 22.49
N LEU W 119 74.23 18.71 21.82
CA LEU W 119 75.19 17.71 21.40
C LEU W 119 75.82 17.00 22.59
N GLU W 120 76.25 17.77 23.60
CA GLU W 120 76.87 17.13 24.77
C GLU W 120 75.86 16.34 25.58
N ARG W 121 74.60 16.79 25.63
CA ARG W 121 73.57 16.00 26.32
C ARG W 121 73.34 14.67 25.61
N LYS W 122 73.23 14.69 24.29
CA LYS W 122 73.05 13.45 23.53
C LYS W 122 74.25 12.54 23.69
N ALA W 123 75.46 13.11 23.70
CA ALA W 123 76.66 12.29 23.86
C ALA W 123 76.72 11.65 25.23
N LYS W 124 76.40 12.40 26.29
CA LYS W 124 76.42 11.85 27.64
C LYS W 124 75.30 10.85 27.85
N SER W 125 74.17 10.99 27.15
CA SER W 125 73.11 10.00 27.26
C SER W 125 73.45 8.73 26.49
N ARG W 126 74.16 8.85 25.36
CA ARG W 126 74.60 7.67 24.64
C ARG W 126 75.71 6.94 25.38
N GLN W 127 76.56 7.69 26.09
CA GLN W 127 77.66 7.16 26.90
C GLN W 127 78.41 6.01 26.23
N LYS X 1 -37.32 104.72 53.24
CA LYS X 1 -36.33 105.71 53.66
C LYS X 1 -35.67 105.29 54.97
N PHE X 2 -35.08 104.09 54.98
CA PHE X 2 -34.43 103.58 56.17
C PHE X 2 -32.90 103.63 56.08
N MET X 3 -32.35 103.67 54.88
CA MET X 3 -30.90 103.68 54.71
C MET X 3 -30.35 105.04 55.09
N LYS X 4 -29.58 105.07 56.17
CA LYS X 4 -29.00 106.29 56.72
C LYS X 4 -27.49 106.15 56.84
N PRO X 5 -26.77 107.27 56.94
CA PRO X 5 -25.29 107.18 57.07
C PRO X 5 -24.82 106.54 58.36
N GLY X 6 -25.71 106.05 59.21
CA GLY X 6 -25.29 105.42 60.45
C GLY X 6 -25.13 103.92 60.36
N LYS X 7 -25.97 103.27 59.56
CA LYS X 7 -26.00 101.82 59.53
C LYS X 7 -24.80 101.26 58.76
N VAL X 8 -24.60 99.95 58.91
CA VAL X 8 -23.55 99.22 58.21
C VAL X 8 -24.15 98.64 56.93
N VAL X 9 -23.33 98.52 55.89
CA VAL X 9 -23.78 98.09 54.58
C VAL X 9 -22.75 97.15 53.98
N LEU X 10 -23.16 95.93 53.64
CA LEU X 10 -22.29 94.99 52.96
C LEU X 10 -22.16 95.36 51.49
N VAL X 11 -21.08 94.89 50.88
CA VAL X 11 -20.80 95.14 49.46
C VAL X 11 -20.90 93.81 48.73
N LEU X 12 -21.83 93.73 47.78
CA LEU X 12 -22.08 92.47 47.09
C LEU X 12 -21.06 92.22 45.98
N ALA X 13 -21.02 93.09 44.99
CA ALA X 13 -20.15 92.92 43.83
C ALA X 13 -19.07 94.00 43.81
N GLY X 14 -17.89 93.63 43.35
CA GLY X 14 -16.78 94.55 43.26
C GLY X 14 -15.48 93.98 43.78
N ARG X 15 -14.43 94.79 43.77
CA ARG X 15 -13.14 94.33 44.28
C ARG X 15 -13.20 94.06 45.77
N TYR X 16 -13.89 94.92 46.52
CA TYR X 16 -14.07 94.74 47.96
C TYR X 16 -15.43 94.09 48.20
N SER X 17 -15.51 92.80 47.91
CA SER X 17 -16.76 92.07 48.03
C SER X 17 -16.95 91.64 49.49
N GLY X 18 -17.96 92.21 50.14
CA GLY X 18 -18.24 91.89 51.52
C GLY X 18 -17.17 92.41 52.47
N ARG X 19 -17.08 93.74 52.60
CA ARG X 19 -16.01 94.35 53.37
C ARG X 19 -16.50 95.30 54.45
N LYS X 20 -17.76 95.15 54.89
CA LYS X 20 -18.30 95.85 56.05
C LYS X 20 -18.17 97.38 55.88
N ALA X 21 -18.90 97.89 54.90
CA ALA X 21 -18.89 99.32 54.61
C ALA X 21 -19.96 100.04 55.42
N VAL X 22 -19.67 101.29 55.78
CA VAL X 22 -20.63 102.17 56.44
C VAL X 22 -20.81 103.41 55.58
N ILE X 23 -22.06 103.83 55.40
CA ILE X 23 -22.38 104.92 54.50
C ILE X 23 -21.92 106.24 55.10
N VAL X 24 -21.18 107.02 54.32
CA VAL X 24 -20.85 108.39 54.67
C VAL X 24 -21.87 109.37 54.13
N LYS X 25 -22.34 109.15 52.91
CA LYS X 25 -23.37 110.03 52.34
C LYS X 25 -24.13 109.31 51.25
N ASN X 26 -25.45 109.21 51.41
CA ASN X 26 -26.32 108.51 50.47
C ASN X 26 -27.08 109.51 49.62
N ILE X 27 -27.16 109.24 48.32
CA ILE X 27 -27.88 110.09 47.37
C ILE X 27 -28.94 109.21 46.73
N ASP X 28 -30.20 109.46 47.08
CA ASP X 28 -31.29 108.57 46.65
C ASP X 28 -31.91 109.03 45.34
N ASP X 29 -31.85 110.33 45.04
CA ASP X 29 -32.41 110.81 43.78
C ASP X 29 -31.42 110.65 42.63
N GLY X 30 -30.14 110.85 42.89
CA GLY X 30 -29.12 110.68 41.89
C GLY X 30 -28.62 112.00 41.36
N THR X 31 -27.33 112.05 41.05
CA THR X 31 -26.72 113.26 40.50
C THR X 31 -26.93 113.31 38.99
N SER X 32 -26.39 114.35 38.36
CA SER X 32 -26.52 114.49 36.92
C SER X 32 -25.61 113.50 36.19
N ASP X 33 -24.37 113.38 36.63
CA ASP X 33 -23.44 112.44 35.99
C ASP X 33 -23.75 111.00 36.33
N ARG X 34 -24.47 110.75 37.42
CA ARG X 34 -24.86 109.40 37.83
C ARG X 34 -26.37 109.36 38.02
N PRO X 35 -27.12 108.87 37.03
CA PRO X 35 -28.58 108.85 37.18
C PRO X 35 -29.06 107.84 38.21
N TYR X 36 -28.29 106.81 38.48
CA TYR X 36 -28.68 105.80 39.46
C TYR X 36 -28.42 106.31 40.88
N SER X 37 -29.29 105.91 41.80
CA SER X 37 -29.10 106.25 43.21
C SER X 37 -27.90 105.50 43.77
N HIS X 38 -27.12 106.17 44.61
CA HIS X 38 -25.87 105.61 45.09
C HIS X 38 -25.63 106.03 46.52
N ALA X 39 -24.48 105.64 47.06
CA ALA X 39 -24.11 105.98 48.43
C ALA X 39 -22.61 105.88 48.58
N LEU X 40 -21.95 107.02 48.78
CA LEU X 40 -20.53 107.05 49.12
C LEU X 40 -20.38 106.44 50.51
N VAL X 41 -19.54 105.42 50.62
CA VAL X 41 -19.33 104.67 51.85
C VAL X 41 -17.84 104.55 52.12
N ALA X 42 -17.51 104.13 53.33
CA ALA X 42 -16.15 103.80 53.72
C ALA X 42 -16.15 102.44 54.38
N GLY X 43 -15.25 101.56 53.95
CA GLY X 43 -15.21 100.20 54.46
C GLY X 43 -13.82 99.82 54.89
N ILE X 44 -13.73 98.63 55.48
CA ILE X 44 -12.46 98.07 55.91
C ILE X 44 -11.96 97.11 54.83
N ASP X 45 -10.66 97.17 54.54
CA ASP X 45 -10.08 96.33 53.51
C ASP X 45 -9.50 95.04 54.09
N ARG X 46 -8.58 95.17 55.04
CA ARG X 46 -7.98 94.02 55.71
C ARG X 46 -8.42 94.03 57.17
N TYR X 47 -9.15 92.98 57.56
CA TYR X 47 -9.63 92.89 58.93
C TYR X 47 -8.46 92.62 59.88
N PRO X 48 -8.57 93.05 61.13
CA PRO X 48 -7.51 92.75 62.11
C PRO X 48 -7.50 91.28 62.47
N ARG X 49 -6.30 90.76 62.68
CA ARG X 49 -6.15 89.34 62.99
C ARG X 49 -6.56 89.06 64.43
N LYS X 50 -6.57 87.78 64.77
CA LYS X 50 -6.96 87.34 66.10
C LYS X 50 -5.87 87.69 67.12
N VAL X 51 -6.31 88.02 68.34
CA VAL X 51 -5.41 88.31 69.44
C VAL X 51 -5.69 87.32 70.57
N THR X 52 -4.65 86.99 71.33
CA THR X 52 -4.78 86.00 72.40
C THR X 52 -4.07 86.48 73.66
N ALA X 53 -3.98 85.59 74.66
CA ALA X 53 -3.24 85.90 75.88
C ALA X 53 -1.75 85.60 75.75
N ALA X 54 -1.38 84.69 74.85
CA ALA X 54 0.03 84.38 74.66
C ALA X 54 0.71 85.39 73.75
N MET X 55 -0.02 85.99 72.82
CA MET X 55 0.56 86.99 71.93
C MET X 55 0.80 88.28 72.71
N GLY X 56 2.04 88.76 72.68
CA GLY X 56 2.42 89.92 73.46
C GLY X 56 1.86 91.22 72.90
N LYS X 57 2.16 92.31 73.62
CA LYS X 57 1.69 93.62 73.20
C LYS X 57 2.35 94.08 71.90
N LYS X 58 3.62 93.72 71.70
CA LYS X 58 4.28 94.05 70.43
C LYS X 58 3.66 93.31 69.27
N LYS X 59 2.99 92.18 69.51
CA LYS X 59 2.26 91.46 68.48
C LYS X 59 0.85 92.01 68.30
N ILE X 60 0.21 92.43 69.40
CA ILE X 60 -1.12 93.02 69.31
C ILE X 60 -1.06 94.33 68.55
N ALA X 61 0.00 95.12 68.76
CA ALA X 61 0.14 96.38 68.03
C ALA X 61 0.34 96.14 66.54
N LYS X 62 0.91 94.99 66.17
CA LYS X 62 1.07 94.65 64.76
C LYS X 62 -0.23 94.12 64.17
N ARG X 63 -0.99 93.34 64.96
CA ARG X 63 -2.24 92.78 64.46
C ARG X 63 -3.32 93.85 64.32
N SER X 64 -3.30 94.87 65.17
CA SER X 64 -4.32 95.90 65.14
C SER X 64 -4.20 96.84 63.94
N LYS X 65 -3.09 96.81 63.23
CA LYS X 65 -2.90 97.65 62.06
C LYS X 65 -3.84 97.19 60.94
N ILE X 66 -4.83 98.00 60.62
CA ILE X 66 -5.85 97.66 59.64
C ILE X 66 -5.76 98.61 58.46
N LYS X 67 -6.30 98.17 57.33
CA LYS X 67 -6.33 98.96 56.11
C LYS X 67 -7.78 99.21 55.72
N SER X 68 -8.09 100.47 55.41
CA SER X 68 -9.45 100.88 55.07
C SER X 68 -9.50 101.38 53.63
N PHE X 69 -10.69 101.78 53.20
CA PHE X 69 -10.88 102.31 51.86
C PHE X 69 -12.18 103.11 51.84
N VAL X 70 -12.29 103.99 50.84
CA VAL X 70 -13.50 104.77 50.60
C VAL X 70 -13.92 104.52 49.15
N LYS X 71 -15.24 104.47 48.92
CA LYS X 71 -15.73 104.11 47.60
C LYS X 71 -17.20 104.48 47.48
N VAL X 72 -17.61 104.87 46.29
CA VAL X 72 -19.01 105.08 45.99
C VAL X 72 -19.57 103.78 45.41
N TYR X 73 -20.82 103.46 45.73
CA TYR X 73 -21.42 102.20 45.32
C TYR X 73 -22.88 102.42 44.95
N ASN X 74 -23.36 101.61 44.02
CA ASN X 74 -24.77 101.60 43.66
C ASN X 74 -25.55 100.72 44.63
N TYR X 75 -26.81 101.09 44.87
CA TYR X 75 -27.63 100.35 45.81
C TYR X 75 -27.81 98.90 45.38
N ASN X 76 -27.81 98.63 44.07
CA ASN X 76 -27.96 97.26 43.60
C ASN X 76 -26.75 96.40 43.93
N HIS X 77 -25.60 97.01 44.22
CA HIS X 77 -24.37 96.29 44.52
C HIS X 77 -24.07 96.25 46.00
N LEU X 78 -25.02 96.64 46.85
CA LEU X 78 -24.80 96.68 48.29
C LEU X 78 -26.09 96.26 49.00
N MET X 79 -25.92 95.74 50.22
CA MET X 79 -27.05 95.31 51.03
C MET X 79 -26.95 95.97 52.40
N PRO X 80 -27.99 96.67 52.85
CA PRO X 80 -27.96 97.28 54.18
C PRO X 80 -28.03 96.24 55.28
N THR X 81 -27.67 96.67 56.48
CA THR X 81 -27.64 95.82 57.66
C THR X 81 -28.19 96.61 58.85
N ARG X 82 -28.92 95.91 59.71
CA ARG X 82 -29.53 96.54 60.87
C ARG X 82 -28.51 97.09 61.86
N TYR X 83 -27.27 96.63 61.79
CA TYR X 83 -26.23 97.15 62.67
C TYR X 83 -25.81 98.56 62.24
N SER X 84 -25.24 99.29 63.18
CA SER X 84 -24.82 100.67 62.93
C SER X 84 -23.52 100.95 63.67
N VAL X 85 -22.69 101.81 63.08
CA VAL X 85 -21.43 102.23 63.67
C VAL X 85 -21.50 103.74 63.90
N ASP X 86 -21.41 104.15 65.16
CA ASP X 86 -21.55 105.56 65.52
C ASP X 86 -20.17 106.19 65.68
N ILE X 87 -19.54 106.48 64.55
CA ILE X 87 -18.24 107.14 64.49
C ILE X 87 -18.40 108.42 63.69
N PRO X 88 -17.91 109.56 64.18
CA PRO X 88 -18.07 110.83 63.46
C PRO X 88 -17.11 110.93 62.28
N LEU X 89 -17.67 111.10 61.09
CA LEU X 89 -16.89 111.26 59.86
C LEU X 89 -17.14 112.67 59.33
N ASP X 90 -16.15 113.55 59.55
CA ASP X 90 -16.27 114.91 59.05
C ASP X 90 -16.26 114.93 57.53
N LYS X 91 -17.32 115.50 56.94
CA LYS X 91 -17.51 115.51 55.49
C LYS X 91 -16.47 116.34 54.76
N THR X 92 -15.57 117.03 55.46
CA THR X 92 -14.57 117.86 54.80
C THR X 92 -13.48 116.99 54.18
N VAL X 93 -13.00 115.98 54.92
CA VAL X 93 -11.94 115.13 54.42
C VAL X 93 -12.50 114.04 53.51
N VAL X 94 -13.62 113.43 53.90
CA VAL X 94 -14.27 112.41 53.08
C VAL X 94 -15.41 113.10 52.32
N ASN X 95 -15.24 113.23 51.01
CA ASN X 95 -16.19 113.93 50.17
C ASN X 95 -16.40 113.15 48.88
N LYS X 96 -17.50 113.43 48.20
CA LYS X 96 -17.76 112.82 46.92
C LYS X 96 -16.83 113.33 45.83
N ASP X 97 -16.20 114.48 46.05
CA ASP X 97 -15.33 115.10 45.05
C ASP X 97 -13.87 114.68 45.17
N VAL X 98 -13.52 113.89 46.19
CA VAL X 98 -12.13 113.46 46.36
C VAL X 98 -11.74 112.35 45.40
N PHE X 99 -12.66 111.84 44.60
CA PHE X 99 -12.35 110.79 43.66
C PHE X 99 -11.61 111.29 42.42
N ARG X 100 -11.45 112.60 42.27
CA ARG X 100 -10.71 113.17 41.15
C ARG X 100 -9.25 113.46 41.50
N ASP X 101 -8.82 113.19 42.73
CA ASP X 101 -7.46 113.51 43.15
C ASP X 101 -6.90 112.37 43.98
N PRO X 102 -5.78 111.77 43.55
CA PRO X 102 -5.21 110.65 44.33
C PRO X 102 -4.72 111.06 45.70
N ALA X 103 -4.17 112.27 45.86
CA ALA X 103 -3.73 112.69 47.18
C ALA X 103 -4.92 112.90 48.11
N LEU X 104 -6.02 113.46 47.61
CA LEU X 104 -7.22 113.60 48.43
C LEU X 104 -7.79 112.23 48.80
N LYS X 105 -7.74 111.29 47.87
CA LYS X 105 -8.21 109.93 48.19
C LYS X 105 -7.33 109.29 49.26
N ARG X 106 -6.00 109.48 49.17
CA ARG X 106 -5.11 108.98 50.19
C ARG X 106 -5.41 109.61 51.55
N LYS X 107 -5.66 110.92 51.56
CA LYS X 107 -6.00 111.59 52.82
C LYS X 107 -7.28 111.03 53.42
N ALA X 108 -8.31 110.83 52.58
CA ALA X 108 -9.57 110.29 53.08
C ALA X 108 -9.39 108.87 53.61
N ARG X 109 -8.59 108.05 52.92
CA ARG X 109 -8.36 106.69 53.38
C ARG X 109 -7.58 106.66 54.68
N ARG X 110 -6.59 107.54 54.82
CA ARG X 110 -5.82 107.61 56.06
C ARG X 110 -6.68 108.10 57.22
N GLU X 111 -7.63 109.01 56.94
CA GLU X 111 -8.55 109.44 57.99
C GLU X 111 -9.50 108.31 58.39
N ALA X 112 -10.01 107.56 57.40
CA ALA X 112 -10.89 106.45 57.70
C ALA X 112 -10.18 105.35 58.48
N LYS X 113 -8.88 105.16 58.22
CA LYS X 113 -8.14 104.13 58.94
C LYS X 113 -8.10 104.42 60.43
N VAL X 114 -7.74 105.66 60.81
CA VAL X 114 -7.67 106.00 62.22
C VAL X 114 -9.07 106.05 62.83
N LYS X 115 -10.06 106.53 62.06
CA LYS X 115 -11.43 106.53 62.55
C LYS X 115 -11.92 105.12 62.84
N PHE X 116 -11.45 104.13 62.07
CA PHE X 116 -11.85 102.75 62.32
C PHE X 116 -11.09 102.14 63.49
N GLU X 117 -9.78 102.42 63.60
CA GLU X 117 -9.00 101.77 64.65
C GLU X 117 -9.34 102.35 66.03
N GLU X 118 -9.70 103.63 66.11
CA GLU X 118 -10.05 104.18 67.42
C GLU X 118 -11.34 103.56 67.95
N ARG X 119 -12.22 103.12 67.05
CA ARG X 119 -13.41 102.39 67.47
C ARG X 119 -13.13 100.90 67.66
N TYR X 120 -12.11 100.38 66.98
CA TYR X 120 -11.80 98.96 67.13
C TYR X 120 -11.11 98.66 68.44
N LYS X 121 -10.20 99.53 68.90
CA LYS X 121 -9.43 99.21 70.10
C LYS X 121 -10.31 99.16 71.35
N THR X 122 -11.36 99.99 71.41
CA THR X 122 -12.22 100.00 72.59
C THR X 122 -13.10 98.75 72.69
N GLY X 123 -13.22 97.99 71.61
CA GLY X 123 -13.97 96.74 71.64
C GLY X 123 -15.45 96.86 71.36
N LYS X 124 -15.96 98.07 71.15
CA LYS X 124 -17.38 98.25 70.87
C LYS X 124 -17.69 97.87 69.44
N ASN X 125 -18.85 97.23 69.24
CA ASN X 125 -19.31 96.79 67.92
C ASN X 125 -18.30 95.85 67.26
N LYS X 126 -18.07 94.71 67.92
CA LYS X 126 -17.10 93.74 67.42
C LYS X 126 -17.61 93.04 66.16
N TRP X 127 -18.92 93.07 65.92
CA TRP X 127 -19.45 92.44 64.71
C TRP X 127 -19.01 93.19 63.46
N PHE X 128 -18.82 94.51 63.57
CA PHE X 128 -18.39 95.28 62.42
C PHE X 128 -16.94 94.98 62.05
N PHE X 129 -16.13 94.59 63.04
CA PHE X 129 -14.71 94.35 62.79
C PHE X 129 -14.37 92.89 62.57
N GLN X 130 -15.21 91.96 63.01
CA GLN X 130 -14.98 90.55 62.74
C GLN X 130 -15.35 90.24 61.28
N LYS X 131 -14.56 89.38 60.65
CA LYS X 131 -14.74 89.09 59.24
C LYS X 131 -15.93 88.17 59.02
N LEU X 132 -16.68 88.45 57.96
CA LEU X 132 -17.81 87.61 57.58
C LEU X 132 -17.32 86.40 56.79
N ARG X 133 -17.56 85.21 57.33
CA ARG X 133 -17.12 83.98 56.67
C ARG X 133 -18.17 83.56 55.65
N PHE X 134 -17.81 83.63 54.37
CA PHE X 134 -18.73 83.24 53.31
C PHE X 134 -18.03 82.35 52.29
N PRO Y 1 26.32 -20.95 13.30
CA PRO Y 1 26.88 -20.92 11.94
C PRO Y 1 25.85 -20.57 10.89
N SER Y 2 25.87 -19.31 10.44
CA SER Y 2 24.95 -18.89 9.39
C SER Y 2 25.17 -19.66 8.10
N ARG Y 3 26.42 -20.02 7.81
CA ARG Y 3 26.72 -20.80 6.62
C ARG Y 3 26.20 -22.23 6.72
N LEU Y 4 25.84 -22.69 7.92
CA LEU Y 4 25.28 -24.02 8.12
C LEU Y 4 23.79 -24.00 8.41
N ARG Y 5 23.22 -22.83 8.68
CA ARG Y 5 21.79 -22.73 8.96
C ARG Y 5 20.98 -22.97 7.69
N LYS Y 6 19.65 -22.93 7.83
CA LYS Y 6 18.75 -23.23 6.73
C LYS Y 6 18.43 -22.01 5.88
N THR Y 7 18.58 -20.80 6.43
CA THR Y 7 18.18 -19.60 5.70
C THR Y 7 19.03 -19.39 4.44
N ARG Y 8 20.22 -19.97 4.39
CA ARG Y 8 21.08 -19.80 3.22
C ARG Y 8 20.53 -20.57 2.03
N LYS Y 9 20.04 -21.78 2.25
CA LYS Y 9 19.49 -22.60 1.17
C LYS Y 9 18.07 -22.19 0.80
N LEU Y 10 17.48 -21.22 1.50
CA LEU Y 10 16.15 -20.73 1.19
C LEU Y 10 16.14 -19.48 0.33
N ARG Y 11 17.31 -19.01 -0.10
CA ARG Y 11 17.37 -17.86 -0.97
C ARG Y 11 16.85 -18.22 -2.35
N GLY Y 12 16.00 -17.35 -2.91
CA GLY Y 12 15.36 -17.58 -4.18
C GLY Y 12 13.93 -18.09 -4.08
N HIS Y 13 13.54 -18.62 -2.93
CA HIS Y 13 12.18 -19.08 -2.69
C HIS Y 13 11.40 -17.95 -2.03
N VAL Y 14 10.35 -17.48 -2.71
CA VAL Y 14 9.67 -16.26 -2.30
C VAL Y 14 9.05 -16.43 -0.92
N SER Y 15 8.44 -17.59 -0.66
CA SER Y 15 7.74 -17.80 0.61
C SER Y 15 8.69 -18.08 1.77
N HIS Y 16 9.96 -18.35 1.50
CA HIS Y 16 10.97 -18.61 2.53
C HIS Y 16 10.55 -19.76 3.44
N GLY Y 17 10.05 -20.84 2.84
CA GLY Y 17 9.68 -22.01 3.60
C GLY Y 17 8.49 -21.83 4.51
N HIS Y 18 7.50 -21.03 4.10
CA HIS Y 18 6.32 -20.80 4.91
C HIS Y 18 5.03 -20.83 4.11
N GLY Y 19 5.07 -21.11 2.83
CA GLY Y 19 3.84 -21.30 2.08
C GLY Y 19 3.29 -20.03 1.49
N ARG Y 20 2.57 -20.18 0.37
CA ARG Y 20 1.95 -19.07 -0.31
C ARG Y 20 0.52 -18.82 0.15
N ILE Y 21 -0.20 -19.88 0.52
CA ILE Y 21 -1.60 -19.72 0.94
C ILE Y 21 -1.67 -19.04 2.29
N GLY Y 22 -1.07 -19.65 3.31
CA GLY Y 22 -1.01 -19.03 4.63
C GLY Y 22 0.36 -18.47 4.94
N LYS Y 23 0.49 -17.15 4.88
CA LYS Y 23 1.78 -16.51 5.11
C LYS Y 23 2.13 -16.56 6.60
N HIS Y 24 3.35 -16.13 6.92
CA HIS Y 24 3.81 -16.11 8.30
C HIS Y 24 3.35 -14.81 8.95
N ARG Y 25 2.18 -14.87 9.57
CA ARG Y 25 1.63 -13.72 10.27
C ARG Y 25 2.13 -13.67 11.70
N LYS Y 26 2.19 -12.46 12.26
CA LYS Y 26 2.72 -12.25 13.61
C LYS Y 26 1.72 -12.76 14.63
N HIS Y 27 2.00 -13.94 15.21
CA HIS Y 27 1.15 -14.57 16.22
C HIS Y 27 -0.27 -14.74 15.70
N PRO Y 28 -0.51 -15.64 14.76
CA PRO Y 28 -1.87 -15.80 14.20
C PRO Y 28 -2.82 -16.52 15.15
N GLY Y 29 -2.28 -17.40 15.99
CA GLY Y 29 -3.12 -18.17 16.88
C GLY Y 29 -3.33 -17.54 18.24
N GLY Y 30 -2.35 -16.76 18.68
CA GLY Y 30 -2.39 -16.11 19.98
C GLY Y 30 -0.99 -15.96 20.54
N ARG Y 31 -0.88 -15.11 21.55
CA ARG Y 31 0.40 -14.82 22.17
C ARG Y 31 0.55 -15.64 23.44
N GLY Y 32 1.61 -16.45 23.50
CA GLY Y 32 1.84 -17.27 24.68
C GLY Y 32 0.87 -18.43 24.74
N ASN Y 33 0.46 -18.78 25.96
CA ASN Y 33 -0.51 -19.84 26.19
C ASN Y 33 -1.94 -19.31 26.11
N ALA Y 34 -2.26 -18.64 25.00
CA ALA Y 34 -3.55 -18.00 24.85
C ALA Y 34 -4.65 -19.04 24.62
N GLY Y 35 -5.79 -18.83 25.28
CA GLY Y 35 -6.93 -19.69 25.12
C GLY Y 35 -6.69 -21.13 25.51
N GLY Y 36 -6.12 -21.34 26.70
CA GLY Y 36 -5.86 -22.68 27.16
C GLY Y 36 -7.11 -23.51 27.40
N MET Y 37 -8.26 -22.86 27.57
CA MET Y 37 -9.50 -23.56 27.85
C MET Y 37 -10.44 -23.63 26.66
N HIS Y 38 -10.18 -22.88 25.59
CA HIS Y 38 -11.01 -22.92 24.40
C HIS Y 38 -10.15 -22.61 23.18
N HIS Y 39 -10.45 -23.31 22.08
CA HIS Y 39 -9.74 -23.26 20.80
C HIS Y 39 -8.29 -23.70 20.95
N HIS Y 40 -7.91 -24.16 22.14
CA HIS Y 40 -6.69 -24.92 22.36
C HIS Y 40 -6.94 -26.07 23.33
N ARG Y 41 -8.21 -26.32 23.67
CA ARG Y 41 -8.56 -27.29 24.69
C ARG Y 41 -8.16 -28.70 24.29
N ILE Y 42 -8.23 -29.02 23.00
CA ILE Y 42 -7.86 -30.37 22.55
C ILE Y 42 -6.40 -30.65 22.89
N ASN Y 43 -5.51 -29.75 22.51
CA ASN Y 43 -4.09 -29.93 22.81
C ASN Y 43 -3.84 -29.89 24.31
N PHE Y 44 -4.47 -28.93 25.00
CA PHE Y 44 -4.19 -28.78 26.43
C PHE Y 44 -4.70 -29.96 27.24
N ASP Y 45 -5.71 -30.67 26.76
CA ASP Y 45 -6.20 -31.85 27.46
C ASP Y 45 -5.57 -33.15 26.97
N LYS Y 46 -5.00 -33.15 25.77
CA LYS Y 46 -4.33 -34.34 25.27
C LYS Y 46 -2.88 -34.43 25.70
N TYR Y 47 -2.20 -33.29 25.86
CA TYR Y 47 -0.78 -33.30 26.18
C TYR Y 47 -0.44 -32.70 27.54
N HIS Y 48 -1.42 -32.16 28.26
CA HIS Y 48 -1.18 -31.57 29.58
C HIS Y 48 -2.40 -31.79 30.46
N PRO Y 49 -2.63 -33.02 30.89
CA PRO Y 49 -3.78 -33.27 31.78
C PRO Y 49 -3.49 -32.80 33.20
N GLY Y 50 -4.50 -32.23 33.82
CA GLY Y 50 -4.38 -31.72 35.17
C GLY Y 50 -3.87 -30.31 35.29
N TYR Y 51 -3.75 -29.58 34.18
CA TYR Y 51 -3.11 -28.27 34.22
C TYR Y 51 -4.00 -27.22 34.87
N PHE Y 52 -5.32 -27.30 34.67
CA PHE Y 52 -6.24 -26.28 35.16
C PHE Y 52 -6.85 -26.72 36.49
N GLY Y 53 -6.75 -25.84 37.49
CA GLY Y 53 -7.37 -26.06 38.77
C GLY Y 53 -6.34 -26.17 39.89
N LYS Y 54 -6.86 -26.24 41.11
CA LYS Y 54 -6.05 -26.40 42.31
C LYS Y 54 -6.36 -27.73 42.97
N VAL Y 55 -5.34 -28.32 43.60
CA VAL Y 55 -5.47 -29.67 44.13
C VAL Y 55 -5.31 -29.68 45.64
N GLY Y 56 -4.12 -29.29 46.13
CA GLY Y 56 -3.77 -29.47 47.51
C GLY Y 56 -3.91 -28.20 48.34
N MET Y 57 -3.70 -28.37 49.64
CA MET Y 57 -3.75 -27.24 50.57
C MET Y 57 -2.49 -26.40 50.45
N ARG Y 58 -2.61 -25.14 50.82
CA ARG Y 58 -1.49 -24.20 50.74
C ARG Y 58 -0.68 -24.23 52.01
N HIS Y 59 0.64 -24.11 51.87
CA HIS Y 59 1.57 -24.04 52.99
C HIS Y 59 2.35 -22.74 52.86
N TYR Y 60 2.01 -21.76 53.70
CA TYR Y 60 2.69 -20.48 53.64
C TYR Y 60 4.09 -20.59 54.22
N HIS Y 61 5.05 -19.94 53.56
CA HIS Y 61 6.44 -19.90 54.01
C HIS Y 61 7.02 -21.30 54.16
N LEU Y 62 7.07 -22.01 53.04
CA LEU Y 62 7.65 -23.34 53.02
C LEU Y 62 9.17 -23.24 52.89
N LYS Y 63 9.88 -23.99 53.72
CA LYS Y 63 11.34 -24.01 53.71
C LYS Y 63 11.81 -25.39 53.28
N ARG Y 64 12.63 -25.43 52.22
CA ARG Y 64 13.14 -26.70 51.71
C ARG Y 64 14.14 -27.36 52.65
N ASN Y 65 14.52 -26.69 53.75
CA ASN Y 65 15.47 -27.28 54.68
C ASN Y 65 14.80 -28.22 55.67
N GLN Y 66 13.51 -28.02 55.95
CA GLN Y 66 12.81 -28.90 56.88
C GLN Y 66 12.61 -30.28 56.26
N SER Y 67 12.17 -30.33 55.01
CA SER Y 67 11.92 -31.59 54.32
C SER Y 67 13.17 -32.20 53.70
N PHE Y 68 14.35 -31.75 54.13
CA PHE Y 68 15.61 -32.29 53.61
C PHE Y 68 15.86 -33.64 54.24
N CYS Y 69 15.75 -34.71 53.46
CA CYS Y 69 15.97 -36.07 53.94
C CYS Y 69 16.42 -36.93 52.78
N PRO Y 70 17.71 -36.94 52.46
CA PRO Y 70 18.22 -37.84 51.42
C PRO Y 70 18.11 -39.29 51.85
N THR Y 71 17.96 -40.16 50.85
CA THR Y 71 17.79 -41.59 51.08
C THR Y 71 18.97 -42.36 50.50
N VAL Y 72 19.39 -43.40 51.22
CA VAL Y 72 20.47 -44.29 50.78
C VAL Y 72 19.94 -45.71 50.81
N ASN Y 73 20.34 -46.50 49.81
CA ASN Y 73 19.87 -47.87 49.70
C ASN Y 73 20.91 -48.85 50.24
N LEU Y 74 20.47 -50.09 50.46
CA LEU Y 74 21.36 -51.11 50.99
C LEU Y 74 22.44 -51.53 50.00
N ASP Y 75 22.17 -51.47 48.70
CA ASP Y 75 23.20 -51.77 47.73
C ASP Y 75 24.28 -50.70 47.68
N LYS Y 76 23.96 -49.48 48.10
CA LYS Y 76 24.94 -48.40 48.19
C LYS Y 76 25.51 -48.26 49.59
N LEU Y 77 24.94 -48.98 50.58
CA LEU Y 77 25.42 -48.88 51.96
C LEU Y 77 26.89 -49.25 52.10
N TRP Y 78 27.43 -50.05 51.18
CA TRP Y 78 28.84 -50.43 51.22
C TRP Y 78 29.72 -49.56 50.35
N THR Y 79 29.14 -48.75 49.47
CA THR Y 79 29.93 -47.83 48.66
C THR Y 79 30.37 -46.61 49.44
N LEU Y 80 29.80 -46.38 50.61
CA LEU Y 80 30.18 -45.21 51.41
C LEU Y 80 31.53 -45.43 52.10
N VAL Y 81 31.71 -46.58 52.73
CA VAL Y 81 32.98 -46.90 53.39
C VAL Y 81 33.97 -47.42 52.36
N SER Y 82 35.24 -47.51 52.75
CA SER Y 82 36.28 -47.95 51.85
C SER Y 82 36.13 -49.46 51.55
N GLU Y 83 36.94 -49.93 50.60
CA GLU Y 83 36.83 -51.32 50.18
C GLU Y 83 37.49 -52.27 51.17
N GLN Y 84 38.57 -51.83 51.83
CA GLN Y 84 39.27 -52.70 52.75
C GLN Y 84 38.43 -53.06 53.97
N THR Y 85 37.45 -52.22 54.31
CA THR Y 85 36.55 -52.55 55.41
C THR Y 85 35.77 -53.82 55.11
N ARG Y 86 35.31 -53.98 53.88
CA ARG Y 86 34.51 -55.15 53.52
C ARG Y 86 35.34 -56.42 53.61
N VAL Y 87 36.59 -56.37 53.13
CA VAL Y 87 37.42 -57.58 53.18
C VAL Y 87 37.87 -57.86 54.60
N ASN Y 88 38.08 -56.82 55.42
CA ASN Y 88 38.45 -57.05 56.82
C ASN Y 88 37.28 -57.65 57.60
N ALA Y 89 36.05 -57.28 57.25
CA ALA Y 89 34.89 -57.90 57.87
C ALA Y 89 34.68 -59.32 57.36
N ALA Y 90 34.96 -59.56 56.09
CA ALA Y 90 34.80 -60.90 55.53
C ALA Y 90 35.85 -61.87 56.04
N LYS Y 91 37.02 -61.36 56.44
CA LYS Y 91 38.03 -62.22 57.05
C LYS Y 91 37.49 -62.92 58.29
N ASN Y 92 36.63 -62.23 59.05
CA ASN Y 92 35.92 -62.81 60.19
C ASN Y 92 36.90 -63.36 61.24
N LYS Y 93 37.69 -62.46 61.80
CA LYS Y 93 38.60 -62.86 62.87
C LYS Y 93 37.85 -63.18 64.15
N THR Y 94 36.72 -62.52 64.38
CA THR Y 94 35.88 -62.72 65.56
C THR Y 94 34.51 -62.12 65.26
N GLY Y 95 33.66 -62.08 66.28
CA GLY Y 95 32.34 -61.50 66.12
C GLY Y 95 32.31 -60.00 66.26
N VAL Y 96 33.06 -59.31 65.39
CA VAL Y 96 33.13 -57.85 65.39
C VAL Y 96 32.55 -57.36 64.07
N ALA Y 97 31.77 -56.28 64.12
CA ALA Y 97 31.13 -55.74 62.94
C ALA Y 97 31.60 -54.32 62.66
N PRO Y 98 31.80 -53.97 61.39
CA PRO Y 98 32.16 -52.59 61.06
C PRO Y 98 30.97 -51.67 61.19
N ILE Y 99 31.25 -50.40 61.52
CA ILE Y 99 30.22 -49.39 61.71
C ILE Y 99 30.19 -48.48 60.50
N ILE Y 100 29.03 -48.40 59.85
CA ILE Y 100 28.85 -47.60 58.64
C ILE Y 100 27.89 -46.47 58.99
N ASP Y 101 28.42 -45.26 59.14
CA ASP Y 101 27.62 -44.09 59.46
C ASP Y 101 27.28 -43.35 58.18
N VAL Y 102 25.99 -43.24 57.88
CA VAL Y 102 25.54 -42.55 56.67
C VAL Y 102 25.43 -41.05 56.85
N VAL Y 103 25.43 -40.55 58.09
CA VAL Y 103 25.37 -39.12 58.32
C VAL Y 103 26.62 -38.43 57.79
N ARG Y 104 27.78 -39.11 57.87
CA ARG Y 104 29.00 -38.55 57.30
C ARG Y 104 28.88 -38.40 55.79
N SER Y 105 28.35 -39.42 55.12
CA SER Y 105 28.16 -39.35 53.68
C SER Y 105 27.09 -38.34 53.28
N GLY Y 106 26.13 -38.07 54.17
CA GLY Y 106 25.11 -37.06 53.92
C GLY Y 106 23.70 -37.59 53.79
N TYR Y 107 23.45 -38.85 54.09
CA TYR Y 107 22.12 -39.42 54.02
C TYR Y 107 21.54 -39.53 55.42
N TYR Y 108 20.24 -39.23 55.54
CA TYR Y 108 19.56 -39.30 56.83
C TYR Y 108 18.66 -40.52 56.97
N LYS Y 109 18.13 -41.04 55.87
CA LYS Y 109 17.24 -42.19 55.89
C LYS Y 109 17.82 -43.31 55.04
N VAL Y 110 17.68 -44.54 55.51
CA VAL Y 110 18.15 -45.73 54.81
C VAL Y 110 16.92 -46.47 54.28
N LEU Y 111 16.91 -46.73 52.98
CA LEU Y 111 15.81 -47.44 52.33
C LEU Y 111 16.26 -48.83 51.92
N GLY Y 112 15.28 -49.71 51.73
CA GLY Y 112 15.53 -51.13 51.60
C GLY Y 112 15.73 -51.59 50.17
N LYS Y 113 16.85 -52.26 49.94
CA LYS Y 113 17.12 -52.98 48.70
C LYS Y 113 17.78 -54.30 49.05
N GLY Y 114 17.57 -55.30 48.21
CA GLY Y 114 17.97 -56.66 48.51
C GLY Y 114 19.44 -56.94 48.25
N LYS Y 115 19.78 -58.23 48.34
CA LYS Y 115 21.12 -58.74 48.08
C LYS Y 115 22.16 -58.11 49.00
N LEU Y 116 22.01 -58.40 50.29
CA LEU Y 116 23.05 -57.93 51.19
C LEU Y 116 24.09 -59.01 51.41
N PRO Y 117 25.37 -58.62 51.58
CA PRO Y 117 26.38 -59.61 51.94
C PRO Y 117 26.13 -60.17 53.34
N LYS Y 118 26.74 -61.31 53.62
CA LYS Y 118 26.53 -62.02 54.87
C LYS Y 118 27.36 -61.47 56.03
N GLN Y 119 27.87 -60.25 55.91
CA GLN Y 119 28.67 -59.68 56.99
C GLN Y 119 27.82 -58.82 57.90
N PRO Y 120 27.99 -58.94 59.21
CA PRO Y 120 27.24 -58.06 60.13
C PRO Y 120 27.77 -56.64 60.10
N VAL Y 121 26.85 -55.68 60.19
CA VAL Y 121 27.18 -54.27 60.13
C VAL Y 121 26.46 -53.54 61.27
N ILE Y 122 26.98 -52.39 61.66
CA ILE Y 122 26.33 -51.51 62.62
C ILE Y 122 26.07 -50.18 61.92
N VAL Y 123 24.81 -49.90 61.62
CA VAL Y 123 24.42 -48.71 60.86
C VAL Y 123 23.88 -47.67 61.83
N LYS Y 124 24.25 -46.41 61.61
CA LYS Y 124 23.80 -45.29 62.41
C LYS Y 124 23.12 -44.29 61.49
N ALA Y 125 21.81 -44.10 61.69
CA ALA Y 125 21.04 -43.18 60.86
C ALA Y 125 19.89 -42.62 61.68
N LYS Y 126 19.30 -41.54 61.17
CA LYS Y 126 18.19 -40.91 61.87
C LYS Y 126 16.87 -41.62 61.60
N PHE Y 127 16.71 -42.23 60.43
CA PHE Y 127 15.47 -42.89 60.06
C PHE Y 127 15.77 -44.19 59.35
N PHE Y 128 14.92 -45.19 59.56
CA PHE Y 128 15.04 -46.48 58.90
C PHE Y 128 13.68 -46.90 58.37
N SER Y 129 13.70 -47.55 57.21
CA SER Y 129 12.49 -48.16 56.66
C SER Y 129 12.30 -49.55 57.24
N ARG Y 130 11.05 -50.02 57.22
CA ARG Y 130 10.74 -51.31 57.82
C ARG Y 130 11.44 -52.45 57.08
N ARG Y 131 11.35 -52.45 55.75
CA ARG Y 131 11.98 -53.51 54.96
C ARG Y 131 13.49 -53.54 55.19
N ALA Y 132 14.13 -52.37 55.18
CA ALA Y 132 15.57 -52.32 55.40
C ALA Y 132 15.92 -52.79 56.81
N GLU Y 133 15.12 -52.40 57.80
CA GLU Y 133 15.39 -52.79 59.17
C GLU Y 133 15.28 -54.30 59.36
N GLU Y 134 14.30 -54.93 58.70
CA GLU Y 134 14.21 -56.38 58.80
C GLU Y 134 15.31 -57.07 57.99
N LYS Y 135 15.69 -56.50 56.85
CA LYS Y 135 16.70 -57.15 56.02
C LYS Y 135 18.09 -57.05 56.62
N ILE Y 136 18.37 -55.98 57.38
CA ILE Y 136 19.68 -55.89 58.01
C ILE Y 136 19.77 -56.77 59.24
N LYS Y 137 18.63 -57.03 59.91
CA LYS Y 137 18.63 -57.92 61.06
C LYS Y 137 18.55 -59.39 60.67
N GLY Y 138 18.01 -59.70 59.50
CA GLY Y 138 18.02 -61.07 59.02
C GLY Y 138 19.39 -61.60 58.67
N VAL Y 139 20.38 -60.72 58.60
CA VAL Y 139 21.75 -61.09 58.29
C VAL Y 139 22.64 -61.07 59.54
N GLY Y 140 22.16 -60.45 60.62
CA GLY Y 140 22.94 -60.34 61.83
C GLY Y 140 23.51 -58.97 62.10
N GLY Y 141 22.97 -57.92 61.46
CA GLY Y 141 23.42 -56.57 61.70
C GLY Y 141 22.65 -55.89 62.81
N ALA Y 142 23.01 -54.64 63.07
CA ALA Y 142 22.38 -53.83 64.11
C ALA Y 142 22.11 -52.44 63.58
N CYS Y 143 21.00 -51.86 64.02
CA CYS Y 143 20.58 -50.51 63.63
C CYS Y 143 20.67 -49.59 64.83
N VAL Y 144 21.32 -48.45 64.65
CA VAL Y 144 21.51 -47.47 65.72
C VAL Y 144 20.87 -46.15 65.29
N LEU Y 145 20.07 -45.57 66.18
CA LEU Y 145 19.40 -44.32 65.91
C LEU Y 145 20.21 -43.15 66.44
N VAL Y 146 20.37 -42.11 65.63
CA VAL Y 146 21.08 -40.90 66.01
C VAL Y 146 20.12 -39.72 65.87
N ALA Y 147 20.63 -38.54 66.21
CA ALA Y 147 19.83 -37.32 66.13
C ALA Y 147 20.70 -36.14 65.68
N ALA Z 1 -21.09 -15.53 3.00
CA ALA Z 1 -20.00 -16.25 2.36
C ALA Z 1 -20.17 -17.75 2.51
N LYS Z 2 -21.08 -18.33 1.73
CA LYS Z 2 -21.32 -19.76 1.79
C LYS Z 2 -20.14 -20.54 1.24
N SER Z 3 -19.79 -21.63 1.91
CA SER Z 3 -18.68 -22.49 1.52
C SER Z 3 -19.15 -23.94 1.52
N LYS Z 4 -18.25 -24.83 1.13
CA LYS Z 4 -18.56 -26.26 1.11
C LYS Z 4 -18.72 -26.78 2.53
N ASN Z 5 -19.71 -27.66 2.72
CA ASN Z 5 -20.06 -28.11 4.06
C ASN Z 5 -19.26 -29.34 4.49
N HIS Z 6 -19.40 -30.45 3.76
CA HIS Z 6 -18.74 -31.69 4.16
C HIS Z 6 -18.74 -32.66 2.99
N THR Z 7 -17.55 -33.10 2.57
CA THR Z 7 -17.40 -34.15 1.58
C THR Z 7 -16.30 -35.11 2.03
N THR Z 8 -16.39 -36.35 1.55
CA THR Z 8 -15.38 -37.36 1.81
C THR Z 8 -14.59 -37.69 0.54
N HIS Z 9 -14.46 -36.74 -0.36
CA HIS Z 9 -13.68 -36.94 -1.57
C HIS Z 9 -12.19 -36.92 -1.28
N ASN Z 10 -11.44 -37.70 -2.04
CA ASN Z 10 -9.98 -37.79 -1.90
C ASN Z 10 -9.59 -38.21 -0.48
N GLN Z 11 -10.31 -39.17 0.08
CA GLN Z 11 -10.01 -39.72 1.39
C GLN Z 11 -9.51 -41.15 1.35
N SER Z 12 -10.11 -41.99 0.48
CA SER Z 12 -9.61 -43.35 0.33
C SER Z 12 -8.20 -43.37 -0.21
N ARG Z 13 -7.85 -42.40 -1.05
CA ARG Z 13 -6.47 -42.30 -1.54
C ARG Z 13 -5.51 -41.98 -0.39
N LYS Z 14 -5.88 -41.00 0.45
CA LYS Z 14 -5.05 -40.67 1.61
C LYS Z 14 -4.90 -41.88 2.54
N TRP Z 15 -5.96 -42.67 2.70
CA TRP Z 15 -5.88 -43.84 3.55
C TRP Z 15 -4.99 -44.93 2.95
N HIS Z 16 -5.18 -45.25 1.68
CA HIS Z 16 -4.42 -46.30 1.01
C HIS Z 16 -2.98 -45.91 0.74
N ARG Z 17 -2.64 -44.63 0.80
CA ARG Z 17 -1.24 -44.23 0.65
C ARG Z 17 -0.38 -44.83 1.74
N ASN Z 18 -0.80 -44.66 3.00
CA ASN Z 18 -0.08 -45.26 4.11
C ASN Z 18 -0.44 -46.73 4.29
N GLY Z 19 -1.72 -47.06 4.18
CA GLY Z 19 -2.16 -48.43 4.31
C GLY Z 19 -3.27 -48.58 5.34
N ILE Z 20 -4.12 -49.57 5.12
CA ILE Z 20 -5.24 -49.87 6.02
C ILE Z 20 -5.01 -51.26 6.60
N LYS Z 21 -3.74 -51.60 6.83
CA LYS Z 21 -3.38 -52.93 7.30
C LYS Z 21 -4.09 -53.27 8.61
N LYS Z 22 -4.33 -54.56 8.81
CA LYS Z 22 -4.98 -55.04 10.02
C LYS Z 22 -4.11 -54.78 11.24
N PRO Z 23 -4.71 -54.73 12.43
CA PRO Z 23 -3.92 -54.55 13.65
C PRO Z 23 -3.00 -55.73 13.90
N ARG Z 24 -1.96 -55.48 14.69
CA ARG Z 24 -0.96 -56.50 14.98
C ARG Z 24 -1.57 -57.60 15.83
N SER Z 25 -1.68 -58.80 15.26
CA SER Z 25 -2.18 -59.97 15.97
C SER Z 25 -1.00 -60.70 16.61
N GLN Z 26 -1.02 -60.82 17.93
CA GLN Z 26 0.05 -61.47 18.68
C GLN Z 26 -0.55 -62.43 19.70
N ARG Z 27 0.19 -63.50 19.98
CA ARG Z 27 -0.24 -64.44 21.00
C ARG Z 27 -0.23 -63.76 22.37
N TYR Z 28 -1.13 -64.23 23.25
CA TYR Z 28 -1.35 -63.62 24.56
C TYR Z 28 -1.73 -62.15 24.40
N GLU Z 29 -2.89 -61.94 23.78
CA GLU Z 29 -3.33 -60.59 23.44
C GLU Z 29 -3.44 -59.71 24.68
N SER Z 30 -4.36 -60.04 25.59
CA SER Z 30 -4.56 -59.27 26.80
C SER Z 30 -5.50 -60.05 27.70
N LEU Z 31 -5.60 -59.60 28.95
CA LEU Z 31 -6.51 -60.18 29.93
C LEU Z 31 -7.47 -59.16 30.51
N LYS Z 32 -7.64 -58.02 29.83
CA LYS Z 32 -8.53 -56.98 30.31
C LYS Z 32 -9.96 -57.26 29.88
N GLY Z 33 -10.92 -56.82 30.71
CA GLY Z 33 -12.32 -57.09 30.47
C GLY Z 33 -12.77 -58.48 30.85
N VAL Z 34 -11.85 -59.38 31.17
CA VAL Z 34 -12.23 -60.73 31.58
C VAL Z 34 -12.86 -60.69 32.96
N ASP Z 35 -13.76 -61.63 33.22
CA ASP Z 35 -14.46 -61.75 34.49
C ASP Z 35 -13.46 -61.70 35.65
N PRO Z 36 -13.65 -60.82 36.63
CA PRO Z 36 -12.71 -60.76 37.75
C PRO Z 36 -12.63 -62.06 38.54
N LYS Z 37 -13.73 -62.77 38.73
CA LYS Z 37 -13.68 -64.05 39.42
C LYS Z 37 -12.85 -65.05 38.63
N PHE Z 38 -13.03 -65.10 37.31
CA PHE Z 38 -12.23 -66.00 36.48
C PHE Z 38 -10.76 -65.63 36.53
N LEU Z 39 -10.44 -64.35 36.52
CA LEU Z 39 -9.04 -63.92 36.62
C LEU Z 39 -8.44 -64.30 37.96
N ARG Z 40 -9.20 -64.13 39.04
CA ARG Z 40 -8.72 -64.53 40.36
C ARG Z 40 -8.47 -66.02 40.42
N ASN Z 41 -9.38 -66.82 39.87
CA ASN Z 41 -9.18 -68.26 39.85
C ASN Z 41 -7.96 -68.65 39.03
N MET Z 42 -7.74 -67.96 37.90
CA MET Z 42 -6.57 -68.26 37.07
C MET Z 42 -5.29 -67.90 37.81
N ARG Z 43 -5.27 -66.77 38.50
CA ARG Z 43 -4.09 -66.40 39.29
C ARG Z 43 -3.82 -67.42 40.38
N PHE Z 44 -4.87 -67.87 41.07
CA PHE Z 44 -4.69 -68.89 42.10
C PHE Z 44 -4.16 -70.19 41.52
N ALA Z 45 -4.70 -70.63 40.39
CA ALA Z 45 -4.23 -71.86 39.76
C ALA Z 45 -2.79 -71.74 39.26
N LYS Z 46 -2.39 -70.53 38.84
CA LYS Z 46 -1.02 -70.34 38.40
C LYS Z 46 -0.04 -70.28 39.57
N LYS Z 47 -0.46 -69.70 40.69
CA LYS Z 47 0.43 -69.59 41.83
C LYS Z 47 0.48 -70.85 42.68
N HIS Z 48 -0.52 -71.71 42.59
CA HIS Z 48 -0.51 -72.98 43.31
C HIS Z 48 -0.04 -74.14 42.45
N ASN Z 49 0.42 -73.88 41.22
CA ASN Z 49 0.79 -74.97 40.33
C ASN Z 49 2.12 -75.58 40.71
N LYS Z 50 3.13 -74.76 40.97
CA LYS Z 50 4.46 -75.25 41.30
C LYS Z 50 4.50 -76.04 42.60
N LYS Z 51 3.43 -75.98 43.41
CA LYS Z 51 3.41 -76.73 44.66
C LYS Z 51 3.39 -78.23 44.40
N GLY Z 52 2.55 -78.68 43.47
CA GLY Z 52 2.44 -80.09 43.16
C GLY Z 52 3.00 -80.49 41.82
N LEU Z 53 3.38 -79.50 41.00
CA LEU Z 53 3.87 -79.79 39.66
C LEU Z 53 5.25 -80.44 39.69
N LYS Z 54 6.20 -79.79 40.37
CA LYS Z 54 7.60 -80.17 40.27
C LYS Z 54 7.89 -81.57 40.78
N LYS Z 55 6.94 -82.23 41.43
CA LYS Z 55 7.15 -83.59 41.93
C LYS Z 55 6.39 -84.64 41.11
N MET Z 56 5.07 -84.49 40.99
CA MET Z 56 4.28 -85.48 40.27
C MET Z 56 4.57 -85.44 38.77
N GLN Z 57 4.72 -84.23 38.21
CA GLN Z 57 5.06 -84.13 36.79
C GLN Z 57 6.45 -84.67 36.53
N ALA Z 58 7.39 -84.45 37.44
CA ALA Z 58 8.73 -85.02 37.28
C ALA Z 58 8.69 -86.55 37.33
N ASN Z 59 7.91 -87.11 38.26
CA ASN Z 59 7.77 -88.56 38.32
C ASN Z 59 7.15 -89.11 37.03
N ASN Z 60 6.12 -88.44 36.52
CA ASN Z 60 5.49 -88.89 35.28
C ASN Z 60 6.43 -88.76 34.10
N ALA Z 61 7.27 -87.72 34.09
CA ALA Z 61 8.25 -87.57 33.01
C ALA Z 61 9.29 -88.67 33.06
N LYS Z 62 9.76 -89.01 34.26
CA LYS Z 62 10.67 -90.14 34.40
C LYS Z 62 10.01 -91.44 33.94
N ALA Z 63 8.73 -91.62 34.27
CA ALA Z 63 8.02 -92.83 33.88
C ALA Z 63 7.88 -92.93 32.36
N VAL Z 64 7.50 -91.83 31.71
CA VAL Z 64 7.32 -91.89 30.26
C VAL Z 64 8.67 -91.99 29.55
N SER Z 65 9.74 -91.43 30.15
CA SER Z 65 11.07 -91.61 29.58
C SER Z 65 11.53 -93.05 29.69
N ALA Z 66 11.19 -93.72 30.81
CA ALA Z 66 11.48 -95.15 30.91
C ALA Z 66 10.64 -95.97 29.94
N ARG Z 67 9.40 -95.53 29.69
CA ARG Z 67 8.57 -96.21 28.69
C ARG Z 67 9.14 -96.06 27.29
N ALA Z 68 9.64 -94.89 26.95
CA ALA Z 68 10.20 -94.65 25.62
C ALA Z 68 11.30 -93.58 25.67
N SER AA 1 -59.71 84.76 48.32
CA SER AA 1 -59.73 85.90 49.23
C SER AA 1 -58.79 87.00 48.74
N ILE AA 2 -57.55 86.62 48.45
CA ILE AA 2 -56.58 87.61 47.99
C ILE AA 2 -56.77 87.92 46.51
N ASN AA 3 -57.34 86.99 45.75
CA ASN AA 3 -57.54 87.23 44.32
C ASN AA 3 -58.54 88.36 44.09
N SER AA 4 -59.67 88.32 44.80
CA SER AA 4 -60.67 89.37 44.66
C SER AA 4 -60.18 90.72 45.19
N ARG AA 5 -59.26 90.71 46.16
CA ARG AA 5 -58.71 91.96 46.65
C ARG AA 5 -57.69 92.54 45.68
N LEU AA 6 -56.92 91.67 45.02
CA LEU AA 6 -55.96 92.16 44.03
C LEU AA 6 -56.66 92.58 42.73
N GLN AA 7 -57.82 92.00 42.43
CA GLN AA 7 -58.54 92.36 41.22
C GLN AA 7 -58.90 93.84 41.20
N LEU AA 8 -59.12 94.44 42.37
CA LEU AA 8 -59.42 95.86 42.42
C LEU AA 8 -58.16 96.70 42.25
N VAL AA 9 -57.06 96.30 42.89
CA VAL AA 9 -55.85 97.11 42.87
C VAL AA 9 -55.12 97.01 41.53
N MET AA 10 -55.37 95.96 40.75
CA MET AA 10 -54.71 95.87 39.44
C MET AA 10 -55.19 96.98 38.51
N LYS AA 11 -56.46 97.35 38.61
CA LYS AA 11 -57.04 98.35 37.72
C LYS AA 11 -57.19 99.73 38.36
N SER AA 12 -57.38 99.79 39.68
CA SER AA 12 -57.63 101.06 40.35
C SER AA 12 -56.41 101.59 41.10
N GLY AA 13 -55.67 100.72 41.78
CA GLY AA 13 -54.51 101.14 42.53
C GLY AA 13 -53.24 101.15 41.70
N LYS AA 14 -52.14 101.54 42.35
CA LYS AA 14 -50.83 101.58 41.74
C LYS AA 14 -49.97 100.48 42.33
N TYR AA 15 -49.12 99.89 41.49
CA TYR AA 15 -48.33 98.72 41.88
C TYR AA 15 -47.09 98.64 41.01
N VAL AA 16 -46.16 97.78 41.42
CA VAL AA 16 -44.98 97.45 40.64
C VAL AA 16 -44.85 95.93 40.59
N LEU AA 17 -44.15 95.46 39.57
CA LEU AA 17 -43.94 94.03 39.36
C LEU AA 17 -42.47 93.76 39.15
N GLY AA 18 -42.06 92.52 39.43
CA GLY AA 18 -40.70 92.10 39.26
C GLY AA 18 -39.88 92.20 40.54
N TYR AA 19 -38.63 91.77 40.44
CA TYR AA 19 -37.74 91.75 41.60
C TYR AA 19 -37.02 93.07 41.80
N LYS AA 20 -36.47 93.64 40.72
CA LYS AA 20 -35.73 94.89 40.83
C LYS AA 20 -36.65 96.04 41.24
N GLN AA 21 -37.86 96.08 40.69
CA GLN AA 21 -38.79 97.14 41.06
C GLN AA 21 -39.22 97.03 42.51
N THR AA 22 -39.48 95.82 42.99
CA THR AA 22 -39.80 95.64 44.40
C THR AA 22 -38.62 96.04 45.28
N LEU AA 23 -37.40 95.72 44.85
CA LEU AA 23 -36.21 96.14 45.61
C LEU AA 23 -36.12 97.65 45.69
N LYS AA 24 -36.34 98.33 44.56
CA LYS AA 24 -36.28 99.79 44.55
C LYS AA 24 -37.36 100.39 45.45
N MET AA 25 -38.58 99.86 45.36
CA MET AA 25 -39.67 100.39 46.19
C MET AA 25 -39.41 100.17 47.67
N ILE AA 26 -38.85 99.01 48.04
CA ILE AA 26 -38.55 98.77 49.45
C ILE AA 26 -37.43 99.68 49.92
N ARG AA 27 -36.39 99.88 49.09
CA ARG AA 27 -35.29 100.74 49.48
C ARG AA 27 -35.70 102.20 49.56
N GLN AA 28 -36.70 102.63 48.78
CA GLN AA 28 -37.19 104.00 48.84
C GLN AA 28 -38.36 104.18 49.79
N GLY AA 29 -38.88 103.11 50.37
CA GLY AA 29 -39.96 103.23 51.33
C GLY AA 29 -41.30 103.58 50.72
N LYS AA 30 -41.55 103.12 49.49
CA LYS AA 30 -42.81 103.43 48.82
C LYS AA 30 -43.81 102.28 48.88
N ALA AA 31 -43.32 101.05 49.06
CA ALA AA 31 -44.19 99.87 49.08
C ALA AA 31 -44.64 99.59 50.51
N LYS AA 32 -45.95 99.43 50.70
CA LYS AA 32 -46.51 99.14 52.01
C LYS AA 32 -46.76 97.66 52.25
N LEU AA 33 -46.88 96.85 51.20
CA LEU AA 33 -47.14 95.42 51.35
C LEU AA 33 -46.60 94.70 50.13
N VAL AA 34 -45.71 93.73 50.36
CA VAL AA 34 -45.13 92.92 49.29
C VAL AA 34 -45.70 91.51 49.39
N ILE AA 35 -45.77 90.86 48.24
CA ILE AA 35 -46.34 89.53 48.10
C ILE AA 35 -45.30 88.63 47.43
N LEU AA 36 -45.01 87.49 48.07
CA LEU AA 36 -44.03 86.54 47.59
C LEU AA 36 -44.72 85.25 47.22
N ALA AA 37 -44.41 84.73 46.03
CA ALA AA 37 -45.03 83.50 45.56
C ALA AA 37 -44.34 82.29 46.21
N ASN AA 38 -44.96 81.12 46.03
CA ASN AA 38 -44.38 79.89 46.53
C ASN AA 38 -43.22 79.41 45.66
N ASN AA 39 -43.13 79.87 44.42
CA ASN AA 39 -42.05 79.49 43.52
C ASN AA 39 -40.80 80.32 43.72
N CYS AA 40 -40.78 81.23 44.70
CA CYS AA 40 -39.62 82.06 44.92
C CYS AA 40 -38.49 81.24 45.53
N PRO AA 41 -37.24 81.47 45.12
CA PRO AA 41 -36.11 80.83 45.79
C PRO AA 41 -36.01 81.30 47.24
N ALA AA 42 -35.50 80.40 48.09
CA ALA AA 42 -35.41 80.71 49.52
C ALA AA 42 -34.51 81.90 49.77
N LEU AA 43 -33.42 82.02 49.01
CA LEU AA 43 -32.51 83.14 49.19
C LEU AA 43 -33.20 84.47 48.93
N ARG AA 44 -33.87 84.59 47.77
CA ARG AA 44 -34.55 85.83 47.42
C ARG AA 44 -35.70 86.10 48.38
N LYS AA 45 -36.41 85.07 48.81
CA LYS AA 45 -37.51 85.25 49.74
C LYS AA 45 -37.00 85.81 51.07
N SER AA 46 -35.95 85.21 51.62
CA SER AA 46 -35.39 85.70 52.87
C SER AA 46 -34.77 87.08 52.71
N GLU AA 47 -34.22 87.39 51.54
CA GLU AA 47 -33.69 88.74 51.32
C GLU AA 47 -34.78 89.79 51.31
N ILE AA 48 -35.90 89.49 50.64
CA ILE AA 48 -37.02 90.42 50.64
C ILE AA 48 -37.61 90.55 52.04
N GLU AA 49 -37.63 89.44 52.80
CA GLU AA 49 -38.12 89.51 54.17
C GLU AA 49 -37.23 90.39 55.03
N TYR AA 50 -35.91 90.27 54.87
CA TYR AA 50 -34.98 91.09 55.64
C TYR AA 50 -35.04 92.56 55.24
N TYR AA 51 -35.31 92.84 53.96
CA TYR AA 51 -35.49 94.23 53.55
C TYR AA 51 -36.80 94.80 54.09
N ALA AA 52 -37.86 93.99 54.13
CA ALA AA 52 -39.14 94.45 54.64
C ALA AA 52 -39.11 94.67 56.14
N MET AA 53 -38.40 93.82 56.90
CA MET AA 53 -38.31 94.04 58.33
C MET AA 53 -37.53 95.30 58.67
N LEU AA 54 -36.71 95.79 57.73
CA LEU AA 54 -36.00 97.05 57.96
C LEU AA 54 -36.81 98.24 57.47
N ALA AA 55 -37.52 98.10 56.35
CA ALA AA 55 -38.30 99.19 55.78
C ALA AA 55 -39.71 99.26 56.34
N LYS AA 56 -40.04 98.41 57.32
CA LYS AA 56 -41.36 98.38 57.94
C LYS AA 56 -42.45 98.14 56.89
N THR AA 57 -42.35 96.99 56.23
CA THR AA 57 -43.25 96.61 55.15
C THR AA 57 -43.79 95.21 55.42
N GLY AA 58 -45.09 95.04 55.23
CA GLY AA 58 -45.70 93.73 55.45
C GLY AA 58 -45.36 92.77 54.31
N VAL AA 59 -45.28 91.49 54.67
CA VAL AA 59 -44.96 90.42 53.72
C VAL AA 59 -46.13 89.44 53.71
N HIS AA 60 -46.57 89.05 52.52
CA HIS AA 60 -47.64 88.07 52.38
C HIS AA 60 -47.18 86.94 51.47
N HIS AA 61 -47.23 85.71 51.99
CA HIS AA 61 -46.83 84.54 51.23
C HIS AA 61 -48.03 83.99 50.48
N TYR AA 62 -48.12 84.32 49.19
CA TYR AA 62 -49.23 83.89 48.36
C TYR AA 62 -49.18 82.38 48.16
N SER AA 63 -50.31 81.72 48.37
CA SER AA 63 -50.40 80.27 48.17
C SER AA 63 -50.50 80.00 46.68
N GLY AA 64 -49.40 79.55 46.08
CA GLY AA 64 -49.35 79.30 44.66
C GLY AA 64 -48.06 79.78 44.02
N ASN AA 65 -47.70 79.18 42.89
CA ASN AA 65 -46.46 79.54 42.23
C ASN AA 65 -46.63 80.85 41.44
N ASN AA 66 -45.56 81.22 40.72
CA ASN AA 66 -45.58 82.45 39.95
C ASN AA 66 -46.61 82.42 38.82
N ILE AA 67 -46.91 81.25 38.26
CA ILE AA 67 -47.93 81.18 37.22
C ILE AA 67 -49.29 81.56 37.79
N GLU AA 68 -49.67 80.95 38.91
CA GLU AA 68 -50.95 81.29 39.53
C GLU AA 68 -50.96 82.73 40.02
N LEU AA 69 -49.81 83.24 40.47
CA LEU AA 69 -49.76 84.65 40.87
C LEU AA 69 -50.01 85.56 39.68
N GLY AA 70 -49.42 85.25 38.52
CA GLY AA 70 -49.66 86.04 37.34
C GLY AA 70 -51.10 85.96 36.87
N THR AA 71 -51.71 84.77 36.94
CA THR AA 71 -53.12 84.66 36.61
C THR AA 71 -53.99 85.44 37.57
N ALA AA 72 -53.59 85.53 38.85
CA ALA AA 72 -54.34 86.32 39.80
C ALA AA 72 -54.21 87.82 39.51
N CYS AA 73 -53.01 88.28 39.16
CA CYS AA 73 -52.82 89.67 38.76
C CYS AA 73 -53.36 89.96 37.36
N GLY AA 74 -53.81 88.94 36.63
CA GLY AA 74 -54.40 89.15 35.33
C GLY AA 74 -53.42 89.30 34.18
N LYS AA 75 -52.13 89.34 34.45
CA LYS AA 75 -51.13 89.48 33.40
C LYS AA 75 -50.88 88.13 32.73
N TYR AA 76 -50.63 88.16 31.43
CA TYR AA 76 -50.33 86.92 30.71
C TYR AA 76 -49.00 86.34 31.13
N TYR AA 77 -48.02 87.20 31.41
CA TYR AA 77 -46.75 86.74 31.94
C TYR AA 77 -46.90 86.36 33.41
N ARG AA 78 -45.89 85.68 33.93
CA ARG AA 78 -45.88 85.27 35.34
C ARG AA 78 -45.07 86.26 36.16
N VAL AA 79 -45.49 86.43 37.42
CA VAL AA 79 -44.81 87.29 38.37
C VAL AA 79 -44.59 86.52 39.66
N CYS AA 80 -43.49 86.82 40.34
CA CYS AA 80 -43.13 86.15 41.59
C CYS AA 80 -43.13 87.09 42.78
N THR AA 81 -42.56 88.29 42.62
CA THR AA 81 -42.47 89.27 43.70
C THR AA 81 -43.31 90.49 43.31
N LEU AA 82 -44.29 90.83 44.14
CA LEU AA 82 -45.18 91.94 43.89
C LEU AA 82 -45.08 92.94 45.04
N ALA AA 83 -45.35 94.21 44.75
CA ALA AA 83 -45.40 95.24 45.77
C ALA AA 83 -46.56 96.19 45.50
N ILE AA 84 -47.32 96.53 46.54
CA ILE AA 84 -48.45 97.43 46.44
C ILE AA 84 -48.03 98.75 47.07
N ILE AA 85 -47.79 99.76 46.23
CA ILE AA 85 -47.44 101.08 46.74
C ILE AA 85 -48.66 101.96 47.00
N ASP AA 86 -49.78 101.66 46.36
CA ASP AA 86 -51.01 102.42 46.59
C ASP AA 86 -52.23 101.56 46.26
N PRO AA 87 -53.03 101.21 47.25
CA PRO AA 87 -54.28 100.49 46.97
C PRO AA 87 -55.37 101.46 46.55
N GLY AA 88 -56.11 101.08 45.51
CA GLY AA 88 -57.15 101.94 44.98
C GLY AA 88 -58.34 102.09 45.92
N ASP AA 89 -59.08 101.00 46.12
CA ASP AA 89 -60.22 101.02 47.02
C ASP AA 89 -60.29 99.81 47.94
N SER AA 90 -59.38 98.85 47.81
CA SER AA 90 -59.39 97.67 48.67
C SER AA 90 -58.80 97.99 50.04
N ASP AA 91 -59.12 97.14 51.01
CA ASP AA 91 -58.64 97.27 52.38
C ASP AA 91 -57.54 96.27 52.71
N ILE AA 92 -56.66 95.98 51.73
CA ILE AA 92 -55.62 94.98 51.96
C ILE AA 92 -54.59 95.51 52.96
N ILE AA 93 -54.30 96.81 52.92
CA ILE AA 93 -53.32 97.40 53.82
C ILE AA 93 -53.93 98.17 54.97
N ARG AA 94 -55.25 98.38 54.97
CA ARG AA 94 -55.92 99.15 56.01
C ARG AA 94 -56.54 98.28 57.10
N SER AA 95 -57.20 97.18 56.73
CA SER AA 95 -57.86 96.32 57.70
C SER AA 95 -57.06 95.08 58.06
N MET AA 96 -56.29 94.52 57.11
CA MET AA 96 -55.54 93.31 57.41
C MET AA 96 -54.37 93.58 58.36
N PRO AA 97 -53.50 94.58 58.13
CA PRO AA 97 -52.45 94.81 59.14
C PRO AA 97 -52.99 95.37 60.45
N ASN BA 1 23.53 58.14 -62.60
CA ASN BA 1 22.21 58.25 -62.00
C ASN BA 1 22.10 57.39 -60.76
N GLU BA 2 23.24 57.11 -60.13
CA GLU BA 2 23.25 56.31 -58.91
C GLU BA 2 22.85 57.11 -57.69
N VAL BA 3 22.95 58.44 -57.76
CA VAL BA 3 22.63 59.32 -56.65
C VAL BA 3 21.36 60.14 -56.95
N VAL BA 4 20.60 59.73 -57.97
CA VAL BA 4 19.41 60.48 -58.36
C VAL BA 4 18.36 60.41 -57.26
N THR BA 5 17.52 61.44 -57.19
CA THR BA 5 16.44 61.52 -56.21
C THR BA 5 15.14 61.85 -56.92
N ARG BA 6 14.06 61.21 -56.49
CA ARG BA 6 12.76 61.33 -57.12
C ARG BA 6 11.68 61.57 -56.08
N GLU BA 7 10.46 61.80 -56.57
CA GLU BA 7 9.29 61.98 -55.73
C GLU BA 7 8.23 60.96 -56.14
N TYR BA 8 7.51 60.44 -55.14
CA TYR BA 8 6.50 59.43 -55.37
C TYR BA 8 5.26 59.76 -54.55
N THR BA 9 4.13 59.17 -54.95
CA THR BA 9 2.86 59.31 -54.25
C THR BA 9 2.43 57.91 -53.82
N ILE BA 10 2.73 57.55 -52.58
CA ILE BA 10 2.44 56.22 -52.07
C ILE BA 10 1.02 56.19 -51.55
N ASN BA 11 0.30 55.12 -51.87
CA ASN BA 11 -1.10 54.96 -51.47
C ASN BA 11 -1.15 54.03 -50.27
N ILE BA 12 -1.31 54.61 -49.08
CA ILE BA 12 -1.35 53.81 -47.86
C ILE BA 12 -2.71 53.12 -47.71
N HIS BA 13 -3.77 53.71 -48.27
CA HIS BA 13 -5.09 53.11 -48.18
C HIS BA 13 -5.13 51.75 -48.87
N LYS BA 14 -4.26 51.54 -49.86
CA LYS BA 14 -4.19 50.25 -50.54
C LYS BA 14 -3.36 49.24 -49.77
N ARG BA 15 -2.34 49.70 -49.05
CA ARG BA 15 -1.39 48.81 -48.40
C ARG BA 15 -1.75 48.48 -46.96
N ILE BA 16 -2.65 49.23 -46.33
CA ILE BA 16 -3.08 48.88 -44.98
C ILE BA 16 -4.56 48.52 -44.97
N HIS BA 17 -5.04 47.95 -46.07
CA HIS BA 17 -6.47 47.71 -46.25
C HIS BA 17 -7.04 46.72 -45.25
N GLY BA 18 -6.23 45.79 -44.73
CA GLY BA 18 -6.79 44.73 -43.90
C GLY BA 18 -6.00 44.41 -42.64
N VAL BA 19 -5.40 45.42 -42.00
CA VAL BA 19 -4.48 45.16 -40.90
C VAL BA 19 -5.18 45.27 -39.54
N GLY BA 20 -6.10 46.22 -39.41
CA GLY BA 20 -6.77 46.42 -38.14
C GLY BA 20 -6.32 47.71 -37.46
N PHE BA 21 -7.14 48.14 -36.48
CA PHE BA 21 -6.98 49.47 -35.91
C PHE BA 21 -5.63 49.63 -35.20
N LYS BA 22 -5.31 48.71 -34.28
CA LYS BA 22 -4.13 48.88 -33.45
C LYS BA 22 -2.82 48.67 -34.20
N LYS BA 23 -2.86 48.34 -35.49
CA LYS BA 23 -1.64 48.08 -36.25
C LYS BA 23 -1.67 48.71 -37.64
N ARG BA 24 -2.22 49.92 -37.75
CA ARG BA 24 -2.28 50.58 -39.05
C ARG BA 24 -1.04 51.44 -39.33
N ALA BA 25 -0.63 52.28 -38.37
CA ALA BA 25 0.52 53.15 -38.62
C ALA BA 25 1.84 52.39 -38.67
N PRO BA 26 2.13 51.43 -37.78
CA PRO BA 26 3.37 50.66 -37.95
C PRO BA 26 3.42 49.88 -39.25
N ARG BA 27 2.30 49.26 -39.64
CA ARG BA 27 2.27 48.57 -40.92
C ARG BA 27 2.41 49.54 -42.08
N ALA BA 28 1.87 50.75 -41.96
CA ALA BA 28 2.04 51.75 -43.00
C ALA BA 28 3.51 52.12 -43.16
N LEU BA 29 4.21 52.31 -42.05
CA LEU BA 29 5.62 52.65 -42.14
C LEU BA 29 6.45 51.48 -42.67
N LYS BA 30 6.10 50.25 -42.29
CA LYS BA 30 6.76 49.09 -42.86
C LYS BA 30 6.52 49.02 -44.37
N GLU BA 31 5.32 49.38 -44.81
CA GLU BA 31 5.03 49.39 -46.24
C GLU BA 31 5.79 50.49 -46.96
N ILE BA 32 5.97 51.65 -46.32
CA ILE BA 32 6.81 52.68 -46.93
C ILE BA 32 8.24 52.20 -47.07
N ARG BA 33 8.75 51.51 -46.03
CA ARG BA 33 10.09 50.95 -46.12
C ARG BA 33 10.19 49.93 -47.26
N LYS BA 34 9.19 49.07 -47.40
CA LYS BA 34 9.19 48.08 -48.47
C LYS BA 34 9.10 48.75 -49.84
N PHE BA 35 8.32 49.82 -49.94
CA PHE BA 35 8.23 50.57 -51.19
C PHE BA 35 9.58 51.19 -51.55
N ALA BA 36 10.29 51.71 -50.56
CA ALA BA 36 11.64 52.21 -50.80
C ALA BA 36 12.56 51.08 -51.26
N MET BA 37 12.48 49.92 -50.60
CA MET BA 37 13.29 48.77 -50.98
C MET BA 37 13.03 48.39 -52.44
N LYS BA 38 11.78 48.39 -52.85
CA LYS BA 38 11.41 47.96 -54.19
C LYS BA 38 11.78 49.00 -55.24
N GLU BA 39 11.64 50.29 -54.93
CA GLU BA 39 11.92 51.33 -55.92
C GLU BA 39 13.42 51.57 -56.06
N MET BA 40 14.10 51.87 -54.96
CA MET BA 40 15.53 52.19 -55.06
C MET BA 40 16.37 50.93 -55.16
N GLY BA 41 16.20 50.00 -54.22
CA GLY BA 41 16.94 48.77 -54.21
C GLY BA 41 18.01 48.68 -53.14
N THR BA 42 18.15 49.69 -52.28
CA THR BA 42 19.18 49.56 -51.26
C THR BA 42 18.59 48.97 -49.98
N PRO BA 43 19.26 47.97 -49.40
CA PRO BA 43 18.72 47.35 -48.18
C PRO BA 43 18.71 48.29 -46.98
N ASP BA 44 19.41 49.42 -47.05
CA ASP BA 44 19.40 50.40 -45.98
C ASP BA 44 18.46 51.54 -46.35
N VAL BA 45 17.40 51.72 -45.56
CA VAL BA 45 16.40 52.77 -45.80
C VAL BA 45 16.17 53.50 -44.49
N ARG BA 46 16.35 54.82 -44.50
CA ARG BA 46 16.10 55.67 -43.35
C ARG BA 46 14.99 56.65 -43.69
N ILE BA 47 13.95 56.68 -42.87
CA ILE BA 47 12.82 57.58 -43.07
C ILE BA 47 12.95 58.75 -42.11
N ASP BA 48 12.36 59.88 -42.49
CA ASP BA 48 12.54 61.11 -41.74
C ASP BA 48 11.55 61.22 -40.59
N THR BA 49 11.96 61.95 -39.55
CA THR BA 49 11.07 62.19 -38.42
C THR BA 49 9.85 62.99 -38.84
N ARG BA 50 10.02 63.93 -39.78
CA ARG BA 50 8.87 64.64 -40.31
C ARG BA 50 7.90 63.70 -41.01
N LEU BA 51 8.42 62.69 -41.72
CA LEU BA 51 7.54 61.70 -42.35
C LEU BA 51 6.83 60.85 -41.29
N ASN BA 52 7.55 60.48 -40.23
CA ASN BA 52 6.91 59.76 -39.13
C ASN BA 52 5.77 60.58 -38.53
N LYS BA 53 5.99 61.88 -38.34
CA LYS BA 53 4.93 62.74 -37.81
C LYS BA 53 3.77 62.85 -38.79
N ALA BA 54 4.07 62.94 -40.09
CA ALA BA 54 3.00 63.03 -41.09
C ALA BA 54 2.17 61.75 -41.12
N VAL BA 55 2.79 60.60 -40.89
CA VAL BA 55 2.05 59.35 -40.84
C VAL BA 55 1.23 59.24 -39.57
N TRP BA 56 1.80 59.60 -38.43
CA TRP BA 56 1.12 59.51 -37.14
C TRP BA 56 0.31 60.76 -36.80
N ALA BA 57 0.06 61.62 -37.77
CA ALA BA 57 -0.62 62.88 -37.49
C ALA BA 57 -2.07 62.70 -37.06
N LYS BA 58 -2.71 61.61 -37.47
CA LYS BA 58 -4.13 61.38 -37.17
C LYS BA 58 -4.35 60.13 -36.32
N GLY BA 59 -3.38 59.76 -35.50
CA GLY BA 59 -3.52 58.60 -34.65
C GLY BA 59 -3.05 57.33 -35.32
N ILE BA 60 -3.41 56.21 -34.69
CA ILE BA 60 -3.00 54.90 -35.18
C ILE BA 60 -3.97 54.35 -36.21
N ARG BA 61 -5.28 54.35 -35.92
CA ARG BA 61 -6.25 53.72 -36.80
C ARG BA 61 -6.73 54.63 -37.92
N ASN BA 62 -6.26 55.87 -37.98
CA ASN BA 62 -6.63 56.81 -39.04
C ASN BA 62 -5.33 57.30 -39.69
N VAL BA 63 -4.96 56.64 -40.79
CA VAL BA 63 -3.73 56.97 -41.51
C VAL BA 63 -4.12 57.69 -42.80
N PRO BA 64 -3.44 58.77 -43.17
CA PRO BA 64 -3.74 59.44 -44.44
C PRO BA 64 -3.55 58.48 -45.62
N TYR BA 65 -4.49 58.57 -46.56
CA TYR BA 65 -4.52 57.61 -47.67
C TYR BA 65 -3.32 57.77 -48.59
N ARG BA 66 -3.18 58.94 -49.21
CA ARG BA 66 -2.08 59.22 -50.11
C ARG BA 66 -1.04 60.07 -49.40
N ILE BA 67 0.24 59.75 -49.62
CA ILE BA 67 1.34 60.49 -49.01
C ILE BA 67 2.37 60.77 -50.11
N ARG BA 68 2.73 62.04 -50.27
CA ARG BA 68 3.75 62.43 -51.24
C ARG BA 68 5.10 62.43 -50.55
N VAL BA 69 5.97 61.50 -50.93
CA VAL BA 69 7.28 61.34 -50.33
C VAL BA 69 8.35 61.60 -51.39
N ARG BA 70 9.60 61.72 -50.92
CA ARG BA 70 10.75 61.94 -51.78
C ARG BA 70 11.85 60.98 -51.37
N LEU BA 71 12.34 60.21 -52.34
CA LEU BA 71 13.38 59.21 -52.11
C LEU BA 71 14.70 59.70 -52.70
N SER BA 72 15.75 59.66 -51.88
CA SER BA 72 17.09 60.07 -52.31
C SER BA 72 18.06 58.94 -51.98
N ARG BA 73 18.66 58.35 -53.01
CA ARG BA 73 19.64 57.28 -52.83
C ARG BA 73 21.03 57.90 -52.77
N LYS BA 74 21.66 57.82 -51.59
CA LYS BA 74 22.96 58.45 -51.37
C LYS BA 74 23.96 57.41 -50.90
N ARG BA 75 25.23 57.65 -51.23
CA ARG BA 75 26.30 56.78 -50.76
C ARG BA 75 26.46 56.91 -49.25
N ASN BA 76 27.00 55.86 -48.63
CA ASN BA 76 27.03 55.79 -47.17
C ASN BA 76 28.18 56.60 -46.61
N GLU BA 77 29.40 56.36 -47.09
CA GLU BA 77 30.62 56.96 -46.55
C GLU BA 77 30.74 56.69 -45.05
N ASP BA 78 30.61 55.41 -44.70
CA ASP BA 78 30.71 54.97 -43.32
C ASP BA 78 31.59 53.75 -43.13
N GLU BA 79 32.04 53.10 -44.21
CA GLU BA 79 32.93 51.93 -44.23
C GLU BA 79 32.62 50.90 -43.15
N ASP BA 80 31.33 50.63 -42.91
CA ASP BA 80 30.95 49.50 -42.09
C ASP BA 80 29.75 48.74 -42.67
N SER BA 81 29.29 49.10 -43.87
CA SER BA 81 28.14 48.46 -44.49
C SER BA 81 28.51 47.89 -45.85
N PRO BA 82 28.04 46.68 -46.18
CA PRO BA 82 28.40 46.11 -47.49
C PRO BA 82 27.75 46.82 -48.66
N ASN BA 83 26.53 47.33 -48.48
CA ASN BA 83 25.82 47.95 -49.59
C ASN BA 83 26.38 49.33 -49.93
N LYS BA 84 26.78 50.11 -48.92
CA LYS BA 84 27.36 51.43 -49.06
C LYS BA 84 26.40 52.45 -49.69
N LEU BA 85 25.14 52.06 -49.89
CA LEU BA 85 24.12 52.96 -50.42
C LEU BA 85 22.89 52.89 -49.54
N TYR BA 86 22.34 54.05 -49.19
CA TYR BA 86 21.15 54.11 -48.34
C TYR BA 86 20.15 55.08 -48.95
N THR BA 87 18.87 54.77 -48.76
CA THR BA 87 17.76 55.56 -49.28
C THR BA 87 17.17 56.39 -48.16
N LEU BA 88 17.26 57.70 -48.28
CA LEU BA 88 16.63 58.62 -47.34
C LEU BA 88 15.25 59.00 -47.89
N VAL BA 89 14.22 58.79 -47.08
CA VAL BA 89 12.85 59.06 -47.46
C VAL BA 89 12.34 60.23 -46.65
N THR BA 90 12.06 61.34 -47.33
CA THR BA 90 11.56 62.55 -46.69
C THR BA 90 10.11 62.78 -47.10
N TYR BA 91 9.43 63.63 -46.34
CA TYR BA 91 8.02 63.94 -46.55
C TYR BA 91 7.89 65.40 -46.95
N VAL BA 92 7.28 65.65 -48.11
CA VAL BA 92 6.99 67.00 -48.59
C VAL BA 92 5.50 67.24 -48.45
N PRO BA 93 5.07 68.40 -47.97
CA PRO BA 93 3.63 68.65 -47.82
C PRO BA 93 3.01 69.15 -49.11
N VAL BA 94 1.80 68.69 -49.38
CA VAL BA 94 1.04 69.08 -50.55
C VAL BA 94 -0.43 69.20 -50.18
N THR BA 95 -1.12 70.13 -50.83
CA THR BA 95 -2.53 70.35 -50.53
C THR BA 95 -3.44 69.40 -51.32
N THR BA 96 -3.16 69.23 -52.60
CA THR BA 96 -3.95 68.37 -53.47
C THR BA 96 -3.14 67.15 -53.89
N PHE BA 97 -3.85 66.19 -54.50
CA PHE BA 97 -3.22 64.97 -54.98
C PHE BA 97 -3.57 64.60 -56.41
N LYS BA 98 -4.49 65.31 -57.05
CA LYS BA 98 -4.87 65.02 -58.42
C LYS BA 98 -3.81 65.49 -59.40
N ASN BA 99 -3.62 64.73 -60.47
CA ASN BA 99 -2.67 65.06 -61.53
C ASN BA 99 -1.25 65.18 -60.99
N LEU BA 100 -0.87 64.27 -60.09
CA LEU BA 100 0.46 64.23 -59.51
C LEU BA 100 1.13 62.92 -59.89
N GLN BA 101 2.17 63.01 -60.71
CA GLN BA 101 2.93 61.84 -61.15
C GLN BA 101 4.33 61.86 -60.54
N THR BA 102 5.04 60.76 -60.75
CA THR BA 102 6.38 60.60 -60.19
C THR BA 102 7.40 61.26 -61.09
N VAL BA 103 8.11 62.25 -60.55
CA VAL BA 103 9.14 62.97 -61.29
C VAL BA 103 10.43 63.00 -60.47
N ASN BA 104 11.55 63.09 -61.17
CA ASN BA 104 12.86 63.18 -60.55
C ASN BA 104 13.26 64.64 -60.38
N VAL BA 105 13.96 64.93 -59.29
CA VAL BA 105 14.38 66.30 -58.98
C VAL BA 105 15.89 66.33 -58.84
N ASP BA 106 16.45 67.52 -58.96
CA ASP BA 106 17.90 67.70 -58.88
C ASP BA 106 18.30 68.26 -57.52
N ALA CA 1 54.37 -27.57 -34.77
CA ALA CA 1 54.80 -28.79 -34.10
C ALA CA 1 54.41 -28.77 -32.62
N ALA CA 2 53.11 -28.81 -32.37
CA ALA CA 2 52.61 -28.79 -31.01
C ALA CA 2 52.87 -30.14 -30.32
N LEU CA 3 52.82 -30.12 -28.99
CA LEU CA 3 53.06 -31.32 -28.21
C LEU CA 3 51.89 -32.28 -28.35
N ARG CA 4 52.17 -33.51 -28.76
CA ARG CA 4 51.11 -34.50 -28.95
C ARG CA 4 50.67 -35.05 -27.60
N PRO CA 5 49.37 -34.98 -27.28
CA PRO CA 5 48.87 -35.57 -26.04
C PRO CA 5 48.74 -37.08 -26.17
N LEU CA 6 48.17 -37.69 -25.13
CA LEU CA 6 47.84 -39.10 -25.19
C LEU CA 6 46.62 -39.31 -26.10
N VAL CA 7 46.13 -40.54 -26.14
CA VAL CA 7 44.95 -40.83 -26.96
C VAL CA 7 43.77 -40.00 -26.46
N LYS CA 8 42.97 -39.50 -27.41
CA LYS CA 8 41.85 -38.65 -27.07
C LYS CA 8 40.66 -39.03 -27.96
N PRO CA 9 39.48 -39.19 -27.39
CA PRO CA 9 38.29 -39.50 -28.18
C PRO CA 9 37.63 -38.23 -28.71
N LYS CA 10 36.74 -38.43 -29.68
CA LYS CA 10 35.98 -37.32 -30.27
C LYS CA 10 34.95 -36.85 -29.24
N ILE CA 11 35.26 -35.73 -28.58
CA ILE CA 11 34.37 -35.20 -27.54
C ILE CA 11 33.07 -34.73 -28.19
N VAL CA 12 31.95 -35.21 -27.68
CA VAL CA 12 30.63 -34.82 -28.15
C VAL CA 12 29.93 -34.06 -27.05
N LYS CA 13 29.32 -32.93 -27.40
CA LYS CA 13 28.59 -32.10 -26.45
C LYS CA 13 27.10 -32.32 -26.62
N LYS CA 14 26.41 -32.52 -25.49
CA LYS CA 14 24.96 -32.67 -25.55
C LYS CA 14 24.29 -31.36 -25.94
N ARG CA 15 24.81 -30.24 -25.44
CA ARG CA 15 24.31 -28.92 -25.80
C ARG CA 15 25.48 -27.97 -25.93
N THR CA 16 25.57 -27.31 -27.09
CA THR CA 16 26.64 -26.37 -27.37
C THR CA 16 26.30 -24.94 -26.98
N LYS CA 17 25.04 -24.65 -26.68
CA LYS CA 17 24.60 -23.32 -26.29
C LYS CA 17 24.65 -23.18 -24.77
N LYS CA 18 24.81 -21.95 -24.30
CA LYS CA 18 24.75 -21.65 -22.88
C LYS CA 18 23.34 -21.29 -22.49
N PHE CA 19 22.91 -21.78 -21.32
CA PHE CA 19 21.56 -21.52 -20.86
C PHE CA 19 21.38 -20.06 -20.50
N ILE CA 20 20.29 -19.47 -20.99
CA ILE CA 20 20.02 -18.05 -20.84
C ILE CA 20 18.91 -17.87 -19.81
N ARG CA 21 19.09 -16.90 -18.92
CA ARG CA 21 18.06 -16.60 -17.93
C ARG CA 21 16.79 -16.10 -18.62
N HIS CA 22 15.65 -16.40 -18.01
CA HIS CA 22 14.37 -16.03 -18.60
C HIS CA 22 14.21 -14.52 -18.60
N GLN CA 23 13.76 -13.98 -19.74
CA GLN CA 23 13.50 -12.54 -19.91
C GLN CA 23 14.77 -11.71 -19.68
N SER CA 24 15.94 -12.30 -19.90
CA SER CA 24 17.18 -11.57 -19.76
C SER CA 24 17.49 -10.69 -20.96
N ASP CA 25 16.69 -10.79 -22.04
CA ASP CA 25 16.92 -9.96 -23.22
C ASP CA 25 16.16 -8.65 -23.15
N ARG CA 26 14.99 -8.64 -22.49
CA ARG CA 26 14.18 -7.43 -22.44
C ARG CA 26 14.76 -6.39 -21.48
N TYR CA 27 15.29 -6.83 -20.35
CA TYR CA 27 15.84 -5.94 -19.34
C TYR CA 27 17.34 -6.16 -19.22
N VAL CA 28 18.11 -5.07 -19.25
CA VAL CA 28 19.56 -5.18 -19.11
C VAL CA 28 20.00 -5.29 -17.66
N LYS CA 29 19.09 -5.08 -16.71
CA LYS CA 29 19.41 -5.33 -15.30
C LYS CA 29 19.45 -6.82 -14.98
N ILE CA 30 18.86 -7.65 -15.83
CA ILE CA 30 18.85 -9.09 -15.63
C ILE CA 30 20.10 -9.68 -16.27
N LYS CA 31 20.97 -10.26 -15.46
CA LYS CA 31 22.22 -10.81 -15.96
C LYS CA 31 21.96 -12.06 -16.79
N ARG CA 32 22.97 -12.43 -17.57
CA ARG CA 32 22.88 -13.64 -18.39
C ARG CA 32 22.96 -14.91 -17.55
N ASN CA 33 23.40 -14.80 -16.30
CA ASN CA 33 23.53 -15.98 -15.44
C ASN CA 33 22.16 -16.61 -15.20
N TRP CA 34 22.12 -17.94 -15.19
CA TRP CA 34 20.86 -18.66 -15.07
C TRP CA 34 20.38 -18.69 -13.62
N ARG CA 35 19.10 -18.40 -13.43
CA ARG CA 35 18.44 -18.52 -12.13
C ARG CA 35 17.16 -19.32 -12.30
N LYS CA 36 16.88 -20.19 -11.34
CA LYS CA 36 15.72 -21.06 -11.43
C LYS CA 36 14.45 -20.25 -11.34
N PRO CA 37 13.59 -20.25 -12.36
CA PRO CA 37 12.32 -19.50 -12.29
C PRO CA 37 11.32 -20.23 -11.40
N ARG CA 38 10.81 -19.54 -10.40
CA ARG CA 38 9.91 -20.13 -9.41
C ARG CA 38 8.56 -19.41 -9.41
N GLY CA 39 8.06 -19.07 -10.59
CA GLY CA 39 6.75 -18.45 -10.69
C GLY CA 39 5.63 -19.47 -10.66
N ILE CA 40 4.46 -19.02 -10.22
CA ILE CA 40 3.31 -19.90 -10.13
C ILE CA 40 2.65 -20.14 -11.48
N ASP CA 41 2.90 -19.27 -12.46
CA ASP CA 41 2.32 -19.43 -13.79
C ASP CA 41 3.33 -19.11 -14.88
N ASN CA 42 4.61 -19.36 -14.63
CA ASN CA 42 5.64 -19.10 -15.62
C ASN CA 42 5.73 -20.24 -16.61
N ARG CA 43 6.05 -19.91 -17.86
CA ARG CA 43 6.10 -20.92 -18.91
C ARG CA 43 7.35 -21.78 -18.82
N VAL CA 44 8.48 -21.18 -18.45
CA VAL CA 44 9.75 -21.92 -18.41
C VAL CA 44 9.72 -22.98 -17.32
N ARG CA 45 9.03 -22.70 -16.20
CA ARG CA 45 9.02 -23.64 -15.09
C ARG CA 45 8.23 -24.90 -15.43
N ARG CA 46 7.11 -24.75 -16.13
CA ARG CA 46 6.30 -25.89 -16.54
C ARG CA 46 6.70 -26.42 -17.92
N ARG CA 47 7.69 -25.81 -18.56
CA ARG CA 47 8.28 -26.33 -19.79
C ARG CA 47 7.25 -26.38 -20.93
N PHE CA 48 6.73 -25.21 -21.28
CA PHE CA 48 5.95 -25.09 -22.50
C PHE CA 48 6.87 -25.24 -23.72
N LYS CA 49 6.28 -25.66 -24.83
CA LYS CA 49 7.02 -25.82 -26.07
C LYS CA 49 7.37 -24.46 -26.66
N GLY CA 50 8.55 -24.39 -27.28
CA GLY CA 50 9.01 -23.16 -27.89
C GLY CA 50 9.68 -22.18 -26.95
N GLN CA 51 9.71 -22.46 -25.66
CA GLN CA 51 10.33 -21.57 -24.70
C GLN CA 51 11.81 -21.95 -24.52
N ILE CA 52 12.49 -21.24 -23.61
CA ILE CA 52 13.89 -21.54 -23.37
C ILE CA 52 14.01 -22.82 -22.55
N LEU CA 53 15.20 -23.41 -22.60
CA LEU CA 53 15.46 -24.69 -21.95
C LEU CA 53 15.98 -24.48 -20.53
N MET CA 54 15.67 -25.43 -19.66
CA MET CA 54 16.19 -25.39 -18.30
C MET CA 54 17.31 -26.40 -18.14
N PRO CA 55 18.40 -26.02 -17.47
CA PRO CA 55 19.53 -26.95 -17.30
C PRO CA 55 19.21 -27.97 -16.21
N ASN CA 56 19.37 -29.25 -16.54
CA ASN CA 56 19.21 -30.31 -15.56
C ASN CA 56 20.38 -31.28 -15.64
N ILE CA 57 20.29 -32.39 -14.91
CA ILE CA 57 21.37 -33.37 -14.88
C ILE CA 57 21.50 -34.13 -16.19
N GLY CA 58 20.50 -34.04 -17.07
CA GLY CA 58 20.56 -34.76 -18.33
C GLY CA 58 21.61 -34.24 -19.28
N TYR CA 59 21.90 -32.95 -19.23
CA TYR CA 59 22.88 -32.33 -20.11
C TYR CA 59 24.31 -32.57 -19.66
N GLY CA 60 24.53 -33.40 -18.65
CA GLY CA 60 25.88 -33.67 -18.17
C GLY CA 60 26.73 -34.36 -19.21
N SER CA 61 27.90 -33.81 -19.49
CA SER CA 61 28.79 -34.38 -20.50
C SER CA 61 29.39 -35.69 -19.99
N ASN CA 62 30.05 -36.39 -20.91
CA ASN CA 62 30.64 -37.68 -20.58
C ASN CA 62 31.78 -37.52 -19.58
N LYS CA 63 31.85 -38.44 -18.62
CA LYS CA 63 32.89 -38.39 -17.61
C LYS CA 63 34.27 -38.69 -18.17
N LYS CA 64 34.35 -39.40 -19.31
CA LYS CA 64 35.63 -39.71 -19.91
C LYS CA 64 36.25 -38.49 -20.59
N THR CA 65 35.42 -37.55 -21.04
CA THR CA 65 35.90 -36.36 -21.74
C THR CA 65 35.56 -35.07 -21.00
N LYS CA 66 35.16 -35.14 -19.74
CA LYS CA 66 34.81 -33.94 -19.00
C LYS CA 66 36.06 -33.14 -18.67
N HIS CA 67 35.92 -31.81 -18.69
CA HIS CA 67 37.00 -30.87 -18.39
C HIS CA 67 38.18 -31.00 -19.34
N MET CA 68 37.94 -31.46 -20.56
CA MET CA 68 39.00 -31.65 -21.55
C MET CA 68 38.95 -30.51 -22.56
N LEU CA 69 40.12 -29.92 -22.82
CA LEU CA 69 40.22 -28.86 -23.81
C LEU CA 69 40.15 -29.45 -25.21
N PRO CA 70 39.80 -28.64 -26.21
CA PRO CA 70 39.76 -29.14 -27.60
C PRO CA 70 41.09 -29.69 -28.08
N SER CA 71 42.20 -29.23 -27.52
CA SER CA 71 43.50 -29.79 -27.91
C SER CA 71 43.67 -31.21 -27.39
N GLY CA 72 42.99 -31.56 -26.30
CA GLY CA 72 43.08 -32.89 -25.73
C GLY CA 72 43.66 -32.94 -24.33
N PHE CA 73 44.06 -31.81 -23.75
CA PHE CA 73 44.63 -31.76 -22.41
C PHE CA 73 43.58 -31.29 -21.41
N ARG CA 74 43.93 -31.40 -20.14
CA ARG CA 74 43.15 -30.82 -19.04
C ARG CA 74 44.02 -29.78 -18.35
N LYS CA 75 43.50 -28.57 -18.22
CA LYS CA 75 44.31 -27.46 -17.75
C LYS CA 75 44.49 -27.52 -16.23
N PHE CA 76 45.63 -27.01 -15.77
CA PHE CA 76 45.92 -26.85 -14.35
C PHE CA 76 46.65 -25.53 -14.17
N LEU CA 77 46.17 -24.73 -13.21
CA LEU CA 77 46.69 -23.38 -13.03
C LEU CA 77 47.95 -23.40 -12.18
N VAL CA 78 48.95 -22.61 -12.61
CA VAL CA 78 50.21 -22.51 -11.92
C VAL CA 78 50.52 -21.03 -11.67
N HIS CA 79 51.43 -20.79 -10.72
CA HIS CA 79 51.85 -19.45 -10.38
C HIS CA 79 53.35 -19.21 -10.51
N ASN CA 80 54.17 -20.20 -10.17
CA ASN CA 80 55.62 -20.05 -10.23
C ASN CA 80 56.22 -21.35 -10.76
N VAL CA 81 57.53 -21.47 -10.64
CA VAL CA 81 58.22 -22.66 -11.15
C VAL CA 81 58.07 -23.83 -10.18
N LYS CA 82 57.82 -23.56 -8.90
CA LYS CA 82 57.69 -24.65 -7.93
C LYS CA 82 56.43 -25.47 -8.20
N GLU CA 83 55.32 -24.81 -8.52
CA GLU CA 83 54.08 -25.52 -8.83
C GLU CA 83 54.02 -25.99 -10.28
N LEU CA 84 55.13 -25.93 -11.01
CA LEU CA 84 55.16 -26.45 -12.37
C LEU CA 84 55.76 -27.85 -12.45
N GLU CA 85 56.75 -28.14 -11.61
CA GLU CA 85 57.36 -29.47 -11.60
C GLU CA 85 56.44 -30.55 -11.08
N VAL CA 86 55.28 -30.18 -10.52
CA VAL CA 86 54.34 -31.19 -10.03
C VAL CA 86 53.64 -31.87 -11.20
N LEU CA 87 53.50 -31.17 -12.33
CA LEU CA 87 52.89 -31.74 -13.52
C LEU CA 87 53.88 -32.54 -14.36
N LEU CA 88 55.00 -32.97 -13.77
CA LEU CA 88 56.00 -33.70 -14.54
C LEU CA 88 55.52 -35.08 -14.94
N MET CA 89 54.80 -35.76 -14.05
CA MET CA 89 54.34 -37.11 -14.34
C MET CA 89 53.07 -37.13 -15.19
N CYS CA 90 52.30 -36.04 -15.17
CA CYS CA 90 51.04 -35.95 -15.89
C CYS CA 90 51.12 -35.04 -17.12
N ASN CA 91 52.25 -35.05 -17.82
CA ASN CA 91 52.41 -34.16 -18.97
C ASN CA 91 51.61 -34.65 -20.18
N LYS CA 92 51.20 -35.92 -20.19
CA LYS CA 92 50.50 -36.47 -21.34
C LYS CA 92 49.00 -36.20 -21.31
N SER CA 93 48.41 -35.99 -20.14
CA SER CA 93 46.99 -35.71 -20.02
C SER CA 93 46.70 -34.34 -19.44
N TYR CA 94 47.53 -33.85 -18.53
CA TYR CA 94 47.36 -32.55 -17.92
C TYR CA 94 48.37 -31.56 -18.51
N CYS CA 95 47.96 -30.29 -18.54
CA CYS CA 95 48.76 -29.23 -19.12
C CYS CA 95 48.75 -28.04 -18.19
N ALA CA 96 49.69 -27.13 -18.40
CA ALA CA 96 49.88 -26.00 -17.50
C ALA CA 96 49.22 -24.73 -18.05
N GLU CA 97 48.83 -23.86 -17.12
CA GLU CA 97 48.28 -22.56 -17.47
C GLU CA 97 48.78 -21.54 -16.46
N ILE CA 98 49.57 -20.59 -16.90
CA ILE CA 98 50.14 -19.58 -16.01
C ILE CA 98 49.04 -18.63 -15.56
N ALA CA 99 49.12 -18.18 -14.31
CA ALA CA 99 48.14 -17.25 -13.80
C ALA CA 99 48.24 -15.90 -14.52
N HIS CA 100 47.21 -15.08 -14.37
CA HIS CA 100 47.17 -13.80 -15.06
C HIS CA 100 48.01 -12.74 -14.36
N ASN CA 101 48.17 -12.83 -13.05
CA ASN CA 101 48.92 -11.85 -12.29
C ASN CA 101 50.42 -12.12 -12.26
N VAL CA 102 50.90 -13.09 -13.03
CA VAL CA 102 52.32 -13.38 -13.09
C VAL CA 102 53.01 -12.36 -13.98
N SER CA 103 54.12 -11.79 -13.51
CA SER CA 103 54.83 -10.78 -14.27
C SER CA 103 55.53 -11.39 -15.48
N SER CA 104 55.89 -10.53 -16.43
CA SER CA 104 56.56 -10.99 -17.63
C SER CA 104 57.98 -11.47 -17.35
N LYS CA 105 58.59 -10.98 -16.27
CA LYS CA 105 59.94 -11.43 -15.94
C LYS CA 105 59.93 -12.86 -15.41
N ASN CA 106 58.96 -13.20 -14.58
CA ASN CA 106 58.84 -14.55 -14.04
C ASN CA 106 58.01 -15.48 -14.90
N ARG CA 107 57.40 -14.95 -15.98
CA ARG CA 107 56.62 -15.81 -16.87
C ARG CA 107 57.52 -16.55 -17.86
N LYS CA 108 58.54 -15.86 -18.39
CA LYS CA 108 59.45 -16.52 -19.32
C LYS CA 108 60.20 -17.66 -18.66
N ALA CA 109 60.51 -17.55 -17.37
CA ALA CA 109 61.16 -18.65 -16.67
C ALA CA 109 60.24 -19.87 -16.61
N ILE CA 110 58.96 -19.65 -16.34
CA ILE CA 110 58.01 -20.76 -16.33
C ILE CA 110 57.90 -21.38 -17.71
N VAL CA 111 57.89 -20.56 -18.75
CA VAL CA 111 57.80 -21.09 -20.11
C VAL CA 111 59.03 -21.93 -20.45
N GLU CA 112 60.22 -21.45 -20.06
CA GLU CA 112 61.44 -22.21 -20.33
C GLU CA 112 61.46 -23.52 -19.55
N ARG CA 113 61.02 -23.50 -18.29
CA ARG CA 113 60.97 -24.72 -17.51
C ARG CA 113 59.97 -25.72 -18.10
N ALA CA 114 58.82 -25.23 -18.58
CA ALA CA 114 57.85 -26.11 -19.20
C ALA CA 114 58.39 -26.69 -20.50
N ALA CA 115 59.13 -25.89 -21.28
CA ALA CA 115 59.74 -26.40 -22.49
C ALA CA 115 60.81 -27.44 -22.19
N GLN CA 116 61.54 -27.27 -21.09
CA GLN CA 116 62.53 -28.27 -20.70
C GLN CA 116 61.85 -29.55 -20.24
N LEU CA 117 60.76 -29.43 -19.48
CA LEU CA 117 60.04 -30.59 -18.95
C LEU CA 117 59.07 -31.21 -19.94
N ALA CA 118 58.95 -30.63 -21.14
CA ALA CA 118 58.02 -31.11 -22.18
C ALA CA 118 56.59 -31.12 -21.65
N ILE CA 119 56.16 -29.97 -21.15
CA ILE CA 119 54.83 -29.78 -20.60
C ILE CA 119 54.08 -28.79 -21.49
N ARG CA 120 52.89 -29.17 -21.93
CA ARG CA 120 52.09 -28.30 -22.78
C ARG CA 120 51.57 -27.10 -21.99
N VAL CA 121 51.65 -25.93 -22.61
CA VAL CA 121 51.17 -24.68 -22.02
C VAL CA 121 50.05 -24.14 -22.90
N THR CA 122 48.93 -23.79 -22.27
CA THR CA 122 47.78 -23.32 -23.03
C THR CA 122 48.00 -21.91 -23.58
N ASN CA 123 48.73 -21.08 -22.86
CA ASN CA 123 49.00 -19.70 -23.25
C ASN CA 123 50.50 -19.48 -23.37
N PRO CA 124 51.12 -19.95 -24.45
CA PRO CA 124 52.53 -19.67 -24.69
C PRO CA 124 52.70 -18.32 -25.34
N ASN CA 125 53.97 -17.89 -25.45
CA ASN CA 125 54.41 -16.68 -26.11
C ASN CA 125 53.48 -15.48 -25.87
N ALA CA 126 52.99 -15.35 -24.65
CA ALA CA 126 52.08 -14.27 -24.30
C ALA CA 126 52.85 -13.06 -23.78
N ARG CA 127 52.19 -11.91 -23.81
CA ARG CA 127 52.72 -10.61 -23.42
C ARG CA 127 54.18 -10.39 -23.82
N LEU CA 128 54.49 -10.65 -25.09
CA LEU CA 128 55.79 -10.35 -25.67
C LEU CA 128 55.72 -9.07 -26.49
N ARG CA 129 56.87 -8.43 -26.64
CA ARG CA 129 56.95 -7.18 -27.39
C ARG CA 129 57.26 -7.43 -28.86
N SER DA 1 29.95 -35.19 -71.08
CA SER DA 1 28.89 -34.21 -71.27
C SER DA 1 27.54 -34.77 -70.81
N GLY DA 2 26.54 -33.89 -70.75
CA GLY DA 2 25.20 -34.30 -70.38
C GLY DA 2 25.00 -34.50 -68.89
N ARG DA 3 23.77 -34.32 -68.43
CA ARG DA 3 23.46 -34.46 -67.01
C ARG DA 3 23.63 -35.91 -66.57
N LEU DA 4 24.19 -36.09 -65.37
CA LEU DA 4 24.41 -37.42 -64.81
C LEU DA 4 23.74 -37.59 -63.46
N TRP DA 5 22.65 -36.87 -63.20
CA TRP DA 5 21.94 -36.98 -61.94
C TRP DA 5 20.44 -36.75 -62.17
N CYS DA 6 19.64 -37.20 -61.21
CA CYS DA 6 18.20 -37.02 -61.24
C CYS DA 6 17.81 -35.74 -60.52
N LYS DA 7 16.69 -35.17 -60.93
CA LYS DA 7 16.21 -33.92 -60.36
C LYS DA 7 15.24 -34.19 -59.21
N ALA DA 8 15.42 -33.45 -58.12
CA ALA DA 8 14.56 -33.58 -56.95
C ALA DA 8 14.39 -32.22 -56.30
N ILE DA 9 13.20 -32.00 -55.75
CA ILE DA 9 12.83 -30.74 -55.12
C ILE DA 9 12.75 -30.95 -53.61
N PHE DA 10 13.16 -29.94 -52.85
CA PHE DA 10 13.07 -29.96 -51.40
C PHE DA 10 11.76 -29.32 -50.97
N ALA DA 11 10.82 -30.13 -50.47
CA ALA DA 11 9.53 -29.63 -50.05
C ALA DA 11 9.51 -29.22 -48.58
N GLY DA 12 10.22 -29.94 -47.72
CA GLY DA 12 10.27 -29.59 -46.32
C GLY DA 12 10.92 -30.71 -45.52
N TYR DA 13 11.13 -30.41 -44.24
CA TYR DA 13 11.68 -31.39 -43.33
C TYR DA 13 10.60 -32.38 -42.89
N LYS DA 14 11.03 -33.46 -42.24
CA LYS DA 14 10.08 -34.38 -41.64
C LYS DA 14 9.39 -33.69 -40.47
N ARG DA 15 8.07 -33.57 -40.55
CA ARG DA 15 7.35 -32.77 -39.57
C ARG DA 15 5.97 -33.39 -39.32
N GLY DA 16 5.43 -33.10 -38.15
CA GLY DA 16 4.04 -33.40 -37.86
C GLY DA 16 3.18 -32.23 -38.27
N LEU DA 17 2.46 -31.65 -37.31
CA LEU DA 17 1.71 -30.43 -37.57
C LEU DA 17 2.18 -29.24 -36.75
N ARG DA 18 2.60 -29.45 -35.51
CA ARG DA 18 3.03 -28.36 -34.63
C ARG DA 18 4.48 -28.53 -34.21
N ASN DA 19 5.28 -29.23 -35.01
CA ASN DA 19 6.68 -29.45 -34.70
C ASN DA 19 7.39 -29.95 -35.95
N GLN DA 20 8.70 -29.69 -36.01
CA GLN DA 20 9.54 -30.08 -37.13
C GLN DA 20 10.71 -30.92 -36.64
N ARG DA 21 11.29 -31.69 -37.56
CA ARG DA 21 12.48 -32.49 -37.31
C ARG DA 21 13.48 -32.17 -38.41
N GLU DA 22 14.44 -31.28 -38.13
CA GLU DA 22 15.37 -30.81 -39.15
C GLU DA 22 16.42 -31.85 -39.52
N HIS DA 23 16.57 -32.93 -38.75
CA HIS DA 23 17.58 -33.92 -39.07
C HIS DA 23 17.22 -34.72 -40.32
N THR DA 24 15.94 -34.93 -40.57
CA THR DA 24 15.47 -35.66 -41.74
C THR DA 24 14.72 -34.72 -42.67
N ALA DA 25 15.01 -34.81 -43.97
CA ALA DA 25 14.38 -33.97 -44.97
C ALA DA 25 13.58 -34.84 -45.94
N LEU DA 26 12.59 -34.22 -46.56
CA LEU DA 26 11.75 -34.89 -47.55
C LEU DA 26 12.09 -34.37 -48.94
N LEU DA 27 12.13 -35.29 -49.91
CA LEU DA 27 12.49 -34.96 -51.28
C LEU DA 27 11.40 -35.45 -52.22
N LYS DA 28 11.04 -34.62 -53.19
CA LYS DA 28 10.10 -34.98 -54.25
C LYS DA 28 10.92 -35.10 -55.53
N ILE DA 29 11.24 -36.34 -55.89
CA ILE DA 29 12.08 -36.59 -57.06
C ILE DA 29 11.19 -36.68 -58.29
N GLU DA 30 11.60 -36.02 -59.37
CA GLU DA 30 10.79 -35.95 -60.58
C GLU DA 30 10.75 -37.30 -61.28
N GLY DA 31 9.57 -37.68 -61.74
CA GLY DA 31 9.35 -38.94 -62.43
C GLY DA 31 8.83 -40.06 -61.55
N VAL DA 32 8.94 -39.93 -60.24
CA VAL DA 32 8.48 -40.93 -59.30
C VAL DA 32 7.23 -40.41 -58.60
N TYR DA 33 6.11 -41.10 -58.80
CA TYR DA 33 4.84 -40.69 -58.20
C TYR DA 33 4.13 -41.88 -57.55
N ALA DA 34 4.85 -42.95 -57.24
CA ALA DA 34 4.26 -44.14 -56.65
C ALA DA 34 5.24 -44.77 -55.67
N ARG DA 35 4.70 -45.57 -54.75
CA ARG DA 35 5.53 -46.20 -53.74
C ARG DA 35 6.40 -47.31 -54.33
N ASP DA 36 5.92 -48.00 -55.35
CA ASP DA 36 6.67 -49.12 -55.93
C ASP DA 36 7.76 -48.67 -56.88
N GLU DA 37 8.00 -47.36 -57.02
CA GLU DA 37 9.02 -46.86 -57.93
C GLU DA 37 10.23 -46.27 -57.21
N THR DA 38 10.12 -46.00 -55.91
CA THR DA 38 11.20 -45.35 -55.18
C THR DA 38 12.24 -46.31 -54.64
N GLU DA 39 12.07 -47.62 -54.86
CA GLU DA 39 13.05 -48.57 -54.36
C GLU DA 39 14.38 -48.49 -55.11
N PHE DA 40 14.38 -47.91 -56.31
CA PHE DA 40 15.63 -47.77 -57.05
C PHE DA 40 16.51 -46.67 -56.46
N TYR DA 41 15.91 -45.65 -55.86
CA TYR DA 41 16.65 -44.51 -55.35
C TYR DA 41 17.06 -44.65 -53.89
N LEU DA 42 16.76 -45.77 -53.26
CA LEU DA 42 17.15 -45.98 -51.86
C LEU DA 42 18.66 -46.15 -51.77
N GLY DA 43 19.29 -45.29 -50.97
CA GLY DA 43 20.72 -45.34 -50.78
C GLY DA 43 21.53 -44.44 -51.70
N LYS DA 44 20.87 -43.82 -52.69
CA LYS DA 44 21.57 -42.94 -53.60
C LYS DA 44 22.01 -41.66 -52.89
N ARG DA 45 23.19 -41.17 -53.27
CA ARG DA 45 23.71 -39.93 -52.70
C ARG DA 45 22.96 -38.74 -53.26
N CYS DA 46 22.89 -37.66 -52.48
CA CYS DA 46 22.21 -36.45 -52.87
C CYS DA 46 23.11 -35.26 -52.55
N ALA DA 47 22.99 -34.21 -53.37
CA ALA DA 47 23.86 -33.05 -53.23
C ALA DA 47 23.02 -31.78 -53.39
N TYR DA 48 23.09 -30.91 -52.39
CA TYR DA 48 22.47 -29.59 -52.46
C TYR DA 48 23.58 -28.59 -52.80
N VAL DA 49 23.55 -28.07 -54.02
CA VAL DA 49 24.61 -27.23 -54.54
C VAL DA 49 24.12 -25.79 -54.57
N TYR DA 50 24.91 -24.88 -54.00
CA TYR DA 50 24.59 -23.46 -54.01
C TYR DA 50 25.86 -22.66 -54.23
N LYS DA 51 25.72 -21.35 -54.27
CA LYS DA 51 26.85 -20.46 -54.52
C LYS DA 51 26.94 -19.42 -53.42
N ALA DA 52 28.17 -19.06 -53.06
CA ALA DA 52 28.44 -18.06 -52.04
C ALA DA 52 29.36 -16.99 -52.64
N LYS DA 53 29.70 -15.99 -51.82
CA LYS DA 53 30.53 -14.90 -52.31
C LYS DA 53 32.02 -15.19 -52.14
N ASN DA 54 32.38 -16.05 -51.19
CA ASN DA 54 33.78 -16.41 -50.97
C ASN DA 54 34.07 -17.75 -51.64
N ASN DA 55 35.04 -17.75 -52.55
CA ASN DA 55 35.40 -18.97 -53.26
C ASN DA 55 36.10 -19.95 -52.33
N THR DA 56 35.69 -21.21 -52.40
CA THR DA 56 36.25 -22.28 -51.59
C THR DA 56 36.93 -23.30 -52.49
N VAL DA 57 37.84 -24.07 -51.90
CA VAL DA 57 38.61 -25.04 -52.66
C VAL DA 57 37.70 -26.17 -53.13
N THR DA 58 37.96 -26.66 -54.34
CA THR DA 58 37.23 -27.78 -54.93
C THR DA 58 38.15 -28.96 -55.11
N PRO DA 59 37.62 -30.19 -55.07
CA PRO DA 59 38.48 -31.36 -55.28
C PRO DA 59 39.17 -31.37 -56.63
N GLY DA 60 38.53 -30.85 -57.66
CA GLY DA 60 39.16 -30.76 -58.98
C GLY DA 60 39.13 -29.37 -59.56
N GLY DA 61 40.29 -28.76 -59.73
CA GLY DA 61 40.39 -27.45 -60.34
C GLY DA 61 40.60 -26.34 -59.32
N LYS DA 62 40.55 -25.11 -59.84
CA LYS DA 62 40.75 -23.94 -59.02
C LYS DA 62 39.58 -23.74 -58.06
N PRO DA 63 39.77 -22.95 -57.00
CA PRO DA 63 38.65 -22.66 -56.10
C PRO DA 63 37.50 -21.97 -56.84
N ASN DA 64 36.29 -22.24 -56.37
CA ASN DA 64 35.08 -21.75 -57.00
C ASN DA 64 34.08 -21.31 -55.93
N LYS DA 65 33.13 -20.48 -56.34
CA LYS DA 65 32.08 -20.00 -55.44
C LYS DA 65 31.08 -21.09 -55.07
N THR DA 66 31.24 -22.31 -55.57
CA THR DA 66 30.27 -23.37 -55.36
C THR DA 66 30.50 -24.05 -54.01
N ARG DA 67 29.42 -24.28 -53.28
CA ARG DA 67 29.44 -25.02 -52.02
C ARG DA 67 28.32 -26.04 -52.03
N VAL DA 68 28.64 -27.27 -51.62
CA VAL DA 68 27.69 -28.37 -51.70
C VAL DA 68 27.53 -29.01 -50.34
N ILE DA 69 26.29 -29.37 -50.01
CA ILE DA 69 25.96 -30.14 -48.83
C ILE DA 69 25.59 -31.54 -49.26
N TRP DA 70 26.28 -32.54 -48.71
CA TRP DA 70 26.10 -33.92 -49.11
C TRP DA 70 25.11 -34.64 -48.19
N GLY DA 71 24.47 -35.66 -48.74
CA GLY DA 71 23.59 -36.51 -47.97
C GLY DA 71 23.27 -37.75 -48.78
N LYS DA 72 22.30 -38.51 -48.30
CA LYS DA 72 21.88 -39.69 -49.04
C LYS DA 72 20.45 -40.04 -48.68
N VAL DA 73 19.84 -40.86 -49.54
CA VAL DA 73 18.45 -41.28 -49.36
C VAL DA 73 18.40 -42.38 -48.30
N THR DA 74 17.52 -42.19 -47.31
CA THR DA 74 17.39 -43.16 -46.22
C THR DA 74 16.28 -44.17 -46.51
N ARG DA 75 15.06 -43.70 -46.71
CA ARG DA 75 13.92 -44.58 -46.88
C ARG DA 75 12.85 -43.85 -47.70
N ALA DA 76 11.73 -44.54 -47.94
CA ALA DA 76 10.63 -43.99 -48.68
C ALA DA 76 9.69 -43.21 -47.76
N HIS DA 77 8.77 -42.47 -48.36
CA HIS DA 77 7.83 -41.63 -47.62
C HIS DA 77 6.48 -41.64 -48.33
N GLY DA 78 5.45 -42.11 -47.64
CA GLY DA 78 4.12 -42.11 -48.20
C GLY DA 78 3.97 -43.04 -49.39
N ASN DA 79 2.86 -42.86 -50.10
CA ASN DA 79 2.55 -43.65 -51.27
C ASN DA 79 2.70 -42.88 -52.58
N SER DA 80 3.01 -41.59 -52.52
CA SER DA 80 3.07 -40.75 -53.72
C SER DA 80 4.49 -40.61 -54.27
N GLY DA 81 5.37 -41.56 -53.96
CA GLY DA 81 6.72 -41.51 -54.50
C GLY DA 81 7.68 -40.58 -53.80
N MET DA 82 7.21 -39.83 -52.80
CA MET DA 82 8.10 -38.98 -52.03
C MET DA 82 9.12 -39.84 -51.28
N VAL DA 83 10.29 -39.27 -51.03
CA VAL DA 83 11.38 -40.03 -50.43
C VAL DA 83 11.96 -39.22 -49.27
N ARG DA 84 12.69 -39.91 -48.40
CA ARG DA 84 13.35 -39.27 -47.28
C ARG DA 84 14.86 -39.19 -47.51
N ALA DA 85 15.51 -38.32 -46.73
CA ALA DA 85 16.96 -38.16 -46.85
C ALA DA 85 17.51 -37.61 -45.54
N LYS DA 86 18.79 -37.85 -45.30
CA LYS DA 86 19.49 -37.34 -44.15
C LYS DA 86 20.88 -36.88 -44.58
N PHE DA 87 21.17 -35.60 -44.38
CA PHE DA 87 22.43 -35.02 -44.80
C PHE DA 87 23.40 -34.94 -43.63
N ARG DA 88 24.66 -34.64 -43.95
CA ARG DA 88 25.66 -34.45 -42.90
C ARG DA 88 25.28 -33.29 -41.99
N SER DA 89 24.89 -32.17 -42.59
CA SER DA 89 24.33 -31.04 -41.87
C SER DA 89 22.92 -30.77 -42.39
N ASN DA 90 22.04 -30.35 -41.49
CA ASN DA 90 20.65 -30.13 -41.85
C ASN DA 90 20.54 -29.04 -42.92
N LEU DA 91 19.56 -29.20 -43.81
CA LEU DA 91 19.40 -28.26 -44.90
C LEU DA 91 18.90 -26.91 -44.37
N PRO DA 92 19.37 -25.80 -44.92
CA PRO DA 92 18.84 -24.50 -44.52
C PRO DA 92 17.39 -24.35 -44.97
N ALA DA 93 16.64 -23.56 -44.20
CA ALA DA 93 15.23 -23.37 -44.51
C ALA DA 93 15.01 -22.61 -45.80
N LYS DA 94 16.03 -21.94 -46.33
CA LYS DA 94 15.91 -21.23 -47.59
C LYS DA 94 15.92 -22.16 -48.79
N ALA DA 95 16.29 -23.42 -48.61
CA ALA DA 95 16.36 -24.38 -49.71
C ALA DA 95 15.00 -24.98 -50.05
N ILE DA 96 13.94 -24.61 -49.32
CA ILE DA 96 12.62 -25.16 -49.60
C ILE DA 96 12.17 -24.72 -50.98
N GLY DA 97 11.77 -25.68 -51.81
CA GLY DA 97 11.37 -25.38 -53.17
C GLY DA 97 12.51 -25.31 -54.17
N HIS DA 98 13.72 -25.68 -53.77
CA HIS DA 98 14.88 -25.69 -54.65
C HIS DA 98 15.28 -27.12 -54.97
N ARG DA 99 16.36 -27.26 -55.74
CA ARG DA 99 16.75 -28.52 -56.33
C ARG DA 99 17.94 -29.14 -55.60
N ILE DA 100 17.82 -30.41 -55.26
CA ILE DA 100 18.92 -31.22 -54.77
C ILE DA 100 19.14 -32.34 -55.78
N ARG DA 101 20.32 -32.38 -56.38
CA ARG DA 101 20.60 -33.36 -57.42
C ARG DA 101 20.87 -34.72 -56.78
N VAL DA 102 20.16 -35.74 -57.24
CA VAL DA 102 20.33 -37.09 -56.74
C VAL DA 102 21.29 -37.81 -57.67
N MET DA 103 22.50 -38.09 -57.18
CA MET DA 103 23.52 -38.73 -57.98
C MET DA 103 23.17 -40.21 -58.17
N LEU DA 104 24.04 -40.92 -58.90
CA LEU DA 104 23.92 -42.36 -59.06
C LEU DA 104 25.18 -43.08 -58.61
N TYR DA 105 25.92 -42.49 -57.67
CA TYR DA 105 27.20 -43.07 -57.25
C TYR DA 105 27.03 -44.44 -56.60
N PRO DA 106 26.17 -44.63 -55.59
CA PRO DA 106 25.97 -45.99 -55.09
C PRO DA 106 25.04 -46.76 -56.02
N SER DA 107 25.61 -47.67 -56.80
CA SER DA 107 24.85 -48.38 -57.82
C SER DA 107 24.61 -49.83 -57.38
N ARG DA 108 23.37 -50.28 -57.49
CA ARG DA 108 23.00 -51.65 -57.17
C ARG DA 108 22.50 -52.44 -58.37
N ILE DA 109 21.88 -51.78 -59.34
CA ILE DA 109 21.42 -52.45 -60.55
C ILE DA 109 21.77 -51.62 -61.77
N VAL EA 1 -4.49 72.86 -6.03
CA VAL EA 1 -3.93 72.24 -7.24
C VAL EA 1 -2.60 71.58 -6.89
N GLN EA 2 -1.99 72.01 -5.79
CA GLN EA 2 -0.74 71.46 -5.31
C GLN EA 2 -1.02 70.63 -4.06
N ARG EA 3 -0.72 69.34 -4.13
CA ARG EA 3 -0.95 68.42 -3.03
C ARG EA 3 0.34 68.24 -2.24
N LEU EA 4 0.28 68.54 -0.96
CA LEU EA 4 1.42 68.43 -0.06
C LEU EA 4 1.28 67.21 0.84
N THR EA 5 2.30 66.98 1.67
CA THR EA 5 2.39 65.79 2.50
C THR EA 5 2.53 66.20 3.97
N TYR EA 6 2.43 65.21 4.84
CA TYR EA 6 2.68 65.43 6.25
C TYR EA 6 4.16 65.74 6.50
N ARG EA 7 4.44 66.25 7.70
CA ARG EA 7 5.80 66.59 8.07
C ARG EA 7 6.36 65.69 9.16
N ARG EA 8 5.52 64.93 9.85
CA ARG EA 8 5.94 64.05 10.93
C ARG EA 8 5.68 62.59 10.54
N ARG EA 9 5.98 61.69 11.47
CA ARG EA 9 5.78 60.27 11.23
C ARG EA 9 4.33 59.85 11.43
N LEU EA 10 3.51 60.68 12.09
CA LEU EA 10 2.10 60.37 12.23
C LEU EA 10 1.42 60.38 10.87
N SER EA 11 0.67 59.32 10.56
CA SER EA 11 -0.01 59.19 9.29
C SER EA 11 -1.51 59.06 9.43
N TYR EA 12 -2.05 59.14 10.65
CA TYR EA 12 -3.48 58.99 10.89
C TYR EA 12 -4.06 60.30 11.39
N ASN EA 13 -5.22 60.68 10.85
CA ASN EA 13 -5.86 61.94 11.20
C ASN EA 13 -6.52 61.82 12.57
N THR EA 14 -5.67 61.73 13.59
CA THR EA 14 -6.11 61.59 14.96
C THR EA 14 -6.22 62.98 15.60
N ALA EA 15 -6.52 63.01 16.90
CA ALA EA 15 -6.67 64.28 17.60
C ALA EA 15 -5.34 64.92 17.96
N SER EA 16 -4.24 64.15 17.96
CA SER EA 16 -2.96 64.71 18.35
C SER EA 16 -2.39 65.64 17.28
N ASN EA 17 -2.77 65.44 16.03
CA ASN EA 17 -2.24 66.22 14.91
C ASN EA 17 -3.38 66.90 14.15
N LYS EA 18 -3.50 68.22 14.32
CA LYS EA 18 -4.45 69.02 13.59
C LYS EA 18 -3.69 70.02 12.74
N THR EA 19 -3.67 69.78 11.43
CA THR EA 19 -2.85 70.56 10.51
C THR EA 19 -3.70 71.64 9.84
N ARG EA 20 -3.16 72.85 9.79
CA ARG EA 20 -3.70 73.92 8.96
C ARG EA 20 -2.65 74.33 7.95
N LEU EA 21 -3.06 74.48 6.70
CA LEU EA 21 -2.12 74.77 5.63
C LEU EA 21 -1.86 76.27 5.55
N SER EA 22 -0.58 76.62 5.40
CA SER EA 22 -0.16 78.01 5.36
C SER EA 22 0.85 78.20 4.23
N ARG EA 23 1.01 79.45 3.82
CA ARG EA 23 1.87 79.82 2.70
C ARG EA 23 3.18 80.39 3.24
N THR EA 24 4.30 79.79 2.83
CA THR EA 24 5.61 80.23 3.26
C THR EA 24 6.10 81.40 2.41
N PRO EA 25 7.09 82.14 2.88
CA PRO EA 25 7.71 83.16 2.02
C PRO EA 25 8.32 82.59 0.75
N GLY EA 26 8.61 81.30 0.71
CA GLY EA 26 9.14 80.64 -0.47
C GLY EA 26 8.11 80.28 -1.51
N ASN EA 27 6.89 80.80 -1.41
CA ASN EA 27 5.81 80.56 -2.37
C ASN EA 27 5.50 79.06 -2.46
N ARG EA 28 5.09 78.51 -1.34
CA ARG EA 28 4.66 77.11 -1.28
C ARG EA 28 3.78 76.92 -0.06
N ILE EA 29 2.85 75.98 -0.15
CA ILE EA 29 1.91 75.67 0.92
C ILE EA 29 2.45 74.50 1.71
N VAL EA 30 2.24 74.52 3.03
CA VAL EA 30 2.72 73.46 3.90
C VAL EA 30 1.84 73.41 5.14
N TYR EA 31 1.69 72.21 5.70
CA TYR EA 31 0.92 72.06 6.93
C TYR EA 31 1.67 72.64 8.12
N LEU EA 32 0.91 73.11 9.11
CA LEU EA 32 1.43 73.52 10.40
C LEU EA 32 0.53 72.93 11.46
N TYR EA 33 1.14 72.29 12.46
CA TYR EA 33 0.37 71.66 13.52
C TYR EA 33 -0.09 72.68 14.55
N THR EA 34 -1.36 72.57 14.95
CA THR EA 34 -1.96 73.51 15.89
C THR EA 34 -2.15 72.84 17.23
N LYS EA 35 -1.82 73.56 18.30
CA LYS EA 35 -2.09 73.07 19.64
C LYS EA 35 -3.60 73.06 19.88
N LYS EA 36 -4.06 72.07 20.65
CA LYS EA 36 -5.48 71.96 20.95
C LYS EA 36 -5.93 73.17 21.76
N VAL EA 37 -7.08 73.72 21.38
CA VAL EA 37 -7.57 74.94 22.02
C VAL EA 37 -7.90 74.65 23.48
N GLY EA 38 -7.58 75.62 24.33
CA GLY EA 38 -7.86 75.51 25.75
C GLY EA 38 -9.15 76.23 26.11
N LYS EA 39 -9.94 75.60 26.98
CA LYS EA 39 -11.22 76.15 27.40
C LYS EA 39 -11.07 76.89 28.72
N ALA EA 40 -11.79 78.00 28.85
CA ALA EA 40 -11.73 78.78 30.07
C ALA EA 40 -12.34 77.99 31.23
N PRO EA 41 -11.85 78.21 32.45
CA PRO EA 41 -12.39 77.48 33.60
C PRO EA 41 -13.85 77.84 33.87
N LYS EA 42 -14.57 76.90 34.44
CA LYS EA 42 -15.96 77.09 34.81
C LYS EA 42 -16.08 77.18 36.32
N SER EA 43 -17.09 77.94 36.78
CA SER EA 43 -17.25 78.20 38.20
C SER EA 43 -17.71 76.94 38.93
N ALA EA 44 -17.70 77.01 40.26
CA ALA EA 44 -18.12 75.92 41.12
C ALA EA 44 -19.51 76.25 41.66
N CYS EA 45 -20.49 75.42 41.28
CA CYS EA 45 -21.86 75.51 41.76
C CYS EA 45 -22.56 76.76 41.26
N GLY EA 46 -21.84 77.62 40.53
CA GLY EA 46 -22.41 78.82 39.95
C GLY EA 46 -23.18 78.53 38.69
N VAL EA 47 -23.10 79.47 37.74
CA VAL EA 47 -23.73 79.27 36.45
C VAL EA 47 -23.02 78.14 35.72
N CYS EA 48 -23.80 77.14 35.26
CA CYS EA 48 -23.18 75.97 34.65
C CYS EA 48 -22.66 76.24 33.24
N PRO EA 49 -23.48 76.69 32.28
CA PRO EA 49 -22.97 76.80 30.90
C PRO EA 49 -22.00 77.94 30.69
N GLY EA 50 -22.00 78.95 31.55
CA GLY EA 50 -21.14 80.09 31.36
C GLY EA 50 -19.75 79.92 31.95
N ARG EA 51 -18.72 80.02 31.11
CA ARG EA 51 -17.35 79.96 31.59
C ARG EA 51 -16.97 81.27 32.27
N LEU EA 52 -15.83 81.25 32.96
CA LEU EA 52 -15.38 82.43 33.68
C LEU EA 52 -14.75 83.43 32.72
N ARG EA 53 -14.98 84.71 32.99
CA ARG EA 53 -14.48 85.79 32.17
C ARG EA 53 -13.18 86.34 32.76
N GLY EA 54 -12.41 87.01 31.91
CA GLY EA 54 -11.16 87.60 32.33
C GLY EA 54 -10.02 86.63 32.57
N VAL EA 55 -10.27 85.33 32.48
CA VAL EA 55 -9.25 84.31 32.69
C VAL EA 55 -8.83 83.78 31.33
N ARG EA 56 -7.53 83.65 31.12
CA ARG EA 56 -7.02 83.18 29.84
C ARG EA 56 -7.41 81.73 29.61
N ALA EA 57 -7.94 81.44 28.43
CA ALA EA 57 -8.38 80.10 28.04
C ALA EA 57 -7.28 79.47 27.20
N VAL EA 58 -6.47 78.63 27.84
CA VAL EA 58 -5.34 77.98 27.19
C VAL EA 58 -5.10 76.65 27.90
N ARG EA 59 -4.24 75.81 27.29
CA ARG EA 59 -3.95 74.49 27.83
C ARG EA 59 -3.41 74.59 29.26
N PRO EA 60 -3.57 73.53 30.06
CA PRO EA 60 -3.14 73.60 31.46
C PRO EA 60 -1.65 73.82 31.63
N LYS EA 61 -0.81 73.11 30.87
CA LYS EA 61 0.63 73.25 31.02
C LYS EA 61 1.14 74.62 30.59
N VAL EA 62 0.31 75.39 29.87
CA VAL EA 62 0.70 76.74 29.49
C VAL EA 62 0.58 77.72 30.66
N LEU EA 63 -0.27 77.42 31.64
CA LEU EA 63 -0.49 78.31 32.76
C LEU EA 63 0.77 78.59 33.58
N MET EA 64 1.82 77.78 33.41
CA MET EA 64 3.08 78.08 34.07
C MET EA 64 3.74 79.33 33.49
N ARG EA 65 3.47 79.64 32.22
CA ARG EA 65 4.07 80.80 31.58
C ARG EA 65 3.27 82.07 31.81
N LEU EA 66 1.99 81.96 32.13
CA LEU EA 66 1.13 83.13 32.30
C LEU EA 66 1.34 83.75 33.67
N SER EA 67 1.08 85.06 33.74
CA SER EA 67 1.18 85.78 35.00
C SER EA 67 -0.12 85.64 35.80
N LYS EA 68 -0.04 85.94 37.09
CA LYS EA 68 -1.21 85.81 37.94
C LYS EA 68 -2.30 86.80 37.57
N THR EA 69 -1.92 87.97 37.03
CA THR EA 69 -2.91 88.96 36.62
C THR EA 69 -3.75 88.48 35.44
N GLN EA 70 -3.23 87.56 34.64
CA GLN EA 70 -3.95 87.02 33.49
C GLN EA 70 -4.54 85.64 33.76
N LYS EA 71 -4.68 85.27 35.03
CA LYS EA 71 -5.23 83.97 35.39
C LYS EA 71 -6.28 84.03 36.49
N HIS EA 72 -6.65 85.21 36.96
CA HIS EA 72 -7.63 85.34 38.03
C HIS EA 72 -8.28 86.72 37.95
N VAL EA 73 -9.26 86.93 38.83
CA VAL EA 73 -9.98 88.19 38.93
C VAL EA 73 -9.70 88.79 40.30
N SER EA 74 -9.73 90.14 40.36
CA SER EA 74 -9.32 90.83 41.57
C SER EA 74 -10.23 90.52 42.76
N ARG EA 75 -11.51 90.26 42.51
CA ARG EA 75 -12.44 90.04 43.61
C ARG EA 75 -12.18 88.69 44.27
N ALA EA 76 -12.87 88.46 45.39
CA ALA EA 76 -12.79 87.19 46.08
C ALA EA 76 -13.38 86.09 45.21
N TYR EA 77 -12.77 84.90 45.26
CA TYR EA 77 -13.12 83.80 44.37
C TYR EA 77 -13.02 84.23 42.91
N GLY EA 78 -11.89 84.85 42.57
CA GLY EA 78 -11.71 85.42 41.25
C GLY EA 78 -11.74 84.41 40.12
N GLY EA 79 -10.73 83.54 40.07
CA GLY EA 79 -10.65 82.54 39.03
C GLY EA 79 -11.29 81.22 39.36
N SER EA 80 -12.00 81.14 40.48
CA SER EA 80 -12.65 79.90 40.91
C SER EA 80 -14.16 79.94 40.80
N MET EA 81 -14.79 81.10 40.99
CA MET EA 81 -16.23 81.20 40.96
C MET EA 81 -16.65 82.42 40.12
N CYS EA 82 -17.92 82.42 39.73
CA CYS EA 82 -18.47 83.50 38.91
C CYS EA 82 -18.90 84.66 39.79
N ALA EA 83 -19.40 85.72 39.16
CA ALA EA 83 -19.77 86.92 39.90
C ALA EA 83 -21.10 86.75 40.61
N LYS EA 84 -22.06 86.09 39.97
CA LYS EA 84 -23.39 85.93 40.57
C LYS EA 84 -23.31 85.11 41.84
N CYS EA 85 -22.67 83.94 41.78
CA CYS EA 85 -22.65 83.05 42.94
C CYS EA 85 -21.86 83.62 44.11
N VAL EA 86 -20.92 84.54 43.86
CA VAL EA 86 -20.19 85.15 44.96
C VAL EA 86 -21.14 85.98 45.84
N ARG EA 87 -21.87 86.91 45.21
CA ARG EA 87 -22.83 87.70 45.97
C ARG EA 87 -23.97 86.84 46.49
N ASP EA 88 -24.31 85.76 45.77
CA ASP EA 88 -25.31 84.82 46.28
C ASP EA 88 -24.85 84.21 47.60
N ARG EA 89 -23.62 83.72 47.65
CA ARG EA 89 -23.09 83.15 48.89
C ARG EA 89 -22.97 84.20 49.98
N ILE EA 90 -22.59 85.44 49.61
CA ILE EA 90 -22.50 86.50 50.60
C ILE EA 90 -23.85 86.73 51.25
N LYS EA 91 -24.89 86.95 50.44
CA LYS EA 91 -26.23 87.18 50.97
C LYS EA 91 -26.72 85.99 51.77
N ARG EA 92 -26.49 84.77 51.27
CA ARG EA 92 -26.94 83.57 51.97
C ARG EA 92 -26.29 83.46 53.34
N ALA EA 93 -24.97 83.62 53.40
CA ALA EA 93 -24.27 83.56 54.68
C ALA EA 93 -24.79 84.62 55.64
N PHE EA 94 -24.88 85.87 55.20
CA PHE EA 94 -25.34 86.94 56.09
C PHE EA 94 -26.74 86.64 56.61
N LEU EA 95 -27.63 86.18 55.74
CA LEU EA 95 -29.02 85.97 56.13
C LEU EA 95 -29.16 84.78 57.07
N ILE EA 96 -28.39 83.70 56.85
CA ILE EA 96 -28.50 82.57 57.74
C ILE EA 96 -27.87 82.86 59.10
N GLU EA 97 -26.80 83.67 59.13
CA GLU EA 97 -26.29 84.09 60.43
C GLU EA 97 -27.28 85.00 61.16
N GLU EA 98 -27.96 85.90 60.45
CA GLU EA 98 -29.01 86.70 61.07
C GLU EA 98 -30.14 85.83 61.58
N GLN EA 99 -30.49 84.77 60.85
CA GLN EA 99 -31.53 83.85 61.31
C GLN EA 99 -31.08 83.07 62.54
N LYS EA 100 -29.80 82.71 62.62
CA LYS EA 100 -29.29 82.08 63.83
C LYS EA 100 -29.39 83.03 65.02
N ILE EA 101 -29.03 84.29 64.82
CA ILE EA 101 -29.16 85.27 65.90
C ILE EA 101 -30.63 85.41 66.31
N VAL EA 102 -31.53 85.38 65.33
CA VAL EA 102 -32.96 85.51 65.61
C VAL EA 102 -33.45 84.33 66.45
N VAL EA 103 -33.07 83.12 66.05
CA VAL EA 103 -33.53 81.95 66.80
C VAL EA 103 -32.88 81.91 68.18
N LYS EA 104 -31.67 82.44 68.32
CA LYS EA 104 -31.04 82.50 69.64
C LYS EA 104 -31.78 83.46 70.56
N VAL EA 105 -32.11 84.66 70.06
CA VAL EA 105 -32.84 85.60 70.90
C VAL EA 105 -34.26 85.11 71.15
N LEU EA 106 -34.81 84.31 70.24
CA LEU EA 106 -36.13 83.72 70.48
C LEU EA 106 -36.07 82.68 71.59
N LYS EA 107 -35.05 81.81 71.56
CA LYS EA 107 -34.86 80.88 72.66
C LYS EA 107 -34.65 81.62 73.97
N ALA EA 108 -33.93 82.74 73.93
CA ALA EA 108 -33.69 83.51 75.15
C ALA EA 108 -34.99 84.12 75.69
N GLN EA 109 -35.82 84.70 74.81
CA GLN EA 109 -37.06 85.30 75.27
C GLN EA 109 -38.07 84.25 75.72
N ALA EA 110 -37.98 83.04 75.19
CA ALA EA 110 -38.82 81.95 75.68
C ALA EA 110 -38.32 81.42 77.02
N GLN EA 111 -36.99 81.40 77.22
CA GLN EA 111 -36.44 80.97 78.50
C GLN EA 111 -36.73 81.98 79.60
N SER EA 112 -36.74 83.27 79.27
CA SER EA 112 -37.01 84.30 80.27
C SER EA 112 -38.41 84.18 80.86
N GLN EA 113 -39.33 83.52 80.15
CA GLN EA 113 -40.69 83.33 80.63
C GLN EA 113 -40.98 81.93 81.12
N LYS EA 114 -40.52 80.89 80.42
CA LYS EA 114 -40.75 79.51 80.83
C LYS EA 114 -39.70 79.05 81.83
N ALA FA 1 63.05 43.48 20.69
CA ALA FA 1 63.61 44.10 21.89
C ALA FA 1 63.03 45.50 22.11
N LYS FA 2 61.79 45.70 21.64
CA LYS FA 2 61.15 47.00 21.78
C LYS FA 2 60.80 47.29 23.24
N ILE FA 3 59.94 46.46 23.82
CA ILE FA 3 59.50 46.62 25.20
C ILE FA 3 59.47 45.24 25.86
N LYS FA 4 60.25 45.06 26.90
CA LYS FA 4 60.30 43.81 27.65
C LYS FA 4 59.70 44.03 29.04
N ALA FA 5 58.94 43.04 29.51
CA ALA FA 5 58.27 43.16 30.79
C ALA FA 5 59.20 42.97 31.98
N ARG FA 6 60.39 42.40 31.76
CA ARG FA 6 61.30 42.16 32.87
C ARG FA 6 61.96 43.45 33.36
N ASP FA 7 62.26 44.37 32.44
CA ASP FA 7 62.86 45.64 32.83
C ASP FA 7 61.84 46.64 33.36
N LEU FA 8 60.57 46.49 32.97
CA LEU FA 8 59.54 47.42 33.45
C LEU FA 8 59.22 47.21 34.92
N ARG FA 9 59.53 46.04 35.48
CA ARG FA 9 59.22 45.77 36.88
C ARG FA 9 60.11 46.57 37.83
N GLY FA 10 61.25 47.08 37.35
CA GLY FA 10 62.13 47.86 38.20
C GLY FA 10 61.72 49.31 38.32
N LYS FA 11 61.07 49.85 37.30
CA LYS FA 11 60.64 51.24 37.32
C LYS FA 11 59.43 51.42 38.22
N LYS FA 12 59.31 52.61 38.79
CA LYS FA 12 58.19 52.92 39.66
C LYS FA 12 56.93 53.18 38.84
N LYS FA 13 55.78 53.11 39.49
CA LYS FA 13 54.50 53.27 38.80
C LYS FA 13 54.33 54.65 38.19
N GLU FA 14 55.08 55.65 38.66
CA GLU FA 14 54.98 56.99 38.07
C GLU FA 14 55.56 57.02 36.67
N GLU FA 15 56.60 56.23 36.40
CA GLU FA 15 57.18 56.21 35.06
C GLU FA 15 56.40 55.31 34.11
N LEU FA 16 55.68 54.32 34.64
CA LEU FA 16 54.92 53.42 33.78
C LEU FA 16 53.77 54.14 33.09
N LEU FA 17 53.08 55.02 33.82
CA LEU FA 17 51.99 55.78 33.20
C LEU FA 17 52.53 56.75 32.14
N LYS FA 18 53.69 57.35 32.40
CA LYS FA 18 54.29 58.24 31.40
C LYS FA 18 54.73 57.46 30.16
N GLN FA 19 55.23 56.24 30.35
CA GLN FA 19 55.63 55.41 29.22
C GLN FA 19 54.42 54.83 28.49
N LEU FA 20 53.27 54.75 29.14
CA LEU FA 20 52.06 54.26 28.49
C LEU FA 20 51.29 55.37 27.77
N ASP FA 21 51.39 56.61 28.25
CA ASP FA 21 50.67 57.71 27.62
C ASP FA 21 51.15 57.94 26.19
N ASP FA 22 52.47 58.12 26.01
CA ASP FA 22 53.00 58.32 24.66
C ASP FA 22 52.82 57.07 23.81
N LEU FA 23 52.80 55.89 24.42
CA LEU FA 23 52.52 54.68 23.66
C LEU FA 23 51.11 54.68 23.11
N LYS FA 24 50.13 55.10 23.93
CA LYS FA 24 48.76 55.22 23.45
C LYS FA 24 48.64 56.30 22.39
N VAL FA 25 49.39 57.39 22.53
CA VAL FA 25 49.39 58.44 21.51
C VAL FA 25 49.92 57.89 20.19
N GLU FA 26 50.99 57.09 20.25
CA GLU FA 26 51.54 56.48 19.04
C GLU FA 26 50.54 55.49 18.44
N LEU FA 27 49.84 54.73 19.28
CA LEU FA 27 48.82 53.82 18.77
C LEU FA 27 47.71 54.58 18.07
N SER FA 28 47.29 55.71 18.63
CA SER FA 28 46.27 56.52 17.99
C SER FA 28 46.76 57.08 16.66
N GLN FA 29 48.01 57.54 16.62
CA GLN FA 29 48.58 58.04 15.36
C GLN FA 29 48.60 56.94 14.31
N LEU FA 30 48.99 55.72 14.70
CA LEU FA 30 48.99 54.61 13.77
C LEU FA 30 47.58 54.28 13.29
N ARG FA 31 46.59 54.38 14.19
CA ARG FA 31 45.22 54.11 13.78
C ARG FA 31 44.71 55.15 12.79
N VAL FA 32 45.07 56.42 12.99
CA VAL FA 32 44.69 57.45 12.03
C VAL FA 32 45.40 57.24 10.71
N ALA FA 33 46.67 56.83 10.74
CA ALA FA 33 47.40 56.60 9.50
C ALA FA 33 46.88 55.37 8.76
N LYS FA 34 46.31 54.40 9.49
CA LYS FA 34 45.77 53.21 8.84
C LYS FA 34 44.62 53.55 7.90
N VAL FA 35 43.82 54.57 8.24
CA VAL FA 35 42.70 54.95 7.38
C VAL FA 35 43.19 55.44 6.03
N THR FA 36 44.35 56.09 5.98
CA THR FA 36 44.94 56.51 4.72
C THR FA 36 45.45 55.29 3.96
N GLY FA 37 45.24 55.29 2.64
CA GLY FA 37 45.62 54.16 1.83
C GLY FA 37 47.12 53.90 1.76
N GLY FA 38 47.93 54.92 2.05
CA GLY FA 38 49.37 54.79 2.00
C GLY FA 38 49.95 54.28 3.31
N ALA FA 39 51.28 54.29 3.36
CA ALA FA 39 52.05 53.89 4.54
C ALA FA 39 51.72 52.45 4.95
N ALA FA 40 51.91 51.53 4.00
CA ALA FA 40 51.63 50.12 4.26
C ALA FA 40 52.68 49.50 5.18
N SER FA 41 53.85 50.11 5.31
CA SER FA 41 54.88 49.58 6.19
C SER FA 41 54.55 49.85 7.65
N LYS FA 42 53.78 50.89 7.94
CA LYS FA 42 53.38 51.21 9.30
C LYS FA 42 52.15 50.45 9.75
N LEU FA 43 51.44 49.77 8.83
CA LEU FA 43 50.26 49.01 9.20
C LEU FA 43 50.57 47.78 10.02
N SER FA 44 51.84 47.41 10.15
CA SER FA 44 52.24 46.22 10.91
C SER FA 44 52.67 46.54 12.33
N LYS FA 45 52.93 47.81 12.65
CA LYS FA 45 53.36 48.19 13.99
C LYS FA 45 52.21 48.29 14.99
N ILE FA 46 50.97 48.26 14.52
CA ILE FA 46 49.83 48.33 15.42
C ILE FA 46 49.83 47.14 16.37
N ARG FA 47 50.12 45.94 15.84
CA ARG FA 47 50.13 44.75 16.68
C ARG FA 47 51.17 44.86 17.78
N VAL FA 48 52.39 45.29 17.45
CA VAL FA 48 53.45 45.32 18.44
C VAL FA 48 53.21 46.45 19.46
N VAL FA 49 52.67 47.59 19.02
CA VAL FA 49 52.43 48.64 19.99
C VAL FA 49 51.29 48.25 20.93
N ARG FA 50 50.28 47.55 20.39
CA ARG FA 50 49.20 47.05 21.26
C ARG FA 50 49.72 46.03 22.26
N LYS FA 51 50.62 45.14 21.82
CA LYS FA 51 51.18 44.16 22.73
C LYS FA 51 52.03 44.83 23.80
N SER FA 52 52.77 45.88 23.44
CA SER FA 52 53.56 46.59 24.44
C SER FA 52 52.67 47.32 25.44
N ILE FA 53 51.57 47.92 24.97
CA ILE FA 53 50.61 48.53 25.88
C ILE FA 53 50.06 47.48 26.85
N ALA FA 54 49.72 46.30 26.32
CA ALA FA 54 49.24 45.22 27.17
C ALA FA 54 50.29 44.81 28.20
N ARG FA 55 51.56 44.76 27.80
CA ARG FA 55 52.62 44.41 28.72
C ARG FA 55 52.74 45.43 29.85
N VAL FA 56 52.70 46.73 29.50
CA VAL FA 56 52.81 47.77 30.51
C VAL FA 56 51.64 47.69 31.49
N LEU FA 57 50.42 47.51 30.97
CA LEU FA 57 49.26 47.38 31.84
C LEU FA 57 49.38 46.15 32.73
N THR FA 58 49.93 45.05 32.20
CA THR FA 58 50.12 43.84 32.98
C THR FA 58 51.08 44.08 34.14
N VAL FA 59 52.20 44.75 33.86
CA VAL FA 59 53.16 45.05 34.93
C VAL FA 59 52.54 45.96 35.97
N ILE FA 60 51.75 46.94 35.53
CA ILE FA 60 51.11 47.86 36.47
C ILE FA 60 50.18 47.09 37.40
N ASN FA 61 49.32 46.25 36.82
CA ASN FA 61 48.36 45.50 37.63
C ASN FA 61 49.06 44.50 38.53
N GLN FA 62 50.16 43.90 38.05
CA GLN FA 62 50.91 42.97 38.88
C GLN FA 62 51.50 43.67 40.10
N THR FA 63 52.09 44.85 39.88
CA THR FA 63 52.64 45.60 41.01
C THR FA 63 51.55 46.02 41.99
N GLN FA 64 50.40 46.46 41.46
CA GLN FA 64 49.29 46.84 42.34
C GLN FA 64 48.82 45.67 43.18
N LYS FA 65 48.63 44.51 42.56
CA LYS FA 65 48.16 43.33 43.30
C LYS FA 65 49.19 42.86 44.30
N GLU FA 66 50.48 42.95 43.96
CA GLU FA 66 51.52 42.55 44.89
C GLU FA 66 51.53 43.47 46.11
N ASN FA 67 51.41 44.78 45.89
CA ASN FA 67 51.35 45.71 47.00
C ASN FA 67 50.13 45.46 47.87
N LEU FA 68 48.97 45.19 47.23
CA LEU FA 68 47.75 44.95 48.00
C LEU FA 68 47.87 43.66 48.82
N ARG FA 69 48.47 42.62 48.27
CA ARG FA 69 48.62 41.38 49.02
C ARG FA 69 49.62 41.55 50.16
N LYS FA 70 50.70 42.30 49.92
CA LYS FA 70 51.63 42.59 51.01
C LYS FA 70 50.96 43.40 52.11
N PHE FA 71 50.04 44.29 51.75
CA PHE FA 71 49.33 45.06 52.77
C PHE FA 71 48.36 44.18 53.56
N TYR FA 72 47.59 43.34 52.86
CA TYR FA 72 46.56 42.52 53.50
C TYR FA 72 47.11 41.20 54.03
N LYS FA 73 48.42 40.99 53.98
CA LYS FA 73 49.01 39.76 54.49
C LYS FA 73 48.91 39.70 56.01
N GLY FA 74 48.47 38.55 56.53
CA GLY FA 74 48.39 38.37 57.96
C GLY FA 74 47.25 39.09 58.65
N LYS FA 75 46.24 39.50 57.90
CA LYS FA 75 45.09 40.21 58.45
C LYS FA 75 43.82 39.37 58.26
N LYS FA 76 42.92 39.51 59.21
CA LYS FA 76 41.64 38.82 59.13
C LYS FA 76 40.69 39.58 58.21
N TYR FA 77 39.79 38.82 57.57
CA TYR FA 77 38.79 39.36 56.65
C TYR FA 77 39.47 40.12 55.50
N LYS FA 78 40.22 39.37 54.70
CA LYS FA 78 40.84 39.93 53.50
C LYS FA 78 39.81 40.02 52.38
N PRO FA 79 40.06 40.88 51.39
CA PRO FA 79 39.11 41.03 50.28
C PRO FA 79 38.88 39.71 49.55
N LEU FA 80 37.73 39.64 48.87
CA LEU FA 80 37.32 38.40 48.22
C LEU FA 80 38.21 38.06 47.03
N ASP FA 81 38.63 39.08 46.27
CA ASP FA 81 39.53 38.82 45.15
C ASP FA 81 40.90 38.38 45.63
N LEU FA 82 41.28 38.77 46.85
CA LEU FA 82 42.53 38.29 47.44
C LEU FA 82 42.38 36.90 48.07
N ARG FA 83 41.16 36.52 48.45
CA ARG FA 83 40.92 35.19 48.97
C ARG FA 83 41.18 34.15 47.89
N PRO FA 84 41.45 32.90 48.27
CA PRO FA 84 41.75 31.86 47.28
C PRO FA 84 40.58 31.62 46.34
N LYS FA 85 40.91 31.18 45.13
CA LYS FA 85 39.92 30.98 44.06
C LYS FA 85 40.07 29.59 43.47
N LYS FA 86 40.16 28.56 44.33
CA LYS FA 86 40.30 27.20 43.83
C LYS FA 86 38.99 26.70 43.23
N THR FA 87 37.94 26.61 44.04
CA THR FA 87 36.62 26.20 43.59
C THR FA 87 35.64 26.40 44.74
N ARG FA 88 34.36 26.34 44.42
CA ARG FA 88 33.33 26.55 45.43
C ARG FA 88 33.21 25.36 46.39
N ALA FA 89 33.66 24.18 45.98
CA ALA FA 89 33.50 23.00 46.83
C ALA FA 89 34.45 23.05 48.02
N MET FA 90 35.74 23.30 47.76
CA MET FA 90 36.73 23.28 48.84
C MET FA 90 36.58 24.46 49.79
N ARG FA 91 35.93 25.54 49.37
CA ARG FA 91 35.80 26.70 50.25
C ARG FA 91 34.83 26.43 51.40
N ARG FA 92 33.80 25.63 51.17
CA ARG FA 92 32.83 25.29 52.20
C ARG FA 92 33.24 24.08 53.03
N ARG FA 93 34.36 23.43 52.68
CA ARG FA 93 34.79 22.26 53.42
C ARG FA 93 35.40 22.65 54.75
N LEU FA 94 35.48 21.67 55.65
CA LEU FA 94 36.09 21.89 56.95
C LEU FA 94 37.59 22.07 56.82
N THR FA 95 38.16 22.87 57.72
CA THR FA 95 39.61 23.08 57.70
C THR FA 95 40.32 21.87 58.29
N LYS FA 96 41.63 21.80 58.02
CA LYS FA 96 42.42 20.68 58.50
C LYS FA 96 42.41 20.57 60.02
N HIS FA 97 42.36 21.70 60.72
CA HIS FA 97 42.29 21.66 62.17
C HIS FA 97 41.00 21.01 62.65
N GLU FA 98 39.87 21.37 62.05
CA GLU FA 98 38.60 20.75 62.42
C GLU FA 98 38.54 19.28 62.01
N GLU FA 99 39.20 18.92 60.91
CA GLU FA 99 39.21 17.51 60.51
C GLU FA 99 40.04 16.67 61.46
N LYS FA 100 41.21 17.16 61.85
CA LYS FA 100 42.06 16.44 62.80
C LYS FA 100 41.55 16.52 64.23
N LEU FA 101 40.67 17.46 64.53
CA LEU FA 101 40.12 17.59 65.88
C LEU FA 101 39.16 16.44 66.17
N LYS FA 102 39.35 15.80 67.32
CA LYS FA 102 38.52 14.67 67.73
C LYS FA 102 38.01 14.89 69.14
N THR FA 103 36.95 14.17 69.49
CA THR FA 103 36.35 14.32 70.80
C THR FA 103 37.23 13.69 71.87
N LYS FA 104 37.02 14.12 73.12
CA LYS FA 104 37.79 13.60 74.24
C LYS FA 104 37.55 12.12 74.46
N LYS FA 105 36.33 11.65 74.18
CA LYS FA 105 36.04 10.23 74.34
C LYS FA 105 36.86 9.39 73.37
N GLN FA 106 36.88 9.78 72.09
CA GLN FA 106 37.67 9.06 71.10
C GLN FA 106 39.16 9.17 71.39
N GLN FA 107 39.60 10.35 71.87
CA GLN FA 107 41.01 10.51 72.22
C GLN FA 107 41.40 9.56 73.36
N ARG FA 108 40.57 9.49 74.40
CA ARG FA 108 40.85 8.59 75.51
C ARG FA 108 40.81 7.14 75.06
N LYS FA 109 39.87 6.80 74.16
CA LYS FA 109 39.79 5.43 73.67
C LYS FA 109 41.04 5.04 72.90
N GLU FA 110 41.51 5.92 72.01
CA GLU FA 110 42.72 5.64 71.25
C GLU FA 110 43.95 5.61 72.14
N ARG FA 111 43.99 6.44 73.19
CA ARG FA 111 45.12 6.42 74.11
C ARG FA 111 45.13 5.16 74.97
N LEU FA 112 43.96 4.64 75.31
CA LEU FA 112 43.89 3.46 76.17
C LEU FA 112 44.13 2.18 75.38
N TYR FA 113 43.57 2.09 74.17
CA TYR FA 113 43.66 0.87 73.36
C TYR FA 113 44.18 1.23 71.98
N PRO FA 114 45.50 1.34 71.82
CA PRO FA 114 46.07 1.66 70.51
C PRO FA 114 46.13 0.43 69.62
N LEU FA 115 46.38 0.68 68.33
CA LEU FA 115 46.48 -0.39 67.35
C LEU FA 115 47.87 -1.03 67.46
N ARG FA 116 47.90 -2.26 67.97
CA ARG FA 116 49.15 -2.95 68.20
C ARG FA 116 49.58 -3.74 66.97
N LYS FA 117 50.88 -3.69 66.67
CA LYS FA 117 51.44 -4.49 65.60
C LYS FA 117 51.64 -5.92 66.08
N TYR FA 118 51.11 -6.88 65.32
CA TYR FA 118 51.13 -8.26 65.75
C TYR FA 118 51.27 -9.19 64.56
N ALA FA 119 51.54 -10.46 64.86
CA ALA FA 119 51.64 -11.51 63.86
C ALA FA 119 51.25 -12.83 64.52
N VAL FA 120 50.70 -13.74 63.71
CA VAL FA 120 49.98 -14.88 64.25
C VAL FA 120 50.78 -16.19 64.30
N LYS FA 121 51.74 -16.38 63.40
CA LYS FA 121 52.45 -17.65 63.34
C LYS FA 121 53.28 -17.86 64.62
N ALA FA 122 53.68 -19.09 64.86
CA ALA FA 122 54.49 -19.42 66.02
C ALA FA 122 55.92 -18.89 65.87
N ARG GA 1 16.27 -44.61 75.20
CA ARG GA 1 17.46 -45.39 74.87
C ARG GA 1 18.37 -44.62 73.92
N TYR GA 2 17.99 -44.57 72.65
CA TYR GA 2 18.79 -43.85 71.68
C TYR GA 2 18.16 -42.50 71.36
N PRO GA 3 18.98 -41.46 71.16
CA PRO GA 3 18.42 -40.16 70.75
C PRO GA 3 17.88 -40.23 69.34
N MET GA 4 16.62 -39.83 69.17
CA MET GA 4 15.94 -39.89 67.89
C MET GA 4 15.70 -38.48 67.35
N ALA GA 5 15.57 -38.39 66.03
CA ALA GA 5 15.31 -37.10 65.41
C ALA GA 5 13.91 -36.59 65.71
N VAL GA 6 12.99 -37.48 66.02
CA VAL GA 6 11.63 -37.11 66.38
C VAL GA 6 11.27 -37.76 67.71
N GLY GA 7 10.30 -37.18 68.39
CA GLY GA 7 9.83 -37.68 69.66
C GLY GA 7 9.65 -36.54 70.63
N LEU GA 8 9.34 -36.90 71.88
CA LEU GA 8 9.15 -35.89 72.92
C LEU GA 8 10.46 -35.20 73.27
N ASN GA 9 11.58 -35.91 73.13
CA ASN GA 9 12.91 -35.38 73.42
C ASN GA 9 13.84 -35.71 72.26
N LYS GA 10 13.90 -34.81 71.29
CA LYS GA 10 14.64 -35.00 70.05
C LYS GA 10 15.90 -34.16 70.07
N GLY GA 11 16.74 -34.37 69.06
CA GLY GA 11 17.95 -33.60 68.89
C GLY GA 11 19.14 -34.17 69.64
N HIS GA 12 20.31 -33.68 69.27
CA HIS GA 12 21.54 -34.12 69.91
C HIS GA 12 21.59 -33.62 71.35
N LYS GA 13 21.95 -34.51 72.27
CA LYS GA 13 21.97 -34.17 73.68
C LYS GA 13 23.18 -33.31 74.00
N VAL GA 14 22.95 -32.15 74.62
CA VAL GA 14 24.00 -31.25 75.05
C VAL GA 14 23.68 -30.74 76.45
N THR GA 15 24.66 -30.09 77.07
CA THR GA 15 24.49 -29.52 78.41
C THR GA 15 24.10 -28.05 78.30
N LYS GA 16 23.17 -27.64 79.16
CA LYS GA 16 22.68 -26.27 79.13
C LYS GA 16 23.72 -25.31 79.67
N ASN GA 17 23.57 -24.05 79.31
CA ASN GA 17 24.46 -22.97 79.77
C ASN GA 17 23.76 -22.25 80.92
N VAL GA 18 24.39 -22.29 82.09
CA VAL GA 18 23.81 -21.72 83.31
C VAL GA 18 24.19 -20.24 83.40
N SER GA 19 24.78 -19.72 82.33
CA SER GA 19 25.21 -18.34 82.31
C SER GA 19 24.04 -17.38 82.51
N LYS GA 20 24.35 -16.20 83.04
CA LYS GA 20 23.32 -15.22 83.32
C LYS GA 20 22.80 -14.61 82.01
N PRO GA 21 21.48 -14.45 81.87
CA PRO GA 21 20.94 -13.82 80.66
C PRO GA 21 21.38 -12.38 80.53
N ARG GA 22 21.35 -11.88 79.31
CA ARG GA 22 21.80 -10.53 79.02
C ARG GA 22 20.85 -9.51 79.64
N HIS GA 23 21.38 -8.31 79.89
CA HIS GA 23 20.64 -7.28 80.59
C HIS GA 23 19.62 -6.56 79.73
N SER GA 24 19.69 -6.71 78.41
CA SER GA 24 18.67 -6.11 77.55
C SER GA 24 17.33 -6.82 77.70
N ARG GA 25 17.35 -8.12 78.01
CA ARG GA 25 16.12 -8.84 78.28
C ARG GA 25 15.40 -8.26 79.50
N ARG GA 26 16.16 -7.73 80.46
CA ARG GA 26 15.60 -7.05 81.63
C ARG GA 26 15.36 -5.59 81.23
N ARG GA 27 14.14 -5.30 80.79
CA ARG GA 27 13.78 -3.96 80.36
C ARG GA 27 12.39 -3.61 80.86
N SER GA 28 12.23 -2.36 81.30
CA SER GA 28 10.94 -1.84 81.77
C SER GA 28 10.41 -2.65 82.95
N ARG GA 29 11.29 -2.93 83.92
CA ARG GA 29 10.87 -3.58 85.14
C ARG GA 29 10.32 -2.57 86.13
N LEU GA 30 9.50 -3.05 87.07
CA LEU GA 30 8.90 -2.17 88.06
C LEU GA 30 9.97 -1.62 88.98
N THR GA 31 10.28 -0.34 88.83
CA THR GA 31 11.28 0.35 89.63
C THR GA 31 10.58 1.19 90.69
N ASN GA 32 11.20 1.31 91.86
CA ASN GA 32 10.66 2.18 92.90
C ASN GA 32 10.50 3.62 92.41
N HIS GA 33 11.54 4.18 91.80
CA HIS GA 33 11.49 5.56 91.33
C HIS GA 33 10.46 5.74 90.22
N THR GA 34 10.43 4.80 89.27
CA THR GA 34 9.47 4.90 88.17
C THR GA 34 8.04 4.78 88.67
N LYS GA 35 7.79 3.84 89.57
CA LYS GA 35 6.46 3.72 90.16
C LYS GA 35 6.08 4.98 90.92
N PHE GA 36 7.06 5.58 91.63
CA PHE GA 36 6.79 6.80 92.37
C PHE GA 36 6.38 7.94 91.44
N VAL GA 37 7.16 8.16 90.37
CA VAL GA 37 6.84 9.26 89.47
C VAL GA 37 5.54 9.01 88.73
N ARG GA 38 5.26 7.75 88.36
CA ARG GA 38 4.01 7.44 87.66
C ARG GA 38 2.81 7.68 88.58
N ASP GA 39 2.89 7.21 89.83
CA ASP GA 39 1.79 7.42 90.77
C ASP GA 39 1.64 8.89 91.15
N MET GA 40 2.73 9.66 91.11
CA MET GA 40 2.63 11.09 91.40
C MET GA 40 1.99 11.85 90.25
N ILE GA 41 2.29 11.48 89.01
CA ILE GA 41 1.69 12.15 87.88
C ILE GA 41 0.26 11.68 87.66
N ARG GA 42 -0.08 10.46 88.08
CA ARG GA 42 -1.45 9.97 87.90
C ARG GA 42 -2.44 10.78 88.72
N GLU GA 43 -2.12 11.04 89.99
CA GLU GA 43 -3.00 11.83 90.83
C GLU GA 43 -3.02 13.31 90.44
N VAL GA 44 -2.05 13.77 89.66
CA VAL GA 44 -2.07 15.15 89.18
C VAL GA 44 -2.94 15.26 87.94
N CYS GA 45 -2.80 14.33 87.00
CA CYS GA 45 -3.56 14.38 85.77
C CYS GA 45 -4.99 13.89 85.92
N GLY GA 46 -5.26 13.06 86.90
CA GLY GA 46 -6.61 12.51 87.09
C GLY GA 46 -6.77 11.22 86.28
N PHE GA 47 -7.79 11.21 85.41
CA PHE GA 47 -8.06 10.05 84.57
C PHE GA 47 -8.59 10.53 83.23
N ALA GA 48 -8.61 9.61 82.27
CA ALA GA 48 -9.15 9.87 80.95
C ALA GA 48 -10.67 9.76 80.97
N PRO GA 49 -11.35 10.31 79.94
CA PRO GA 49 -12.81 10.15 79.89
C PRO GA 49 -13.25 8.69 79.83
N TYR GA 50 -12.62 7.89 78.99
CA TYR GA 50 -12.98 6.47 78.92
C TYR GA 50 -12.61 5.74 80.20
N GLU GA 51 -11.51 6.15 80.85
CA GLU GA 51 -11.15 5.54 82.14
C GLU GA 51 -12.21 5.85 83.19
N ARG GA 52 -12.71 7.09 83.22
CA ARG GA 52 -13.75 7.44 84.17
C ARG GA 52 -15.05 6.71 83.87
N ARG GA 53 -15.38 6.57 82.58
CA ARG GA 53 -16.57 5.80 82.20
C ARG GA 53 -16.45 4.35 82.63
N ALA GA 54 -15.26 3.76 82.47
CA ALA GA 54 -15.06 2.37 82.87
C ALA GA 54 -15.09 2.23 84.39
N MET GA 55 -14.61 3.25 85.12
CA MET GA 55 -14.71 3.21 86.58
C MET GA 55 -16.16 3.30 87.02
N GLU GA 56 -16.96 4.15 86.37
CA GLU GA 56 -18.38 4.19 86.65
C GLU GA 56 -19.05 2.86 86.36
N LEU GA 57 -18.62 2.19 85.28
CA LEU GA 57 -19.18 0.87 84.97
C LEU GA 57 -18.77 -0.17 86.00
N LEU GA 58 -17.53 -0.12 86.49
CA LEU GA 58 -17.08 -1.03 87.53
C LEU GA 58 -17.80 -0.80 88.84
N LYS GA 59 -18.17 0.45 89.14
CA LYS GA 59 -18.91 0.73 90.37
C LYS GA 59 -20.22 -0.04 90.39
N VAL GA 60 -20.86 -0.18 89.23
CA VAL GA 60 -22.05 -1.03 89.12
C VAL GA 60 -21.61 -2.47 88.86
N SER GA 61 -22.46 -3.42 89.24
CA SER GA 61 -22.15 -4.83 89.09
C SER GA 61 -21.93 -5.25 87.64
N LYS GA 62 -22.20 -4.37 86.67
CA LYS GA 62 -21.97 -4.67 85.26
C LYS GA 62 -20.48 -4.62 84.99
N SER GA 63 -19.84 -5.78 84.88
CA SER GA 63 -18.40 -5.88 84.63
C SER GA 63 -18.06 -6.37 83.23
N LYS GA 64 -18.83 -7.30 82.68
CA LYS GA 64 -18.58 -7.73 81.31
C LYS GA 64 -18.82 -6.61 80.31
N ARG GA 65 -19.80 -5.74 80.59
CA ARG GA 65 -20.03 -4.58 79.74
C ARG GA 65 -18.82 -3.63 79.76
N ALA GA 66 -18.24 -3.43 80.95
CA ALA GA 66 -17.05 -2.59 81.03
C ALA GA 66 -15.87 -3.24 80.33
N LEU GA 67 -15.76 -4.57 80.43
CA LEU GA 67 -14.70 -5.27 79.70
C LEU GA 67 -14.86 -5.08 78.19
N LYS GA 68 -16.09 -5.19 77.69
CA LYS GA 68 -16.32 -4.98 76.27
C LYS GA 68 -16.03 -3.54 75.86
N PHE GA 69 -16.40 -2.58 76.72
CA PHE GA 69 -16.12 -1.18 76.42
C PHE GA 69 -14.62 -0.92 76.35
N ILE GA 70 -13.85 -1.50 77.27
CA ILE GA 70 -12.41 -1.32 77.24
C ILE GA 70 -11.80 -2.01 76.03
N LYS GA 71 -12.31 -3.19 75.68
CA LYS GA 71 -11.81 -3.89 74.49
C LYS GA 71 -12.13 -3.12 73.22
N LYS GA 72 -13.23 -2.37 73.20
CA LYS GA 72 -13.53 -1.54 72.05
C LYS GA 72 -12.70 -0.27 72.03
N ARG GA 73 -12.38 0.29 73.20
CA ARG GA 73 -11.58 1.50 73.26
C ARG GA 73 -10.12 1.22 72.91
N VAL GA 74 -9.45 0.38 73.70
CA VAL GA 74 -8.06 0.01 73.40
C VAL GA 74 -8.08 -1.09 72.36
N GLY GA 75 -6.89 -1.40 71.82
CA GLY GA 75 -6.79 -2.30 70.69
C GLY GA 75 -7.14 -3.74 70.95
N THR GA 76 -6.31 -4.44 71.73
CA THR GA 76 -6.46 -5.88 71.87
C THR GA 76 -7.13 -6.25 73.19
N HIS GA 77 -7.41 -7.54 73.34
CA HIS GA 77 -8.02 -8.06 74.55
C HIS GA 77 -7.05 -8.20 75.71
N ILE GA 78 -5.79 -8.57 75.44
CA ILE GA 78 -4.82 -8.72 76.52
C ILE GA 78 -4.51 -7.38 77.16
N ARG GA 79 -4.56 -6.29 76.39
CA ARG GA 79 -4.44 -4.97 76.99
C ARG GA 79 -5.69 -4.60 77.78
N ALA GA 80 -6.86 -5.04 77.31
CA ALA GA 80 -8.10 -4.75 78.00
C ALA GA 80 -8.13 -5.40 79.37
N LYS GA 81 -7.63 -6.64 79.47
CA LYS GA 81 -7.57 -7.31 80.77
C LYS GA 81 -6.72 -6.52 81.76
N ARG GA 82 -5.54 -6.08 81.33
CA ARG GA 82 -4.66 -5.34 82.24
C ARG GA 82 -5.25 -3.98 82.60
N LYS GA 83 -5.91 -3.33 81.64
CA LYS GA 83 -6.56 -2.05 81.95
C LYS GA 83 -7.68 -2.24 82.95
N ARG GA 84 -8.49 -3.29 82.79
CA ARG GA 84 -9.54 -3.60 83.74
C ARG GA 84 -8.97 -3.88 85.12
N GLU GA 85 -7.86 -4.63 85.18
CA GLU GA 85 -7.23 -4.92 86.46
C GLU GA 85 -6.75 -3.65 87.14
N GLU GA 86 -6.09 -2.77 86.38
CA GLU GA 86 -5.59 -1.53 86.95
C GLU GA 86 -6.73 -0.64 87.42
N LEU GA 87 -7.83 -0.59 86.67
CA LEU GA 87 -8.97 0.24 87.07
C LEU GA 87 -9.63 -0.32 88.32
N SER GA 88 -9.78 -1.64 88.41
CA SER GA 88 -10.32 -2.23 89.63
C SER GA 88 -9.41 -1.96 90.82
N ASN GA 89 -8.10 -2.02 90.60
CA ASN GA 89 -7.16 -1.74 91.69
C ASN GA 89 -7.26 -0.30 92.17
N VAL GA 90 -7.31 0.65 91.24
CA VAL GA 90 -7.37 2.05 91.66
C VAL GA 90 -8.73 2.37 92.25
N LEU GA 91 -9.78 1.63 91.87
CA LEU GA 91 -11.08 1.85 92.48
C LEU GA 91 -11.16 1.25 93.87
N ALA GA 92 -10.46 0.14 94.10
CA ALA GA 92 -10.50 -0.54 95.39
C ALA GA 92 -9.45 -0.05 96.37
N ALA GA 93 -8.45 0.71 95.92
CA ALA GA 93 -7.38 1.15 96.81
C ALA GA 93 -7.85 2.24 97.76
N MET GA 94 -8.28 3.38 97.22
CA MET GA 94 -8.62 4.54 98.04
C MET GA 94 -10.11 4.71 98.27
N GLU GA 95 -10.96 4.32 97.31
CA GLU GA 95 -12.40 4.49 97.49
C GLU GA 95 -12.93 3.55 98.56
N GLU GA 96 -12.30 2.39 98.74
CA GLU GA 96 -12.72 1.48 99.80
C GLU GA 96 -12.27 1.95 101.18
N ALA GA 97 -11.18 2.71 101.23
CA ALA GA 97 -10.70 3.24 102.50
C ALA GA 97 -11.51 4.47 102.91
N ALA GA 98 -11.43 4.81 104.19
CA ALA GA 98 -12.14 5.96 104.73
C ALA GA 98 -11.56 7.27 104.21
N THR HA 1 -11.10 31.53 1.12
CA THR HA 1 -10.18 32.64 1.38
C THR HA 1 -9.32 32.35 2.60
N LYS HA 2 -9.28 31.09 3.01
CA LYS HA 2 -8.52 30.67 4.18
C LYS HA 2 -7.04 30.42 3.88
N GLY HA 3 -6.62 30.61 2.64
CA GLY HA 3 -5.24 30.29 2.26
C GLY HA 3 -4.40 31.50 1.88
N THR HA 4 -4.22 31.69 0.57
CA THR HA 4 -3.31 32.73 0.07
C THR HA 4 -3.80 34.13 0.45
N SER HA 5 -5.11 34.36 0.34
CA SER HA 5 -5.64 35.69 0.66
C SER HA 5 -5.54 35.98 2.15
N SER HA 6 -5.67 34.95 2.99
CA SER HA 6 -5.55 35.14 4.44
C SER HA 6 -4.10 35.20 4.90
N PHE HA 7 -3.16 34.68 4.11
CA PHE HA 7 -1.76 34.76 4.49
C PHE HA 7 -1.19 36.16 4.37
N GLY HA 8 -1.78 37.00 3.51
CA GLY HA 8 -1.32 38.37 3.36
C GLY HA 8 -1.59 39.25 4.54
N LYS HA 9 -2.48 38.84 5.45
CA LYS HA 9 -2.82 39.64 6.62
C LYS HA 9 -1.80 39.51 7.74
N ARG HA 10 -0.82 38.62 7.61
CA ARG HA 10 0.21 38.43 8.62
C ARG HA 10 1.11 39.65 8.64
N ARG HA 11 0.93 40.51 9.64
CA ARG HA 11 1.67 41.78 9.70
C ARG HA 11 2.35 41.97 11.04
N ASN HA 12 1.77 41.44 12.10
CA ASN HA 12 2.30 41.63 13.45
C ASN HA 12 3.33 40.56 13.77
N LYS HA 13 3.75 40.50 15.03
CA LYS HA 13 4.70 39.51 15.49
C LYS HA 13 4.33 39.07 16.90
N THR HA 14 4.45 37.78 17.16
CA THR HA 14 4.17 37.21 18.47
C THR HA 14 5.40 36.63 19.15
N HIS HA 15 6.57 36.82 18.56
CA HIS HA 15 7.81 36.25 19.11
C HIS HA 15 8.98 37.12 18.69
N THR HA 16 9.81 37.50 19.67
CA THR HA 16 11.04 38.24 19.41
C THR HA 16 12.21 37.50 20.06
N LEU HA 17 13.39 38.10 19.97
CA LEU HA 17 14.59 37.49 20.53
C LEU HA 17 14.48 37.41 22.05
N CYS HA 18 14.77 36.23 22.59
CA CYS HA 18 14.72 36.03 24.02
C CYS HA 18 15.87 36.75 24.71
N ARG HA 19 15.77 36.85 26.03
CA ARG HA 19 16.78 37.55 26.83
C ARG HA 19 17.81 36.60 27.44
N ARG HA 20 17.43 35.35 27.71
CA ARG HA 20 18.32 34.36 28.30
C ARG HA 20 18.88 33.39 27.27
N CYS HA 21 18.07 32.94 26.31
CA CYS HA 21 18.53 32.02 25.29
C CYS HA 21 18.91 32.71 23.98
N GLY HA 22 18.42 33.92 23.75
CA GLY HA 22 18.69 34.62 22.52
C GLY HA 22 17.91 34.14 21.31
N SER HA 23 17.12 33.08 21.46
CA SER HA 23 16.33 32.56 20.35
C SER HA 23 15.04 33.37 20.22
N LYS HA 24 14.25 33.04 19.19
CA LYS HA 24 13.01 33.73 18.90
C LYS HA 24 11.80 33.11 19.59
N ALA HA 25 12.00 32.46 20.73
CA ALA HA 25 10.92 31.80 21.44
C ALA HA 25 10.21 32.68 22.46
N TYR HA 26 10.72 33.88 22.72
CA TYR HA 26 10.11 34.75 23.71
C TYR HA 26 8.79 35.31 23.20
N HIS HA 27 7.73 35.11 23.98
CA HIS HA 27 6.39 35.57 23.62
C HIS HA 27 6.18 36.99 24.14
N LEU HA 28 5.70 37.88 23.26
CA LEU HA 28 5.46 39.26 23.66
C LEU HA 28 4.20 39.38 24.51
N GLN HA 29 3.15 38.63 24.16
CA GLN HA 29 1.87 38.78 24.83
C GLN HA 29 1.86 38.10 26.19
N LYS HA 30 2.39 36.88 26.26
CA LYS HA 30 2.48 36.17 27.53
C LYS HA 30 3.70 36.58 28.35
N SER HA 31 4.65 37.28 27.75
CA SER HA 31 5.87 37.75 28.42
C SER HA 31 6.69 36.59 28.98
N THR HA 32 6.60 35.43 28.32
CA THR HA 32 7.40 34.26 28.68
C THR HA 32 8.10 33.74 27.43
N CYS HA 33 9.18 32.98 27.66
CA CYS HA 33 9.93 32.38 26.57
C CYS HA 33 9.40 30.99 26.26
N GLY HA 34 9.38 30.65 24.97
CA GLY HA 34 8.92 29.34 24.55
C GLY HA 34 9.96 28.25 24.60
N LYS HA 35 11.22 28.59 24.90
CA LYS HA 35 12.29 27.61 24.99
C LYS HA 35 12.83 27.43 26.39
N CYS HA 36 12.87 28.49 27.20
CA CYS HA 36 13.39 28.42 28.55
C CYS HA 36 12.45 28.95 29.62
N GLY HA 37 11.48 29.79 29.26
CA GLY HA 37 10.64 30.42 30.26
C GLY HA 37 11.43 31.42 31.08
N TYR HA 38 11.82 32.52 30.44
CA TYR HA 38 12.72 33.49 31.06
C TYR HA 38 12.26 34.00 32.43
N PRO HA 39 10.99 34.34 32.66
CA PRO HA 39 10.59 34.75 34.02
C PRO HA 39 10.82 33.67 35.07
N ALA HA 40 10.71 32.40 34.69
CA ALA HA 40 10.98 31.32 35.63
C ALA HA 40 12.47 31.22 35.92
N LYS HA 41 12.81 31.08 37.20
CA LYS HA 41 14.21 31.01 37.59
C LYS HA 41 14.89 29.72 37.14
N ARG HA 42 14.11 28.71 36.75
CA ARG HA 42 14.64 27.43 36.31
C ARG HA 42 14.42 27.27 34.82
N LYS HA 43 15.44 26.75 34.13
CA LYS HA 43 15.35 26.49 32.71
C LYS HA 43 14.57 25.21 32.46
N ARG HA 44 13.58 25.28 31.57
CA ARG HA 44 12.68 24.16 31.33
C ARG HA 44 13.35 23.18 30.36
N LYS HA 45 13.77 22.04 30.87
CA LYS HA 45 14.25 20.93 30.07
C LYS HA 45 13.29 19.76 30.22
N TYR HA 46 13.21 18.93 29.18
CA TYR HA 46 12.27 17.82 29.16
C TYR HA 46 12.96 16.58 28.58
N ASN HA 47 12.62 15.45 29.17
CA ASN HA 47 13.15 14.17 28.75
C ASN HA 47 12.37 13.64 27.57
N TRP HA 48 11.24 14.26 27.24
CA TRP HA 48 10.48 13.79 26.09
C TRP HA 48 11.27 13.96 24.80
N SER HA 49 11.98 15.07 24.68
CA SER HA 49 12.80 15.27 23.50
C SER HA 49 14.27 15.16 23.87
N ALA HA 50 14.95 14.23 23.22
CA ALA HA 50 16.38 14.01 23.42
C ALA HA 50 17.21 15.03 22.65
N LYS HA 51 16.68 15.58 21.55
CA LYS HA 51 17.42 16.54 20.76
C LYS HA 51 17.42 17.94 21.36
N ALA HA 52 16.49 18.22 22.28
CA ALA HA 52 16.48 19.53 22.93
C ALA HA 52 17.71 19.70 23.82
N LYS HA 53 18.05 18.68 24.60
CA LYS HA 53 19.22 18.77 25.45
C LYS HA 53 20.51 18.76 24.63
N ARG HA 54 20.49 18.13 23.45
CA ARG HA 54 21.69 18.06 22.63
C ARG HA 54 22.15 19.44 22.17
N ARG HA 55 21.23 20.39 22.06
CA ARG HA 55 21.56 21.74 21.62
C ARG HA 55 21.66 22.73 22.76
N ASN HA 56 21.49 22.28 24.01
CA ASN HA 56 21.44 23.19 25.15
C ASN HA 56 22.34 22.80 26.32
N THR HA 57 22.78 21.55 26.42
CA THR HA 57 23.59 21.13 27.54
C THR HA 57 24.98 21.76 27.48
N THR HA 58 25.76 21.51 28.53
CA THR HA 58 27.11 22.03 28.60
C THR HA 58 27.98 21.40 27.51
N GLY HA 59 29.07 22.10 27.17
CA GLY HA 59 29.95 21.67 26.12
C GLY HA 59 29.56 22.12 24.72
N THR HA 60 28.31 22.54 24.52
CA THR HA 60 27.85 23.01 23.24
C THR HA 60 28.03 24.51 23.06
N GLY HA 61 28.84 25.14 23.90
CA GLY HA 61 29.04 26.57 23.82
C GLY HA 61 30.50 26.99 23.92
N ARG HA 62 30.77 28.02 24.73
CA ARG HA 62 32.12 28.54 24.87
C ARG HA 62 32.84 27.97 26.09
N MET HA 63 32.14 27.92 27.23
CA MET HA 63 32.70 27.43 28.48
C MET HA 63 33.93 28.24 28.89
N ARG HA 64 33.75 29.56 28.93
CA ARG HA 64 34.87 30.46 29.26
C ARG HA 64 35.44 30.19 30.64
N HIS HA 65 34.63 29.68 31.57
CA HIS HA 65 35.11 29.31 32.89
C HIS HA 65 35.28 27.80 33.07
N LEU HA 66 34.48 27.00 32.38
CA LEU HA 66 34.56 25.55 32.51
C LEU HA 66 35.74 24.96 31.74
N LYS HA 67 36.35 25.74 30.84
CA LYS HA 67 37.52 25.25 30.12
C LYS HA 67 38.75 25.21 31.02
N ILE HA 68 38.85 26.16 31.96
CA ILE HA 68 40.06 26.24 32.78
C ILE HA 68 39.99 25.39 34.03
N VAL HA 69 38.79 25.00 34.48
CA VAL HA 69 38.71 24.19 35.69
C VAL HA 69 39.22 22.78 35.43
N TYR HA 70 38.90 22.22 34.26
CA TYR HA 70 39.42 20.90 33.93
C TYR HA 70 40.93 20.92 33.74
N ARG HA 71 41.49 22.06 33.35
CA ARG HA 71 42.93 22.17 33.18
C ARG HA 71 43.64 22.35 34.52
N ARG HA 72 43.04 23.14 35.42
CA ARG HA 72 43.65 23.37 36.73
C ARG HA 72 43.42 22.23 37.71
N PHE HA 73 42.45 21.35 37.44
CA PHE HA 73 42.24 20.21 38.32
C PHE HA 73 43.38 19.21 38.23
N ARG HA 74 44.04 19.13 37.07
CA ARG HA 74 45.13 18.18 36.90
C ARG HA 74 46.33 18.49 37.78
N HIS HA 75 46.39 19.70 38.34
CA HIS HA 75 47.49 20.09 39.22
C HIS HA 75 47.04 20.27 40.66
N GLY HA 76 45.79 19.97 40.97
CA GLY HA 76 45.31 20.06 42.34
C GLY HA 76 44.96 21.46 42.80
N PHE HA 77 44.58 22.36 41.88
CA PHE HA 77 44.19 23.72 42.20
C PHE HA 77 45.30 24.46 42.95
N ARG HA 78 46.43 24.63 42.27
CA ARG HA 78 47.56 25.31 42.86
C ARG HA 78 47.28 26.80 43.03
N GLU HA 79 48.01 27.43 43.95
CA GLU HA 79 47.91 28.85 44.20
C GLU HA 79 49.24 29.57 44.31
N GLY HA 80 50.36 28.85 44.36
CA GLY HA 80 51.67 29.45 44.50
C GLY HA 80 52.19 30.07 43.23
N THR HA 81 53.51 30.07 43.09
CA THR HA 81 54.18 30.65 41.95
C THR HA 81 55.29 29.73 41.47
N THR HA 82 55.44 29.63 40.15
CA THR HA 82 56.51 28.84 39.57
C THR HA 82 57.86 29.33 40.08
N PRO HA 83 58.83 28.42 40.25
CA PRO HA 83 60.14 28.84 40.78
C PRO HA 83 60.84 29.83 39.85
N LYS HA 84 61.68 30.66 40.47
CA LYS HA 84 62.42 31.71 39.76
C LYS HA 84 61.49 32.63 38.98
N PRO IA 1 10.93 89.37 16.98
CA PRO IA 1 11.63 90.64 17.21
C PRO IA 1 10.76 91.67 17.91
N ARG IA 2 11.32 92.86 18.15
CA ARG IA 2 10.63 93.92 18.87
C ARG IA 2 10.80 95.23 18.10
N LYS IA 3 9.69 95.88 17.77
CA LYS IA 3 9.75 97.18 17.12
C LYS IA 3 9.82 98.29 18.16
N ILE IA 4 10.66 99.28 17.88
CA ILE IA 4 10.86 100.42 18.77
C ILE IA 4 10.33 101.67 18.07
N GLU IA 5 9.48 102.42 18.78
CA GLU IA 5 8.87 103.61 18.23
C GLU IA 5 9.43 104.91 18.79
N GLU IA 6 9.91 104.90 20.03
CA GLU IA 6 10.39 106.11 20.68
C GLU IA 6 11.85 106.38 20.32
N ILE IA 7 12.33 107.55 20.73
CA ILE IA 7 13.68 107.98 20.40
C ILE IA 7 14.67 107.76 21.53
N LYS IA 8 14.19 107.41 22.73
CA LYS IA 8 15.05 107.33 23.90
C LYS IA 8 15.45 105.91 24.28
N ASP IA 9 14.67 104.91 23.89
CA ASP IA 9 14.92 103.55 24.36
C ASP IA 9 15.79 102.74 23.39
N PHE IA 10 15.74 103.04 22.09
CA PHE IA 10 16.56 102.28 21.15
C PHE IA 10 18.05 102.51 21.38
N LEU IA 11 18.44 103.74 21.70
CA LEU IA 11 19.84 104.00 22.00
C LEU IA 11 20.26 103.36 23.32
N LEU IA 12 19.34 103.33 24.31
CA LEU IA 12 19.63 102.65 25.56
C LEU IA 12 19.83 101.15 25.33
N THR IA 13 19.06 100.56 24.42
CA THR IA 13 19.26 99.15 24.09
C THR IA 13 20.54 98.93 23.29
N ALA IA 14 20.89 99.89 22.42
CA ALA IA 14 22.09 99.75 21.61
C ALA IA 14 23.36 99.95 22.44
N ARG IA 15 23.29 100.66 23.55
CA ARG IA 15 24.43 100.83 24.43
C ARG IA 15 24.51 99.75 25.51
N ARG IA 16 23.77 98.66 25.34
CA ARG IA 16 23.79 97.58 26.31
C ARG IA 16 25.01 96.67 26.09
N LYS IA 17 25.06 95.58 26.85
CA LYS IA 17 26.20 94.68 26.79
C LYS IA 17 26.12 93.71 25.61
N ASP IA 18 24.92 93.26 25.26
CA ASP IA 18 24.71 92.27 24.22
C ASP IA 18 24.29 92.89 22.89
N ALA IA 19 24.80 94.09 22.59
CA ALA IA 19 24.47 94.80 21.35
C ALA IA 19 25.56 94.61 20.30
N LYS IA 20 26.11 93.39 20.22
CA LYS IA 20 27.30 93.14 19.40
C LYS IA 20 27.10 93.56 17.94
N SER IA 21 25.89 93.42 17.41
CA SER IA 21 25.63 93.66 16.01
C SER IA 21 24.60 94.76 15.82
N VAL IA 22 24.92 95.71 14.93
CA VAL IA 22 23.99 96.76 14.53
C VAL IA 22 24.05 96.89 13.01
N LYS IA 23 22.91 96.78 12.35
CA LYS IA 23 22.84 96.84 10.91
C LYS IA 23 21.89 97.97 10.49
N ILE IA 24 22.16 98.52 9.31
CA ILE IA 24 21.37 99.60 8.73
C ILE IA 24 20.83 99.13 7.40
N LYS IA 25 19.51 99.21 7.23
CA LYS IA 25 18.84 98.80 6.01
C LYS IA 25 18.18 100.01 5.38
N LYS IA 26 18.59 100.34 4.15
CA LYS IA 26 18.02 101.46 3.42
C LYS IA 26 16.93 100.96 2.47
N ASN IA 27 15.77 101.59 2.53
CA ASN IA 27 14.65 101.23 1.67
C ASN IA 27 14.05 102.50 1.09
N LYS IA 28 13.00 102.32 0.27
CA LYS IA 28 12.30 103.45 -0.32
C LYS IA 28 11.58 104.22 0.78
N ASP IA 29 12.09 105.40 1.11
CA ASP IA 29 11.53 106.25 2.17
C ASP IA 29 11.49 105.53 3.51
N ASN IA 30 12.44 104.62 3.74
CA ASN IA 30 12.50 103.87 4.99
C ASN IA 30 13.95 103.56 5.31
N VAL IA 31 14.31 103.78 6.58
CA VAL IA 31 15.63 103.43 7.10
C VAL IA 31 15.42 102.65 8.38
N LYS IA 32 16.02 101.48 8.48
CA LYS IA 32 15.82 100.57 9.61
C LYS IA 32 17.15 100.34 10.32
N PHE IA 33 17.18 100.59 11.62
CA PHE IA 33 18.37 100.37 12.45
C PHE IA 33 18.11 99.15 13.32
N LYS IA 34 18.57 97.99 12.84
CA LYS IA 34 18.31 96.74 13.53
C LYS IA 34 19.49 96.40 14.44
N VAL IA 35 19.24 96.37 15.75
CA VAL IA 35 20.24 96.02 16.75
C VAL IA 35 19.95 94.61 17.23
N ARG IA 36 20.92 93.72 17.09
CA ARG IA 36 20.78 92.32 17.47
C ARG IA 36 21.27 92.12 18.89
N CYS IA 37 20.47 91.46 19.70
CA CYS IA 37 20.81 91.14 21.08
C CYS IA 37 20.78 89.63 21.28
N SER IA 38 20.98 89.20 22.53
CA SER IA 38 21.05 87.77 22.82
C SER IA 38 19.70 87.09 22.63
N ARG IA 39 18.61 87.78 22.93
CA ARG IA 39 17.27 87.19 22.85
C ARG IA 39 16.42 87.74 21.72
N TYR IA 40 16.45 89.05 21.49
CA TYR IA 40 15.58 89.69 20.52
C TYR IA 40 16.40 90.38 19.43
N LEU IA 41 15.68 91.06 18.54
CA LEU IA 41 16.29 91.86 17.47
C LEU IA 41 15.47 93.14 17.36
N TYR IA 42 15.94 94.20 18.00
CA TYR IA 42 15.18 95.44 18.06
C TYR IA 42 15.31 96.19 16.75
N THR IA 43 14.17 96.59 16.19
CA THR IA 43 14.14 97.28 14.91
C THR IA 43 13.47 98.64 15.08
N LEU IA 44 14.15 99.70 14.65
CA LEU IA 44 13.62 101.05 14.64
C LEU IA 44 13.58 101.53 13.20
N VAL IA 45 12.38 101.86 12.72
CA VAL IA 45 12.19 102.32 11.35
C VAL IA 45 11.87 103.80 11.36
N ILE IA 46 12.40 104.54 10.39
CA ILE IA 46 12.14 105.96 10.25
C ILE IA 46 11.99 106.31 8.77
N THR IA 47 11.08 107.24 8.48
CA THR IA 47 10.79 107.62 7.11
C THR IA 47 11.54 108.87 6.67
N ASP IA 48 12.24 109.55 7.58
CA ASP IA 48 12.97 110.77 7.25
C ASP IA 48 14.46 110.46 7.12
N LYS IA 49 15.06 110.92 6.02
CA LYS IA 49 16.50 110.76 5.83
C LYS IA 49 17.31 111.77 6.63
N GLU IA 50 16.73 112.93 6.94
CA GLU IA 50 17.44 113.93 7.73
C GLU IA 50 17.61 113.46 9.17
N LYS IA 51 16.59 112.81 9.73
CA LYS IA 51 16.70 112.26 11.07
C LYS IA 51 17.57 111.02 11.12
N ALA IA 52 17.92 110.44 9.97
CA ALA IA 52 18.78 109.26 9.93
C ALA IA 52 20.24 109.62 9.70
N GLU IA 53 20.50 110.62 8.86
CA GLU IA 53 21.88 111.01 8.59
C GLU IA 53 22.56 111.61 9.82
N LYS IA 54 21.79 112.27 10.69
CA LYS IA 54 22.35 112.81 11.92
C LYS IA 54 22.32 111.82 13.07
N LEU IA 55 21.54 110.74 12.95
CA LEU IA 55 21.47 109.73 13.99
C LEU IA 55 22.47 108.61 13.79
N LYS IA 56 22.86 108.35 12.54
CA LYS IA 56 23.81 107.28 12.27
C LYS IA 56 25.14 107.52 12.98
N GLN IA 57 25.55 108.77 13.09
CA GLN IA 57 26.78 109.11 13.79
C GLN IA 57 26.66 109.04 15.31
N SER IA 58 25.42 109.04 15.84
CA SER IA 58 25.22 109.00 17.28
C SER IA 58 25.40 107.61 17.87
N LEU IA 59 25.60 106.59 17.04
CA LEU IA 59 25.79 105.25 17.56
C LEU IA 59 27.13 105.14 18.28
N PRO IA 60 27.22 104.31 19.30
CA PRO IA 60 28.48 104.14 20.02
C PRO IA 60 29.53 103.48 19.14
N PRO IA 61 30.74 104.05 19.08
CA PRO IA 61 31.77 103.47 18.22
C PRO IA 61 32.25 102.12 18.73
N GLY IA 62 32.76 101.32 17.81
CA GLY IA 62 33.29 100.01 18.16
C GLY IA 62 32.28 98.89 18.21
N LEU IA 63 31.09 99.08 17.64
CA LEU IA 63 30.04 98.07 17.67
C LEU IA 63 29.90 97.34 16.34
N ALA IA 64 30.81 97.57 15.39
CA ALA IA 64 30.83 96.87 14.11
C ALA IA 64 29.52 97.08 13.34
N VAL IA 65 29.26 98.34 13.00
CA VAL IA 65 28.07 98.67 12.22
C VAL IA 65 28.25 98.20 10.79
N LYS IA 66 27.25 97.48 10.27
CA LYS IA 66 27.28 96.97 8.91
C LYS IA 66 26.14 97.60 8.12
N ASP IA 67 26.50 98.41 7.12
CA ASP IA 67 25.51 99.03 6.25
C ASP IA 67 25.12 98.03 5.17
N LEU IA 68 23.86 97.61 5.19
CA LEU IA 68 23.37 96.65 4.20
C LEU IA 68 23.30 97.30 2.83
N LYS IA 69 23.33 96.45 1.80
CA LYS IA 69 23.33 96.89 0.40
C LYS IA 69 24.52 97.79 0.08
N SER JA 1 11.24 48.06 9.60
CA SER JA 1 10.52 49.25 10.01
C SER JA 1 11.40 50.49 9.87
N SER JA 2 10.75 51.66 9.74
CA SER JA 2 11.50 52.90 9.61
C SER JA 2 12.25 53.22 10.90
N HIS JA 3 11.63 52.98 12.05
CA HIS JA 3 12.25 53.19 13.34
C HIS JA 3 12.28 51.88 14.11
N LYS JA 4 13.45 51.55 14.66
CA LYS JA 4 13.66 50.31 15.38
C LYS JA 4 14.40 50.63 16.68
N THR JA 5 14.74 49.59 17.43
CA THR JA 5 15.46 49.78 18.68
C THR JA 5 16.92 49.36 18.53
N PHE JA 6 17.71 49.70 19.56
CA PHE JA 6 19.16 49.47 19.50
C PHE JA 6 19.50 48.00 19.42
N ARG JA 7 18.74 47.15 20.11
CA ARG JA 7 19.02 45.72 20.07
C ARG JA 7 18.81 45.15 18.68
N ILE JA 8 17.70 45.49 18.03
CA ILE JA 8 17.44 44.99 16.68
C ILE JA 8 18.45 45.55 15.70
N LYS JA 9 18.83 46.82 15.85
CA LYS JA 9 19.82 47.37 14.93
C LYS JA 9 21.18 46.72 15.12
N ARG JA 10 21.56 46.43 16.36
CA ARG JA 10 22.82 45.74 16.61
C ARG JA 10 22.80 44.33 16.07
N PHE JA 11 21.63 43.66 16.16
CA PHE JA 11 21.50 42.33 15.58
C PHE JA 11 21.61 42.35 14.06
N LEU JA 12 21.04 43.39 13.43
CA LEU JA 12 21.14 43.53 11.98
C LEU JA 12 22.56 43.91 11.55
N ALA JA 13 23.30 44.59 12.42
CA ALA JA 13 24.68 44.96 12.10
C ALA JA 13 25.54 43.73 11.88
N LYS JA 14 25.39 42.71 12.70
CA LYS JA 14 26.21 41.51 12.51
C LYS JA 14 25.84 40.78 11.24
N LYS JA 15 24.56 40.76 10.87
CA LYS JA 15 24.18 40.16 9.59
C LYS JA 15 24.79 40.94 8.42
N GLN JA 16 24.77 42.27 8.50
CA GLN JA 16 25.43 43.08 7.47
C GLN JA 16 26.93 42.77 7.40
N LYS JA 17 27.57 42.61 8.55
CA LYS JA 17 29.00 42.29 8.56
C LYS JA 17 29.26 40.92 7.96
N GLN JA 18 28.40 39.94 8.27
CA GLN JA 18 28.61 38.57 7.80
C GLN JA 18 28.32 38.41 6.32
N ASN JA 19 27.39 39.20 5.77
CA ASN JA 19 27.05 39.10 4.35
C ASN JA 19 28.18 39.72 3.51
N ARG JA 20 29.29 38.99 3.45
CA ARG JA 20 30.48 39.40 2.73
C ARG JA 20 31.06 38.22 1.96
N PRO JA 21 31.67 38.47 0.81
CA PRO JA 21 32.24 37.38 0.02
C PRO JA 21 33.51 36.83 0.65
N ILE JA 22 34.08 35.83 -0.01
CA ILE JA 22 35.29 35.17 0.48
C ILE JA 22 36.51 35.98 0.01
N PRO JA 23 37.46 36.27 0.88
CA PRO JA 23 38.69 36.95 0.43
C PRO JA 23 39.50 36.06 -0.48
N GLN JA 24 40.19 36.68 -1.44
CA GLN JA 24 40.92 35.95 -2.46
C GLN JA 24 42.34 35.60 -2.04
N TRP JA 25 42.75 35.92 -0.81
CA TRP JA 25 44.10 35.61 -0.36
C TRP JA 25 44.16 34.35 0.49
N ILE JA 26 43.03 33.70 0.76
CA ILE JA 26 43.03 32.42 1.46
C ILE JA 26 42.94 31.24 0.51
N ARG JA 27 42.67 31.47 -0.77
CA ARG JA 27 42.58 30.37 -1.73
C ARG JA 27 43.93 29.68 -1.90
N MET JA 28 45.03 30.40 -1.69
CA MET JA 28 46.37 29.85 -1.82
C MET JA 28 46.95 29.38 -0.48
N LYS JA 29 46.12 29.31 0.56
CA LYS JA 29 46.58 28.85 1.86
C LYS JA 29 46.72 27.33 1.87
N THR JA 30 47.73 26.84 2.59
CA THR JA 30 47.97 25.41 2.68
C THR JA 30 46.84 24.73 3.43
N GLY JA 31 46.29 23.67 2.83
CA GLY JA 31 45.22 22.92 3.46
C GLY JA 31 43.86 23.57 3.39
N ASN JA 32 43.68 24.59 2.56
CA ASN JA 32 42.40 25.28 2.45
C ASN JA 32 41.53 24.56 1.43
N LYS JA 33 40.30 24.23 1.83
CA LYS JA 33 39.36 23.54 0.97
C LYS JA 33 38.07 24.34 0.76
N ILE JA 34 38.04 25.60 1.18
CA ILE JA 34 36.87 26.44 1.01
C ILE JA 34 36.96 27.12 -0.36
N ARG JA 35 35.93 26.92 -1.17
CA ARG JA 35 35.87 27.50 -2.51
C ARG JA 35 34.95 28.70 -2.61
N TYR JA 36 33.86 28.72 -1.84
CA TYR JA 36 32.93 29.84 -1.84
C TYR JA 36 32.17 29.86 -0.54
N ASN JA 37 31.65 31.03 -0.19
CA ASN JA 37 30.92 31.19 1.07
C ASN JA 37 29.53 30.57 0.93
N SER JA 38 29.20 29.64 1.82
CA SER JA 38 27.91 28.96 1.82
C SER JA 38 26.94 29.56 2.83
N LYS JA 39 27.23 30.76 3.32
CA LYS JA 39 26.37 31.43 4.30
C LYS JA 39 25.91 32.80 3.81
N ARG JA 40 26.05 33.08 2.51
CA ARG JA 40 25.63 34.36 1.95
C ARG JA 40 24.12 34.43 1.91
N ARG JA 41 23.54 35.31 2.72
CA ARG JA 41 22.09 35.47 2.81
C ARG JA 41 21.64 36.62 1.93
N HIS JA 42 20.64 36.38 1.09
CA HIS JA 42 20.07 37.40 0.24
C HIS JA 42 18.88 38.06 0.93
N TRP JA 43 18.77 39.37 0.79
CA TRP JA 43 17.72 40.11 1.48
C TRP JA 43 16.33 39.73 0.98
N ARG JA 44 16.22 39.29 -0.27
CA ARG JA 44 14.93 38.96 -0.86
C ARG JA 44 14.60 37.47 -0.77
N ARG JA 45 15.59 36.59 -0.96
CA ARG JA 45 15.32 35.16 -0.97
C ARG JA 45 15.10 34.63 0.45
N THR JA 46 16.10 34.75 1.31
CA THR JA 46 16.07 34.19 2.65
C THR JA 46 15.89 35.31 3.67
N LYS JA 47 14.79 35.28 4.40
CA LYS JA 47 14.53 36.24 5.46
C LYS JA 47 15.13 35.74 6.76
N LEU JA 48 15.88 36.60 7.45
CA LEU JA 48 16.55 36.19 8.68
C LEU JA 48 15.58 36.06 9.86
N GLY JA 49 14.37 36.60 9.73
CA GLY JA 49 13.38 36.46 10.78
C GLY JA 49 13.67 37.30 12.01
N LEU JA 50 13.61 38.61 11.84
CA LEU JA 50 13.85 39.57 12.93
C LEU JA 50 15.21 39.34 13.58
N ILE KA 1 -72.18 -9.09 -71.28
CA ILE KA 1 -71.14 -10.08 -71.51
C ILE KA 1 -71.76 -11.35 -72.08
N GLU KA 2 -70.98 -12.09 -72.86
CA GLU KA 2 -71.47 -13.31 -73.48
C GLU KA 2 -71.50 -14.45 -72.45
N PRO KA 3 -72.55 -15.29 -72.48
CA PRO KA 3 -72.61 -16.40 -71.51
C PRO KA 3 -71.51 -17.42 -71.71
N SER KA 4 -71.02 -17.59 -72.94
CA SER KA 4 -69.89 -18.49 -73.15
C SER KA 4 -68.56 -17.83 -72.81
N LEU KA 5 -68.40 -16.55 -73.14
CA LEU KA 5 -67.16 -15.85 -72.82
C LEU KA 5 -66.99 -15.72 -71.30
N ARG KA 6 -68.09 -15.62 -70.56
CA ARG KA 6 -67.99 -15.58 -69.11
C ARG KA 6 -67.37 -16.86 -68.56
N GLN KA 7 -67.92 -18.02 -68.97
CA GLN KA 7 -67.36 -19.29 -68.55
C GLN KA 7 -65.94 -19.47 -69.07
N LEU KA 8 -65.63 -18.91 -70.23
CA LEU KA 8 -64.29 -19.03 -70.79
C LEU KA 8 -63.28 -18.28 -69.93
N ALA KA 9 -63.59 -17.03 -69.56
CA ALA KA 9 -62.70 -16.27 -68.71
C ALA KA 9 -62.67 -16.80 -67.28
N GLN KA 10 -63.75 -17.47 -66.84
CA GLN KA 10 -63.77 -18.06 -65.52
C GLN KA 10 -62.75 -19.17 -65.37
N LYS KA 11 -62.48 -19.93 -66.43
CA LYS KA 11 -61.49 -20.99 -66.36
C LYS KA 11 -60.10 -20.44 -66.05
N TYR KA 12 -59.79 -19.24 -66.56
CA TYR KA 12 -58.47 -18.66 -66.32
C TYR KA 12 -58.43 -17.86 -65.02
N ASN KA 13 -59.53 -17.21 -64.66
CA ASN KA 13 -59.51 -16.35 -63.48
C ASN KA 13 -59.92 -17.09 -62.20
N CYS KA 14 -61.10 -17.69 -62.19
CA CYS KA 14 -61.62 -18.40 -61.03
C CYS KA 14 -61.41 -19.90 -61.20
N ASP KA 15 -62.02 -20.68 -60.31
CA ASP KA 15 -61.96 -22.15 -60.35
C ASP KA 15 -60.53 -22.64 -60.17
N LYS KA 16 -59.85 -22.08 -59.17
CA LYS KA 16 -58.49 -22.48 -58.83
C LYS KA 16 -58.44 -22.94 -57.39
N MET KA 17 -57.44 -23.77 -57.09
CA MET KA 17 -57.21 -24.26 -55.74
C MET KA 17 -56.18 -23.38 -55.05
N ILE KA 18 -56.50 -22.90 -53.86
CA ILE KA 18 -55.59 -22.04 -53.15
C ILE KA 18 -54.96 -22.76 -51.98
N CYS KA 19 -53.63 -22.83 -51.97
CA CYS KA 19 -52.95 -23.52 -50.89
C CYS KA 19 -53.21 -22.68 -49.67
N ARG KA 20 -53.72 -23.30 -48.61
CA ARG KA 20 -54.02 -22.56 -47.38
C ARG KA 20 -52.81 -21.95 -46.69
N LYS KA 21 -51.72 -22.68 -46.61
CA LYS KA 21 -50.51 -22.15 -46.01
C LYS KA 21 -49.83 -21.10 -46.86
N CYS KA 22 -49.82 -21.34 -48.16
CA CYS KA 22 -49.09 -20.50 -49.11
C CYS KA 22 -49.83 -19.56 -50.03
N TYR KA 23 -51.16 -19.63 -50.06
CA TYR KA 23 -51.96 -18.76 -50.93
C TYR KA 23 -51.50 -18.79 -52.38
N ALA KA 24 -51.28 -19.97 -52.93
CA ALA KA 24 -50.81 -20.08 -54.31
C ALA KA 24 -51.92 -20.58 -55.23
N ARG KA 25 -52.10 -19.90 -56.35
CA ARG KA 25 -53.15 -20.25 -57.31
C ARG KA 25 -52.76 -21.54 -58.01
N LEU KA 26 -53.28 -22.66 -57.53
CA LEU KA 26 -53.01 -23.94 -58.14
C LEU KA 26 -54.16 -24.35 -59.06
N HIS KA 27 -53.89 -25.34 -59.91
CA HIS KA 27 -54.91 -25.85 -60.81
C HIS KA 27 -55.99 -26.58 -60.02
N PRO KA 28 -57.20 -26.69 -60.57
CA PRO KA 28 -58.29 -27.31 -59.79
C PRO KA 28 -58.02 -28.75 -59.39
N ARG KA 29 -57.23 -29.49 -60.17
CA ARG KA 29 -56.93 -30.88 -59.87
C ARG KA 29 -55.71 -31.04 -58.96
N ALA KA 30 -55.20 -29.94 -58.39
CA ALA KA 30 -54.00 -30.02 -57.58
C ALA KA 30 -54.30 -30.64 -56.22
N VAL KA 31 -53.35 -31.44 -55.73
CA VAL KA 31 -53.44 -32.03 -54.40
C VAL KA 31 -52.35 -31.51 -53.47
N ASN KA 32 -51.18 -31.16 -53.98
CA ASN KA 32 -50.09 -30.64 -53.18
C ASN KA 32 -49.61 -29.32 -53.78
N CYS KA 33 -49.10 -28.44 -52.92
CA CYS KA 33 -48.58 -27.16 -53.39
C CYS KA 33 -47.29 -27.38 -54.18
N ARG KA 34 -47.16 -26.64 -55.29
CA ARG KA 34 -45.97 -26.78 -56.11
C ARG KA 34 -44.79 -26.03 -55.52
N LYS KA 35 -45.05 -25.09 -54.62
CA LYS KA 35 -44.00 -24.23 -54.10
C LYS KA 35 -43.24 -24.91 -52.97
N LYS KA 36 -41.96 -24.56 -52.83
CA LYS KA 36 -41.11 -25.19 -51.83
C LYS KA 36 -41.29 -24.52 -50.46
N LYS KA 37 -41.82 -23.30 -50.43
CA LYS KA 37 -41.94 -22.57 -49.18
C LYS KA 37 -42.83 -23.30 -48.19
N CYS KA 38 -43.87 -23.97 -48.68
CA CYS KA 38 -44.75 -24.73 -47.78
C CYS KA 38 -44.22 -26.15 -47.57
N GLY KA 39 -43.46 -26.66 -48.54
CA GLY KA 39 -43.07 -28.06 -48.50
C GLY KA 39 -44.05 -28.99 -49.17
N HIS KA 40 -44.80 -28.49 -50.14
CA HIS KA 40 -45.78 -29.29 -50.89
C HIS KA 40 -46.85 -29.88 -49.97
N THR KA 41 -47.45 -29.01 -49.17
CA THR KA 41 -48.48 -29.43 -48.23
C THR KA 41 -49.76 -29.81 -48.98
N ASN KA 42 -50.53 -30.72 -48.38
CA ASN KA 42 -51.78 -31.20 -48.96
C ASN KA 42 -53.00 -30.48 -48.39
N ASN KA 43 -52.81 -29.30 -47.81
CA ASN KA 43 -53.90 -28.53 -47.20
C ASN KA 43 -54.30 -27.45 -48.18
N LEU KA 44 -55.31 -27.74 -49.00
CA LEU KA 44 -55.78 -26.82 -50.02
C LEU KA 44 -57.27 -26.54 -49.82
N ARG KA 45 -57.77 -25.55 -50.54
CA ARG KA 45 -59.17 -25.18 -50.53
C ARG KA 45 -59.50 -24.48 -51.84
N PRO KA 46 -60.71 -24.64 -52.35
CA PRO KA 46 -61.07 -24.01 -53.62
C PRO KA 46 -61.23 -22.50 -53.47
N LYS KA 47 -61.11 -21.82 -54.61
CA LYS KA 47 -61.31 -20.38 -54.63
C LYS KA 47 -62.76 -20.04 -54.34
N LYS KA 48 -62.98 -19.16 -53.37
CA LYS KA 48 -64.33 -18.82 -52.94
C LYS KA 48 -65.08 -18.07 -54.01
N LYS KA 49 -66.39 -18.31 -54.08
CA LYS KA 49 -67.26 -17.68 -55.05
C LYS KA 49 -68.10 -16.58 -54.41
N VAL KA 50 -68.76 -15.80 -55.24
CA VAL KA 50 -69.61 -14.72 -54.77
C VAL KA 50 -71.06 -15.17 -54.73
N MET LA 1 -88.60 30.67 20.03
CA MET LA 1 -87.24 30.98 20.45
C MET LA 1 -87.15 32.41 20.97
N ARG LA 2 -86.38 32.60 22.03
CA ARG LA 2 -86.24 33.92 22.62
C ARG LA 2 -85.56 34.88 21.65
N ALA LA 3 -85.97 36.15 21.69
CA ALA LA 3 -85.42 37.14 20.79
C ALA LA 3 -83.94 37.40 21.07
N LYS LA 4 -83.53 37.32 22.33
CA LYS LA 4 -82.11 37.51 22.66
C LYS LA 4 -81.26 36.40 22.06
N TRP LA 5 -81.70 35.14 22.20
CA TRP LA 5 -80.97 34.03 21.60
C TRP LA 5 -81.02 34.09 20.08
N ARG LA 6 -82.13 34.58 19.51
CA ARG LA 6 -82.19 34.77 18.06
C ARG LA 6 -81.17 35.79 17.60
N LYS LA 7 -81.04 36.91 18.31
CA LYS LA 7 -80.05 37.92 17.96
C LYS LA 7 -78.64 37.37 18.10
N LYS LA 8 -78.40 36.57 19.15
CA LYS LA 8 -77.08 35.97 19.33
C LYS LA 8 -76.73 35.03 18.19
N ARG LA 9 -77.68 34.16 17.83
CA ARG LA 9 -77.46 33.23 16.71
C ARG LA 9 -77.27 33.99 15.40
N MET LA 10 -78.01 35.08 15.21
CA MET LA 10 -77.85 35.86 13.99
C MET LA 10 -76.50 36.55 13.93
N ARG LA 11 -76.01 37.06 15.06
CA ARG LA 11 -74.68 37.65 15.08
C ARG LA 11 -73.60 36.61 14.83
N ARG LA 12 -73.79 35.40 15.38
CA ARG LA 12 -72.84 34.32 15.12
C ARG LA 12 -72.80 33.96 13.64
N LEU LA 13 -73.98 33.81 13.03
CA LEU LA 13 -74.04 33.53 11.60
C LEU LA 13 -73.44 34.67 10.79
N LYS LA 14 -73.64 35.91 11.23
CA LYS LA 14 -73.12 37.05 10.51
C LYS LA 14 -71.60 37.09 10.55
N ARG LA 15 -71.01 36.82 11.71
CA ARG LA 15 -69.55 36.80 11.78
C ARG LA 15 -68.96 35.62 11.04
N LYS LA 16 -69.66 34.47 11.05
CA LYS LA 16 -69.21 33.34 10.24
C LYS LA 16 -69.22 33.68 8.76
N ARG LA 17 -70.28 34.32 8.29
CA ARG LA 17 -70.36 34.71 6.90
C ARG LA 17 -69.33 35.78 6.56
N ARG LA 18 -69.04 36.68 7.51
CA ARG LA 18 -68.01 37.69 7.29
C ARG LA 18 -66.64 37.05 7.13
N LYS LA 19 -66.32 36.07 7.98
CA LYS LA 19 -65.06 35.36 7.84
C LYS LA 19 -65.00 34.58 6.53
N MET LA 20 -66.12 33.97 6.14
CA MET LA 20 -66.15 33.24 4.87
C MET LA 20 -65.93 34.17 3.69
N ARG LA 21 -66.49 35.38 3.75
CA ARG LA 21 -66.27 36.36 2.68
C ARG LA 21 -64.83 36.85 2.68
N GLN LA 22 -64.26 37.09 3.86
CA GLN LA 22 -62.88 37.54 3.96
C GLN LA 22 -61.92 36.48 3.45
N ARG LA 23 -62.28 35.20 3.58
CA ARG LA 23 -61.41 34.12 3.10
C ARG LA 23 -61.07 34.28 1.63
N SER LA 24 -61.98 34.84 0.83
CA SER LA 24 -61.75 35.09 -0.59
C SER LA 24 -61.41 36.55 -0.87
N LYS LA 25 -60.90 37.26 0.12
CA LYS LA 25 -60.52 38.68 -0.01
C LYS LA 25 -61.70 39.57 -0.40
N VAL MA 1 -42.97 -34.28 41.73
CA VAL MA 1 -43.28 -35.67 41.96
C VAL MA 1 -43.68 -35.91 43.42
N ASN MA 2 -44.03 -37.13 43.75
CA ASN MA 2 -44.38 -37.52 45.10
C ASN MA 2 -43.39 -38.57 45.59
N VAL MA 3 -42.93 -38.41 46.83
CA VAL MA 3 -41.95 -39.33 47.41
C VAL MA 3 -42.45 -39.76 48.78
N PRO MA 4 -41.99 -40.91 49.27
CA PRO MA 4 -42.33 -41.31 50.63
C PRO MA 4 -41.48 -40.60 51.66
N LYS MA 5 -42.06 -40.40 52.85
CA LYS MA 5 -41.35 -39.70 53.91
C LYS MA 5 -40.29 -40.58 54.58
N THR MA 6 -40.51 -41.89 54.59
CA THR MA 6 -39.61 -42.84 55.25
C THR MA 6 -39.39 -44.04 54.34
N ARG MA 7 -38.14 -44.46 54.22
CA ARG MA 7 -37.79 -45.61 53.38
C ARG MA 7 -36.55 -46.27 53.94
N ARG MA 8 -36.54 -47.60 53.95
CA ARG MA 8 -35.39 -48.33 54.46
C ARG MA 8 -34.36 -48.47 53.34
N THR MA 9 -33.20 -47.84 53.53
CA THR MA 9 -32.17 -47.77 52.51
C THR MA 9 -30.84 -48.12 53.15
N PHE MA 10 -29.88 -48.52 52.31
CA PHE MA 10 -28.56 -48.90 52.79
C PHE MA 10 -27.90 -47.73 53.50
N CYS MA 11 -27.36 -47.99 54.70
CA CYS MA 11 -26.67 -46.99 55.48
C CYS MA 11 -25.17 -47.15 55.30
N LYS MA 12 -24.49 -46.04 55.01
CA LYS MA 12 -23.05 -46.09 54.77
C LYS MA 12 -22.27 -46.36 56.05
N LYS MA 13 -22.79 -45.92 57.20
CA LYS MA 13 -22.04 -46.03 58.45
C LYS MA 13 -22.00 -47.47 58.94
N CYS MA 14 -23.16 -48.05 59.23
CA CYS MA 14 -23.23 -49.41 59.75
C CYS MA 14 -23.21 -50.49 58.67
N GLY MA 15 -23.39 -50.11 57.41
CA GLY MA 15 -23.38 -51.09 56.34
C GLY MA 15 -24.57 -52.02 56.33
N LYS MA 16 -25.77 -51.48 56.54
CA LYS MA 16 -26.96 -52.30 56.59
C LYS MA 16 -28.16 -51.44 56.24
N HIS MA 17 -29.20 -52.08 55.69
CA HIS MA 17 -30.41 -51.38 55.30
C HIS MA 17 -31.16 -50.91 56.54
N GLN MA 18 -31.13 -49.60 56.80
CA GLN MA 18 -31.82 -49.01 57.93
C GLN MA 18 -32.89 -48.05 57.44
N PRO MA 19 -33.99 -47.87 58.19
CA PRO MA 19 -35.05 -46.96 57.75
C PRO MA 19 -34.62 -45.51 57.92
N HIS MA 20 -34.35 -44.84 56.81
CA HIS MA 20 -34.03 -43.43 56.80
C HIS MA 20 -35.30 -42.60 56.61
N LYS MA 21 -35.24 -41.36 57.07
CA LYS MA 21 -36.33 -40.41 56.96
C LYS MA 21 -35.96 -39.37 55.91
N VAL MA 22 -36.80 -39.23 54.89
CA VAL MA 22 -36.54 -38.35 53.76
C VAL MA 22 -37.10 -36.96 54.07
N THR MA 23 -36.28 -35.93 53.90
CA THR MA 23 -36.70 -34.55 54.06
C THR MA 23 -36.16 -33.72 52.92
N GLN MA 24 -36.63 -32.48 52.84
CA GLN MA 24 -36.22 -31.57 51.77
C GLN MA 24 -34.87 -30.94 52.10
N TYR MA 25 -34.05 -30.76 51.07
CA TYR MA 25 -32.74 -30.15 51.21
C TYR MA 25 -32.83 -28.66 50.98
N LYS MA 26 -32.27 -27.88 51.90
CA LYS MA 26 -32.23 -26.43 51.80
C LYS MA 26 -30.78 -25.97 51.79
N LYS MA 27 -30.42 -25.19 50.78
CA LYS MA 27 -29.06 -24.69 50.67
C LYS MA 27 -28.77 -23.70 51.80
N GLY MA 28 -27.80 -24.06 52.64
CA GLY MA 28 -27.46 -23.20 53.76
C GLY MA 28 -26.84 -21.89 53.31
N LYS MA 29 -26.98 -20.88 54.16
CA LYS MA 29 -26.43 -19.56 53.84
C LYS MA 29 -24.90 -19.60 53.84
N ASP MA 30 -24.30 -18.86 52.92
CA ASP MA 30 -22.85 -18.80 52.81
C ASP MA 30 -22.32 -17.82 53.85
N SER MA 31 -21.74 -18.36 54.92
CA SER MA 31 -21.20 -17.52 55.98
C SER MA 31 -19.93 -16.80 55.51
N LEU MA 32 -19.57 -15.77 56.25
CA LEU MA 32 -18.36 -15.00 55.95
C LEU MA 32 -17.13 -15.80 56.36
N TYR MA 33 -15.96 -15.25 56.00
CA TYR MA 33 -14.67 -15.87 56.33
C TYR MA 33 -14.57 -17.29 55.78
N ALA MA 34 -14.97 -17.46 54.53
CA ALA MA 34 -14.99 -18.77 53.89
C ALA MA 34 -13.84 -18.98 52.91
N GLN MA 35 -12.86 -18.08 52.89
CA GLN MA 35 -11.69 -18.11 52.02
C GLN MA 35 -12.03 -17.89 50.54
N GLY MA 36 -13.31 -17.83 50.20
CA GLY MA 36 -13.71 -17.39 48.88
C GLY MA 36 -14.39 -16.05 48.98
N LYS MA 37 -15.23 -15.88 50.01
CA LYS MA 37 -15.87 -14.61 50.26
C LYS MA 37 -14.87 -13.55 50.71
N ARG MA 38 -13.86 -13.96 51.48
CA ARG MA 38 -12.82 -13.01 51.87
C ARG MA 38 -12.02 -12.53 50.67
N ARG MA 39 -11.65 -13.45 49.78
CA ARG MA 39 -10.94 -13.06 48.57
C ARG MA 39 -11.81 -12.16 47.68
N TYR MA 40 -13.10 -12.50 47.55
CA TYR MA 40 -14.00 -11.68 46.76
C TYR MA 40 -14.13 -10.28 47.34
N ASP MA 41 -14.23 -10.18 48.67
CA ASP MA 41 -14.35 -8.88 49.31
C ASP MA 41 -13.08 -8.06 49.15
N ARG MA 42 -11.91 -8.70 49.32
CA ARG MA 42 -10.65 -7.98 49.14
C ARG MA 42 -10.45 -7.55 47.70
N LYS MA 43 -10.97 -8.31 46.75
CA LYS MA 43 -10.86 -7.94 45.34
C LYS MA 43 -11.83 -6.82 44.99
N GLN MA 44 -13.04 -6.84 45.56
CA GLN MA 44 -14.01 -5.80 45.26
C GLN MA 44 -13.68 -4.50 45.97
N SER MA 45 -12.98 -4.56 47.10
CA SER MA 45 -12.59 -3.35 47.80
C SER MA 45 -11.56 -2.59 46.98
N GLY MA 46 -11.82 -1.30 46.75
CA GLY MA 46 -10.94 -0.48 45.95
C GLY MA 46 -11.68 0.28 44.87
N TYR MA 47 -10.97 0.64 43.80
CA TYR MA 47 -11.56 1.39 42.70
C TYR MA 47 -11.63 0.58 41.41
N GLY MA 48 -11.46 -0.74 41.49
CA GLY MA 48 -11.53 -1.57 40.31
C GLY MA 48 -12.94 -1.61 39.73
N GLY MA 49 -13.87 -2.22 40.46
CA GLY MA 49 -15.25 -2.27 40.03
C GLY MA 49 -15.66 -3.58 39.41
N GLN MA 50 -16.33 -4.42 40.18
CA GLN MA 50 -16.87 -5.70 39.71
C GLN MA 50 -15.80 -6.57 39.06
N THR MA 51 -14.84 -6.98 39.89
CA THR MA 51 -13.76 -7.84 39.40
C THR MA 51 -14.29 -9.17 38.88
N LYS MA 52 -15.20 -9.79 39.63
CA LYS MA 52 -15.78 -11.06 39.22
C LYS MA 52 -17.11 -10.83 38.49
N PRO MA 53 -17.44 -11.64 37.50
CA PRO MA 53 -18.64 -11.42 36.71
C PRO MA 53 -19.89 -11.97 37.39
N ILE MA 54 -21.02 -11.34 37.07
CA ILE MA 54 -22.34 -11.82 37.49
C ILE MA 54 -22.96 -12.56 36.31
N PHE MA 55 -23.52 -13.73 36.59
CA PHE MA 55 -24.05 -14.57 35.52
C PHE MA 55 -25.40 -14.04 35.04
N ARG MA 56 -25.53 -13.88 33.73
CA ARG MA 56 -26.77 -13.49 33.08
C ARG MA 56 -27.22 -14.62 32.16
N LYS MA 57 -28.30 -14.38 31.41
CA LYS MA 57 -28.83 -15.33 30.44
C LYS MA 57 -29.21 -16.65 31.11
N LYS MA 58 -30.16 -16.57 32.04
CA LYS MA 58 -30.67 -17.76 32.70
C LYS MA 58 -31.54 -18.56 31.76
N ALA MA 59 -31.29 -19.86 31.66
CA ALA MA 59 -32.03 -20.74 30.77
C ALA MA 59 -32.70 -21.90 31.48
N LYS MA 60 -32.06 -22.50 32.48
CA LYS MA 60 -32.65 -23.61 33.20
C LYS MA 60 -33.85 -23.15 34.01
N THR MA 61 -34.99 -23.81 33.80
CA THR MA 61 -36.21 -23.42 34.49
C THR MA 61 -36.22 -23.91 35.93
N THR MA 62 -35.95 -25.20 36.14
CA THR MA 62 -35.99 -25.81 37.47
C THR MA 62 -34.65 -26.44 37.79
N LYS MA 63 -34.45 -26.74 39.07
CA LYS MA 63 -33.23 -27.34 39.56
C LYS MA 63 -33.42 -28.84 39.79
N LYS MA 64 -32.34 -29.51 40.17
CA LYS MA 64 -32.39 -30.92 40.53
C LYS MA 64 -32.79 -31.07 41.99
N ILE MA 65 -33.71 -31.98 42.26
CA ILE MA 65 -34.24 -32.18 43.60
C ILE MA 65 -33.40 -33.22 44.34
N VAL MA 66 -32.88 -32.84 45.50
CA VAL MA 66 -32.08 -33.73 46.33
C VAL MA 66 -32.75 -33.89 47.68
N LEU MA 67 -32.61 -35.09 48.24
CA LEU MA 67 -33.25 -35.46 49.49
C LEU MA 67 -32.20 -35.80 50.54
N ARG MA 68 -32.49 -35.41 51.78
CA ARG MA 68 -31.61 -35.69 52.91
C ARG MA 68 -32.13 -36.92 53.65
N LEU MA 69 -31.41 -38.03 53.52
CA LEU MA 69 -31.77 -39.29 54.17
C LEU MA 69 -31.03 -39.34 55.50
N GLU MA 70 -31.79 -39.39 56.59
CA GLU MA 70 -31.25 -39.45 57.94
C GLU MA 70 -31.67 -40.76 58.60
N CYS MA 71 -30.71 -41.50 59.11
CA CYS MA 71 -30.98 -42.81 59.70
C CYS MA 71 -31.61 -42.63 61.09
N VAL MA 72 -32.71 -43.34 61.33
CA VAL MA 72 -33.44 -43.21 62.59
C VAL MA 72 -32.88 -44.10 63.69
N GLU MA 73 -31.92 -44.97 63.38
CA GLU MA 73 -31.32 -45.81 64.40
C GLU MA 73 -30.57 -44.95 65.41
N PRO MA 74 -30.73 -45.19 66.71
CA PRO MA 74 -30.02 -44.37 67.70
C PRO MA 74 -28.51 -44.50 67.57
N ASN MA 75 -27.82 -43.51 68.11
CA ASN MA 75 -26.36 -43.39 68.10
C ASN MA 75 -25.75 -43.66 66.72
N CYS MA 76 -26.52 -43.41 65.66
CA CYS MA 76 -26.00 -43.51 64.29
C CYS MA 76 -25.99 -42.15 63.59
N ARG MA 77 -27.14 -41.49 63.50
CA ARG MA 77 -27.24 -40.13 62.96
C ARG MA 77 -26.54 -39.99 61.60
N SER MA 78 -26.64 -41.04 60.78
CA SER MA 78 -26.02 -41.03 59.46
C SER MA 78 -26.89 -40.25 58.49
N LYS MA 79 -26.31 -39.24 57.84
CA LYS MA 79 -27.02 -38.40 56.90
C LYS MA 79 -26.38 -38.51 55.53
N ARG MA 80 -27.21 -38.53 54.49
CA ARG MA 80 -26.72 -38.64 53.12
C ARG MA 80 -27.62 -37.83 52.21
N MET MA 81 -27.10 -37.53 51.02
CA MET MA 81 -27.82 -36.80 49.98
C MET MA 81 -28.11 -37.73 48.81
N LEU MA 82 -29.36 -37.72 48.34
CA LEU MA 82 -29.78 -38.53 47.22
C LEU MA 82 -30.44 -37.64 46.17
N ALA MA 83 -29.87 -37.61 44.97
CA ALA MA 83 -30.33 -36.74 43.90
C ALA MA 83 -31.33 -37.46 43.02
N ILE MA 84 -32.26 -36.70 42.43
CA ILE MA 84 -33.23 -37.23 41.49
C ILE MA 84 -33.19 -36.34 40.24
N LYS MA 85 -33.81 -36.83 39.17
CA LYS MA 85 -33.86 -36.09 37.92
C LYS MA 85 -34.60 -34.76 38.11
N ARG MA 86 -34.44 -33.89 37.12
CA ARG MA 86 -35.03 -32.55 37.19
C ARG MA 86 -36.56 -32.65 37.19
N CYS MA 87 -37.19 -31.73 37.93
CA CYS MA 87 -38.64 -31.68 38.00
C CYS MA 87 -39.08 -30.26 38.31
N LYS MA 88 -40.24 -29.88 37.76
CA LYS MA 88 -40.77 -28.54 38.01
C LYS MA 88 -41.53 -28.48 39.32
N HIS MA 89 -42.41 -29.44 39.57
CA HIS MA 89 -43.20 -29.52 40.79
C HIS MA 89 -42.73 -30.71 41.62
N PHE MA 90 -42.51 -30.48 42.91
CA PHE MA 90 -42.06 -31.52 43.82
C PHE MA 90 -42.87 -31.44 45.10
N GLU MA 91 -43.27 -32.61 45.61
CA GLU MA 91 -44.09 -32.69 46.81
C GLU MA 91 -43.49 -33.74 47.74
N LEU MA 92 -43.25 -33.37 49.00
CA LEU MA 92 -42.52 -34.23 49.91
C LEU MA 92 -43.39 -35.38 50.43
N GLY MA 93 -44.57 -35.05 50.96
CA GLY MA 93 -45.42 -36.08 51.54
C GLY MA 93 -46.89 -35.95 51.17
N GLY MA 94 -47.47 -37.02 50.64
CA GLY MA 94 -48.87 -36.99 50.25
C GLY MA 94 -49.45 -38.38 50.16
N ASP MA 95 -50.77 -38.41 50.01
CA ASP MA 95 -51.47 -39.69 49.88
C ASP MA 95 -51.13 -40.36 48.55
N LYS MA 96 -51.19 -41.68 48.55
CA LYS MA 96 -50.90 -42.45 47.35
C LYS MA 96 -52.12 -42.49 46.43
N LYS MA 97 -51.88 -42.28 45.14
CA LYS MA 97 -52.95 -42.35 44.16
C LYS MA 97 -53.35 -43.80 43.91
N ARG MA 98 -54.63 -44.01 43.60
CA ARG MA 98 -55.17 -45.34 43.40
C ARG MA 98 -55.86 -45.40 42.04
N LYS MA 99 -56.43 -46.57 41.74
CA LYS MA 99 -57.14 -46.81 40.50
C LYS MA 99 -58.59 -47.14 40.80
N GLY MA 100 -59.47 -46.81 39.86
CA GLY MA 100 -60.90 -46.92 40.11
C GLY MA 100 -61.33 -45.96 41.20
N GLN MA 101 -60.87 -44.73 41.11
CA GLN MA 101 -61.04 -43.75 42.17
C GLN MA 101 -62.30 -42.92 41.97
N VAL MA 102 -62.41 -41.83 42.72
CA VAL MA 102 -63.59 -40.98 42.76
C VAL MA 102 -63.26 -39.63 42.12
N ILE MA 103 -62.36 -39.66 41.13
CA ILE MA 103 -61.79 -38.45 40.53
C ILE MA 103 -62.84 -37.58 39.85
N GLN MA 104 -64.09 -38.00 39.89
CA GLN MA 104 -65.21 -37.24 39.34
C GLN MA 104 -65.16 -35.78 39.79
N PHE MA 105 -65.06 -34.87 38.82
CA PHE MA 105 -64.93 -33.45 39.11
C PHE MA 105 -66.28 -32.85 39.50
N ALA NA 1 -52.06 71.60 8.43
CA ALA NA 1 -51.71 70.61 7.42
C ALA NA 1 -51.63 69.21 8.03
N LYS NA 2 -52.78 68.55 8.14
CA LYS NA 2 -52.82 67.20 8.69
C LYS NA 2 -52.16 66.24 7.72
N ARG NA 3 -51.04 65.66 8.13
CA ARG NA 3 -50.27 64.75 7.28
C ARG NA 3 -50.54 63.28 7.56
N THR NA 4 -50.88 62.93 8.80
CA THR NA 4 -51.18 61.56 9.18
C THR NA 4 -52.58 61.48 9.75
N LYS NA 5 -53.23 60.33 9.57
CA LYS NA 5 -54.60 60.15 10.03
C LYS NA 5 -54.63 59.82 11.52
N LYS NA 6 -54.03 58.69 11.90
CA LYS NA 6 -54.04 58.22 13.28
C LYS NA 6 -52.66 58.16 13.91
N VAL NA 7 -51.65 57.74 13.17
CA VAL NA 7 -50.30 57.58 13.71
C VAL NA 7 -49.69 58.95 13.95
N GLY NA 8 -48.92 59.06 15.04
CA GLY NA 8 -48.32 60.34 15.39
C GLY NA 8 -46.80 60.33 15.36
N ILE NA 9 -46.18 60.39 16.54
CA ILE NA 9 -44.72 60.42 16.62
C ILE NA 9 -44.13 59.08 16.15
N VAL NA 10 -44.88 57.99 16.28
CA VAL NA 10 -44.37 56.67 15.94
C VAL NA 10 -44.49 56.43 14.45
N GLY NA 11 -44.85 57.48 13.69
CA GLY NA 11 -44.81 57.39 12.24
C GLY NA 11 -43.42 57.26 11.67
N LYS NA 12 -42.38 57.52 12.48
CA LYS NA 12 -41.02 57.36 12.00
C LYS NA 12 -40.66 55.89 11.81
N TYR NA 13 -41.31 54.99 12.56
CA TYR NA 13 -41.01 53.57 12.43
C TYR NA 13 -41.47 53.03 11.09
N GLY NA 14 -42.61 53.49 10.60
CA GLY NA 14 -43.11 53.08 9.29
C GLY NA 14 -44.11 51.94 9.41
N THR NA 15 -43.95 50.93 8.54
CA THR NA 15 -44.86 49.79 8.51
C THR NA 15 -44.37 48.62 9.35
N ARG NA 16 -43.17 48.71 9.93
CA ARG NA 16 -42.62 47.59 10.67
C ARG NA 16 -43.08 47.64 12.13
N TYR NA 17 -42.66 46.64 12.90
CA TYR NA 17 -42.85 46.53 14.34
C TYR NA 17 -44.31 46.32 14.74
N GLY NA 18 -45.21 46.06 13.79
CA GLY NA 18 -46.59 45.82 14.10
C GLY NA 18 -47.38 47.09 14.36
N ALA NA 19 -48.65 46.90 14.70
CA ALA NA 19 -49.57 48.00 14.95
C ALA NA 19 -49.81 48.25 16.44
N SER NA 20 -50.11 47.19 17.19
CA SER NA 20 -50.37 47.36 18.62
C SER NA 20 -49.13 47.79 19.38
N LEU NA 21 -47.95 47.34 18.96
CA LEU NA 21 -46.72 47.78 19.61
C LEU NA 21 -46.50 49.27 19.42
N ARG NA 22 -46.72 49.77 18.20
CA ARG NA 22 -46.61 51.20 17.96
C ARG NA 22 -47.66 51.98 18.73
N LYS NA 23 -48.89 51.45 18.77
CA LYS NA 23 -49.96 52.12 19.53
C LYS NA 23 -49.63 52.19 21.01
N MET NA 24 -48.97 51.17 21.54
CA MET NA 24 -48.62 51.15 22.96
C MET NA 24 -47.41 52.03 23.26
N VAL NA 25 -46.44 52.11 22.35
CA VAL NA 25 -45.26 52.93 22.61
C VAL NA 25 -45.55 54.41 22.35
N LYS NA 26 -46.58 54.73 21.56
CA LYS NA 26 -46.89 56.12 21.26
C LYS NA 26 -47.31 56.88 22.52
N LYS NA 27 -48.03 56.21 23.42
CA LYS NA 27 -48.52 56.87 24.62
C LYS NA 27 -47.38 57.47 25.44
N ILE NA 28 -46.27 56.75 25.55
CA ILE NA 28 -45.12 57.25 26.30
C ILE NA 28 -44.13 58.02 25.41
N GLU NA 29 -44.18 57.80 24.09
CA GLU NA 29 -43.39 58.64 23.19
C GLU NA 29 -43.90 60.07 23.20
N ILE NA 30 -45.20 60.26 23.45
CA ILE NA 30 -45.74 61.60 23.61
C ILE NA 30 -45.18 62.27 24.86
N SER NA 31 -45.03 61.50 25.94
CA SER NA 31 -44.71 62.09 27.23
C SER NA 31 -43.21 62.29 27.42
N GLN NA 32 -42.40 61.31 27.03
CA GLN NA 32 -40.97 61.38 27.33
C GLN NA 32 -40.27 62.49 26.57
N HIS NA 33 -40.86 63.01 25.49
CA HIS NA 33 -40.26 64.08 24.73
C HIS NA 33 -40.93 65.43 24.91
N ALA NA 34 -42.13 65.47 25.49
CA ALA NA 34 -42.81 66.74 25.71
C ALA NA 34 -42.18 67.47 26.89
N LYS NA 35 -42.05 68.79 26.75
CA LYS NA 35 -41.50 69.60 27.84
C LYS NA 35 -42.52 69.78 28.95
N TYR NA 36 -42.05 69.79 30.18
CA TYR NA 36 -42.90 69.94 31.35
C TYR NA 36 -42.61 71.26 32.05
N THR NA 37 -43.58 71.70 32.84
CA THR NA 37 -43.43 72.93 33.61
C THR NA 37 -42.55 72.68 34.83
N CYS NA 38 -41.46 73.45 34.94
CA CYS NA 38 -40.56 73.29 36.06
C CYS NA 38 -41.23 73.71 37.36
N SER NA 39 -41.24 72.81 38.34
CA SER NA 39 -41.85 73.11 39.63
C SER NA 39 -41.05 74.11 40.44
N PHE NA 40 -39.86 74.49 39.98
CA PHE NA 40 -39.02 75.45 40.68
C PHE NA 40 -38.89 76.77 39.92
N CYS NA 41 -38.64 76.71 38.61
CA CYS NA 41 -38.53 77.92 37.81
C CYS NA 41 -39.91 78.45 37.42
N GLY NA 42 -40.71 77.60 36.79
CA GLY NA 42 -42.02 78.00 36.30
C GLY NA 42 -42.15 78.01 34.79
N LYS NA 43 -41.15 77.52 34.06
CA LYS NA 43 -41.16 77.51 32.60
C LYS NA 43 -41.30 76.08 32.10
N THR NA 44 -41.73 75.96 30.84
CA THR NA 44 -41.92 74.65 30.21
C THR NA 44 -40.61 74.17 29.60
N LYS NA 45 -39.60 74.02 30.46
CA LYS NA 45 -38.28 73.52 30.08
C LYS NA 45 -37.89 72.43 31.06
N MET NA 46 -38.31 71.20 30.79
CA MET NA 46 -37.99 70.05 31.62
C MET NA 46 -37.65 68.84 30.75
N LYS NA 47 -36.85 69.06 29.72
CA LYS NA 47 -36.43 67.97 28.86
C LYS NA 47 -35.61 66.96 29.65
N ARG NA 48 -35.91 65.68 29.48
CA ARG NA 48 -35.19 64.63 30.19
C ARG NA 48 -33.82 64.41 29.57
N ARG NA 49 -32.83 64.21 30.44
CA ARG NA 49 -31.46 63.96 30.00
C ARG NA 49 -31.21 62.47 29.79
N ALA NA 50 -31.60 61.64 30.76
CA ALA NA 50 -31.43 60.20 30.69
C ALA NA 50 -32.65 59.55 31.33
N VAL NA 51 -32.53 58.25 31.62
CA VAL NA 51 -33.64 57.51 32.20
C VAL NA 51 -33.86 58.00 33.63
N GLY NA 52 -34.97 58.69 33.85
CA GLY NA 52 -35.31 59.16 35.18
C GLY NA 52 -34.64 60.44 35.60
N ILE NA 53 -33.89 61.09 34.73
CA ILE NA 53 -33.18 62.33 35.05
C ILE NA 53 -33.82 63.45 34.25
N TRP NA 54 -34.33 64.47 34.95
CA TRP NA 54 -35.00 65.60 34.29
C TRP NA 54 -34.36 66.89 34.77
N HIS NA 55 -33.70 67.61 33.87
CA HIS NA 55 -33.03 68.85 34.21
C HIS NA 55 -33.68 70.00 33.45
N CYS NA 56 -33.74 71.16 34.10
CA CYS NA 56 -34.32 72.36 33.52
C CYS NA 56 -33.27 73.14 32.74
N GLY NA 57 -33.74 74.01 31.86
CA GLY NA 57 -32.85 74.79 31.04
C GLY NA 57 -32.57 76.18 31.60
N SER NA 58 -33.32 76.57 32.62
CA SER NA 58 -33.18 77.90 33.19
C SER NA 58 -32.27 77.90 34.41
N CYS NA 59 -32.62 77.13 35.44
CA CYS NA 59 -31.81 77.03 36.65
C CYS NA 59 -31.01 75.75 36.72
N MET NA 60 -31.25 74.80 35.81
CA MET NA 60 -30.54 73.52 35.78
C MET NA 60 -30.66 72.76 37.09
N LYS NA 61 -31.81 72.86 37.75
CA LYS NA 61 -32.08 72.10 38.97
C LYS NA 61 -32.58 70.73 38.55
N THR NA 62 -31.67 69.75 38.54
CA THR NA 62 -31.99 68.41 38.06
C THR NA 62 -32.74 67.63 39.13
N VAL NA 63 -33.72 66.84 38.70
CA VAL NA 63 -34.58 66.08 39.59
C VAL NA 63 -34.66 64.64 39.09
N ALA NA 64 -34.74 63.70 40.03
CA ALA NA 64 -34.92 62.30 39.71
C ALA NA 64 -36.40 61.94 39.75
N GLY NA 65 -36.92 61.48 38.62
CA GLY NA 65 -38.33 61.13 38.51
C GLY NA 65 -38.55 59.84 37.74
N GLY NA 66 -39.70 59.74 37.08
CA GLY NA 66 -40.03 58.54 36.33
C GLY NA 66 -39.19 58.39 35.08
N ALA NA 67 -39.25 57.18 34.52
CA ALA NA 67 -38.46 56.88 33.33
C ALA NA 67 -39.04 57.50 32.07
N TRP NA 68 -40.37 57.59 31.98
CA TRP NA 68 -41.03 58.16 30.81
C TRP NA 68 -41.87 59.39 31.12
N THR NA 69 -42.14 59.67 32.39
CA THR NA 69 -42.89 60.85 32.80
C THR NA 69 -42.13 61.57 33.92
N TYR NA 70 -42.52 62.82 34.17
CA TYR NA 70 -41.87 63.61 35.20
C TYR NA 70 -42.12 63.03 36.58
N ASN NA 71 -43.31 62.47 36.80
CA ASN NA 71 -43.66 61.84 38.07
C ASN NA 71 -44.58 60.66 37.79
N THR NA 72 -44.49 59.65 38.65
CA THR NA 72 -45.30 58.45 38.49
C THR NA 72 -46.46 58.45 39.48
N THR NA 73 -47.60 57.90 39.02
CA THR NA 73 -48.78 57.83 39.86
C THR NA 73 -48.57 56.98 41.10
N SER NA 74 -47.60 56.06 41.07
CA SER NA 74 -47.26 55.31 42.28
C SER NA 74 -46.46 56.16 43.26
N ALA NA 75 -45.47 56.90 42.76
CA ALA NA 75 -44.68 57.74 43.65
C ALA NA 75 -45.51 58.87 44.23
N VAL NA 76 -46.54 59.33 43.51
CA VAL NA 76 -47.41 60.36 44.05
C VAL NA 76 -48.10 59.87 45.33
N THR NA 77 -48.74 58.70 45.25
CA THR NA 77 -49.42 58.19 46.43
C THR NA 77 -48.42 57.74 47.50
N VAL NA 78 -47.21 57.35 47.09
CA VAL NA 78 -46.18 57.03 48.08
C VAL NA 78 -45.79 58.27 48.87
N LYS NA 79 -45.60 59.40 48.18
CA LYS NA 79 -45.30 60.65 48.87
C LYS NA 79 -46.47 61.08 49.75
N SER NA 80 -47.70 60.89 49.27
CA SER NA 80 -48.87 61.23 50.08
C SER NA 80 -48.92 60.41 51.36
N ALA NA 81 -48.68 59.10 51.25
CA ALA NA 81 -48.68 58.24 52.44
C ALA NA 81 -47.52 58.57 53.36
N ILE NA 82 -46.37 58.96 52.80
CA ILE NA 82 -45.23 59.34 53.63
C ILE NA 82 -45.56 60.59 54.43
N ARG NA 83 -46.16 61.59 53.78
CA ARG NA 83 -46.58 62.80 54.49
C ARG NA 83 -47.61 62.47 55.56
N ARG NA 84 -48.57 61.60 55.24
CA ARG NA 84 -49.59 61.24 56.20
C ARG NA 84 -48.98 60.56 57.43
N LEU NA 85 -48.06 59.63 57.22
CA LEU NA 85 -47.40 58.96 58.32
C LEU NA 85 -46.53 59.92 59.13
N LYS NA 86 -45.95 60.91 58.47
CA LYS NA 86 -45.16 61.91 59.20
C LYS NA 86 -46.04 62.76 60.09
N GLU NA 87 -47.20 63.20 59.59
CA GLU NA 87 -48.07 64.03 60.40
C GLU NA 87 -48.80 63.24 61.48
N LEU NA 88 -49.04 61.95 61.26
CA LEU NA 88 -49.72 61.13 62.27
C LEU NA 88 -48.78 60.72 63.38
N LYS NA 89 -49.17 61.03 64.62
CA LYS NA 89 -48.44 60.64 65.82
C LYS NA 89 -47.00 61.15 65.83
N ASP NA 90 -46.79 62.31 65.23
CA ASP NA 90 -45.50 63.02 65.27
C ASP NA 90 -44.37 62.13 64.74
N GLN NA 91 -44.49 61.78 63.47
CA GLN NA 91 -43.47 60.98 62.77
C GLN NA 91 -43.26 59.62 63.44
N SER OA 1 26.79 57.50 -21.61
CA SER OA 1 25.55 57.58 -22.37
C SER OA 1 24.34 57.35 -21.47
N MET OA 2 24.60 57.19 -20.18
CA MET OA 2 23.55 56.98 -19.18
C MET OA 2 23.21 58.33 -18.57
N LEU OA 3 22.11 58.94 -19.03
CA LEU OA 3 21.68 60.24 -18.55
C LEU OA 3 20.54 60.12 -17.54
N ARG OA 4 20.35 58.94 -16.94
CA ARG OA 4 19.30 58.79 -15.94
C ARG OA 4 19.56 59.66 -14.72
N LEU OA 5 20.81 59.67 -14.24
CA LEU OA 5 21.15 60.49 -13.08
C LEU OA 5 20.94 61.97 -13.37
N GLN OA 6 21.36 62.43 -14.55
CA GLN OA 6 21.20 63.84 -14.89
C GLN OA 6 19.73 64.21 -15.05
N LYS OA 7 18.94 63.32 -15.67
CA LYS OA 7 17.52 63.59 -15.84
C LYS OA 7 16.80 63.62 -14.49
N ARG OA 8 17.20 62.75 -13.56
CA ARG OA 8 16.61 62.77 -12.23
C ARG OA 8 17.03 63.99 -11.44
N LEU OA 9 18.27 64.44 -11.62
CA LEU OA 9 18.79 65.51 -10.77
C LEU OA 9 18.34 66.89 -11.27
N ALA OA 10 18.24 67.06 -12.60
CA ALA OA 10 17.77 68.33 -13.13
C ALA OA 10 16.31 68.59 -12.76
N SER OA 11 15.50 67.53 -12.65
CA SER OA 11 14.12 67.72 -12.23
C SER OA 11 14.05 68.24 -10.80
N SER OA 12 14.84 67.65 -9.90
CA SER OA 12 14.88 68.13 -8.53
C SER OA 12 15.48 69.52 -8.41
N VAL OA 13 16.36 69.89 -9.35
CA VAL OA 13 16.93 71.24 -9.33
C VAL OA 13 15.89 72.25 -9.77
N LEU OA 14 15.24 72.00 -10.91
CA LEU OA 14 14.23 72.92 -11.44
C LEU OA 14 12.92 72.86 -10.67
N ARG OA 15 12.76 71.91 -9.75
CA ARG OA 15 11.54 71.78 -8.95
C ARG OA 15 10.33 71.53 -9.85
N CYS OA 16 10.47 70.58 -10.76
CA CYS OA 16 9.40 70.21 -11.68
C CYS OA 16 9.43 68.69 -11.85
N GLY OA 17 8.68 68.20 -12.84
CA GLY OA 17 8.62 66.77 -13.08
C GLY OA 17 9.72 66.29 -14.00
N LYS OA 18 9.86 64.96 -14.07
CA LYS OA 18 10.87 64.37 -14.93
C LYS OA 18 10.54 64.52 -16.40
N LYS OA 19 9.25 64.68 -16.74
CA LYS OA 19 8.85 64.83 -18.13
C LYS OA 19 9.08 66.24 -18.66
N LYS OA 20 9.23 67.23 -17.77
CA LYS OA 20 9.41 68.61 -18.20
C LYS OA 20 10.87 68.99 -18.40
N VAL OA 21 11.80 68.07 -18.18
CA VAL OA 21 13.22 68.36 -18.36
C VAL OA 21 13.60 68.04 -19.79
N TRP OA 22 14.17 69.02 -20.50
CA TRP OA 22 14.61 68.83 -21.87
C TRP OA 22 16.13 68.92 -21.94
N LEU OA 23 16.74 67.89 -22.52
CA LEU OA 23 18.18 67.79 -22.66
C LEU OA 23 18.57 68.05 -24.11
N ASP OA 24 19.70 68.71 -24.31
CA ASP OA 24 20.21 68.91 -25.65
C ASP OA 24 20.72 67.59 -26.20
N PRO OA 25 20.15 67.04 -27.28
CA PRO OA 25 20.61 65.74 -27.78
C PRO OA 25 22.00 65.78 -28.37
N ASN OA 26 22.43 66.92 -28.90
CA ASN OA 26 23.74 67.00 -29.54
C ASN OA 26 24.87 67.10 -28.52
N GLU OA 27 24.59 67.59 -27.32
CA GLU OA 27 25.59 67.74 -26.26
C GLU OA 27 25.49 66.62 -25.23
N THR OA 28 25.15 65.41 -25.67
CA THR OA 28 25.00 64.29 -24.73
C THR OA 28 26.32 63.95 -24.04
N ASN OA 29 27.43 64.02 -24.79
CA ASN OA 29 28.72 63.74 -24.18
C ASN OA 29 29.11 64.79 -23.16
N GLU OA 30 28.65 66.04 -23.35
CA GLU OA 30 28.90 67.07 -22.35
C GLU OA 30 27.99 66.94 -21.15
N ILE OA 31 26.76 66.47 -21.35
CA ILE OA 31 25.85 66.26 -20.22
C ILE OA 31 26.32 65.07 -19.38
N ALA OA 32 26.86 64.03 -20.02
CA ALA OA 32 27.30 62.85 -19.29
C ALA OA 32 28.43 63.15 -18.31
N ASN OA 33 29.21 64.21 -18.56
CA ASN OA 33 30.29 64.56 -17.64
C ASN OA 33 29.78 65.20 -16.36
N ALA OA 34 28.52 65.63 -16.33
CA ALA OA 34 27.95 66.26 -15.15
C ALA OA 34 27.62 65.19 -14.11
N ASN OA 35 28.05 65.42 -12.87
CA ASN OA 35 27.77 64.49 -11.79
C ASN OA 35 27.37 65.19 -10.50
N SER OA 36 27.12 66.50 -10.53
CA SER OA 36 26.80 67.26 -9.33
C SER OA 36 25.67 68.23 -9.62
N ARG OA 37 24.96 68.62 -8.55
CA ARG OA 37 23.89 69.60 -8.70
C ARG OA 37 24.43 70.95 -9.14
N GLN OA 38 25.66 71.30 -8.72
CA GLN OA 38 26.27 72.53 -9.20
C GLN OA 38 26.51 72.48 -10.70
N GLN OA 39 27.01 71.34 -11.20
CA GLN OA 39 27.20 71.17 -12.63
C GLN OA 39 25.88 71.23 -13.38
N ILE OA 40 24.83 70.63 -12.79
CA ILE OA 40 23.51 70.68 -13.43
C ILE OA 40 22.99 72.11 -13.49
N ARG OA 41 23.19 72.88 -12.42
CA ARG OA 41 22.76 74.28 -12.43
C ARG OA 41 23.54 75.09 -13.46
N LYS OA 42 24.85 74.82 -13.58
CA LYS OA 42 25.65 75.51 -14.59
C LYS OA 42 25.16 75.18 -15.99
N LEU OA 43 24.87 73.91 -16.25
CA LEU OA 43 24.37 73.54 -17.57
C LEU OA 43 22.99 74.12 -17.84
N ILE OA 44 22.15 74.24 -16.81
CA ILE OA 44 20.83 74.86 -16.98
C ILE OA 44 20.99 76.34 -17.32
N LYS OA 45 21.87 77.03 -16.59
CA LYS OA 45 22.14 78.43 -16.89
C LYS OA 45 22.73 78.60 -18.28
N ASP OA 46 23.51 77.62 -18.75
CA ASP OA 46 24.06 77.68 -20.10
C ASP OA 46 22.96 77.52 -21.14
N GLY OA 47 22.15 76.46 -21.03
CA GLY OA 47 21.05 76.26 -21.94
C GLY OA 47 20.93 74.85 -22.47
N LEU OA 48 21.78 73.93 -21.99
CA LEU OA 48 21.72 72.56 -22.44
C LEU OA 48 20.57 71.79 -21.78
N ILE OA 49 20.24 72.13 -20.54
CA ILE OA 49 19.12 71.53 -19.82
C ILE OA 49 18.11 72.64 -19.56
N ILE OA 50 16.92 72.50 -20.14
CA ILE OA 50 15.90 73.53 -20.01
C ILE OA 50 14.60 72.91 -19.49
N ARG OA 51 13.67 73.78 -19.12
CA ARG OA 51 12.37 73.36 -18.63
C ARG OA 51 11.32 73.65 -19.70
N LYS OA 52 10.64 72.60 -20.17
CA LYS OA 52 9.62 72.76 -21.18
C LYS OA 52 8.35 73.35 -20.58
N PRO OA 53 7.60 74.13 -21.36
CA PRO OA 53 6.38 74.75 -20.84
C PRO OA 53 5.29 73.72 -20.61
N VAL OA 54 4.34 74.09 -19.76
CA VAL OA 54 3.22 73.21 -19.44
C VAL OA 54 2.33 73.05 -20.67
N THR OA 55 1.85 71.83 -20.89
CA THR OA 55 0.95 71.55 -22.00
C THR OA 55 -0.29 72.41 -21.90
N VAL OA 56 -0.73 72.94 -23.04
CA VAL OA 56 -1.84 73.89 -23.05
C VAL OA 56 -3.13 73.19 -22.68
N HIS OA 57 -3.90 73.81 -21.79
CA HIS OA 57 -5.24 73.35 -21.42
C HIS OA 57 -6.16 74.56 -21.56
N SER OA 58 -6.67 74.78 -22.77
CA SER OA 58 -7.44 75.97 -23.06
C SER OA 58 -8.81 75.91 -22.40
N ARG OA 59 -9.27 77.06 -21.90
CA ARG OA 59 -10.59 77.19 -21.29
C ARG OA 59 -11.51 78.08 -22.10
N ALA OA 60 -11.16 78.36 -23.36
CA ALA OA 60 -11.97 79.26 -24.17
C ALA OA 60 -13.33 78.65 -24.48
N ARG OA 61 -13.35 77.37 -24.87
CA ARG OA 61 -14.62 76.71 -25.14
C ARG OA 61 -15.45 76.59 -23.87
N CYS OA 62 -14.80 76.35 -22.74
CA CYS OA 62 -15.52 76.31 -21.46
C CYS OA 62 -16.16 77.66 -21.15
N ARG OA 63 -15.42 78.75 -21.35
CA ARG OA 63 -15.97 80.07 -21.06
C ARG OA 63 -17.10 80.42 -22.02
N LYS OA 64 -16.98 80.01 -23.29
CA LYS OA 64 -18.06 80.25 -24.24
C LYS OA 64 -19.31 79.45 -23.86
N ASN OA 65 -19.13 78.20 -23.44
CA ASN OA 65 -20.27 77.40 -23.00
C ASN OA 65 -20.90 77.98 -21.74
N THR OA 66 -20.08 78.53 -20.86
CA THR OA 66 -20.62 79.17 -19.65
C THR OA 66 -21.42 80.42 -20.00
N LEU OA 67 -20.92 81.20 -20.98
CA LEU OA 67 -21.68 82.34 -21.46
C LEU OA 67 -23.01 81.90 -22.07
N ALA OA 68 -23.00 80.78 -22.79
CA ALA OA 68 -24.24 80.25 -23.35
C ALA OA 68 -25.21 79.82 -22.26
N ARG OA 69 -24.69 79.18 -21.20
CA ARG OA 69 -25.54 78.80 -20.08
C ARG OA 69 -26.14 80.03 -19.41
N ARG OA 70 -25.34 81.07 -19.21
CA ARG OA 70 -25.84 82.32 -18.65
C ARG OA 70 -26.91 82.93 -19.52
N LYS OA 71 -26.75 82.89 -20.84
CA LYS OA 71 -27.78 83.38 -21.76
C LYS OA 71 -29.01 82.49 -21.80
N GLY OA 72 -28.88 81.22 -21.38
CA GLY OA 72 -30.01 80.32 -21.32
C GLY OA 72 -29.90 79.10 -22.21
N ARG OA 73 -28.81 78.95 -22.95
CA ARG OA 73 -28.66 77.82 -23.87
C ARG OA 73 -28.19 76.58 -23.12
N HIS OA 74 -28.50 75.42 -23.70
CA HIS OA 74 -28.14 74.12 -23.14
C HIS OA 74 -28.68 73.94 -21.73
N MET OA 75 -29.87 74.49 -21.46
CA MET OA 75 -30.50 74.39 -20.15
C MET OA 75 -31.92 73.85 -20.24
N GLY OA 76 -32.29 73.26 -21.37
CA GLY OA 76 -33.63 72.75 -21.55
C GLY OA 76 -33.87 71.48 -20.73
N ILE OA 77 -35.02 70.86 -21.00
CA ILE OA 77 -35.39 69.65 -20.28
C ILE OA 77 -34.52 68.48 -20.71
N GLY OA 78 -34.00 68.51 -21.93
CA GLY OA 78 -33.19 67.42 -22.45
C GLY OA 78 -31.79 67.33 -21.90
N LYS OA 79 -31.33 68.34 -21.17
CA LYS OA 79 -30.00 68.33 -20.57
C LYS OA 79 -30.05 68.38 -19.05
N ARG OA 80 -31.16 67.96 -18.46
CA ARG OA 80 -31.30 67.87 -17.02
C ARG OA 80 -31.29 66.40 -16.62
N LYS OA 81 -30.36 66.04 -15.73
CA LYS OA 81 -30.24 64.67 -15.25
C LYS OA 81 -30.51 64.53 -13.77
N GLY OA 82 -30.67 65.63 -13.04
CA GLY OA 82 -31.00 65.58 -11.63
C GLY OA 82 -32.35 66.18 -11.32
N THR OA 83 -32.89 65.88 -10.15
CA THR OA 83 -34.19 66.41 -9.77
C THR OA 83 -34.14 67.93 -9.62
N ALA OA 84 -35.32 68.54 -9.57
CA ALA OA 84 -35.39 69.98 -9.37
C ALA OA 84 -34.83 70.38 -8.02
N ASN OA 85 -35.16 69.62 -6.97
CA ASN OA 85 -34.62 69.87 -5.64
C ASN OA 85 -33.13 69.60 -5.54
N ALA OA 86 -32.56 68.85 -6.49
CA ALA OA 86 -31.13 68.64 -6.54
C ALA OA 86 -30.41 69.74 -7.31
N ARG OA 87 -31.03 70.24 -8.39
CA ARG OA 87 -30.44 71.33 -9.14
C ARG OA 87 -30.51 72.64 -8.37
N MET OA 88 -31.62 72.87 -7.66
CA MET OA 88 -31.78 74.06 -6.83
C MET OA 88 -32.54 73.66 -5.57
N PRO OA 89 -31.86 73.58 -4.43
CA PRO OA 89 -32.51 73.11 -3.21
C PRO OA 89 -33.64 74.01 -2.76
N GLU OA 90 -34.80 73.41 -2.51
CA GLU OA 90 -35.94 74.16 -1.97
C GLU OA 90 -35.59 74.79 -0.64
N LYS OA 91 -34.75 74.13 0.17
CA LYS OA 91 -34.36 74.70 1.45
C LYS OA 91 -33.60 76.02 1.28
N VAL OA 92 -32.63 76.05 0.36
CA VAL OA 92 -31.84 77.27 0.20
C VAL OA 92 -32.67 78.34 -0.51
N THR OA 93 -33.58 77.95 -1.41
CA THR OA 93 -34.47 78.95 -2.01
C THR OA 93 -35.35 79.59 -0.94
N TRP OA 94 -35.88 78.77 -0.02
CA TRP OA 94 -36.65 79.29 1.09
C TRP OA 94 -35.81 80.18 1.99
N MET OA 95 -34.56 79.78 2.23
CA MET OA 95 -33.66 80.61 3.05
C MET OA 95 -33.46 81.99 2.43
N ARG OA 96 -33.16 82.03 1.13
CA ARG OA 96 -32.97 83.31 0.46
C ARG OA 96 -34.24 84.15 0.48
N ARG OA 97 -35.37 83.55 0.09
CA ARG OA 97 -36.63 84.29 0.05
C ARG OA 97 -37.02 84.80 1.43
N MET OA 98 -36.69 84.06 2.49
CA MET OA 98 -37.02 84.50 3.84
C MET OA 98 -36.09 85.61 4.31
N ARG OA 99 -34.78 85.47 4.07
CA ARG OA 99 -33.84 86.48 4.50
C ARG OA 99 -34.09 87.81 3.80
N ILE OA 100 -34.38 87.78 2.50
CA ILE OA 100 -34.66 89.01 1.76
C ILE OA 100 -35.82 89.76 2.40
N LEU OA 101 -36.95 89.08 2.56
CA LEU OA 101 -38.14 89.74 3.10
C LEU OA 101 -37.93 90.16 4.54
N ARG OA 102 -37.18 89.38 5.32
CA ARG OA 102 -36.99 89.73 6.72
C ARG OA 102 -36.13 90.97 6.89
N ARG OA 103 -35.04 91.09 6.12
CA ARG OA 103 -34.24 92.30 6.25
C ARG OA 103 -34.93 93.49 5.58
N LEU OA 104 -35.74 93.26 4.55
CA LEU OA 104 -36.54 94.35 3.99
C LEU OA 104 -37.52 94.88 5.02
N LEU OA 105 -38.17 93.98 5.77
CA LEU OA 105 -39.09 94.41 6.82
C LEU OA 105 -38.35 95.10 7.95
N ARG OA 106 -37.15 94.64 8.29
CA ARG OA 106 -36.33 95.34 9.27
C ARG OA 106 -36.04 96.77 8.82
N ARG OA 107 -35.66 96.94 7.55
CA ARG OA 107 -35.38 98.27 7.04
C ARG OA 107 -36.62 99.15 7.06
N TYR OA 108 -37.77 98.61 6.67
CA TYR OA 108 -39.00 99.39 6.70
C TYR OA 108 -39.43 99.76 8.10
N ARG OA 109 -39.20 98.89 9.09
CA ARG OA 109 -39.51 99.26 10.47
C ARG OA 109 -38.55 100.30 11.00
N GLU OA 110 -37.27 100.21 10.63
CA GLU OA 110 -36.29 101.18 11.09
C GLU OA 110 -36.51 102.55 10.46
N SER OA 111 -36.97 102.59 9.22
CA SER OA 111 -37.19 103.84 8.51
C SER OA 111 -38.50 104.52 8.88
N LYS OA 112 -39.12 104.12 9.98
CA LYS OA 112 -40.36 104.70 10.49
C LYS OA 112 -41.51 104.57 9.48
N LYS OA 113 -41.41 103.62 8.54
CA LYS OA 113 -42.48 103.43 7.57
C LYS OA 113 -43.61 102.61 8.16
N ILE OA 114 -43.29 101.68 9.06
CA ILE OA 114 -44.29 100.82 9.71
C ILE OA 114 -43.94 100.72 11.18
N ASP OA 115 -44.95 100.75 12.03
CA ASP OA 115 -44.75 100.61 13.47
C ASP OA 115 -44.50 99.14 13.81
N ARG OA 116 -44.18 98.89 15.08
CA ARG OA 116 -43.89 97.53 15.52
C ARG OA 116 -45.13 96.64 15.55
N HIS OA 117 -46.30 97.20 15.84
CA HIS OA 117 -47.52 96.41 15.87
C HIS OA 117 -47.86 95.85 14.50
N MET OA 118 -47.58 96.60 13.44
CA MET OA 118 -47.73 96.09 12.08
C MET OA 118 -46.54 95.25 11.66
N TYR OA 119 -45.34 95.58 12.17
CA TYR OA 119 -44.15 94.80 11.83
C TYR OA 119 -44.27 93.36 12.29
N HIS OA 120 -44.80 93.14 13.50
CA HIS OA 120 -44.93 91.78 14.00
C HIS OA 120 -45.93 90.98 13.18
N SER OA 121 -47.10 91.55 12.87
CA SER OA 121 -48.09 90.86 12.08
C SER OA 121 -47.60 90.60 10.66
N LEU OA 122 -46.73 91.47 10.13
CA LEU OA 122 -46.16 91.21 8.82
C LEU OA 122 -45.06 90.16 8.88
N TYR OA 123 -44.28 90.13 9.97
CA TYR OA 123 -43.24 89.11 10.12
C TYR OA 123 -43.86 87.73 10.21
N LEU OA 124 -44.95 87.60 10.98
CA LEU OA 124 -45.63 86.30 11.06
C LEU OA 124 -46.21 85.90 9.72
N LYS OA 125 -46.82 86.85 9.00
CA LYS OA 125 -47.41 86.54 7.69
C LYS OA 125 -46.34 86.21 6.66
N VAL OA 126 -45.13 86.74 6.83
CA VAL OA 126 -44.02 86.40 5.92
C VAL OA 126 -43.47 85.02 6.27
N LYS OA 127 -43.33 84.71 7.55
CA LYS OA 127 -42.94 83.36 7.95
C LYS OA 127 -43.93 82.33 7.42
N GLY OA 128 -45.21 82.66 7.45
CA GLY OA 128 -46.20 81.88 6.72
C GLY OA 128 -46.06 82.08 5.22
N ASN OA 129 -46.41 81.05 4.46
CA ASN OA 129 -46.27 81.10 3.01
C ASN OA 129 -47.41 81.95 2.43
N VAL OA 130 -47.22 83.27 2.49
CA VAL OA 130 -48.20 84.22 2.00
C VAL OA 130 -47.62 85.14 0.93
N PHE OA 131 -46.48 85.76 1.21
CA PHE OA 131 -45.83 86.70 0.29
C PHE OA 131 -44.72 85.99 -0.45
N LYS OA 132 -44.71 86.13 -1.77
CA LYS OA 132 -43.74 85.42 -2.59
C LYS OA 132 -42.42 86.18 -2.69
N ASN OA 133 -42.48 87.47 -3.02
CA ASN OA 133 -41.27 88.22 -3.31
C ASN OA 133 -41.42 89.64 -2.76
N LYS OA 134 -40.30 90.37 -2.79
CA LYS OA 134 -40.26 91.73 -2.27
C LYS OA 134 -41.22 92.65 -3.02
N ARG OA 135 -41.45 92.41 -4.31
CA ARG OA 135 -42.34 93.27 -5.09
C ARG OA 135 -43.76 93.23 -4.53
N ILE OA 136 -44.34 92.03 -4.43
CA ILE OA 136 -45.71 91.95 -3.94
C ILE OA 136 -45.76 92.22 -2.44
N LEU OA 137 -44.67 91.99 -1.71
CA LEU OA 137 -44.65 92.38 -0.31
C LEU OA 137 -44.77 93.89 -0.16
N MET OA 138 -44.00 94.65 -0.94
CA MET OA 138 -44.09 96.10 -0.89
C MET OA 138 -45.45 96.58 -1.39
N GLU OA 139 -46.01 95.89 -2.38
CA GLU OA 139 -47.35 96.24 -2.84
C GLU OA 139 -48.37 96.08 -1.73
N HIS OA 140 -48.31 94.96 -0.99
CA HIS OA 140 -49.24 94.75 0.11
C HIS OA 140 -49.02 95.76 1.24
N ILE OA 141 -47.76 96.12 1.49
CA ILE OA 141 -47.48 97.13 2.52
C ILE OA 141 -48.08 98.47 2.13
N HIS OA 142 -47.91 98.87 0.87
CA HIS OA 142 -48.50 100.11 0.39
C HIS OA 142 -50.01 100.06 0.46
N LYS OA 143 -50.61 98.92 0.13
CA LYS OA 143 -52.05 98.77 0.19
C LYS OA 143 -52.55 98.95 1.62
N LEU OA 144 -51.88 98.29 2.58
CA LEU OA 144 -52.29 98.41 3.98
C LEU OA 144 -52.13 99.84 4.49
N LYS OA 145 -51.04 100.50 4.12
CA LYS OA 145 -50.84 101.89 4.54
C LYS OA 145 -51.92 102.79 3.96
N ALA OA 146 -52.30 102.56 2.69
CA ALA OA 146 -53.33 103.37 2.07
C ALA OA 146 -54.68 103.15 2.74
N ASP OA 147 -55.02 101.90 3.04
CA ASP OA 147 -56.30 101.64 3.73
C ASP OA 147 -56.32 102.26 5.11
N LYS OA 148 -55.20 102.17 5.85
CA LYS OA 148 -55.15 102.77 7.17
C LYS OA 148 -55.31 104.28 7.09
N ALA OA 149 -54.63 104.92 6.13
CA ALA OA 149 -54.75 106.36 5.98
C ALA OA 149 -56.17 106.77 5.60
N ARG OA 150 -56.80 106.00 4.71
CA ARG OA 150 -58.17 106.33 4.30
C ARG OA 150 -59.14 106.19 5.46
N LYS OA 151 -59.01 105.12 6.25
CA LYS OA 151 -59.87 104.94 7.42
C LYS OA 151 -59.66 106.06 8.43
N LYS OA 152 -58.39 106.45 8.66
CA LYS OA 152 -58.11 107.53 9.59
C LYS OA 152 -58.70 108.84 9.11
N LEU OA 153 -58.60 109.12 7.81
CA LEU OA 153 -59.15 110.36 7.28
C LEU OA 153 -60.68 110.38 7.37
N LEU OA 154 -61.33 109.26 7.06
CA LEU OA 154 -62.79 109.22 7.18
C LEU OA 154 -63.23 109.36 8.63
N ALA OA 155 -62.52 108.72 9.56
CA ALA OA 155 -62.85 108.88 10.97
C ALA OA 155 -62.66 110.32 11.42
N ASP OA 156 -61.61 110.99 10.95
CA ASP OA 156 -61.38 112.37 11.30
C ASP OA 156 -62.46 113.28 10.72
N GLN OA 157 -62.92 112.99 9.50
CA GLN OA 157 -63.99 113.78 8.91
C GLN OA 157 -65.30 113.61 9.67
N ALA OA 158 -65.61 112.37 10.07
CA ALA OA 158 -66.81 112.13 10.86
C ALA OA 158 -66.73 112.84 12.20
N GLU OA 159 -65.58 112.77 12.86
CA GLU OA 159 -65.42 113.47 14.14
C GLU OA 159 -65.48 114.98 13.96
N ALA OA 160 -64.98 115.50 12.85
CA ALA OA 160 -65.06 116.93 12.59
C ALA OA 160 -66.49 117.38 12.38
N ARG OA 161 -67.28 116.59 11.64
CA ARG OA 161 -68.69 116.92 11.48
C ARG OA 161 -69.43 116.86 12.81
N ARG OA 162 -69.15 115.84 13.62
CA ARG OA 162 -69.78 115.74 14.93
C ARG OA 162 -69.42 116.92 15.81
N SER OA 163 -68.15 117.32 15.82
CA SER OA 163 -67.74 118.47 16.61
C SER OA 163 -68.36 119.77 16.09
N LYS OA 164 -68.48 119.90 14.76
CA LYS OA 164 -69.10 121.09 14.19
C LYS OA 164 -70.55 121.21 14.61
N THR OA 165 -71.28 120.09 14.63
CA THR OA 165 -72.69 120.17 15.03
C THR OA 165 -72.81 120.33 16.55
N LYS OA 166 -71.89 119.76 17.32
CA LYS OA 166 -71.97 119.88 18.78
C LYS OA 166 -71.67 121.30 19.24
N GLU OA 167 -70.58 121.89 18.72
CA GLU OA 167 -70.27 123.27 19.07
C GLU OA 167 -71.33 124.24 18.56
N ALA OA 168 -71.95 123.92 17.42
CA ALA OA 168 -73.05 124.75 16.93
C ALA OA 168 -74.24 124.69 17.87
N ARG OA 169 -74.61 123.49 18.34
CA ARG OA 169 -75.70 123.39 19.31
C ARG OA 169 -75.35 124.10 20.61
N LYS OA 170 -74.09 124.04 21.03
CA LYS OA 170 -73.68 124.72 22.25
C LYS OA 170 -73.79 126.24 22.09
N ARG OA 171 -73.31 126.76 20.96
CA ARG OA 171 -73.44 128.19 20.71
C ARG OA 171 -74.89 128.61 20.60
N ARG OA 172 -75.76 127.74 20.07
CA ARG OA 172 -77.17 128.05 20.00
C ARG OA 172 -77.80 128.09 21.38
N GLU OA 173 -77.44 127.14 22.25
CA GLU OA 173 -78.02 127.11 23.59
C GLU OA 173 -77.46 128.20 24.50
N GLU OA 174 -76.25 128.70 24.24
CA GLU OA 174 -75.76 129.84 25.01
C GLU OA 174 -76.67 131.05 24.85
N ARG OA 175 -77.20 131.27 23.64
CA ARG OA 175 -78.11 132.39 23.42
C ARG OA 175 -79.34 132.27 24.29
N LEU OA 176 -79.95 131.07 24.32
CA LEU OA 176 -81.15 130.87 25.13
C LEU OA 176 -80.83 130.98 26.62
N GLN OA 177 -79.66 130.48 27.04
CA GLN OA 177 -79.28 130.57 28.45
C GLN OA 177 -79.10 132.02 28.87
N ALA OA 178 -78.52 132.84 28.00
CA ALA OA 178 -78.35 134.26 28.32
C ALA OA 178 -79.68 135.01 28.27
N LYS OA 179 -80.57 134.61 27.35
CA LYS OA 179 -81.84 135.31 27.21
C LYS OA 179 -82.77 135.01 28.38
N LYS OA 180 -82.77 133.77 28.88
CA LYS OA 180 -83.63 133.43 30.01
C LYS OA 180 -83.12 134.03 31.31
N GLU OA 181 -81.88 134.53 31.33
CA GLU OA 181 -81.34 135.20 32.51
C GLU OA 181 -81.40 136.72 32.40
N GLU OA 182 -81.38 137.26 31.17
CA GLU OA 182 -81.45 138.71 31.00
C GLU OA 182 -82.77 139.28 31.48
N ILE OA 183 -83.86 138.52 31.35
CA ILE OA 183 -85.17 139.01 31.77
C ILE OA 183 -85.22 139.12 33.29
N ILE OA 184 -84.90 138.05 34.00
CA ILE OA 184 -84.93 138.07 35.46
C ILE OA 184 -83.64 138.66 36.01
N SER PA 1 52.95 -46.81 12.33
CA SER PA 1 51.75 -45.99 12.36
C SER PA 1 51.62 -45.18 11.06
N ALA PA 2 51.40 -45.90 9.96
CA ALA PA 2 51.25 -45.22 8.67
C ALA PA 2 49.82 -44.73 8.46
N HIS PA 3 48.83 -45.59 8.73
CA HIS PA 3 47.45 -45.19 8.52
C HIS PA 3 47.01 -44.12 9.51
N LEU PA 4 47.52 -44.17 10.74
CA LEU PA 4 47.18 -43.14 11.72
C LEU PA 4 47.68 -41.77 11.26
N GLN PA 5 48.87 -41.72 10.66
CA GLN PA 5 49.37 -40.45 10.15
C GLN PA 5 48.67 -40.05 8.85
N TRP PA 6 48.26 -41.02 8.04
CA TRP PA 6 47.56 -40.69 6.81
C TRP PA 6 46.18 -40.13 7.08
N MET PA 7 45.51 -40.61 8.12
CA MET PA 7 44.21 -40.06 8.49
C MET PA 7 44.31 -38.61 8.94
N VAL PA 8 45.50 -38.12 9.24
CA VAL PA 8 45.68 -36.72 9.57
C VAL PA 8 46.21 -35.93 8.38
N VAL PA 9 47.07 -36.54 7.56
CA VAL PA 9 47.69 -35.82 6.45
C VAL PA 9 46.80 -35.74 5.21
N ARG PA 10 45.87 -36.68 5.04
CA ARG PA 10 45.03 -36.71 3.84
C ARG PA 10 44.32 -35.39 3.60
N ASN PA 11 44.06 -34.63 4.66
CA ASN PA 11 43.49 -33.29 4.56
C ASN PA 11 44.14 -32.43 5.64
N CYS PA 12 43.73 -31.16 5.70
CA CYS PA 12 44.20 -30.21 6.70
C CYS PA 12 45.71 -30.16 6.82
N SER PA 13 46.43 -30.54 5.76
CA SER PA 13 47.88 -30.59 5.76
C SER PA 13 48.44 -29.68 4.69
N SER PA 14 49.68 -29.24 4.89
CA SER PA 14 50.36 -28.39 3.93
C SER PA 14 50.78 -29.21 2.72
N PHE PA 15 51.43 -28.55 1.75
CA PHE PA 15 51.94 -29.12 0.51
C PHE PA 15 50.82 -29.55 -0.44
N LEU PA 16 49.56 -29.50 -0.02
CA LEU PA 16 48.45 -30.01 -0.80
C LEU PA 16 47.87 -28.88 -1.65
N ILE PA 17 47.74 -29.11 -2.94
CA ILE PA 17 47.19 -28.12 -3.87
C ILE PA 17 46.11 -28.80 -4.69
N LYS PA 18 44.87 -28.34 -4.55
CA LYS PA 18 43.72 -28.89 -5.29
C LYS PA 18 42.87 -27.76 -5.85
N ARG PA 19 43.53 -26.80 -6.52
CA ARG PA 19 42.80 -25.68 -7.08
C ARG PA 19 41.84 -26.13 -8.17
N ASN PA 20 42.27 -27.05 -9.03
CA ASN PA 20 41.43 -27.61 -10.07
C ASN PA 20 40.81 -28.91 -9.57
N LYS PA 21 40.16 -29.64 -10.49
CA LYS PA 21 39.50 -30.89 -10.12
C LYS PA 21 40.47 -31.97 -9.68
N GLN PA 22 41.77 -31.79 -9.91
CA GLN PA 22 42.78 -32.74 -9.48
C GLN PA 22 43.55 -32.20 -8.29
N THR PA 23 44.01 -33.11 -7.44
CA THR PA 23 44.76 -32.76 -6.25
C THR PA 23 46.19 -33.27 -6.35
N TYR PA 24 47.11 -32.51 -5.76
CA TYR PA 24 48.53 -32.82 -5.81
C TYR PA 24 49.14 -32.70 -4.42
N SER PA 25 49.98 -33.67 -4.06
CA SER PA 25 50.50 -33.77 -2.70
C SER PA 25 51.81 -33.01 -2.54
N THR PA 26 52.70 -33.08 -3.52
CA THR PA 26 53.89 -32.24 -3.62
C THR PA 26 54.73 -32.31 -2.34
N GLU PA 27 55.30 -33.48 -2.10
CA GLU PA 27 56.25 -33.68 -1.02
C GLU PA 27 57.68 -33.64 -1.54
N PRO PA 28 58.65 -33.29 -0.69
CA PRO PA 28 60.05 -33.32 -1.13
C PRO PA 28 60.56 -34.72 -1.44
N ASN PA 29 59.90 -35.76 -0.95
CA ASN PA 29 60.27 -37.15 -1.21
C ASN PA 29 59.01 -37.86 -1.70
N ASN PA 30 58.75 -37.78 -3.01
CA ASN PA 30 57.56 -38.36 -3.59
C ASN PA 30 57.80 -38.55 -5.08
N LEU PA 31 57.34 -39.69 -5.61
CA LEU PA 31 57.57 -40.02 -7.01
C LEU PA 31 56.49 -39.40 -7.92
N LYS PA 32 55.23 -39.78 -7.71
CA LYS PA 32 54.15 -39.22 -8.48
C LYS PA 32 53.60 -37.98 -7.77
N ALA PA 33 52.61 -37.34 -8.39
CA ALA PA 33 52.01 -36.13 -7.83
C ALA PA 33 50.71 -36.40 -7.09
N ARG PA 34 50.16 -37.61 -7.20
CA ARG PA 34 48.88 -37.91 -6.59
C ARG PA 34 48.98 -37.91 -5.07
N ASN PA 35 47.97 -37.34 -4.42
CA ASN PA 35 47.85 -37.35 -2.97
C ASN PA 35 47.20 -38.66 -2.56
N SER PA 36 48.01 -39.69 -2.37
CA SER PA 36 47.51 -41.03 -2.08
C SER PA 36 48.30 -41.63 -0.94
N PHE PA 37 47.75 -42.71 -0.38
CA PHE PA 37 48.42 -43.41 0.72
C PHE PA 37 49.58 -44.24 0.22
N ARG PA 38 49.45 -44.86 -0.94
CA ARG PA 38 50.51 -45.71 -1.48
C ARG PA 38 51.67 -44.93 -2.07
N TYR PA 39 51.53 -43.61 -2.23
CA TYR PA 39 52.58 -42.79 -2.81
C TYR PA 39 53.11 -41.71 -1.89
N ASN PA 40 52.56 -41.57 -0.69
CA ASN PA 40 53.05 -40.59 0.26
C ASN PA 40 54.43 -41.01 0.77
N GLY PA 41 55.33 -40.04 0.88
CA GLY PA 41 56.71 -40.35 1.22
C GLY PA 41 57.14 -39.85 2.58
N LEU PA 42 56.19 -39.40 3.39
CA LEU PA 42 56.51 -38.87 4.71
C LEU PA 42 56.02 -39.73 5.86
N ILE PA 43 55.16 -40.71 5.60
CA ILE PA 43 54.50 -41.47 6.66
C ILE PA 43 54.98 -42.91 6.76
N HIS PA 44 55.69 -43.42 5.76
CA HIS PA 44 56.09 -44.82 5.76
C HIS PA 44 57.49 -45.00 6.35
N ARG PA 45 57.77 -46.22 6.78
CA ARG PA 45 59.10 -46.56 7.29
C ARG PA 45 60.11 -46.83 6.18
N LYS PA 46 59.65 -47.01 4.95
CA LYS PA 46 60.53 -47.21 3.80
C LYS PA 46 60.00 -46.37 2.65
N THR PA 47 60.85 -45.50 2.11
CA THR PA 47 60.44 -44.59 1.04
C THR PA 47 61.58 -44.43 0.05
N VAL PA 48 61.25 -44.46 -1.23
CA VAL PA 48 62.19 -44.26 -2.33
C VAL PA 48 61.81 -42.98 -3.06
N GLY PA 49 62.81 -42.21 -3.48
CA GLY PA 49 62.56 -41.04 -4.28
C GLY PA 49 63.69 -40.72 -5.22
N VAL PA 50 63.39 -40.11 -6.36
CA VAL PA 50 64.42 -39.69 -7.31
C VAL PA 50 64.28 -38.18 -7.53
N GLU PA 51 65.40 -37.56 -7.91
CA GLU PA 51 65.45 -36.12 -8.04
C GLU PA 51 66.54 -35.75 -9.02
N PRO PA 52 66.36 -34.68 -9.80
CA PRO PA 52 67.45 -34.20 -10.65
C PRO PA 52 68.62 -33.70 -9.81
N ALA PA 53 69.84 -34.03 -10.25
CA ALA PA 53 71.03 -33.62 -9.51
C ALA PA 53 71.18 -32.10 -9.52
N ALA PA 54 71.80 -31.59 -8.47
CA ALA PA 54 71.98 -30.14 -8.34
C ALA PA 54 73.09 -29.60 -9.21
N ASP PA 55 74.04 -30.44 -9.64
CA ASP PA 55 75.15 -29.95 -10.45
C ASP PA 55 74.72 -29.66 -11.88
N GLY PA 56 73.80 -30.45 -12.42
CA GLY PA 56 73.33 -30.22 -13.78
C GLY PA 56 73.32 -31.48 -14.63
N LYS PA 57 73.62 -32.63 -14.02
CA LYS PA 57 73.60 -33.90 -14.73
C LYS PA 57 73.59 -35.02 -13.70
N GLY PA 58 72.88 -36.09 -14.02
CA GLY PA 58 72.74 -37.22 -13.14
C GLY PA 58 71.45 -37.17 -12.33
N VAL PA 59 71.19 -38.26 -11.62
CA VAL PA 59 69.98 -38.43 -10.82
C VAL PA 59 70.38 -38.81 -9.40
N VAL PA 60 69.83 -38.11 -8.41
CA VAL PA 60 70.04 -38.45 -7.01
C VAL PA 60 68.86 -39.28 -6.52
N VAL PA 61 69.16 -40.33 -5.78
CA VAL PA 61 68.16 -41.24 -5.24
C VAL PA 61 68.21 -41.15 -3.72
N VAL PA 62 67.06 -40.87 -3.11
CA VAL PA 62 66.93 -40.77 -1.67
C VAL PA 62 66.18 -41.98 -1.17
N MET PA 63 66.76 -42.66 -0.18
CA MET PA 63 66.17 -43.86 0.41
C MET PA 63 66.00 -43.65 1.90
N LYS PA 64 64.87 -44.10 2.44
CA LYS PA 64 64.67 -44.04 3.88
C LYS PA 64 65.51 -45.10 4.57
N ARG PA 65 66.39 -44.64 5.47
CA ARG PA 65 67.35 -45.54 6.10
C ARG PA 65 66.66 -46.58 6.98
N ARG PA 66 65.68 -46.13 7.79
CA ARG PA 66 64.87 -46.99 8.64
C ARG PA 66 65.67 -47.50 9.83
N SER PA 67 66.98 -47.25 9.85
CA SER PA 67 67.80 -47.67 10.98
C SER PA 67 67.47 -46.84 12.22
N GLY PA 68 67.52 -45.53 12.10
CA GLY PA 68 67.11 -44.65 13.17
C GLY PA 68 65.91 -43.80 12.79
N GLN PA 69 64.77 -44.08 13.40
CA GLN PA 69 63.55 -43.33 13.11
C GLN PA 69 63.50 -42.07 13.97
N ARG PA 70 62.61 -41.15 13.58
CA ARG PA 70 62.40 -39.89 14.30
C ARG PA 70 63.67 -39.05 14.35
N LYS PA 71 64.62 -39.32 13.46
CA LYS PA 71 65.89 -38.60 13.38
C LYS PA 71 66.06 -38.12 11.96
N PRO PA 72 65.39 -37.03 11.58
CA PRO PA 72 65.40 -36.60 10.16
C PRO PA 72 66.74 -36.12 9.67
N ALA PA 73 67.76 -36.02 10.52
CA ALA PA 73 69.08 -35.60 10.06
C ALA PA 73 69.73 -36.68 9.21
N THR PA 74 69.71 -37.93 9.69
CA THR PA 74 70.27 -39.06 8.96
C THR PA 74 69.20 -40.08 8.57
N SER PA 75 67.94 -39.68 8.54
CA SER PA 75 66.86 -40.60 8.19
C SER PA 75 66.84 -40.92 6.70
N TYR PA 76 67.53 -40.14 5.88
CA TYR PA 76 67.52 -40.32 4.43
C TYR PA 76 68.95 -40.43 3.92
N VAL PA 77 69.22 -41.47 3.15
CA VAL PA 77 70.51 -41.66 2.49
C VAL PA 77 70.38 -41.26 1.03
N ARG PA 78 71.31 -40.44 0.56
CA ARG PA 78 71.25 -39.87 -0.78
C ARG PA 78 72.44 -40.37 -1.58
N THR PA 79 72.16 -41.02 -2.72
CA THR PA 79 73.19 -41.47 -3.64
C THR PA 79 73.05 -40.75 -4.96
N THR PA 80 74.12 -40.72 -5.75
CA THR PA 80 74.13 -40.04 -7.04
C THR PA 80 74.52 -41.05 -8.12
N ILE PA 81 73.73 -41.09 -9.19
CA ILE PA 81 73.98 -41.99 -10.32
C ILE PA 81 74.11 -41.11 -11.55
N ASN PA 82 75.27 -41.15 -12.19
CA ASN PA 82 75.54 -40.42 -13.42
C ASN PA 82 76.08 -41.40 -14.46
N LYS PA 83 75.17 -42.08 -15.14
CA LYS PA 83 75.54 -43.03 -16.18
C LYS PA 83 74.72 -42.76 -17.43
N ASN PA 84 74.76 -43.69 -18.40
CA ASN PA 84 73.99 -43.52 -19.63
C ASN PA 84 72.50 -43.72 -19.34
N ALA PA 85 71.68 -43.66 -20.37
CA ALA PA 85 70.23 -43.73 -20.19
C ALA PA 85 69.74 -45.09 -19.73
N ARG PA 86 70.56 -46.13 -19.88
CA ARG PA 86 70.16 -47.49 -19.54
C ARG PA 86 70.81 -48.02 -18.27
N ALA PA 87 72.05 -47.62 -17.98
CA ALA PA 87 72.71 -48.10 -16.77
C ALA PA 87 72.02 -47.59 -15.51
N THR PA 88 71.66 -46.31 -15.48
CA THR PA 88 70.89 -45.79 -14.36
C THR PA 88 69.52 -46.44 -14.28
N LEU PA 89 68.88 -46.65 -15.43
CA LEU PA 89 67.56 -47.26 -15.44
C LEU PA 89 67.58 -48.68 -14.91
N SER PA 90 68.66 -49.42 -15.15
CA SER PA 90 68.81 -50.76 -14.60
C SER PA 90 69.24 -50.76 -13.13
N SER PA 91 70.09 -49.81 -12.73
CA SER PA 91 70.52 -49.74 -11.34
C SER PA 91 69.35 -49.38 -10.43
N ILE PA 92 68.51 -48.44 -10.85
CA ILE PA 92 67.35 -48.07 -10.05
C ILE PA 92 66.37 -49.24 -9.95
N ARG PA 93 66.22 -50.02 -11.03
CA ARG PA 93 65.35 -51.18 -10.99
C ARG PA 93 65.89 -52.24 -10.05
N HIS PA 94 67.20 -52.49 -10.08
CA HIS PA 94 67.80 -53.45 -9.16
C HIS PA 94 67.66 -52.99 -7.72
N MET PA 95 67.82 -51.69 -7.46
CA MET PA 95 67.73 -51.14 -6.11
C MET PA 95 66.38 -51.43 -5.46
N ILE PA 96 65.34 -51.69 -6.25
CA ILE PA 96 64.03 -51.99 -5.71
C ILE PA 96 63.67 -53.47 -5.88
N ARG PA 97 64.29 -54.17 -6.83
CA ARG PA 97 63.93 -55.57 -7.05
C ARG PA 97 64.75 -56.51 -6.17
N LYS PA 98 66.06 -56.27 -6.04
CA LYS PA 98 66.89 -57.15 -5.24
C LYS PA 98 66.49 -57.09 -3.76
N ASN PA 99 66.54 -55.91 -3.17
CA ASN PA 99 65.97 -55.73 -1.85
C ASN PA 99 64.45 -55.68 -1.94
N LYS PA 100 63.79 -56.10 -0.87
CA LYS PA 100 62.33 -55.98 -0.82
C LYS PA 100 61.96 -54.51 -0.89
N TYR PA 101 62.29 -53.77 0.16
CA TYR PA 101 62.32 -52.31 0.19
C TYR PA 101 61.21 -51.67 -0.64
N ARG PA 102 59.96 -51.95 -0.23
CA ARG PA 102 58.79 -51.36 -0.88
C ARG PA 102 58.76 -51.73 -2.35
N PRO PA 103 58.46 -53.00 -2.68
CA PRO PA 103 58.56 -53.43 -4.08
C PRO PA 103 57.65 -52.67 -5.03
N ASP PA 104 56.53 -52.15 -4.55
CA ASP PA 104 55.68 -51.32 -5.41
C ASP PA 104 56.36 -49.97 -5.67
N LEU PA 105 55.66 -49.12 -6.44
CA LEU PA 105 56.16 -47.82 -6.90
C LEU PA 105 57.54 -47.92 -7.58
N ARG PA 106 57.95 -49.15 -7.92
CA ARG PA 106 59.16 -49.33 -8.73
C ARG PA 106 58.97 -48.69 -10.10
N MET PA 107 57.83 -48.98 -10.74
CA MET PA 107 57.55 -48.37 -12.03
C MET PA 107 57.42 -46.86 -11.92
N ALA PA 108 56.88 -46.36 -10.80
CA ALA PA 108 56.78 -44.92 -10.61
C ALA PA 108 58.16 -44.28 -10.53
N ALA PA 109 59.06 -44.87 -9.73
CA ALA PA 109 60.42 -44.36 -9.65
C ALA PA 109 61.12 -44.41 -11.01
N ILE PA 110 60.92 -45.51 -11.75
CA ILE PA 110 61.58 -45.64 -13.04
C ILE PA 110 61.05 -44.61 -14.03
N ARG PA 111 59.74 -44.38 -14.03
CA ARG PA 111 59.16 -43.39 -14.94
C ARG PA 111 59.63 -42.00 -14.60
N ARG PA 112 59.69 -41.66 -13.31
CA ARG PA 112 60.19 -40.34 -12.93
C ARG PA 112 61.65 -40.16 -13.29
N ALA PA 113 62.46 -41.20 -13.10
CA ALA PA 113 63.87 -41.11 -13.48
C ALA PA 113 64.03 -40.92 -14.98
N SER PA 114 63.26 -41.66 -15.78
CA SER PA 114 63.32 -41.49 -17.22
C SER PA 114 62.86 -40.10 -17.65
N ALA PA 115 61.82 -39.57 -16.99
CA ALA PA 115 61.30 -38.27 -17.35
C ALA PA 115 62.28 -37.16 -17.00
N ILE PA 116 63.01 -37.30 -15.88
CA ILE PA 116 63.97 -36.26 -15.54
C ILE PA 116 65.23 -36.41 -16.37
N LEU PA 117 65.58 -37.64 -16.79
CA LEU PA 117 66.70 -37.80 -17.72
C LEU PA 117 66.36 -37.20 -19.08
N ARG PA 118 65.10 -37.30 -19.50
CA ARG PA 118 64.70 -36.66 -20.75
C ARG PA 118 64.93 -35.15 -20.71
N SER PA 119 64.70 -34.54 -19.55
CA SER PA 119 64.93 -33.11 -19.41
C SER PA 119 66.40 -32.77 -19.21
N GLN PA 120 67.17 -33.67 -18.60
CA GLN PA 120 68.60 -33.46 -18.45
C GLN PA 120 69.36 -33.65 -19.76
N LYS PA 121 68.78 -34.38 -20.73
CA LYS PA 121 69.47 -34.62 -21.99
C LYS PA 121 69.82 -33.32 -22.73
N PRO PA 122 68.90 -32.36 -22.92
CA PRO PA 122 69.33 -31.14 -23.61
C PRO PA 122 70.34 -30.32 -22.81
N GLN TA 1 49.08 68.87 -36.35
CA GLN TA 1 50.35 68.32 -36.81
C GLN TA 1 51.21 67.91 -35.63
N GLU TA 2 52.51 67.75 -35.85
CA GLU TA 2 53.40 67.39 -34.76
C GLU TA 2 54.69 68.19 -34.83
N GLN TA 3 54.91 69.06 -33.84
CA GLN TA 3 56.14 69.83 -33.77
C GLN TA 3 57.32 68.92 -33.49
N THR TA 4 57.99 68.45 -34.53
CA THR TA 4 59.16 67.59 -34.34
C THR TA 4 60.44 68.39 -34.29
N ILE TA 5 61.57 67.76 -34.62
CA ILE TA 5 62.82 68.50 -34.56
C ILE TA 5 63.34 68.81 -35.96
N ALA TA 6 62.50 68.56 -36.97
CA ALA TA 6 62.90 68.86 -38.35
C ALA TA 6 63.15 70.36 -38.54
N GLU TA 7 62.43 71.20 -37.82
CA GLU TA 7 62.63 72.64 -37.89
C GLU TA 7 63.72 73.06 -36.92
N ASP TA 8 64.17 74.32 -37.05
CA ASP TA 8 65.32 74.79 -36.30
C ASP TA 8 64.94 75.52 -35.02
N LEU TA 9 63.75 76.13 -34.97
CA LEU TA 9 63.36 76.86 -33.77
C LEU TA 9 63.17 75.93 -32.59
N VAL TA 10 62.62 74.73 -32.83
CA VAL TA 10 62.49 73.76 -31.75
C VAL TA 10 63.87 73.30 -31.28
N VAL TA 11 64.83 73.17 -32.19
CA VAL TA 11 66.17 72.76 -31.80
C VAL TA 11 66.83 73.84 -30.95
N THR TA 12 66.68 75.11 -31.34
CA THR TA 12 67.23 76.19 -30.53
C THR TA 12 66.55 76.28 -29.18
N LYS TA 13 65.24 76.03 -29.12
CA LYS TA 13 64.56 76.00 -27.83
C LYS TA 13 65.09 74.87 -26.96
N TYR TA 14 65.39 73.74 -27.56
CA TYR TA 14 65.95 72.64 -26.79
C TYR TA 14 67.33 73.05 -26.27
N LYS TA 15 68.15 73.63 -27.13
CA LYS TA 15 69.48 74.04 -26.69
C LYS TA 15 69.41 75.01 -25.52
N MET TA 16 68.54 76.01 -25.65
CA MET TA 16 68.37 76.98 -24.60
C MET TA 16 67.98 76.29 -23.30
N GLY TA 17 66.93 75.48 -23.38
CA GLY TA 17 66.44 74.79 -22.21
C GLY TA 17 67.50 73.93 -21.55
N GLY TA 18 68.26 73.19 -22.35
CA GLY TA 18 69.33 72.39 -21.79
C GLY TA 18 70.42 73.24 -21.15
N ASP TA 19 70.73 74.38 -21.74
CA ASP TA 19 71.71 75.29 -21.16
C ASP TA 19 71.22 75.82 -19.81
N ILE TA 20 69.96 76.25 -19.74
CA ILE TA 20 69.40 76.74 -18.49
C ILE TA 20 69.43 75.64 -17.43
N ALA TA 21 69.06 74.42 -17.81
CA ALA TA 21 69.05 73.30 -16.88
C ALA TA 21 70.45 73.00 -16.36
N ASN TA 22 71.39 72.84 -17.29
CA ASN TA 22 72.77 72.51 -16.94
C ASN TA 22 73.39 73.64 -16.16
N ARG TA 23 73.16 74.85 -16.63
CA ARG TA 23 73.68 76.05 -16.00
C ARG TA 23 73.27 76.07 -14.53
N VAL TA 24 71.97 75.89 -14.29
CA VAL TA 24 71.42 75.86 -12.95
C VAL TA 24 72.02 74.71 -12.15
N LEU TA 25 71.64 73.48 -12.50
CA LEU TA 25 72.15 72.31 -11.83
C LEU TA 25 73.55 72.56 -11.29
N ARG TA 26 74.41 73.23 -12.08
CA ARG TA 26 75.75 73.56 -11.60
C ARG TA 26 75.69 74.48 -10.39
N SER TA 27 74.80 75.48 -10.44
CA SER TA 27 74.69 76.41 -9.31
C SER TA 27 74.17 75.70 -8.06
N LEU TA 28 73.34 74.67 -8.23
CA LEU TA 28 72.89 73.91 -7.07
C LEU TA 28 73.98 72.98 -6.54
N VAL TA 29 74.78 72.37 -7.41
CA VAL TA 29 75.86 71.51 -6.94
C VAL TA 29 76.91 72.33 -6.20
N GLU TA 30 77.26 73.51 -6.72
CA GLU TA 30 78.28 74.31 -6.04
C GLU TA 30 77.76 74.94 -4.75
N ALA TA 31 76.48 74.76 -4.47
CA ALA TA 31 75.88 75.24 -3.25
C ALA TA 31 75.55 74.08 -2.30
N SER TA 32 75.80 72.86 -2.75
CA SER TA 32 75.52 71.66 -1.97
C SER TA 32 76.75 71.08 -1.27
N SER TA 33 76.81 71.25 0.04
CA SER TA 33 77.93 70.75 0.84
C SER TA 33 77.44 69.94 2.03
N SER TA 34 78.00 70.22 3.19
CA SER TA 34 77.63 69.52 4.42
C SER TA 34 77.25 70.50 5.53
N GLY TA 35 75.97 70.48 5.90
CA GLY TA 35 75.47 71.34 6.95
C GLY TA 35 74.25 72.11 6.49
N VAL TA 36 74.00 72.07 5.18
CA VAL TA 36 72.86 72.78 4.60
C VAL TA 36 71.68 71.84 4.40
N SER TA 37 70.48 72.37 4.62
CA SER TA 37 69.26 71.58 4.50
C SER TA 37 68.94 71.25 3.04
N VAL TA 38 68.00 70.34 2.86
CA VAL TA 38 67.60 69.92 1.52
C VAL TA 38 66.52 70.86 1.00
N LEU TA 39 65.49 71.06 1.81
CA LEU TA 39 64.37 71.92 1.47
C LEU TA 39 64.76 73.28 0.88
N SER TA 40 65.74 73.93 1.52
CA SER TA 40 66.25 75.22 1.12
C SER TA 40 66.77 75.23 -0.30
N LEU TA 41 67.69 74.31 -0.61
CA LEU TA 41 68.28 74.22 -1.94
C LEU TA 41 67.18 74.09 -2.99
N CYS TA 42 66.25 73.16 -2.74
CA CYS TA 42 65.11 72.90 -3.60
C CYS TA 42 64.41 74.20 -3.93
N GLU TA 43 64.06 74.96 -2.90
CA GLU TA 43 63.40 76.25 -3.05
C GLU TA 43 64.20 77.13 -4.00
N LYS TA 44 65.49 77.22 -3.72
CA LYS TA 44 66.40 78.02 -4.52
C LYS TA 44 66.53 77.50 -5.94
N GLY TA 45 66.86 76.22 -6.08
CA GLY TA 45 67.02 75.59 -7.38
C GLY TA 45 65.86 75.83 -8.31
N ASP TA 46 64.66 75.61 -7.80
CA ASP TA 46 63.43 75.82 -8.57
C ASP TA 46 63.26 77.30 -8.86
N ALA TA 47 63.59 78.13 -7.87
CA ALA TA 47 63.50 79.57 -8.02
C ALA TA 47 64.44 80.04 -9.13
N MET TA 48 65.65 79.49 -9.11
CA MET TA 48 66.68 79.80 -10.09
C MET TA 48 66.11 79.66 -11.48
N ILE TA 49 65.54 78.49 -11.77
CA ILE TA 49 64.96 78.21 -13.07
C ILE TA 49 63.94 79.26 -13.55
N MET TA 50 63.09 79.75 -12.65
CA MET TA 50 62.11 80.76 -13.01
C MET TA 50 62.78 81.99 -13.63
N GLU TA 51 63.87 82.44 -13.03
CA GLU TA 51 64.62 83.59 -13.53
C GLU TA 51 65.50 83.28 -14.73
N GLU TA 52 65.70 81.99 -15.00
CA GLU TA 52 66.49 81.55 -16.16
C GLU TA 52 65.56 81.21 -17.33
N THR TA 53 64.27 81.46 -17.12
CA THR TA 53 63.26 81.17 -18.12
C THR TA 53 62.30 82.33 -18.28
N GLY TA 54 62.51 83.39 -17.51
CA GLY TA 54 61.67 84.57 -17.58
C GLY TA 54 62.21 85.57 -18.58
N LYS TA 55 63.37 85.26 -19.17
CA LYS TA 55 64.03 86.11 -20.14
C LYS TA 55 64.04 85.42 -21.50
N ILE TA 56 63.89 84.11 -21.50
CA ILE TA 56 63.90 83.34 -22.73
C ILE TA 56 62.60 83.54 -23.49
N PHE TA 57 62.72 83.74 -24.81
CA PHE TA 57 61.57 83.95 -25.68
C PHE TA 57 60.62 85.01 -25.12
N LYS TA 58 61.13 86.23 -24.96
CA LYS TA 58 60.33 87.32 -24.43
C LYS TA 58 59.17 87.72 -25.31
N LYS TA 59 59.36 87.61 -26.62
CA LYS TA 59 58.33 87.97 -27.58
C LYS TA 59 57.00 87.29 -27.27
N GLU TA 60 57.02 85.96 -27.22
CA GLU TA 60 55.81 85.22 -26.91
C GLU TA 60 55.41 85.45 -25.46
N LYS TA 61 54.58 86.48 -25.26
CA LYS TA 61 54.12 86.86 -23.93
C LYS TA 61 53.63 85.70 -23.06
N GLU TA 62 52.80 84.84 -23.63
CA GLU TA 62 52.24 83.72 -22.89
C GLU TA 62 52.83 82.34 -23.18
N MET TA 63 53.97 82.29 -23.84
CA MET TA 63 54.60 81.00 -24.14
C MET TA 63 54.85 80.25 -22.84
N LYS TA 64 54.34 79.04 -22.75
CA LYS TA 64 54.50 78.23 -21.55
C LYS TA 64 55.95 77.81 -21.33
N LYS TA 65 56.59 78.44 -20.37
CA LYS TA 65 57.98 78.13 -20.04
C LYS TA 65 58.10 78.03 -18.53
N GLY TA 66 57.89 76.84 -17.99
CA GLY TA 66 57.97 76.64 -16.56
C GLY TA 66 58.91 75.54 -16.14
N ILE TA 67 58.99 75.31 -14.83
CA ILE TA 67 59.83 74.26 -14.28
C ILE TA 67 59.46 72.92 -14.90
N ALA TA 68 60.47 72.19 -15.36
CA ALA TA 68 60.25 70.89 -15.97
C ALA TA 68 59.74 69.89 -14.94
N PHE TA 69 60.66 69.44 -14.09
CA PHE TA 69 60.34 68.48 -13.06
C PHE TA 69 61.02 68.95 -11.78
N PRO TA 70 60.21 69.30 -10.77
CA PRO TA 70 60.54 69.80 -9.44
C PRO TA 70 61.90 69.34 -8.93
N THR TA 71 62.79 70.30 -8.68
CA THR TA 71 64.13 70.02 -8.19
C THR TA 71 64.09 69.09 -6.99
N SER TA 72 64.36 67.82 -7.23
CA SER TA 72 64.36 66.84 -6.17
C SER TA 72 65.77 66.52 -5.69
N ILE TA 73 65.93 66.42 -4.37
CA ILE TA 73 67.22 66.12 -3.79
C ILE TA 73 67.11 64.86 -2.94
N SER TA 74 67.60 63.75 -3.50
CA SER TA 74 67.53 62.47 -2.81
C SER TA 74 68.77 62.20 -1.97
N VAL TA 75 68.66 61.24 -1.05
CA VAL TA 75 69.77 60.90 -0.17
C VAL TA 75 69.84 59.42 0.17
N ASN TA 76 70.99 58.81 -0.15
CA ASN TA 76 71.24 57.40 0.14
C ASN TA 76 70.15 56.42 -0.29
N ASN TA 77 69.33 55.99 0.66
CA ASN TA 77 68.26 55.02 0.40
C ASN TA 77 67.27 55.41 -0.70
N CYS TA 78 66.57 56.52 -0.48
CA CYS TA 78 65.58 57.00 -1.44
C CYS TA 78 66.09 57.07 -2.86
N VAL TA 79 65.38 56.41 -3.76
CA VAL TA 79 65.77 56.37 -5.16
C VAL TA 79 65.53 57.70 -5.83
N CYS TA 80 64.27 58.11 -5.92
CA CYS TA 80 63.95 59.36 -6.57
C CYS TA 80 62.59 59.90 -6.13
N HIS TA 81 62.13 60.92 -6.83
CA HIS TA 81 60.85 61.56 -6.53
C HIS TA 81 60.69 61.91 -5.07
N PHE TA 82 61.50 62.84 -4.60
CA PHE TA 82 61.43 63.29 -3.22
C PHE TA 82 61.61 64.78 -3.13
N SER TA 83 60.71 65.43 -2.42
CA SER TA 83 60.76 66.87 -2.24
C SER TA 83 59.96 67.19 -1.00
N PRO TA 84 60.63 67.70 0.03
CA PRO TA 84 59.92 68.04 1.27
C PRO TA 84 59.11 69.30 1.07
N LEU TA 85 58.60 69.83 2.17
CA LEU TA 85 57.81 71.05 2.14
C LEU TA 85 58.26 71.94 3.27
N LYS TA 86 57.52 73.00 3.52
CA LYS TA 86 57.86 73.90 4.62
C LYS TA 86 57.62 73.19 5.93
N SER TA 87 56.57 72.36 5.96
CA SER TA 87 56.20 71.61 7.14
C SER TA 87 57.04 70.35 7.34
N ASP TA 88 56.92 69.42 6.39
CA ASP TA 88 57.62 68.13 6.41
C ASP TA 88 59.08 68.17 6.90
N GLN TA 89 59.41 67.29 7.82
CA GLN TA 89 60.78 67.27 8.34
C GLN TA 89 61.74 67.67 7.24
N ASP TA 90 63.03 67.66 7.54
CA ASP TA 90 64.05 67.99 6.55
C ASP TA 90 65.33 67.25 6.85
N TYR TA 91 65.86 66.62 5.83
CA TYR TA 91 67.09 65.85 5.92
C TYR TA 91 68.25 66.80 5.68
N ILE TA 92 69.24 66.76 6.57
CA ILE TA 92 70.40 67.62 6.45
C ILE TA 92 71.49 66.90 5.68
N LEU TA 93 72.20 67.65 4.85
CA LEU TA 93 73.29 67.12 4.05
C LEU TA 93 74.50 66.85 4.93
N LYS TA 94 74.48 65.70 5.60
CA LYS TA 94 75.58 65.31 6.47
C LYS TA 94 76.71 64.72 5.63
N GLU TA 95 77.96 65.03 5.97
CA GLU TA 95 79.09 64.56 5.17
C GLU TA 95 78.99 63.12 4.68
N GLY TA 96 79.18 62.94 3.38
CA GLY TA 96 79.11 61.62 2.77
C GLY TA 96 77.77 61.33 2.11
N ASP TA 97 76.81 62.23 2.32
CA ASP TA 97 75.48 62.08 1.77
C ASP TA 97 75.47 61.95 0.25
N LEU TA 98 75.31 60.73 -0.26
CA LEU TA 98 75.27 60.52 -1.70
C LEU TA 98 74.05 61.19 -2.30
N VAL TA 99 74.17 62.47 -2.60
CA VAL TA 99 73.08 63.25 -3.16
C VAL TA 99 72.85 62.96 -4.65
N LYS TA 100 71.58 62.86 -5.03
CA LYS TA 100 71.20 62.60 -6.40
C LYS TA 100 70.22 63.69 -6.83
N ILE TA 101 70.73 64.72 -7.51
CA ILE TA 101 69.89 65.83 -7.95
C ILE TA 101 69.14 65.57 -9.25
N ASP TA 102 67.92 66.08 -9.33
CA ASP TA 102 67.07 65.94 -10.52
C ASP TA 102 66.44 67.29 -10.80
N LEU TA 103 66.13 67.54 -12.07
CA LEU TA 103 65.49 68.79 -12.45
C LEU TA 103 65.43 68.91 -13.96
N GLY TA 104 64.34 69.49 -14.45
CA GLY TA 104 64.14 69.67 -15.87
C GLY TA 104 63.10 70.73 -16.15
N VAL TA 105 63.47 71.68 -17.00
CA VAL TA 105 62.60 72.79 -17.34
C VAL TA 105 61.90 72.50 -18.66
N HIS TA 106 60.98 73.39 -19.02
CA HIS TA 106 60.23 73.24 -20.24
C HIS TA 106 60.24 74.59 -20.93
N VAL TA 107 59.98 74.59 -22.23
CA VAL TA 107 59.93 75.82 -22.98
C VAL TA 107 59.14 75.66 -24.26
N ASP TA 108 58.04 76.39 -24.34
CA ASP TA 108 57.18 76.38 -25.52
C ASP TA 108 56.80 74.97 -25.98
N GLY TA 109 56.38 74.13 -25.05
CA GLY TA 109 55.99 72.77 -25.37
C GLY TA 109 57.15 71.82 -25.54
N PHE TA 110 58.33 72.23 -25.07
CA PHE TA 110 59.51 71.39 -25.17
C PHE TA 110 60.26 71.33 -23.85
N ILE TA 111 60.42 70.12 -23.34
CA ILE TA 111 61.09 69.89 -22.07
C ILE TA 111 62.50 69.36 -22.18
N ALA TA 112 63.27 69.61 -21.12
CA ALA TA 112 64.65 69.17 -21.00
C ALA TA 112 64.92 68.92 -19.52
N ASN TA 113 65.26 67.68 -19.18
CA ASN TA 113 65.54 67.30 -17.80
C ASN TA 113 66.97 66.81 -17.67
N VAL TA 114 67.50 66.93 -16.46
CA VAL TA 114 68.88 66.56 -16.17
C VAL TA 114 68.96 66.11 -14.72
N ALA TA 115 69.75 65.07 -14.49
CA ALA TA 115 69.97 64.49 -13.16
C ALA TA 115 71.47 64.34 -12.91
N HIS TA 116 71.89 64.56 -11.67
CA HIS TA 116 73.31 64.47 -11.32
C HIS TA 116 73.50 63.79 -9.97
N THR TA 117 74.62 63.11 -9.80
CA THR TA 117 74.92 62.42 -8.54
C THR TA 117 76.35 62.66 -8.08
N PHE TA 118 76.54 62.80 -6.77
CA PHE TA 118 77.87 63.00 -6.19
C PHE TA 118 77.90 62.68 -4.70
N VAL TA 119 78.99 63.05 -4.02
CA VAL TA 119 79.13 62.81 -2.59
C VAL TA 119 79.63 64.05 -1.86
N ILE TA 120 78.82 64.56 -0.94
CA ILE TA 120 79.14 65.76 -0.16
C ILE TA 120 80.43 65.63 0.65
N GLY TA 121 81.30 66.63 0.54
CA GLY TA 121 82.55 66.62 1.28
C GLY TA 121 83.64 65.77 0.67
N VAL TA 122 84.08 66.11 -0.54
CA VAL TA 122 85.16 65.33 -1.16
C VAL TA 122 86.42 66.17 -1.39
N ALA TA 123 87.34 66.12 -0.42
CA ALA TA 123 88.59 66.87 -0.46
C ALA TA 123 89.31 66.81 -1.79
N GLN TA 124 89.75 67.97 -2.28
CA GLN TA 124 90.46 68.07 -3.56
C GLN TA 124 91.64 67.11 -3.59
N GLY TA 125 91.65 66.22 -4.58
CA GLY TA 125 92.71 65.24 -4.72
C GLY TA 125 92.29 63.93 -4.11
N THR TA 126 91.94 63.96 -2.83
CA THR TA 126 91.51 62.76 -2.12
C THR TA 126 90.35 62.11 -2.85
N GLN TA 127 90.41 60.79 -2.99
CA GLN TA 127 89.37 60.05 -3.67
C GLN TA 127 88.15 59.76 -2.81
N VAL TA 128 87.30 58.89 -3.36
CA VAL TA 128 86.09 58.40 -2.76
C VAL TA 128 86.05 56.92 -3.13
N THR TA 129 85.87 56.04 -2.13
CA THR TA 129 85.87 54.61 -2.38
C THR TA 129 84.55 53.90 -2.14
N GLY TA 130 84.65 52.62 -1.82
CA GLY TA 130 83.50 51.77 -1.56
C GLY TA 130 82.64 51.49 -2.77
N ARG TA 131 81.40 51.05 -2.54
CA ARG TA 131 80.49 50.76 -3.64
C ARG TA 131 79.82 52.06 -4.09
N LYS TA 132 79.84 53.06 -3.23
CA LYS TA 132 79.28 54.37 -3.55
C LYS TA 132 79.98 54.85 -4.79
N ALA TA 133 81.32 54.86 -4.74
CA ALA TA 133 82.11 55.23 -5.90
C ALA TA 133 81.73 54.16 -6.91
N ASP TA 134 81.64 52.92 -6.42
CA ASP TA 134 81.24 51.81 -7.28
C ASP TA 134 79.93 52.13 -7.99
N VAL TA 135 78.89 52.37 -7.21
CA VAL TA 135 77.58 52.66 -7.76
C VAL TA 135 77.67 53.98 -8.49
N ILE TA 136 78.51 54.87 -7.99
CA ILE TA 136 78.70 56.15 -8.62
C ILE TA 136 79.48 55.95 -9.90
N LYS TA 137 80.41 55.01 -9.88
CA LYS TA 137 81.19 54.66 -11.05
C LYS TA 137 80.32 53.71 -11.85
N ALA TA 138 79.67 52.80 -11.14
CA ALA TA 138 78.79 51.81 -11.75
C ALA TA 138 77.76 52.47 -12.65
N ALA TA 139 76.91 53.32 -12.07
CA ALA TA 139 75.86 53.99 -12.82
C ALA TA 139 76.38 54.96 -13.87
N HIS TA 140 77.54 55.55 -13.64
CA HIS TA 140 78.14 56.50 -14.58
C HIS TA 140 78.23 55.90 -15.97
N LEU TA 141 78.76 54.68 -16.05
CA LEU TA 141 78.91 53.95 -17.31
C LEU TA 141 77.59 53.89 -18.06
N CYS TA 142 76.54 53.49 -17.36
CA CYS TA 142 75.19 53.37 -17.93
C CYS TA 142 74.76 54.60 -18.73
N ALA TA 143 74.97 55.79 -18.18
CA ALA TA 143 74.64 57.03 -18.86
C ALA TA 143 75.59 57.23 -20.03
N GLU TA 144 76.84 56.82 -19.86
CA GLU TA 144 77.83 56.95 -20.92
C GLU TA 144 77.51 55.96 -22.05
N ALA TA 145 76.97 54.80 -21.69
CA ALA TA 145 76.62 53.79 -22.66
C ALA TA 145 75.35 54.18 -23.40
N ALA TA 146 74.22 53.75 -22.86
CA ALA TA 146 72.93 54.04 -23.48
C ALA TA 146 73.09 55.25 -24.37
N LEU TA 147 73.83 56.25 -23.86
CA LEU TA 147 74.08 57.48 -24.58
C LEU TA 147 74.64 57.20 -25.97
N ARG TA 148 75.67 56.36 -26.03
CA ARG TA 148 76.27 56.01 -27.30
C ARG TA 148 75.33 55.12 -28.08
N LEU TA 149 74.80 54.10 -27.42
CA LEU TA 149 73.89 53.13 -28.02
C LEU TA 149 72.79 53.74 -28.89
N VAL TA 150 71.86 54.43 -28.24
CA VAL TA 150 70.71 55.05 -28.90
C VAL TA 150 70.95 55.73 -30.25
N LYS TA 151 70.23 55.24 -31.26
CA LYS TA 151 70.27 55.76 -32.63
C LYS TA 151 69.13 55.16 -33.43
N PRO TA 152 68.59 55.91 -34.40
CA PRO TA 152 67.50 55.39 -35.23
C PRO TA 152 67.92 54.13 -35.97
N GLY TA 153 67.25 53.02 -35.65
CA GLY TA 153 67.58 51.74 -36.23
C GLY TA 153 67.73 50.65 -35.20
N ASN TA 154 68.16 51.04 -34.00
CA ASN TA 154 68.33 50.10 -32.90
C ASN TA 154 66.99 49.79 -32.25
N GLN TA 155 67.02 49.12 -31.11
CA GLN TA 155 65.83 48.82 -30.33
C GLN TA 155 66.09 49.18 -28.87
N ASN TA 156 65.08 48.98 -28.03
CA ASN TA 156 65.21 49.26 -26.61
C ASN TA 156 65.71 48.06 -25.82
N THR TA 157 65.54 46.85 -26.36
CA THR TA 157 65.94 45.65 -25.62
C THR TA 157 67.44 45.62 -25.39
N GLN TA 158 68.23 46.02 -26.40
CA GLN TA 158 69.68 46.07 -26.22
C GLN TA 158 70.06 47.08 -25.15
N VAL TA 159 69.35 48.21 -25.10
CA VAL TA 159 69.63 49.23 -24.08
C VAL TA 159 69.29 48.70 -22.70
N THR TA 160 68.22 47.91 -22.58
CA THR TA 160 67.90 47.30 -21.29
C THR TA 160 68.96 46.29 -20.87
N GLU TA 161 69.41 45.44 -21.81
CA GLU TA 161 70.33 44.37 -21.44
C GLU TA 161 71.75 44.90 -21.21
N ALA TA 162 72.10 46.03 -21.81
CA ALA TA 162 73.47 46.54 -21.66
C ALA TA 162 73.75 46.99 -20.24
N TRP TA 163 72.73 47.49 -19.53
CA TRP TA 163 72.95 47.98 -18.17
C TRP TA 163 73.09 46.84 -17.17
N ASN TA 164 72.34 45.76 -17.37
CA ASN TA 164 72.37 44.65 -16.42
C ASN TA 164 73.73 43.97 -16.39
N LYS TA 165 74.42 43.89 -17.54
CA LYS TA 165 75.76 43.30 -17.56
C LYS TA 165 76.71 44.09 -16.69
N VAL TA 166 76.68 45.42 -16.80
CA VAL TA 166 77.49 46.23 -15.91
C VAL TA 166 77.01 45.98 -14.47
N ALA TA 167 75.76 45.55 -14.35
CA ALA TA 167 75.13 45.24 -13.06
C ALA TA 167 75.95 44.25 -12.27
N HIS TA 168 76.25 43.11 -12.89
CA HIS TA 168 77.05 42.09 -12.22
C HIS TA 168 78.51 42.49 -12.16
N SER TA 169 78.94 43.30 -13.14
CA SER TA 169 80.31 43.79 -13.19
C SER TA 169 80.63 44.49 -11.88
N PHE TA 170 79.76 45.41 -11.48
CA PHE TA 170 79.96 46.14 -10.24
C PHE TA 170 79.18 45.53 -9.08
N ASN TA 171 78.61 44.32 -9.24
CA ASN TA 171 77.87 43.79 -8.09
C ASN TA 171 76.75 44.75 -7.68
N CYS TA 172 76.16 45.40 -8.66
CA CYS TA 172 75.05 46.31 -8.46
C CYS TA 172 73.82 45.80 -9.20
N THR TA 173 72.69 46.48 -8.99
CA THR TA 173 71.46 46.10 -9.65
C THR TA 173 70.59 47.35 -9.80
N PRO TA 174 70.15 47.67 -11.01
CA PRO TA 174 69.28 48.84 -11.18
C PRO TA 174 67.91 48.60 -10.58
N ILE TA 175 67.20 49.71 -10.34
CA ILE TA 175 65.88 49.64 -9.72
C ILE TA 175 64.90 49.04 -10.74
N GLU TA 176 64.22 47.97 -10.33
CA GLU TA 176 63.24 47.35 -11.20
C GLU TA 176 62.00 48.23 -11.33
N GLY TA 177 61.40 48.21 -12.52
CA GLY TA 177 60.18 48.95 -12.78
C GLY TA 177 60.38 50.36 -13.29
N MET TA 178 61.60 50.81 -13.48
CA MET TA 178 61.87 52.15 -13.98
C MET TA 178 61.79 52.16 -15.51
N LEU TA 179 61.11 53.19 -16.04
CA LEU TA 179 60.91 53.33 -17.48
C LEU TA 179 61.50 54.65 -17.96
N SER TA 180 61.92 54.66 -19.22
CA SER TA 180 62.44 55.86 -19.88
C SER TA 180 61.43 56.26 -20.94
N HIS TA 181 60.48 57.11 -20.57
CA HIS TA 181 59.38 57.46 -21.44
C HIS TA 181 59.85 58.28 -22.62
N GLN TA 182 59.01 58.35 -23.64
CA GLN TA 182 59.30 59.14 -24.84
C GLN TA 182 58.96 60.60 -24.52
N LEU TA 183 59.72 61.53 -25.08
CA LEU TA 183 59.51 62.95 -24.79
C LEU TA 183 59.21 63.80 -26.02
N LYS TA 184 57.96 64.25 -26.13
CA LYS TA 184 57.54 65.10 -27.25
C LYS TA 184 57.11 66.47 -26.77
N GLN TA 185 56.63 67.29 -27.68
CA GLN TA 185 56.19 68.64 -27.32
C GLN TA 185 55.08 68.60 -26.26
N HIS TA 186 55.36 69.21 -25.11
CA HIS TA 186 54.42 69.28 -23.99
C HIS TA 186 53.87 67.92 -23.56
N VAL TA 187 54.70 66.89 -23.54
CA VAL TA 187 54.29 65.53 -23.17
C VAL TA 187 55.50 64.86 -22.50
N ILE TA 188 55.28 64.17 -21.40
CA ILE TA 188 56.42 63.50 -20.78
C ILE TA 188 56.10 62.02 -20.61
N ASP TA 189 54.81 61.74 -20.49
CA ASP TA 189 54.33 60.38 -20.35
C ASP TA 189 53.95 59.87 -21.73
N GLY TA 190 54.95 59.61 -22.56
CA GLY TA 190 54.73 59.11 -23.91
C GLY TA 190 54.57 57.62 -23.98
N GLU TA 191 54.55 57.08 -25.20
CA GLU TA 191 54.40 55.66 -25.41
C GLU TA 191 55.72 54.90 -25.30
N LYS TA 192 56.64 55.20 -26.21
CA LYS TA 192 57.95 54.54 -26.24
C LYS TA 192 58.63 54.58 -24.88
N THR TA 193 59.06 53.43 -24.39
CA THR TA 193 59.73 53.36 -23.11
C THR TA 193 60.65 52.15 -22.97
N ILE TA 194 61.80 52.36 -22.34
CA ILE TA 194 62.80 51.31 -22.14
C ILE TA 194 62.96 50.98 -20.67
N ILE TA 195 62.54 49.78 -20.28
CA ILE TA 195 62.59 49.36 -18.88
C ILE TA 195 63.95 48.90 -18.35
N GLN TA 196 64.29 49.36 -17.15
CA GLN TA 196 65.55 49.03 -16.48
C GLN TA 196 65.42 47.82 -15.56
N ASN TA 197 65.98 46.69 -15.97
CA ASN TA 197 65.95 45.46 -15.17
C ASN TA 197 64.55 45.10 -14.63
N PRO TA 198 63.62 44.77 -15.53
CA PRO TA 198 62.24 44.38 -15.20
C PRO TA 198 62.16 42.96 -14.63
N THR TA 199 61.00 42.62 -14.08
CA THR TA 199 60.82 41.28 -13.55
C THR TA 199 60.37 40.44 -14.74
N ASP TA 200 59.58 39.42 -14.47
CA ASP TA 200 59.04 38.61 -15.55
C ASP TA 200 57.84 39.37 -16.12
N GLN TA 201 57.19 40.15 -15.27
CA GLN TA 201 56.02 40.93 -15.64
C GLN TA 201 56.38 42.10 -16.55
N GLN TA 202 57.13 43.06 -15.99
CA GLN TA 202 57.54 44.27 -16.69
C GLN TA 202 58.03 44.05 -18.11
N LYS TA 203 58.93 43.09 -18.29
CA LYS TA 203 59.44 42.80 -19.62
C LYS TA 203 58.37 42.17 -20.52
N LYS TA 204 57.45 41.41 -19.92
CA LYS TA 204 56.40 40.77 -20.71
C LYS TA 204 55.22 41.72 -20.97
N ASP TA 205 54.90 42.56 -20.00
CA ASP TA 205 53.83 43.51 -20.17
C ASP TA 205 54.43 44.60 -21.04
N HIS TA 206 55.76 44.66 -21.02
CA HIS TA 206 56.49 45.65 -21.79
C HIS TA 206 56.51 45.28 -23.27
N GLU TA 207 56.54 46.29 -24.13
CA GLU TA 207 56.61 46.06 -25.56
C GLU TA 207 57.92 46.65 -26.09
N LYS TA 208 58.57 45.94 -27.01
CA LYS TA 208 59.83 46.39 -27.59
C LYS TA 208 59.62 47.46 -28.66
N ALA TA 209 60.04 48.68 -28.37
CA ALA TA 209 59.87 49.79 -29.30
C ALA TA 209 61.20 50.47 -29.55
N GLU TA 210 61.49 50.74 -30.82
CA GLU TA 210 62.73 51.38 -31.22
C GLU TA 210 62.49 52.84 -31.58
N PHE TA 211 63.58 53.53 -31.90
CA PHE TA 211 63.48 54.96 -32.19
C PHE TA 211 63.35 55.34 -33.66
N GLU TA 212 63.16 56.62 -33.94
CA GLU TA 212 62.97 57.10 -35.32
C GLU TA 212 63.93 58.23 -35.54
N VAL TA 213 64.19 58.61 -36.78
CA VAL TA 213 65.22 59.63 -37.04
C VAL TA 213 64.99 60.96 -36.33
N HIS TA 214 63.76 61.46 -36.34
CA HIS TA 214 63.49 62.68 -35.59
C HIS TA 214 62.75 62.34 -34.31
N GLU TA 215 63.46 62.29 -33.19
CA GLU TA 215 62.84 62.00 -31.90
C GLU TA 215 63.68 62.51 -30.74
N VAL TA 216 63.05 62.68 -29.58
CA VAL TA 216 63.79 63.12 -28.39
C VAL TA 216 63.48 62.20 -27.22
N TYR TA 217 64.49 61.53 -26.69
CA TYR TA 217 64.29 60.66 -25.53
C TYR TA 217 64.99 61.16 -24.26
N ALA TA 218 64.46 60.74 -23.11
CA ALA TA 218 65.01 61.12 -21.81
C ALA TA 218 65.62 59.86 -21.20
N VAL TA 219 66.91 59.65 -21.46
CA VAL TA 219 67.61 58.45 -20.98
C VAL TA 219 67.90 58.63 -19.51
N ASP TA 220 67.40 57.69 -18.69
CA ASP TA 220 67.63 57.68 -17.26
C ASP TA 220 68.26 56.37 -16.82
N VAL TA 221 69.12 56.44 -15.80
CA VAL TA 221 69.72 55.27 -15.18
C VAL TA 221 69.63 55.46 -13.67
N LEU TA 222 69.13 54.44 -12.97
CA LEU TA 222 69.02 54.44 -11.51
C LEU TA 222 69.60 53.12 -11.01
N VAL TA 223 70.83 53.18 -10.50
CA VAL TA 223 71.53 51.98 -10.06
C VAL TA 223 71.54 51.95 -8.54
N SER TA 224 71.58 50.73 -8.00
CA SER TA 224 71.57 50.51 -6.56
C SER TA 224 72.66 49.51 -6.18
N SER TA 225 73.15 49.63 -4.95
CA SER TA 225 74.20 48.74 -4.47
C SER TA 225 73.65 47.42 -3.95
N GLY TA 226 72.38 47.38 -3.56
CA GLY TA 226 71.77 46.20 -2.99
C GLY TA 226 71.06 45.35 -4.02
N GLU TA 227 69.98 44.69 -3.59
CA GLU TA 227 69.21 43.84 -4.48
C GLU TA 227 68.45 44.65 -5.53
N GLY TA 228 68.04 45.86 -5.18
CA GLY TA 228 67.48 46.78 -6.17
C GLY TA 228 65.98 46.94 -6.16
N LYS TA 229 65.27 46.34 -5.21
CA LYS TA 229 63.82 46.47 -5.12
C LYS TA 229 63.51 47.72 -4.29
N ALA TA 230 62.99 48.76 -4.95
CA ALA TA 230 62.64 49.98 -4.27
C ALA TA 230 61.29 49.83 -3.57
N LYS TA 231 61.21 50.31 -2.34
CA LYS TA 231 60.01 50.17 -1.52
C LYS TA 231 59.53 51.54 -1.07
N ASP TA 232 58.25 51.60 -0.72
CA ASP TA 232 57.65 52.82 -0.20
C ASP TA 232 57.78 52.87 1.32
N ALA TA 233 57.49 54.05 1.87
CA ALA TA 233 57.56 54.26 3.31
C ALA TA 233 56.46 55.23 3.71
N GLY TA 234 56.52 55.72 4.94
CA GLY TA 234 55.55 56.65 5.46
C GLY TA 234 55.68 58.08 4.99
N GLN TA 235 56.64 58.36 4.11
CA GLN TA 235 56.82 59.72 3.61
C GLN TA 235 55.68 60.10 2.69
N ARG TA 236 55.17 61.32 2.87
CA ARG TA 236 54.04 61.78 2.09
C ARG TA 236 54.46 62.09 0.66
N THR TA 237 53.61 61.70 -0.29
CA THR TA 237 53.86 61.95 -1.70
C THR TA 237 53.57 63.42 -2.01
N THR TA 238 54.56 64.10 -2.58
CA THR TA 238 54.43 65.53 -2.88
C THR TA 238 54.29 65.81 -4.37
N ILE TA 239 55.03 65.11 -5.21
CA ILE TA 239 55.01 65.39 -6.64
C ILE TA 239 54.00 64.61 -7.47
N TYR TA 240 53.02 65.33 -7.99
CA TYR TA 240 51.97 64.76 -8.81
C TYR TA 240 52.11 65.23 -10.25
N LYS TA 241 51.20 64.81 -11.11
CA LYS TA 241 51.25 65.19 -12.52
C LYS TA 241 49.90 65.00 -13.18
N ARG TA 242 49.19 66.09 -13.36
CA ARG TA 242 47.88 66.06 -13.99
C ARG TA 242 47.91 65.28 -15.28
N ASP TA 243 46.97 64.37 -15.43
CA ASP TA 243 46.87 63.57 -16.64
C ASP TA 243 45.70 64.09 -17.45
N PRO TA 244 45.99 64.79 -18.54
CA PRO TA 244 44.98 65.40 -19.43
C PRO TA 244 44.20 64.39 -20.24
N SER TA 245 43.32 63.64 -19.59
CA SER TA 245 42.48 62.64 -20.25
C SER TA 245 41.37 62.25 -19.30
N LYS TA 246 41.76 61.64 -18.17
CA LYS TA 246 40.80 61.22 -17.17
C LYS TA 246 40.01 62.43 -16.72
N GLN TA 247 38.73 62.52 -17.08
CA GLN TA 247 37.93 63.68 -16.65
C GLN TA 247 36.96 63.32 -15.53
N TYR TA 248 36.79 64.23 -14.57
CA TYR TA 248 35.90 63.97 -13.45
C TYR TA 248 35.46 65.25 -12.74
N GLY TA 249 34.19 65.61 -12.88
CA GLY TA 249 33.66 66.80 -12.24
C GLY TA 249 33.72 66.64 -10.73
N LEU TA 250 34.69 67.33 -10.14
CA LEU TA 250 34.98 67.30 -8.72
C LEU TA 250 33.82 67.76 -7.86
N LYS TA 251 33.84 67.34 -6.60
CA LYS TA 251 32.82 67.70 -5.65
C LYS TA 251 33.24 68.92 -4.85
N MET TA 252 34.06 68.71 -3.83
CA MET TA 252 34.50 69.83 -2.99
C MET TA 252 34.87 71.06 -3.80
N LYS TA 253 34.72 72.23 -3.21
CA LYS TA 253 35.06 73.47 -3.90
C LYS TA 253 36.56 73.66 -3.84
N THR TA 254 37.18 73.24 -2.75
CA THR TA 254 38.62 73.43 -2.62
C THR TA 254 39.32 72.58 -3.64
N SER TA 255 38.69 71.46 -4.00
CA SER TA 255 39.26 70.58 -5.01
C SER TA 255 39.10 71.28 -6.35
N ARG TA 256 37.95 71.90 -6.56
CA ARG TA 256 37.72 72.61 -7.81
C ARG TA 256 38.77 73.71 -7.90
N ALA TA 257 38.90 74.48 -6.84
CA ALA TA 257 39.87 75.56 -6.81
C ALA TA 257 41.27 75.04 -7.11
N PHE TA 258 41.73 74.09 -6.29
CA PHE TA 258 43.06 73.53 -6.45
C PHE TA 258 43.36 73.03 -7.86
N PHE TA 259 42.44 72.26 -8.44
CA PHE TA 259 42.68 71.74 -9.78
C PHE TA 259 42.75 72.89 -10.74
N SER TA 260 41.63 73.58 -10.94
CA SER TA 260 41.69 74.76 -11.82
C SER TA 260 43.04 75.46 -11.70
N GLU TA 261 43.60 75.50 -10.49
CA GLU TA 261 44.90 76.12 -10.31
C GLU TA 261 46.00 75.33 -11.02
N VAL TA 262 46.01 74.01 -10.84
CA VAL TA 262 47.05 73.17 -11.43
C VAL TA 262 47.17 73.21 -12.94
N GLU TA 263 46.04 73.20 -13.64
CA GLU TA 263 46.06 73.25 -15.10
C GLU TA 263 46.37 74.67 -15.56
N ARG TA 264 46.08 75.64 -14.71
CA ARG TA 264 46.33 77.03 -15.04
C ARG TA 264 47.77 77.45 -14.76
N ARG TA 265 48.51 76.63 -14.03
CA ARG TA 265 49.90 76.97 -13.70
C ARG TA 265 50.93 75.98 -14.21
N PHE TA 266 50.93 74.77 -13.66
CA PHE TA 266 51.90 73.75 -14.05
C PHE TA 266 51.56 72.95 -15.30
N ASP TA 267 50.42 73.27 -15.92
CA ASP TA 267 49.96 72.59 -17.13
C ASP TA 267 49.99 71.07 -16.98
N ALA TA 268 50.49 70.37 -17.98
CA ALA TA 268 50.55 68.92 -17.90
C ALA TA 268 51.94 68.48 -17.48
N MET TA 269 52.65 69.37 -16.82
CA MET TA 269 54.01 69.09 -16.35
C MET TA 269 53.99 68.80 -14.85
N PRO TA 270 54.71 67.74 -14.45
CA PRO TA 270 54.77 67.39 -13.04
C PRO TA 270 54.98 68.65 -12.23
N PHE TA 271 54.69 68.55 -10.93
CA PHE TA 271 54.79 69.70 -10.07
C PHE TA 271 54.94 69.37 -8.60
N THR TA 272 55.37 70.34 -7.82
CA THR TA 272 55.53 70.13 -6.40
C THR TA 272 54.50 70.93 -5.67
N LEU TA 273 54.08 70.43 -4.52
CA LEU TA 273 53.13 71.17 -3.74
C LEU TA 273 53.75 72.42 -3.11
N ARG TA 274 55.03 72.70 -3.38
CA ARG TA 274 55.54 73.92 -2.78
C ARG TA 274 55.24 75.13 -3.66
N ALA TA 275 54.44 74.91 -4.70
CA ALA TA 275 54.08 75.98 -5.62
C ALA TA 275 52.76 76.67 -5.23
N PHE TA 276 52.31 76.36 -4.02
CA PHE TA 276 51.11 76.93 -3.45
C PHE TA 276 51.49 77.48 -2.09
N GLU TA 277 51.15 78.73 -1.83
CA GLU TA 277 51.48 79.39 -0.57
C GLU TA 277 51.07 78.57 0.64
N ASP TA 278 49.78 78.31 0.77
CA ASP TA 278 49.24 77.54 1.88
C ASP TA 278 49.21 76.06 1.56
N GLU TA 279 50.12 75.32 2.15
CA GLU TA 279 50.19 73.89 1.93
C GLU TA 279 48.89 73.23 2.36
N LYS TA 280 48.42 73.56 3.56
CA LYS TA 280 47.20 72.96 4.06
C LYS TA 280 46.07 72.99 3.04
N LYS TA 281 45.62 74.17 2.67
CA LYS TA 281 44.50 74.27 1.74
C LYS TA 281 44.65 73.36 0.53
N ALA TA 282 45.84 73.35 -0.05
CA ALA TA 282 46.11 72.51 -1.22
C ALA TA 282 46.04 71.03 -0.90
N ARG TA 283 46.90 70.60 0.03
CA ARG TA 283 46.96 69.21 0.43
C ARG TA 283 45.55 68.71 0.62
N MET TA 284 44.74 69.59 1.20
CA MET TA 284 43.36 69.26 1.48
C MET TA 284 42.61 69.01 0.18
N GLY TA 285 42.88 69.82 -0.84
CA GLY TA 285 42.22 69.66 -2.12
C GLY TA 285 42.90 68.73 -3.09
N VAL TA 286 43.21 67.52 -2.64
CA VAL TA 286 43.86 66.54 -3.50
C VAL TA 286 43.21 65.17 -3.40
N VAL TA 287 43.30 64.57 -2.22
CA VAL TA 287 42.73 63.23 -2.03
C VAL TA 287 41.62 62.97 -3.05
N GLU TA 288 40.80 63.98 -3.34
CA GLU TA 288 39.73 63.79 -4.32
C GLU TA 288 40.26 63.71 -5.74
N CYS TA 289 41.31 64.45 -6.06
CA CYS TA 289 41.90 64.38 -7.39
C CYS TA 289 42.68 63.09 -7.59
N ALA TA 290 43.15 62.47 -6.51
CA ALA TA 290 43.90 61.23 -6.61
C ALA TA 290 43.00 59.99 -6.59
N LYS TA 291 41.90 60.04 -5.85
CA LYS TA 291 40.99 58.89 -5.81
C LYS TA 291 40.35 58.64 -7.16
N HIS TA 292 40.14 59.69 -7.96
CA HIS TA 292 39.54 59.57 -9.28
C HIS TA 292 40.58 59.56 -10.40
N GLU TA 293 41.84 59.32 -10.05
CA GLU TA 293 42.86 59.30 -11.07
C GLU TA 293 42.80 60.59 -11.87
N LEU TA 294 43.38 61.65 -11.31
CA LEU TA 294 43.45 62.94 -11.96
C LEU TA 294 44.85 63.51 -11.86
N LEU TA 295 45.62 62.97 -10.93
CA LEU TA 295 46.99 63.41 -10.73
C LEU TA 295 47.86 62.22 -10.37
N GLN TA 296 48.66 61.75 -11.32
CA GLN TA 296 49.55 60.64 -11.06
C GLN TA 296 50.48 61.05 -9.92
N PRO TA 297 50.67 60.17 -8.93
CA PRO TA 297 51.53 60.50 -7.80
C PRO TA 297 52.89 59.85 -7.84
N PHE TA 298 53.96 60.61 -8.05
CA PHE TA 298 55.30 60.04 -8.04
C PHE TA 298 55.76 59.97 -6.60
N ASN TA 299 55.72 58.78 -6.00
CA ASN TA 299 56.12 58.61 -4.61
C ASN TA 299 57.62 58.54 -4.37
N VAL TA 300 57.99 58.25 -3.13
CA VAL TA 300 59.40 58.18 -2.77
C VAL TA 300 59.90 56.77 -2.45
N LEU TA 301 60.18 55.99 -3.48
CA LEU TA 301 60.68 54.64 -3.29
C LEU TA 301 61.98 54.70 -2.50
N TYR TA 302 62.10 53.83 -1.50
CA TYR TA 302 63.29 53.80 -0.67
C TYR TA 302 64.08 52.52 -0.83
N GLU TA 303 65.30 52.53 -0.32
CA GLU TA 303 66.14 51.34 -0.34
C GLU TA 303 66.52 50.96 1.08
N LYS TA 304 67.07 49.76 1.24
CA LYS TA 304 67.48 49.27 2.55
C LYS TA 304 68.53 50.20 3.16
N GLU TA 305 68.51 50.30 4.48
CA GLU TA 305 69.46 51.15 5.18
C GLU TA 305 70.89 50.64 4.99
N GLY TA 306 71.78 51.53 4.57
CA GLY TA 306 73.16 51.21 4.28
C GLY TA 306 73.46 51.14 2.80
N GLU TA 307 72.46 50.84 1.98
CA GLU TA 307 72.67 50.77 0.55
C GLU TA 307 72.71 52.17 -0.06
N PHE TA 308 73.38 52.28 -1.20
CA PHE TA 308 73.56 53.54 -1.88
C PHE TA 308 73.03 53.46 -3.31
N VAL TA 309 72.39 54.53 -3.77
CA VAL TA 309 71.79 54.57 -5.08
C VAL TA 309 72.34 55.77 -5.85
N ALA TA 310 72.45 55.61 -7.16
CA ALA TA 310 72.91 56.67 -8.05
C ALA TA 310 71.90 56.87 -9.18
N GLN TA 311 71.76 58.13 -9.60
CA GLN TA 311 70.77 58.51 -10.61
C GLN TA 311 71.41 59.45 -11.61
N PHE TA 312 71.15 59.20 -12.90
CA PHE TA 312 71.66 60.07 -13.96
C PHE TA 312 70.65 60.08 -15.10
N LYS TA 313 70.10 61.25 -15.40
CA LYS TA 313 69.13 61.43 -16.47
C LYS TA 313 69.58 62.55 -17.39
N PHE TA 314 69.39 62.36 -18.69
CA PHE TA 314 69.74 63.37 -19.67
C PHE TA 314 68.93 63.16 -20.94
N THR TA 315 68.72 64.24 -21.68
CA THR TA 315 67.96 64.23 -22.90
C THR TA 315 68.86 63.89 -24.08
N VAL TA 316 68.28 63.31 -25.13
CA VAL TA 316 69.05 62.97 -26.32
C VAL TA 316 68.20 63.09 -27.58
N LEU TA 317 68.60 63.97 -28.50
CA LEU TA 317 67.88 64.11 -29.75
C LEU TA 317 68.67 63.33 -30.76
N LEU TA 318 68.07 62.31 -31.37
CA LEU TA 318 68.85 61.49 -32.28
C LEU TA 318 69.33 62.23 -33.51
N MET TA 319 68.48 63.03 -34.16
CA MET TA 319 68.92 63.89 -35.28
C MET TA 319 69.29 63.17 -36.59
N PRO TA 320 69.38 63.91 -37.70
CA PRO TA 320 69.69 63.27 -38.99
C PRO TA 320 71.05 62.59 -39.15
N ASN TA 321 72.13 63.20 -38.65
CA ASN TA 321 73.46 62.63 -38.89
C ASN TA 321 74.22 62.15 -37.65
N GLY TA 322 73.50 61.73 -36.62
CA GLY TA 322 74.13 61.29 -35.40
C GLY TA 322 73.47 61.85 -34.16
N PRO TA 323 73.28 61.01 -33.15
CA PRO TA 323 72.65 61.48 -31.91
C PRO TA 323 73.58 62.35 -31.09
N MET TA 324 72.97 63.15 -30.21
CA MET TA 324 73.73 64.00 -29.30
C MET TA 324 72.87 64.34 -28.10
N ARG TA 325 73.52 64.78 -27.03
CA ARG TA 325 72.86 65.21 -25.80
C ARG TA 325 73.03 66.70 -25.62
N ILE TA 326 72.08 67.30 -24.89
CA ILE TA 326 72.11 68.73 -24.62
C ILE TA 326 72.10 69.04 -23.12
N THR TA 327 71.96 68.04 -22.26
CA THR TA 327 72.01 68.22 -20.81
C THR TA 327 73.08 67.30 -20.25
N SER TA 328 73.92 67.85 -19.36
CA SER TA 328 75.03 67.09 -18.79
C SER TA 328 75.27 67.57 -17.36
N GLY TA 329 76.24 66.94 -16.71
CA GLY TA 329 76.61 67.31 -15.36
C GLY TA 329 78.11 67.33 -15.17
N PRO TA 330 78.59 68.05 -14.15
CA PRO TA 330 80.04 68.12 -13.91
C PRO TA 330 80.58 66.84 -13.31
N PHE TA 331 80.71 65.80 -14.13
CA PHE TA 331 81.19 64.50 -13.67
C PHE TA 331 82.71 64.42 -13.79
N GLU TA 332 83.33 63.75 -12.83
CA GLU TA 332 84.78 63.54 -12.81
C GLU TA 332 85.07 62.05 -12.79
N PRO TA 333 85.35 61.43 -13.93
CA PRO TA 333 85.63 59.99 -13.94
C PRO TA 333 86.89 59.62 -13.17
N ASP TA 334 87.90 60.50 -13.17
CA ASP TA 334 89.13 60.23 -12.43
C ASP TA 334 88.96 60.38 -10.93
N LEU TA 335 87.84 60.91 -10.46
CA LEU TA 335 87.64 61.10 -9.03
C LEU TA 335 87.23 59.81 -8.33
N TYR TA 336 86.32 59.04 -8.93
CA TYR TA 336 85.80 57.83 -8.33
C TYR TA 336 86.62 56.64 -8.81
N LYS TA 337 87.22 55.91 -7.87
CA LYS TA 337 88.11 54.79 -8.17
C LYS TA 337 87.44 53.48 -7.77
N SER TA 338 87.34 52.56 -8.72
CA SER TA 338 86.78 51.23 -8.48
C SER TA 338 87.89 50.19 -8.57
N GLU TA 339 87.84 49.22 -7.65
CA GLU TA 339 88.88 48.20 -7.62
C GLU TA 339 88.71 47.18 -8.74
N MET TA 340 87.50 47.06 -9.29
CA MET TA 340 87.21 46.09 -10.34
C MET TA 340 86.45 46.79 -11.46
N GLU TA 341 86.73 46.38 -12.69
CA GLU TA 341 86.17 47.00 -13.89
C GLU TA 341 85.31 45.98 -14.65
N VAL TA 342 84.85 46.38 -15.84
CA VAL TA 342 83.98 45.52 -16.63
C VAL TA 342 84.79 44.35 -17.19
N GLN TA 343 84.10 43.24 -17.49
CA GLN TA 343 84.74 42.02 -17.95
C GLN TA 343 84.45 41.68 -19.39
N ASP TA 344 83.27 42.01 -19.91
CA ASP TA 344 82.92 41.65 -21.28
C ASP TA 344 83.73 42.49 -22.27
N ALA TA 345 84.45 41.81 -23.16
CA ALA TA 345 85.30 42.51 -24.13
C ALA TA 345 84.48 43.30 -25.12
N GLU TA 346 83.32 42.77 -25.53
CA GLU TA 346 82.47 43.49 -26.47
C GLU TA 346 82.01 44.82 -25.90
N LEU TA 347 81.48 44.80 -24.66
CA LEU TA 347 81.05 46.04 -24.03
C LEU TA 347 82.23 46.95 -23.70
N LYS TA 348 83.39 46.37 -23.37
CA LYS TA 348 84.56 47.18 -23.10
C LYS TA 348 85.01 47.94 -24.33
N ALA TA 349 84.93 47.30 -25.51
CA ALA TA 349 85.26 47.99 -26.75
C ALA TA 349 84.16 48.93 -27.20
N LEU TA 350 82.91 48.64 -26.83
CA LEU TA 350 81.81 49.51 -27.20
C LEU TA 350 81.83 50.81 -26.40
N LEU TA 351 82.15 50.73 -25.11
CA LEU TA 351 82.17 51.91 -24.27
C LEU TA 351 83.25 52.91 -24.66
N GLN TA 352 84.30 52.45 -25.36
CA GLN TA 352 85.37 53.32 -25.82
C GLN TA 352 85.11 53.88 -27.21
N SER TA 353 83.84 53.99 -27.61
CA SER TA 353 83.46 54.51 -28.93
C SER TA 353 84.14 53.74 -30.06
MG MG UA . -14.91 6.84 -65.46
MG MG VA . 1.97 -18.28 33.01
MG MG WA . 22.91 -22.60 26.94
MG MG XA . 9.76 -41.51 4.52
MG MG YA . 40.25 3.29 16.24
MG MG ZA . 25.13 51.91 -36.74
MG MG AB . 0.16 -14.28 -13.61
ZN ZN BB . 14.95 31.63 26.12
MG MG CB . -82.70 33.16 26.52
ZN ZN DB . -27.53 -46.01 60.08
ZN ZN EB . -35.67 74.67 37.43
MG MG FB . -27.35 20.98 -48.38
MG MG GB . -9.11 12.75 25.77
MG MG HB . -19.20 -21.08 -25.16
MG MG IB . -22.98 -9.43 -10.18
MG MG JB . -44.37 -17.75 -21.86
MG MG KB . -54.45 12.67 12.76
MG MG LB . -50.71 13.24 14.68
MG MG MB . -62.24 17.50 12.52
MG MG NB . -34.46 38.18 -35.70
MG MG OB . -22.96 72.53 -14.43
MG MG PB . -15.42 67.99 -11.70
MG MG QB . -20.82 50.92 -35.08
MG MG RB . -20.72 54.09 -40.26
MG MG SB . -26.43 40.36 -52.03
MG MG TB . -30.23 36.53 -16.05
MG MG UB . 0.40 60.22 21.06
MG MG VB . -14.07 -27.59 -32.26
MG MG WB . -13.16 -12.23 -27.99
MG MG XB . 2.60 -13.13 -32.82
MG MG YB . 22.30 7.26 57.15
MG MG ZB . 21.85 -1.31 69.94
MG MG AC . -8.89 24.47 -20.55
MG MG BC . 16.74 35.85 -19.17
MG MG CC . 0.30 22.71 -31.35
MG MG DC . 3.53 22.94 -34.69
MG MG EC . 4.51 25.81 -30.32
MG MG FC . -10.73 31.99 -48.97
MG MG GC . -0.01 35.86 40.83
MG MG HC . -21.36 24.38 -17.94
MG MG IC . -18.02 27.28 -13.03
MG MG JC . -27.44 29.90 -4.95
MG MG KC . -3.73 43.82 -5.63
MG MG LC . -7.36 12.88 22.11
MG MG MC . -8.96 2.27 24.55
MG MG NC . -10.04 -3.55 21.81
MG MG OC . -20.54 2.97 19.37
MG MG PC . -25.55 17.94 11.06
MG MG QC . -28.92 16.52 1.62
MG MG RC . -7.73 26.18 9.13
MG MG SC . -5.21 -4.33 -23.78
MG MG TC . -33.22 -47.66 3.75
MG MG UC . -11.00 -7.97 -32.27
MG MG VC . 1.11 -2.45 39.44
MG MG WC . 4.90 53.08 30.97
MG MG XC . 24.54 12.37 3.79
MG MG YC . 10.70 -12.32 -6.70
MG MG ZC . 44.80 9.91 -14.21
MG MG AD . 38.78 11.84 -12.03
MG MG BD . -46.18 36.45 17.40
MG MG CD . -44.99 -69.17 36.24
MG MG DD . -46.56 -62.92 34.28
MG MG ED . -26.22 -47.42 4.82
MG MG FD . 8.10 -4.45 12.19
MG MG GD . 11.31 7.73 17.87
MG MG HD . 3.85 1.41 13.18
MG MG ID . 1.23 -32.57 -48.19
MG MG JD . -52.42 23.50 24.10
MG MG KD . -60.24 -2.06 -53.47
MG MG LD . 4.07 -6.75 39.52
MG MG MD . 22.76 4.76 10.10
MG MG ND . 1.12 0.93 -13.30
MG MG OD . 7.57 2.60 -7.08
MG MG PD . -28.57 22.21 13.38
MG MG QD . 58.66 0.92 9.08
MG MG RD . 55.93 3.18 4.89
MG MG SD . 66.66 5.64 15.54
MG MG TD . 17.52 -3.22 -8.75
MG MG UD . 22.67 -5.15 -4.18
MG MG VD . 1.99 -18.70 69.38
MG MG WD . -0.55 -19.62 64.17
MG MG XD . -0.47 -35.73 -8.13
MG MG YD . -47.18 25.50 -18.32
MG MG ZD . -41.49 20.38 -16.44
MG MG AE . -23.00 30.16 -2.66
MG MG BE . -10.81 5.56 -14.26
MG MG CE . -4.93 61.36 -24.87
MG MG DE . 12.44 13.79 -18.22
MG MG EE . -0.12 37.03 -17.47
MG MG FE . -31.29 2.22 -44.17
MG MG GE . -47.22 45.86 -6.89
MG MG HE . -13.61 4.49 -19.43
MG MG IE . 27.14 47.25 -14.72
MG MG JE . 8.36 64.48 23.09
MG MG KE . 35.43 -49.78 -28.83
MG MG LE . 15.16 74.92 5.98
MG MG ME . -17.15 -13.71 -7.57
MG MG NE . -6.16 -44.05 -35.99
MG MG OE . 21.14 -8.62 4.37
MG MG PE . -12.94 -15.38 -7.54
MG MG QE . -28.21 33.64 71.62
MG MG RE . -31.71 18.75 -6.98
MG MG SE . 15.25 61.97 0.42
MG MG TE . 12.48 58.93 5.39
MG MG UE . 48.68 18.18 -1.05
MG MG VE . 1.95 -7.32 75.24
MG MG WE . 10.48 -8.71 78.40
MG MG XE . -8.89 -1.58 -12.16
MG MG YE . 28.89 52.11 -33.28
MG MG ZE . -30.90 51.84 5.08
MG MG AF . -22.00 33.77 44.27
MG MG BF . -22.48 -12.26 10.03
MG MG CF . -25.35 15.48 26.01
MG MG DF . -36.43 42.17 -37.31
MG MG EF . 37.13 -18.46 -3.73
MG MG FF . 31.56 1.88 48.38
MG MG GF . 48.16 6.55 -4.41
MG MG HF . -35.96 36.51 6.54
MG MG IF . 0.95 41.56 -6.68
MG MG JF . -21.75 47.57 -4.71
MG MG KF . 8.23 -38.43 -7.61
MG MG LF . -3.03 55.50 -3.83
MG MG MF . 24.63 42.97 -3.40
MG MG NF . -25.32 46.68 -6.74
MG MG OF . 7.53 -11.49 75.77
MG MG PF . -0.41 14.21 -34.75
MG MG QF . 4.52 10.13 -33.62
MG MG RF . -19.70 -9.52 -26.03
MG MG SF . -15.13 72.74 -36.60
MG MG TF . -14.18 -25.19 4.34
MG MG UF . -13.52 -23.18 9.35
MG MG VF . -15.52 1.95 48.71
MG MG WF . -53.94 28.41 1.68
MG MG XF . -18.57 75.49 7.33
MG MG YF . 24.00 -34.07 24.92
MG MG ZF . -38.92 69.72 1.82
MG MG AG . 6.21 45.02 -24.47
MG MG BG . -6.27 39.48 16.59
MG MG CG . 10.82 -43.43 -18.82
MG MG DG . 11.79 -34.84 -9.96
MG MG EG . -10.14 54.06 -19.52
MG MG FG . 19.38 50.65 -6.44
MG MG GG . 5.02 42.38 -13.01
MG MG HG . 1.93 29.88 -2.88
MG MG IG . -59.90 -66.84 24.00
MG MG JG . -25.70 3.17 -21.12
MG MG KG . -17.23 0.45 -58.35
MG MG LG . 11.41 9.03 34.57
MG MG MG . 15.96 -25.89 39.43
MG MG NG . 31.22 -7.16 9.93
MG MG OG . 50.46 2.05 -16.72
MG MG PG . -2.21 -6.98 -14.87
MG MG QG . 25.72 -31.10 48.03
MG MG RG . -30.30 49.93 0.33
MG MG SG . -21.19 35.58 14.13
MG MG TG . -14.90 11.28 14.90
MG MG UG . 14.27 4.02 20.72
MG MG VG . -6.78 -13.25 0.65
MG MG WG . -14.35 -14.27 13.61
MG MG XG . -6.98 -20.09 4.36
MG MG YG . 2.84 -24.50 12.70
MG MG ZG . -20.66 -25.55 21.05
MG MG AH . -39.60 -49.02 -6.83
MG MG BH . -24.20 -48.31 0.11
MG MG CH . -2.57 -34.11 -16.79
MG MG DH . -7.16 -40.94 -20.96
MG MG EH . -9.46 -1.43 -0.83
MG MG FH . -15.42 35.09 -1.36
MG MG GH . -73.94 8.69 -59.94
MG MG HH . -73.71 0.16 -62.61
MG MG IH . 29.74 17.88 42.57
MG MG JH . -32.65 32.13 19.00
MG MG KH . -28.46 23.52 -49.47
MG MG LH . -7.46 13.43 27.21
MG MG MH . 9.86 -25.02 -3.61
MG MG NH . -0.36 -22.26 9.88
MG MG OH . 9.05 -24.44 7.44
MG MG PH . -0.95 -22.63 -11.47
MG MG QH . -20.34 -21.22 -5.41
MG MG RH . -44.60 -45.42 19.75
MG MG SH . -46.11 -52.20 15.66
MG MG TH . -42.34 11.35 19.51
MG MG UH . -39.66 49.71 -2.70
MG MG VH . -44.58 40.08 -29.72
MG MG WH . -21.79 -1.83 66.12
MG MG XH . -18.16 67.41 -30.61
MG MG YH . -31.88 45.93 -30.35
MG MG ZH . -50.61 12.52 40.15
MG MG AI . 12.35 -40.98 -31.68
MG MG BI . 17.81 2.90 66.05
MG MG CI . -9.73 17.72 -27.71
MG MG DI . -16.33 -42.23 -47.05
MG MG EI . -16.20 44.98 -4.37
MG MG FI . -17.25 36.39 -6.93
MG MG GI . -5.52 -9.49 18.90
MG MG HI . -3.37 -8.16 44.73
MG MG II . 4.98 -48.87 -41.30
MG MG JI . -27.82 44.13 -48.13
MG MG KI . 5.50 -4.54 26.59
MG MG LI . -3.49 -23.16 -4.75
MG MG MI . -20.31 7.01 26.83
MG MG NI . 13.66 80.69 33.02
MG MG OI . -40.93 -20.41 -60.67
MG MG PI . 13.07 30.97 10.40
MG MG QI . -21.59 -28.11 -7.94
MG MG RI . -2.75 -29.89 -28.15
MG MG SI . -27.83 48.01 -42.59
MG MG TI . -18.54 -21.06 -46.80
MG MG UI . -40.08 -39.90 -45.70
MG MG VI . 12.34 6.57 -8.28
MG MG WI . 1.26 86.35 13.56
MG MG XI . -10.84 61.01 -0.01
MG MG YI . -18.42 40.45 68.73
MG MG ZI . -33.09 45.74 -4.81
MG MG AJ . -16.42 66.70 -43.94
MG MG BJ . 24.77 2.28 -42.15
MG MG CJ . 19.96 21.39 43.39
MG MG DJ . -16.29 81.02 1.47
MG MG EJ . 36.77 -11.85 -11.01
MG MG FJ . 12.74 56.36 -25.30
MG MG GJ . 19.10 74.04 16.48
MG MG HJ . 4.29 32.87 51.10
MG MG IJ . -24.71 -58.54 42.80
MG MG JJ . 43.77 36.96 -26.53
MG MG KJ . -12.36 -100.36 -26.39
MG MG LJ . -2.34 18.76 27.85
MG MG MJ . 4.83 -40.74 7.91
MG MG NJ . -32.44 -27.80 -41.90
MG MG OJ . 18.86 4.66 62.88
MG MG PJ . -0.45 -20.95 -27.68
MG MG QJ . -56.51 40.84 -8.44
MG MG RJ . -47.24 31.89 -24.74
MG MG SJ . -32.99 91.19 -21.64
MG MG TJ . -84.78 3.07 4.18
MG MG UJ . 31.22 5.03 -22.22
MG MG VJ . 29.09 55.15 38.27
MG MG WJ . 19.35 32.17 70.35
MG MG XJ . 38.64 -6.19 -1.86
MG MG YJ . 14.29 40.29 37.86
MG MG ZJ . 25.74 12.43 -5.55
MG MG AK . 54.62 36.00 26.22
MG MG BK . -12.20 -43.55 -21.45
MG MG CK . -67.04 -88.40 17.51
MG MG DK . -22.96 -49.09 -18.99
MG MG EK . -55.21 -77.00 -1.56
MG MG FK . -63.67 -87.53 22.60
MG MG GK . -56.03 -82.85 9.36
MG MG HK . -64.22 -72.51 52.42
MG MG IK . -60.55 -69.87 53.00
MG MG JK . -66.79 -79.13 39.77
#